data_8TH8
#
_entry.id   8TH8
#
_cell.length_a   1.00
_cell.length_b   1.00
_cell.length_c   1.00
_cell.angle_alpha   90.00
_cell.angle_beta   90.00
_cell.angle_gamma   90.00
#
_symmetry.space_group_name_H-M   'P 1'
#
loop_
_entity.id
_entity.type
_entity.pdbx_description
1 polymer 'Dynein regulatory complex protein 1/2 N-terminal domain-containing protein'
2 polymer 'Coiled-coil protein, putative'
3 polymer 'LRRC48 protein'
4 polymer 'Growth-arrest-specific microtubule-binding protein'
5 polymer 'Growth-arrest-specific microtubule-binding protein'
6 polymer 'Flagellar associated protein'
7 polymer 'Kinase domain protein'
8 polymer 'Coiled-coil lobo-like protein, putative'
9 polymer 'EF-hand calcium-binding domain protein'
10 polymer 'Dynein regulatory complex protein 9'
11 polymer 'Dynein regulatory complex protein 10'
12 polymer 'AAA family ATPase CDC48 subfamily protein'
13 polymer 'DUF4201 domain-containing protein'
14 polymer 'Calmodulin 7-2'
15 polymer 'Coiled-coil domain-containing protein 153'
#
loop_
_entity_poly.entity_id
_entity_poly.type
_entity_poly.pdbx_seq_one_letter_code
_entity_poly.pdbx_strand_id
1 'polypeptide(L)'
;MNPSQTQKGKIQIQVSRGSIDLLVRTMYEDINNIKLKNERFQKKKRAEDERRRRERYAEIQQEAIASGKKNAALEMKWAE
LKELDECEELNREMQDQQQTFQQIIEGKENLRKEFEEELKRKDDEYVKMLKEQSNDIKDMISKMRSQFYKIRDANMQELE
DIERHFEQERSNLLNEFKAKIQATFKKHLDLEEQYVKEHAKTEEEQTKNIEDLRIKGAKHYAELKITMETEIQDLEKCFE
DMKALYQLITEKLDYSLKVLQEKFHENNSMCDELKRKENNFKNRLKQLTKDYKQYDKKFKLENKNLTQEYKRIIRQFKEL
QKKFKHFEKADLDKYSEIQKMNEAEVKELKDKIIKCNITIHIQQLGMQWIPPQSEEEILAQQKLQLEQGGKAEEEEEREF
EFCISEIKIGEICNIILEEADFLIDDKLREELEGSAEPEQIFQRLDCIKKCLYIDSEDEMNLFFRELITKCRVKSAEEIE
EEARKQLLLLGLIKEAEENENPEGEEVQQQEGAQQKKKEEGNKKDDPKGKEGAKDSKENANPQGQNKSNQDERKKKKDGQ
DDHAGQGQGQYDSNQGGMGENQEEGENAEGQENLEGEIEKEIDLENTQINLNEVVKFLQNWQANKDKRKEKLEKESSKKA
VKQETEREKKERIAREGKKYWEKLTQVLPERTFRIWNVNFFKFSFEKQILLNQINKLRFWTDLCPNIMNFFWTDKNQSKK
PVNCITKMKNQRIFQINTYKLIMNLLSALQDSLIQIKDKDDFIQTKISTNLFTFHNFQILLQIFIVNQSFLFIRLCQSYS
KKIILLIKNINQKLFNLSNFKNQFSF
;
A
2 'polypeptide(L)'
;MALLGKTLKGRSTRPGGIPQKRNIKWRQLAKNQEEFDQLKQLAKMKREGLKARIKDEQKVVTFNKKKLITYWRKIMRIAK
TEQLKNEIDIYSQNNQRELDSKEAFIQMLDKNLDEAEDQFQIALRNHLIHIENLMQLQEARMRGLAEEFNRDVNILETEF
DLEREEMVKTHKTQLKELEDMIETVKEEDKKKTEEAQNEFSQFKEETKNKNLEETNVMKIILETKQTKYYTELEQMNSKF
QSDTSNKVKDHQFYHAHNKNRKQEIDRYLRTISSKKAKIDLMKLKILQHCKEFNARNSALKKEKENISRNYHELKLKMQK
FREEESRRLKELSNNSRNAVLKLREYCALGEKILKTAELCRRLETEKEKVLPFYESSVDEDQIPEQLKNEFEHLKKEDAE
EYAYLNNFYKRYNKVLLDKLAIEKQKENLQRDNQLLKSLLKQYLDGISLNDDVLKNENNPLLVVNHKFNLGKMPVEKIEN
KTVIEGVFEVRNTSHQLQGQRAPPFQ
;
B
3 'polypeptide(L)'
;MSNYISNYVQSTIVTKTVQNKDKKTGKNSVDPRVINEQLILDAVKQFNQENNKITTENIILQQLRQLQLSFKNILKIQHL
QGLERLEKLQLDNNIIEKIENIDHLVNLKWLDLSFNCIKKIEGLDKLKELTDLSLFNNYIEKIEGLHNNTKLNVFSIGNN
RLKSYEEITLYFGYKPRGEEGTNDRPEFKRLQVLNVSGNPFTKDKENEYKNHIICAIPNLKYLDYVFIDEGDRQLIRQDE
QISNSYNFTTTDYYQQMQAQEQKEEMDRQTLKKKKDARMDILDNLKDEYLKIEDLQRVKIIKPNQINEEIEKYCGKINDH
VVEMQAAVIQKHQLILQEMSKTEVSYKEQEALHEKETLQILKEFEHEKKVEFRNWEKEAANGDAKKEESRLKTLLQKTTS
LKNKLMDIEIQLVEELEAIFTDYDTKKKETAWKDIEEIIVLGQKKIEEENVKFYSNLNVIKNKEEANYNSTQQQQLEEEN
NEEDDEKASLLENKEQLAQMIGNIKETLIDSHTKIILSAQMELQKDLAEYAKQQKNKMYERNRKNISQIIAQIDAYQTEI
NEKLKQGDDESDHEN
;
C
4 'polypeptide(L)'
;MSKAAKAKKNVPVVSKLEADARKAAEGVNDNESEEFKKAMRKEARALVEQFNEEKKLLAFYQQERQKINYNWIIAKKELE
DKKSELINKEREIQDLQENHFMTLNVYKQKIKHLLFQNQDQQSELKKDVEVTLKQLEDQHRIKSRELKTDVRSLKVTKKE
QEISQQDYLFALKSEHDKQMTLMRQDYERQVNDIKRKYDLKMQNLTKEMEEARAAMIKQLEDNKNQKIAEIIKEHTQKYN
DIKNYYSEITATNLDYRKTLKNEIKELQTKDEEYKKTLQQTEKGYKELNEPLQALGIEIIQLKKQDEEQEAIIKEKEELK
QKIDNQERLFRKLEYEYEVKLQQFQYLERERNALYAKFNQTVFEIHQKSGLENLILEKKVTNLREDLEIKDLQIHQVLTA
ANIDPNSVGSINKSLEEVESLKNELISELQAQLKQIRKAHSHMVKAYEGKLSEFVIPVEELGFDPLVPTNTD
;
D
5 'polypeptide(L)'
;MPPKKAKGKKKKEEEPDDEYKSMTGADLTQTLEKLKERVNEMRTNRNYIQMDRDMVENFYHNTLKEISEVKTKISNKETE
AEEKESKHRIDVKVFLQKVKHLEYEQEKSNLNIEDDGKKAKEKEDAYFEDITKNMKQLKTQLKSEYLEKEKANIQQVQEE
KKDHQSLLKIQQKKFDELINNLIIKYEERLAKLKEDLELKLKVEIHELEERKNLHINELMNNHEKAFAELKKYYNDITAE
NLNLIKAHKEKIAQIYANIQLNTKNVADNQAKNEQLKEPLAKHREIRNKLKEDLKQFAKHKMSLQNLKSKAITLKDKITK
LERDGKDLDEKYEKVVREKQELEKKFEDITQEVKKNADLNNNVLSNRLQILLKEYNNKEEELRTIIDNAGLDHNLHEQLK
QRVQQSIEAKNTLIKNLKYSIHHATKAYNDAIRVYEAKLVEFGIPIEELGFQPLETITSSMPAGLVSS
;
E
6 'polypeptide(L)'
;MLAKKLALARSQGKPDPFKKDEFPLLQHIAVEVVSQNYILYPDLKGVPENVRDTIISKITTDLDILTMAPNIDQESFWQR
ACKNRWEKSQKSINIEEHGRSWKVAYLERYMEEFLTNIQNADDPNKKQILQAELKAAASWIHTLNLQNINQNIDIDFICK
YLPLLTSLTLTYGTKYSGMDYNKQSVGMKLSEAANLGEAIKNCYSLLSLNISANMIDDDLLRFIMAGVNMNISLIELNLS
HNKIEDQGARRIAKFLMRNEILLYLNLGNNLIGYEGSRYLAQALKVNKNLQSLNLKLNNLGDKAGKKLFQDLMLNKTLLE
LDVSGNQFEFETALKLSDYVADSMCGLKVLNIANNDFNDSCYENLKTGFTKNYSLAKLDLRGNKFSKTQEEKEQELKDPF
RMFNLSQTEKELTQIIIRHDLTAQKIQFFSESDLDKIKQLKELQGAKQEPEKVIQQDQNKE
;
F
7 'polypeptide(L)'
;MGDKKGKKKGGGEEDESTLQLSRQYKKKCELNGINPSKLFKEKLDFAVEEDENIEKIHLWEELGPVGVRSIMDSLTEIPY
LHTKSIRLWKVKAQDEGTRTICNYMEKSKTIEYLDLMDNQVGSLGCEFLGRVLHPQIEIPLLKLKLDHNEFGTEGLMQLA
AGLCMNSVLEKLSLNYCAITAEGSKYIQQILSFVNTNLKKLKMKGNLLKNEGVHQLFRAFKVNKTLEKVDLSDNQFDTTL
GDDQDPEANPNFFETNKDAIEHNKQIIENICEVLKAADTLLYYDFRFNNISKTDAKAIIDCLEANKNIYYMELSEHIPKD
LIERKKGLMKKRKPKKKKKKKAKKK
;
G
8 'polypeptide(L)'
;MDHNEGGYSHHQIEGQEGQQQQAPVGGGGEDIFQVLENITQVQNEKLKRCQEFKEQENIPRQYIENSPKEELVLEHVIQF
KRQFQYQLYYEDKRDLFLYPKNECDVYKFICTTIRPTKLGFLELYDYQQCSKYLSEFVQYEELDPPNEFPLVIPSPTNVA
VWQKGDCFDMSILLCSLLIGVGYDAYCVYGKAPREITTRNESLMECLFLEKGKYIEENDKKPKQTLEQNENALLKKPIAH
SKWDQTQETKAREAEEEKRRIALTINDDEPDELLEDPYQGQRVHCWVLLRSGKRDVQQNIFIEPSTGRMYSPSTCPYECV
DAVFNNLNFWINMKPECEVKNLNFEEMDSSLNWEYVMLDTLLFNKGNGNDEEGNENIDDPLNKQAQRDPEQEQLQDIAQL
LDMPPPWPPKIYIDKEKFLMGTPLGEGTVYYNKVKVDNYAPYSQPDGLVQKITIFQDYKRLKVKEYRYFYKHRSDKLSIR
RRYPFEFKTIEEYEPQKYENKTIPQALQQWRQVIQIDRHLRIIKYYHNRNHDGLIERVEQIGEKTMMFYQNRDDRVIYRS
IRFDNKRAPSSQNNDKVFQDNHVGDVQITKMTQKFEKNPHYPANEQIQKMVIDLIKDKVIVYYHMNDGEITPIVKIYPRD
SMHGFAKLNEPGGDNKIDDPLVQLENTKMVNLEKDCLNQLKQQEKIARDDEKTIREGEIRLEKTLYDKARDRFKESSKKN
DDDLAKDAAASDYLYPYLEKRKLLGVSEINAQVAMEIKNEVMQKLKERLLSRAEIIQRRLEEQRQVLEQKEAQVAKRQEI
DPKQEEEIRDINFKIDILEQRALRFESMALQKYEEMDNRLNKDARLAALHRK
;
H
9 'polypeptide(L)'
;MYDPNTSQTEKQKQEEFLKLKIQEAFNLFVKDKKGIVDKREIPYIMRYLGQFPSEAQVRDAILPEIEEDEPSEFIKYSKF
EPYMLKVLKEREYEPDDPEALLAAFKLLDQEGKGYIEIDMMKTFLEKQGIEFREQETKSFIEFATNKDPNATVIYYEDYI
SRLQAFTDKHIESVMKGYNNFQVKK
;
I,i
10 'polypeptide(L)'
;MNQIDAHKLTIILRDATERLTFLDTINRQDDLSSELAGYEISKLLKKQKNLENQYADLVQLRTSLTGIQNKKNLIETQTK
IVDVAQNLKESTKKLCRLFKENPDLESDALKVKKDRIQFMAVIEQLIQMVQNNSLTKFQSMTTLELEDQDRLRKLIFREK
ELYQEIKKLQFDRNQENKEYDNEQKDTNLKIQNLKERLLYKKARAQLKNQYKEKEARAEEGTQQRMYEFEQKQLKEKINN
LKQKTDTENMVHEQLRNFLIEKEDQIKQKSDEWAKKVETCREQLQEEIDRLTVEKEKKQEELRELRERDQKEQEEKDRRE
RQELEEADRKQQEELDQIRLDNAIKLIQIEYQEWKDAGGGKKKRKKGKKKKK
;
J
11 'polypeptide(L)'
;MQNLSKMQSRLHPRPEGEGGGGGGRTKEKGKSLQETHKEMLKNIESTNIGKPTIVEAQRILKIIDNLSTNLTIFIYLDSE
LISKFLDVAKHSKLSKDLVSKLSQRCLDLLKSQAEIEAKFKPYASLLDQSNKEAEDVEEEKMIDAERLRMQLENNFKDLV
RHLRNSPEDFEIIKSMKTNVNPDLNDLVHCIHCQKVIMLKKLSTASEEDENHKAQLRDLEEKIEELEKKKNKIQEDLTKL
KEHRQKFSKEKKEELEKLKNEIAEVKAEKEKKASQLKNELDNRLKQLERDHLAKKDKLDKELQKLEDDFAKLKQDHANDE
TKLKTNKRQQQNSLADNIESYDALMKDQHQKKQEIEEELAKIIEEVDTLKQLFKEIDEEKQRERELEEEFRLKKEQWEIQ
ERRKKEAARCILHFLMARKEKSKKKKKKKGKKKK
;
K
12 'polypeptide(L)'
;MSNMMYNMKWQEAINDLMEQVTLEYLPLEQNEQQLGMKYKRDSSEWFHFWATLYIKYIDIYKKLEDCYDQLVHPQKRVLL
KEMLENVIVRLCETKSQVVKYNTQYDATYKSDYPNLDELVMDLKLTPDCLDIPIPRYFREEDKKRLDERNQILDALLLEY
TDTKEPQEEQYEDQNTLQADMDTAIRIIQRYERGRQGIERANLAKILKKEEEKKLERQKKLAEGTEIGEETEKDDAALVI
KKYWRGYKSRKLVQDIREEELLFLGMKKVVEDPTLPESQYKQAQNKRQKMKYIQEEHEQEFNDEIENLKRLVKGNEGPDI
LDKMRAERREWIMRELEKNEFKEAPQDPSEFYNQQVMDPEQQAAEAAKAAEEAKKKGAAKKDDKKKKGKPSELDEFLENN
KPTGPSPIVLKLQEQIEKHSGEWSKRDETNNFEQKHETELAKMLIKPVVEEQIKQQVDEMIAEELDIVRLRYDIKKKKQK
KPPRPRNKGKNKKKFPGDSSNKGRDPKDILAGLVEKRVAKKLIPASLMDLKGEQNVLGKIQEIQADENLKKTEALTDAKL
KKAQLEEPSTKMPDPSIAQIRQIIAEYIAFPLGSKYAKEKLDKMNYFFFMGPRGSGKTLAVRALAHECNAIVLDISPSNI
DGQYTDKKQIDGMINSAFKVAKEFQPAIIYCEDFEYIFGQAKKKKSQVNPLFAKMKKPLMDFKKGKFFEPEDRVVFIGST
NRPWDCSQKEIKSFFDKKIYFPFPNYGTRMLLFKTFLEQKKVPLPDNFPINTIAHITEGWSAGSFKMAIDRVFTERRLQK
INEEQIKLSEFIGPLSNVPFTSKEEFKEFKKFNQVVTGLQANYEAKKAPADDQKGDKNKKKK
;
L
13 'polypeptide(L)'
;MASEDGEMPSQFEGIDPEQLTESQMQQYMMEMQRQGLLDSNMEGGQYEEGYEEGQEGEGYGEEYGDQDYDGNQNEYDSQQ
DSQQQGHDQVNEMHQDRYDRRVNSEISGNYEADDETLRKIRRDLLDNINLERRHRDLQPVYIDLTTNNISQYYSEYLVNN
EHNQDFYENAKVRYNNLGECELCHITAKFEPDADITKEYIYDYFMEIGYLFLESEEEKRIILNPANNHIGIGVFFDEIQI
VVVLILSEKVLCIQKISQPEQNKIEIRGKMLDENFGIYAIRIMNVDDQKKDIKGVGPEFIEYTRSTQEWMASFELELYNQ
DRMAIEYYTRVSPDSIPYKKKQSKNEKLTYKHLQLRLRTPFQIYPDPKYAAEDEKERIRKEQEILAHEEQERKEREENDA
KRLKQSRKDYGDGQYDDDEHGQDDFNSQSDISDKDKHHDSMHAEQEQNQQAAQQQQDTISNKEIRQELEMAITEAQRQHD
EFMLQNHKLQEEIKLLKNKNDGFVDRSNETAMNEHKYLNTLAHVHQIRLDLKQTQTRYNQMSQELQKKLEQKQKKCNEIK
YAFLELKREVAKKAANSRTDKPIPEQQINEWEKAELQKSKELQELRLQILRLRNAYVKNQKILKKKEELAEGLHLIDFEQ
LKIENQTLNEKIEERNEELHKLKKKNTTTIQILTHTREKLGFVQGENGELNSQNVRKDQELDDMRKQLTQQKKTKDKLRS
VNLTLKQQTGIVNSEELGQDYRDLRTRVSKLEEEKKRLEQKLRSMHEAIKTANQISTQNMQSQNNSLKKPYQPY
;
P
14 'polypeptide(L)'
;MDNTGKLEKQLVTLNDGLPKKPAKEIIEELKHHLYQDFQKFFSEEKKQQYQNNFALFDRDNDKYINLSELKELLTSVNIT
FPDDELEELYNEFCLTSPEADGINEDAVFIIVSKKIRDNDKDEQLTQAFKLVEKAVNDELAKTPNETKEQEGYIRVEQFK
ELLMTLGNRWSEEQANEFLKDINPKSDERINYLDVVKKLMKR
;
Q,R
15 'polypeptide(L)'
;MSKKSGKGKGKNDGDELGAEKEQVLRTKVESLIQRLGHEQERADRAKAAENELRARLFDLDKDFKNEKDRLFSITSDMTR
QYKQMQDELLNQVNDLNKTVIEKDEEIKKKDQQIQDMTKDYEYKLKKKDDEIQDLKRKIEEMSAEFAKMLKDTLDKMQER
IEMVQWDSDTDPQMMKRLKDMTGLSNN
;
S,s
#
# COMPACT_ATOMS: atom_id res chain seq x y z
N MET A 1 -2.28 -33.18 -13.85
CA MET A 1 -2.10 -32.18 -12.80
C MET A 1 -0.72 -32.31 -12.17
N ASN A 2 -0.15 -31.19 -11.76
CA ASN A 2 1.11 -31.22 -11.04
C ASN A 2 0.87 -31.69 -9.62
N PRO A 3 1.49 -32.79 -9.18
CA PRO A 3 1.23 -33.26 -7.81
C PRO A 3 1.54 -32.24 -6.74
N SER A 4 2.60 -31.44 -6.92
CA SER A 4 2.96 -30.45 -5.92
C SER A 4 1.97 -29.29 -5.89
N GLN A 5 1.44 -28.91 -7.06
CA GLN A 5 0.51 -27.79 -7.11
C GLN A 5 -0.77 -28.07 -6.35
N THR A 6 -1.27 -29.30 -6.44
CA THR A 6 -2.60 -29.63 -5.95
C THR A 6 -2.64 -29.97 -4.46
N GLN A 7 -1.51 -29.93 -3.76
CA GLN A 7 -1.43 -30.35 -2.37
C GLN A 7 -0.83 -29.25 -1.51
N LYS A 8 -1.34 -28.03 -1.65
CA LYS A 8 -0.85 -26.93 -0.82
C LYS A 8 -1.19 -27.16 0.66
N GLY A 9 -2.39 -27.66 0.93
CA GLY A 9 -2.86 -27.83 2.29
C GLY A 9 -1.95 -28.64 3.18
N LYS A 10 -1.63 -29.88 2.78
CA LYS A 10 -0.81 -30.74 3.62
C LYS A 10 0.58 -30.17 3.83
N ILE A 11 1.22 -29.67 2.77
CA ILE A 11 2.59 -29.19 2.88
C ILE A 11 2.64 -27.96 3.80
N GLN A 12 1.71 -27.02 3.61
CA GLN A 12 1.70 -25.86 4.49
C GLN A 12 1.38 -26.25 5.93
N ILE A 13 0.48 -27.22 6.13
CA ILE A 13 0.17 -27.65 7.50
C ILE A 13 1.38 -28.31 8.13
N GLN A 14 2.17 -29.03 7.35
CA GLN A 14 3.44 -29.58 7.84
C GLN A 14 4.38 -28.46 8.24
N VAL A 15 4.46 -27.42 7.42
CA VAL A 15 5.30 -26.27 7.76
C VAL A 15 4.83 -25.65 9.06
N SER A 16 3.51 -25.53 9.24
CA SER A 16 2.95 -24.94 10.44
C SER A 16 3.27 -25.79 11.67
N ARG A 17 3.14 -27.10 11.55
CA ARG A 17 3.46 -27.99 12.66
C ARG A 17 4.93 -27.87 13.03
N GLY A 18 5.79 -27.80 12.02
CA GLY A 18 7.21 -27.64 12.28
C GLY A 18 7.52 -26.32 12.98
N SER A 19 6.87 -25.24 12.56
CA SER A 19 7.04 -23.96 13.22
C SER A 19 6.58 -24.04 14.67
N ILE A 20 5.44 -24.70 14.90
CA ILE A 20 4.91 -24.82 16.26
C ILE A 20 5.89 -25.59 17.15
N ASP A 21 6.41 -26.70 16.63
CA ASP A 21 7.33 -27.52 17.42
C ASP A 21 8.65 -26.79 17.68
N LEU A 22 9.18 -26.10 16.66
CA LEU A 22 10.41 -25.34 16.82
C LEU A 22 10.24 -24.21 17.84
N LEU A 23 9.12 -23.51 17.83
CA LEU A 23 8.82 -22.53 18.86
C LEU A 23 8.67 -23.14 20.24
N VAL A 24 8.01 -24.30 20.33
CA VAL A 24 7.89 -24.97 21.62
C VAL A 24 9.26 -25.26 22.19
N ARG A 25 10.16 -25.76 21.35
CA ARG A 25 11.53 -26.05 21.82
C ARG A 25 12.19 -24.77 22.36
N THR A 26 12.12 -23.69 21.60
CA THR A 26 12.79 -22.45 21.96
C THR A 26 12.25 -21.89 23.27
N MET A 27 10.92 -21.87 23.42
CA MET A 27 10.33 -21.32 24.64
C MET A 27 10.54 -22.24 25.83
N TYR A 28 10.63 -23.55 25.58
CA TYR A 28 10.81 -24.54 26.65
C TYR A 28 12.25 -24.65 27.09
N GLU A 29 13.20 -24.11 26.30
CA GLU A 29 14.62 -24.23 26.63
C GLU A 29 15.01 -23.40 27.86
N ASP A 30 14.15 -22.51 28.35
CA ASP A 30 14.56 -21.58 29.40
C ASP A 30 13.60 -21.44 30.57
N ILE A 31 12.68 -22.39 30.78
CA ILE A 31 11.69 -22.24 31.85
C ILE A 31 11.57 -23.53 32.66
N ASN A 32 11.11 -23.35 33.90
CA ASN A 32 10.63 -24.44 34.76
C ASN A 32 11.74 -25.19 35.49
N ASN A 33 13.00 -24.86 35.26
CA ASN A 33 14.05 -25.53 36.02
C ASN A 33 14.24 -24.90 37.39
N ILE A 34 13.72 -23.69 37.59
CA ILE A 34 13.80 -23.05 38.91
C ILE A 34 13.01 -23.85 39.94
N LYS A 35 11.81 -24.29 39.57
CA LYS A 35 10.98 -25.06 40.50
C LYS A 35 11.69 -26.30 40.98
N LEU A 36 12.50 -26.92 40.12
CA LEU A 36 13.23 -28.12 40.53
C LEU A 36 14.19 -27.80 41.67
N LYS A 37 14.98 -26.73 41.53
CA LYS A 37 15.91 -26.38 42.59
C LYS A 37 15.18 -25.96 43.86
N ASN A 38 14.09 -25.19 43.72
CA ASN A 38 13.34 -24.78 44.91
C ASN A 38 12.80 -25.99 45.66
N GLU A 39 12.21 -26.94 44.95
CA GLU A 39 11.65 -28.12 45.60
C GLU A 39 12.75 -29.01 46.17
N ARG A 40 13.90 -29.09 45.49
CA ARG A 40 14.99 -29.91 46.03
C ARG A 40 15.55 -29.31 47.31
N PHE A 41 15.66 -27.98 47.37
CA PHE A 41 16.02 -27.33 48.63
C PHE A 41 14.96 -27.60 49.70
N GLN A 42 13.68 -27.51 49.32
CA GLN A 42 12.60 -27.77 50.26
C GLN A 42 12.74 -29.17 50.87
N LYS A 43 12.93 -30.17 50.03
CA LYS A 43 12.98 -31.55 50.53
C LYS A 43 14.29 -31.86 51.24
N LYS A 44 15.40 -31.23 50.81
CA LYS A 44 16.65 -31.39 51.54
C LYS A 44 16.52 -30.85 52.96
N LYS A 45 15.95 -29.65 53.11
CA LYS A 45 15.73 -29.11 54.43
C LYS A 45 14.66 -29.88 55.19
N ARG A 46 13.75 -30.54 54.47
CA ARG A 46 12.82 -31.45 55.12
C ARG A 46 13.56 -32.60 55.78
N ALA A 47 14.40 -33.29 55.02
CA ALA A 47 15.18 -34.39 55.58
C ALA A 47 16.20 -33.89 56.59
N GLU A 48 16.50 -32.59 56.57
CA GLU A 48 17.47 -32.01 57.48
C GLU A 48 16.87 -31.69 58.84
N ASP A 49 15.80 -30.89 58.87
CA ASP A 49 15.31 -30.34 60.13
C ASP A 49 14.86 -31.44 61.09
N GLU A 50 14.11 -32.42 60.59
CA GLU A 50 13.52 -33.43 61.45
C GLU A 50 14.24 -34.76 61.38
N ARG A 51 14.79 -35.12 60.22
CA ARG A 51 15.50 -36.38 60.09
C ARG A 51 16.91 -36.30 60.62
N ARG A 52 17.54 -35.12 60.56
CA ARG A 52 18.89 -34.95 61.12
C ARG A 52 19.10 -33.67 61.94
N ARG A 53 18.28 -32.62 61.78
CA ARG A 53 18.50 -31.41 62.55
C ARG A 53 17.96 -31.55 63.98
N ARG A 54 16.65 -31.73 64.10
CA ARG A 54 16.07 -31.89 65.44
C ARG A 54 16.55 -33.17 66.09
N GLU A 55 16.92 -34.18 65.31
CA GLU A 55 17.47 -35.41 65.89
C GLU A 55 18.81 -35.12 66.56
N ARG A 56 19.70 -34.37 65.90
CA ARG A 56 20.95 -33.97 66.54
C ARG A 56 20.69 -33.03 67.71
N TYR A 57 19.65 -32.19 67.60
CA TYR A 57 19.30 -31.33 68.74
C TYR A 57 18.94 -32.17 69.95
N ALA A 58 18.15 -33.23 69.75
CA ALA A 58 17.83 -34.14 70.84
C ALA A 58 19.08 -34.85 71.36
N GLU A 59 19.97 -35.27 70.46
CA GLU A 59 21.20 -35.93 70.88
C GLU A 59 22.02 -35.02 71.79
N ILE A 60 22.26 -33.78 71.35
CA ILE A 60 23.05 -32.85 72.15
C ILE A 60 22.30 -32.46 73.42
N GLN A 61 20.97 -32.37 73.36
CA GLN A 61 20.19 -32.08 74.57
C GLN A 61 20.40 -33.17 75.62
N GLN A 62 20.30 -34.43 75.21
CA GLN A 62 20.48 -35.53 76.15
C GLN A 62 21.92 -35.59 76.65
N GLU A 63 22.90 -35.38 75.77
CA GLU A 63 24.29 -35.38 76.20
C GLU A 63 24.55 -34.27 77.21
N ALA A 64 24.02 -33.07 76.95
CA ALA A 64 24.22 -31.96 77.88
C ALA A 64 23.48 -32.19 79.19
N ILE A 65 22.31 -32.83 79.15
CA ILE A 65 21.62 -33.17 80.39
C ILE A 65 22.44 -34.16 81.20
N ALA A 66 23.03 -35.16 80.55
CA ALA A 66 23.90 -36.09 81.26
C ALA A 66 25.12 -35.38 81.84
N SER A 67 25.70 -34.45 81.06
CA SER A 67 26.84 -33.69 81.56
C SER A 67 26.46 -32.84 82.77
N GLY A 68 25.27 -32.23 82.74
CA GLY A 68 24.81 -31.49 83.90
C GLY A 68 24.57 -32.37 85.10
N LYS A 69 24.02 -33.57 84.88
CA LYS A 69 23.85 -34.52 85.98
C LYS A 69 25.18 -34.87 86.62
N LYS A 70 26.18 -35.18 85.79
CA LYS A 70 27.48 -35.56 86.31
C LYS A 70 28.15 -34.38 87.01
N ASN A 71 28.00 -33.17 86.48
CA ASN A 71 28.62 -32.01 87.11
C ASN A 71 27.95 -31.68 88.44
N ALA A 72 26.62 -31.81 88.53
CA ALA A 72 25.94 -31.63 89.80
C ALA A 72 26.36 -32.70 90.81
N ALA A 73 26.51 -33.94 90.33
CA ALA A 73 27.00 -35.00 91.20
C ALA A 73 28.39 -34.68 91.72
N LEU A 74 29.26 -34.13 90.87
CA LEU A 74 30.61 -33.80 91.31
C LEU A 74 30.63 -32.58 92.23
N GLU A 75 29.71 -31.63 92.05
CA GLU A 75 29.60 -30.52 92.98
C GLU A 75 29.14 -31.00 94.36
N MET A 76 28.18 -31.94 94.39
CA MET A 76 27.84 -32.57 95.66
C MET A 76 29.02 -33.37 96.21
N LYS A 77 29.84 -33.96 95.34
CA LYS A 77 31.05 -34.63 95.77
C LYS A 77 32.00 -33.66 96.47
N TRP A 78 32.16 -32.46 95.92
CA TRP A 78 32.91 -31.43 96.63
C TRP A 78 32.27 -31.13 97.98
N ALA A 79 30.97 -30.83 97.97
CA ALA A 79 30.29 -30.41 99.19
C ALA A 79 30.43 -31.48 100.29
N GLU A 80 30.58 -32.74 99.90
CA GLU A 80 30.74 -33.82 100.87
C GLU A 80 32.21 -34.02 101.25
N LEU A 81 33.07 -34.34 100.27
CA LEU A 81 34.47 -34.62 100.54
C LEU A 81 35.23 -33.40 101.04
N LYS A 82 34.58 -32.25 101.17
CA LYS A 82 35.30 -31.07 101.67
C LYS A 82 35.48 -31.08 103.17
N GLU A 83 35.99 -32.17 103.72
CA GLU A 83 36.72 -32.10 104.99
C GLU A 83 38.06 -31.42 104.81
N LEU A 84 38.46 -31.17 103.55
CA LEU A 84 39.59 -30.32 103.23
C LEU A 84 39.21 -28.87 103.48
N ASP A 85 39.03 -28.51 104.75
CA ASP A 85 38.58 -27.18 105.12
C ASP A 85 39.60 -26.09 104.80
N GLU A 86 40.78 -26.47 104.29
CA GLU A 86 41.78 -25.48 103.94
C GLU A 86 41.18 -24.41 103.04
N CYS A 87 41.08 -23.19 103.58
CA CYS A 87 40.41 -22.11 102.85
C CYS A 87 41.17 -21.70 101.60
N GLU A 88 42.50 -21.68 101.66
CA GLU A 88 43.29 -21.19 100.53
C GLU A 88 43.16 -22.12 99.33
N GLU A 89 43.38 -23.42 99.53
CA GLU A 89 43.25 -24.37 98.44
C GLU A 89 41.80 -24.48 97.97
N LEU A 90 40.85 -24.42 98.89
CA LEU A 90 39.44 -24.43 98.51
C LEU A 90 39.11 -23.25 97.60
N ASN A 91 39.58 -22.06 97.96
CA ASN A 91 39.33 -20.91 97.11
C ASN A 91 40.03 -21.06 95.77
N ARG A 92 41.28 -21.52 95.76
CA ARG A 92 41.99 -21.66 94.50
C ARG A 92 41.27 -22.62 93.58
N GLU A 93 40.82 -23.75 94.12
CA GLU A 93 40.10 -24.73 93.30
C GLU A 93 38.72 -24.21 92.90
N MET A 94 38.08 -23.39 93.73
CA MET A 94 36.78 -22.86 93.36
C MET A 94 36.90 -21.88 92.20
N GLN A 95 37.90 -21.01 92.22
CA GLN A 95 38.16 -20.17 91.04
C GLN A 95 38.56 -21.00 89.84
N ASP A 96 39.34 -22.07 90.07
CA ASP A 96 39.73 -22.93 88.95
C ASP A 96 38.50 -23.54 88.28
N GLN A 97 37.55 -24.04 89.08
CA GLN A 97 36.35 -24.63 88.51
C GLN A 97 35.37 -23.58 88.01
N GLN A 98 35.42 -22.36 88.54
CA GLN A 98 34.72 -21.26 87.89
C GLN A 98 35.25 -21.05 86.48
N GLN A 99 36.57 -21.08 86.33
CA GLN A 99 37.15 -21.01 84.99
C GLN A 99 36.71 -22.22 84.16
N THR A 100 36.60 -23.39 84.80
CA THR A 100 36.06 -24.55 84.10
C THR A 100 34.68 -24.26 83.54
N PHE A 101 33.79 -23.72 84.37
CA PHE A 101 32.44 -23.43 83.92
C PHE A 101 32.41 -22.41 82.80
N GLN A 102 33.18 -21.32 82.94
CA GLN A 102 33.16 -20.30 81.89
C GLN A 102 33.78 -20.82 80.59
N GLN A 103 34.81 -21.67 80.67
CA GLN A 103 35.33 -22.27 79.45
C GLN A 103 34.30 -23.19 78.80
N ILE A 104 33.57 -23.95 79.62
CA ILE A 104 32.49 -24.79 79.07
C ILE A 104 31.47 -23.91 78.36
N ILE A 105 31.09 -22.81 78.99
CA ILE A 105 30.09 -21.92 78.41
C ILE A 105 30.63 -21.25 77.15
N GLU A 106 31.94 -21.04 77.08
CA GLU A 106 32.52 -20.33 75.95
C GLU A 106 32.20 -21.03 74.64
N GLY A 107 32.09 -22.36 74.66
CA GLY A 107 31.61 -23.06 73.49
C GLY A 107 30.21 -22.61 73.10
N LYS A 108 29.33 -22.42 74.09
CA LYS A 108 27.99 -21.93 73.80
C LYS A 108 28.02 -20.51 73.25
N GLU A 109 28.87 -19.65 73.81
CA GLU A 109 28.98 -18.29 73.24
C GLU A 109 29.49 -18.33 71.80
N ASN A 110 30.47 -19.19 71.52
CA ASN A 110 30.97 -19.30 70.15
C ASN A 110 29.85 -19.75 69.21
N LEU A 111 29.14 -20.82 69.59
CA LEU A 111 28.09 -21.34 68.74
C LEU A 111 26.98 -20.32 68.54
N ARG A 112 26.60 -19.63 69.62
CA ARG A 112 25.53 -18.64 69.54
C ARG A 112 25.96 -17.42 68.74
N LYS A 113 27.24 -17.05 68.76
CA LYS A 113 27.70 -15.93 67.95
C LYS A 113 27.73 -16.30 66.47
N GLU A 114 28.24 -17.49 66.15
CA GLU A 114 28.17 -17.95 64.77
C GLU A 114 26.73 -18.03 64.30
N PHE A 115 25.81 -18.47 65.17
CA PHE A 115 24.42 -18.58 64.77
C PHE A 115 23.67 -17.24 64.80
N GLU A 116 24.17 -16.23 65.52
CA GLU A 116 23.66 -14.88 65.32
C GLU A 116 24.10 -14.34 63.97
N GLU A 117 25.36 -14.58 63.60
CA GLU A 117 25.81 -14.30 62.24
C GLU A 117 25.02 -15.08 61.20
N GLU A 118 24.50 -16.25 61.57
CA GLU A 118 23.63 -17.03 60.69
C GLU A 118 22.20 -16.52 60.64
N LEU A 119 21.67 -16.00 61.74
CA LEU A 119 20.30 -15.49 61.77
C LEU A 119 20.17 -14.13 61.09
N LYS A 120 21.05 -13.19 61.46
CA LYS A 120 21.06 -11.91 60.77
C LYS A 120 21.41 -12.12 59.31
N ARG A 121 22.33 -13.05 59.04
CA ARG A 121 22.68 -13.35 57.66
C ARG A 121 21.55 -14.08 56.95
N LYS A 122 20.67 -14.77 57.67
CA LYS A 122 19.50 -15.36 57.06
C LYS A 122 18.47 -14.30 56.70
N ASP A 123 18.32 -13.28 57.54
CA ASP A 123 17.50 -12.14 57.15
C ASP A 123 18.08 -11.44 55.93
N ASP A 124 19.40 -11.27 55.90
CA ASP A 124 20.06 -10.71 54.73
C ASP A 124 19.86 -11.59 53.50
N GLU A 125 19.89 -12.92 53.70
CA GLU A 125 19.63 -13.85 52.61
C GLU A 125 18.20 -13.75 52.13
N TYR A 126 17.26 -13.52 53.05
CA TYR A 126 15.87 -13.34 52.63
C TYR A 126 15.69 -12.07 51.80
N VAL A 127 16.36 -10.98 52.20
CA VAL A 127 16.34 -9.77 51.38
C VAL A 127 16.98 -10.02 50.03
N LYS A 128 18.11 -10.74 50.03
CA LYS A 128 18.77 -11.09 48.78
C LYS A 128 17.87 -11.96 47.91
N MET A 129 17.08 -12.83 48.54
CA MET A 129 16.14 -13.68 47.81
C MET A 129 15.00 -12.86 47.22
N LEU A 130 14.52 -11.86 47.96
CA LEU A 130 13.52 -10.95 47.40
C LEU A 130 14.06 -10.24 46.16
N LYS A 131 15.29 -9.72 46.25
CA LYS A 131 15.89 -9.07 45.09
C LYS A 131 16.09 -10.05 43.95
N GLU A 132 16.55 -11.26 44.26
CA GLU A 132 16.80 -12.27 43.24
C GLU A 132 15.51 -12.68 42.54
N GLN A 133 14.43 -12.86 43.29
CA GLN A 133 13.16 -13.22 42.68
C GLN A 133 12.60 -12.06 41.87
N SER A 134 12.78 -10.82 42.33
CA SER A 134 12.34 -9.67 41.54
C SER A 134 13.06 -9.61 40.21
N ASN A 135 14.39 -9.77 40.23
CA ASN A 135 15.15 -9.79 38.98
C ASN A 135 14.78 -11.00 38.13
N ASP A 136 14.49 -12.13 38.78
CA ASP A 136 14.09 -13.33 38.06
C ASP A 136 12.81 -13.09 37.26
N ILE A 137 11.78 -12.55 37.92
CA ILE A 137 10.56 -12.25 37.21
C ILE A 137 10.75 -11.14 36.18
N LYS A 138 11.61 -10.16 36.46
CA LYS A 138 11.88 -9.12 35.47
C LYS A 138 12.43 -9.71 34.18
N ASP A 139 13.50 -10.51 34.28
CA ASP A 139 14.08 -11.14 33.11
C ASP A 139 13.11 -12.12 32.46
N MET A 140 12.35 -12.86 33.27
CA MET A 140 11.38 -13.80 32.72
C MET A 140 10.33 -13.08 31.89
N ILE A 141 9.77 -11.98 32.41
CA ILE A 141 8.76 -11.23 31.68
C ILE A 141 9.35 -10.66 30.40
N SER A 142 10.54 -10.06 30.49
CA SER A 142 11.17 -9.49 29.31
C SER A 142 11.35 -10.55 28.23
N LYS A 143 11.94 -11.69 28.60
CA LYS A 143 12.19 -12.74 27.62
C LYS A 143 10.89 -13.35 27.08
N MET A 144 9.90 -13.55 27.95
CA MET A 144 8.64 -14.14 27.52
C MET A 144 7.94 -13.25 26.50
N ARG A 145 7.88 -11.94 26.77
CA ARG A 145 7.23 -11.03 25.82
C ARG A 145 8.04 -10.88 24.54
N SER A 146 9.38 -10.84 24.66
CA SER A 146 10.20 -10.78 23.46
C SER A 146 9.99 -12.00 22.58
N GLN A 147 9.95 -13.19 23.19
CA GLN A 147 9.66 -14.41 22.44
C GLN A 147 8.27 -14.37 21.82
N PHE A 148 7.29 -13.90 22.59
CA PHE A 148 5.92 -13.77 22.09
C PHE A 148 5.89 -12.96 20.80
N TYR A 149 6.48 -11.77 20.83
CA TYR A 149 6.41 -10.90 19.67
C TYR A 149 7.32 -11.36 18.54
N LYS A 150 8.44 -12.01 18.88
CA LYS A 150 9.28 -12.61 17.84
C LYS A 150 8.53 -13.72 17.10
N ILE A 151 7.78 -14.54 17.84
CA ILE A 151 6.99 -15.58 17.20
C ILE A 151 5.88 -14.97 16.37
N ARG A 152 5.29 -13.88 16.85
CA ARG A 152 4.31 -13.17 16.04
C ARG A 152 4.91 -12.72 14.71
N ASP A 153 6.12 -12.15 14.76
CA ASP A 153 6.79 -11.70 13.53
C ASP A 153 7.12 -12.87 12.62
N ALA A 154 7.57 -13.99 13.20
CA ALA A 154 7.82 -15.18 12.40
C ALA A 154 6.54 -15.69 11.75
N ASN A 155 5.42 -15.59 12.46
CA ASN A 155 4.13 -15.95 11.88
C ASN A 155 3.79 -15.03 10.72
N MET A 156 4.06 -13.74 10.86
CA MET A 156 3.87 -12.81 9.74
C MET A 156 4.67 -13.24 8.52
N GLN A 157 5.96 -13.50 8.71
CA GLN A 157 6.81 -13.87 7.58
C GLN A 157 6.40 -15.20 6.97
N GLU A 158 6.02 -16.17 7.80
CA GLU A 158 5.56 -17.45 7.28
C GLU A 158 4.26 -17.29 6.51
N LEU A 159 3.35 -16.42 6.98
CA LEU A 159 2.12 -16.15 6.24
C LEU A 159 2.44 -15.52 4.89
N GLU A 160 3.37 -14.56 4.87
CA GLU A 160 3.71 -13.92 3.59
C GLU A 160 4.35 -14.93 2.63
N ASP A 161 5.23 -15.79 3.13
CA ASP A 161 5.80 -16.83 2.26
C ASP A 161 4.74 -17.79 1.77
N ILE A 162 3.76 -18.12 2.63
CA ILE A 162 2.68 -19.01 2.23
C ILE A 162 1.89 -18.39 1.09
N GLU A 163 1.50 -17.12 1.24
CA GLU A 163 0.77 -16.45 0.17
C GLU A 163 1.60 -16.37 -1.11
N ARG A 164 2.91 -16.07 -0.99
CA ARG A 164 3.76 -15.99 -2.17
C ARG A 164 3.80 -17.31 -2.91
N HIS A 165 4.02 -18.41 -2.19
CA HIS A 165 3.94 -19.73 -2.80
C HIS A 165 2.57 -19.98 -3.40
N PHE A 166 1.51 -19.42 -2.80
CA PHE A 166 0.18 -19.55 -3.36
C PHE A 166 0.10 -18.94 -4.76
N GLU A 167 0.53 -17.68 -4.91
CA GLU A 167 0.44 -17.11 -6.25
C GLU A 167 1.42 -17.79 -7.18
N GLN A 168 2.53 -18.31 -6.66
CA GLN A 168 3.46 -19.06 -7.50
C GLN A 168 2.78 -20.29 -8.09
N GLU A 169 2.08 -21.05 -7.25
CA GLU A 169 1.39 -22.24 -7.75
C GLU A 169 0.28 -21.85 -8.72
N ARG A 170 -0.43 -20.76 -8.43
CA ARG A 170 -1.47 -20.29 -9.35
C ARG A 170 -0.88 -19.95 -10.71
N SER A 171 0.25 -19.25 -10.72
CA SER A 171 0.89 -18.86 -11.98
C SER A 171 1.40 -20.08 -12.73
N ASN A 172 1.98 -21.05 -12.02
CA ASN A 172 2.44 -22.26 -12.71
C ASN A 172 1.27 -23.03 -13.30
N LEU A 173 0.16 -23.11 -12.58
CA LEU A 173 -1.03 -23.77 -13.12
C LEU A 173 -1.54 -23.05 -14.36
N LEU A 174 -1.58 -21.72 -14.32
CA LEU A 174 -2.03 -20.97 -15.48
C LEU A 174 -1.09 -21.15 -16.66
N ASN A 175 0.22 -21.20 -16.40
CA ASN A 175 1.18 -21.49 -17.46
C ASN A 175 0.92 -22.86 -18.07
N GLU A 176 0.69 -23.87 -17.23
CA GLU A 176 0.40 -25.21 -17.74
C GLU A 176 -0.84 -25.18 -18.63
N PHE A 177 -1.90 -24.55 -18.15
CA PHE A 177 -3.16 -24.54 -18.90
C PHE A 177 -2.99 -23.80 -20.23
N LYS A 178 -2.32 -22.64 -20.21
CA LYS A 178 -2.16 -21.87 -21.43
C LYS A 178 -1.29 -22.61 -22.44
N ALA A 179 -0.22 -23.26 -21.98
CA ALA A 179 0.62 -24.05 -22.89
C ALA A 179 -0.16 -25.21 -23.47
N LYS A 180 -0.98 -25.88 -22.64
CA LYS A 180 -1.77 -26.99 -23.15
C LYS A 180 -2.75 -26.52 -24.22
N ILE A 181 -3.44 -25.42 -23.97
CA ILE A 181 -4.44 -24.94 -24.92
C ILE A 181 -3.77 -24.41 -26.19
N GLN A 182 -2.56 -23.87 -26.06
CA GLN A 182 -1.89 -23.26 -27.20
C GLN A 182 -1.45 -24.31 -28.23
N ALA A 183 -1.54 -25.59 -27.87
CA ALA A 183 -1.19 -26.64 -28.82
C ALA A 183 -2.35 -26.91 -29.77
N THR A 184 -3.50 -26.28 -29.52
CA THR A 184 -4.68 -26.40 -30.38
C THR A 184 -4.60 -25.44 -31.57
N PHE A 185 -3.58 -25.63 -32.41
CA PHE A 185 -3.23 -24.63 -33.41
C PHE A 185 -2.60 -25.24 -34.65
N LYS A 186 -1.79 -24.46 -35.36
CA LYS A 186 -1.47 -24.60 -36.78
C LYS A 186 -1.39 -26.05 -37.26
N LYS A 187 -1.16 -27.01 -36.36
CA LYS A 187 -1.16 -28.41 -36.77
C LYS A 187 -2.41 -28.77 -37.56
N HIS A 188 -3.59 -28.38 -37.06
CA HIS A 188 -4.81 -28.72 -37.79
C HIS A 188 -4.93 -27.95 -39.09
N LEU A 189 -4.41 -26.71 -39.14
CA LEU A 189 -4.39 -25.99 -40.41
C LEU A 189 -3.55 -26.74 -41.44
N ASP A 190 -2.38 -27.23 -41.03
CA ASP A 190 -1.60 -28.11 -41.91
C ASP A 190 -2.36 -29.38 -42.25
N LEU A 191 -3.28 -29.81 -41.38
CA LEU A 191 -4.14 -30.94 -41.73
C LEU A 191 -4.86 -30.69 -43.05
N GLU A 192 -5.56 -29.56 -43.15
CA GLU A 192 -6.21 -29.20 -44.42
C GLU A 192 -5.19 -28.92 -45.50
N GLU A 193 -4.05 -28.35 -45.12
CA GLU A 193 -2.98 -28.06 -46.07
C GLU A 193 -2.55 -29.33 -46.80
N GLN A 194 -2.51 -30.46 -46.09
CA GLN A 194 -2.16 -31.74 -46.70
C GLN A 194 -3.36 -32.47 -47.28
N TYR A 195 -4.57 -32.20 -46.77
CA TYR A 195 -5.77 -32.73 -47.39
C TYR A 195 -5.89 -32.24 -48.83
N VAL A 196 -5.63 -30.95 -49.04
CA VAL A 196 -5.69 -30.40 -50.39
C VAL A 196 -4.66 -31.07 -51.28
N LYS A 197 -3.45 -31.29 -50.75
CA LYS A 197 -2.41 -31.96 -51.52
C LYS A 197 -2.85 -33.36 -51.91
N GLU A 198 -3.44 -34.09 -50.97
CA GLU A 198 -3.89 -35.45 -51.25
C GLU A 198 -4.93 -35.45 -52.36
N HIS A 199 -5.90 -34.54 -52.29
CA HIS A 199 -6.94 -34.50 -53.32
C HIS A 199 -6.33 -34.17 -54.69
N ALA A 200 -5.46 -33.16 -54.73
CA ALA A 200 -4.88 -32.75 -56.00
C ALA A 200 -4.07 -33.88 -56.62
N LYS A 201 -3.22 -34.53 -55.82
CA LYS A 201 -2.46 -35.66 -56.35
C LYS A 201 -3.39 -36.78 -56.81
N THR A 202 -4.44 -37.06 -56.02
CA THR A 202 -5.33 -38.16 -56.36
C THR A 202 -5.99 -37.94 -57.72
N GLU A 203 -6.54 -36.74 -57.95
CA GLU A 203 -7.14 -36.46 -59.25
C GLU A 203 -6.10 -36.63 -60.36
N GLU A 204 -4.84 -36.36 -60.06
CA GLU A 204 -3.77 -36.60 -61.03
C GLU A 204 -3.64 -38.08 -61.34
N GLU A 205 -3.69 -38.95 -60.32
CA GLU A 205 -3.65 -40.37 -60.63
C GLU A 205 -4.84 -40.77 -61.49
N GLN A 206 -6.03 -40.25 -61.20
CA GLN A 206 -7.18 -40.61 -62.02
C GLN A 206 -7.01 -40.14 -63.46
N THR A 207 -6.52 -38.91 -63.65
CA THR A 207 -6.32 -38.40 -65.00
C THR A 207 -5.27 -39.23 -65.76
N LYS A 208 -4.18 -39.59 -65.09
CA LYS A 208 -3.16 -40.42 -65.72
C LYS A 208 -3.73 -41.78 -66.11
N ASN A 209 -4.55 -42.38 -65.23
CA ASN A 209 -5.17 -43.65 -65.54
C ASN A 209 -6.07 -43.53 -66.77
N ILE A 210 -6.88 -42.48 -66.83
CA ILE A 210 -7.78 -42.29 -67.96
C ILE A 210 -6.97 -42.16 -69.25
N GLU A 211 -5.94 -41.32 -69.24
CA GLU A 211 -5.15 -41.11 -70.45
C GLU A 211 -4.45 -42.39 -70.88
N ASP A 212 -3.86 -43.12 -69.93
CA ASP A 212 -3.15 -44.34 -70.29
C ASP A 212 -4.10 -45.39 -70.86
N LEU A 213 -5.28 -45.52 -70.27
CA LEU A 213 -6.26 -46.46 -70.82
C LEU A 213 -6.68 -46.05 -72.22
N ARG A 214 -6.86 -44.73 -72.45
CA ARG A 214 -7.21 -44.27 -73.80
C ARG A 214 -6.12 -44.63 -74.80
N ILE A 215 -4.86 -44.40 -74.43
CA ILE A 215 -3.76 -44.73 -75.35
C ILE A 215 -3.72 -46.22 -75.61
N LYS A 216 -3.89 -47.03 -74.57
CA LYS A 216 -3.89 -48.48 -74.76
C LYS A 216 -5.02 -48.90 -75.70
N GLY A 217 -6.20 -48.28 -75.55
CA GLY A 217 -7.31 -48.59 -76.43
C GLY A 217 -7.01 -48.24 -77.88
N ALA A 218 -6.42 -47.07 -78.11
CA ALA A 218 -6.10 -46.67 -79.49
C ALA A 218 -5.09 -47.64 -80.12
N LYS A 219 -4.05 -48.00 -79.36
CA LYS A 219 -3.06 -48.92 -79.90
C LYS A 219 -3.67 -50.29 -80.19
N HIS A 220 -4.50 -50.80 -79.27
CA HIS A 220 -5.16 -52.08 -79.51
C HIS A 220 -6.05 -52.02 -80.74
N TYR A 221 -6.78 -50.91 -80.90
CA TYR A 221 -7.65 -50.74 -82.06
C TYR A 221 -6.85 -50.82 -83.35
N ALA A 222 -5.76 -50.06 -83.44
CA ALA A 222 -4.95 -50.09 -84.65
C ALA A 222 -4.38 -51.49 -84.89
N GLU A 223 -3.87 -52.13 -83.84
CA GLU A 223 -3.27 -53.46 -83.99
C GLU A 223 -4.29 -54.44 -84.52
N LEU A 224 -5.48 -54.46 -83.93
CA LEU A 224 -6.51 -55.40 -84.36
C LEU A 224 -6.91 -55.13 -85.80
N LYS A 225 -7.09 -53.85 -86.16
CA LYS A 225 -7.49 -53.54 -87.53
C LYS A 225 -6.47 -54.09 -88.53
N ILE A 226 -5.20 -53.78 -88.32
CA ILE A 226 -4.18 -54.22 -89.27
C ILE A 226 -4.09 -55.75 -89.28
N THR A 227 -4.08 -56.37 -88.10
CA THR A 227 -3.91 -57.81 -88.02
C THR A 227 -5.03 -58.54 -88.74
N MET A 228 -6.28 -58.08 -88.55
CA MET A 228 -7.39 -58.72 -89.24
C MET A 228 -7.32 -58.47 -90.75
N GLU A 229 -7.07 -57.22 -91.16
CA GLU A 229 -7.04 -56.93 -92.58
C GLU A 229 -5.87 -57.64 -93.27
N THR A 230 -4.94 -58.19 -92.49
CA THR A 230 -3.81 -58.92 -93.06
C THR A 230 -4.27 -59.95 -94.10
N GLU A 231 -5.27 -60.76 -93.76
CA GLU A 231 -5.59 -61.97 -94.52
C GLU A 231 -6.85 -61.84 -95.37
N ILE A 232 -7.07 -60.71 -96.05
CA ILE A 232 -8.29 -60.54 -96.81
C ILE A 232 -8.00 -60.39 -98.30
N GLN A 233 -7.01 -59.58 -98.67
CA GLN A 233 -6.89 -59.13 -100.06
C GLN A 233 -6.30 -60.22 -100.96
N ASP A 234 -5.40 -61.04 -100.41
CA ASP A 234 -4.64 -61.99 -101.23
C ASP A 234 -5.50 -63.21 -101.58
N LEU A 235 -6.65 -62.95 -102.21
CA LEU A 235 -7.55 -63.98 -102.67
C LEU A 235 -8.24 -63.52 -103.97
N GLU A 236 -9.11 -64.39 -104.51
CA GLU A 236 -9.96 -64.09 -105.65
C GLU A 236 -9.26 -64.49 -106.94
N LYS A 237 -8.72 -63.52 -107.68
CA LYS A 237 -8.05 -63.77 -108.96
C LYS A 237 -7.13 -64.99 -108.94
N CYS A 238 -6.49 -65.24 -107.80
CA CYS A 238 -5.62 -66.41 -107.68
C CYS A 238 -6.35 -67.67 -108.11
N PHE A 239 -7.64 -67.78 -107.74
CA PHE A 239 -8.44 -68.93 -108.14
C PHE A 239 -8.69 -68.98 -109.64
N GLU A 240 -8.85 -67.81 -110.29
CA GLU A 240 -8.94 -67.79 -111.75
C GLU A 240 -7.63 -68.23 -112.39
N ASP A 241 -6.49 -67.91 -111.79
CA ASP A 241 -5.23 -68.40 -112.32
C ASP A 241 -5.20 -69.93 -112.35
N MET A 242 -5.69 -70.56 -111.28
CA MET A 242 -5.69 -72.02 -111.23
C MET A 242 -6.76 -72.61 -112.15
N LYS A 243 -7.88 -71.93 -112.34
CA LYS A 243 -8.83 -72.37 -113.37
C LYS A 243 -8.20 -72.32 -114.75
N ALA A 244 -7.41 -71.28 -115.03
CA ALA A 244 -6.68 -71.22 -116.30
C ALA A 244 -5.71 -72.38 -116.40
N LEU A 245 -4.95 -72.64 -115.33
CA LEU A 245 -4.07 -73.80 -115.32
C LEU A 245 -4.86 -75.09 -115.51
N TYR A 246 -6.10 -75.14 -115.03
CA TYR A 246 -6.90 -76.36 -115.07
C TYR A 246 -7.40 -76.66 -116.47
N GLN A 247 -8.18 -75.74 -117.05
CA GLN A 247 -8.93 -76.07 -118.25
C GLN A 247 -8.01 -76.34 -119.44
N LEU A 248 -7.02 -75.47 -119.65
CA LEU A 248 -6.09 -75.67 -120.75
C LEU A 248 -5.28 -76.94 -120.61
N ILE A 249 -4.81 -77.28 -119.41
CA ILE A 249 -4.01 -78.49 -119.23
C ILE A 249 -4.88 -79.73 -119.40
N THR A 250 -6.12 -79.68 -118.93
CA THR A 250 -7.00 -80.84 -119.09
C THR A 250 -7.35 -81.07 -120.56
N GLU A 251 -7.59 -79.99 -121.31
CA GLU A 251 -7.82 -80.15 -122.75
C GLU A 251 -6.55 -80.61 -123.46
N LYS A 252 -5.38 -80.10 -123.05
CA LYS A 252 -4.13 -80.60 -123.62
C LYS A 252 -4.02 -82.11 -123.43
N LEU A 253 -4.32 -82.59 -122.22
CA LEU A 253 -4.21 -84.02 -121.95
C LEU A 253 -5.26 -84.82 -122.71
N ASP A 254 -6.47 -84.27 -122.85
CA ASP A 254 -7.51 -84.99 -123.58
C ASP A 254 -7.13 -85.15 -125.05
N TYR A 255 -6.47 -84.14 -125.62
CA TYR A 255 -5.96 -84.27 -126.99
C TYR A 255 -4.76 -85.21 -127.04
N SER A 256 -3.90 -85.15 -126.02
CA SER A 256 -2.73 -86.02 -125.98
C SER A 256 -3.12 -87.49 -125.91
N LEU A 257 -4.28 -87.78 -125.30
CA LEU A 257 -4.74 -89.17 -125.27
C LEU A 257 -4.95 -89.70 -126.68
N LYS A 258 -5.63 -88.93 -127.53
CA LYS A 258 -5.78 -89.32 -128.93
C LYS A 258 -4.43 -89.38 -129.63
N VAL A 259 -3.56 -88.40 -129.35
CA VAL A 259 -2.25 -88.37 -130.02
C VAL A 259 -1.48 -89.65 -129.74
N LEU A 260 -1.47 -90.10 -128.50
CA LEU A 260 -0.73 -91.30 -128.14
C LEU A 260 -1.44 -92.57 -128.60
N GLN A 261 -2.77 -92.60 -128.56
CA GLN A 261 -3.49 -93.80 -129.00
C GLN A 261 -3.33 -94.03 -130.50
N GLU A 262 -3.27 -92.95 -131.29
CA GLU A 262 -3.00 -93.10 -132.70
C GLU A 262 -1.67 -93.82 -132.93
N LYS A 263 -0.62 -93.35 -132.25
CA LYS A 263 0.69 -93.96 -132.41
C LYS A 263 0.72 -95.39 -131.89
N PHE A 264 -0.01 -95.68 -130.81
CA PHE A 264 -0.11 -97.06 -130.34
C PHE A 264 -0.75 -97.97 -131.40
N HIS A 265 -1.87 -97.53 -131.97
CA HIS A 265 -2.52 -98.37 -132.97
C HIS A 265 -1.63 -98.57 -134.18
N GLU A 266 -0.96 -97.51 -134.63
CA GLU A 266 -0.05 -97.64 -135.77
C GLU A 266 1.15 -98.51 -135.42
N ASN A 267 1.61 -98.47 -134.17
CA ASN A 267 2.69 -99.36 -133.74
C ASN A 267 2.24 -100.81 -133.76
N ASN A 268 1.00 -101.08 -133.33
CA ASN A 268 0.47 -102.44 -133.41
C ASN A 268 0.40 -102.90 -134.87
N SER A 269 -0.01 -102.01 -135.76
CA SER A 269 -0.05 -102.36 -137.18
C SER A 269 1.35 -102.66 -137.72
N MET A 270 2.32 -101.83 -137.35
CA MET A 270 3.68 -102.10 -137.81
C MET A 270 4.23 -103.39 -137.20
N CYS A 271 3.84 -103.69 -135.97
CA CYS A 271 4.28 -104.93 -135.33
C CYS A 271 3.71 -106.16 -136.04
N ASP A 272 2.41 -106.16 -136.35
CA ASP A 272 1.87 -107.36 -137.00
C ASP A 272 2.33 -107.46 -138.45
N GLU A 273 2.61 -106.32 -139.11
CA GLU A 273 3.22 -106.40 -140.43
C GLU A 273 4.64 -106.97 -140.34
N LEU A 274 5.38 -106.61 -139.29
CA LEU A 274 6.69 -107.22 -139.08
C LEU A 274 6.55 -108.72 -138.84
N LYS A 275 5.54 -109.12 -138.07
CA LYS A 275 5.30 -110.55 -137.85
C LYS A 275 5.05 -111.28 -139.16
N ARG A 276 4.17 -110.72 -139.99
CA ARG A 276 3.91 -111.35 -141.29
C ARG A 276 5.17 -111.39 -142.15
N LYS A 277 5.95 -110.32 -142.12
CA LYS A 277 7.16 -110.26 -142.93
C LYS A 277 8.16 -111.33 -142.51
N GLU A 278 8.38 -111.48 -141.21
CA GLU A 278 9.33 -112.48 -140.75
C GLU A 278 8.81 -113.89 -141.00
N ASN A 279 7.50 -114.10 -140.85
CA ASN A 279 6.92 -115.41 -141.19
C ASN A 279 7.12 -115.71 -142.67
N ASN A 280 6.93 -114.71 -143.54
CA ASN A 280 7.10 -114.90 -144.97
C ASN A 280 8.56 -115.21 -145.30
N PHE A 281 9.50 -114.51 -144.67
CA PHE A 281 10.91 -114.79 -144.92
C PHE A 281 11.29 -116.20 -144.46
N LYS A 282 10.80 -116.60 -143.28
CA LYS A 282 11.06 -117.95 -142.80
C LYS A 282 10.48 -119.02 -143.70
N ASN A 283 9.24 -118.84 -144.18
CA ASN A 283 8.66 -119.79 -145.14
C ASN A 283 9.37 -119.78 -146.48
N ARG A 284 9.88 -118.63 -146.91
CA ARG A 284 10.73 -118.57 -148.10
C ARG A 284 11.98 -119.41 -147.91
N LEU A 285 12.62 -119.29 -146.74
CA LEU A 285 13.75 -120.14 -146.42
C LEU A 285 13.36 -121.62 -146.44
N LYS A 286 12.20 -121.94 -145.86
CA LYS A 286 11.71 -123.32 -145.83
C LYS A 286 11.61 -123.87 -147.25
N GLN A 287 10.92 -123.15 -148.14
CA GLN A 287 10.78 -123.61 -149.52
C GLN A 287 12.13 -123.71 -150.21
N LEU A 288 13.02 -122.74 -149.96
CA LEU A 288 14.32 -122.76 -150.59
C LEU A 288 15.09 -124.02 -150.24
N THR A 289 15.10 -124.39 -148.95
CA THR A 289 15.82 -125.60 -148.55
C THR A 289 15.25 -126.83 -149.23
N LYS A 290 13.93 -126.91 -149.32
CA LYS A 290 13.27 -128.04 -149.98
C LYS A 290 13.64 -128.09 -151.46
N MET B 1 79.16 50.94 160.40
CA MET B 1 78.87 49.54 160.13
C MET B 1 77.95 48.96 161.21
N ALA B 2 77.70 49.74 162.26
CA ALA B 2 76.86 49.33 163.36
C ALA B 2 75.69 50.27 163.64
N LEU B 3 75.69 51.47 163.08
CA LEU B 3 74.62 52.44 163.31
C LEU B 3 73.46 52.15 162.37
N LEU B 4 72.80 51.02 162.63
CA LEU B 4 71.65 50.58 161.85
C LEU B 4 70.51 50.24 162.78
N GLY B 5 69.29 50.62 162.37
CA GLY B 5 68.11 50.34 163.17
C GLY B 5 66.95 49.85 162.33
N LYS B 6 67.24 49.21 161.20
CA LYS B 6 66.19 48.70 160.34
C LYS B 6 65.37 47.62 161.04
N THR B 7 66.05 46.74 161.77
CA THR B 7 65.37 45.63 162.42
C THR B 7 64.34 46.12 163.42
N LEU B 8 63.15 45.52 163.39
CA LEU B 8 62.07 45.82 164.34
C LEU B 8 61.63 44.51 164.98
N LYS B 9 61.75 44.44 166.30
CA LYS B 9 61.42 43.21 167.02
C LYS B 9 59.91 42.94 166.94
N GLY B 10 59.55 41.71 167.30
CA GLY B 10 58.18 41.25 167.23
C GLY B 10 57.32 41.74 168.38
N ARG B 11 56.39 40.87 168.80
CA ARG B 11 55.43 41.20 169.83
C ARG B 11 56.00 40.89 171.22
N SER B 12 55.14 40.90 172.23
CA SER B 12 55.49 40.67 173.62
C SER B 12 54.64 39.55 174.21
N THR B 13 54.62 38.41 173.51
CA THR B 13 53.72 37.30 173.78
C THR B 13 53.55 37.07 175.28
N ARG B 14 52.29 37.09 175.73
CA ARG B 14 51.82 37.04 177.11
C ARG B 14 52.01 35.71 177.86
N PRO B 15 52.08 34.54 177.17
CA PRO B 15 51.70 33.28 177.81
C PRO B 15 52.20 33.09 179.23
N GLY B 16 51.48 32.26 179.99
CA GLY B 16 51.52 32.27 181.45
C GLY B 16 52.25 31.15 182.15
N GLY B 17 51.50 30.10 182.52
CA GLY B 17 51.80 29.23 183.64
C GLY B 17 52.50 27.98 183.17
N ILE B 18 51.76 26.89 182.96
CA ILE B 18 52.27 25.52 183.03
C ILE B 18 53.71 25.42 182.53
N PRO B 19 54.64 24.97 183.38
CA PRO B 19 56.06 24.99 183.01
C PRO B 19 56.53 23.71 182.34
N GLN B 20 57.84 23.63 182.10
CA GLN B 20 58.45 22.48 181.46
C GLN B 20 58.32 21.24 182.33
N LYS B 21 58.35 20.07 181.68
CA LYS B 21 58.30 18.80 182.38
C LYS B 21 59.70 18.39 182.85
N ARG B 22 59.78 17.19 183.41
CA ARG B 22 61.03 16.66 183.94
C ARG B 22 61.74 15.83 182.87
N ASN B 23 62.79 15.12 183.27
CA ASN B 23 63.59 14.31 182.35
C ASN B 23 62.94 12.94 182.23
N ILE B 24 62.24 12.72 181.11
CA ILE B 24 61.42 11.53 180.92
C ILE B 24 61.82 10.73 179.68
N LYS B 25 62.09 11.42 178.57
CA LYS B 25 62.20 10.75 177.27
C LYS B 25 63.63 10.81 176.73
N TRP B 26 64.62 10.57 177.58
CA TRP B 26 66.02 10.61 177.17
C TRP B 26 66.51 9.28 176.61
N ARG B 27 65.94 8.16 177.06
CA ARG B 27 66.41 6.83 176.67
C ARG B 27 65.48 6.16 175.65
N GLN B 28 64.62 6.93 174.99
CA GLN B 28 63.67 6.37 174.04
C GLN B 28 64.22 6.28 172.62
N LEU B 29 65.50 6.61 172.43
CA LEU B 29 66.12 6.54 171.11
C LEU B 29 66.67 5.15 170.79
N ALA B 30 66.23 4.12 171.51
CA ALA B 30 66.75 2.78 171.28
C ALA B 30 66.40 2.29 169.88
N LYS B 31 65.17 2.53 169.42
CA LYS B 31 64.69 2.00 168.15
C LYS B 31 64.20 3.11 167.23
N ASN B 32 64.75 4.32 167.35
CA ASN B 32 64.34 5.41 166.48
C ASN B 32 64.66 5.09 165.02
N GLN B 33 65.95 4.94 164.71
CA GLN B 33 66.35 4.66 163.34
C GLN B 33 66.00 3.24 162.92
N GLU B 34 66.20 2.27 163.82
CA GLU B 34 65.98 0.87 163.46
C GLU B 34 64.58 0.67 162.90
N GLU B 35 63.56 1.13 163.61
CA GLU B 35 62.19 1.02 163.10
C GLU B 35 62.07 1.71 161.75
N PHE B 36 62.60 2.93 161.65
CA PHE B 36 62.63 3.61 160.35
C PHE B 36 63.44 2.82 159.36
N ASP B 37 64.55 2.23 159.81
CA ASP B 37 65.33 1.35 158.96
C ASP B 37 64.70 -0.02 158.80
N GLN B 38 63.76 -0.39 159.68
CA GLN B 38 63.12 -1.71 159.63
C GLN B 38 61.69 -1.64 159.13
N LEU B 39 60.85 -0.81 159.75
CA LEU B 39 59.47 -0.68 159.31
C LEU B 39 59.41 -0.28 157.84
N LYS B 40 60.29 0.64 157.42
CA LYS B 40 60.37 0.99 156.02
C LYS B 40 60.77 -0.21 155.17
N GLN B 41 61.77 -0.98 155.63
CA GLN B 41 62.23 -2.13 154.86
C GLN B 41 61.34 -3.35 155.02
N LEU B 42 60.56 -3.42 156.10
CA LEU B 42 59.73 -4.60 156.33
C LEU B 42 58.83 -4.88 155.13
N ALA B 43 58.29 -3.83 154.52
CA ALA B 43 57.47 -3.95 153.33
C ALA B 43 58.02 -3.20 152.14
N LYS B 44 59.21 -2.60 152.27
CA LYS B 44 59.82 -1.91 151.13
C LYS B 44 60.11 -2.87 149.98
N MET B 45 60.25 -4.16 150.26
CA MET B 45 60.44 -5.17 149.24
C MET B 45 59.13 -5.57 148.56
N LYS B 46 58.07 -4.79 148.76
CA LYS B 46 56.75 -5.12 148.23
C LYS B 46 56.57 -4.62 146.80
N ARG B 47 57.65 -4.53 146.03
CA ARG B 47 57.58 -3.95 144.70
C ARG B 47 58.24 -4.82 143.63
N GLU B 48 59.33 -5.52 143.96
CA GLU B 48 59.76 -6.55 143.02
C GLU B 48 58.73 -7.65 142.87
N GLY B 49 57.79 -7.74 143.80
CA GLY B 49 56.64 -8.59 143.62
C GLY B 49 55.62 -7.93 142.72
N LEU B 50 56.07 -7.00 141.87
CA LEU B 50 55.16 -6.27 141.00
C LEU B 50 55.63 -6.25 139.54
N LYS B 51 56.93 -6.31 139.29
CA LYS B 51 57.45 -6.28 137.92
C LYS B 51 57.97 -7.63 137.43
N ALA B 52 58.88 -8.28 138.18
CA ALA B 52 59.35 -9.61 137.80
C ALA B 52 58.19 -10.58 137.85
N ARG B 53 57.02 -10.04 138.21
CA ARG B 53 55.74 -10.72 138.30
C ARG B 53 55.24 -10.96 136.88
N ILE B 54 55.64 -12.09 136.30
CA ILE B 54 55.56 -12.27 134.85
C ILE B 54 54.87 -13.56 134.40
N LYS B 55 54.34 -14.37 135.34
CA LYS B 55 53.81 -15.69 135.01
C LYS B 55 52.62 -16.28 135.78
N ASP B 56 51.88 -15.55 136.65
CA ASP B 56 50.70 -16.13 137.34
C ASP B 56 49.37 -15.32 137.38
N GLU B 57 49.39 -13.98 137.59
CA GLU B 57 48.27 -13.08 137.23
C GLU B 57 48.64 -11.68 136.65
N GLN B 58 49.76 -11.52 135.92
CA GLN B 58 50.17 -10.31 135.18
C GLN B 58 50.53 -10.50 133.71
N LYS B 59 51.44 -11.42 133.34
CA LYS B 59 52.11 -11.29 132.03
C LYS B 59 52.13 -12.55 131.14
N VAL B 60 51.51 -13.65 131.54
CA VAL B 60 51.63 -14.95 130.86
C VAL B 60 50.28 -15.49 130.41
N VAL B 61 49.41 -14.64 129.89
CA VAL B 61 48.15 -15.14 129.38
C VAL B 61 48.09 -14.96 127.85
N THR B 62 49.26 -14.98 127.20
CA THR B 62 49.29 -14.89 125.74
C THR B 62 48.79 -16.18 125.10
N PHE B 63 48.93 -17.31 125.80
CA PHE B 63 48.44 -18.57 125.26
C PHE B 63 46.95 -18.47 124.94
N ASN B 64 46.16 -17.95 125.88
CA ASN B 64 44.75 -17.73 125.58
C ASN B 64 44.56 -16.75 124.44
N LYS B 65 45.45 -15.75 124.31
CA LYS B 65 45.37 -14.85 123.17
C LYS B 65 45.37 -15.63 121.86
N LYS B 66 46.47 -16.34 121.59
CA LYS B 66 46.57 -17.02 120.31
C LYS B 66 45.65 -18.22 120.20
N LYS B 67 45.31 -18.87 121.31
CA LYS B 67 44.41 -20.02 121.21
C LYS B 67 42.97 -19.59 120.96
N LEU B 68 42.52 -18.50 121.57
CA LEU B 68 41.21 -17.97 121.23
C LEU B 68 41.20 -17.40 119.82
N ILE B 69 42.31 -16.82 119.38
CA ILE B 69 42.40 -16.37 118.00
C ILE B 69 42.25 -17.55 117.04
N THR B 70 42.94 -18.66 117.34
CA THR B 70 42.84 -19.84 116.49
C THR B 70 41.49 -20.53 116.61
N TYR B 71 40.86 -20.47 117.78
CA TYR B 71 39.52 -21.01 117.95
C TYR B 71 38.50 -20.22 117.15
N TRP B 72 38.63 -18.90 117.16
CA TRP B 72 37.80 -18.09 116.25
C TRP B 72 38.17 -18.36 114.80
N ARG B 73 39.45 -18.62 114.52
CA ARG B 73 39.86 -18.97 113.16
C ARG B 73 39.12 -20.22 112.69
N LYS B 74 39.03 -21.22 113.56
CA LYS B 74 38.34 -22.46 113.23
C LYS B 74 36.82 -22.29 113.18
N ILE B 75 36.24 -21.50 114.10
CA ILE B 75 34.81 -21.24 114.04
C ILE B 75 34.45 -20.54 112.74
N MET B 76 35.24 -19.53 112.36
CA MET B 76 34.98 -18.82 111.11
C MET B 76 35.38 -19.63 109.90
N ARG B 77 36.30 -20.59 110.03
CA ARG B 77 36.59 -21.48 108.91
C ARG B 77 35.41 -22.39 108.64
N ILE B 78 34.80 -22.94 109.71
CA ILE B 78 33.59 -23.73 109.52
C ILE B 78 32.46 -22.87 108.97
N ALA B 79 32.29 -21.66 109.51
CA ALA B 79 31.24 -20.77 109.04
C ALA B 79 31.45 -20.40 107.57
N LYS B 80 32.68 -20.08 107.20
CA LYS B 80 32.99 -19.70 105.84
C LYS B 80 32.93 -20.89 104.90
N THR B 81 33.24 -22.09 105.37
CA THR B 81 33.10 -23.28 104.54
C THR B 81 31.63 -23.58 104.27
N GLU B 82 30.78 -23.42 105.28
CA GLU B 82 29.34 -23.56 105.03
C GLU B 82 28.83 -22.45 104.12
N GLN B 83 29.34 -21.23 104.32
CA GLN B 83 28.97 -20.12 103.45
C GLN B 83 29.40 -20.37 102.01
N LEU B 84 30.57 -20.99 101.82
CA LEU B 84 31.04 -21.30 100.48
C LEU B 84 30.29 -22.50 99.89
N LYS B 85 29.81 -23.42 100.75
CA LYS B 85 28.90 -24.44 100.27
C LYS B 85 27.61 -23.79 99.74
N ASN B 86 27.10 -22.82 100.49
CA ASN B 86 25.94 -22.06 100.01
C ASN B 86 26.25 -21.30 98.74
N GLU B 87 27.46 -20.72 98.65
CA GLU B 87 27.86 -20.00 97.45
C GLU B 87 28.01 -20.94 96.26
N ILE B 88 28.49 -22.16 96.49
CA ILE B 88 28.57 -23.15 95.42
C ILE B 88 27.18 -23.58 94.99
N ASP B 89 26.25 -23.70 95.93
CA ASP B 89 24.87 -24.01 95.58
C ASP B 89 24.26 -22.89 94.75
N ILE B 90 24.53 -21.63 95.14
CA ILE B 90 24.03 -20.49 94.38
C ILE B 90 24.65 -20.45 93.00
N TYR B 91 25.96 -20.73 92.92
CA TYR B 91 26.61 -20.81 91.62
C TYR B 91 26.00 -21.90 90.76
N SER B 92 25.67 -23.05 91.36
CA SER B 92 25.05 -24.13 90.61
C SER B 92 23.67 -23.73 90.11
N GLN B 93 22.88 -23.08 90.95
CA GLN B 93 21.55 -22.64 90.52
C GLN B 93 21.66 -21.61 89.39
N ASN B 94 22.56 -20.64 89.52
CA ASN B 94 22.75 -19.66 88.46
C ASN B 94 23.29 -20.32 87.20
N ASN B 95 24.18 -21.31 87.35
CA ASN B 95 24.73 -22.00 86.20
C ASN B 95 23.64 -22.75 85.45
N GLN B 96 22.80 -23.49 86.17
CA GLN B 96 21.70 -24.20 85.52
C GLN B 96 20.76 -23.22 84.85
N ARG B 97 20.39 -22.15 85.55
CA ARG B 97 19.47 -21.17 84.98
C ARG B 97 20.03 -20.57 83.71
N GLU B 98 21.27 -20.09 83.76
CA GLU B 98 21.85 -19.38 82.61
C GLU B 98 22.15 -20.35 81.46
N LEU B 99 22.67 -21.54 81.77
CA LEU B 99 22.94 -22.51 80.71
C LEU B 99 21.67 -22.97 80.03
N ASP B 100 20.61 -23.20 80.80
CA ASP B 100 19.34 -23.58 80.19
C ASP B 100 18.73 -22.41 79.43
N SER B 101 18.99 -21.17 79.88
CA SER B 101 18.59 -20.01 79.10
C SER B 101 19.32 -19.97 77.76
N LYS B 102 20.62 -20.26 77.77
CA LYS B 102 21.37 -20.33 76.52
C LYS B 102 20.85 -21.44 75.63
N GLU B 103 20.47 -22.57 76.25
CA GLU B 103 19.86 -23.67 75.48
C GLU B 103 18.55 -23.24 74.84
N ALA B 104 17.71 -22.55 75.61
CA ALA B 104 16.44 -22.06 75.06
C ALA B 104 16.68 -21.00 74.00
N PHE B 105 17.79 -20.29 74.08
CA PHE B 105 18.13 -19.31 73.05
C PHE B 105 18.59 -20.00 71.77
N ILE B 106 19.46 -21.01 71.90
CA ILE B 106 19.89 -21.77 70.74
C ILE B 106 18.70 -22.43 70.07
N GLN B 107 17.80 -23.01 70.86
CA GLN B 107 16.56 -23.52 70.29
C GLN B 107 15.78 -22.38 69.64
N MET B 108 15.70 -21.24 70.31
CA MET B 108 15.15 -20.02 69.70
C MET B 108 16.05 -19.52 68.58
N LEU B 109 17.37 -19.60 68.77
CA LEU B 109 18.25 -19.30 67.66
C LEU B 109 18.01 -20.21 66.48
N ASP B 110 17.30 -21.32 66.72
CA ASP B 110 16.87 -22.26 65.65
C ASP B 110 15.34 -22.34 65.69
N LYS B 111 14.67 -21.48 66.48
CA LYS B 111 13.17 -21.37 66.56
C LYS B 111 12.97 -19.98 66.03
N ASN B 112 13.79 -19.02 66.51
CA ASN B 112 13.75 -17.80 65.72
C ASN B 112 14.12 -18.18 64.30
N LEU B 113 15.18 -19.00 64.17
CA LEU B 113 15.55 -19.52 62.87
C LEU B 113 14.50 -20.47 62.30
N ASP B 114 13.75 -21.18 63.15
CA ASP B 114 12.70 -22.04 62.64
C ASP B 114 11.60 -21.21 61.98
N GLU B 115 11.17 -20.15 62.64
CA GLU B 115 10.20 -19.23 62.05
C GLU B 115 10.77 -18.62 60.78
N ALA B 116 12.01 -18.14 60.83
CA ALA B 116 12.62 -17.54 59.65
C ALA B 116 12.62 -18.50 58.49
N GLU B 117 13.02 -19.75 58.75
CA GLU B 117 13.04 -20.77 57.71
C GLU B 117 11.64 -21.03 57.19
N ASP B 118 10.65 -21.02 58.08
CA ASP B 118 9.26 -21.19 57.64
C ASP B 118 8.85 -20.09 56.67
N GLN B 119 9.20 -18.85 56.99
CA GLN B 119 8.83 -17.79 56.05
C GLN B 119 9.71 -17.75 54.82
N PHE B 120 10.95 -18.26 54.86
CA PHE B 120 11.67 -18.41 53.61
C PHE B 120 11.04 -19.48 52.74
N GLN B 121 10.57 -20.57 53.36
CA GLN B 121 9.81 -21.57 52.62
C GLN B 121 8.51 -20.97 52.07
N ILE B 122 7.86 -20.13 52.86
CA ILE B 122 6.65 -19.45 52.39
C ILE B 122 6.95 -18.58 51.18
N ALA B 123 8.05 -17.83 51.25
CA ALA B 123 8.44 -16.95 50.15
C ALA B 123 8.80 -17.75 48.91
N LEU B 124 9.48 -18.89 49.08
CA LEU B 124 9.76 -19.74 47.94
C LEU B 124 8.49 -20.32 47.34
N ARG B 125 7.53 -20.72 48.17
CA ARG B 125 6.26 -21.22 47.66
C ARG B 125 5.54 -20.14 46.87
N ASN B 126 5.53 -18.91 47.41
CA ASN B 126 4.92 -17.78 46.71
C ASN B 126 5.61 -17.53 45.38
N HIS B 127 6.95 -17.56 45.37
CA HIS B 127 7.70 -17.33 44.14
C HIS B 127 7.40 -18.41 43.11
N LEU B 128 7.33 -19.67 43.55
CA LEU B 128 7.00 -20.75 42.62
C LEU B 128 5.57 -20.59 42.09
N ILE B 129 4.64 -20.14 42.95
CA ILE B 129 3.27 -19.89 42.49
C ILE B 129 3.25 -18.77 41.47
N HIS B 130 4.01 -17.70 41.70
CA HIS B 130 4.04 -16.58 40.77
C HIS B 130 4.66 -16.98 39.44
N ILE B 131 5.74 -17.77 39.49
CA ILE B 131 6.33 -18.28 38.24
C ILE B 131 5.35 -19.22 37.54
N GLU B 132 4.56 -19.98 38.30
CA GLU B 132 3.56 -20.85 37.70
C GLU B 132 2.48 -20.06 36.99
N ASN B 133 2.02 -18.95 37.60
CA ASN B 133 1.06 -18.09 36.92
C ASN B 133 1.67 -17.43 35.68
N LEU B 134 2.92 -16.98 35.77
CA LEU B 134 3.60 -16.43 34.60
C LEU B 134 3.65 -17.47 33.49
N MET B 135 3.97 -18.71 33.84
CA MET B 135 4.00 -19.78 32.86
C MET B 135 2.62 -20.04 32.27
N GLN B 136 1.59 -20.04 33.12
CA GLN B 136 0.23 -20.29 32.64
C GLN B 136 -0.19 -19.24 31.63
N LEU B 137 0.06 -17.96 31.94
CA LEU B 137 -0.38 -16.91 31.04
C LEU B 137 0.51 -16.79 29.81
N GLN B 138 1.80 -17.12 29.93
CA GLN B 138 2.63 -17.23 28.73
C GLN B 138 2.17 -18.36 27.84
N GLU B 139 1.75 -19.48 28.44
CA GLU B 139 1.10 -20.53 27.67
C GLU B 139 -0.16 -20.02 26.99
N ALA B 140 -0.95 -19.21 27.70
CA ALA B 140 -2.13 -18.64 27.09
C ALA B 140 -1.78 -17.79 25.87
N ARG B 141 -0.75 -16.94 26.00
CA ARG B 141 -0.35 -16.10 24.88
C ARG B 141 0.15 -16.94 23.70
N MET B 142 1.01 -17.93 23.97
CA MET B 142 1.53 -18.76 22.89
C MET B 142 0.42 -19.57 22.22
N ARG B 143 -0.51 -20.10 23.02
CA ARG B 143 -1.62 -20.85 22.46
C ARG B 143 -2.51 -19.96 21.61
N GLY B 144 -2.75 -18.73 22.06
CA GLY B 144 -3.51 -17.81 21.24
C GLY B 144 -2.82 -17.48 19.93
N LEU B 145 -1.49 -17.29 19.99
CA LEU B 145 -0.74 -17.05 18.76
C LEU B 145 -0.87 -18.21 17.81
N ALA B 146 -0.69 -19.43 18.32
CA ALA B 146 -0.78 -20.62 17.48
C ALA B 146 -2.17 -20.76 16.87
N GLU B 147 -3.21 -20.52 17.69
CA GLU B 147 -4.57 -20.63 17.20
C GLU B 147 -4.85 -19.62 16.10
N GLU B 148 -4.48 -18.35 16.32
CA GLU B 148 -4.71 -17.34 15.30
C GLU B 148 -3.94 -17.66 14.03
N PHE B 149 -2.68 -18.08 14.16
CA PHE B 149 -1.88 -18.42 12.99
C PHE B 149 -2.50 -19.57 12.21
N ASN B 150 -2.96 -20.60 12.91
CA ASN B 150 -3.51 -21.76 12.21
C ASN B 150 -4.90 -21.49 11.64
N ARG B 151 -5.69 -20.64 12.29
CA ARG B 151 -6.94 -20.20 11.66
C ARG B 151 -6.66 -19.43 10.38
N ASP B 152 -5.65 -18.54 10.42
CA ASP B 152 -5.27 -17.82 9.21
C ASP B 152 -4.81 -18.78 8.13
N VAL B 153 -4.02 -19.79 8.51
CA VAL B 153 -3.55 -20.79 7.55
C VAL B 153 -4.74 -21.54 6.95
N ASN B 154 -5.70 -21.92 7.79
CA ASN B 154 -6.87 -22.64 7.32
C ASN B 154 -7.66 -21.80 6.32
N ILE B 155 -7.89 -20.53 6.63
CA ILE B 155 -8.66 -19.67 5.72
C ILE B 155 -7.89 -19.45 4.42
N LEU B 156 -6.56 -19.23 4.53
CA LEU B 156 -5.73 -18.99 3.36
C LEU B 156 -5.61 -20.21 2.47
N GLU B 157 -5.69 -21.41 3.05
CA GLU B 157 -5.79 -22.62 2.25
C GLU B 157 -7.19 -22.80 1.67
N THR B 158 -8.21 -22.34 2.39
CA THR B 158 -9.59 -22.54 1.97
C THR B 158 -9.92 -21.74 0.72
N GLU B 159 -9.57 -20.45 0.71
CA GLU B 159 -9.94 -19.65 -0.46
C GLU B 159 -9.20 -20.12 -1.70
N PHE B 160 -7.96 -20.56 -1.54
CA PHE B 160 -7.23 -21.12 -2.67
C PHE B 160 -7.77 -22.49 -3.06
N ASP B 161 -8.33 -23.24 -2.10
CA ASP B 161 -9.06 -24.46 -2.46
C ASP B 161 -10.23 -24.13 -3.39
N LEU B 162 -10.99 -23.09 -3.04
CA LEU B 162 -12.12 -22.69 -3.88
C LEU B 162 -11.66 -22.19 -5.24
N GLU B 163 -10.56 -21.42 -5.27
CA GLU B 163 -10.02 -20.95 -6.55
C GLU B 163 -9.56 -22.12 -7.42
N ARG B 164 -8.92 -23.11 -6.80
CA ARG B 164 -8.51 -24.31 -7.53
C ARG B 164 -9.71 -25.05 -8.07
N GLU B 165 -10.77 -25.17 -7.27
CA GLU B 165 -12.02 -25.77 -7.74
C GLU B 165 -12.54 -25.02 -8.97
N GLU B 166 -12.56 -23.69 -8.88
CA GLU B 166 -13.12 -22.90 -9.97
C GLU B 166 -12.31 -23.08 -11.26
N MET B 167 -10.98 -22.99 -11.16
CA MET B 167 -10.16 -23.15 -12.36
C MET B 167 -10.26 -24.56 -12.92
N VAL B 168 -10.34 -25.56 -12.04
CA VAL B 168 -10.50 -26.94 -12.48
C VAL B 168 -11.78 -27.09 -13.27
N LYS B 169 -12.89 -26.56 -12.74
CA LYS B 169 -14.16 -26.62 -13.44
C LYS B 169 -14.06 -25.94 -14.81
N THR B 170 -13.46 -24.75 -14.85
CA THR B 170 -13.35 -24.01 -16.10
C THR B 170 -12.58 -24.80 -17.15
N HIS B 171 -11.37 -25.25 -16.79
CA HIS B 171 -10.53 -25.95 -17.75
C HIS B 171 -11.19 -27.26 -18.21
N LYS B 172 -11.78 -28.01 -17.28
CA LYS B 172 -12.48 -29.22 -17.67
C LYS B 172 -13.60 -28.92 -18.65
N THR B 173 -14.37 -27.85 -18.40
CA THR B 173 -15.50 -27.54 -19.27
C THR B 173 -15.03 -27.17 -20.68
N GLN B 174 -14.02 -26.28 -20.80
CA GLN B 174 -13.56 -25.92 -22.13
C GLN B 174 -12.95 -27.13 -22.85
N LEU B 175 -12.17 -27.94 -22.14
CA LEU B 175 -11.59 -29.13 -22.78
C LEU B 175 -12.69 -30.06 -23.28
N LYS B 176 -13.76 -30.25 -22.49
CA LYS B 176 -14.85 -31.11 -22.91
C LYS B 176 -15.57 -30.54 -24.12
N GLU B 177 -15.87 -29.24 -24.11
CA GLU B 177 -16.73 -28.68 -25.16
C GLU B 177 -15.98 -28.48 -26.46
N LEU B 178 -14.73 -28.01 -26.40
CA LEU B 178 -14.05 -27.53 -27.61
C LEU B 178 -13.83 -28.64 -28.63
N GLU B 179 -13.48 -29.85 -28.17
CA GLU B 179 -13.13 -30.92 -29.09
C GLU B 179 -14.34 -31.51 -29.80
N ASP B 180 -14.72 -30.89 -30.92
CA ASP B 180 -15.82 -31.42 -31.75
C ASP B 180 -15.61 -31.22 -33.24
N MET B 181 -14.46 -30.69 -33.65
CA MET B 181 -14.29 -30.26 -35.04
C MET B 181 -13.34 -31.13 -35.85
N ILE B 182 -12.24 -31.61 -35.26
CA ILE B 182 -11.30 -32.42 -36.02
C ILE B 182 -12.01 -33.63 -36.62
N GLU B 183 -12.99 -34.17 -35.91
CA GLU B 183 -13.79 -35.26 -36.46
C GLU B 183 -14.49 -34.83 -37.73
N THR B 184 -15.06 -33.62 -37.75
CA THR B 184 -15.75 -33.14 -38.94
C THR B 184 -14.78 -33.02 -40.12
N VAL B 185 -13.59 -32.48 -39.89
CA VAL B 185 -12.62 -32.32 -40.97
C VAL B 185 -12.19 -33.67 -41.49
N LYS B 186 -11.89 -34.62 -40.60
CA LYS B 186 -11.47 -35.94 -41.06
C LYS B 186 -12.58 -36.64 -41.83
N GLU B 187 -13.83 -36.53 -41.35
CA GLU B 187 -14.94 -37.13 -42.07
C GLU B 187 -15.11 -36.49 -43.44
N GLU B 188 -14.97 -35.17 -43.53
CA GLU B 188 -15.03 -34.52 -44.85
C GLU B 188 -13.97 -35.08 -45.78
N ASP B 189 -12.74 -35.22 -45.27
CA ASP B 189 -11.65 -35.73 -46.10
C ASP B 189 -11.97 -37.13 -46.60
N LYS B 190 -12.36 -38.03 -45.70
CA LYS B 190 -12.64 -39.41 -46.10
C LYS B 190 -13.83 -39.48 -47.08
N LYS B 191 -14.88 -38.71 -46.82
CA LYS B 191 -16.05 -38.77 -47.68
C LYS B 191 -15.76 -38.25 -49.08
N LYS B 192 -15.02 -37.13 -49.18
CA LYS B 192 -14.64 -36.63 -50.49
C LYS B 192 -13.72 -37.62 -51.20
N THR B 193 -12.82 -38.26 -50.46
CA THR B 193 -11.97 -39.27 -51.07
C THR B 193 -12.80 -40.42 -51.64
N GLU B 194 -13.76 -40.91 -50.86
CA GLU B 194 -14.58 -42.03 -51.34
C GLU B 194 -15.42 -41.61 -52.54
N GLU B 195 -15.97 -40.40 -52.52
CA GLU B 195 -16.75 -39.93 -53.65
C GLU B 195 -15.89 -39.85 -54.90
N ALA B 196 -14.68 -39.28 -54.79
CA ALA B 196 -13.78 -39.24 -55.93
C ALA B 196 -13.35 -40.63 -56.38
N GLN B 197 -13.29 -41.59 -55.46
CA GLN B 197 -12.90 -42.95 -55.77
C GLN B 197 -13.97 -43.71 -56.54
N ASN B 198 -15.24 -43.53 -56.16
CA ASN B 198 -16.30 -44.36 -56.71
C ASN B 198 -16.47 -44.17 -58.22
N GLU B 199 -16.63 -42.92 -58.67
CA GLU B 199 -16.82 -42.70 -60.09
C GLU B 199 -15.54 -42.92 -60.89
N PHE B 200 -14.36 -42.79 -60.27
CA PHE B 200 -13.15 -43.17 -61.00
C PHE B 200 -13.10 -44.67 -61.24
N SER B 201 -13.48 -45.47 -60.24
CA SER B 201 -13.60 -46.91 -60.47
C SER B 201 -14.64 -47.19 -61.55
N GLN B 202 -15.74 -46.44 -61.55
CA GLN B 202 -16.72 -46.57 -62.62
C GLN B 202 -16.09 -46.31 -63.98
N PHE B 203 -15.28 -45.25 -64.10
CA PHE B 203 -14.60 -44.97 -65.37
C PHE B 203 -13.65 -46.10 -65.75
N LYS B 204 -12.93 -46.63 -64.77
CA LYS B 204 -11.97 -47.70 -65.05
C LYS B 204 -12.68 -48.92 -65.62
N GLU B 205 -13.83 -49.27 -65.02
CA GLU B 205 -14.63 -50.36 -65.59
C GLU B 205 -15.15 -49.99 -66.97
N GLU B 206 -15.59 -48.74 -67.15
CA GLU B 206 -16.24 -48.33 -68.39
C GLU B 206 -15.27 -48.37 -69.56
N THR B 207 -14.00 -48.03 -69.32
CA THR B 207 -13.03 -48.09 -70.39
C THR B 207 -12.98 -49.49 -70.99
N LYS B 208 -12.78 -50.51 -70.14
CA LYS B 208 -12.77 -51.88 -70.62
C LYS B 208 -14.10 -52.25 -71.26
N ASN B 209 -15.21 -51.81 -70.65
CA ASN B 209 -16.52 -52.18 -71.19
C ASN B 209 -16.67 -51.71 -72.63
N LYS B 210 -16.47 -50.41 -72.86
CA LYS B 210 -16.64 -49.89 -74.21
C LYS B 210 -15.63 -50.49 -75.18
N ASN B 211 -14.37 -50.60 -74.75
CA ASN B 211 -13.37 -51.15 -75.66
C ASN B 211 -13.75 -52.55 -76.10
N LEU B 212 -14.03 -53.44 -75.14
CA LEU B 212 -14.36 -54.82 -75.49
C LEU B 212 -15.63 -54.88 -76.33
N GLU B 213 -16.66 -54.10 -75.96
CA GLU B 213 -17.93 -54.20 -76.67
C GLU B 213 -17.77 -53.79 -78.13
N GLU B 214 -17.21 -52.59 -78.37
CA GLU B 214 -17.04 -52.14 -79.75
C GLU B 214 -16.08 -53.05 -80.50
N THR B 215 -15.00 -53.50 -79.84
CA THR B 215 -14.04 -54.36 -80.50
C THR B 215 -14.70 -55.66 -80.97
N ASN B 216 -15.49 -56.29 -80.09
CA ASN B 216 -16.14 -57.54 -80.46
C ASN B 216 -17.20 -57.33 -81.54
N VAL B 217 -17.97 -56.24 -81.45
CA VAL B 217 -18.95 -55.97 -82.49
C VAL B 217 -18.26 -55.90 -83.85
N MET B 218 -17.20 -55.08 -83.93
CA MET B 218 -16.49 -54.94 -85.20
C MET B 218 -15.86 -56.26 -85.63
N LYS B 219 -15.28 -57.00 -84.68
CA LYS B 219 -14.60 -58.24 -85.03
C LYS B 219 -15.55 -59.24 -85.65
N ILE B 220 -16.68 -59.51 -84.99
CA ILE B 220 -17.60 -60.51 -85.55
C ILE B 220 -18.26 -60.01 -86.82
N ILE B 221 -18.58 -58.70 -86.90
CA ILE B 221 -19.19 -58.21 -88.14
C ILE B 221 -18.24 -58.37 -89.32
N LEU B 222 -16.99 -57.90 -89.16
CA LEU B 222 -16.01 -58.08 -90.22
C LEU B 222 -15.67 -59.54 -90.46
N GLU B 223 -15.79 -60.39 -89.44
CA GLU B 223 -15.58 -61.83 -89.64
C GLU B 223 -16.65 -62.41 -90.55
N THR B 224 -17.91 -62.02 -90.32
CA THR B 224 -18.98 -62.43 -91.23
C THR B 224 -18.70 -61.92 -92.64
N LYS B 225 -18.22 -60.68 -92.75
CA LYS B 225 -17.88 -60.16 -94.07
C LYS B 225 -16.77 -60.98 -94.73
N GLN B 226 -15.72 -61.32 -93.97
CA GLN B 226 -14.54 -61.95 -94.56
C GLN B 226 -14.78 -63.42 -94.89
N THR B 227 -15.44 -64.15 -93.99
CA THR B 227 -15.61 -65.58 -94.18
C THR B 227 -16.37 -65.91 -95.45
N LYS B 228 -16.85 -64.90 -96.16
CA LYS B 228 -17.64 -65.06 -97.37
C LYS B 228 -16.82 -65.50 -98.57
N TYR B 229 -15.48 -65.45 -98.47
CA TYR B 229 -14.64 -65.62 -99.65
C TYR B 229 -13.67 -66.77 -99.51
N TYR B 230 -14.15 -67.99 -99.74
CA TYR B 230 -13.39 -69.02 -100.45
C TYR B 230 -14.27 -70.26 -100.62
N THR B 231 -14.40 -70.75 -101.85
CA THR B 231 -15.13 -71.99 -102.08
C THR B 231 -14.50 -72.83 -103.19
N GLU B 232 -13.63 -72.22 -103.99
CA GLU B 232 -13.32 -72.79 -105.29
C GLU B 232 -11.93 -73.41 -105.35
N LEU B 233 -11.03 -73.05 -104.43
CA LEU B 233 -9.65 -73.49 -104.54
C LEU B 233 -9.54 -75.01 -104.44
N GLU B 234 -9.84 -75.57 -103.26
CA GLU B 234 -9.69 -77.01 -103.06
C GLU B 234 -10.63 -77.78 -103.96
N GLN B 235 -11.87 -77.31 -104.13
CA GLN B 235 -12.82 -78.00 -104.98
C GLN B 235 -12.32 -78.08 -106.42
N MET B 236 -11.81 -76.98 -106.95
CA MET B 236 -11.32 -76.98 -108.32
C MET B 236 -10.12 -77.91 -108.48
N ASN B 237 -9.19 -77.86 -107.53
CA ASN B 237 -8.04 -78.76 -107.60
C ASN B 237 -8.49 -80.22 -107.60
N SER B 238 -9.34 -80.58 -106.63
CA SER B 238 -9.77 -81.96 -106.52
C SER B 238 -10.57 -82.40 -107.74
N LYS B 239 -11.42 -81.53 -108.27
CA LYS B 239 -12.20 -81.84 -109.46
C LYS B 239 -11.35 -81.88 -110.71
N PHE B 240 -10.15 -81.29 -110.68
CA PHE B 240 -9.17 -81.59 -111.71
C PHE B 240 -8.63 -83.01 -111.56
N GLN B 241 -7.99 -83.30 -110.42
CA GLN B 241 -7.30 -84.58 -110.32
C GLN B 241 -8.27 -85.76 -110.40
N SER B 242 -9.52 -85.59 -109.99
CA SER B 242 -10.46 -86.70 -109.96
C SER B 242 -10.68 -87.27 -111.36
N ASP B 243 -10.90 -86.40 -112.34
CA ASP B 243 -11.05 -86.85 -113.73
C ASP B 243 -9.74 -86.83 -114.50
N THR B 244 -8.63 -86.40 -113.88
CA THR B 244 -7.33 -86.44 -114.52
C THR B 244 -6.52 -87.68 -114.15
N SER B 245 -6.91 -88.41 -113.10
CA SER B 245 -6.16 -89.61 -112.74
C SER B 245 -6.22 -90.66 -113.84
N ASN B 246 -7.40 -90.84 -114.44
CA ASN B 246 -7.51 -91.79 -115.55
C ASN B 246 -6.65 -91.37 -116.73
N LYS B 247 -6.62 -90.07 -117.03
CA LYS B 247 -5.75 -89.58 -118.10
C LYS B 247 -4.28 -89.82 -117.77
N VAL B 248 -3.90 -89.63 -116.51
CA VAL B 248 -2.52 -89.89 -116.10
C VAL B 248 -2.18 -91.35 -116.29
N LYS B 249 -3.09 -92.25 -115.90
CA LYS B 249 -2.84 -93.67 -116.09
C LYS B 249 -2.75 -94.03 -117.57
N ASP B 250 -3.60 -93.42 -118.40
CA ASP B 250 -3.46 -93.60 -119.84
C ASP B 250 -2.08 -93.18 -120.31
N HIS B 251 -1.65 -91.99 -119.91
CA HIS B 251 -0.32 -91.51 -120.31
C HIS B 251 0.74 -92.55 -119.92
N GLN B 252 0.74 -92.95 -118.66
CA GLN B 252 1.73 -93.91 -118.16
C GLN B 252 1.74 -95.18 -119.00
N PHE B 253 0.61 -95.90 -119.01
CA PHE B 253 0.58 -97.21 -119.66
C PHE B 253 0.84 -97.10 -121.15
N TYR B 254 0.21 -96.14 -121.82
CA TYR B 254 0.32 -96.06 -123.26
C TYR B 254 1.74 -95.70 -123.68
N HIS B 255 2.40 -94.76 -122.99
CA HIS B 255 3.79 -94.47 -123.31
C HIS B 255 4.69 -95.67 -123.03
N ALA B 256 4.48 -96.35 -121.90
CA ALA B 256 5.33 -97.49 -121.58
C ALA B 256 5.20 -98.59 -122.63
N HIS B 257 3.97 -98.95 -122.98
CA HIS B 257 3.77 -100.01 -123.97
C HIS B 257 4.19 -99.56 -125.36
N ASN B 258 4.09 -98.26 -125.66
CA ASN B 258 4.60 -97.76 -126.93
C ASN B 258 6.11 -97.92 -127.01
N LYS B 259 6.82 -97.60 -125.93
CA LYS B 259 8.27 -97.82 -125.91
C LYS B 259 8.59 -99.30 -126.05
N ASN B 260 7.82 -100.16 -125.38
CA ASN B 260 8.04 -101.60 -125.50
C ASN B 260 7.86 -102.07 -126.94
N ARG B 261 6.78 -101.61 -127.60
CA ARG B 261 6.53 -101.99 -128.98
C ARG B 261 7.62 -101.45 -129.90
N LYS B 262 8.10 -100.24 -129.64
CA LYS B 262 9.19 -99.69 -130.43
C LYS B 262 10.45 -100.54 -130.31
N GLN B 263 10.77 -100.96 -129.09
CA GLN B 263 11.95 -101.81 -128.89
C GLN B 263 11.79 -103.14 -129.62
N GLU B 264 10.61 -103.75 -129.51
CA GLU B 264 10.38 -105.02 -130.19
C GLU B 264 10.46 -104.86 -131.70
N ILE B 265 9.91 -103.75 -132.22
CA ILE B 265 9.97 -103.48 -133.65
C ILE B 265 11.40 -103.29 -134.10
N ASP B 266 12.22 -102.62 -133.29
CA ASP B 266 13.64 -102.48 -133.60
C ASP B 266 14.32 -103.84 -133.68
N ARG B 267 14.04 -104.70 -132.70
CA ARG B 267 14.61 -106.05 -132.73
C ARG B 267 14.19 -106.81 -133.97
N TYR B 268 12.90 -106.72 -134.33
CA TYR B 268 12.38 -107.46 -135.48
C TYR B 268 13.00 -106.94 -136.77
N LEU B 269 13.14 -105.62 -136.90
CA LEU B 269 13.77 -105.05 -138.09
C LEU B 269 15.23 -105.45 -138.17
N ARG B 270 15.93 -105.48 -137.04
CA ARG B 270 17.32 -105.94 -137.04
C ARG B 270 17.41 -107.38 -137.50
N THR B 271 16.51 -108.24 -137.02
CA THR B 271 16.50 -109.63 -137.46
C THR B 271 16.23 -109.74 -138.96
N ILE B 272 15.26 -108.97 -139.46
CA ILE B 272 14.92 -109.01 -140.88
C ILE B 272 16.13 -108.59 -141.72
N SER B 273 16.80 -107.51 -141.31
CA SER B 273 18.00 -107.09 -142.01
C SER B 273 19.08 -108.16 -141.95
N SER B 274 19.20 -108.82 -140.79
CA SER B 274 20.21 -109.88 -140.65
C SER B 274 19.97 -111.00 -141.65
N LYS B 275 18.71 -111.43 -141.80
CA LYS B 275 18.43 -112.48 -142.78
C LYS B 275 18.44 -111.91 -144.20
N LYS B 276 17.96 -110.69 -144.38
CA LYS B 276 17.95 -110.08 -145.71
C LYS B 276 19.35 -110.00 -146.29
N ASP C 31 3.79 -45.94 -122.13
CA ASP C 31 4.09 -44.74 -122.90
C ASP C 31 4.18 -43.52 -122.00
N PRO C 32 5.29 -42.78 -122.11
CA PRO C 32 5.44 -41.56 -121.31
C PRO C 32 4.40 -40.52 -121.69
N ARG C 33 3.96 -39.76 -120.70
CA ARG C 33 2.92 -38.76 -120.87
C ARG C 33 3.30 -37.49 -120.12
N VAL C 34 2.43 -36.48 -120.22
CA VAL C 34 2.60 -35.21 -119.53
C VAL C 34 1.24 -34.76 -118.99
N ILE C 35 1.26 -34.08 -117.85
CA ILE C 35 0.03 -33.56 -117.24
C ILE C 35 -0.31 -32.23 -117.89
N ASN C 36 -1.19 -32.26 -118.88
CA ASN C 36 -1.47 -31.09 -119.73
C ASN C 36 -2.76 -30.42 -119.28
N GLU C 37 -2.93 -29.16 -119.71
CA GLU C 37 -4.09 -28.39 -119.26
C GLU C 37 -5.40 -28.98 -119.80
N GLN C 38 -5.36 -29.69 -120.92
CA GLN C 38 -6.47 -30.57 -121.25
C GLN C 38 -6.57 -31.69 -120.21
N LEU C 39 -5.43 -32.32 -119.90
CA LEU C 39 -5.38 -33.24 -118.78
C LEU C 39 -5.63 -32.53 -117.47
N ILE C 40 -5.28 -31.24 -117.38
CA ILE C 40 -5.58 -30.46 -116.20
C ILE C 40 -7.09 -30.37 -115.98
N LEU C 41 -7.83 -30.04 -117.04
CA LEU C 41 -9.29 -30.00 -116.94
C LEU C 41 -9.86 -31.39 -116.69
N ASP C 42 -9.29 -32.43 -117.31
CA ASP C 42 -9.76 -33.77 -117.06
C ASP C 42 -9.62 -34.15 -115.59
N ALA C 43 -8.46 -33.84 -115.00
CA ALA C 43 -8.24 -34.12 -113.58
C ALA C 43 -9.18 -33.28 -112.72
N VAL C 44 -9.40 -32.02 -113.10
CA VAL C 44 -10.33 -31.18 -112.35
C VAL C 44 -11.72 -31.77 -112.37
N LYS C 45 -12.18 -32.23 -113.53
CA LYS C 45 -13.50 -32.83 -113.63
C LYS C 45 -13.59 -34.11 -112.81
N GLN C 46 -12.58 -34.98 -112.91
CA GLN C 46 -12.61 -36.21 -112.12
C GLN C 46 -12.66 -35.90 -110.62
N PHE C 47 -11.81 -34.97 -110.18
CA PHE C 47 -11.80 -34.59 -108.76
C PHE C 47 -13.14 -34.00 -108.32
N ASN C 48 -13.70 -33.10 -109.13
CA ASN C 48 -14.99 -32.49 -108.76
C ASN C 48 -16.09 -33.55 -108.69
N GLN C 49 -16.05 -34.53 -109.61
CA GLN C 49 -16.97 -35.64 -109.52
C GLN C 49 -16.78 -36.43 -108.23
N GLU C 50 -15.52 -36.64 -107.83
CA GLU C 50 -15.23 -37.44 -106.65
C GLU C 50 -15.80 -36.80 -105.38
N ASN C 51 -15.84 -35.47 -105.33
CA ASN C 51 -16.31 -34.75 -104.15
C ASN C 51 -17.47 -33.80 -104.49
N ASN C 52 -18.21 -34.10 -105.54
CA ASN C 52 -19.41 -33.35 -105.92
C ASN C 52 -19.18 -31.84 -105.85
N LYS C 53 -18.26 -31.37 -106.70
CA LYS C 53 -18.00 -29.94 -106.82
C LYS C 53 -18.89 -29.34 -107.89
N ILE C 54 -19.16 -28.04 -107.76
CA ILE C 54 -20.13 -27.38 -108.63
C ILE C 54 -19.69 -27.54 -110.08
N THR C 55 -20.65 -27.89 -110.95
CA THR C 55 -20.36 -28.09 -112.36
C THR C 55 -20.07 -26.76 -113.04
N THR C 56 -18.86 -26.24 -112.86
CA THR C 56 -18.44 -24.98 -113.45
C THR C 56 -17.31 -25.22 -114.44
N GLU C 57 -17.63 -25.14 -115.74
CA GLU C 57 -16.56 -25.18 -116.74
C GLU C 57 -15.66 -23.96 -116.63
N ASN C 58 -16.22 -22.83 -116.18
CA ASN C 58 -15.43 -21.61 -116.04
C ASN C 58 -14.66 -21.62 -114.73
N ILE C 59 -13.86 -22.66 -114.51
CA ILE C 59 -13.06 -22.79 -113.30
C ILE C 59 -11.83 -21.89 -113.44
N ILE C 60 -11.75 -20.87 -112.60
CA ILE C 60 -10.63 -19.94 -112.66
C ILE C 60 -9.34 -20.70 -112.36
N LEU C 61 -8.36 -20.60 -113.27
CA LEU C 61 -7.09 -21.29 -113.10
C LEU C 61 -6.18 -20.62 -112.08
N GLN C 62 -6.45 -19.37 -111.71
CA GLN C 62 -5.71 -18.70 -110.64
C GLN C 62 -6.38 -18.89 -109.28
N GLN C 63 -7.44 -19.69 -109.20
CA GLN C 63 -8.16 -19.89 -107.96
C GLN C 63 -8.25 -21.38 -107.63
N LEU C 64 -7.11 -22.08 -107.72
CA LEU C 64 -7.03 -23.50 -107.42
C LEU C 64 -6.44 -23.70 -106.03
N ARG C 65 -7.02 -24.62 -105.28
CA ARG C 65 -6.56 -24.91 -103.93
C ARG C 65 -6.04 -26.33 -103.76
N GLN C 66 -6.83 -27.34 -104.15
CA GLN C 66 -6.45 -28.73 -104.03
C GLN C 66 -6.51 -29.41 -105.40
N LEU C 67 -5.52 -30.24 -105.69
CA LEU C 67 -5.43 -30.94 -106.97
C LEU C 67 -5.11 -32.41 -106.73
N GLN C 68 -5.93 -33.28 -107.31
CA GLN C 68 -5.74 -34.73 -107.26
C GLN C 68 -5.44 -35.25 -108.66
N LEU C 69 -4.45 -36.12 -108.76
CA LEU C 69 -4.00 -36.69 -110.03
C LEU C 69 -3.84 -38.20 -109.88
N SER C 70 -4.88 -38.85 -109.34
CA SER C 70 -4.78 -40.25 -108.96
C SER C 70 -4.46 -41.15 -110.15
N PHE C 71 -3.35 -41.87 -110.05
CA PHE C 71 -2.94 -42.89 -111.01
C PHE C 71 -3.13 -42.44 -112.45
N LYS C 72 -2.40 -41.40 -112.82
CA LYS C 72 -2.24 -41.02 -114.21
C LYS C 72 -0.99 -41.64 -114.82
N ASN C 73 -0.27 -42.45 -114.06
CA ASN C 73 1.02 -42.98 -114.49
C ASN C 73 1.94 -41.84 -114.92
N ILE C 74 1.89 -40.74 -114.15
CA ILE C 74 2.61 -39.53 -114.53
C ILE C 74 4.10 -39.79 -114.47
N LEU C 75 4.80 -39.45 -115.55
CA LEU C 75 6.24 -39.67 -115.66
C LEU C 75 7.05 -38.39 -115.40
N LYS C 76 6.45 -37.22 -115.60
CA LYS C 76 7.08 -35.95 -115.30
C LYS C 76 6.05 -34.98 -114.74
N ILE C 77 6.54 -33.95 -114.06
CA ILE C 77 5.70 -32.90 -113.48
C ILE C 77 5.85 -31.64 -114.35
N GLN C 78 4.75 -31.14 -114.89
CA GLN C 78 4.77 -29.98 -115.76
C GLN C 78 3.38 -29.36 -115.80
N HIS C 79 3.30 -28.16 -116.37
CA HIS C 79 2.03 -27.47 -116.62
C HIS C 79 1.28 -27.20 -115.32
N LEU C 80 1.93 -26.49 -114.40
CA LEU C 80 1.32 -26.17 -113.11
C LEU C 80 1.62 -24.75 -112.65
N GLN C 81 2.23 -23.91 -113.50
CA GLN C 81 2.66 -22.59 -113.04
C GLN C 81 1.46 -21.72 -112.67
N GLY C 82 1.64 -20.91 -111.64
CA GLY C 82 0.61 -20.01 -111.16
C GLY C 82 -0.04 -20.42 -109.84
N LEU C 83 0.28 -21.60 -109.31
CA LEU C 83 -0.34 -22.10 -108.08
C LEU C 83 0.51 -21.79 -106.85
N GLU C 84 0.62 -20.50 -106.53
CA GLU C 84 1.24 -20.11 -105.27
C GLU C 84 0.31 -20.26 -104.07
N ARG C 85 -0.99 -20.45 -104.30
CA ARG C 85 -1.99 -20.57 -103.25
C ARG C 85 -2.40 -22.01 -102.99
N LEU C 86 -1.69 -22.99 -103.56
CA LEU C 86 -2.05 -24.39 -103.40
C LEU C 86 -2.05 -24.80 -101.93
N GLU C 87 -3.11 -25.50 -101.51
CA GLU C 87 -3.20 -26.03 -100.16
C GLU C 87 -3.25 -27.55 -100.08
N LYS C 88 -3.68 -28.22 -101.14
CA LYS C 88 -3.74 -29.68 -101.17
C LYS C 88 -3.35 -30.18 -102.57
N LEU C 89 -2.60 -31.28 -102.61
CA LEU C 89 -2.13 -31.84 -103.87
C LEU C 89 -1.79 -33.30 -103.68
N GLN C 90 -2.01 -34.09 -104.74
CA GLN C 90 -1.77 -35.53 -104.71
C GLN C 90 -1.24 -35.99 -106.06
N LEU C 91 -0.14 -36.76 -106.03
CA LEU C 91 0.43 -37.37 -107.23
C LEU C 91 0.91 -38.78 -106.96
N ASP C 92 0.23 -39.52 -106.09
CA ASP C 92 0.62 -40.89 -105.82
C ASP C 92 0.28 -41.79 -107.01
N ASN C 93 0.85 -42.99 -106.99
CA ASN C 93 0.60 -44.00 -108.02
C ASN C 93 0.95 -43.47 -109.41
N ASN C 94 2.23 -43.11 -109.56
CA ASN C 94 2.78 -42.65 -110.83
C ASN C 94 4.21 -43.14 -110.95
N ILE C 95 4.83 -42.84 -112.08
CA ILE C 95 6.21 -43.25 -112.33
C ILE C 95 7.18 -42.07 -112.21
N ILE C 96 6.77 -41.01 -111.50
CA ILE C 96 7.64 -39.85 -111.34
C ILE C 96 8.93 -40.27 -110.64
N GLU C 97 10.03 -39.64 -111.02
CA GLU C 97 11.35 -40.00 -110.50
C GLU C 97 12.19 -38.81 -110.05
N LYS C 98 11.88 -37.58 -110.46
CA LYS C 98 12.70 -36.43 -110.16
C LYS C 98 11.84 -35.31 -109.58
N ILE C 99 12.43 -34.53 -108.69
CA ILE C 99 11.77 -33.39 -108.06
C ILE C 99 12.68 -32.18 -108.18
N GLU C 100 12.11 -31.06 -108.65
CA GLU C 100 12.85 -29.81 -108.78
C GLU C 100 11.88 -28.74 -109.26
N ASN C 101 12.29 -27.48 -109.10
CA ASN C 101 11.52 -26.30 -109.52
C ASN C 101 10.27 -26.09 -108.68
N ILE C 102 10.15 -26.73 -107.53
CA ILE C 102 8.98 -26.55 -106.66
C ILE C 102 9.21 -25.34 -105.78
N ASP C 103 10.26 -24.56 -106.10
CA ASP C 103 10.54 -23.35 -105.35
C ASP C 103 9.40 -22.34 -105.45
N HIS C 104 8.85 -22.15 -106.64
CA HIS C 104 7.80 -21.14 -106.82
C HIS C 104 6.55 -21.46 -106.00
N LEU C 105 6.33 -22.74 -105.69
CA LEU C 105 5.20 -23.14 -104.84
C LEU C 105 5.70 -23.23 -103.40
N VAL C 106 5.38 -22.21 -102.61
CA VAL C 106 5.86 -22.12 -101.24
C VAL C 106 4.73 -22.08 -100.22
N ASN C 107 3.48 -22.27 -100.65
CA ASN C 107 2.33 -22.24 -99.76
C ASN C 107 1.60 -23.57 -99.69
N LEU C 108 2.26 -24.66 -100.07
CA LEU C 108 1.63 -25.98 -100.06
C LEU C 108 1.42 -26.48 -98.62
N LYS C 109 0.37 -27.27 -98.43
CA LYS C 109 0.07 -27.86 -97.13
C LYS C 109 0.05 -29.38 -97.17
N TRP C 110 -0.70 -30.00 -98.09
CA TRP C 110 -0.87 -31.45 -98.11
C TRP C 110 -0.11 -31.99 -99.31
N LEU C 111 0.94 -32.77 -99.05
CA LEU C 111 1.83 -33.29 -100.08
C LEU C 111 1.85 -34.81 -100.03
N ASP C 112 1.77 -35.44 -101.20
CA ASP C 112 1.76 -36.89 -101.30
C ASP C 112 2.39 -37.27 -102.64
N LEU C 113 3.70 -37.61 -102.61
CA LEU C 113 4.43 -37.99 -103.81
C LEU C 113 5.16 -39.31 -103.63
N SER C 114 4.76 -40.13 -102.67
CA SER C 114 5.47 -41.36 -102.36
C SER C 114 5.29 -42.39 -103.47
N PHE C 115 5.86 -43.57 -103.25
CA PHE C 115 5.64 -44.73 -104.12
C PHE C 115 5.92 -44.39 -105.57
N ASN C 116 7.03 -43.68 -105.79
CA ASN C 116 7.43 -43.28 -107.13
C ASN C 116 8.87 -43.69 -107.38
N CYS C 117 9.46 -43.22 -108.48
CA CYS C 117 10.85 -43.49 -108.81
C CYS C 117 11.80 -42.47 -108.18
N ILE C 118 11.41 -41.85 -107.08
CA ILE C 118 12.23 -40.83 -106.44
C ILE C 118 13.55 -41.44 -105.97
N LYS C 119 14.63 -40.66 -106.08
CA LYS C 119 15.91 -41.08 -105.54
C LYS C 119 16.52 -39.99 -104.67
N LYS C 120 16.20 -38.73 -104.96
CA LYS C 120 16.73 -37.60 -104.21
C LYS C 120 15.61 -36.61 -103.91
N ILE C 121 15.87 -35.75 -102.92
CA ILE C 121 14.96 -34.71 -102.50
C ILE C 121 15.64 -33.36 -102.70
N GLU C 122 14.95 -32.45 -103.38
CA GLU C 122 15.51 -31.13 -103.69
C GLU C 122 14.45 -30.33 -104.43
N GLY C 123 14.74 -29.05 -104.65
CA GLY C 123 13.85 -28.15 -105.36
C GLY C 123 12.77 -27.52 -104.51
N LEU C 124 12.58 -27.98 -103.27
CA LEU C 124 11.54 -27.48 -102.39
C LEU C 124 12.07 -26.54 -101.32
N ASP C 125 13.28 -26.02 -101.49
CA ASP C 125 13.93 -25.26 -100.43
C ASP C 125 13.18 -23.98 -100.10
N LYS C 126 12.27 -23.54 -100.97
CA LYS C 126 11.55 -22.30 -100.71
C LYS C 126 10.24 -22.49 -99.94
N LEU C 127 9.69 -23.70 -99.91
CA LEU C 127 8.39 -23.94 -99.28
C LEU C 127 8.61 -24.25 -97.80
N LYS C 128 8.12 -23.35 -96.94
CA LYS C 128 8.15 -23.60 -95.51
C LYS C 128 6.80 -24.06 -94.96
N GLU C 129 5.70 -23.77 -95.67
CA GLU C 129 4.37 -23.91 -95.12
C GLU C 129 3.81 -25.33 -95.22
N LEU C 130 4.47 -26.22 -95.94
CA LEU C 130 4.01 -27.60 -96.03
C LEU C 130 4.10 -28.28 -94.67
N THR C 131 3.18 -29.22 -94.44
CA THR C 131 3.18 -29.99 -93.20
C THR C 131 3.02 -31.49 -93.43
N ASP C 132 2.57 -31.93 -94.61
CA ASP C 132 2.39 -33.34 -94.93
C ASP C 132 3.34 -33.68 -96.05
N LEU C 133 4.41 -34.40 -95.74
CA LEU C 133 5.43 -34.76 -96.71
C LEU C 133 5.47 -36.27 -96.82
N SER C 134 5.15 -36.79 -98.01
CA SER C 134 5.13 -38.22 -98.26
C SER C 134 6.21 -38.55 -99.28
N LEU C 135 7.19 -39.35 -98.86
CA LEU C 135 8.24 -39.88 -99.73
C LEU C 135 8.40 -41.38 -99.52
N PHE C 136 7.33 -42.04 -99.12
CA PHE C 136 7.37 -43.46 -98.75
C PHE C 136 7.57 -44.34 -99.98
N ASN C 137 8.34 -45.41 -99.82
CA ASN C 137 8.50 -46.44 -100.84
C ASN C 137 9.05 -45.85 -102.15
N ASN C 138 10.28 -45.36 -102.06
CA ASN C 138 10.99 -44.79 -103.20
C ASN C 138 12.45 -45.24 -103.14
N TYR C 139 13.29 -44.67 -104.00
CA TYR C 139 14.72 -44.91 -104.00
C TYR C 139 15.47 -43.92 -103.11
N ILE C 140 14.80 -43.34 -102.13
CA ILE C 140 15.40 -42.30 -101.30
C ILE C 140 16.48 -42.92 -100.42
N GLU C 141 17.68 -42.35 -100.46
CA GLU C 141 18.80 -42.79 -99.63
C GLU C 141 19.49 -41.67 -98.88
N LYS C 142 19.36 -40.41 -99.32
CA LYS C 142 19.91 -39.26 -98.62
C LYS C 142 18.80 -38.26 -98.36
N ILE C 143 18.72 -37.78 -97.12
CA ILE C 143 17.68 -36.85 -96.69
C ILE C 143 18.30 -35.47 -96.64
N GLU C 144 17.80 -34.55 -97.46
CA GLU C 144 18.36 -33.21 -97.53
C GLU C 144 17.33 -32.26 -98.14
N GLY C 145 17.42 -30.99 -97.76
CA GLY C 145 16.59 -29.95 -98.31
C GLY C 145 15.41 -29.53 -97.45
N LEU C 146 15.30 -30.02 -96.22
CA LEU C 146 14.18 -29.70 -95.36
C LEU C 146 14.54 -28.70 -94.24
N HIS C 147 15.72 -28.10 -94.29
CA HIS C 147 16.05 -27.09 -93.29
C HIS C 147 15.09 -25.91 -93.36
N ASN C 148 14.73 -25.49 -94.56
CA ASN C 148 13.85 -24.33 -94.71
C ASN C 148 12.46 -24.63 -94.18
N ASN C 149 11.95 -25.84 -94.40
CA ASN C 149 10.61 -26.21 -93.93
C ASN C 149 10.69 -26.87 -92.55
N THR C 150 11.22 -26.11 -91.59
CA THR C 150 11.29 -26.60 -90.22
C THR C 150 9.92 -26.86 -89.62
N LYS C 151 8.86 -26.25 -90.17
CA LYS C 151 7.52 -26.38 -89.61
C LYS C 151 6.81 -27.68 -90.00
N LEU C 152 7.43 -28.50 -90.86
CA LEU C 152 6.81 -29.76 -91.25
C LEU C 152 6.52 -30.63 -90.03
N ASN C 153 5.35 -31.27 -90.03
CA ASN C 153 4.98 -32.19 -88.97
C ASN C 153 4.70 -33.60 -89.46
N VAL C 154 4.51 -33.80 -90.75
CA VAL C 154 4.24 -35.11 -91.33
C VAL C 154 5.27 -35.38 -92.42
N PHE C 155 5.96 -36.52 -92.31
CA PHE C 155 6.96 -36.90 -93.30
C PHE C 155 7.01 -38.43 -93.38
N SER C 156 6.74 -38.97 -94.57
CA SER C 156 6.79 -40.41 -94.83
C SER C 156 7.92 -40.68 -95.79
N ILE C 157 8.98 -41.34 -95.31
CA ILE C 157 10.11 -41.70 -96.15
C ILE C 157 10.45 -43.17 -95.94
N GLY C 158 9.48 -43.94 -95.46
CA GLY C 158 9.71 -45.35 -95.20
C GLY C 158 9.68 -46.20 -96.46
N ASN C 159 10.02 -47.47 -96.28
CA ASN C 159 10.11 -48.42 -97.38
C ASN C 159 11.08 -47.93 -98.45
N ASN C 160 12.30 -47.61 -98.01
CA ASN C 160 13.34 -47.06 -98.86
C ASN C 160 14.58 -47.95 -98.77
N ARG C 161 15.68 -47.46 -99.36
CA ARG C 161 16.97 -48.13 -99.31
C ARG C 161 17.91 -47.48 -98.30
N LEU C 162 17.40 -46.62 -97.43
CA LEU C 162 18.22 -45.91 -96.47
C LEU C 162 19.17 -46.85 -95.76
N LYS C 163 20.42 -46.39 -95.57
CA LYS C 163 21.48 -47.21 -95.03
C LYS C 163 21.72 -46.98 -93.53
N SER C 164 21.63 -45.74 -93.07
CA SER C 164 22.00 -45.39 -91.71
C SER C 164 20.83 -44.77 -90.98
N TYR C 165 20.65 -45.18 -89.72
CA TYR C 165 19.62 -44.57 -88.89
C TYR C 165 19.96 -43.14 -88.51
N GLU C 166 21.23 -42.89 -88.19
CA GLU C 166 21.66 -41.58 -87.69
C GLU C 166 21.34 -40.49 -88.69
N GLU C 167 21.15 -40.85 -89.95
CA GLU C 167 20.64 -39.91 -90.93
C GLU C 167 19.49 -39.09 -90.35
N ILE C 168 18.42 -39.77 -89.94
CA ILE C 168 17.24 -39.07 -89.44
C ILE C 168 17.61 -38.19 -88.25
N THR C 169 18.60 -38.62 -87.47
CA THR C 169 19.00 -37.87 -86.28
C THR C 169 19.35 -36.44 -86.64
N LEU C 170 19.89 -36.22 -87.84
CA LEU C 170 20.31 -34.87 -88.23
C LEU C 170 19.16 -33.89 -88.28
N TYR C 171 17.91 -34.37 -88.31
CA TYR C 171 16.76 -33.51 -88.50
C TYR C 171 16.04 -33.14 -87.20
N PHE C 172 16.49 -33.66 -86.06
CA PHE C 172 15.86 -33.34 -84.77
C PHE C 172 16.87 -32.89 -83.73
N GLY C 173 18.02 -32.37 -84.15
CA GLY C 173 18.98 -31.82 -83.21
C GLY C 173 19.75 -32.82 -82.40
N TYR C 174 19.89 -34.06 -82.90
CA TYR C 174 20.67 -35.09 -82.22
C TYR C 174 21.58 -35.77 -83.23
N LYS C 175 22.86 -35.92 -82.87
CA LYS C 175 23.85 -36.56 -83.71
C LYS C 175 24.56 -37.64 -82.92
N PRO C 176 25.07 -38.67 -83.60
CA PRO C 176 25.88 -39.67 -82.89
C PRO C 176 27.11 -39.02 -82.28
N ARG C 177 27.47 -39.47 -81.07
CA ARG C 177 28.59 -38.87 -80.38
C ARG C 177 29.89 -39.31 -81.04
N GLY C 178 30.77 -38.34 -81.31
CA GLY C 178 32.03 -38.61 -81.98
C GLY C 178 32.14 -38.08 -83.39
N GLU C 179 31.16 -37.34 -83.88
CA GLU C 179 31.18 -36.77 -85.22
C GLU C 179 31.10 -35.25 -85.11
N GLU C 180 32.04 -34.55 -85.75
CA GLU C 180 32.05 -33.09 -85.69
C GLU C 180 30.79 -32.54 -86.33
N GLY C 181 29.90 -32.01 -85.51
CA GLY C 181 28.63 -31.51 -86.00
C GLY C 181 28.44 -30.02 -85.81
N THR C 182 28.48 -29.26 -86.92
CA THR C 182 28.27 -27.82 -86.86
C THR C 182 26.82 -27.44 -86.72
N ASN C 183 25.90 -28.41 -86.78
CA ASN C 183 24.47 -28.15 -86.64
C ASN C 183 24.15 -28.01 -85.16
N ASP C 184 24.45 -26.84 -84.62
CA ASP C 184 24.11 -26.52 -83.24
C ASP C 184 22.71 -25.95 -83.08
N ARG C 185 21.97 -25.79 -84.18
CA ARG C 185 20.61 -25.27 -84.13
C ARG C 185 19.63 -26.30 -84.66
N PRO C 186 18.74 -26.83 -83.82
CA PRO C 186 17.79 -27.84 -84.29
C PRO C 186 16.92 -27.30 -85.42
N GLU C 187 16.57 -28.18 -86.35
CA GLU C 187 15.89 -27.79 -87.58
C GLU C 187 14.49 -28.38 -87.72
N PHE C 188 14.05 -29.21 -86.78
CA PHE C 188 12.70 -29.80 -86.84
C PHE C 188 12.25 -30.07 -85.40
N LYS C 189 11.26 -29.32 -84.94
CA LYS C 189 10.74 -29.47 -83.58
C LYS C 189 9.33 -30.03 -83.56
N ARG C 190 8.40 -29.40 -84.29
CA ARG C 190 7.01 -29.83 -84.29
C ARG C 190 6.77 -31.10 -85.11
N LEU C 191 7.79 -31.57 -85.84
CA LEU C 191 7.63 -32.75 -86.68
C LEU C 191 7.38 -33.98 -85.83
N GLN C 192 6.13 -34.44 -85.79
CA GLN C 192 5.74 -35.61 -85.01
C GLN C 192 5.13 -36.70 -85.87
N VAL C 193 5.24 -36.60 -87.19
CA VAL C 193 4.78 -37.63 -88.12
C VAL C 193 5.97 -38.05 -88.96
N LEU C 194 6.49 -39.25 -88.69
CA LEU C 194 7.72 -39.69 -89.36
C LEU C 194 7.77 -41.22 -89.32
N ASN C 195 7.61 -41.86 -90.47
CA ASN C 195 7.72 -43.31 -90.58
C ASN C 195 8.70 -43.65 -91.69
N VAL C 196 9.69 -44.50 -91.36
CA VAL C 196 10.66 -44.95 -92.34
C VAL C 196 10.66 -46.47 -92.32
N SER C 197 9.65 -47.06 -91.69
CA SER C 197 9.63 -48.50 -91.46
C SER C 197 9.74 -49.24 -92.78
N GLY C 198 10.58 -50.28 -92.79
CA GLY C 198 10.84 -51.06 -93.98
C GLY C 198 12.14 -50.75 -94.70
N ASN C 199 12.97 -49.86 -94.16
CA ASN C 199 14.24 -49.54 -94.76
C ASN C 199 15.25 -50.68 -94.56
N PRO C 200 16.30 -50.73 -95.40
CA PRO C 200 17.26 -51.84 -95.31
C PRO C 200 17.84 -52.03 -93.91
N PHE C 201 18.42 -50.96 -93.35
CA PHE C 201 18.97 -51.06 -92.00
C PHE C 201 17.89 -51.30 -90.96
N THR C 202 16.64 -50.98 -91.27
CA THR C 202 15.54 -51.20 -90.33
C THR C 202 15.24 -52.67 -90.10
N LYS C 203 15.79 -53.56 -90.91
CA LYS C 203 15.60 -55.00 -90.73
C LYS C 203 16.67 -55.64 -89.86
N ASP C 204 17.59 -54.85 -89.30
CA ASP C 204 18.64 -55.35 -88.43
C ASP C 204 18.43 -54.82 -87.02
N LYS C 205 18.78 -55.65 -86.03
CA LYS C 205 18.60 -55.33 -84.61
C LYS C 205 17.22 -54.71 -84.37
N GLU C 206 16.22 -55.56 -84.56
CA GLU C 206 14.81 -55.16 -84.59
C GLU C 206 14.51 -54.07 -83.57
N ASN C 207 13.87 -53.00 -84.05
CA ASN C 207 13.25 -51.96 -83.24
C ASN C 207 14.23 -51.23 -82.33
N GLU C 208 15.51 -51.56 -82.42
CA GLU C 208 16.50 -50.79 -81.68
C GLU C 208 16.73 -49.43 -82.33
N TYR C 209 16.76 -49.41 -83.66
CA TYR C 209 16.98 -48.15 -84.38
C TYR C 209 15.84 -47.17 -84.16
N LYS C 210 14.61 -47.68 -84.08
CA LYS C 210 13.49 -46.78 -83.77
C LYS C 210 13.69 -46.11 -82.41
N ASN C 211 14.10 -46.89 -81.39
CA ASN C 211 14.35 -46.30 -80.08
C ASN C 211 15.48 -45.29 -80.15
N HIS C 212 16.55 -45.61 -80.87
CA HIS C 212 17.68 -44.68 -80.96
C HIS C 212 17.26 -43.37 -81.62
N ILE C 213 16.50 -43.45 -82.72
CA ILE C 213 16.07 -42.24 -83.42
C ILE C 213 15.11 -41.44 -82.55
N ILE C 214 14.17 -42.11 -81.89
CA ILE C 214 13.24 -41.42 -81.02
C ILE C 214 13.97 -40.70 -79.90
N CYS C 215 14.98 -41.35 -79.32
CA CYS C 215 15.82 -40.64 -78.36
C CYS C 215 16.48 -39.43 -78.99
N ALA C 216 16.62 -39.43 -80.32
CA ALA C 216 16.98 -38.24 -81.08
C ALA C 216 15.77 -37.55 -81.68
N ILE C 217 14.58 -38.09 -81.49
CA ILE C 217 13.35 -37.47 -81.98
C ILE C 217 12.56 -36.89 -80.81
N GLU C 230 2.19 -41.46 -81.21
CA GLU C 230 2.85 -40.71 -80.15
C GLU C 230 3.02 -41.57 -78.90
N GLY C 231 2.06 -42.48 -78.69
CA GLY C 231 2.17 -43.40 -77.56
C GLY C 231 3.38 -44.30 -77.65
N ASP C 232 3.76 -44.68 -78.87
CA ASP C 232 4.97 -45.47 -79.06
C ASP C 232 6.18 -44.75 -78.46
N ARG C 233 6.22 -43.42 -78.52
CA ARG C 233 7.33 -42.69 -77.93
C ARG C 233 7.36 -42.87 -76.41
N GLN C 234 6.20 -42.80 -75.76
CA GLN C 234 6.17 -43.04 -74.31
C GLN C 234 6.60 -44.47 -73.99
N LEU C 235 6.11 -45.44 -74.76
CA LEU C 235 6.49 -46.82 -74.50
C LEU C 235 7.99 -47.03 -74.66
N ILE C 236 8.59 -46.43 -75.69
CA ILE C 236 10.02 -46.60 -75.94
C ILE C 236 10.83 -45.88 -74.87
N ARG C 237 10.39 -44.68 -74.46
CA ARG C 237 11.10 -43.95 -73.42
C ARG C 237 11.14 -44.71 -72.11
N GLN C 238 10.25 -45.68 -71.92
CA GLN C 238 10.17 -46.45 -70.68
C GLN C 238 11.09 -47.68 -70.68
N ASP C 239 11.80 -47.94 -71.78
CA ASP C 239 12.79 -49.02 -71.80
C ASP C 239 14.11 -48.52 -71.23
N GLU C 240 14.66 -49.29 -70.29
CA GLU C 240 15.82 -48.83 -69.53
C GLU C 240 17.01 -48.57 -70.46
N GLN C 241 17.27 -49.48 -71.39
CA GLN C 241 18.39 -49.28 -72.32
C GLN C 241 18.16 -48.05 -73.19
N ILE C 242 16.91 -47.77 -73.58
CA ILE C 242 16.64 -46.66 -74.47
C ILE C 242 17.02 -45.33 -73.81
N SER C 243 16.65 -45.17 -72.53
CA SER C 243 16.98 -43.95 -71.82
C SER C 243 18.42 -43.93 -71.31
N ASN C 244 19.04 -45.10 -71.10
CA ASN C 244 20.39 -45.14 -70.53
C ASN C 244 21.46 -44.81 -71.57
N SER C 245 21.21 -45.09 -72.84
CA SER C 245 22.26 -45.06 -73.85
C SER C 245 22.54 -43.66 -74.39
N TYR C 246 21.83 -42.64 -73.92
CA TYR C 246 22.02 -41.27 -74.39
C TYR C 246 22.08 -40.32 -73.20
N ASN C 247 22.27 -39.05 -73.49
CA ASN C 247 22.39 -38.04 -72.45
C ASN C 247 21.45 -36.86 -72.63
N PHE C 248 21.10 -36.52 -73.87
CA PHE C 248 20.30 -35.32 -74.16
C PHE C 248 18.85 -35.76 -74.31
N THR C 249 18.10 -35.73 -73.20
CA THR C 249 16.75 -36.25 -73.14
C THR C 249 15.74 -35.21 -73.60
N THR C 250 14.45 -35.48 -73.38
CA THR C 250 13.39 -34.63 -73.91
C THR C 250 12.86 -33.64 -72.88
N THR C 251 12.87 -33.99 -71.59
CA THR C 251 12.47 -33.03 -70.57
C THR C 251 13.42 -31.84 -70.54
N ASP C 252 14.73 -32.12 -70.47
CA ASP C 252 15.72 -31.05 -70.54
C ASP C 252 15.70 -30.37 -71.90
N TYR C 253 15.46 -31.15 -72.96
CA TYR C 253 15.38 -30.55 -74.30
C TYR C 253 14.26 -29.52 -74.36
N TYR C 254 13.11 -29.82 -73.77
CA TYR C 254 11.99 -28.88 -73.79
C TYR C 254 12.19 -27.71 -72.84
N GLN C 255 12.83 -27.92 -71.69
CA GLN C 255 13.17 -26.77 -70.86
C GLN C 255 14.11 -25.82 -71.61
N GLN C 256 15.13 -26.39 -72.25
CA GLN C 256 16.03 -25.57 -73.06
C GLN C 256 15.29 -24.92 -74.22
N MET C 257 14.31 -25.62 -74.79
CA MET C 257 13.53 -25.06 -75.89
C MET C 257 12.75 -23.84 -75.42
N GLN C 258 12.10 -23.94 -74.26
CA GLN C 258 11.35 -22.80 -73.74
C GLN C 258 12.29 -21.63 -73.46
N ALA C 259 13.44 -21.91 -72.83
CA ALA C 259 14.39 -20.83 -72.55
C ALA C 259 14.89 -20.18 -73.85
N GLN C 260 15.21 -21.01 -74.85
CA GLN C 260 15.73 -20.50 -76.11
C GLN C 260 14.68 -19.69 -76.85
N GLU C 261 13.43 -20.15 -76.83
CA GLU C 261 12.36 -19.39 -77.49
C GLU C 261 12.08 -18.08 -76.78
N GLN C 262 12.16 -18.06 -75.45
CA GLN C 262 12.04 -16.80 -74.73
C GLN C 262 13.17 -15.85 -75.09
N LYS C 263 14.39 -16.35 -75.17
CA LYS C 263 15.50 -15.49 -75.60
C LYS C 263 15.27 -14.97 -77.01
N GLU C 264 14.79 -15.84 -77.91
CA GLU C 264 14.52 -15.42 -79.28
C GLU C 264 13.45 -14.34 -79.33
N GLU C 265 12.38 -14.50 -78.54
CA GLU C 265 11.32 -13.50 -78.52
C GLU C 265 11.83 -12.17 -77.99
N MET C 266 12.62 -12.20 -76.92
CA MET C 266 13.18 -10.95 -76.40
C MET C 266 14.11 -10.30 -77.41
N ASP C 267 14.90 -11.11 -78.13
CA ASP C 267 15.78 -10.56 -79.14
C ASP C 267 14.98 -9.94 -80.29
N ARG C 268 13.89 -10.60 -80.70
CA ARG C 268 13.06 -10.04 -81.76
C ARG C 268 12.41 -8.73 -81.33
N GLN C 269 11.94 -8.66 -80.07
CA GLN C 269 11.38 -7.42 -79.58
C GLN C 269 12.44 -6.32 -79.51
N THR C 270 13.67 -6.67 -79.12
CA THR C 270 14.76 -5.70 -79.15
C THR C 270 15.04 -5.22 -80.57
N LEU C 271 15.02 -6.13 -81.54
CA LEU C 271 15.26 -5.75 -82.92
C LEU C 271 14.19 -4.79 -83.42
N LYS C 272 12.92 -5.10 -83.14
CA LYS C 272 11.84 -4.20 -83.54
C LYS C 272 11.96 -2.86 -82.84
N LYS C 273 12.29 -2.87 -81.55
CA LYS C 273 12.54 -1.63 -80.81
C LYS C 273 13.59 -0.78 -81.51
N LYS C 274 14.74 -1.38 -81.81
CA LYS C 274 15.83 -0.64 -82.42
C LYS C 274 15.45 -0.10 -83.80
N LYS C 275 14.77 -0.92 -84.59
CA LYS C 275 14.35 -0.47 -85.92
C LYS C 275 13.35 0.68 -85.83
N ASP C 276 12.38 0.58 -84.91
CA ASP C 276 11.43 1.67 -84.74
C ASP C 276 12.09 2.91 -84.16
N ALA C 277 13.24 2.75 -83.50
CA ALA C 277 14.04 3.91 -83.13
C ALA C 277 14.64 4.61 -84.34
N ARG C 278 14.62 3.96 -85.51
CA ARG C 278 15.10 4.45 -86.79
C ARG C 278 16.63 4.52 -86.84
N MET C 279 17.34 4.15 -85.77
CA MET C 279 18.79 4.22 -85.74
C MET C 279 19.46 2.98 -86.33
N ASP C 280 18.69 2.01 -86.81
CA ASP C 280 19.28 0.79 -87.34
C ASP C 280 20.28 1.08 -88.45
N ILE C 281 20.05 2.14 -89.23
CA ILE C 281 20.92 2.43 -90.36
C ILE C 281 22.34 2.74 -89.89
N LEU C 282 22.49 3.20 -88.64
CA LEU C 282 23.80 3.46 -88.07
C LEU C 282 24.59 2.19 -87.74
N ASP C 283 24.04 1.01 -88.03
CA ASP C 283 24.76 -0.22 -87.72
C ASP C 283 26.09 -0.32 -88.44
N ASN C 284 26.28 0.40 -89.54
CA ASN C 284 27.54 0.41 -90.26
C ASN C 284 28.49 1.49 -89.77
N LEU C 285 28.06 2.33 -88.82
CA LEU C 285 28.94 3.39 -88.32
C LEU C 285 30.21 2.80 -87.74
N LYS C 286 30.09 1.75 -86.91
CA LYS C 286 31.26 1.07 -86.38
C LYS C 286 31.92 0.17 -87.42
N ASP C 287 31.24 -0.12 -88.53
CA ASP C 287 31.84 -0.83 -89.65
C ASP C 287 32.37 0.12 -90.72
N GLU C 288 32.30 1.42 -90.48
CA GLU C 288 32.76 2.38 -91.49
C GLU C 288 34.26 2.23 -91.76
N TYR C 289 35.07 2.03 -90.72
CA TYR C 289 36.52 1.98 -90.92
C TYR C 289 36.88 0.87 -91.91
N LEU C 290 36.19 -0.27 -91.82
CA LEU C 290 36.35 -1.31 -92.84
C LEU C 290 35.84 -0.84 -94.20
N LYS C 291 35.11 0.27 -94.23
CA LYS C 291 34.85 1.02 -95.44
C LYS C 291 35.77 2.24 -95.60
N ILE C 292 36.70 2.44 -94.66
CA ILE C 292 37.64 3.57 -94.70
C ILE C 292 39.02 2.98 -94.98
N GLU C 293 39.51 3.16 -96.21
CA GLU C 293 40.80 2.60 -96.60
C GLU C 293 41.96 3.43 -96.04
N ASP C 294 41.81 4.76 -96.00
CA ASP C 294 42.89 5.59 -95.50
C ASP C 294 43.24 5.26 -94.06
N LEU C 295 42.26 4.80 -93.27
CA LEU C 295 42.58 4.35 -91.92
C LEU C 295 43.50 3.14 -91.96
N GLN C 296 43.25 2.20 -92.88
CA GLN C 296 44.15 1.06 -93.03
C GLN C 296 45.54 1.51 -93.45
N ARG C 297 45.62 2.46 -94.39
CA ARG C 297 46.92 2.96 -94.81
C ARG C 297 47.67 3.61 -93.65
N VAL C 298 46.98 4.41 -92.84
CA VAL C 298 47.64 5.10 -91.73
C VAL C 298 47.94 4.16 -90.57
N LYS C 299 47.27 3.01 -90.49
CA LYS C 299 47.53 2.06 -89.41
C LYS C 299 48.97 1.57 -89.41
N ILE C 300 49.68 1.67 -90.54
CA ILE C 300 51.05 1.18 -90.61
C ILE C 300 51.97 1.97 -89.70
N ILE C 301 51.72 3.28 -89.56
CA ILE C 301 52.67 4.15 -88.85
C ILE C 301 52.85 3.70 -87.41
N LYS C 302 51.76 3.34 -86.73
CA LYS C 302 51.82 2.89 -85.33
C LYS C 302 50.64 1.97 -85.06
N PRO C 303 50.75 0.70 -85.47
CA PRO C 303 49.59 -0.20 -85.34
C PRO C 303 49.09 -0.34 -83.91
N ASN C 304 49.98 -0.37 -82.92
CA ASN C 304 49.56 -0.65 -81.56
C ASN C 304 48.57 0.40 -81.05
N GLN C 305 49.04 1.64 -80.89
CA GLN C 305 48.15 2.69 -80.41
C GLN C 305 47.08 3.04 -81.42
N ILE C 306 47.29 2.74 -82.70
CA ILE C 306 46.21 2.95 -83.68
C ILE C 306 45.03 2.05 -83.35
N ASN C 307 45.29 0.76 -83.10
CA ASN C 307 44.22 -0.13 -82.68
C ASN C 307 43.66 0.29 -81.34
N GLU C 308 44.51 0.73 -80.42
CA GLU C 308 44.03 1.15 -79.11
C GLU C 308 43.04 2.32 -79.23
N GLU C 309 43.42 3.35 -79.98
CA GLU C 309 42.56 4.51 -80.19
C GLU C 309 41.31 4.12 -80.97
N ILE C 310 41.44 3.20 -81.93
CA ILE C 310 40.27 2.76 -82.67
C ILE C 310 39.27 2.07 -81.73
N GLU C 311 39.78 1.23 -80.82
CA GLU C 311 38.88 0.57 -79.87
C GLU C 311 38.23 1.57 -78.94
N LYS C 312 38.99 2.54 -78.43
CA LYS C 312 38.39 3.57 -77.59
C LYS C 312 37.28 4.32 -78.35
N TYR C 313 37.57 4.70 -79.59
CA TYR C 313 36.62 5.44 -80.41
C TYR C 313 35.36 4.62 -80.66
N CYS C 314 35.52 3.35 -81.04
CA CYS C 314 34.38 2.50 -81.31
C CYS C 314 33.54 2.29 -80.06
N GLY C 315 34.19 2.05 -78.92
CA GLY C 315 33.44 1.83 -77.69
C GLY C 315 32.63 3.05 -77.28
N LYS C 316 33.27 4.22 -77.29
CA LYS C 316 32.54 5.43 -76.90
C LYS C 316 31.40 5.72 -77.88
N ILE C 317 31.67 5.60 -79.19
CA ILE C 317 30.63 5.82 -80.18
C ILE C 317 29.49 4.85 -79.98
N ASN C 318 29.79 3.58 -79.71
CA ASN C 318 28.75 2.59 -79.50
C ASN C 318 27.89 2.95 -78.29
N ASP C 319 28.52 3.26 -77.15
CA ASP C 319 27.74 3.54 -75.95
C ASP C 319 26.85 4.77 -76.15
N HIS C 320 27.40 5.85 -76.69
CA HIS C 320 26.60 7.06 -76.83
C HIS C 320 25.53 6.91 -77.91
N VAL C 321 25.85 6.24 -79.01
CA VAL C 321 24.82 5.98 -80.01
C VAL C 321 23.73 5.11 -79.43
N VAL C 322 24.08 4.16 -78.56
CA VAL C 322 23.08 3.32 -77.92
C VAL C 322 22.15 4.13 -77.04
N GLU C 323 22.72 5.05 -76.25
CA GLU C 323 21.86 5.96 -75.50
C GLU C 323 20.97 6.75 -76.47
N MET C 324 21.52 7.08 -77.63
CA MET C 324 20.75 7.77 -78.67
C MET C 324 19.52 6.98 -79.08
N GLN C 325 19.70 5.72 -79.49
CA GLN C 325 18.51 5.00 -79.94
C GLN C 325 17.62 4.64 -78.77
N ALA C 326 18.14 4.57 -77.54
CA ALA C 326 17.28 4.33 -76.39
C ALA C 326 16.33 5.49 -76.17
N ALA C 327 16.84 6.73 -76.22
CA ALA C 327 15.96 7.88 -76.10
C ALA C 327 14.97 7.93 -77.27
N VAL C 328 15.46 7.66 -78.48
CA VAL C 328 14.56 7.64 -79.64
C VAL C 328 13.49 6.58 -79.46
N ILE C 329 13.85 5.46 -78.82
CA ILE C 329 12.91 4.37 -78.59
C ILE C 329 11.85 4.76 -77.58
N GLN C 330 12.25 5.46 -76.51
CA GLN C 330 11.25 5.99 -75.59
C GLN C 330 10.26 6.88 -76.32
N LYS C 331 10.78 7.80 -77.14
CA LYS C 331 9.90 8.70 -77.88
C LYS C 331 8.97 7.93 -78.81
N HIS C 332 9.51 6.95 -79.53
CA HIS C 332 8.70 6.19 -80.48
C HIS C 332 7.67 5.31 -79.78
N GLN C 333 7.99 4.78 -78.60
CA GLN C 333 7.01 3.99 -77.86
C GLN C 333 5.85 4.85 -77.40
N LEU C 334 6.15 6.04 -76.85
CA LEU C 334 5.04 6.93 -76.48
C LEU C 334 4.24 7.35 -77.71
N ILE C 335 4.91 7.52 -78.85
CA ILE C 335 4.20 7.83 -80.10
C ILE C 335 3.28 6.68 -80.49
N LEU C 336 3.76 5.45 -80.35
CA LEU C 336 2.92 4.29 -80.64
C LEU C 336 1.70 4.26 -79.73
N GLN C 337 1.89 4.55 -78.45
CA GLN C 337 0.76 4.64 -77.54
C GLN C 337 -0.22 5.73 -77.99
N GLU C 338 0.33 6.87 -78.42
CA GLU C 338 -0.49 7.95 -78.96
C GLU C 338 -1.36 7.43 -80.10
N MET C 339 -0.74 6.75 -81.06
CA MET C 339 -1.45 6.25 -82.23
C MET C 339 -2.53 5.26 -81.85
N SER C 340 -2.18 4.30 -80.99
CA SER C 340 -3.11 3.25 -80.61
C SER C 340 -4.31 3.83 -79.87
N LYS C 341 -4.09 4.79 -78.98
CA LYS C 341 -5.21 5.50 -78.39
C LYS C 341 -6.01 6.23 -79.46
N THR C 342 -5.36 6.66 -80.53
CA THR C 342 -6.08 7.25 -81.65
C THR C 342 -7.11 6.27 -82.22
N GLU C 343 -6.65 5.06 -82.58
CA GLU C 343 -7.60 4.08 -83.09
C GLU C 343 -8.65 3.72 -82.04
N VAL C 344 -8.28 3.65 -80.76
CA VAL C 344 -9.25 3.32 -79.72
C VAL C 344 -10.37 4.34 -79.69
N SER C 345 -10.00 5.62 -79.66
CA SER C 345 -10.99 6.69 -79.62
C SER C 345 -11.88 6.65 -80.85
N TYR C 346 -11.29 6.43 -82.02
CA TYR C 346 -12.10 6.26 -83.22
C TYR C 346 -13.08 5.11 -83.07
N LYS C 347 -12.63 4.01 -82.45
CA LYS C 347 -13.52 2.87 -82.26
C LYS C 347 -14.72 3.24 -81.39
N GLU C 348 -14.47 3.89 -80.25
CA GLU C 348 -15.60 4.23 -79.38
C GLU C 348 -16.56 5.19 -80.06
N GLN C 349 -16.03 6.25 -80.68
CA GLN C 349 -16.91 7.23 -81.32
C GLN C 349 -17.68 6.62 -82.48
N GLU C 350 -17.02 5.81 -83.31
CA GLU C 350 -17.73 5.13 -84.39
C GLU C 350 -18.85 4.27 -83.82
N ALA C 351 -18.52 3.39 -82.86
CA ALA C 351 -19.55 2.53 -82.27
C ALA C 351 -20.73 3.35 -81.79
N LEU C 352 -20.46 4.53 -81.21
CA LEU C 352 -21.55 5.43 -80.84
C LEU C 352 -22.37 5.81 -82.07
N HIS C 353 -21.69 6.14 -83.17
CA HIS C 353 -22.40 6.52 -84.40
C HIS C 353 -23.30 5.39 -84.89
N GLU C 354 -22.76 4.16 -84.98
CA GLU C 354 -23.59 3.06 -85.46
C GLU C 354 -24.72 2.74 -84.49
N LYS C 355 -24.51 2.87 -83.18
CA LYS C 355 -25.61 2.62 -82.26
C LYS C 355 -26.74 3.62 -82.46
N GLU C 356 -26.40 4.91 -82.58
CA GLU C 356 -27.44 5.92 -82.82
C GLU C 356 -28.14 5.68 -84.16
N THR C 357 -27.37 5.38 -85.21
CA THR C 357 -27.96 5.13 -86.51
C THR C 357 -28.85 3.90 -86.50
N LEU C 358 -28.43 2.86 -85.79
CA LEU C 358 -29.22 1.63 -85.72
C LEU C 358 -30.49 1.84 -84.92
N GLN C 359 -30.44 2.65 -83.85
CA GLN C 359 -31.66 2.95 -83.13
C GLN C 359 -32.64 3.72 -84.01
N ILE C 360 -32.14 4.71 -84.76
CA ILE C 360 -33.02 5.46 -85.65
C ILE C 360 -33.58 4.55 -86.74
N LEU C 361 -32.74 3.65 -87.27
CA LEU C 361 -33.18 2.73 -88.32
C LEU C 361 -34.22 1.75 -87.78
N LYS C 362 -34.06 1.31 -86.53
CA LYS C 362 -35.07 0.46 -85.91
C LYS C 362 -36.38 1.23 -85.75
N GLU C 363 -36.30 2.50 -85.36
CA GLU C 363 -37.49 3.34 -85.31
C GLU C 363 -38.18 3.38 -86.67
N PHE C 364 -37.42 3.60 -87.73
CA PHE C 364 -38.04 3.67 -89.05
C PHE C 364 -38.55 2.32 -89.52
N GLU C 365 -37.91 1.22 -89.09
CA GLU C 365 -38.43 -0.11 -89.44
C GLU C 365 -39.76 -0.37 -88.75
N HIS C 366 -39.89 0.06 -87.49
CA HIS C 366 -41.19 0.02 -86.83
C HIS C 366 -42.20 0.89 -87.57
N GLU C 367 -41.77 2.07 -88.03
CA GLU C 367 -42.60 2.90 -88.88
C GLU C 367 -43.09 2.13 -90.10
N LYS C 368 -42.18 1.47 -90.81
CA LYS C 368 -42.53 0.72 -92.00
C LYS C 368 -43.50 -0.40 -91.69
N LYS C 369 -43.29 -1.12 -90.59
CA LYS C 369 -44.12 -2.26 -90.27
C LYS C 369 -45.53 -1.82 -89.89
N VAL C 370 -45.65 -0.75 -89.10
CA VAL C 370 -46.99 -0.23 -88.80
C VAL C 370 -47.66 0.26 -90.08
N GLU C 371 -46.90 0.93 -90.95
CA GLU C 371 -47.46 1.44 -92.20
C GLU C 371 -47.96 0.30 -93.08
N PHE C 372 -47.20 -0.80 -93.18
CA PHE C 372 -47.62 -1.93 -93.99
C PHE C 372 -48.83 -2.64 -93.37
N ARG C 373 -48.85 -2.76 -92.05
CA ARG C 373 -49.99 -3.38 -91.39
C ARG C 373 -51.26 -2.61 -91.68
N ASN C 374 -51.23 -1.29 -91.48
CA ASN C 374 -52.37 -0.46 -91.83
C ASN C 374 -52.66 -0.51 -93.32
N TRP C 375 -51.63 -0.65 -94.15
CA TRP C 375 -51.82 -0.72 -95.59
C TRP C 375 -52.67 -1.92 -95.95
N GLU C 376 -52.31 -3.10 -95.44
CA GLU C 376 -53.10 -4.30 -95.70
C GLU C 376 -54.50 -4.18 -95.13
N LYS C 377 -54.62 -3.65 -93.90
CA LYS C 377 -55.93 -3.54 -93.29
C LYS C 377 -56.86 -2.66 -94.11
N GLU C 378 -56.37 -1.49 -94.55
CA GLU C 378 -57.21 -0.59 -95.32
C GLU C 378 -57.38 -1.05 -96.76
N ALA C 379 -56.42 -1.82 -97.29
CA ALA C 379 -56.61 -2.43 -98.60
C ALA C 379 -57.77 -3.41 -98.57
N ALA C 380 -57.86 -4.22 -97.50
CA ALA C 380 -59.10 -4.92 -97.26
C ALA C 380 -60.26 -3.94 -97.11
N ASN C 381 -60.00 -2.78 -96.51
CA ASN C 381 -60.98 -1.70 -96.48
C ASN C 381 -61.18 -1.08 -97.86
N GLY C 382 -60.08 -0.72 -98.53
CA GLY C 382 -60.17 -0.17 -99.87
C GLY C 382 -60.28 1.33 -99.96
N ASP C 383 -60.08 2.05 -98.86
CA ASP C 383 -60.18 3.52 -98.87
C ASP C 383 -58.86 4.10 -99.36
N ALA C 384 -58.75 4.21 -100.69
CA ALA C 384 -57.46 4.53 -101.32
C ALA C 384 -56.95 5.89 -100.89
N LYS C 385 -57.83 6.88 -100.74
CA LYS C 385 -57.37 8.24 -100.48
C LYS C 385 -56.58 8.31 -99.17
N LYS C 386 -57.14 7.78 -98.09
CA LYS C 386 -56.45 7.83 -96.80
C LYS C 386 -55.16 7.01 -96.85
N GLU C 387 -55.18 5.86 -97.53
CA GLU C 387 -53.99 5.04 -97.65
C GLU C 387 -52.85 5.82 -98.31
N GLU C 388 -53.13 6.44 -99.46
CA GLU C 388 -52.08 7.17 -100.15
C GLU C 388 -51.66 8.42 -99.38
N SER C 389 -52.57 9.04 -98.63
CA SER C 389 -52.20 10.18 -97.80
C SER C 389 -51.20 9.76 -96.73
N ARG C 390 -51.51 8.69 -95.99
CA ARG C 390 -50.58 8.20 -94.98
C ARG C 390 -49.28 7.74 -95.62
N LEU C 391 -49.34 7.23 -96.86
CA LEU C 391 -48.14 6.75 -97.51
C LEU C 391 -47.21 7.91 -97.91
N LYS C 392 -47.79 9.03 -98.40
CA LYS C 392 -46.94 10.20 -98.62
C LYS C 392 -46.43 10.79 -97.32
N THR C 393 -47.21 10.69 -96.24
CA THR C 393 -46.69 11.06 -94.92
C THR C 393 -45.45 10.24 -94.59
N LEU C 394 -45.54 8.92 -94.78
CA LEU C 394 -44.37 8.07 -94.58
C LEU C 394 -43.21 8.47 -95.48
N LEU C 395 -43.50 8.79 -96.74
CA LEU C 395 -42.43 9.08 -97.69
C LEU C 395 -41.71 10.37 -97.34
N GLN C 396 -42.46 11.39 -96.92
CA GLN C 396 -41.83 12.61 -96.43
C GLN C 396 -41.01 12.34 -95.18
N LYS C 397 -41.51 11.47 -94.29
CA LYS C 397 -40.72 11.05 -93.16
C LYS C 397 -39.43 10.35 -93.60
N THR C 398 -39.51 9.58 -94.69
CA THR C 398 -38.33 8.90 -95.22
C THR C 398 -37.29 9.90 -95.72
N THR C 399 -37.75 10.93 -96.42
CA THR C 399 -36.83 11.99 -96.84
C THR C 399 -36.23 12.69 -95.63
N SER C 400 -37.02 12.87 -94.57
CA SER C 400 -36.49 13.41 -93.32
C SER C 400 -35.39 12.53 -92.76
N LEU C 401 -35.60 11.20 -92.82
CA LEU C 401 -34.57 10.27 -92.38
C LEU C 401 -33.30 10.43 -93.21
N LYS C 402 -33.45 10.57 -94.52
CA LYS C 402 -32.29 10.80 -95.38
C LYS C 402 -31.52 12.03 -94.90
N ASN C 403 -32.24 13.14 -94.71
CA ASN C 403 -31.58 14.38 -94.31
C ASN C 403 -30.86 14.22 -92.97
N LYS C 404 -31.53 13.60 -91.99
CA LYS C 404 -30.94 13.49 -90.66
C LYS C 404 -29.75 12.54 -90.67
N LEU C 405 -29.81 11.46 -91.45
CA LEU C 405 -28.68 10.55 -91.54
C LEU C 405 -27.48 11.23 -92.20
N MET C 406 -27.71 12.03 -93.25
CA MET C 406 -26.61 12.79 -93.82
C MET C 406 -26.05 13.78 -92.81
N ASP C 407 -26.91 14.37 -91.98
CA ASP C 407 -26.43 15.24 -90.91
C ASP C 407 -25.55 14.46 -89.93
N ILE C 408 -25.94 13.23 -89.60
CA ILE C 408 -25.12 12.39 -88.73
C ILE C 408 -23.75 12.18 -89.33
N GLU C 409 -23.72 11.91 -90.64
CA GLU C 409 -22.42 11.75 -91.31
C GLU C 409 -21.61 13.05 -91.26
N ILE C 410 -22.28 14.20 -91.41
CA ILE C 410 -21.59 15.48 -91.32
C ILE C 410 -20.91 15.63 -89.97
N GLN C 411 -21.65 15.33 -88.88
CA GLN C 411 -21.06 15.41 -87.55
C GLN C 411 -19.91 14.42 -87.40
N LEU C 412 -20.06 13.23 -87.97
CA LEU C 412 -18.93 12.30 -88.03
C LEU C 412 -17.71 12.97 -88.62
N VAL C 413 -17.90 13.69 -89.73
CA VAL C 413 -16.77 14.33 -90.41
C VAL C 413 -16.12 15.35 -89.48
N GLU C 414 -16.93 16.22 -88.86
CA GLU C 414 -16.34 17.21 -87.97
C GLU C 414 -15.55 16.55 -86.85
N GLU C 415 -16.14 15.52 -86.22
CA GLU C 415 -15.49 14.90 -85.07
C GLU C 415 -14.16 14.24 -85.47
N LEU C 416 -14.18 13.44 -86.54
CA LEU C 416 -12.96 12.75 -86.94
C LEU C 416 -11.89 13.74 -87.38
N GLU C 417 -12.26 14.77 -88.13
CA GLU C 417 -11.27 15.75 -88.58
C GLU C 417 -10.65 16.48 -87.39
N ALA C 418 -11.47 16.90 -86.42
CA ALA C 418 -10.94 17.58 -85.25
C ALA C 418 -10.03 16.66 -84.45
N ILE C 419 -10.43 15.40 -84.27
CA ILE C 419 -9.60 14.46 -83.52
C ILE C 419 -8.25 14.29 -84.20
N PHE C 420 -8.26 14.09 -85.52
CA PHE C 420 -7.00 13.87 -86.24
C PHE C 420 -6.10 15.09 -86.15
N THR C 421 -6.65 16.29 -86.35
CA THR C 421 -5.83 17.48 -86.28
C THR C 421 -5.25 17.67 -84.88
N ASP C 422 -6.07 17.44 -83.84
CA ASP C 422 -5.58 17.57 -82.48
C ASP C 422 -4.45 16.59 -82.20
N TYR C 423 -4.61 15.33 -82.61
CA TYR C 423 -3.56 14.35 -82.34
C TYR C 423 -2.29 14.67 -83.11
N ASP C 424 -2.43 15.12 -84.35
CA ASP C 424 -1.25 15.47 -85.15
C ASP C 424 -0.50 16.63 -84.50
N THR C 425 -1.23 17.64 -84.02
CA THR C 425 -0.58 18.76 -83.34
C THR C 425 0.09 18.31 -82.05
N LYS C 426 -0.56 17.44 -81.28
CA LYS C 426 0.04 16.93 -80.05
C LYS C 426 1.34 16.19 -80.35
N LYS C 427 1.30 15.29 -81.33
CA LYS C 427 2.50 14.56 -81.72
C LYS C 427 3.62 15.52 -82.12
N LYS C 428 3.31 16.47 -83.00
CA LYS C 428 4.30 17.45 -83.43
C LYS C 428 4.90 18.17 -82.22
N GLU C 429 4.04 18.65 -81.32
CA GLU C 429 4.51 19.50 -80.23
C GLU C 429 5.41 18.75 -79.27
N THR C 430 5.10 17.48 -78.97
CA THR C 430 5.87 16.78 -77.96
C THR C 430 6.76 15.69 -78.53
N ALA C 431 6.20 14.69 -79.20
CA ALA C 431 7.00 13.51 -79.53
C ALA C 431 7.90 13.76 -80.72
N TRP C 432 7.35 14.38 -81.76
CA TRP C 432 8.16 14.71 -82.93
C TRP C 432 9.31 15.63 -82.56
N LYS C 433 9.04 16.64 -81.73
CA LYS C 433 10.09 17.57 -81.33
C LYS C 433 11.12 16.88 -80.43
N ASP C 434 10.68 16.00 -79.53
CA ASP C 434 11.63 15.29 -78.69
C ASP C 434 12.55 14.41 -79.54
N ILE C 435 11.99 13.72 -80.53
CA ILE C 435 12.83 12.94 -81.43
C ILE C 435 13.78 13.84 -82.20
N GLU C 436 13.29 15.00 -82.64
CA GLU C 436 14.15 15.95 -83.34
C GLU C 436 15.36 16.32 -82.49
N GLU C 437 15.10 16.71 -81.24
CA GLU C 437 16.18 17.15 -80.36
C GLU C 437 17.13 16.01 -80.04
N ILE C 438 16.59 14.80 -79.82
CA ILE C 438 17.45 13.66 -79.53
C ILE C 438 18.37 13.35 -80.70
N ILE C 439 17.83 13.38 -81.92
CA ILE C 439 18.66 13.12 -83.09
C ILE C 439 19.72 14.20 -83.26
N VAL C 440 19.35 15.46 -83.04
CA VAL C 440 20.33 16.53 -83.15
C VAL C 440 21.46 16.32 -82.14
N LEU C 441 21.11 16.03 -80.90
CA LEU C 441 22.12 15.82 -79.87
C LEU C 441 23.00 14.63 -80.20
N GLY C 442 22.40 13.53 -80.65
CA GLY C 442 23.18 12.35 -80.98
C GLY C 442 24.12 12.57 -82.16
N GLN C 443 23.64 13.26 -83.20
CA GLN C 443 24.48 13.52 -84.36
C GLN C 443 25.66 14.41 -84.00
N LYS C 444 25.41 15.48 -83.25
CA LYS C 444 26.54 16.33 -82.86
C LYS C 444 27.42 15.66 -81.80
N LYS C 445 26.91 14.69 -81.06
CA LYS C 445 27.75 13.93 -80.14
C LYS C 445 28.68 13.00 -80.91
N ILE C 446 28.16 12.33 -81.95
CA ILE C 446 29.01 11.57 -82.86
C ILE C 446 30.04 12.50 -83.48
N GLU C 447 29.63 13.73 -83.82
CA GLU C 447 30.57 14.71 -84.36
C GLU C 447 31.64 15.06 -83.33
N GLU C 448 31.26 15.19 -82.07
CA GLU C 448 32.22 15.46 -81.01
C GLU C 448 33.25 14.35 -80.93
N GLU C 449 32.77 13.10 -80.96
CA GLU C 449 33.68 11.96 -80.93
C GLU C 449 34.61 11.96 -82.14
N ASN C 450 34.07 12.24 -83.33
CA ASN C 450 34.90 12.27 -84.53
C ASN C 450 35.97 13.35 -84.45
N VAL C 451 35.62 14.53 -83.96
CA VAL C 451 36.58 15.62 -83.85
C VAL C 451 37.69 15.24 -82.86
N LYS C 452 37.32 14.68 -81.72
CA LYS C 452 38.35 14.29 -80.76
C LYS C 452 39.24 13.17 -81.31
N PHE C 453 38.64 12.22 -82.04
CA PHE C 453 39.42 11.17 -82.67
C PHE C 453 40.40 11.74 -83.69
N TYR C 454 39.95 12.72 -84.47
CA TYR C 454 40.82 13.38 -85.44
C TYR C 454 41.96 14.13 -84.75
N SER C 455 41.67 14.79 -83.64
CA SER C 455 42.72 15.49 -82.90
C SER C 455 43.75 14.51 -82.35
N ASN C 456 43.29 13.37 -81.82
CA ASN C 456 44.23 12.35 -81.35
C ASN C 456 45.07 11.80 -82.49
N LEU C 457 44.45 11.60 -83.66
CA LEU C 457 45.21 11.17 -84.83
C LEU C 457 46.25 12.22 -85.21
N ASN C 458 45.90 13.50 -85.14
CA ASN C 458 46.86 14.56 -85.43
C ASN C 458 48.03 14.51 -84.46
N VAL C 459 47.75 14.33 -83.17
CA VAL C 459 48.82 14.29 -82.19
C VAL C 459 49.74 13.10 -82.44
N ILE C 460 49.15 11.94 -82.72
CA ILE C 460 49.96 10.74 -82.98
C ILE C 460 50.80 10.94 -84.23
N LYS C 461 50.22 11.54 -85.27
CA LYS C 461 50.97 11.80 -86.49
C LYS C 461 52.14 12.74 -86.22
N ASN C 462 51.91 13.80 -85.45
CA ASN C 462 52.99 14.73 -85.14
C ASN C 462 54.09 14.05 -84.34
N LYS C 463 53.72 13.23 -83.36
CA LYS C 463 54.73 12.51 -82.58
C LYS C 463 55.53 11.55 -83.46
N GLU C 464 54.85 10.83 -84.35
CA GLU C 464 55.56 9.93 -85.26
C GLU C 464 56.49 10.70 -86.18
N GLU C 465 56.04 11.84 -86.69
CA GLU C 465 56.88 12.65 -87.56
C GLU C 465 58.13 13.13 -86.81
N ALA C 466 57.95 13.59 -85.57
CA ALA C 466 59.10 14.03 -84.78
C ALA C 466 60.07 12.89 -84.51
N ASN C 467 59.53 11.72 -84.16
CA ASN C 467 60.39 10.58 -83.88
C ASN C 467 61.17 10.16 -85.13
N TYR C 468 60.51 10.13 -86.28
CA TYR C 468 61.21 9.81 -87.53
C TYR C 468 62.28 10.85 -87.84
N ASN C 469 61.97 12.13 -87.64
CA ASN C 469 62.95 13.17 -87.92
C ASN C 469 64.17 13.02 -87.02
N SER C 470 63.94 12.69 -85.74
CA SER C 470 65.06 12.48 -84.83
C SER C 470 65.88 11.25 -85.24
N THR C 471 65.20 10.16 -85.62
CA THR C 471 65.89 8.90 -85.87
C THR C 471 66.63 8.87 -87.21
N GLN C 472 66.13 9.58 -88.22
CA GLN C 472 66.71 9.48 -89.55
C GLN C 472 68.15 9.98 -89.59
N GLN C 473 68.59 10.72 -88.59
CA GLN C 473 69.92 11.33 -88.59
C GLN C 473 70.98 10.45 -87.96
N GLN C 474 70.64 9.24 -87.51
CA GLN C 474 71.61 8.34 -86.90
C GLN C 474 71.84 7.06 -87.71
N GLN C 475 70.79 6.47 -88.28
CA GLN C 475 70.93 5.25 -89.06
C GLN C 475 70.39 5.47 -90.47
N LEU C 476 71.10 4.93 -91.45
CA LEU C 476 70.75 5.11 -92.86
C LEU C 476 70.83 3.80 -93.64
N GLU C 477 70.93 2.66 -92.95
CA GLU C 477 71.10 1.38 -93.62
C GLU C 477 70.58 0.28 -92.70
N GLU C 478 69.39 -0.24 -92.98
CA GLU C 478 68.84 -1.36 -92.21
C GLU C 478 67.99 -2.22 -93.17
N GLU C 479 68.63 -3.21 -93.76
CA GLU C 479 67.97 -4.25 -94.57
C GLU C 479 66.97 -3.68 -95.57
N ASN C 480 67.11 -2.41 -95.94
CA ASN C 480 66.20 -1.74 -96.87
C ASN C 480 64.76 -2.18 -96.62
N ASN C 481 64.32 -2.00 -95.37
CA ASN C 481 63.04 -2.54 -94.94
C ASN C 481 61.91 -1.99 -95.79
N GLU C 482 61.04 -2.88 -96.27
CA GLU C 482 59.88 -2.45 -97.05
C GLU C 482 58.93 -1.60 -96.21
N GLU C 483 58.54 -2.12 -95.04
CA GLU C 483 57.63 -1.36 -94.19
C GLU C 483 58.30 -0.13 -93.59
N ASP C 484 59.60 -0.23 -93.28
CA ASP C 484 60.34 0.94 -92.83
C ASP C 484 60.36 2.02 -93.92
N ASP C 485 60.58 1.63 -95.17
CA ASP C 485 60.56 2.58 -96.27
C ASP C 485 59.18 3.19 -96.44
N GLU C 486 58.12 2.37 -96.31
CA GLU C 486 56.77 2.90 -96.41
C GLU C 486 56.49 3.92 -95.32
N LYS C 487 56.90 3.61 -94.09
CA LYS C 487 56.71 4.56 -92.98
C LYS C 487 57.49 5.84 -93.24
N ALA C 488 58.72 5.72 -93.74
CA ALA C 488 59.52 6.90 -94.03
C ALA C 488 58.84 7.77 -95.09
N SER C 489 58.31 7.14 -96.14
CA SER C 489 57.63 7.90 -97.19
C SER C 489 56.37 8.57 -96.64
N LEU C 490 55.62 7.86 -95.79
CA LEU C 490 54.42 8.44 -95.21
C LEU C 490 54.75 9.62 -94.30
N LEU C 491 55.85 9.52 -93.55
CA LEU C 491 56.22 10.58 -92.63
C LEU C 491 56.84 11.78 -93.34
N GLU C 492 57.57 11.55 -94.43
CA GLU C 492 58.19 12.67 -95.13
C GLU C 492 57.14 13.62 -95.68
N ASN C 493 56.06 13.08 -96.27
CA ASN C 493 54.94 13.91 -96.74
C ASN C 493 53.96 14.11 -95.58
N LYS C 494 54.39 14.93 -94.61
CA LYS C 494 53.55 15.21 -93.46
C LYS C 494 52.27 15.93 -93.87
N GLU C 495 52.37 16.84 -94.83
CA GLU C 495 51.17 17.49 -95.35
C GLU C 495 50.25 16.47 -96.01
N GLN C 496 50.83 15.50 -96.73
CA GLN C 496 50.02 14.45 -97.34
C GLN C 496 49.26 13.65 -96.27
N LEU C 497 49.95 13.30 -95.18
CA LEU C 497 49.30 12.57 -94.10
C LEU C 497 48.20 13.41 -93.45
N ALA C 498 48.48 14.69 -93.22
CA ALA C 498 47.47 15.57 -92.62
C ALA C 498 46.24 15.65 -93.50
N GLN C 499 46.42 15.83 -94.81
CA GLN C 499 45.27 15.91 -95.71
C GLN C 499 44.53 14.58 -95.77
N MET C 500 45.25 13.46 -95.75
CA MET C 500 44.60 12.16 -95.77
C MET C 500 43.72 11.96 -94.54
N ILE C 501 44.25 12.30 -93.36
CA ILE C 501 43.46 12.12 -92.14
C ILE C 501 42.29 13.09 -92.11
N GLY C 502 42.49 14.32 -92.61
CA GLY C 502 41.38 15.25 -92.69
C GLY C 502 40.28 14.75 -93.61
N ASN C 503 40.65 14.21 -94.77
CA ASN C 503 39.66 13.62 -95.66
C ASN C 503 38.98 12.43 -95.00
N ILE C 504 39.74 11.64 -94.24
CA ILE C 504 39.15 10.51 -93.52
C ILE C 504 38.05 11.01 -92.58
N LYS C 505 38.38 12.02 -91.77
CA LYS C 505 37.41 12.51 -90.80
C LYS C 505 36.20 13.14 -91.50
N GLU C 506 36.43 13.92 -92.55
CA GLU C 506 35.30 14.54 -93.25
C GLU C 506 34.40 13.48 -93.87
N THR C 507 34.98 12.45 -94.47
CA THR C 507 34.18 11.37 -95.04
C THR C 507 33.41 10.63 -93.95
N LEU C 508 34.05 10.37 -92.81
CA LEU C 508 33.37 9.70 -91.72
C LEU C 508 32.19 10.53 -91.21
N ILE C 509 32.40 11.83 -91.02
CA ILE C 509 31.33 12.70 -90.55
C ILE C 509 30.22 12.79 -91.58
N ASP C 510 30.57 12.86 -92.86
CA ASP C 510 29.55 12.92 -93.91
C ASP C 510 28.72 11.65 -93.95
N SER C 511 29.37 10.48 -93.86
CA SER C 511 28.62 9.23 -93.86
C SER C 511 27.73 9.13 -92.63
N HIS C 512 28.25 9.51 -91.46
CA HIS C 512 27.45 9.47 -90.24
C HIS C 512 26.27 10.42 -90.33
N THR C 513 26.50 11.62 -90.86
CA THR C 513 25.43 12.60 -91.02
C THR C 513 24.37 12.12 -92.01
N LYS C 514 24.81 11.52 -93.12
CA LYS C 514 23.86 11.02 -94.10
C LYS C 514 23.03 9.88 -93.54
N ILE C 515 23.64 8.99 -92.75
CA ILE C 515 22.87 7.93 -92.11
C ILE C 515 21.91 8.51 -91.08
N ILE C 516 22.34 9.55 -90.36
CA ILE C 516 21.47 10.20 -89.38
C ILE C 516 20.25 10.80 -90.09
N LEU C 517 20.48 11.51 -91.19
CA LEU C 517 19.39 12.11 -91.93
C LEU C 517 18.52 11.05 -92.61
N SER C 518 19.11 9.92 -93.00
CA SER C 518 18.32 8.83 -93.54
C SER C 518 17.38 8.27 -92.49
N ALA C 519 17.86 8.12 -91.25
CA ALA C 519 16.97 7.71 -90.16
C ALA C 519 15.88 8.74 -89.92
N GLN C 520 16.23 10.02 -89.93
CA GLN C 520 15.24 11.08 -89.73
C GLN C 520 14.18 11.05 -90.82
N MET C 521 14.60 10.88 -92.07
CA MET C 521 13.65 10.80 -93.18
C MET C 521 12.81 9.52 -93.09
N GLU C 522 13.39 8.43 -92.59
CA GLU C 522 12.61 7.23 -92.35
C GLU C 522 11.50 7.49 -91.35
N LEU C 523 11.81 8.19 -90.26
CA LEU C 523 10.78 8.56 -89.29
C LEU C 523 9.73 9.45 -89.94
N GLN C 524 10.16 10.44 -90.71
CA GLN C 524 9.23 11.34 -91.37
C GLN C 524 8.26 10.57 -92.26
N LYS C 525 8.81 9.71 -93.13
CA LYS C 525 7.97 8.96 -94.06
C LYS C 525 7.06 7.98 -93.33
N ASP C 526 7.55 7.36 -92.25
CA ASP C 526 6.72 6.44 -91.49
C ASP C 526 5.51 7.16 -90.91
N LEU C 527 5.73 8.29 -90.23
CA LEU C 527 4.61 9.03 -89.66
C LEU C 527 3.67 9.54 -90.75
N ALA C 528 4.23 10.03 -91.86
CA ALA C 528 3.41 10.53 -92.94
C ALA C 528 2.53 9.44 -93.53
N GLU C 529 3.08 8.23 -93.70
CA GLU C 529 2.27 7.14 -94.23
C GLU C 529 1.19 6.73 -93.23
N TYR C 530 1.52 6.74 -91.94
CA TYR C 530 0.48 6.48 -90.93
C TYR C 530 -0.69 7.44 -91.10
N ALA C 531 -0.40 8.74 -91.12
CA ALA C 531 -1.47 9.73 -91.20
C ALA C 531 -2.22 9.62 -92.52
N LYS C 532 -1.49 9.42 -93.63
CA LYS C 532 -2.12 9.30 -94.94
C LYS C 532 -3.05 8.11 -95.02
N GLN C 533 -2.60 6.95 -94.51
CA GLN C 533 -3.46 5.77 -94.52
C GLN C 533 -4.71 6.00 -93.69
N GLN C 534 -4.56 6.59 -92.50
CA GLN C 534 -5.73 6.84 -91.66
C GLN C 534 -6.74 7.74 -92.38
N LYS C 535 -6.26 8.85 -92.93
CA LYS C 535 -7.17 9.77 -93.60
C LYS C 535 -7.81 9.14 -94.83
N ASN C 536 -7.02 8.47 -95.67
CA ASN C 536 -7.60 7.90 -96.87
C ASN C 536 -8.64 6.85 -96.51
N LYS C 537 -8.28 5.93 -95.59
CA LYS C 537 -9.23 4.93 -95.16
C LYS C 537 -10.51 5.57 -94.63
N MET C 538 -10.38 6.72 -93.93
CA MET C 538 -11.57 7.49 -93.56
C MET C 538 -12.35 7.90 -94.79
N TYR C 539 -11.64 8.26 -95.87
CA TYR C 539 -12.32 8.60 -97.11
C TYR C 539 -13.16 7.44 -97.63
N GLU C 540 -12.55 6.26 -97.74
CA GLU C 540 -13.34 5.12 -98.24
C GLU C 540 -14.48 4.77 -97.29
N ARG C 541 -14.26 4.88 -95.98
CA ARG C 541 -15.33 4.60 -95.03
C ARG C 541 -16.49 5.57 -95.20
N ASN C 542 -16.20 6.86 -95.37
CA ASN C 542 -17.24 7.85 -95.62
C ASN C 542 -18.00 7.52 -96.90
N ARG C 543 -17.25 7.19 -97.96
CA ARG C 543 -17.90 6.88 -99.24
C ARG C 543 -18.82 5.67 -99.08
N LYS C 544 -18.34 4.64 -98.38
CA LYS C 544 -19.10 3.42 -98.21
C LYS C 544 -20.36 3.67 -97.37
N ASN C 545 -20.25 4.43 -96.28
CA ASN C 545 -21.43 4.70 -95.47
C ASN C 545 -22.46 5.53 -96.23
N ILE C 546 -22.01 6.52 -97.00
CA ILE C 546 -22.95 7.32 -97.78
C ILE C 546 -23.63 6.46 -98.84
N SER C 547 -22.87 5.55 -99.46
CA SER C 547 -23.47 4.62 -100.42
C SER C 547 -24.53 3.76 -99.75
N GLN C 548 -24.24 3.27 -98.53
CA GLN C 548 -25.22 2.45 -97.82
C GLN C 548 -26.48 3.25 -97.51
N ILE C 549 -26.32 4.50 -97.08
CA ILE C 549 -27.46 5.34 -96.77
C ILE C 549 -28.30 5.58 -98.03
N ILE C 550 -27.63 5.87 -99.15
CA ILE C 550 -28.35 6.09 -100.40
C ILE C 550 -29.09 4.83 -100.83
N ALA C 551 -28.45 3.67 -100.69
CA ALA C 551 -29.11 2.42 -101.05
C ALA C 551 -30.34 2.18 -100.19
N GLN C 552 -30.23 2.43 -98.89
CA GLN C 552 -31.39 2.22 -98.00
C GLN C 552 -32.52 3.19 -98.33
N ILE C 553 -32.19 4.46 -98.60
CA ILE C 553 -33.24 5.41 -98.95
C ILE C 553 -33.91 5.03 -100.26
N ASP C 554 -33.12 4.57 -101.23
CA ASP C 554 -33.68 4.11 -102.50
C ASP C 554 -34.60 2.91 -102.30
N ALA C 555 -34.18 1.97 -101.45
CA ALA C 555 -35.03 0.81 -101.16
C ALA C 555 -36.32 1.23 -100.49
N TYR C 556 -36.24 2.15 -99.52
CA TYR C 556 -37.44 2.66 -98.88
C TYR C 556 -38.38 3.29 -99.89
N GLN C 557 -37.83 4.14 -100.77
CA GLN C 557 -38.67 4.83 -101.74
C GLN C 557 -39.30 3.85 -102.73
N THR C 558 -38.54 2.85 -103.18
CA THR C 558 -39.08 1.87 -104.11
C THR C 558 -40.19 1.04 -103.45
N GLU C 559 -40.00 0.64 -102.20
CA GLU C 559 -41.05 -0.11 -101.51
C GLU C 559 -42.30 0.74 -101.30
N ILE C 560 -42.12 2.00 -100.91
CA ILE C 560 -43.27 2.89 -100.75
C ILE C 560 -44.00 3.04 -102.08
N ASN C 561 -43.26 3.24 -103.17
CA ASN C 561 -43.89 3.37 -104.48
C ASN C 561 -44.62 2.09 -104.87
N GLU C 562 -44.03 0.92 -104.58
CA GLU C 562 -44.73 -0.33 -104.86
C GLU C 562 -46.05 -0.40 -104.12
N LYS C 563 -46.05 -0.09 -102.82
CA LYS C 563 -47.28 -0.11 -102.05
C LYS C 563 -48.32 0.84 -102.64
N LEU C 564 -47.91 2.08 -102.90
CA LEU C 564 -48.84 3.07 -103.43
C LEU C 564 -49.38 2.66 -104.79
N LYS C 565 -48.51 2.15 -105.67
CA LYS C 565 -48.94 1.82 -107.02
C LYS C 565 -49.89 0.61 -107.02
N GLN C 566 -49.64 -0.37 -106.15
CA GLN C 566 -50.59 -1.48 -106.07
C GLN C 566 -51.92 -1.01 -105.48
N GLY C 567 -51.87 -0.17 -104.44
CA GLY C 567 -53.10 0.37 -103.91
C GLY C 567 -53.89 1.15 -104.94
N ASP C 568 -53.21 1.88 -105.81
CA ASP C 568 -53.86 2.65 -106.86
C ASP C 568 -54.36 1.77 -108.01
N ASP C 569 -53.58 0.78 -108.42
CA ASP C 569 -54.01 -0.16 -109.45
C ASP C 569 -55.23 -0.95 -109.01
N GLU C 570 -55.38 -1.16 -107.70
CA GLU C 570 -56.61 -1.76 -107.20
C GLU C 570 -57.84 -0.94 -107.56
N SER C 571 -57.66 0.23 -108.18
CA SER C 571 -58.76 1.09 -108.59
C SER C 571 -59.02 1.03 -110.10
N ASP C 572 -58.59 -0.04 -110.77
CA ASP C 572 -58.75 -0.14 -112.22
C ASP C 572 -59.60 -1.34 -112.65
N HIS C 573 -60.05 -2.18 -111.71
CA HIS C 573 -61.06 -3.19 -112.03
C HIS C 573 -62.49 -2.70 -111.83
N GLU C 574 -62.67 -1.59 -111.11
CA GLU C 574 -63.99 -1.12 -110.71
C GLU C 574 -64.57 -0.10 -111.68
N ASN C 575 -64.21 -0.22 -112.96
CA ASN C 575 -64.80 0.62 -113.99
C ASN C 575 -64.76 -0.09 -115.34
N MET D 1 65.33 -76.52 142.08
CA MET D 1 65.90 -76.99 140.82
C MET D 1 67.43 -76.99 140.89
N SER D 2 67.99 -75.85 141.27
CA SER D 2 69.43 -75.68 141.39
C SER D 2 69.76 -75.05 142.73
N LYS D 3 70.95 -75.38 143.25
CA LYS D 3 71.39 -74.90 144.56
C LYS D 3 72.89 -74.69 144.55
N ALA D 4 73.38 -73.81 145.42
CA ALA D 4 72.60 -72.78 146.12
C ALA D 4 73.41 -71.50 146.31
N ALA D 5 74.58 -71.43 145.65
CA ALA D 5 75.55 -70.37 145.91
C ALA D 5 75.83 -69.53 144.67
N LYS D 6 74.81 -69.21 143.88
CA LYS D 6 75.01 -68.32 142.75
C LYS D 6 75.38 -66.92 143.22
N ALA D 7 74.73 -66.44 144.29
CA ALA D 7 75.03 -65.11 144.81
C ALA D 7 76.44 -65.09 145.41
N LYS D 8 77.10 -63.95 145.28
CA LYS D 8 78.45 -63.74 145.79
C LYS D 8 78.48 -62.51 146.69
N LYS D 9 79.66 -62.17 147.19
CA LYS D 9 79.85 -61.08 148.14
C LYS D 9 80.57 -59.88 147.50
N ASN D 10 80.31 -59.60 146.23
CA ASN D 10 80.94 -58.48 145.57
C ASN D 10 80.59 -57.17 146.26
N VAL D 11 81.58 -56.29 146.39
CA VAL D 11 81.41 -55.00 147.06
C VAL D 11 81.61 -53.90 146.02
N PRO D 12 80.80 -52.84 146.03
CA PRO D 12 80.95 -51.77 145.03
C PRO D 12 82.07 -50.81 145.42
N VAL D 13 82.22 -49.77 144.60
CA VAL D 13 83.26 -48.76 144.81
C VAL D 13 82.89 -47.90 146.01
N VAL D 14 83.85 -47.14 146.52
CA VAL D 14 83.64 -46.31 147.71
C VAL D 14 83.64 -44.85 147.30
N SER D 15 83.21 -44.57 146.08
CA SER D 15 83.12 -43.19 145.59
C SER D 15 82.04 -42.46 146.37
N LYS D 16 82.45 -41.47 147.16
CA LYS D 16 81.55 -40.72 148.03
C LYS D 16 81.66 -39.22 147.78
N LEU D 17 81.71 -38.83 146.50
CA LEU D 17 81.86 -37.43 146.11
C LEU D 17 80.52 -36.74 145.88
N GLU D 18 79.44 -37.24 146.47
CA GLU D 18 78.13 -36.60 146.32
C GLU D 18 78.01 -35.31 147.10
N ALA D 19 78.94 -35.03 148.01
CA ALA D 19 78.94 -33.80 148.81
C ALA D 19 79.93 -32.78 148.26
N ASP D 20 80.04 -32.69 146.93
CA ASP D 20 81.06 -31.86 146.30
C ASP D 20 81.06 -30.44 146.86
N ALA D 21 79.94 -29.73 146.72
CA ALA D 21 79.90 -28.32 147.06
C ALA D 21 78.61 -27.94 147.78
N ARG D 22 77.99 -28.88 148.51
CA ARG D 22 76.81 -28.54 149.29
C ARG D 22 77.15 -27.54 150.40
N LYS D 23 78.27 -27.77 151.08
CA LYS D 23 78.69 -26.86 152.15
C LYS D 23 79.46 -25.65 151.61
N ALA D 24 79.95 -25.73 150.37
CA ALA D 24 80.76 -24.65 149.81
C ALA D 24 79.96 -23.37 149.57
N ALA D 25 78.63 -23.44 149.63
CA ALA D 25 77.82 -22.24 149.42
C ALA D 25 78.21 -21.16 150.41
N GLU D 26 78.37 -19.94 149.91
CA GLU D 26 78.76 -18.82 150.77
C GLU D 26 77.73 -18.60 151.87
N GLY D 27 78.22 -18.34 153.08
CA GLY D 27 77.35 -18.15 154.22
C GLY D 27 76.89 -16.71 154.39
N VAL D 28 76.23 -16.16 153.39
CA VAL D 28 75.68 -14.82 153.44
C VAL D 28 74.19 -14.92 153.72
N ASN D 29 73.76 -14.39 154.86
CA ASN D 29 72.35 -14.43 155.22
C ASN D 29 71.55 -13.48 154.33
N ASP D 30 70.23 -13.51 154.50
CA ASP D 30 69.32 -12.70 153.69
C ASP D 30 69.40 -11.25 154.17
N ASN D 31 70.42 -10.54 153.67
CA ASN D 31 70.60 -9.13 153.95
C ASN D 31 69.88 -8.34 152.87
N GLU D 32 68.69 -7.84 153.19
CA GLU D 32 67.85 -7.16 152.22
C GLU D 32 68.38 -5.76 151.97
N SER D 33 68.92 -5.54 150.77
CA SER D 33 69.50 -4.24 150.44
C SER D 33 68.40 -3.21 150.22
N GLU D 34 68.66 -1.97 150.63
CA GLU D 34 67.67 -0.90 150.50
C GLU D 34 67.58 -0.39 149.07
N GLU D 35 68.71 -0.31 148.36
CA GLU D 35 68.70 0.24 147.00
C GLU D 35 67.82 -0.61 146.08
N PHE D 36 67.92 -1.93 146.18
CA PHE D 36 67.06 -2.80 145.39
C PHE D 36 65.60 -2.47 145.61
N LYS D 37 65.24 -2.09 146.84
CA LYS D 37 63.83 -1.93 147.19
C LYS D 37 63.25 -0.65 146.58
N LYS D 38 63.99 0.46 146.62
CA LYS D 38 63.53 1.66 145.92
C LYS D 38 63.54 1.45 144.42
N ALA D 39 64.54 0.72 143.91
CA ALA D 39 64.57 0.44 142.47
C ALA D 39 63.32 -0.31 142.04
N MET D 40 62.94 -1.33 142.81
CA MET D 40 61.75 -2.10 142.45
C MET D 40 60.48 -1.29 142.68
N ARG D 41 60.47 -0.38 143.65
CA ARG D 41 59.36 0.57 143.76
C ARG D 41 59.17 1.31 142.43
N LYS D 42 60.26 1.89 141.92
CA LYS D 42 60.19 2.60 140.66
C LYS D 42 59.70 1.70 139.53
N GLU D 43 60.27 0.50 139.43
CA GLU D 43 59.92 -0.39 138.33
C GLU D 43 58.45 -0.81 138.41
N ALA D 44 57.97 -1.12 139.61
CA ALA D 44 56.58 -1.53 139.79
C ALA D 44 55.63 -0.41 139.44
N ARG D 45 55.94 0.82 139.85
CA ARG D 45 55.10 1.94 139.47
C ARG D 45 55.08 2.13 137.96
N ALA D 46 56.24 1.97 137.31
CA ALA D 46 56.29 2.06 135.85
C ALA D 46 55.37 1.03 135.21
N LEU D 47 55.43 -0.22 135.67
CA LEU D 47 54.58 -1.25 135.08
C LEU D 47 53.11 -1.06 135.43
N VAL D 48 52.81 -0.41 136.56
CA VAL D 48 51.42 -0.09 136.87
C VAL D 48 50.89 0.93 135.87
N GLU D 49 51.69 1.95 135.56
CA GLU D 49 51.31 2.88 134.51
C GLU D 49 51.12 2.15 133.18
N GLN D 50 52.03 1.21 132.88
CA GLN D 50 51.90 0.42 131.67
C GLN D 50 50.57 -0.31 131.64
N PHE D 51 50.19 -0.96 132.75
CA PHE D 51 48.87 -1.56 132.87
C PHE D 51 47.78 -0.55 132.55
N ASN D 52 47.96 0.69 133.01
CA ASN D 52 46.94 1.72 132.76
C ASN D 52 46.74 1.94 131.27
N GLU D 53 47.82 2.20 130.52
CA GLU D 53 47.58 2.47 129.10
C GLU D 53 47.22 1.18 128.36
N GLU D 54 47.59 0.02 128.89
CA GLU D 54 47.12 -1.24 128.32
C GLU D 54 45.59 -1.32 128.38
N LYS D 55 45.02 -1.01 129.54
CA LYS D 55 43.57 -1.00 129.66
C LYS D 55 42.95 0.01 128.70
N LYS D 56 43.54 1.21 128.63
CA LYS D 56 42.98 2.24 127.74
C LYS D 56 43.00 1.77 126.29
N LEU D 57 44.10 1.16 125.84
CA LEU D 57 44.18 0.68 124.47
C LEU D 57 43.16 -0.43 124.23
N LEU D 58 42.99 -1.34 125.19
CA LEU D 58 41.98 -2.38 125.05
C LEU D 58 40.61 -1.75 124.82
N ALA D 59 40.25 -0.78 125.66
CA ALA D 59 38.93 -0.16 125.54
C ALA D 59 38.77 0.48 124.17
N PHE D 60 39.76 1.28 123.74
CA PHE D 60 39.65 1.97 122.47
C PHE D 60 39.53 0.99 121.31
N TYR D 61 40.36 -0.05 121.32
CA TYR D 61 40.31 -1.04 120.25
C TYR D 61 38.94 -1.71 120.21
N GLN D 62 38.38 -2.02 121.38
CA GLN D 62 37.05 -2.62 121.42
C GLN D 62 36.02 -1.69 120.78
N GLN D 63 36.03 -0.42 121.17
CA GLN D 63 35.02 0.50 120.64
C GLN D 63 35.17 0.68 119.13
N GLU D 64 36.41 0.81 118.66
CA GLU D 64 36.62 1.05 117.23
C GLU D 64 36.31 -0.22 116.43
N ARG D 65 36.55 -1.40 117.02
CA ARG D 65 36.15 -2.64 116.39
C ARG D 65 34.64 -2.74 116.25
N GLN D 66 33.90 -2.35 117.29
CA GLN D 66 32.44 -2.35 117.18
C GLN D 66 31.99 -1.38 116.09
N LYS D 67 32.63 -0.20 116.04
CA LYS D 67 32.30 0.77 115.00
C LYS D 67 32.47 0.17 113.60
N ILE D 68 33.64 -0.42 113.32
CA ILE D 68 33.83 -0.97 111.98
C ILE D 68 32.93 -2.19 111.77
N ASN D 69 32.53 -2.90 112.82
CA ASN D 69 31.56 -4.00 112.63
C ASN D 69 30.24 -3.45 112.10
N TYR D 70 29.76 -2.37 112.71
CA TYR D 70 28.53 -1.74 112.22
C TYR D 70 28.72 -1.25 110.78
N ASN D 71 29.87 -0.64 110.50
CA ASN D 71 30.14 -0.16 109.14
C ASN D 71 30.13 -1.30 108.14
N TRP D 72 30.72 -2.45 108.50
CA TRP D 72 30.77 -3.59 107.60
C TRP D 72 29.37 -4.17 107.39
N ILE D 73 28.53 -4.15 108.42
CA ILE D 73 27.14 -4.59 108.24
C ILE D 73 26.43 -3.69 107.22
N ILE D 74 26.60 -2.37 107.37
CA ILE D 74 25.97 -1.45 106.41
C ILE D 74 26.49 -1.72 105.00
N ALA D 75 27.80 -1.93 104.88
CA ALA D 75 28.39 -2.17 103.57
C ALA D 75 27.84 -3.45 102.95
N LYS D 76 27.68 -4.50 103.74
CA LYS D 76 27.12 -5.74 103.21
C LYS D 76 25.68 -5.54 102.74
N LYS D 77 24.90 -4.78 103.51
CA LYS D 77 23.52 -4.49 103.08
C LYS D 77 23.51 -3.75 101.75
N GLU D 78 24.35 -2.72 101.62
CA GLU D 78 24.39 -1.96 100.38
C GLU D 78 24.86 -2.84 99.22
N LEU D 79 25.82 -3.72 99.48
CA LEU D 79 26.32 -4.61 98.43
C LEU D 79 25.22 -5.57 97.95
N GLU D 80 24.45 -6.13 98.88
CA GLU D 80 23.34 -6.99 98.49
C GLU D 80 22.31 -6.22 97.67
N ASP D 81 21.98 -5.01 98.11
CA ASP D 81 21.00 -4.21 97.36
C ASP D 81 21.51 -3.91 95.95
N LYS D 82 22.79 -3.56 95.83
CA LYS D 82 23.33 -3.23 94.51
C LYS D 82 23.46 -4.47 93.64
N LYS D 83 23.74 -5.64 94.21
CA LYS D 83 23.74 -6.87 93.43
C LYS D 83 22.35 -7.19 92.90
N SER D 84 21.33 -7.01 93.74
CA SER D 84 19.96 -7.17 93.26
C SER D 84 19.65 -6.18 92.15
N GLU D 85 20.13 -4.94 92.30
CA GLU D 85 19.94 -3.95 91.26
C GLU D 85 20.61 -4.36 89.96
N LEU D 86 21.81 -4.95 90.05
CA LEU D 86 22.50 -5.43 88.86
C LEU D 86 21.73 -6.56 88.20
N ILE D 87 21.17 -7.47 88.99
CA ILE D 87 20.37 -8.55 88.42
C ILE D 87 19.16 -7.97 87.69
N ASN D 88 18.50 -6.98 88.29
CA ASN D 88 17.35 -6.37 87.64
C ASN D 88 17.77 -5.61 86.39
N LYS D 89 18.96 -5.01 86.40
CA LYS D 89 19.48 -4.34 85.20
C LYS D 89 19.72 -5.34 84.08
N GLU D 90 20.29 -6.50 84.41
CA GLU D 90 20.48 -7.54 83.42
C GLU D 90 19.14 -8.01 82.86
N ARG D 91 18.14 -8.16 83.73
CA ARG D 91 16.81 -8.53 83.26
C ARG D 91 16.22 -7.47 82.33
N GLU D 92 16.42 -6.20 82.67
CA GLU D 92 15.96 -5.12 81.80
C GLU D 92 16.65 -5.19 80.44
N ILE D 93 17.95 -5.47 80.43
CA ILE D 93 18.68 -5.57 79.16
C ILE D 93 18.12 -6.71 78.32
N GLN D 94 17.87 -7.87 78.95
CA GLN D 94 17.30 -8.99 78.21
C GLN D 94 15.91 -8.66 77.69
N ASP D 95 15.10 -7.96 78.48
CA ASP D 95 13.78 -7.55 78.03
C ASP D 95 13.86 -6.61 76.84
N LEU D 96 14.79 -5.64 76.89
CA LEU D 96 14.99 -4.75 75.75
C LEU D 96 15.39 -5.53 74.51
N GLN D 97 16.28 -6.52 74.67
CA GLN D 97 16.69 -7.33 73.53
C GLN D 97 15.52 -8.11 72.95
N GLU D 98 14.68 -8.71 73.81
CA GLU D 98 13.56 -9.50 73.32
C GLU D 98 12.56 -8.63 72.58
N ASN D 99 12.22 -7.47 73.14
CA ASN D 99 11.31 -6.56 72.46
C ASN D 99 11.93 -6.02 71.17
N HIS D 100 13.26 -5.82 71.16
CA HIS D 100 13.94 -5.41 69.94
C HIS D 100 13.77 -6.46 68.85
N PHE D 101 13.96 -7.73 69.18
CA PHE D 101 13.79 -8.78 68.17
C PHE D 101 12.34 -8.84 67.70
N MET D 102 11.38 -8.70 68.63
CA MET D 102 9.99 -8.73 68.24
C MET D 102 9.64 -7.58 67.31
N THR D 103 10.15 -6.38 67.59
CA THR D 103 9.87 -5.23 66.73
C THR D 103 10.54 -5.40 65.37
N LEU D 104 11.75 -5.96 65.35
CA LEU D 104 12.40 -6.25 64.07
C LEU D 104 11.57 -7.23 63.26
N ASN D 105 11.04 -8.27 63.89
CA ASN D 105 10.18 -9.21 63.18
C ASN D 105 8.92 -8.51 62.68
N VAL D 106 8.35 -7.62 63.50
CA VAL D 106 7.15 -6.89 63.11
C VAL D 106 7.41 -6.09 61.84
N TYR D 107 8.52 -5.34 61.82
CA TYR D 107 8.80 -4.50 60.67
C TYR D 107 9.22 -5.33 59.45
N LYS D 108 9.91 -6.45 59.67
CA LYS D 108 10.25 -7.33 58.56
C LYS D 108 9.00 -7.91 57.92
N GLN D 109 8.04 -8.33 58.75
CA GLN D 109 6.79 -8.83 58.17
C GLN D 109 5.98 -7.71 57.55
N LYS D 110 6.11 -6.48 58.06
CA LYS D 110 5.44 -5.35 57.42
C LYS D 110 6.08 -5.03 56.08
N ILE D 111 7.35 -5.40 55.90
CA ILE D 111 7.98 -5.28 54.58
C ILE D 111 7.54 -6.43 53.69
N LYS D 112 7.32 -7.62 54.26
CA LYS D 112 6.57 -8.67 53.57
C LYS D 112 5.11 -8.27 53.36
N HIS D 113 4.73 -7.13 53.91
CA HIS D 113 3.47 -6.41 53.71
C HIS D 113 3.91 -5.16 52.97
N LEU D 114 3.24 -4.02 53.08
CA LEU D 114 2.96 -3.11 51.96
C LEU D 114 3.66 -3.46 50.65
N LEU D 115 4.82 -4.11 50.68
CA LEU D 115 5.22 -4.91 49.53
C LEU D 115 4.00 -5.67 48.99
N PHE D 116 3.02 -5.99 49.84
CA PHE D 116 1.76 -6.51 49.32
C PHE D 116 1.07 -5.48 48.43
N GLN D 117 1.13 -4.20 48.82
CA GLN D 117 0.63 -3.14 47.93
C GLN D 117 1.37 -3.17 46.60
N ASN D 118 2.69 -3.37 46.66
CA ASN D 118 3.47 -3.47 45.43
C ASN D 118 3.00 -4.64 44.59
N GLN D 119 2.73 -5.79 45.22
CA GLN D 119 2.27 -6.96 44.49
C GLN D 119 0.92 -6.68 43.83
N ASP D 120 -0.02 -6.12 44.59
CA ASP D 120 -1.35 -5.85 44.06
C ASP D 120 -1.30 -4.88 42.89
N GLN D 121 -0.49 -3.83 43.01
CA GLN D 121 -0.44 -2.82 41.95
C GLN D 121 0.37 -3.31 40.75
N GLN D 122 1.41 -4.12 40.97
CA GLN D 122 2.11 -4.75 39.85
C GLN D 122 1.19 -5.69 39.09
N SER D 123 0.40 -6.49 39.81
CA SER D 123 -0.58 -7.35 39.17
C SER D 123 -1.61 -6.53 38.42
N GLU D 124 -2.04 -5.41 39.02
CA GLU D 124 -2.96 -4.51 38.34
C GLU D 124 -2.40 -4.04 37.01
N LEU D 125 -1.14 -3.57 37.02
CA LEU D 125 -0.53 -3.07 35.79
C LEU D 125 -0.33 -4.18 34.76
N LYS D 126 0.08 -5.37 35.22
CA LYS D 126 0.24 -6.49 34.31
C LYS D 126 -1.09 -6.86 33.64
N LYS D 127 -2.16 -6.94 34.43
CA LYS D 127 -3.45 -7.30 33.86
C LYS D 127 -3.99 -6.19 32.97
N ASP D 128 -3.76 -4.93 33.33
CA ASP D 128 -4.17 -3.84 32.45
C ASP D 128 -3.45 -3.89 31.11
N VAL D 129 -2.13 -4.12 31.15
CA VAL D 129 -1.36 -4.22 29.90
C VAL D 129 -1.84 -5.41 29.08
N GLU D 130 -2.08 -6.55 29.74
CA GLU D 130 -2.54 -7.73 29.01
C GLU D 130 -3.91 -7.49 28.39
N VAL D 131 -4.83 -6.85 29.11
CA VAL D 131 -6.18 -6.66 28.58
C VAL D 131 -6.17 -5.63 27.46
N THR D 132 -5.39 -4.56 27.59
CA THR D 132 -5.31 -3.61 26.49
C THR D 132 -4.65 -4.25 25.27
N LEU D 133 -3.65 -5.10 25.50
CA LEU D 133 -3.07 -5.87 24.40
C LEU D 133 -4.12 -6.75 23.73
N LYS D 134 -4.94 -7.42 24.53
CA LYS D 134 -5.97 -8.30 23.98
C LYS D 134 -6.99 -7.49 23.18
N GLN D 135 -7.39 -6.33 23.70
CA GLN D 135 -8.33 -5.47 22.98
C GLN D 135 -7.75 -5.03 21.64
N LEU D 136 -6.50 -4.53 21.66
CA LEU D 136 -5.90 -4.05 20.43
C LEU D 136 -5.71 -5.18 19.44
N GLU D 137 -5.33 -6.37 19.92
CA GLU D 137 -5.14 -7.51 19.03
C GLU D 137 -6.46 -7.98 18.45
N ASP D 138 -7.53 -7.95 19.25
CA ASP D 138 -8.85 -8.31 18.73
C ASP D 138 -9.29 -7.33 17.65
N GLN D 139 -9.06 -6.03 17.88
CA GLN D 139 -9.37 -5.04 16.86
C GLN D 139 -8.54 -5.28 15.60
N HIS D 140 -7.26 -5.60 15.78
CA HIS D 140 -6.41 -5.91 14.63
C HIS D 140 -6.95 -7.10 13.86
N ARG D 141 -7.36 -8.15 14.57
CA ARG D 141 -7.85 -9.35 13.91
C ARG D 141 -9.15 -9.07 13.16
N ILE D 142 -10.04 -8.27 13.77
CA ILE D 142 -11.30 -7.92 13.11
C ILE D 142 -11.01 -7.16 11.82
N LYS D 143 -10.18 -6.12 11.91
CA LYS D 143 -9.85 -5.36 10.71
C LYS D 143 -9.14 -6.23 9.68
N SER D 144 -8.30 -7.14 10.14
CA SER D 144 -7.59 -8.04 9.22
C SER D 144 -8.57 -8.92 8.47
N ARG D 145 -9.57 -9.46 9.16
CA ARG D 145 -10.51 -10.34 8.47
C ARG D 145 -11.40 -9.53 7.53
N GLU D 146 -11.79 -8.31 7.90
CA GLU D 146 -12.57 -7.49 6.98
C GLU D 146 -11.77 -7.13 5.73
N LEU D 147 -10.52 -6.72 5.92
CA LEU D 147 -9.67 -6.40 4.78
C LEU D 147 -9.40 -7.63 3.92
N LYS D 148 -9.21 -8.80 4.52
CA LYS D 148 -9.02 -10.01 3.74
C LYS D 148 -10.29 -10.40 3.00
N THR D 149 -11.46 -10.15 3.59
CA THR D 149 -12.71 -10.40 2.89
C THR D 149 -12.81 -9.50 1.65
N ASP D 150 -12.47 -8.22 1.79
CA ASP D 150 -12.50 -7.33 0.63
C ASP D 150 -11.49 -7.77 -0.42
N VAL D 151 -10.29 -8.16 0.01
CA VAL D 151 -9.26 -8.62 -0.92
C VAL D 151 -9.74 -9.86 -1.66
N ARG D 152 -10.33 -10.81 -0.94
CA ARG D 152 -10.81 -12.03 -1.56
C ARG D 152 -11.95 -11.75 -2.53
N SER D 153 -12.88 -10.88 -2.15
CA SER D 153 -13.99 -10.55 -3.03
C SER D 153 -13.51 -9.88 -4.31
N LEU D 154 -12.51 -9.00 -4.22
CA LEU D 154 -11.97 -8.37 -5.41
C LEU D 154 -11.06 -9.30 -6.21
N LYS D 155 -10.38 -10.24 -5.56
CA LYS D 155 -9.61 -11.24 -6.28
C LYS D 155 -10.53 -12.17 -7.06
N VAL D 156 -11.70 -12.48 -6.51
CA VAL D 156 -12.67 -13.27 -7.24
C VAL D 156 -13.09 -12.53 -8.51
N THR D 157 -13.36 -11.23 -8.39
CA THR D 157 -13.73 -10.45 -9.58
C THR D 157 -12.59 -10.37 -10.58
N LYS D 158 -11.37 -10.18 -10.09
CA LYS D 158 -10.21 -10.10 -11.00
C LYS D 158 -10.01 -11.42 -11.73
N LYS D 159 -10.11 -12.54 -11.02
CA LYS D 159 -9.97 -13.84 -11.67
C LYS D 159 -11.14 -14.13 -12.59
N GLU D 160 -12.33 -13.62 -12.27
CA GLU D 160 -13.46 -13.74 -13.19
C GLU D 160 -13.19 -12.97 -14.47
N GLN D 161 -12.62 -11.77 -14.37
CA GLN D 161 -12.26 -11.03 -15.57
C GLN D 161 -11.15 -11.75 -16.34
N GLU D 162 -10.21 -12.35 -15.63
CA GLU D 162 -9.17 -13.12 -16.32
C GLU D 162 -9.77 -14.29 -17.08
N ILE D 163 -10.70 -15.03 -16.45
CA ILE D 163 -11.35 -16.16 -17.10
C ILE D 163 -12.17 -15.68 -18.28
N SER D 164 -12.90 -14.57 -18.12
CA SER D 164 -13.72 -14.06 -19.21
C SER D 164 -12.86 -13.60 -20.38
N GLN D 165 -11.72 -12.97 -20.09
CA GLN D 165 -10.81 -12.57 -21.16
C GLN D 165 -10.22 -13.78 -21.86
N GLN D 166 -9.86 -14.80 -21.09
CA GLN D 166 -9.37 -16.04 -21.69
C GLN D 166 -10.42 -16.66 -22.61
N ASP D 167 -11.67 -16.70 -22.14
CA ASP D 167 -12.75 -17.26 -22.94
C ASP D 167 -13.01 -16.43 -24.18
N TYR D 168 -12.99 -15.10 -24.06
CA TYR D 168 -13.20 -14.24 -25.22
C TYR D 168 -12.07 -14.40 -26.23
N LEU D 169 -10.83 -14.49 -25.74
CA LEU D 169 -9.70 -14.70 -26.63
C LEU D 169 -9.81 -16.03 -27.35
N PHE D 170 -10.20 -17.08 -26.64
CA PHE D 170 -10.35 -18.37 -27.31
C PHE D 170 -11.55 -18.40 -28.24
N ALA D 171 -12.60 -17.67 -27.93
CA ALA D 171 -13.72 -17.56 -28.88
C ALA D 171 -13.29 -16.83 -30.14
N LEU D 172 -12.48 -15.78 -29.99
CA LEU D 172 -11.93 -15.10 -31.16
C LEU D 172 -11.04 -16.03 -31.97
N LYS D 173 -10.20 -16.81 -31.29
CA LYS D 173 -9.33 -17.74 -31.99
C LYS D 173 -10.14 -18.84 -32.68
N SER D 174 -11.19 -19.32 -32.03
CA SER D 174 -12.04 -20.35 -32.61
C SER D 174 -12.83 -19.84 -33.80
N GLU D 175 -13.34 -18.61 -33.71
CA GLU D 175 -14.05 -18.05 -34.85
C GLU D 175 -13.09 -17.75 -35.98
N HIS D 176 -11.83 -17.43 -35.66
CA HIS D 176 -10.81 -17.33 -36.71
C HIS D 176 -10.55 -18.69 -37.34
N ASP D 177 -10.54 -19.75 -36.53
CA ASP D 177 -10.41 -21.10 -37.07
C ASP D 177 -11.52 -21.39 -38.05
N LYS D 178 -12.77 -21.09 -37.65
CA LYS D 178 -13.91 -21.33 -38.51
C LYS D 178 -13.83 -20.47 -39.78
N GLN D 179 -13.41 -19.21 -39.64
CA GLN D 179 -13.27 -18.33 -40.78
C GLN D 179 -12.28 -18.90 -41.79
N MET D 180 -11.08 -19.26 -41.31
CA MET D 180 -10.07 -19.82 -42.20
C MET D 180 -10.56 -21.10 -42.85
N THR D 181 -11.13 -22.01 -42.06
CA THR D 181 -11.62 -23.27 -42.61
C THR D 181 -12.61 -23.01 -43.74
N LEU D 182 -13.62 -22.19 -43.47
CA LEU D 182 -14.66 -21.96 -44.46
C LEU D 182 -14.14 -21.25 -45.70
N MET D 183 -13.28 -20.23 -45.53
CA MET D 183 -12.82 -19.48 -46.71
C MET D 183 -11.88 -20.33 -47.55
N ARG D 184 -11.02 -21.12 -46.91
CA ARG D 184 -10.15 -22.02 -47.66
C ARG D 184 -10.98 -23.08 -48.38
N GLN D 185 -12.01 -23.61 -47.72
CA GLN D 185 -12.89 -24.56 -48.40
C GLN D 185 -13.57 -23.92 -49.59
N ASP D 186 -13.97 -22.65 -49.46
CA ASP D 186 -14.67 -21.98 -50.56
C ASP D 186 -13.73 -21.67 -51.72
N TYR D 187 -12.49 -21.26 -51.43
CA TYR D 187 -11.53 -21.09 -52.52
C TYR D 187 -11.18 -22.41 -53.19
N GLU D 188 -11.07 -23.49 -52.43
CA GLU D 188 -10.84 -24.79 -53.07
C GLU D 188 -12.05 -25.25 -53.86
N ARG D 189 -13.26 -24.94 -53.40
CA ARG D 189 -14.46 -25.21 -54.18
C ARG D 189 -14.46 -24.41 -55.46
N GLN D 190 -14.02 -23.15 -55.41
CA GLN D 190 -13.88 -22.35 -56.61
C GLN D 190 -12.85 -22.93 -57.56
N VAL D 191 -11.71 -23.39 -57.03
CA VAL D 191 -10.70 -24.03 -57.86
C VAL D 191 -11.29 -25.25 -58.55
N ASN D 192 -12.04 -26.06 -57.79
CA ASN D 192 -12.70 -27.22 -58.37
C ASN D 192 -13.74 -26.84 -59.41
N ASP D 193 -14.52 -25.78 -59.16
CA ASP D 193 -15.51 -25.33 -60.12
C ASP D 193 -14.85 -24.91 -61.41
N ILE D 194 -13.77 -24.14 -61.31
CA ILE D 194 -13.01 -23.74 -62.50
C ILE D 194 -12.46 -24.97 -63.21
N LYS D 195 -11.91 -25.91 -62.43
CA LYS D 195 -11.36 -27.13 -63.02
C LYS D 195 -12.41 -27.89 -63.79
N ARG D 196 -13.61 -28.02 -63.23
CA ARG D 196 -14.65 -28.81 -63.88
C ARG D 196 -15.25 -28.09 -65.08
N LYS D 197 -15.43 -26.77 -65.00
CA LYS D 197 -15.88 -26.03 -66.17
C LYS D 197 -14.90 -26.18 -67.31
N TYR D 198 -13.60 -26.09 -67.01
CA TYR D 198 -12.60 -26.31 -68.03
C TYR D 198 -12.61 -27.76 -68.51
N ASP D 199 -12.84 -28.71 -67.59
CA ASP D 199 -12.96 -30.11 -67.98
C ASP D 199 -14.06 -30.28 -69.00
N LEU D 200 -15.23 -29.72 -68.72
CA LEU D 200 -16.37 -29.84 -69.60
C LEU D 200 -16.16 -29.18 -70.94
N LYS D 201 -15.59 -27.97 -70.96
CA LYS D 201 -15.31 -27.32 -72.24
C LYS D 201 -14.33 -28.14 -73.08
N MET D 202 -13.21 -28.55 -72.47
CA MET D 202 -12.23 -29.37 -73.17
C MET D 202 -12.85 -30.64 -73.70
N GLN D 203 -13.61 -31.34 -72.86
CA GLN D 203 -14.24 -32.59 -73.27
C GLN D 203 -15.21 -32.36 -74.41
N ASN D 204 -16.02 -31.30 -74.31
CA ASN D 204 -17.01 -31.02 -75.35
C ASN D 204 -16.32 -30.82 -76.69
N LEU D 205 -15.36 -29.89 -76.72
CA LEU D 205 -14.73 -29.52 -77.98
C LEU D 205 -13.98 -30.71 -78.57
N THR D 206 -13.22 -31.42 -77.73
CA THR D 206 -12.54 -32.62 -78.19
C THR D 206 -13.53 -33.65 -78.72
N LYS D 207 -14.72 -33.72 -78.12
CA LYS D 207 -15.71 -34.68 -78.60
C LYS D 207 -16.20 -34.36 -80.01
N GLU D 208 -16.68 -33.14 -80.26
CA GLU D 208 -17.16 -32.93 -81.62
C GLU D 208 -16.00 -32.99 -82.61
N MET D 209 -14.78 -32.62 -82.17
CA MET D 209 -13.62 -32.80 -83.03
C MET D 209 -13.40 -34.29 -83.30
N GLU D 210 -13.71 -35.15 -82.35
CA GLU D 210 -13.55 -36.59 -82.55
C GLU D 210 -14.60 -37.11 -83.54
N GLU D 211 -15.82 -36.60 -83.47
CA GLU D 211 -16.80 -36.99 -84.49
C GLU D 211 -16.39 -36.48 -85.87
N ALA D 212 -15.78 -35.30 -85.93
CA ALA D 212 -15.24 -34.82 -87.20
C ALA D 212 -14.11 -35.72 -87.71
N ARG D 213 -13.21 -36.14 -86.81
CA ARG D 213 -12.18 -37.10 -87.18
C ARG D 213 -12.80 -38.36 -87.74
N ALA D 214 -13.85 -38.86 -87.09
CA ALA D 214 -14.52 -40.07 -87.56
C ALA D 214 -15.14 -39.87 -88.94
N ALA D 215 -15.78 -38.72 -89.16
CA ALA D 215 -16.38 -38.45 -90.47
C ALA D 215 -15.31 -38.43 -91.55
N MET D 216 -14.19 -37.75 -91.29
CA MET D 216 -13.08 -37.72 -92.25
C MET D 216 -12.54 -39.12 -92.50
N ILE D 217 -12.36 -39.90 -91.43
CA ILE D 217 -11.82 -41.24 -91.56
C ILE D 217 -12.74 -42.10 -92.42
N LYS D 218 -14.05 -42.02 -92.17
CA LYS D 218 -14.99 -42.85 -92.92
C LYS D 218 -15.09 -42.39 -94.37
N GLN D 219 -15.02 -41.08 -94.62
CA GLN D 219 -15.03 -40.58 -95.99
C GLN D 219 -13.84 -41.12 -96.78
N LEU D 220 -12.64 -40.96 -96.24
CA LEU D 220 -11.46 -41.45 -96.96
C LEU D 220 -11.48 -42.96 -97.08
N GLU D 221 -11.99 -43.66 -96.05
CA GLU D 221 -12.10 -45.11 -96.12
C GLU D 221 -13.05 -45.53 -97.23
N ASP D 222 -14.18 -44.86 -97.37
CA ASP D 222 -15.12 -45.19 -98.45
C ASP D 222 -14.49 -44.92 -99.81
N ASN D 223 -13.83 -43.78 -99.97
CA ASN D 223 -13.18 -43.48 -101.25
C ASN D 223 -12.20 -44.59 -101.63
N LYS D 224 -11.30 -44.93 -100.71
CA LYS D 224 -10.25 -45.87 -101.04
C LYS D 224 -10.76 -47.30 -101.11
N ASN D 225 -11.85 -47.63 -100.39
CA ASN D 225 -12.47 -48.93 -100.55
C ASN D 225 -13.12 -49.06 -101.93
N GLN D 226 -13.79 -48.01 -102.40
CA GLN D 226 -14.27 -48.00 -103.77
C GLN D 226 -13.12 -48.26 -104.72
N LYS D 227 -12.00 -47.56 -104.50
CA LYS D 227 -10.85 -47.74 -105.39
C LYS D 227 -10.36 -49.19 -105.38
N ILE D 228 -10.26 -49.78 -104.18
CA ILE D 228 -9.78 -51.17 -104.07
C ILE D 228 -10.71 -52.11 -104.82
N ALA D 229 -12.01 -52.00 -104.56
CA ALA D 229 -12.96 -52.92 -105.17
C ALA D 229 -12.97 -52.77 -106.68
N GLU D 230 -12.94 -51.53 -107.18
CA GLU D 230 -12.99 -51.30 -108.61
C GLU D 230 -11.71 -51.79 -109.29
N ILE D 231 -10.56 -51.57 -108.67
CA ILE D 231 -9.31 -52.11 -109.22
C ILE D 231 -9.41 -53.62 -109.35
N ILE D 232 -9.85 -54.29 -108.28
CA ILE D 232 -10.02 -55.74 -108.32
C ILE D 232 -10.92 -56.12 -109.49
N LYS D 233 -12.03 -55.40 -109.63
CA LYS D 233 -13.00 -55.67 -110.69
C LYS D 233 -12.37 -55.60 -112.07
N GLU D 234 -11.85 -54.43 -112.45
CA GLU D 234 -11.36 -54.30 -113.82
C GLU D 234 -10.20 -55.24 -114.10
N HIS D 235 -9.35 -55.52 -113.11
CA HIS D 235 -8.33 -56.54 -113.34
C HIS D 235 -8.95 -57.90 -113.60
N THR D 236 -10.01 -58.25 -112.87
CA THR D 236 -10.68 -59.53 -113.10
C THR D 236 -11.23 -59.61 -114.52
N GLN D 237 -11.91 -58.55 -114.96
CA GLN D 237 -12.48 -58.58 -116.31
C GLN D 237 -11.39 -58.60 -117.38
N LYS D 238 -10.28 -57.90 -117.16
CA LYS D 238 -9.19 -57.95 -118.12
C LYS D 238 -8.62 -59.35 -118.22
N TYR D 239 -8.40 -60.01 -117.08
CA TYR D 239 -7.94 -61.39 -117.08
C TYR D 239 -8.92 -62.28 -117.83
N ASN D 240 -10.22 -62.08 -117.59
CA ASN D 240 -11.22 -62.88 -118.26
C ASN D 240 -11.18 -62.68 -119.77
N ASP D 241 -11.05 -61.43 -120.22
CA ASP D 241 -11.00 -61.17 -121.66
C ASP D 241 -9.81 -61.88 -122.30
N ILE D 242 -8.62 -61.73 -121.70
CA ILE D 242 -7.44 -62.35 -122.29
C ILE D 242 -7.56 -63.87 -122.29
N LYS D 243 -8.03 -64.44 -121.19
CA LYS D 243 -8.15 -65.89 -121.10
C LYS D 243 -9.15 -66.41 -122.11
N ASN D 244 -10.30 -65.73 -122.27
CA ASN D 244 -11.30 -66.17 -123.23
C ASN D 244 -10.78 -66.07 -124.66
N TYR D 245 -10.04 -65.01 -124.97
CA TYR D 245 -9.44 -64.90 -126.29
C TYR D 245 -8.56 -66.10 -126.59
N TYR D 246 -7.63 -66.41 -125.68
CA TYR D 246 -6.73 -67.54 -125.92
C TYR D 246 -7.49 -68.87 -125.89
N SER D 247 -8.55 -68.97 -125.09
CA SER D 247 -9.32 -70.20 -125.02
C SER D 247 -10.03 -70.50 -126.34
N GLU D 248 -10.67 -69.47 -126.93
CA GLU D 248 -11.29 -69.67 -128.23
C GLU D 248 -10.24 -69.97 -129.30
N ILE D 249 -9.08 -69.31 -129.23
CA ILE D 249 -8.01 -69.61 -130.18
C ILE D 249 -7.63 -71.08 -130.09
N THR D 250 -7.45 -71.58 -128.86
CA THR D 250 -7.08 -72.99 -128.68
C THR D 250 -8.18 -73.94 -129.15
N ALA D 251 -9.44 -73.59 -128.91
CA ALA D 251 -10.54 -74.42 -129.38
C ALA D 251 -10.54 -74.48 -130.91
N THR D 252 -10.30 -73.35 -131.56
CA THR D 252 -10.20 -73.33 -133.02
C THR D 252 -9.05 -74.20 -133.50
N ASN D 253 -7.89 -74.12 -132.84
CA ASN D 253 -6.76 -74.97 -133.24
C ASN D 253 -7.09 -76.45 -133.08
N LEU D 254 -7.77 -76.81 -131.98
CA LEU D 254 -8.15 -78.19 -131.76
C LEU D 254 -9.11 -78.67 -132.84
N ASP D 255 -10.07 -77.83 -133.23
CA ASP D 255 -10.92 -78.17 -134.35
C ASP D 255 -10.13 -78.25 -135.66
N TYR D 256 -9.04 -77.50 -135.77
CA TYR D 256 -8.26 -77.43 -137.00
C TYR D 256 -7.38 -78.66 -137.23
N ARG D 257 -6.77 -79.20 -136.17
CA ARG D 257 -5.83 -80.31 -136.33
C ARG D 257 -6.46 -81.55 -136.97
N LYS D 258 -7.78 -81.68 -136.93
CA LYS D 258 -8.44 -82.80 -137.57
C LYS D 258 -8.15 -82.84 -139.07
N THR D 259 -7.99 -81.67 -139.70
CA THR D 259 -7.65 -81.65 -141.11
C THR D 259 -6.28 -82.28 -141.35
N LEU D 260 -5.31 -81.95 -140.49
CA LEU D 260 -3.99 -82.59 -140.60
C LEU D 260 -4.11 -84.10 -140.43
N LYS D 261 -4.90 -84.55 -139.45
CA LYS D 261 -5.03 -85.98 -139.22
C LYS D 261 -5.63 -86.69 -140.43
N ASN D 262 -6.69 -86.12 -141.00
CA ASN D 262 -7.31 -86.72 -142.18
C ASN D 262 -6.35 -86.73 -143.37
N GLU D 263 -5.59 -85.64 -143.54
CA GLU D 263 -4.61 -85.59 -144.61
C GLU D 263 -3.58 -86.71 -144.44
N ILE D 264 -3.14 -86.93 -143.20
CA ILE D 264 -2.14 -87.97 -142.93
C ILE D 264 -2.72 -89.35 -143.24
N LYS D 265 -3.96 -89.60 -142.85
CA LYS D 265 -4.57 -90.90 -143.17
C LYS D 265 -4.68 -91.09 -144.68
N GLU D 266 -5.11 -90.05 -145.40
CA GLU D 266 -5.20 -90.14 -146.85
C GLU D 266 -3.84 -90.42 -147.47
N LEU D 267 -2.80 -89.78 -146.95
CA LEU D 267 -1.45 -90.02 -147.46
C LEU D 267 -1.02 -91.45 -147.19
N GLN D 268 -1.32 -91.98 -146.00
CA GLN D 268 -1.02 -93.38 -145.74
C GLN D 268 -1.64 -94.27 -146.79
N THR D 269 -2.95 -94.11 -147.01
CA THR D 269 -3.64 -94.99 -147.96
C THR D 269 -3.08 -94.85 -149.36
N LYS D 270 -2.89 -93.60 -149.82
CA LYS D 270 -2.40 -93.35 -151.18
C LYS D 270 -1.00 -93.92 -151.39
N ASP D 271 -0.07 -93.60 -150.47
CA ASP D 271 1.29 -94.07 -150.61
C ASP D 271 1.33 -95.60 -150.62
N GLU D 272 0.60 -96.23 -149.70
CA GLU D 272 0.59 -97.68 -149.68
C GLU D 272 0.06 -98.25 -150.99
N GLU D 273 -1.03 -97.69 -151.49
CA GLU D 273 -1.62 -98.21 -152.72
C GLU D 273 -0.66 -98.09 -153.89
N TYR D 274 -0.05 -96.92 -154.08
CA TYR D 274 0.77 -96.75 -155.27
C TYR D 274 2.10 -97.48 -155.14
N LYS D 275 2.66 -97.61 -153.93
CA LYS D 275 3.83 -98.46 -153.77
C LYS D 275 3.48 -99.91 -154.07
N LYS D 276 2.32 -100.38 -153.62
CA LYS D 276 1.89 -101.73 -153.96
C LYS D 276 1.74 -101.88 -155.46
N THR D 277 1.22 -100.85 -156.13
CA THR D 277 1.12 -100.89 -157.59
C THR D 277 2.48 -101.01 -158.24
N LEU D 278 3.47 -100.25 -157.75
CA LEU D 278 4.82 -100.34 -158.32
C LEU D 278 5.43 -101.72 -158.11
N GLN D 279 5.30 -102.28 -156.91
CA GLN D 279 5.82 -103.63 -156.68
C GLN D 279 5.08 -104.67 -157.52
N GLN D 280 3.78 -104.50 -157.74
CA GLN D 280 3.07 -105.39 -158.64
C GLN D 280 3.59 -105.26 -160.07
N THR D 281 3.90 -104.03 -160.50
CA THR D 281 4.44 -103.83 -161.83
C THR D 281 5.77 -104.56 -161.98
N GLU D 282 6.66 -104.43 -160.99
CA GLU D 282 7.94 -105.13 -161.07
C GLU D 282 7.76 -106.64 -160.98
N LYS D 283 6.82 -107.11 -160.16
CA LYS D 283 6.55 -108.54 -160.09
C LYS D 283 6.06 -109.09 -161.43
N GLY D 284 5.15 -108.37 -162.09
CA GLY D 284 4.72 -108.78 -163.41
C GLY D 284 5.85 -108.74 -164.42
N TYR D 285 6.72 -107.73 -164.32
CA TYR D 285 7.87 -107.66 -165.20
C TYR D 285 8.76 -108.89 -165.06
N LYS D 286 9.08 -109.27 -163.82
CA LYS D 286 9.93 -110.44 -163.60
C LYS D 286 9.23 -111.73 -164.02
N GLU D 287 7.93 -111.84 -163.74
CA GLU D 287 7.18 -113.03 -164.10
C GLU D 287 7.05 -113.17 -165.61
N LEU D 288 7.08 -112.06 -166.34
CA LEU D 288 7.09 -112.11 -167.80
C LEU D 288 8.49 -112.32 -168.36
N ASN D 289 9.52 -111.88 -167.65
CA ASN D 289 10.89 -112.08 -168.10
C ASN D 289 11.36 -113.52 -167.93
N GLU D 290 10.92 -114.19 -166.85
CA GLU D 290 11.39 -115.56 -166.63
C GLU D 290 11.03 -116.48 -167.78
N PRO D 291 9.78 -116.56 -168.24
CA PRO D 291 9.50 -117.38 -169.44
C PRO D 291 10.25 -116.91 -170.67
N LEU D 292 10.49 -115.61 -170.80
CA LEU D 292 11.16 -115.06 -171.96
C LEU D 292 12.55 -115.67 -172.13
N MET E 1 68.47 33.52 122.39
CA MET E 1 69.42 32.98 123.34
C MET E 1 68.83 31.76 124.05
N PRO E 2 69.68 30.91 124.62
CA PRO E 2 69.18 29.70 125.28
C PRO E 2 68.79 29.98 126.71
N PRO E 3 67.51 29.81 127.07
CA PRO E 3 67.12 29.94 128.48
C PRO E 3 67.43 28.68 129.28
N LYS E 4 68.68 28.60 129.74
CA LYS E 4 69.17 27.43 130.45
C LYS E 4 68.19 26.99 131.52
N LYS E 5 67.78 25.73 131.45
CA LYS E 5 66.82 25.19 132.41
C LYS E 5 67.36 25.30 133.82
N ALA E 6 66.51 25.75 134.74
CA ALA E 6 66.93 25.87 136.13
C ALA E 6 67.30 24.51 136.70
N LYS E 7 68.40 24.48 137.47
CA LYS E 7 68.87 23.25 138.09
C LYS E 7 68.00 22.95 139.31
N GLY E 8 66.73 22.64 139.04
CA GLY E 8 65.82 22.30 140.12
C GLY E 8 66.27 21.07 140.87
N LYS E 9 66.01 21.05 142.17
CA LYS E 9 66.39 19.92 143.00
C LYS E 9 65.75 18.65 142.46
N LYS E 10 66.55 17.58 142.35
CA LYS E 10 66.08 16.33 141.76
C LYS E 10 64.97 15.73 142.62
N LYS E 11 64.40 14.62 142.15
CA LYS E 11 63.24 14.04 142.81
C LYS E 11 63.53 13.64 144.25
N LYS E 12 64.42 12.67 144.44
CA LYS E 12 64.60 12.03 145.74
C LYS E 12 63.24 11.78 146.38
N GLU E 13 62.34 11.20 145.58
CA GLU E 13 60.93 11.15 145.93
C GLU E 13 60.73 10.46 147.27
N GLU E 14 59.91 11.06 148.12
CA GLU E 14 59.44 10.40 149.34
C GLU E 14 58.43 9.34 148.95
N GLU E 15 58.74 8.08 149.23
CA GLU E 15 57.93 6.98 148.74
C GLU E 15 56.51 7.09 149.30
N PRO E 16 55.48 7.13 148.44
CA PRO E 16 54.11 7.24 148.96
C PRO E 16 53.78 6.09 149.91
N ASP E 17 53.01 6.42 150.94
CA ASP E 17 52.55 5.43 151.92
C ASP E 17 51.28 4.73 151.46
N ASP E 18 51.35 4.15 150.26
CA ASP E 18 50.21 3.47 149.67
C ASP E 18 50.14 2.04 150.20
N GLU E 19 49.30 1.20 149.59
CA GLU E 19 49.13 -0.17 150.04
C GLU E 19 50.37 -1.03 149.82
N TYR E 20 51.36 -0.54 149.09
CA TYR E 20 52.56 -1.31 148.78
C TYR E 20 53.45 -1.56 150.00
N LYS E 21 53.01 -1.21 151.21
CA LYS E 21 53.88 -1.26 152.38
C LYS E 21 53.23 -2.09 153.49
N SER E 22 52.78 -3.30 153.17
CA SER E 22 51.92 -4.06 154.07
C SER E 22 52.59 -5.28 154.69
N MET E 23 53.02 -6.25 153.89
CA MET E 23 53.35 -7.60 154.37
C MET E 23 54.77 -7.99 153.95
N THR E 24 55.27 -9.11 154.50
CA THR E 24 56.66 -9.54 154.32
C THR E 24 56.81 -10.50 153.13
N GLY E 25 57.98 -11.14 153.05
CA GLY E 25 58.43 -11.73 151.80
C GLY E 25 57.55 -12.84 151.25
N ALA E 26 57.16 -13.81 152.09
CA ALA E 26 56.43 -14.96 151.56
C ALA E 26 55.12 -14.53 150.93
N ASP E 27 54.39 -13.64 151.60
CA ASP E 27 53.17 -13.12 151.01
C ASP E 27 53.46 -12.22 149.81
N LEU E 28 54.69 -11.69 149.70
CA LEU E 28 55.07 -11.03 148.47
C LEU E 28 55.24 -12.03 147.32
N THR E 29 55.73 -13.23 147.60
CA THR E 29 55.75 -14.25 146.55
C THR E 29 54.33 -14.67 146.17
N GLN E 30 53.45 -14.75 147.17
CA GLN E 30 52.05 -15.05 146.87
C GLN E 30 51.42 -13.96 146.02
N THR E 31 51.62 -12.69 146.39
CA THR E 31 51.08 -11.59 145.60
C THR E 31 51.71 -11.58 144.21
N LEU E 32 53.02 -11.83 144.12
CA LEU E 32 53.66 -12.10 142.85
C LEU E 32 52.80 -13.02 142.01
N GLU E 33 52.55 -14.23 142.52
CA GLU E 33 51.71 -15.16 141.78
C GLU E 33 50.34 -14.57 141.48
N LYS E 34 49.89 -13.61 142.29
CA LYS E 34 48.58 -13.00 142.08
C LYS E 34 48.57 -11.88 141.04
N LEU E 35 49.73 -11.37 140.60
CA LEU E 35 49.76 -10.45 139.46
C LEU E 35 50.93 -10.75 138.52
N LYS E 36 51.06 -11.99 138.02
CA LYS E 36 52.21 -12.47 137.26
C LYS E 36 51.87 -12.91 135.78
N GLU E 37 50.76 -13.63 135.50
CA GLU E 37 50.19 -13.95 134.15
C GLU E 37 49.14 -12.96 133.59
N ARG E 38 48.01 -12.82 134.31
CA ARG E 38 46.76 -12.21 133.81
C ARG E 38 46.89 -10.81 133.19
N VAL E 39 47.58 -9.86 133.84
CA VAL E 39 47.59 -8.52 133.23
C VAL E 39 47.84 -8.63 131.72
N ASN E 40 48.48 -9.72 131.28
CA ASN E 40 48.44 -10.08 129.87
C ASN E 40 47.19 -10.82 129.45
N GLU E 41 46.36 -11.34 130.37
CA GLU E 41 44.96 -11.54 130.02
C GLU E 41 44.44 -10.26 129.39
N MET E 42 44.72 -9.12 130.02
CA MET E 42 44.19 -7.86 129.50
C MET E 42 44.95 -7.42 128.24
N ARG E 43 46.28 -7.53 128.25
CA ARG E 43 47.05 -7.15 127.06
C ARG E 43 46.69 -8.03 125.87
N THR E 44 46.38 -9.30 126.12
CA THR E 44 45.97 -10.22 125.07
C THR E 44 44.53 -9.97 124.64
N ASN E 45 43.67 -9.49 125.55
CA ASN E 45 42.38 -8.99 125.10
C ASN E 45 42.58 -7.83 124.13
N ARG E 46 43.52 -6.93 124.45
CA ARG E 46 43.89 -5.87 123.53
C ARG E 46 44.32 -6.46 122.19
N ASN E 47 45.22 -7.44 122.23
CA ASN E 47 45.79 -8.00 121.00
C ASN E 47 44.71 -8.67 120.15
N TYR E 48 43.85 -9.47 120.77
CA TYR E 48 42.80 -10.16 120.04
C TYR E 48 41.77 -9.18 119.48
N ILE E 49 41.42 -8.16 120.26
CA ILE E 49 40.49 -7.15 119.77
C ILE E 49 41.11 -6.39 118.60
N GLN E 50 42.43 -6.16 118.65
CA GLN E 50 43.11 -5.51 117.54
C GLN E 50 43.12 -6.40 116.31
N MET E 51 43.30 -7.71 116.49
CA MET E 51 43.26 -8.61 115.35
C MET E 51 41.87 -8.65 114.73
N ASP E 52 40.82 -8.71 115.55
CA ASP E 52 39.46 -8.66 115.04
C ASP E 52 39.18 -7.32 114.36
N ARG E 53 39.76 -6.24 114.90
CA ARG E 53 39.71 -4.92 114.28
C ARG E 53 40.33 -4.93 112.89
N ASP E 54 41.49 -5.56 112.74
CA ASP E 54 42.10 -5.69 111.43
C ASP E 54 41.17 -6.47 110.49
N MET E 55 40.60 -7.57 111.00
CA MET E 55 39.62 -8.33 110.25
C MET E 55 38.50 -7.44 109.74
N VAL E 56 37.90 -6.67 110.63
CA VAL E 56 36.72 -5.89 110.25
C VAL E 56 37.11 -4.76 109.29
N GLU E 57 38.27 -4.13 109.52
CA GLU E 57 38.75 -3.09 108.60
C GLU E 57 38.85 -3.65 107.18
N ASN E 58 39.54 -4.79 107.03
CA ASN E 58 39.75 -5.30 105.68
C ASN E 58 38.47 -5.89 105.09
N PHE E 59 37.61 -6.51 105.91
CA PHE E 59 36.33 -6.97 105.39
C PHE E 59 35.49 -5.81 104.88
N TYR E 60 35.45 -4.71 105.63
CA TYR E 60 34.78 -3.50 105.15
C TYR E 60 35.42 -2.96 103.88
N HIS E 61 36.76 -2.94 103.83
CA HIS E 61 37.42 -2.42 102.64
C HIS E 61 37.10 -3.25 101.41
N ASN E 62 37.15 -4.58 101.55
CA ASN E 62 36.87 -5.46 100.42
C ASN E 62 35.40 -5.40 100.03
N THR E 63 34.49 -5.25 101.01
CA THR E 63 33.09 -5.08 100.67
C THR E 63 32.87 -3.79 99.88
N LEU E 64 33.53 -2.69 100.30
CA LEU E 64 33.41 -1.45 99.54
C LEU E 64 34.00 -1.61 98.14
N LYS E 65 35.11 -2.34 98.02
CA LYS E 65 35.70 -2.58 96.71
C LYS E 65 34.73 -3.34 95.82
N GLU E 66 34.06 -4.36 96.36
CA GLU E 66 33.08 -5.11 95.59
C GLU E 66 31.86 -4.24 95.26
N ILE E 67 31.50 -3.32 96.16
CA ILE E 67 30.42 -2.38 95.86
C ILE E 67 30.81 -1.50 94.68
N SER E 68 32.04 -1.01 94.67
CA SER E 68 32.51 -0.23 93.52
C SER E 68 32.52 -1.06 92.25
N GLU E 69 32.89 -2.34 92.37
CA GLU E 69 32.86 -3.22 91.21
C GLU E 69 31.44 -3.38 90.67
N VAL E 70 30.47 -3.57 91.57
CA VAL E 70 29.09 -3.69 91.13
C VAL E 70 28.60 -2.37 90.53
N LYS E 71 29.07 -1.24 91.08
CA LYS E 71 28.72 0.06 90.52
C LYS E 71 29.23 0.20 89.09
N THR E 72 30.48 -0.19 88.87
CA THR E 72 31.04 -0.14 87.51
C THR E 72 30.29 -1.09 86.59
N LYS E 73 29.97 -2.29 87.08
CA LYS E 73 29.17 -3.22 86.29
C LYS E 73 27.85 -2.59 85.88
N ILE E 74 27.18 -1.93 86.83
CA ILE E 74 25.89 -1.31 86.53
C ILE E 74 26.05 -0.18 85.53
N SER E 75 27.09 0.65 85.69
CA SER E 75 27.31 1.76 84.77
C SER E 75 27.54 1.24 83.36
N ASN E 76 28.36 0.20 83.22
CA ASN E 76 28.54 -0.42 81.92
C ASN E 76 27.25 -1.04 81.40
N LYS E 77 26.39 -1.52 82.30
CA LYS E 77 25.11 -2.07 81.88
C LYS E 77 24.22 -0.98 81.28
N GLU E 78 24.16 0.19 81.93
CA GLU E 78 23.40 1.30 81.33
C GLU E 78 24.06 1.76 80.03
N THR E 79 25.38 1.72 79.96
CA THR E 79 26.06 2.07 78.71
C THR E 79 25.60 1.15 77.58
N GLU E 80 25.66 -0.16 77.81
CA GLU E 80 25.25 -1.11 76.77
C GLU E 80 23.77 -0.98 76.47
N ALA E 81 22.94 -0.74 77.49
CA ALA E 81 21.51 -0.57 77.26
C ALA E 81 21.24 0.65 76.39
N GLU E 82 21.93 1.75 76.66
CA GLU E 82 21.75 2.95 75.84
C GLU E 82 22.23 2.71 74.42
N GLU E 83 23.35 1.99 74.26
CA GLU E 83 23.83 1.66 72.92
C GLU E 83 22.78 0.85 72.17
N LYS E 84 22.21 -0.15 72.83
CA LYS E 84 21.23 -1.02 72.18
C LYS E 84 19.93 -0.26 71.87
N GLU E 85 19.52 0.64 72.76
CA GLU E 85 18.32 1.45 72.49
C GLU E 85 18.56 2.41 71.34
N SER E 86 19.76 2.97 71.25
CA SER E 86 20.08 3.83 70.11
C SER E 86 20.03 3.05 68.82
N LYS E 87 20.59 1.84 68.81
CA LYS E 87 20.48 1.00 67.61
C LYS E 87 19.03 0.63 67.32
N HIS E 88 18.23 0.39 68.35
CA HIS E 88 16.82 0.05 68.15
C HIS E 88 16.09 1.18 67.44
N ARG E 89 16.23 2.40 67.96
CA ARG E 89 15.60 3.54 67.32
C ARG E 89 16.15 3.76 65.92
N ILE E 90 17.46 3.58 65.74
CA ILE E 90 18.07 3.77 64.42
C ILE E 90 17.47 2.82 63.41
N ASP E 91 17.35 1.54 63.77
CA ASP E 91 16.82 0.56 62.84
C ASP E 91 15.31 0.76 62.63
N VAL E 92 14.60 1.27 63.64
CA VAL E 92 13.20 1.60 63.43
C VAL E 92 13.05 2.69 62.39
N LYS E 93 13.87 3.74 62.51
CA LYS E 93 13.84 4.81 61.51
C LYS E 93 14.29 4.30 60.15
N VAL E 94 15.25 3.37 60.13
CA VAL E 94 15.72 2.81 58.88
C VAL E 94 14.63 1.98 58.21
N PHE E 95 13.80 1.28 59.00
CA PHE E 95 12.66 0.57 58.42
C PHE E 95 11.62 1.55 57.89
N LEU E 96 11.36 2.64 58.63
CA LEU E 96 10.43 3.64 58.11
C LEU E 96 10.96 4.25 56.81
N GLN E 97 12.28 4.37 56.69
CA GLN E 97 12.87 4.82 55.43
C GLN E 97 12.87 3.72 54.37
N LYS E 98 12.89 2.46 54.78
CA LYS E 98 12.60 1.38 53.85
C LYS E 98 11.17 1.45 53.34
N VAL E 99 10.28 2.10 54.08
CA VAL E 99 8.92 2.30 53.59
C VAL E 99 8.92 3.43 52.56
N LYS E 100 10.10 4.00 52.30
CA LYS E 100 10.27 4.97 51.22
C LYS E 100 11.05 4.31 50.09
N HIS E 101 12.01 3.48 50.46
CA HIS E 101 12.68 2.63 49.47
C HIS E 101 11.67 1.73 48.77
N LEU E 102 10.59 1.37 49.47
CA LEU E 102 9.51 0.64 48.84
C LEU E 102 8.70 1.52 47.90
N GLU E 103 8.57 2.81 48.19
CA GLU E 103 8.02 3.72 47.19
C GLU E 103 8.89 3.73 45.94
N TYR E 104 10.21 3.75 46.12
CA TYR E 104 11.12 3.66 44.99
C TYR E 104 10.90 2.35 44.22
N GLU E 105 10.80 1.24 44.93
CA GLU E 105 10.57 -0.05 44.29
C GLU E 105 9.28 -0.03 43.47
N GLN E 106 8.20 0.47 44.07
CA GLN E 106 6.92 0.49 43.40
C GLN E 106 6.97 1.40 42.17
N GLU E 107 7.58 2.58 42.31
CA GLU E 107 7.69 3.49 41.17
C GLU E 107 8.45 2.84 40.04
N LYS E 108 9.62 2.26 40.34
CA LYS E 108 10.43 1.66 39.29
C LYS E 108 9.72 0.48 38.64
N SER E 109 9.11 -0.39 39.44
CA SER E 109 8.46 -1.57 38.89
C SER E 109 7.24 -1.20 38.05
N ASN E 110 6.43 -0.25 38.54
CA ASN E 110 5.27 0.18 37.77
C ASN E 110 5.69 0.84 36.46
N LEU E 111 6.72 1.70 36.51
CA LEU E 111 7.18 2.33 35.29
C LEU E 111 7.74 1.31 34.31
N ASN E 112 8.46 0.31 34.82
CA ASN E 112 9.00 -0.73 33.94
C ASN E 112 7.87 -1.54 33.31
N ILE E 113 6.84 -1.88 34.09
CA ILE E 113 5.72 -2.65 33.55
C ILE E 113 5.00 -1.86 32.47
N GLU E 114 4.77 -0.57 32.73
CA GLU E 114 4.05 0.24 31.74
C GLU E 114 4.90 0.51 30.51
N ASP E 115 6.24 0.60 30.65
CA ASP E 115 7.09 0.67 29.48
C ASP E 115 7.06 -0.63 28.70
N ASP E 116 6.99 -1.78 29.41
CA ASP E 116 6.79 -3.06 28.73
C ASP E 116 5.52 -3.02 27.91
N GLY E 117 4.43 -2.53 28.51
CA GLY E 117 3.17 -2.43 27.79
C GLY E 117 3.27 -1.52 26.58
N LYS E 118 3.94 -0.37 26.72
CA LYS E 118 4.03 0.57 25.62
C LYS E 118 4.90 0.03 24.48
N LYS E 119 6.01 -0.65 24.82
CA LYS E 119 6.83 -1.23 23.77
C LYS E 119 6.09 -2.37 23.07
N ALA E 120 5.31 -3.15 23.84
CA ALA E 120 4.45 -4.13 23.22
C ALA E 120 3.44 -3.47 22.28
N LYS E 121 2.89 -2.32 22.70
CA LYS E 121 1.96 -1.58 21.86
C LYS E 121 2.64 -1.17 20.56
N GLU E 122 3.86 -0.64 20.65
CA GLU E 122 4.58 -0.21 19.45
C GLU E 122 4.84 -1.41 18.52
N LYS E 123 5.29 -2.52 19.09
CA LYS E 123 5.56 -3.70 18.29
C LYS E 123 4.31 -4.19 17.58
N GLU E 124 3.20 -4.28 18.33
CA GLU E 124 1.95 -4.75 17.75
C GLU E 124 1.44 -3.78 16.69
N ASP E 125 1.60 -2.48 16.93
CA ASP E 125 1.18 -1.49 15.94
C ASP E 125 1.97 -1.66 14.65
N ALA E 126 3.29 -1.82 14.75
CA ALA E 126 4.10 -2.00 13.55
C ALA E 126 3.71 -3.28 12.82
N TYR E 127 3.49 -4.36 13.57
CA TYR E 127 3.09 -5.64 12.98
C TYR E 127 1.78 -5.50 12.21
N PHE E 128 0.75 -4.96 12.88
CA PHE E 128 -0.55 -4.81 12.23
C PHE E 128 -0.48 -3.88 11.04
N GLU E 129 0.28 -2.79 11.15
CA GLU E 129 0.37 -1.87 10.02
C GLU E 129 1.10 -2.51 8.85
N ASP E 130 2.11 -3.34 9.11
CA ASP E 130 2.74 -4.09 8.02
C ASP E 130 1.74 -5.02 7.35
N ILE E 131 0.93 -5.74 8.14
CA ILE E 131 -0.06 -6.63 7.55
C ILE E 131 -1.08 -5.85 6.76
N THR E 132 -1.52 -4.70 7.28
CA THR E 132 -2.48 -3.86 6.57
C THR E 132 -1.90 -3.34 5.28
N LYS E 133 -0.62 -2.97 5.29
CA LYS E 133 0.04 -2.52 4.06
C LYS E 133 0.10 -3.64 3.04
N ASN E 134 0.42 -4.86 3.48
CA ASN E 134 0.41 -6.00 2.55
C ASN E 134 -0.97 -6.20 1.95
N MET E 135 -2.00 -6.19 2.79
CA MET E 135 -3.36 -6.42 2.30
C MET E 135 -3.80 -5.33 1.34
N LYS E 136 -3.50 -4.07 1.66
CA LYS E 136 -3.95 -2.98 0.80
C LYS E 136 -3.13 -2.89 -0.48
N GLN E 137 -1.83 -3.22 -0.43
CA GLN E 137 -1.04 -3.32 -1.65
C GLN E 137 -1.57 -4.43 -2.55
N LEU E 138 -1.91 -5.58 -1.96
CA LEU E 138 -2.47 -6.66 -2.77
C LEU E 138 -3.81 -6.26 -3.36
N LYS E 139 -4.65 -5.58 -2.57
CA LYS E 139 -5.94 -5.13 -3.06
C LYS E 139 -5.77 -4.14 -4.22
N THR E 140 -4.77 -3.26 -4.11
CA THR E 140 -4.46 -2.35 -5.21
C THR E 140 -4.11 -3.11 -6.48
N GLN E 141 -3.71 -4.37 -6.35
CA GLN E 141 -3.61 -5.25 -7.51
C GLN E 141 -4.95 -5.82 -7.93
N LEU E 142 -6.05 -5.32 -7.36
CA LEU E 142 -7.40 -5.78 -7.69
C LEU E 142 -8.34 -4.69 -8.18
N LYS E 143 -8.07 -3.41 -7.88
CA LYS E 143 -8.87 -2.31 -8.39
C LYS E 143 -8.12 -1.50 -9.44
N SER E 144 -6.96 -0.95 -9.09
CA SER E 144 -6.16 -0.22 -10.06
C SER E 144 -5.57 -1.15 -11.11
N GLU E 145 -4.94 -2.23 -10.66
CA GLU E 145 -4.45 -3.23 -11.60
C GLU E 145 -5.58 -3.84 -12.40
N TYR E 146 -6.80 -3.84 -11.86
CA TYR E 146 -7.95 -4.31 -12.62
C TYR E 146 -8.19 -3.44 -13.85
N LEU E 147 -8.20 -2.11 -13.67
CA LEU E 147 -8.43 -1.24 -14.82
C LEU E 147 -7.24 -1.27 -15.77
N GLU E 148 -6.02 -1.36 -15.24
CA GLU E 148 -4.85 -1.49 -16.11
C GLU E 148 -4.94 -2.76 -16.95
N LYS E 149 -5.35 -3.86 -16.34
CA LYS E 149 -5.49 -5.12 -17.06
C LYS E 149 -6.64 -5.08 -18.04
N GLU E 150 -7.73 -4.37 -17.73
CA GLU E 150 -8.80 -4.19 -18.69
C GLU E 150 -8.29 -3.43 -19.92
N LYS E 151 -7.48 -2.39 -19.69
CA LYS E 151 -6.87 -1.67 -20.80
C LYS E 151 -5.99 -2.60 -21.62
N ALA E 152 -5.21 -3.44 -20.93
CA ALA E 152 -4.37 -4.42 -21.64
C ALA E 152 -5.22 -5.37 -22.46
N ASN E 153 -6.34 -5.86 -21.88
CA ASN E 153 -7.20 -6.80 -22.59
C ASN E 153 -7.78 -6.17 -23.84
N ILE E 154 -8.29 -4.93 -23.73
CA ILE E 154 -8.90 -4.29 -24.88
C ILE E 154 -7.86 -4.01 -25.96
N GLN E 155 -6.68 -3.55 -25.57
CA GLN E 155 -5.62 -3.31 -26.55
C GLN E 155 -5.21 -4.60 -27.24
N GLN E 156 -5.02 -5.68 -26.48
CA GLN E 156 -4.66 -6.95 -27.07
C GLN E 156 -5.74 -7.46 -28.00
N VAL E 157 -7.01 -7.33 -27.61
CA VAL E 157 -8.11 -7.78 -28.45
C VAL E 157 -8.11 -7.03 -29.77
N GLN E 158 -7.99 -5.70 -29.71
CA GLN E 158 -8.01 -4.91 -30.93
C GLN E 158 -6.83 -5.25 -31.83
N GLU E 159 -5.63 -5.37 -31.25
CA GLU E 159 -4.45 -5.64 -32.06
C GLU E 159 -4.48 -7.05 -32.66
N GLU E 160 -4.97 -8.03 -31.90
CA GLU E 160 -5.10 -9.37 -32.43
C GLU E 160 -6.16 -9.44 -33.52
N LYS E 161 -7.24 -8.69 -33.39
CA LYS E 161 -8.22 -8.60 -34.47
C LYS E 161 -7.59 -7.98 -35.71
N LYS E 162 -6.76 -6.93 -35.53
CA LYS E 162 -6.05 -6.35 -36.66
C LYS E 162 -5.17 -7.39 -37.34
N ASP E 163 -4.42 -8.15 -36.55
CA ASP E 163 -3.54 -9.18 -37.13
C ASP E 163 -4.35 -10.24 -37.86
N HIS E 164 -5.48 -10.65 -37.29
CA HIS E 164 -6.30 -11.67 -37.94
C HIS E 164 -6.91 -11.16 -39.25
N GLN E 165 -7.35 -9.90 -39.27
CA GLN E 165 -7.86 -9.34 -40.52
C GLN E 165 -6.75 -9.22 -41.56
N SER E 166 -5.56 -8.84 -41.14
CA SER E 166 -4.42 -8.82 -42.05
C SER E 166 -4.15 -10.22 -42.59
N LEU E 167 -4.25 -11.24 -41.72
CA LEU E 167 -4.08 -12.62 -42.17
C LEU E 167 -5.15 -13.02 -43.17
N LEU E 168 -6.39 -12.60 -42.93
CA LEU E 168 -7.46 -12.90 -43.87
C LEU E 168 -7.17 -12.28 -45.24
N LYS E 169 -6.71 -11.03 -45.25
CA LYS E 169 -6.40 -10.37 -46.52
C LYS E 169 -5.21 -11.04 -47.21
N ILE E 170 -4.18 -11.42 -46.45
CA ILE E 170 -3.03 -12.10 -47.03
C ILE E 170 -3.45 -13.43 -47.64
N GLN E 171 -4.33 -14.17 -46.96
CA GLN E 171 -4.78 -15.46 -47.49
C GLN E 171 -5.68 -15.27 -48.70
N GLN E 172 -6.50 -14.21 -48.71
CA GLN E 172 -7.23 -13.87 -49.92
C GLN E 172 -6.29 -13.67 -51.08
N LYS E 173 -5.22 -12.88 -50.86
CA LYS E 173 -4.26 -12.64 -51.93
C LYS E 173 -3.62 -13.95 -52.38
N LYS E 174 -3.21 -14.77 -51.42
CA LYS E 174 -2.53 -16.02 -51.76
C LYS E 174 -3.42 -16.93 -52.60
N PHE E 175 -4.66 -17.11 -52.19
CA PHE E 175 -5.54 -18.03 -52.91
C PHE E 175 -6.05 -17.44 -54.22
N ASP E 176 -6.26 -16.13 -54.29
CA ASP E 176 -6.60 -15.52 -55.57
C ASP E 176 -5.47 -15.69 -56.57
N GLU E 177 -4.22 -15.49 -56.12
CA GLU E 177 -3.07 -15.72 -57.01
C GLU E 177 -2.98 -17.19 -57.41
N LEU E 178 -3.22 -18.10 -56.46
CA LEU E 178 -3.24 -19.53 -56.79
C LEU E 178 -4.25 -19.80 -57.90
N ILE E 179 -5.47 -19.29 -57.75
CA ILE E 179 -6.53 -19.53 -58.73
C ILE E 179 -6.13 -18.94 -60.08
N ASN E 180 -5.57 -17.73 -60.09
CA ASN E 180 -5.23 -17.08 -61.34
C ASN E 180 -4.14 -17.86 -62.09
N ASN E 181 -3.08 -18.26 -61.37
CA ASN E 181 -2.02 -19.02 -61.99
C ASN E 181 -2.53 -20.36 -62.48
N LEU E 182 -3.40 -21.01 -61.70
CA LEU E 182 -3.95 -22.29 -62.08
C LEU E 182 -4.77 -22.16 -63.35
N ILE E 183 -5.58 -21.10 -63.46
CA ILE E 183 -6.36 -20.87 -64.66
C ILE E 183 -5.43 -20.66 -65.86
N ILE E 184 -4.37 -19.88 -65.67
CA ILE E 184 -3.46 -19.61 -66.79
C ILE E 184 -2.86 -20.91 -67.30
N LYS E 185 -2.38 -21.76 -66.38
CA LYS E 185 -1.74 -23.00 -66.83
C LYS E 185 -2.77 -23.97 -67.42
N TYR E 186 -3.99 -24.01 -66.89
CA TYR E 186 -5.01 -24.85 -67.50
C TYR E 186 -5.34 -24.40 -68.91
N GLU E 187 -5.48 -23.09 -69.12
CA GLU E 187 -5.73 -22.61 -70.47
C GLU E 187 -4.58 -22.97 -71.40
N GLU E 188 -3.34 -22.87 -70.89
CA GLU E 188 -2.18 -23.27 -71.67
C GLU E 188 -2.28 -24.74 -72.08
N ARG E 189 -2.66 -25.60 -71.14
CA ARG E 189 -2.79 -27.02 -71.45
C ARG E 189 -3.98 -27.31 -72.36
N LEU E 190 -5.06 -26.52 -72.27
CA LEU E 190 -6.14 -26.65 -73.23
C LEU E 190 -5.69 -26.34 -74.65
N ALA E 191 -4.93 -25.26 -74.84
CA ALA E 191 -4.42 -24.95 -76.17
C ALA E 191 -3.45 -26.03 -76.66
N LYS E 192 -2.54 -26.47 -75.79
CA LYS E 192 -1.61 -27.53 -76.17
C LYS E 192 -2.36 -28.81 -76.51
N LEU E 193 -3.45 -29.11 -75.80
CA LEU E 193 -4.24 -30.30 -76.13
C LEU E 193 -5.01 -30.14 -77.43
N LYS E 194 -5.47 -28.93 -77.74
CA LYS E 194 -6.02 -28.69 -79.07
C LYS E 194 -5.01 -29.08 -80.13
N GLU E 195 -3.78 -28.54 -80.02
CA GLU E 195 -2.76 -28.88 -81.00
C GLU E 195 -2.46 -30.37 -81.00
N ASP E 196 -2.43 -30.99 -79.81
CA ASP E 196 -2.28 -32.43 -79.70
C ASP E 196 -3.32 -33.15 -80.55
N LEU E 197 -4.57 -32.68 -80.49
CA LEU E 197 -5.63 -33.34 -81.25
C LEU E 197 -5.46 -33.12 -82.76
N GLU E 198 -5.07 -31.91 -83.18
CA GLU E 198 -4.87 -31.75 -84.63
C GLU E 198 -3.79 -32.69 -85.14
N LEU E 199 -2.65 -32.79 -84.45
CA LEU E 199 -1.64 -33.68 -85.02
C LEU E 199 -1.96 -35.15 -84.75
N LYS E 200 -2.82 -35.46 -83.79
CA LYS E 200 -3.32 -36.82 -83.66
C LYS E 200 -4.15 -37.21 -84.88
N LEU E 201 -5.05 -36.32 -85.31
CA LEU E 201 -5.78 -36.56 -86.55
C LEU E 201 -4.81 -36.67 -87.73
N LYS E 202 -3.81 -35.80 -87.77
CA LYS E 202 -2.82 -35.84 -88.83
C LYS E 202 -2.16 -37.22 -88.90
N VAL E 203 -1.65 -37.72 -87.77
CA VAL E 203 -0.96 -38.99 -87.76
C VAL E 203 -1.91 -40.13 -88.13
N GLU E 204 -3.13 -40.10 -87.60
CA GLU E 204 -4.09 -41.16 -87.92
C GLU E 204 -4.34 -41.23 -89.41
N ILE E 205 -4.67 -40.08 -90.02
CA ILE E 205 -5.00 -40.07 -91.45
C ILE E 205 -3.79 -40.47 -92.28
N HIS E 206 -2.61 -39.95 -91.94
CA HIS E 206 -1.41 -40.27 -92.72
C HIS E 206 -1.06 -41.75 -92.61
N GLU E 207 -1.14 -42.32 -91.41
CA GLU E 207 -0.86 -43.74 -91.24
C GLU E 207 -1.81 -44.58 -92.07
N LEU E 208 -3.11 -44.26 -92.01
CA LEU E 208 -4.06 -45.03 -92.79
C LEU E 208 -3.79 -44.89 -94.29
N GLU E 209 -3.48 -43.68 -94.74
CA GLU E 209 -3.20 -43.44 -96.15
C GLU E 209 -2.01 -44.27 -96.62
N GLU E 210 -0.92 -44.25 -95.85
CA GLU E 210 0.26 -45.01 -96.23
C GLU E 210 -0.03 -46.51 -96.24
N ARG E 211 -0.77 -46.99 -95.23
CA ARG E 211 -1.10 -48.41 -95.18
C ARG E 211 -1.88 -48.83 -96.43
N LYS E 212 -2.89 -48.03 -96.80
CA LYS E 212 -3.71 -48.41 -97.95
C LYS E 212 -2.97 -48.23 -99.26
N ASN E 213 -2.06 -47.25 -99.36
CA ASN E 213 -1.25 -47.13 -100.57
C ASN E 213 -0.33 -48.33 -100.73
N LEU E 214 0.27 -48.81 -99.64
CA LEU E 214 1.06 -50.03 -99.70
C LEU E 214 0.19 -51.23 -100.09
N HIS E 215 -1.03 -51.29 -99.55
CA HIS E 215 -1.95 -52.37 -99.94
C HIS E 215 -2.25 -52.32 -101.44
N ILE E 216 -2.45 -51.12 -101.97
CA ILE E 216 -2.65 -50.94 -103.41
C ILE E 216 -1.42 -51.43 -104.18
N ASN E 217 -0.23 -51.09 -103.68
CA ASN E 217 1.00 -51.53 -104.35
C ASN E 217 1.08 -53.05 -104.38
N GLU E 218 0.77 -53.70 -103.26
CA GLU E 218 0.78 -55.15 -103.21
C GLU E 218 -0.21 -55.74 -104.21
N LEU E 219 -1.42 -55.18 -104.27
CA LEU E 219 -2.42 -55.69 -105.20
C LEU E 219 -1.94 -55.53 -106.65
N MET E 220 -1.37 -54.38 -106.97
CA MET E 220 -0.92 -54.14 -108.34
C MET E 220 0.20 -55.09 -108.72
N ASN E 221 1.17 -55.30 -107.82
CA ASN E 221 2.24 -56.24 -108.11
C ASN E 221 1.70 -57.65 -108.29
N ASN E 222 0.76 -58.05 -107.43
CA ASN E 222 0.17 -59.39 -107.55
C ASN E 222 -0.52 -59.57 -108.89
N HIS E 223 -1.34 -58.61 -109.28
CA HIS E 223 -2.06 -58.71 -110.55
C HIS E 223 -1.10 -58.69 -111.72
N GLU E 224 -0.03 -57.89 -111.63
CA GLU E 224 0.95 -57.85 -112.70
C GLU E 224 1.66 -59.19 -112.84
N LYS E 225 2.04 -59.81 -111.74
CA LYS E 225 2.70 -61.10 -111.82
C LYS E 225 1.75 -62.16 -112.35
N ALA E 226 0.47 -62.09 -111.98
CA ALA E 226 -0.49 -63.03 -112.56
C ALA E 226 -0.63 -62.84 -114.06
N PHE E 227 -0.66 -61.58 -114.51
CA PHE E 227 -0.73 -61.31 -115.95
C PHE E 227 0.49 -61.85 -116.67
N ALA E 228 1.68 -61.67 -116.09
CA ALA E 228 2.89 -62.21 -116.69
C ALA E 228 2.84 -63.72 -116.74
N GLU E 229 2.33 -64.35 -115.67
CA GLU E 229 2.17 -65.80 -115.66
C GLU E 229 1.32 -66.25 -116.84
N LEU E 230 0.14 -65.64 -117.00
CA LEU E 230 -0.76 -66.05 -118.07
C LEU E 230 -0.12 -65.83 -119.43
N LYS E 231 0.51 -64.67 -119.64
CA LYS E 231 1.18 -64.41 -120.90
C LYS E 231 2.22 -65.48 -121.20
N LYS E 232 3.11 -65.73 -120.24
CA LYS E 232 4.18 -66.69 -120.46
C LYS E 232 3.63 -68.07 -120.80
N TYR E 233 2.65 -68.54 -120.02
CA TYR E 233 2.15 -69.90 -120.25
C TYR E 233 1.44 -70.01 -121.59
N TYR E 234 0.50 -69.12 -121.87
CA TYR E 234 -0.27 -69.24 -123.10
C TYR E 234 0.60 -69.04 -124.33
N ASN E 235 1.59 -68.14 -124.25
CA ASN E 235 2.47 -67.91 -125.39
C ASN E 235 3.48 -69.04 -125.54
N ASP E 236 3.84 -69.73 -124.45
CA ASP E 236 4.62 -70.95 -124.57
C ASP E 236 3.82 -72.02 -125.29
N ILE E 237 2.53 -72.15 -124.96
CA ILE E 237 1.69 -73.10 -125.69
C ILE E 237 1.56 -72.68 -127.15
N THR E 238 1.55 -71.37 -127.42
CA THR E 238 1.46 -70.89 -128.80
C THR E 238 2.77 -71.06 -129.56
N ALA E 239 3.86 -71.40 -128.88
CA ALA E 239 5.15 -71.56 -129.55
C ALA E 239 5.11 -72.61 -130.65
N GLU E 240 4.34 -73.68 -130.48
CA GLU E 240 4.08 -74.61 -131.57
C GLU E 240 3.01 -74.02 -132.49
N ASN E 241 3.34 -73.93 -133.76
CA ASN E 241 2.53 -73.15 -134.70
C ASN E 241 2.20 -74.02 -135.90
N LEU E 242 1.72 -73.37 -136.96
CA LEU E 242 1.16 -74.07 -138.10
C LEU E 242 2.22 -74.65 -139.03
N ASN E 243 3.50 -74.55 -138.68
CA ASN E 243 4.56 -75.05 -139.55
C ASN E 243 4.36 -76.53 -139.87
N LEU E 244 3.76 -77.29 -138.94
CA LEU E 244 3.46 -78.69 -139.22
C LEU E 244 2.51 -78.81 -140.40
N ILE E 245 1.56 -77.89 -140.53
CA ILE E 245 0.63 -77.93 -141.65
C ILE E 245 1.36 -77.71 -142.97
N LYS E 246 2.28 -76.74 -143.01
CA LYS E 246 3.07 -76.52 -144.23
C LYS E 246 3.91 -77.74 -144.56
N ALA E 247 4.53 -78.35 -143.55
CA ALA E 247 5.32 -79.56 -143.80
C ALA E 247 4.45 -80.68 -144.37
N HIS E 248 3.26 -80.89 -143.80
CA HIS E 248 2.40 -81.98 -144.27
C HIS E 248 1.85 -81.68 -145.66
N LYS E 249 1.62 -80.41 -146.00
CA LYS E 249 1.15 -80.08 -147.33
C LYS E 249 2.25 -80.24 -148.37
N GLU E 250 3.48 -79.85 -148.05
CA GLU E 250 4.59 -80.18 -148.92
C GLU E 250 4.72 -81.69 -149.07
N LYS E 251 4.45 -82.44 -148.00
CA LYS E 251 4.49 -83.89 -148.06
C LYS E 251 3.44 -84.44 -149.02
N ILE E 252 2.21 -83.91 -148.96
CA ILE E 252 1.15 -84.43 -149.84
C ILE E 252 1.48 -84.08 -151.28
N ALA E 253 1.98 -82.87 -151.53
CA ALA E 253 2.36 -82.49 -152.88
C ALA E 253 3.46 -83.41 -153.41
N GLN E 254 4.49 -83.67 -152.60
CA GLN E 254 5.59 -84.52 -153.04
C GLN E 254 5.12 -85.95 -153.27
N ILE E 255 4.24 -86.45 -152.42
CA ILE E 255 3.73 -87.81 -152.59
C ILE E 255 2.94 -87.92 -153.89
N TYR E 256 2.10 -86.92 -154.17
CA TYR E 256 1.33 -86.95 -155.42
C TYR E 256 2.26 -86.86 -156.62
N ALA E 257 3.31 -86.04 -156.53
CA ALA E 257 4.27 -85.95 -157.63
C ALA E 257 4.98 -87.28 -157.87
N ASN E 258 5.42 -87.94 -156.80
CA ASN E 258 6.04 -89.25 -156.94
C ASN E 258 5.05 -90.27 -157.51
N ILE E 259 3.78 -90.15 -157.15
CA ILE E 259 2.76 -91.03 -157.70
C ILE E 259 2.65 -90.81 -159.20
N GLN E 260 2.65 -89.54 -159.64
CA GLN E 260 2.59 -89.24 -161.07
C GLN E 260 3.82 -89.81 -161.79
N LEU E 261 5.00 -89.66 -161.20
CA LEU E 261 6.21 -90.20 -161.84
C LEU E 261 6.13 -91.72 -161.94
N ASN E 262 5.64 -92.39 -160.90
CA ASN E 262 5.50 -93.84 -160.96
C ASN E 262 4.48 -94.24 -162.02
N THR E 263 3.39 -93.48 -162.14
CA THR E 263 2.41 -93.77 -163.19
C THR E 263 3.03 -93.63 -164.57
N LYS E 264 3.84 -92.60 -164.78
CA LYS E 264 4.53 -92.44 -166.05
C LYS E 264 5.47 -93.61 -166.31
N ASN E 265 6.19 -94.07 -165.27
CA ASN E 265 7.07 -95.21 -165.42
C ASN E 265 6.28 -96.45 -165.84
N VAL E 266 5.14 -96.69 -165.20
CA VAL E 266 4.31 -97.84 -165.55
C VAL E 266 3.80 -97.71 -166.97
N ALA E 267 3.42 -96.50 -167.40
CA ALA E 267 2.96 -96.29 -168.76
C ALA E 267 4.06 -96.60 -169.77
N ASP E 268 5.28 -96.16 -169.49
CA ASP E 268 6.40 -96.47 -170.38
C ASP E 268 6.66 -97.97 -170.42
N ASN E 269 6.56 -98.64 -169.27
CA ASN E 269 6.71 -100.10 -169.25
C ASN E 269 5.65 -100.77 -170.11
N GLN E 270 4.40 -100.31 -170.01
CA GLN E 270 3.33 -100.88 -170.81
C GLN E 270 3.59 -100.66 -172.30
N ALA E 271 4.02 -99.45 -172.67
CA ALA E 271 4.32 -99.18 -174.08
C ALA E 271 5.44 -100.07 -174.59
N LYS E 272 6.49 -100.24 -173.78
CA LYS E 272 7.60 -101.09 -174.19
C LYS E 272 7.15 -102.53 -174.35
N ASN E 273 6.32 -103.02 -173.43
CA ASN E 273 5.83 -104.39 -173.52
C ASN E 273 4.94 -104.58 -174.75
N GLU E 274 4.07 -103.62 -175.03
CA GLU E 274 3.23 -103.71 -176.22
C GLU E 274 4.08 -103.72 -177.49
N GLN E 275 5.11 -102.88 -177.54
CA GLN E 275 6.00 -102.88 -178.69
C GLN E 275 6.72 -104.22 -178.84
N LEU E 276 7.16 -104.80 -177.72
CA LEU E 276 7.89 -106.06 -177.75
C LEU E 276 7.01 -107.27 -178.02
N LYS E 277 5.69 -107.15 -177.83
CA LYS E 277 4.83 -108.32 -177.96
C LYS E 277 4.87 -108.89 -179.38
N GLU E 278 4.65 -108.07 -180.40
CA GLU E 278 4.55 -108.58 -181.76
C GLU E 278 5.83 -109.27 -182.22
N PRO E 279 7.02 -108.70 -182.03
CA PRO E 279 8.23 -109.46 -182.37
C PRO E 279 8.34 -110.78 -181.65
N LEU E 280 7.88 -110.86 -180.41
CA LEU E 280 7.86 -112.13 -179.69
C LEU E 280 7.01 -113.15 -180.43
N ALA E 281 5.82 -112.75 -180.87
CA ALA E 281 4.94 -113.67 -181.60
C ALA E 281 5.58 -114.11 -182.90
N LYS E 282 6.17 -113.18 -183.65
CA LYS E 282 6.80 -113.56 -184.92
C LYS E 282 7.98 -114.50 -184.70
N HIS E 283 8.79 -114.24 -183.67
CA HIS E 283 9.91 -115.12 -183.37
C HIS E 283 9.42 -116.52 -183.00
N ARG E 284 8.37 -116.59 -182.19
CA ARG E 284 7.80 -117.89 -181.83
C ARG E 284 7.30 -118.61 -183.07
N GLU E 285 6.62 -117.90 -183.96
CA GLU E 285 6.10 -118.51 -185.18
C GLU E 285 7.24 -119.08 -186.03
N ILE E 286 8.30 -118.29 -186.22
CA ILE E 286 9.41 -118.75 -187.05
C ILE E 286 10.09 -119.95 -186.41
N ARG E 287 10.31 -119.90 -185.09
CA ARG E 287 10.95 -121.01 -184.41
C ARG E 287 10.12 -122.28 -184.55
N ASN E 288 8.81 -122.18 -184.37
CA ASN E 288 7.95 -123.36 -184.50
C ASN E 288 7.98 -123.89 -185.93
N LYS E 289 7.94 -123.00 -186.92
CA LYS E 289 8.00 -123.44 -188.31
C LYS E 289 9.31 -124.18 -188.58
N LEU E 290 10.40 -123.72 -187.96
CA LEU E 290 11.66 -124.44 -188.09
C LEU E 290 11.56 -125.84 -187.50
N LYS E 291 10.89 -125.97 -186.36
CA LYS E 291 10.72 -127.27 -185.70
C LYS E 291 9.84 -128.19 -186.54
N MET F 1 -38.32 23.52 35.22
CA MET F 1 -37.49 24.61 34.70
C MET F 1 -38.06 25.16 33.40
N LEU F 2 -38.65 24.28 32.59
CA LEU F 2 -39.24 24.73 31.34
C LEU F 2 -40.34 25.76 31.58
N ALA F 3 -41.14 25.56 32.64
CA ALA F 3 -42.11 26.57 33.02
C ALA F 3 -41.42 27.88 33.38
N LYS F 4 -40.28 27.79 34.08
CA LYS F 4 -39.54 28.99 34.45
C LYS F 4 -39.07 29.75 33.21
N LYS F 5 -38.51 29.03 32.24
CA LYS F 5 -38.04 29.67 31.01
C LYS F 5 -39.20 30.25 30.22
N LEU F 6 -40.33 29.54 30.18
CA LEU F 6 -41.52 30.06 29.52
C LEU F 6 -41.99 31.35 30.17
N ALA F 7 -42.00 31.39 31.49
CA ALA F 7 -42.39 32.61 32.20
C ALA F 7 -41.43 33.75 31.91
N LEU F 8 -40.13 33.44 31.88
CA LEU F 8 -39.14 34.47 31.54
C LEU F 8 -39.41 35.01 30.14
N ALA F 9 -39.70 34.14 29.18
CA ALA F 9 -39.98 34.58 27.82
C ALA F 9 -41.22 35.44 27.77
N ARG F 10 -42.30 35.02 28.45
CA ARG F 10 -43.52 35.81 28.47
C ARG F 10 -43.36 37.12 29.23
N SER F 11 -42.36 37.23 30.10
CA SER F 11 -42.18 38.45 30.89
C SER F 11 -42.19 39.71 30.04
N GLN F 12 -42.08 39.58 28.72
CA GLN F 12 -42.07 40.73 27.83
C GLN F 12 -43.00 40.61 26.63
N GLY F 13 -43.42 39.39 26.29
CA GLY F 13 -44.21 39.21 25.08
C GLY F 13 -43.43 39.32 23.80
N LYS F 14 -42.11 39.19 23.86
CA LYS F 14 -41.24 39.26 22.68
C LYS F 14 -41.40 37.99 21.85
N PRO F 15 -40.69 37.88 20.73
CA PRO F 15 -40.78 36.66 19.92
C PRO F 15 -40.38 35.44 20.71
N ASP F 16 -41.01 34.31 20.40
CA ASP F 16 -40.83 33.10 21.17
C ASP F 16 -39.36 32.67 21.17
N PRO F 17 -38.73 32.53 22.34
CA PRO F 17 -37.34 32.05 22.36
C PRO F 17 -37.22 30.55 22.25
N PHE F 18 -38.30 29.79 22.49
CA PHE F 18 -38.28 28.33 22.43
C PHE F 18 -39.17 27.89 21.27
N LYS F 19 -38.61 27.08 20.37
CA LYS F 19 -39.38 26.58 19.24
C LYS F 19 -40.42 25.57 19.70
N LYS F 20 -41.48 25.43 18.89
CA LYS F 20 -42.53 24.47 19.19
C LYS F 20 -42.01 23.04 19.16
N ASP F 21 -41.18 22.69 18.17
CA ASP F 21 -40.56 21.39 18.10
C ASP F 21 -39.41 21.22 19.10
N GLU F 22 -38.97 22.31 19.73
CA GLU F 22 -37.95 22.25 20.77
C GLU F 22 -38.51 21.82 22.11
N PHE F 23 -39.83 21.64 22.20
CA PHE F 23 -40.46 21.23 23.45
C PHE F 23 -40.39 19.72 23.56
N PRO F 24 -39.66 19.16 24.52
CA PRO F 24 -39.69 17.71 24.72
C PRO F 24 -41.06 17.25 25.22
N LEU F 25 -41.41 16.03 24.86
CA LEU F 25 -42.70 15.47 25.24
C LEU F 25 -42.74 15.17 26.74
N LEU F 26 -43.94 14.83 27.22
CA LEU F 26 -44.08 14.36 28.59
C LEU F 26 -43.19 13.15 28.85
N GLN F 27 -42.93 12.35 27.81
CA GLN F 27 -42.04 11.21 27.97
C GLN F 27 -40.64 11.63 28.39
N HIS F 28 -40.13 12.71 27.79
CA HIS F 28 -38.79 13.18 28.13
C HIS F 28 -38.70 13.55 29.62
N ILE F 29 -39.65 14.36 30.10
CA ILE F 29 -39.61 14.78 31.50
C ILE F 29 -39.82 13.60 32.43
N ALA F 30 -40.75 12.71 32.08
CA ALA F 30 -40.98 11.54 32.93
C ALA F 30 -39.75 10.66 33.02
N VAL F 31 -39.07 10.42 31.90
CA VAL F 31 -37.86 9.60 31.91
C VAL F 31 -36.74 10.30 32.66
N GLU F 32 -36.63 11.63 32.52
CA GLU F 32 -35.62 12.36 33.28
C GLU F 32 -35.85 12.21 34.78
N VAL F 33 -37.10 12.33 35.22
CA VAL F 33 -37.41 12.19 36.64
C VAL F 33 -37.15 10.76 37.10
N VAL F 34 -37.54 9.78 36.30
CA VAL F 34 -37.35 8.38 36.69
C VAL F 34 -35.86 8.07 36.81
N SER F 35 -35.06 8.52 35.85
CA SER F 35 -33.61 8.35 35.96
C SER F 35 -33.05 9.11 37.15
N GLN F 36 -33.69 10.21 37.54
CA GLN F 36 -33.27 10.94 38.72
C GLN F 36 -33.99 10.48 39.98
N ASN F 37 -35.15 9.84 39.86
CA ASN F 37 -35.96 9.41 40.99
C ASN F 37 -36.34 7.93 40.85
N TYR F 38 -35.35 7.09 40.54
CA TYR F 38 -35.63 5.67 40.38
C TYR F 38 -35.97 5.02 41.72
N ILE F 39 -35.61 5.65 42.84
CA ILE F 39 -35.93 5.08 44.14
C ILE F 39 -37.43 4.97 44.31
N LEU F 40 -38.17 6.00 43.91
CA LEU F 40 -39.63 5.92 43.92
C LEU F 40 -40.14 4.97 42.83
N TYR F 41 -39.31 4.67 41.84
CA TYR F 41 -39.69 3.81 40.72
C TYR F 41 -38.67 2.68 40.54
N PRO F 42 -38.52 1.81 41.54
CA PRO F 42 -37.76 0.57 41.30
C PRO F 42 -38.47 -0.41 40.39
N ASP F 43 -39.78 -0.26 40.19
CA ASP F 43 -40.58 -1.26 39.50
C ASP F 43 -40.85 -0.92 38.04
N LEU F 44 -41.36 0.28 37.77
CA LEU F 44 -41.75 0.67 36.42
C LEU F 44 -42.73 -0.33 35.81
N LYS F 45 -43.54 -0.96 36.66
CA LYS F 45 -44.46 -1.98 36.19
C LYS F 45 -45.44 -1.38 35.20
N GLY F 46 -45.61 -2.04 34.05
CA GLY F 46 -46.47 -1.57 33.00
C GLY F 46 -45.82 -0.62 32.00
N VAL F 47 -44.60 -0.18 32.26
CA VAL F 47 -43.87 0.68 31.32
C VAL F 47 -43.16 -0.22 30.30
N PRO F 48 -43.34 0.01 29.01
CA PRO F 48 -42.72 -0.87 28.02
C PRO F 48 -41.21 -0.89 28.17
N GLU F 49 -40.62 -2.03 27.79
CA GLU F 49 -39.18 -2.23 27.95
C GLU F 49 -38.38 -1.15 27.23
N ASN F 50 -38.95 -0.54 26.20
CA ASN F 50 -38.22 0.50 25.46
C ASN F 50 -37.85 1.67 26.37
N VAL F 51 -38.83 2.22 27.08
CA VAL F 51 -38.54 3.29 28.02
C VAL F 51 -37.63 2.79 29.14
N ARG F 52 -37.76 1.51 29.50
CA ARG F 52 -36.89 0.96 30.54
C ARG F 52 -35.42 1.07 30.13
N ASP F 53 -35.10 0.59 28.93
CA ASP F 53 -33.73 0.69 28.44
C ASP F 53 -33.32 2.15 28.24
N THR F 54 -34.25 3.00 27.80
CA THR F 54 -33.95 4.42 27.66
C THR F 54 -33.47 5.00 28.98
N ILE F 55 -34.25 4.79 30.04
CA ILE F 55 -33.88 5.31 31.35
C ILE F 55 -32.57 4.71 31.81
N ILE F 56 -32.42 3.39 31.65
CA ILE F 56 -31.20 2.72 32.10
C ILE F 56 -29.98 3.34 31.44
N SER F 57 -30.04 3.56 30.13
CA SER F 57 -28.93 4.17 29.42
C SER F 57 -28.69 5.61 29.90
N LYS F 58 -29.76 6.34 30.20
CA LYS F 58 -29.63 7.72 30.60
C LYS F 58 -29.43 7.91 32.10
N ILE F 59 -29.33 6.82 32.86
CA ILE F 59 -29.08 6.90 34.29
C ILE F 59 -27.59 6.77 34.56
N THR F 60 -27.16 7.30 35.71
CA THR F 60 -25.78 7.18 36.14
C THR F 60 -25.53 5.74 36.62
N THR F 61 -24.35 5.50 37.19
CA THR F 61 -23.89 4.15 37.51
C THR F 61 -23.68 3.93 39.01
N ASP F 62 -24.33 4.71 39.87
CA ASP F 62 -24.19 4.57 41.32
C ASP F 62 -25.45 4.01 41.97
N LEU F 63 -26.15 3.11 41.30
CA LEU F 63 -27.37 2.56 41.86
C LEU F 63 -27.04 1.58 42.98
N ASP F 64 -28.08 1.14 43.69
CA ASP F 64 -27.94 0.20 44.79
C ASP F 64 -28.02 -1.23 44.28
N ILE F 65 -27.12 -2.09 44.78
CA ILE F 65 -27.03 -3.45 44.28
C ILE F 65 -28.32 -4.22 44.57
N LEU F 66 -28.85 -4.10 45.80
CA LEU F 66 -30.05 -4.85 46.17
C LEU F 66 -31.21 -4.53 45.26
N THR F 67 -31.31 -3.28 44.79
CA THR F 67 -32.40 -2.89 43.89
C THR F 67 -32.06 -3.10 42.43
N MET F 68 -30.80 -2.89 42.04
CA MET F 68 -30.43 -3.11 40.64
C MET F 68 -30.55 -4.57 40.26
N ALA F 69 -30.14 -5.48 41.14
CA ALA F 69 -30.17 -6.91 40.81
C ALA F 69 -31.55 -7.38 40.41
N PRO F 70 -32.61 -7.09 41.16
CA PRO F 70 -33.93 -7.66 40.78
C PRO F 70 -34.56 -7.00 39.58
N ASN F 71 -34.56 -5.66 39.54
CA ASN F 71 -35.30 -4.94 38.51
C ASN F 71 -34.48 -4.63 37.27
N ILE F 72 -33.19 -4.93 37.26
CA ILE F 72 -32.30 -4.55 36.18
C ILE F 72 -31.57 -5.79 35.68
N ASP F 73 -31.64 -6.03 34.37
CA ASP F 73 -30.87 -7.11 33.74
C ASP F 73 -30.29 -6.70 32.39
N GLN F 74 -30.08 -5.40 32.17
CA GLN F 74 -29.58 -4.90 30.89
C GLN F 74 -28.05 -4.90 30.94
N GLU F 75 -27.43 -5.66 30.04
CA GLU F 75 -26.00 -5.94 30.15
C GLU F 75 -25.15 -4.69 29.99
N SER F 76 -25.48 -3.83 29.02
CA SER F 76 -24.68 -2.62 28.81
C SER F 76 -24.71 -1.74 30.04
N PHE F 77 -25.83 -1.74 30.77
CA PHE F 77 -25.89 -1.01 32.04
C PHE F 77 -24.90 -1.57 33.06
N TRP F 78 -24.81 -2.90 33.14
CA TRP F 78 -23.86 -3.51 34.05
C TRP F 78 -22.42 -3.18 33.63
N GLN F 79 -22.19 -3.07 32.32
CA GLN F 79 -20.87 -2.64 31.86
C GLN F 79 -20.61 -1.18 32.21
N ARG F 80 -21.65 -0.34 32.18
CA ARG F 80 -21.50 1.03 32.65
C ARG F 80 -21.10 1.06 34.12
N ALA F 81 -21.76 0.24 34.93
CA ALA F 81 -21.39 0.16 36.35
C ALA F 81 -19.97 -0.36 36.50
N CYS F 82 -19.57 -1.32 35.68
CA CYS F 82 -18.20 -1.82 35.73
C CYS F 82 -17.20 -0.73 35.40
N LYS F 83 -17.50 0.08 34.39
CA LYS F 83 -16.62 1.20 34.06
C LYS F 83 -16.54 2.20 35.20
N ASN F 84 -17.68 2.48 35.84
CA ASN F 84 -17.70 3.43 36.95
C ASN F 84 -16.94 2.90 38.17
N ARG F 85 -16.93 1.57 38.36
CA ARG F 85 -16.33 0.99 39.57
C ARG F 85 -14.88 0.56 39.38
N TRP F 86 -14.63 -0.39 38.47
CA TRP F 86 -13.36 -1.11 38.43
C TRP F 86 -12.56 -0.83 37.16
N GLU F 87 -12.84 0.26 36.45
CA GLU F 87 -12.00 0.61 35.30
C GLU F 87 -10.58 0.92 35.75
N LYS F 88 -10.42 1.66 36.84
CA LYS F 88 -9.12 1.95 37.42
C LYS F 88 -8.88 1.17 38.71
N SER F 89 -9.62 0.08 38.92
CA SER F 89 -9.45 -0.75 40.09
C SER F 89 -8.26 -1.70 39.87
N GLN F 90 -8.13 -2.69 40.74
CA GLN F 90 -7.07 -3.68 40.57
C GLN F 90 -7.31 -4.55 39.35
N LYS F 91 -8.57 -4.89 39.07
CA LYS F 91 -8.87 -5.80 37.97
C LYS F 91 -10.25 -5.50 37.42
N SER F 92 -10.51 -5.98 36.21
CA SER F 92 -11.81 -5.88 35.56
C SER F 92 -12.30 -7.29 35.21
N ILE F 93 -13.63 -7.43 35.20
CA ILE F 93 -14.23 -8.75 35.03
C ILE F 93 -13.83 -9.37 33.70
N ASN F 94 -13.64 -10.69 33.72
CA ASN F 94 -13.35 -11.47 32.52
C ASN F 94 -14.65 -12.20 32.16
N ILE F 95 -15.29 -11.79 31.06
CA ILE F 95 -16.70 -12.11 30.84
C ILE F 95 -16.90 -13.62 30.71
N GLU F 96 -16.03 -14.31 29.96
CA GLU F 96 -16.19 -15.74 29.76
C GLU F 96 -16.15 -16.51 31.07
N GLU F 97 -15.56 -15.93 32.12
CA GLU F 97 -15.42 -16.59 33.41
C GLU F 97 -16.51 -16.20 34.39
N HIS F 98 -17.57 -15.53 33.93
CA HIS F 98 -18.65 -15.06 34.79
C HIS F 98 -20.01 -15.32 34.16
N GLY F 99 -20.20 -16.55 33.67
CA GLY F 99 -21.51 -16.96 33.18
C GLY F 99 -22.05 -16.13 32.05
N ARG F 100 -21.18 -15.42 31.31
CA ARG F 100 -21.61 -14.54 30.22
C ARG F 100 -22.65 -13.53 30.71
N SER F 101 -22.41 -12.96 31.90
CA SER F 101 -23.29 -11.94 32.46
C SER F 101 -22.46 -10.94 33.22
N TRP F 102 -22.56 -9.65 32.83
CA TRP F 102 -21.87 -8.60 33.57
C TRP F 102 -22.43 -8.48 34.98
N LYS F 103 -23.75 -8.61 35.14
CA LYS F 103 -24.36 -8.39 36.45
C LYS F 103 -23.87 -9.40 37.48
N VAL F 104 -23.76 -10.67 37.09
CA VAL F 104 -23.33 -11.69 38.05
C VAL F 104 -21.90 -11.43 38.51
N ALA F 105 -21.02 -11.09 37.57
CA ALA F 105 -19.62 -10.84 37.93
C ALA F 105 -19.51 -9.60 38.83
N TYR F 106 -20.23 -8.54 38.49
CA TYR F 106 -20.23 -7.35 39.34
C TYR F 106 -20.74 -7.68 40.74
N LEU F 107 -21.82 -8.46 40.82
CA LEU F 107 -22.39 -8.83 42.11
C LEU F 107 -21.39 -9.64 42.93
N GLU F 108 -20.73 -10.60 42.30
CA GLU F 108 -19.76 -11.43 43.02
C GLU F 108 -18.59 -10.60 43.51
N ARG F 109 -18.10 -9.67 42.68
CA ARG F 109 -17.01 -8.81 43.12
C ARG F 109 -17.43 -7.93 44.28
N TYR F 110 -18.65 -7.38 44.23
CA TYR F 110 -19.11 -6.55 45.33
C TYR F 110 -19.30 -7.39 46.59
N MET F 111 -19.71 -8.65 46.44
CA MET F 111 -19.77 -9.55 47.58
C MET F 111 -18.39 -9.74 48.20
N GLU F 112 -17.37 -9.98 47.36
CA GLU F 112 -16.01 -10.13 47.85
C GLU F 112 -15.59 -8.91 48.65
N GLU F 113 -15.73 -7.72 48.05
CA GLU F 113 -15.22 -6.51 48.68
C GLU F 113 -16.07 -6.07 49.86
N PHE F 114 -17.36 -6.43 49.89
CA PHE F 114 -18.18 -6.15 51.06
C PHE F 114 -17.78 -7.06 52.23
N LEU F 115 -17.64 -8.36 51.98
CA LEU F 115 -17.22 -9.27 53.05
C LEU F 115 -15.80 -8.94 53.51
N THR F 116 -15.00 -8.33 52.63
CA THR F 116 -13.69 -7.84 53.05
C THR F 116 -13.81 -6.61 53.93
N ASN F 117 -14.42 -5.54 53.42
CA ASN F 117 -14.60 -4.32 54.19
C ASN F 117 -15.40 -4.54 55.46
N ILE F 118 -16.24 -5.58 55.49
CA ILE F 118 -17.12 -5.78 56.64
C ILE F 118 -16.28 -6.01 57.89
N GLN F 119 -16.57 -5.27 58.94
CA GLN F 119 -15.91 -5.39 60.23
C GLN F 119 -16.89 -5.97 61.23
N ASN F 120 -16.52 -7.09 61.85
CA ASN F 120 -17.36 -7.74 62.85
C ASN F 120 -18.73 -8.10 62.26
N ALA F 121 -18.71 -9.04 61.31
CA ALA F 121 -19.93 -9.45 60.62
C ALA F 121 -20.99 -9.97 61.59
N ASP F 122 -20.60 -10.37 62.79
CA ASP F 122 -21.55 -10.81 63.80
C ASP F 122 -22.43 -9.67 64.30
N ASP F 123 -22.11 -8.43 63.95
CA ASP F 123 -22.91 -7.29 64.37
C ASP F 123 -24.35 -7.46 63.87
N PRO F 124 -25.35 -7.32 64.74
CA PRO F 124 -26.73 -7.68 64.35
C PRO F 124 -27.25 -7.02 63.08
N ASN F 125 -27.21 -5.69 62.99
CA ASN F 125 -27.76 -5.03 61.80
C ASN F 125 -27.00 -5.43 60.55
N LYS F 126 -25.67 -5.51 60.65
CA LYS F 126 -24.86 -5.92 59.50
C LYS F 126 -25.19 -7.35 59.09
N LYS F 127 -25.35 -8.25 60.06
CA LYS F 127 -25.69 -9.63 59.74
C LYS F 127 -27.06 -9.74 59.08
N GLN F 128 -28.04 -8.97 59.58
CA GLN F 128 -29.36 -8.99 58.97
C GLN F 128 -29.32 -8.46 57.54
N ILE F 129 -28.59 -7.37 57.32
CA ILE F 129 -28.48 -6.82 55.97
C ILE F 129 -27.77 -7.81 55.05
N LEU F 130 -26.77 -8.51 55.58
CA LEU F 130 -26.08 -9.54 54.81
C LEU F 130 -27.03 -10.66 54.42
N GLN F 131 -27.88 -11.10 55.37
CA GLN F 131 -28.87 -12.11 55.05
C GLN F 131 -29.82 -11.63 53.97
N ALA F 132 -30.28 -10.38 54.07
CA ALA F 132 -31.17 -9.84 53.05
C ALA F 132 -30.49 -9.80 51.68
N GLU F 133 -29.21 -9.42 51.65
CA GLU F 133 -28.50 -9.37 50.38
C GLU F 133 -28.32 -10.76 49.78
N LEU F 134 -27.99 -11.75 50.60
CA LEU F 134 -27.92 -13.12 50.09
C LEU F 134 -29.28 -13.56 49.54
N LYS F 135 -30.35 -13.25 50.26
CA LYS F 135 -31.68 -13.64 49.80
C LYS F 135 -31.99 -13.00 48.45
N ALA F 136 -31.66 -11.71 48.31
CA ALA F 136 -31.88 -11.03 47.04
C ALA F 136 -31.07 -11.66 45.92
N ALA F 137 -29.82 -12.03 46.22
CA ALA F 137 -28.94 -12.60 45.22
C ALA F 137 -29.25 -14.06 44.91
N ALA F 138 -30.11 -14.71 45.70
CA ALA F 138 -30.42 -16.11 45.47
C ALA F 138 -30.76 -16.40 44.01
N SER F 139 -31.14 -15.39 43.23
CA SER F 139 -31.51 -15.61 41.84
C SER F 139 -30.31 -15.77 40.91
N TRP F 140 -29.18 -15.12 41.19
CA TRP F 140 -28.07 -15.09 40.24
C TRP F 140 -26.71 -15.31 40.90
N ILE F 141 -26.63 -16.19 41.88
CA ILE F 141 -25.37 -16.55 42.53
C ILE F 141 -24.86 -17.85 41.92
N HIS F 142 -23.61 -17.82 41.45
CA HIS F 142 -23.00 -18.99 40.82
C HIS F 142 -21.72 -19.45 41.48
N THR F 143 -20.83 -18.52 41.88
CA THR F 143 -19.55 -18.91 42.44
C THR F 143 -19.15 -17.94 43.55
N LEU F 144 -18.33 -18.44 44.47
CA LEU F 144 -17.85 -17.67 45.62
C LEU F 144 -16.35 -17.82 45.71
N ASN F 145 -15.64 -16.72 45.96
CA ASN F 145 -14.19 -16.69 45.85
C ASN F 145 -13.62 -15.65 46.80
N LEU F 146 -12.76 -16.07 47.72
CA LEU F 146 -12.08 -15.15 48.63
C LEU F 146 -10.66 -15.63 48.92
N GLN F 147 -9.69 -14.72 48.77
CA GLN F 147 -8.28 -14.99 49.03
C GLN F 147 -7.74 -14.02 50.07
N ASN F 148 -7.01 -14.56 51.05
CA ASN F 148 -6.25 -13.75 51.99
C ASN F 148 -7.17 -13.08 53.02
N ILE F 149 -8.22 -13.79 53.45
CA ILE F 149 -9.22 -13.23 54.36
C ILE F 149 -8.62 -13.05 55.74
N ASN F 150 -9.25 -12.20 56.55
CA ASN F 150 -8.82 -11.94 57.92
C ASN F 150 -9.93 -12.12 58.96
N GLN F 151 -10.94 -12.94 58.67
CA GLN F 151 -12.06 -13.11 59.57
C GLN F 151 -12.37 -14.58 59.79
N ASN F 152 -12.79 -14.91 61.01
CA ASN F 152 -13.24 -16.27 61.34
C ASN F 152 -14.65 -16.43 60.76
N ILE F 153 -14.69 -16.71 59.45
CA ILE F 153 -15.92 -16.61 58.68
C ILE F 153 -16.82 -17.80 58.99
N ASP F 154 -18.11 -17.52 59.21
CA ASP F 154 -19.13 -18.55 59.41
C ASP F 154 -19.60 -19.04 58.04
N ILE F 155 -19.08 -20.18 57.60
CA ILE F 155 -19.37 -20.65 56.26
C ILE F 155 -20.80 -21.14 56.14
N ASP F 156 -21.31 -21.85 57.15
CA ASP F 156 -22.60 -22.52 57.03
C ASP F 156 -23.75 -21.53 56.88
N PHE F 157 -23.71 -20.42 57.63
CA PHE F 157 -24.80 -19.46 57.56
C PHE F 157 -24.93 -18.87 56.17
N ILE F 158 -23.80 -18.57 55.54
CA ILE F 158 -23.81 -18.08 54.16
C ILE F 158 -24.27 -19.19 53.21
N CYS F 159 -23.74 -20.40 53.40
CA CYS F 159 -24.02 -21.49 52.46
C CYS F 159 -25.50 -21.84 52.43
N LYS F 160 -26.16 -21.79 53.59
CA LYS F 160 -27.57 -22.17 53.66
C LYS F 160 -28.40 -21.35 52.68
N TYR F 161 -27.98 -20.13 52.39
CA TYR F 161 -28.68 -19.25 51.46
C TYR F 161 -28.21 -19.43 50.02
N LEU F 162 -27.23 -20.29 49.78
CA LEU F 162 -26.66 -20.49 48.45
C LEU F 162 -26.63 -21.97 48.10
N PRO F 163 -27.78 -22.55 47.73
CA PRO F 163 -27.77 -23.88 47.11
C PRO F 163 -27.36 -23.88 45.64
N LEU F 164 -27.10 -22.71 45.04
CA LEU F 164 -26.74 -22.62 43.63
C LEU F 164 -25.26 -22.36 43.39
N LEU F 165 -24.46 -22.13 44.42
CA LEU F 165 -23.04 -21.87 44.21
C LEU F 165 -22.40 -23.00 43.42
N THR F 166 -21.72 -22.65 42.33
CA THR F 166 -21.11 -23.65 41.46
C THR F 166 -19.66 -23.95 41.81
N SER F 167 -18.92 -22.96 42.32
CA SER F 167 -17.57 -23.18 42.81
C SER F 167 -17.36 -22.39 44.09
N LEU F 168 -16.55 -22.92 44.99
CA LEU F 168 -16.23 -22.29 46.26
C LEU F 168 -14.72 -22.20 46.39
N THR F 169 -14.22 -21.03 46.77
CA THR F 169 -12.79 -20.78 46.91
C THR F 169 -12.55 -20.04 48.21
N LEU F 170 -11.84 -20.67 49.15
CA LEU F 170 -11.56 -20.06 50.45
C LEU F 170 -10.06 -20.19 50.73
N THR F 171 -9.36 -19.06 50.85
CA THR F 171 -7.93 -19.07 51.15
C THR F 171 -7.65 -18.12 52.30
N TYR F 172 -6.90 -18.60 53.31
CA TYR F 172 -6.62 -17.84 54.50
C TYR F 172 -5.39 -16.95 54.30
N GLY F 173 -5.40 -15.79 54.97
CA GLY F 173 -4.30 -14.85 54.84
C GLY F 173 -4.53 -13.65 55.72
N THR F 174 -3.96 -12.52 55.31
CA THR F 174 -4.16 -11.22 55.95
C THR F 174 -4.30 -10.14 54.88
N LYS F 175 -5.53 -9.90 54.42
CA LYS F 175 -5.73 -8.88 53.39
C LYS F 175 -5.32 -7.51 53.87
N TYR F 176 -5.64 -7.17 55.12
CA TYR F 176 -5.17 -5.94 55.75
C TYR F 176 -4.44 -6.35 57.03
N SER F 177 -3.15 -6.67 56.89
CA SER F 177 -2.32 -7.05 58.03
C SER F 177 -1.54 -5.81 58.47
N GLY F 178 -1.91 -5.26 59.61
CA GLY F 178 -1.28 -4.05 60.10
C GLY F 178 0.18 -4.23 60.45
N MET F 179 0.74 -3.26 61.18
CA MET F 179 2.15 -3.34 61.54
C MET F 179 2.45 -4.61 62.32
N ASP F 180 1.66 -4.89 63.34
CA ASP F 180 2.00 -5.91 64.33
C ASP F 180 2.26 -7.26 63.68
N TYR F 181 3.29 -7.95 64.16
CA TYR F 181 3.66 -9.27 63.67
C TYR F 181 2.72 -10.32 64.26
N ASN F 182 2.04 -11.06 63.38
CA ASN F 182 1.08 -12.08 63.80
C ASN F 182 1.27 -13.32 62.94
N LYS F 183 2.09 -14.25 63.43
CA LYS F 183 2.22 -15.54 62.76
C LYS F 183 0.88 -16.27 62.72
N GLN F 184 0.01 -16.02 63.70
CA GLN F 184 -1.35 -16.54 63.67
C GLN F 184 -2.26 -15.77 62.73
N SER F 185 -1.79 -14.64 62.17
CA SER F 185 -2.56 -13.92 61.18
C SER F 185 -2.60 -14.63 59.84
N VAL F 186 -1.63 -15.51 59.57
CA VAL F 186 -1.58 -16.29 58.33
C VAL F 186 -1.64 -17.77 58.70
N GLY F 187 -2.60 -18.48 58.12
CA GLY F 187 -2.80 -19.88 58.44
C GLY F 187 -4.18 -20.15 58.99
N MET F 188 -4.96 -20.97 58.28
CA MET F 188 -6.32 -21.26 58.70
C MET F 188 -6.31 -22.18 59.92
N LYS F 189 -7.14 -21.83 60.90
CA LYS F 189 -7.14 -22.47 62.22
C LYS F 189 -8.31 -23.44 62.34
N LEU F 190 -8.49 -23.94 63.56
CA LEU F 190 -9.40 -25.07 63.79
C LEU F 190 -10.85 -24.68 63.51
N SER F 191 -11.31 -23.58 64.09
CA SER F 191 -12.73 -23.24 64.02
C SER F 191 -13.18 -23.01 62.59
N GLU F 192 -12.38 -22.28 61.81
CA GLU F 192 -12.77 -22.02 60.43
C GLU F 192 -12.79 -23.30 59.61
N ALA F 193 -11.84 -24.21 59.85
CA ALA F 193 -11.85 -25.48 59.16
C ALA F 193 -13.12 -26.26 59.47
N ALA F 194 -13.50 -26.31 60.75
CA ALA F 194 -14.71 -27.03 61.13
C ALA F 194 -15.95 -26.41 60.50
N ASN F 195 -16.05 -25.08 60.53
CA ASN F 195 -17.21 -24.41 59.98
C ASN F 195 -17.29 -24.60 58.47
N LEU F 196 -16.15 -24.50 57.78
CA LEU F 196 -16.14 -24.68 56.34
C LEU F 196 -16.52 -26.12 55.96
N GLY F 197 -16.02 -27.11 56.69
CA GLY F 197 -16.43 -28.48 56.45
C GLY F 197 -17.91 -28.68 56.70
N GLU F 198 -18.44 -28.08 57.76
CA GLU F 198 -19.87 -28.18 58.05
C GLU F 198 -20.71 -27.57 56.94
N ALA F 199 -20.27 -26.42 56.41
CA ALA F 199 -20.98 -25.83 55.28
C ALA F 199 -20.88 -26.71 54.04
N ILE F 200 -19.73 -27.35 53.85
CA ILE F 200 -19.59 -28.31 52.75
C ILE F 200 -20.64 -29.41 52.87
N LYS F 201 -20.78 -29.98 54.07
CA LYS F 201 -21.77 -31.03 54.28
C LYS F 201 -23.20 -30.50 54.23
N ASN F 202 -23.38 -29.18 54.31
CA ASN F 202 -24.69 -28.56 54.22
C ASN F 202 -25.02 -28.06 52.81
N CYS F 203 -24.48 -28.71 51.78
CA CYS F 203 -24.65 -28.27 50.41
C CYS F 203 -25.27 -29.39 49.57
N TYR F 204 -25.93 -28.99 48.48
CA TYR F 204 -26.56 -29.94 47.57
C TYR F 204 -26.01 -29.88 46.14
N SER F 205 -25.62 -28.71 45.65
CA SER F 205 -25.27 -28.55 44.25
C SER F 205 -23.88 -27.95 44.04
N LEU F 206 -23.02 -27.94 45.05
CA LEU F 206 -21.68 -27.39 44.86
C LEU F 206 -20.87 -28.28 43.93
N LEU F 207 -20.08 -27.66 43.05
CA LEU F 207 -19.34 -28.37 42.02
C LEU F 207 -17.85 -28.49 42.28
N SER F 208 -17.27 -27.58 43.08
CA SER F 208 -15.84 -27.64 43.35
C SER F 208 -15.53 -26.83 44.60
N LEU F 209 -14.55 -27.31 45.37
CA LEU F 209 -14.05 -26.61 46.55
C LEU F 209 -12.55 -26.47 46.45
N ASN F 210 -12.05 -25.26 46.67
CA ASN F 210 -10.62 -24.99 46.68
C ASN F 210 -10.26 -24.33 48.01
N ILE F 211 -9.58 -25.08 48.87
CA ILE F 211 -9.15 -24.59 50.17
C ILE F 211 -7.64 -24.37 50.13
N SER F 212 -7.13 -24.06 48.93
CA SER F 212 -5.70 -23.90 48.73
C SER F 212 -5.17 -22.70 49.52
N ALA F 213 -3.84 -22.69 49.68
CA ALA F 213 -3.16 -21.63 50.43
C ALA F 213 -3.75 -21.49 51.83
N ASN F 214 -4.03 -22.64 52.46
CA ASN F 214 -4.54 -22.67 53.82
C ASN F 214 -3.61 -23.40 54.78
N MET F 215 -2.49 -23.93 54.31
CA MET F 215 -1.56 -24.68 55.15
C MET F 215 -2.28 -25.81 55.87
N ILE F 216 -3.25 -26.42 55.19
CA ILE F 216 -4.14 -27.38 55.84
C ILE F 216 -3.36 -28.63 56.21
N ASP F 217 -3.48 -29.02 57.48
CA ASP F 217 -2.77 -30.16 58.06
C ASP F 217 -3.78 -31.26 58.39
N ASP F 218 -3.29 -32.34 59.02
CA ASP F 218 -4.15 -33.49 59.27
C ASP F 218 -5.33 -33.12 60.16
N ASP F 219 -5.10 -32.36 61.23
CA ASP F 219 -6.20 -32.05 62.14
C ASP F 219 -7.27 -31.23 61.43
N LEU F 220 -6.86 -30.25 60.63
CA LEU F 220 -7.81 -29.40 59.93
C LEU F 220 -8.42 -30.12 58.73
N LEU F 221 -7.60 -30.88 58.00
CA LEU F 221 -8.12 -31.70 56.91
C LEU F 221 -9.14 -32.70 57.41
N ARG F 222 -9.02 -33.12 58.67
CA ARG F 222 -9.98 -34.09 59.22
C ARG F 222 -11.37 -33.46 59.33
N PHE F 223 -11.45 -32.24 59.86
CA PHE F 223 -12.73 -31.53 59.87
C PHE F 223 -13.23 -31.30 58.46
N ILE F 224 -12.33 -30.91 57.55
CA ILE F 224 -12.74 -30.66 56.18
C ILE F 224 -13.40 -31.90 55.58
N MET F 225 -12.74 -33.06 55.71
CA MET F 225 -13.28 -34.28 55.13
C MET F 225 -14.56 -34.71 55.84
N ALA F 226 -14.59 -34.64 57.17
CA ALA F 226 -15.78 -35.00 57.92
C ALA F 226 -16.98 -34.19 57.43
N GLY F 227 -16.75 -32.92 57.09
CA GLY F 227 -17.78 -32.16 56.40
C GLY F 227 -18.08 -32.72 55.02
N VAL F 228 -17.03 -33.09 54.28
CA VAL F 228 -17.19 -33.55 52.89
C VAL F 228 -17.60 -35.01 52.79
N ASN F 229 -17.71 -35.72 53.91
CA ASN F 229 -18.00 -37.15 53.85
C ASN F 229 -19.43 -37.44 53.42
N MET F 230 -20.42 -36.76 54.03
CA MET F 230 -21.81 -37.10 53.80
C MET F 230 -22.46 -36.37 52.63
N ASN F 231 -21.96 -35.20 52.26
CA ASN F 231 -22.57 -34.46 51.16
C ASN F 231 -22.41 -35.23 49.85
N ILE F 232 -23.39 -35.07 48.96
CA ILE F 232 -23.52 -35.97 47.81
C ILE F 232 -23.40 -35.23 46.48
N SER F 233 -22.62 -34.14 46.43
CA SER F 233 -22.46 -33.40 45.19
C SER F 233 -21.05 -32.91 44.89
N LEU F 234 -20.05 -33.28 45.68
CA LEU F 234 -18.69 -32.76 45.45
C LEU F 234 -18.07 -33.41 44.22
N ILE F 235 -17.44 -32.58 43.38
CA ILE F 235 -16.79 -33.07 42.15
C ILE F 235 -15.31 -32.71 42.13
N GLU F 236 -14.93 -31.63 42.81
CA GLU F 236 -13.56 -31.12 42.77
C GLU F 236 -13.08 -30.76 44.18
N LEU F 237 -11.87 -31.21 44.52
CA LEU F 237 -11.23 -30.89 45.79
C LEU F 237 -9.81 -30.41 45.52
N ASN F 238 -9.49 -29.21 45.97
CA ASN F 238 -8.16 -28.63 45.83
C ASN F 238 -7.49 -28.57 47.19
N LEU F 239 -6.32 -29.21 47.32
CA LEU F 239 -5.61 -29.28 48.59
C LEU F 239 -4.10 -29.14 48.41
N SER F 240 -3.67 -28.38 47.40
CA SER F 240 -2.25 -28.12 47.20
C SER F 240 -1.81 -26.94 48.07
N HIS F 241 -0.54 -26.97 48.48
CA HIS F 241 0.03 -25.92 49.33
C HIS F 241 -0.64 -25.93 50.72
N ASN F 242 -0.68 -27.11 51.33
CA ASN F 242 -1.25 -27.28 52.66
C ASN F 242 -0.24 -28.05 53.52
N LYS F 243 -0.67 -28.44 54.72
CA LYS F 243 0.17 -29.16 55.65
C LYS F 243 -0.26 -30.62 55.82
N ILE F 244 -0.72 -31.24 54.74
CA ILE F 244 -1.23 -32.61 54.82
C ILE F 244 -0.13 -33.54 55.32
N GLU F 245 -0.38 -34.21 56.44
CA GLU F 245 0.53 -35.18 57.01
C GLU F 245 0.03 -36.59 56.71
N ASP F 246 0.67 -37.59 57.34
CA ASP F 246 0.37 -38.99 57.02
C ASP F 246 -1.10 -39.32 57.24
N GLN F 247 -1.68 -38.80 58.32
CA GLN F 247 -3.09 -39.09 58.58
C GLN F 247 -3.96 -38.56 57.45
N GLY F 248 -3.65 -37.35 56.97
CA GLY F 248 -4.38 -36.84 55.81
C GLY F 248 -4.26 -37.74 54.61
N ALA F 249 -3.06 -38.30 54.39
CA ALA F 249 -2.87 -39.20 53.25
C ALA F 249 -3.71 -40.47 53.40
N ARG F 250 -3.74 -41.05 54.61
CA ARG F 250 -4.54 -42.26 54.81
C ARG F 250 -6.02 -41.96 54.63
N ARG F 251 -6.49 -40.82 55.14
CA ARG F 251 -7.88 -40.45 54.95
C ARG F 251 -8.19 -40.20 53.49
N ILE F 252 -7.23 -39.63 52.74
CA ILE F 252 -7.42 -39.45 51.30
C ILE F 252 -7.56 -40.79 50.61
N ALA F 253 -6.72 -41.76 50.98
CA ALA F 253 -6.84 -43.10 50.40
C ALA F 253 -8.18 -43.72 50.73
N LYS F 254 -8.63 -43.57 51.98
CA LYS F 254 -9.93 -44.12 52.37
C LYS F 254 -11.06 -43.47 51.58
N PHE F 255 -11.01 -42.14 51.39
CA PHE F 255 -12.03 -41.46 50.62
C PHE F 255 -12.01 -41.88 49.16
N LEU F 256 -10.80 -42.07 48.59
CA LEU F 256 -10.70 -42.59 47.25
C LEU F 256 -11.37 -43.96 47.15
N MET F 257 -11.14 -44.82 48.14
CA MET F 257 -11.88 -46.07 48.19
C MET F 257 -13.39 -45.82 48.22
N ARG F 258 -13.83 -44.85 49.02
CA ARG F 258 -15.25 -44.54 49.14
C ARG F 258 -15.75 -43.62 48.04
N ASN F 259 -14.88 -42.81 47.45
CA ASN F 259 -15.33 -41.79 46.51
C ASN F 259 -15.99 -42.43 45.30
N GLU F 260 -17.06 -41.79 44.81
CA GLU F 260 -17.79 -42.26 43.64
C GLU F 260 -17.94 -41.21 42.55
N ILE F 261 -17.79 -39.92 42.85
CA ILE F 261 -18.07 -38.87 41.88
C ILE F 261 -16.94 -37.86 41.73
N LEU F 262 -15.94 -37.84 42.62
CA LEU F 262 -14.90 -36.81 42.54
C LEU F 262 -14.19 -36.88 41.19
N LEU F 263 -13.91 -35.70 40.63
CA LEU F 263 -13.30 -35.60 39.32
C LEU F 263 -12.00 -34.82 39.28
N TYR F 264 -11.84 -33.81 40.13
CA TYR F 264 -10.61 -33.04 40.23
C TYR F 264 -10.01 -33.22 41.62
N LEU F 265 -8.73 -33.55 41.70
CA LEU F 265 -8.04 -33.71 42.97
C LEU F 265 -6.71 -32.97 42.93
N ASN F 266 -6.45 -32.17 43.96
CA ASN F 266 -5.16 -31.52 44.13
C ASN F 266 -4.68 -31.71 45.57
N LEU F 267 -3.51 -32.33 45.74
CA LEU F 267 -2.97 -32.62 47.06
C LEU F 267 -1.46 -32.39 47.11
N GLY F 268 -0.94 -31.52 46.25
CA GLY F 268 0.49 -31.28 46.22
C GLY F 268 0.96 -30.36 47.34
N ASN F 269 2.28 -30.26 47.45
CA ASN F 269 2.94 -29.40 48.45
C ASN F 269 2.44 -29.72 49.86
N ASN F 270 2.76 -30.92 50.33
CA ASN F 270 2.40 -31.33 51.68
C ASN F 270 3.56 -32.04 52.36
N LEU F 271 3.31 -32.67 53.51
CA LEU F 271 4.35 -33.33 54.28
C LEU F 271 4.08 -34.83 54.40
N ILE F 272 3.67 -35.45 53.30
CA ILE F 272 3.30 -36.86 53.30
C ILE F 272 4.55 -37.72 53.27
N GLY F 273 4.50 -38.87 53.94
CA GLY F 273 5.56 -39.85 53.93
C GLY F 273 5.26 -41.02 53.02
N TYR F 274 6.00 -42.11 53.23
CA TYR F 274 5.76 -43.32 52.43
C TYR F 274 4.43 -43.97 52.75
N GLU F 275 3.97 -43.88 54.00
CA GLU F 275 2.68 -44.45 54.35
C GLU F 275 1.57 -43.82 53.52
N GLY F 276 1.59 -42.50 53.40
CA GLY F 276 0.62 -41.82 52.55
C GLY F 276 0.76 -42.21 51.10
N SER F 277 1.99 -42.40 50.63
CA SER F 277 2.19 -42.83 49.25
C SER F 277 1.55 -44.19 49.00
N ARG F 278 1.78 -45.13 49.91
CA ARG F 278 1.17 -46.46 49.78
C ARG F 278 -0.34 -46.37 49.78
N TYR F 279 -0.89 -45.59 50.71
CA TYR F 279 -2.34 -45.47 50.79
C TYR F 279 -2.92 -44.86 49.53
N LEU F 280 -2.27 -43.81 49.00
CA LEU F 280 -2.75 -43.18 47.77
C LEU F 280 -2.68 -44.14 46.59
N ALA F 281 -1.58 -44.89 46.47
CA ALA F 281 -1.45 -45.85 45.38
C ALA F 281 -2.54 -46.91 45.46
N GLN F 282 -2.78 -47.45 46.65
CA GLN F 282 -3.82 -48.46 46.81
C GLN F 282 -5.21 -47.89 46.54
N ALA F 283 -5.48 -46.66 46.97
CA ALA F 283 -6.79 -46.06 46.74
C ALA F 283 -7.04 -45.83 45.26
N LEU F 284 -6.02 -45.35 44.53
CA LEU F 284 -6.24 -45.04 43.12
C LEU F 284 -6.17 -46.29 42.23
N LYS F 285 -5.48 -47.35 42.68
CA LYS F 285 -5.46 -48.56 41.87
C LYS F 285 -6.87 -49.11 41.67
N VAL F 286 -7.68 -49.12 42.73
CA VAL F 286 -9.07 -49.52 42.59
C VAL F 286 -9.93 -48.40 42.05
N ASN F 287 -9.42 -47.17 42.04
CA ASN F 287 -10.19 -46.03 41.53
C ASN F 287 -10.46 -46.19 40.04
N LYS F 288 -11.65 -45.75 39.63
CA LYS F 288 -12.03 -45.82 38.23
C LYS F 288 -12.74 -44.57 37.73
N ASN F 289 -12.75 -43.50 38.52
CA ASN F 289 -13.41 -42.26 38.09
C ASN F 289 -12.53 -41.04 38.33
N LEU F 290 -11.61 -41.12 39.28
CA LEU F 290 -10.69 -40.01 39.52
C LEU F 290 -9.79 -39.79 38.31
N GLN F 291 -9.54 -38.53 37.98
CA GLN F 291 -8.82 -38.20 36.76
C GLN F 291 -7.31 -38.05 36.98
N SER F 292 -6.91 -37.10 37.82
CA SER F 292 -5.50 -36.74 37.96
C SER F 292 -5.06 -36.93 39.41
N LEU F 293 -3.82 -37.38 39.58
CA LEU F 293 -3.21 -37.54 40.90
C LEU F 293 -2.21 -36.40 41.10
N ASN F 294 -2.40 -35.63 42.17
CA ASN F 294 -1.59 -34.45 42.45
C ASN F 294 -0.73 -34.74 43.68
N LEU F 295 0.55 -35.07 43.44
CA LEU F 295 1.47 -35.40 44.51
C LEU F 295 2.80 -34.64 44.40
N LYS F 296 2.83 -33.58 43.60
CA LYS F 296 4.04 -32.79 43.45
C LYS F 296 4.27 -31.92 44.70
N LEU F 297 5.49 -31.40 44.81
CA LEU F 297 5.90 -30.66 46.01
C LEU F 297 5.76 -31.53 47.26
N ASN F 298 6.08 -32.82 47.12
CA ASN F 298 5.94 -33.79 48.19
C ASN F 298 7.25 -34.51 48.40
N ASN F 299 7.26 -35.39 49.41
CA ASN F 299 8.46 -36.15 49.76
C ASN F 299 8.15 -37.63 49.84
N LEU F 300 7.49 -38.17 48.81
CA LEU F 300 7.11 -39.58 48.83
C LEU F 300 8.31 -40.47 49.09
N GLY F 301 9.37 -40.30 48.31
CA GLY F 301 10.51 -41.19 48.35
C GLY F 301 10.45 -42.23 47.25
N ASP F 302 11.64 -42.73 46.89
CA ASP F 302 11.73 -43.65 45.76
C ASP F 302 10.87 -44.89 45.99
N LYS F 303 10.91 -45.43 47.21
CA LYS F 303 10.02 -46.55 47.54
C LYS F 303 8.56 -46.12 47.42
N ALA F 304 8.24 -44.91 47.85
CA ALA F 304 6.86 -44.43 47.75
C ALA F 304 6.39 -44.40 46.31
N GLY F 305 7.21 -43.81 45.42
CA GLY F 305 6.84 -43.76 44.01
C GLY F 305 6.78 -45.14 43.38
N LYS F 306 7.70 -46.01 43.74
CA LYS F 306 7.70 -47.37 43.20
C LYS F 306 6.45 -48.11 43.62
N LYS F 307 6.06 -47.99 44.89
CA LYS F 307 4.84 -48.61 45.37
C LYS F 307 3.63 -48.01 44.67
N LEU F 308 3.64 -46.70 44.44
CA LEU F 308 2.53 -46.06 43.74
C LEU F 308 2.40 -46.57 42.31
N PHE F 309 3.53 -46.71 41.61
CA PHE F 309 3.49 -47.25 40.25
C PHE F 309 3.03 -48.71 40.25
N GLN F 310 3.47 -49.48 41.24
CA GLN F 310 3.02 -50.87 41.34
C GLN F 310 1.51 -50.93 41.56
N ASP F 311 0.99 -50.09 42.44
CA ASP F 311 -0.46 -50.08 42.69
C ASP F 311 -1.23 -49.64 41.46
N LEU F 312 -0.81 -48.54 40.84
CA LEU F 312 -1.54 -47.99 39.70
C LEU F 312 -1.47 -48.87 38.46
N MET F 313 -0.88 -50.07 38.57
CA MET F 313 -0.89 -50.98 37.43
C MET F 313 -2.31 -51.38 37.04
N LEU F 314 -3.16 -51.67 38.03
CA LEU F 314 -4.56 -51.98 37.75
C LEU F 314 -5.38 -50.76 37.39
N ASN F 315 -4.95 -49.57 37.80
CA ASN F 315 -5.69 -48.35 37.48
C ASN F 315 -5.74 -48.16 35.97
N LYS F 316 -6.86 -47.64 35.48
CA LYS F 316 -7.04 -47.36 34.07
C LYS F 316 -7.61 -45.97 33.83
N THR F 317 -7.68 -45.13 34.87
CA THR F 317 -8.27 -43.81 34.74
C THR F 317 -7.34 -42.65 35.10
N LEU F 318 -6.25 -42.90 35.82
CA LEU F 318 -5.32 -41.82 36.15
C LEU F 318 -4.56 -41.42 34.89
N LEU F 319 -4.93 -40.27 34.32
CA LEU F 319 -4.37 -39.81 33.06
C LEU F 319 -3.56 -38.52 33.18
N GLU F 320 -3.88 -37.65 34.14
CA GLU F 320 -3.08 -36.48 34.43
C GLU F 320 -2.25 -36.76 35.67
N LEU F 321 -0.92 -36.76 35.52
CA LEU F 321 -0.01 -37.07 36.61
C LEU F 321 0.88 -35.86 36.87
N ASP F 322 0.89 -35.39 38.12
CA ASP F 322 1.74 -34.27 38.55
C ASP F 322 2.30 -34.62 39.92
N VAL F 323 3.46 -35.29 39.93
CA VAL F 323 4.07 -35.73 41.17
C VAL F 323 5.52 -35.24 41.23
N SER F 324 5.78 -34.10 40.61
CA SER F 324 7.15 -33.59 40.52
C SER F 324 7.72 -33.31 41.90
N GLY F 325 8.94 -33.79 42.14
CA GLY F 325 9.67 -33.45 43.34
C GLY F 325 9.51 -34.36 44.53
N ASN F 326 9.19 -35.63 44.32
CA ASN F 326 9.06 -36.59 45.40
C ASN F 326 10.29 -37.47 45.58
N GLN F 327 11.40 -37.16 44.91
CA GLN F 327 12.67 -37.86 45.10
C GLN F 327 12.57 -39.32 44.63
N PHE F 328 12.11 -39.50 43.40
CA PHE F 328 12.07 -40.81 42.77
C PHE F 328 13.32 -40.98 41.90
N GLU F 329 13.92 -42.16 41.95
CA GLU F 329 15.19 -42.40 41.27
C GLU F 329 15.13 -43.78 40.61
N PHE F 330 16.29 -44.29 40.21
CA PHE F 330 16.43 -45.47 39.37
C PHE F 330 15.34 -46.51 39.60
N GLU F 331 15.04 -46.81 40.86
CA GLU F 331 13.98 -47.78 41.15
C GLU F 331 12.64 -47.30 40.62
N THR F 332 12.26 -46.06 40.94
CA THR F 332 11.02 -45.50 40.44
C THR F 332 11.02 -45.41 38.92
N ALA F 333 12.17 -45.08 38.33
CA ALA F 333 12.26 -44.96 36.87
C ALA F 333 11.99 -46.30 36.20
N LEU F 334 12.65 -47.37 36.66
CA LEU F 334 12.40 -48.68 36.08
C LEU F 334 10.97 -49.13 36.30
N LYS F 335 10.42 -48.87 37.49
CA LYS F 335 9.04 -49.29 37.75
C LYS F 335 8.07 -48.54 36.85
N LEU F 336 8.28 -47.24 36.63
CA LEU F 336 7.39 -46.49 35.74
C LEU F 336 7.57 -46.89 34.29
N SER F 337 8.79 -47.25 33.88
CA SER F 337 8.98 -47.80 32.54
C SER F 337 8.21 -49.10 32.37
N ASP F 338 8.27 -49.97 33.39
CA ASP F 338 7.50 -51.20 33.35
C ASP F 338 6.00 -50.91 33.25
N TYR F 339 5.53 -49.92 34.01
CA TYR F 339 4.13 -49.54 33.95
C TYR F 339 3.74 -49.06 32.55
N VAL F 340 4.56 -48.18 31.96
CA VAL F 340 4.23 -47.61 30.66
C VAL F 340 4.32 -48.65 29.56
N ALA F 341 5.10 -49.71 29.78
CA ALA F 341 5.20 -50.78 28.78
C ALA F 341 3.85 -51.43 28.51
N ASP F 342 2.91 -51.34 29.44
CA ASP F 342 1.60 -51.97 29.25
C ASP F 342 0.82 -51.27 28.14
N SER F 343 -0.16 -51.98 27.60
CA SER F 343 -1.07 -51.44 26.59
C SER F 343 -2.36 -50.90 27.17
N MET F 344 -2.54 -50.97 28.50
CA MET F 344 -3.77 -50.54 29.15
C MET F 344 -3.69 -49.14 29.71
N CYS F 345 -2.57 -48.44 29.51
CA CYS F 345 -2.38 -47.13 30.10
C CYS F 345 -2.95 -46.04 29.19
N GLY F 346 -3.79 -45.19 29.76
CA GLY F 346 -4.35 -44.06 29.05
C GLY F 346 -3.95 -42.70 29.58
N LEU F 347 -2.85 -42.59 30.32
CA LEU F 347 -2.48 -41.34 30.97
C LEU F 347 -2.39 -40.20 29.95
N LYS F 348 -2.90 -39.03 30.34
CA LYS F 348 -2.85 -37.85 29.48
C LYS F 348 -1.86 -36.79 29.95
N VAL F 349 -1.66 -36.64 31.26
CA VAL F 349 -0.73 -35.65 31.80
C VAL F 349 0.28 -36.38 32.69
N LEU F 350 1.56 -36.08 32.48
CA LEU F 350 2.65 -36.70 33.23
C LEU F 350 3.59 -35.60 33.72
N ASN F 351 3.50 -35.29 35.02
CA ASN F 351 4.36 -34.29 35.66
C ASN F 351 5.22 -35.02 36.69
N ILE F 352 6.45 -35.36 36.29
CA ILE F 352 7.36 -36.10 37.15
C ILE F 352 8.61 -35.26 37.37
N ALA F 353 8.44 -33.94 37.40
CA ALA F 353 9.58 -33.04 37.50
C ALA F 353 10.22 -33.14 38.89
N ASN F 354 11.28 -32.35 39.09
CA ASN F 354 11.93 -32.22 40.38
C ASN F 354 12.37 -33.58 40.94
N ASN F 355 13.05 -34.37 40.11
CA ASN F 355 13.58 -35.65 40.50
C ASN F 355 15.11 -35.62 40.50
N ASP F 356 15.71 -36.79 40.72
CA ASP F 356 17.16 -36.96 40.81
C ASP F 356 17.62 -38.17 40.02
N PHE F 357 17.15 -38.28 38.78
CA PHE F 357 17.49 -39.41 37.93
C PHE F 357 18.90 -39.28 37.39
N ASN F 358 19.39 -40.34 36.75
CA ASN F 358 20.76 -40.38 36.26
C ASN F 358 20.78 -40.97 34.85
N ASP F 359 21.96 -40.90 34.22
CA ASP F 359 22.12 -41.37 32.85
C ASP F 359 21.97 -42.88 32.74
N SER F 360 22.35 -43.61 33.78
CA SER F 360 22.33 -45.08 33.70
C SER F 360 20.95 -45.61 33.37
N CYS F 361 19.89 -44.86 33.68
CA CYS F 361 18.52 -45.28 33.42
C CYS F 361 18.13 -45.22 31.95
N TYR F 362 19.00 -44.69 31.09
CA TYR F 362 18.65 -44.56 29.67
C TYR F 362 18.03 -45.84 29.15
N GLU F 363 18.79 -46.95 29.16
CA GLU F 363 18.32 -48.19 28.55
C GLU F 363 16.96 -48.59 29.07
N ASN F 364 16.64 -48.22 30.31
CA ASN F 364 15.30 -48.49 30.84
C ASN F 364 14.30 -47.48 30.28
N LEU F 365 14.51 -46.19 30.56
CA LEU F 365 13.49 -45.20 30.23
C LEU F 365 13.11 -45.30 28.76
N LYS F 366 14.07 -45.01 27.88
CA LYS F 366 13.88 -45.20 26.45
C LYS F 366 13.13 -46.51 26.19
N THR F 367 13.68 -47.62 26.68
CA THR F 367 13.01 -48.91 26.51
C THR F 367 11.55 -48.81 26.92
N GLY F 368 11.31 -48.50 28.20
CA GLY F 368 9.94 -48.32 28.65
C GLY F 368 9.24 -47.21 27.89
N PHE F 369 9.95 -46.10 27.66
CA PHE F 369 9.38 -44.99 26.91
C PHE F 369 9.32 -45.28 25.41
N THR F 370 9.91 -46.39 24.97
CA THR F 370 9.68 -46.88 23.62
C THR F 370 8.38 -47.68 23.53
N LYS F 371 7.68 -47.87 24.65
CA LYS F 371 6.45 -48.64 24.70
C LYS F 371 5.23 -47.79 25.07
N ASN F 372 5.28 -46.50 24.77
CA ASN F 372 4.20 -45.56 25.09
C ASN F 372 3.57 -45.04 23.80
N TYR F 373 2.25 -45.16 23.69
CA TYR F 373 1.56 -44.74 22.48
C TYR F 373 0.49 -43.68 22.72
N SER F 374 -0.33 -43.81 23.77
CA SER F 374 -1.47 -42.93 23.97
C SER F 374 -1.14 -41.69 24.79
N LEU F 375 0.06 -41.58 25.33
CA LEU F 375 0.44 -40.42 26.12
C LEU F 375 0.63 -39.20 25.22
N ALA F 376 0.51 -38.02 25.82
CA ALA F 376 0.57 -36.76 25.08
C ALA F 376 1.79 -35.92 25.45
N LYS F 377 1.98 -35.60 26.72
CA LYS F 377 3.04 -34.68 27.14
C LYS F 377 3.64 -35.15 28.45
N LEU F 378 4.90 -34.75 28.69
CA LEU F 378 5.61 -35.08 29.91
C LEU F 378 6.67 -34.02 30.18
N ASP F 379 7.06 -33.92 31.45
CA ASP F 379 8.03 -32.93 31.90
C ASP F 379 9.29 -33.63 32.38
N LEU F 380 10.45 -33.21 31.86
CA LEU F 380 11.72 -33.87 32.19
C LEU F 380 12.88 -32.90 32.38
N ARG F 381 12.65 -31.60 32.45
CA ARG F 381 13.75 -30.64 32.57
C ARG F 381 14.48 -30.80 33.90
N GLY F 382 15.55 -30.02 34.05
CA GLY F 382 16.25 -29.92 35.31
C GLY F 382 16.94 -31.17 35.80
N ASN F 383 17.09 -32.18 34.95
CA ASN F 383 17.78 -33.39 35.35
C ASN F 383 19.29 -33.18 35.32
N LYS F 384 20.01 -34.05 36.04
CA LYS F 384 21.47 -34.06 36.03
C LYS F 384 22.03 -35.09 35.05
N PHE F 385 21.29 -35.40 33.99
CA PHE F 385 21.70 -36.40 33.01
C PHE F 385 22.95 -35.95 32.27
N SER F 386 23.43 -36.77 31.33
CA SER F 386 24.63 -36.42 30.57
C SER F 386 24.48 -35.02 29.98
N LYS F 387 25.29 -34.09 30.47
CA LYS F 387 25.24 -32.70 30.04
C LYS F 387 26.43 -32.41 29.14
N THR F 388 26.16 -31.86 27.96
CA THR F 388 27.24 -31.48 27.06
C THR F 388 28.01 -30.28 27.59
N GLN F 389 29.26 -30.16 27.17
CA GLN F 389 30.10 -29.07 27.66
C GLN F 389 29.49 -27.72 27.32
N GLU F 390 28.96 -27.56 26.10
CA GLU F 390 28.37 -26.29 25.72
C GLU F 390 27.16 -25.95 26.60
N GLU F 391 26.43 -26.96 27.07
CA GLU F 391 25.33 -26.69 28.00
C GLU F 391 25.87 -26.04 29.28
N LYS F 392 26.93 -26.60 29.84
CA LYS F 392 27.53 -25.99 31.04
C LYS F 392 28.04 -24.60 30.74
N GLU F 393 28.62 -24.41 29.55
CA GLU F 393 29.01 -23.06 29.11
C GLU F 393 27.83 -22.11 29.17
N GLN F 394 26.65 -22.58 28.75
CA GLN F 394 25.47 -21.74 28.72
C GLN F 394 24.95 -21.44 30.13
N GLU F 395 24.96 -22.43 31.02
CA GLU F 395 24.55 -22.12 32.40
C GLU F 395 25.51 -21.12 33.04
N LEU F 396 26.81 -21.30 32.85
CA LEU F 396 27.78 -20.37 33.42
C LEU F 396 27.61 -18.98 32.85
N LYS F 397 27.51 -18.86 31.53
CA LYS F 397 27.27 -17.55 30.93
C LYS F 397 25.92 -16.99 31.32
N ASP F 398 24.89 -17.82 31.33
CA ASP F 398 23.52 -17.37 31.50
C ASP F 398 22.84 -18.28 32.50
N PRO F 399 22.68 -17.85 33.75
CA PRO F 399 21.93 -18.67 34.71
C PRO F 399 20.53 -19.01 34.22
N PHE F 400 19.86 -18.08 33.53
CA PHE F 400 18.58 -18.37 32.92
C PHE F 400 18.69 -19.37 31.79
N ARG F 401 19.91 -19.68 31.33
CA ARG F 401 20.13 -20.73 30.36
C ARG F 401 20.41 -22.08 31.02
N MET F 402 20.40 -22.14 32.36
CA MET F 402 20.39 -23.43 33.05
C MET F 402 19.13 -24.22 32.74
N PHE F 403 18.08 -23.56 32.26
CA PHE F 403 16.83 -24.21 31.93
C PHE F 403 16.91 -25.04 30.66
N ASN F 404 18.01 -24.97 29.93
CA ASN F 404 18.13 -25.72 28.69
C ASN F 404 17.90 -27.20 28.93
N LEU F 405 17.06 -27.81 28.09
CA LEU F 405 16.80 -29.23 28.19
C LEU F 405 18.05 -30.04 27.82
N SER F 406 18.27 -31.13 28.56
CA SER F 406 19.31 -32.07 28.17
C SER F 406 18.88 -32.84 26.93
N GLN F 407 19.86 -33.35 26.20
CA GLN F 407 19.56 -33.98 24.91
C GLN F 407 18.67 -35.21 25.08
N THR F 408 18.88 -36.00 26.13
CA THR F 408 18.07 -37.19 26.31
C THR F 408 16.62 -36.84 26.66
N GLU F 409 16.41 -35.79 27.44
CA GLU F 409 15.05 -35.34 27.73
C GLU F 409 14.36 -34.93 26.45
N LYS F 410 15.05 -34.18 25.59
CA LYS F 410 14.49 -33.81 24.30
C LYS F 410 14.26 -35.04 23.43
N GLU F 411 15.11 -36.07 23.56
CA GLU F 411 14.93 -37.29 22.76
C GLU F 411 13.66 -38.02 23.17
N LEU F 412 13.43 -38.18 24.48
CA LEU F 412 12.21 -38.81 24.95
C LEU F 412 10.98 -37.99 24.55
N THR F 413 11.07 -36.66 24.67
CA THR F 413 9.98 -35.81 24.24
C THR F 413 9.71 -35.96 22.75
N GLN F 414 10.77 -36.03 21.94
CA GLN F 414 10.60 -36.20 20.51
C GLN F 414 9.97 -37.54 20.16
N ILE F 415 10.38 -38.61 20.85
CA ILE F 415 9.78 -39.92 20.59
C ILE F 415 8.29 -39.88 20.92
N ILE F 416 7.95 -39.32 22.08
CA ILE F 416 6.56 -39.25 22.48
C ILE F 416 5.76 -38.41 21.49
N ILE F 417 6.32 -37.28 21.05
CA ILE F 417 5.61 -36.42 20.11
C ILE F 417 5.46 -37.11 18.76
N ARG F 418 6.49 -37.83 18.33
CA ARG F 418 6.39 -38.56 17.06
C ARG F 418 5.26 -39.57 17.12
N HIS F 419 5.20 -40.36 18.19
CA HIS F 419 4.13 -41.35 18.26
C HIS F 419 2.75 -40.69 18.39
N ASP F 420 2.66 -39.61 19.18
CA ASP F 420 1.37 -38.94 19.36
C ASP F 420 0.88 -38.32 18.05
N LEU F 421 1.76 -37.64 17.32
CA LEU F 421 1.36 -36.95 16.09
C LEU F 421 1.16 -37.92 14.92
N THR F 422 1.94 -39.01 14.85
CA THR F 422 1.57 -40.08 13.94
C THR F 422 0.19 -40.61 14.29
N ALA F 423 -0.16 -40.64 15.59
CA ALA F 423 -1.54 -40.92 15.97
C ALA F 423 -2.48 -39.87 15.42
N GLN F 424 -2.08 -38.60 15.47
CA GLN F 424 -2.84 -37.52 14.84
C GLN F 424 -2.50 -37.37 13.35
N LYS F 425 -1.94 -38.43 12.76
CA LYS F 425 -1.62 -38.46 11.33
C LYS F 425 -0.78 -37.26 10.92
N ILE F 426 0.36 -37.08 11.60
CA ILE F 426 1.26 -35.96 11.35
C ILE F 426 2.65 -36.50 11.05
N GLN F 427 3.21 -36.09 9.91
CA GLN F 427 4.59 -36.36 9.59
C GLN F 427 5.50 -35.36 10.31
N PHE F 428 6.77 -35.72 10.44
CA PHE F 428 7.65 -35.06 11.42
C PHE F 428 8.87 -34.44 10.74
N PHE F 429 9.18 -33.22 11.16
CA PHE F 429 10.36 -32.48 10.74
C PHE F 429 11.09 -32.02 12.00
N SER F 430 11.95 -32.90 12.52
CA SER F 430 12.72 -32.60 13.72
C SER F 430 13.94 -31.78 13.32
N GLU F 431 14.90 -31.66 14.25
CA GLU F 431 16.12 -30.91 13.95
C GLU F 431 16.81 -31.45 12.71
N SER F 432 17.01 -32.77 12.64
CA SER F 432 17.62 -33.37 11.45
C SER F 432 16.74 -33.17 10.23
N ASP F 433 15.42 -33.34 10.38
CA ASP F 433 14.52 -33.12 9.26
C ASP F 433 14.54 -31.67 8.80
N LEU F 434 14.54 -30.73 9.75
CA LEU F 434 14.62 -29.32 9.39
C LEU F 434 15.93 -29.02 8.66
N ASP F 435 17.04 -29.59 9.14
CA ASP F 435 18.32 -29.40 8.45
C ASP F 435 18.27 -29.95 7.04
N LYS F 436 17.69 -31.14 6.87
CA LYS F 436 17.58 -31.73 5.54
C LYS F 436 16.77 -30.84 4.61
N ILE F 437 15.62 -30.38 5.07
CA ILE F 437 14.76 -29.56 4.23
C ILE F 437 15.46 -28.25 3.88
N LYS F 438 16.11 -27.62 4.85
CA LYS F 438 16.76 -26.34 4.60
C LYS F 438 17.91 -26.50 3.61
N GLN F 439 18.73 -27.54 3.78
CA GLN F 439 19.83 -27.74 2.84
C GLN F 439 19.32 -28.08 1.45
N LEU F 440 18.25 -28.87 1.36
CA LEU F 440 17.67 -29.17 0.05
C LEU F 440 17.15 -27.89 -0.61
N LYS F 441 16.47 -27.04 0.16
CA LYS F 441 15.94 -25.80 -0.40
C LYS F 441 17.06 -24.87 -0.85
N GLU F 442 18.12 -24.74 -0.06
CA GLU F 442 19.25 -23.91 -0.47
C GLU F 442 19.94 -24.49 -1.70
N LEU F 443 20.05 -25.82 -1.78
CA LEU F 443 20.61 -26.45 -2.96
C LEU F 443 19.80 -26.12 -4.20
N GLN F 444 18.47 -26.23 -4.11
CA GLN F 444 17.63 -25.90 -5.26
C GLN F 444 17.77 -24.42 -5.63
N GLY F 445 17.78 -23.54 -4.63
CA GLY F 445 17.92 -22.13 -4.91
C GLY F 445 19.23 -21.79 -5.59
N ALA F 446 20.31 -22.43 -5.15
CA ALA F 446 21.61 -22.23 -5.80
C ALA F 446 21.61 -22.80 -7.22
N LYS F 447 20.97 -23.94 -7.43
CA LYS F 447 20.99 -24.60 -8.72
C LYS F 447 20.03 -23.99 -9.73
N GLN F 448 19.09 -23.16 -9.27
CA GLN F 448 18.16 -22.52 -10.20
C GLN F 448 18.70 -21.26 -10.83
N GLU F 449 19.67 -20.59 -10.20
CA GLU F 449 20.14 -19.28 -10.64
C GLU F 449 21.10 -19.37 -11.83
N PRO F 450 22.07 -20.29 -11.82
CA PRO F 450 22.99 -20.38 -12.97
C PRO F 450 22.27 -20.67 -14.28
N GLU F 451 21.16 -21.41 -14.23
CA GLU F 451 20.33 -21.55 -15.42
C GLU F 451 19.87 -20.19 -15.92
N LYS F 452 19.45 -19.33 -15.00
CA LYS F 452 19.06 -17.97 -15.37
C LYS F 452 20.24 -17.22 -15.97
N VAL F 453 21.44 -17.36 -15.39
CA VAL F 453 22.60 -16.64 -15.92
C VAL F 453 22.87 -17.07 -17.35
N ILE F 454 22.89 -18.38 -17.60
CA ILE F 454 23.20 -18.88 -18.94
C ILE F 454 22.14 -18.46 -19.93
N GLN F 455 20.86 -18.59 -19.57
CA GLN F 455 19.81 -18.27 -20.53
C GLN F 455 19.70 -16.76 -20.77
N GLN F 456 20.06 -15.94 -19.78
CA GLN F 456 20.07 -14.50 -19.98
C GLN F 456 21.24 -14.05 -20.83
N ASP F 457 22.43 -14.60 -20.59
CA ASP F 457 23.58 -14.31 -21.44
C ASP F 457 23.44 -14.96 -22.82
N GLN F 458 22.48 -15.87 -22.99
CA GLN F 458 22.07 -16.36 -24.30
C GLN F 458 21.58 -15.26 -25.22
N ASN F 459 21.12 -14.14 -24.67
CA ASN F 459 20.58 -13.03 -25.45
C ASN F 459 21.61 -11.92 -25.65
N LYS F 460 22.87 -12.17 -25.29
CA LYS F 460 23.97 -11.23 -25.49
C LYS F 460 24.74 -11.52 -26.77
N GLU F 461 24.37 -12.55 -27.51
CA GLU F 461 25.08 -12.92 -28.74
C GLU F 461 24.39 -12.32 -29.95
N MET G 1 -85.38 101.12 75.73
CA MET G 1 -84.08 100.54 75.40
C MET G 1 -83.89 99.17 76.05
N GLY G 2 -83.16 98.30 75.37
CA GLY G 2 -82.95 96.95 75.86
C GLY G 2 -83.39 95.89 74.87
N ASP G 3 -83.38 96.24 73.59
CA ASP G 3 -83.75 95.28 72.54
C ASP G 3 -82.73 94.15 72.47
N LYS G 4 -83.20 92.96 72.10
CA LYS G 4 -82.36 91.78 72.01
C LYS G 4 -81.91 91.54 70.57
N LYS G 5 -80.81 90.81 70.41
CA LYS G 5 -80.18 90.60 69.12
C LYS G 5 -80.00 89.11 68.82
N GLY G 6 -79.92 88.79 67.53
CA GLY G 6 -79.63 87.44 67.08
C GLY G 6 -78.38 87.37 66.21
N LYS G 7 -77.46 86.47 66.53
CA LYS G 7 -76.17 86.39 65.85
C LYS G 7 -76.25 85.56 64.57
N LYS G 8 -75.17 85.62 63.79
CA LYS G 8 -75.05 84.84 62.55
C LYS G 8 -74.20 83.60 62.81
N LYS G 9 -74.75 82.43 62.52
CA LYS G 9 -74.04 81.18 62.70
C LYS G 9 -73.03 80.97 61.58
N GLY G 10 -72.34 79.83 61.63
CA GLY G 10 -71.38 79.49 60.60
C GLY G 10 -71.99 79.49 59.21
N GLY G 11 -71.35 80.20 58.28
CA GLY G 11 -71.88 80.29 56.93
C GLY G 11 -71.35 79.21 56.02
N GLY G 12 -70.68 78.23 56.60
CA GLY G 12 -70.09 77.13 55.84
C GLY G 12 -70.70 75.81 56.28
N GLU G 13 -70.67 74.83 55.38
CA GLU G 13 -71.26 73.53 55.67
C GLU G 13 -70.57 72.88 56.87
N GLU G 14 -71.37 72.18 57.67
CA GLU G 14 -70.83 71.46 58.82
C GLU G 14 -69.86 70.38 58.36
N ASP G 15 -68.70 70.32 59.01
CA ASP G 15 -67.67 69.35 58.66
C ASP G 15 -67.96 68.02 59.37
N GLU G 16 -68.95 67.32 58.85
CA GLU G 16 -69.35 66.01 59.37
C GLU G 16 -68.69 64.85 58.64
N SER G 17 -67.71 65.14 57.76
CA SER G 17 -67.16 64.09 56.90
C SER G 17 -66.62 62.92 57.71
N THR G 18 -66.16 63.16 58.93
CA THR G 18 -65.69 62.06 59.77
C THR G 18 -66.82 61.06 60.05
N LEU G 19 -67.95 61.56 60.54
CA LEU G 19 -69.08 60.69 60.87
C LEU G 19 -69.36 59.70 59.74
N GLN G 20 -69.70 60.22 58.55
CA GLN G 20 -69.95 59.34 57.42
C GLN G 20 -68.80 58.37 57.22
N LEU G 21 -67.57 58.88 57.17
CA LEU G 21 -66.42 57.99 57.03
C LEU G 21 -66.46 56.89 58.07
N SER G 22 -66.63 57.27 59.35
CA SER G 22 -66.67 56.27 60.41
C SER G 22 -67.67 55.17 60.05
N ARG G 23 -68.89 55.56 59.66
CA ARG G 23 -69.88 54.55 59.30
C ARG G 23 -69.31 53.60 58.26
N GLN G 24 -68.82 54.15 57.16
CA GLN G 24 -68.30 53.29 56.10
C GLN G 24 -67.16 52.45 56.60
N TYR G 25 -66.32 53.00 57.49
CA TYR G 25 -65.26 52.20 58.08
C TYR G 25 -65.81 50.92 58.68
N LYS G 26 -66.86 51.05 59.51
CA LYS G 26 -67.50 49.85 60.04
C LYS G 26 -67.86 48.90 58.90
N LYS G 27 -68.50 49.40 57.85
CA LYS G 27 -68.83 48.57 56.71
C LYS G 27 -67.60 47.82 56.21
N LYS G 28 -66.50 48.54 55.99
CA LYS G 28 -65.30 47.88 55.50
C LYS G 28 -64.83 46.81 56.48
N CYS G 29 -64.88 47.11 57.78
CA CYS G 29 -64.50 46.12 58.77
C CYS G 29 -65.38 44.88 58.63
N GLU G 30 -66.67 45.08 58.39
CA GLU G 30 -67.56 43.94 58.16
C GLU G 30 -67.39 43.39 56.75
N LEU G 31 -67.00 44.24 55.80
CA LEU G 31 -66.89 43.80 54.41
C LEU G 31 -65.85 42.72 54.25
N ASN G 32 -64.69 42.88 54.89
CA ASN G 32 -63.58 41.96 54.76
C ASN G 32 -63.38 41.04 55.96
N GLY G 33 -64.19 41.17 57.00
CA GLY G 33 -63.96 40.37 58.20
C GLY G 33 -62.60 40.61 58.80
N ILE G 34 -62.19 41.88 58.90
CA ILE G 34 -60.84 42.27 59.30
C ILE G 34 -60.90 42.88 60.69
N ASN G 35 -59.89 42.63 61.50
CA ASN G 35 -59.84 43.17 62.85
C ASN G 35 -59.92 44.69 62.81
N PRO G 36 -60.95 45.29 63.41
CA PRO G 36 -60.97 46.75 63.49
C PRO G 36 -59.80 47.24 64.34
N SER G 37 -59.00 48.13 63.76
CA SER G 37 -57.83 48.61 64.47
C SER G 37 -58.26 49.47 65.65
N LYS G 38 -57.61 49.24 66.79
CA LYS G 38 -57.89 50.06 67.96
C LYS G 38 -57.61 51.53 67.67
N LEU G 39 -56.48 51.81 67.00
CA LEU G 39 -56.08 53.19 66.73
C LEU G 39 -57.01 53.86 65.72
N PHE G 40 -57.44 53.11 64.69
CA PHE G 40 -58.34 53.70 63.70
C PHE G 40 -59.67 54.10 64.34
N LYS G 41 -60.25 53.21 65.15
CA LYS G 41 -61.49 53.55 65.84
C LYS G 41 -61.27 54.67 66.86
N GLU G 42 -60.13 54.66 67.54
CA GLU G 42 -59.83 55.74 68.48
C GLU G 42 -59.79 57.08 67.77
N LYS G 43 -59.14 57.14 66.61
CA LYS G 43 -59.05 58.40 65.87
C LYS G 43 -60.40 58.80 65.30
N LEU G 44 -61.21 57.82 64.89
CA LEU G 44 -62.57 58.14 64.44
C LEU G 44 -63.38 58.77 65.56
N ASP G 45 -63.31 58.20 66.77
CA ASP G 45 -64.00 58.78 67.91
C ASP G 45 -63.45 60.16 68.23
N PHE G 46 -62.12 60.32 68.15
CA PHE G 46 -61.49 61.60 68.45
C PHE G 46 -61.97 62.68 67.49
N ALA G 47 -62.03 62.37 66.20
CA ALA G 47 -62.48 63.36 65.21
C ALA G 47 -63.97 63.64 65.35
N VAL G 48 -64.78 62.60 65.59
CA VAL G 48 -66.23 62.80 65.65
C VAL G 48 -66.62 63.60 66.88
N GLU G 49 -66.07 63.26 68.04
CA GLU G 49 -66.49 63.89 69.29
C GLU G 49 -66.20 65.38 69.30
N GLU G 50 -64.99 65.77 68.87
CA GLU G 50 -64.57 67.17 68.86
C GLU G 50 -64.79 67.85 67.51
N ASP G 51 -65.40 67.16 66.56
CA ASP G 51 -65.63 67.71 65.22
C ASP G 51 -64.32 68.02 64.50
N GLU G 52 -63.26 67.33 64.89
CA GLU G 52 -61.98 67.46 64.20
C GLU G 52 -61.88 66.45 63.06
N ASN G 53 -60.79 66.54 62.32
CA ASN G 53 -60.54 65.67 61.18
C ASN G 53 -59.19 64.97 61.35
N ILE G 54 -58.99 63.93 60.55
CA ILE G 54 -57.74 63.17 60.58
C ILE G 54 -56.69 63.89 59.75
N GLU G 55 -55.92 64.77 60.40
CA GLU G 55 -54.87 65.51 59.70
C GLU G 55 -53.50 64.83 59.77
N LYS G 56 -53.25 64.02 60.80
CA LYS G 56 -52.02 63.26 60.89
C LYS G 56 -52.30 61.91 61.54
N ILE G 57 -51.75 60.86 60.95
CA ILE G 57 -51.99 59.48 61.36
C ILE G 57 -50.69 58.88 61.86
N HIS G 58 -50.74 58.27 63.05
CA HIS G 58 -49.56 57.66 63.65
C HIS G 58 -50.00 56.43 64.42
N LEU G 59 -49.72 55.25 63.88
CA LEU G 59 -50.11 53.98 64.50
C LEU G 59 -48.93 53.03 64.46
N TRP G 60 -48.95 52.04 65.38
CA TRP G 60 -47.83 51.12 65.51
C TRP G 60 -48.27 49.66 65.67
N GLU G 61 -49.41 49.27 65.11
CA GLU G 61 -49.89 47.90 65.18
C GLU G 61 -50.06 47.35 63.78
N GLU G 62 -49.69 46.08 63.59
CA GLU G 62 -49.89 45.44 62.29
C GLU G 62 -51.37 45.46 61.95
N LEU G 63 -51.67 45.82 60.69
CA LEU G 63 -53.05 45.98 60.26
C LEU G 63 -53.50 44.94 59.24
N GLY G 64 -52.61 44.10 58.75
CA GLY G 64 -52.96 43.07 57.81
C GLY G 64 -53.21 43.63 56.42
N PRO G 65 -52.78 42.89 55.39
CA PRO G 65 -52.98 43.40 54.02
C PRO G 65 -54.44 43.68 53.69
N VAL G 66 -55.37 42.80 54.11
CA VAL G 66 -56.77 43.04 53.83
C VAL G 66 -57.26 44.27 54.57
N GLY G 67 -56.90 44.37 55.86
CA GLY G 67 -57.34 45.52 56.65
C GLY G 67 -56.78 46.83 56.13
N VAL G 68 -55.47 46.84 55.84
CA VAL G 68 -54.83 48.06 55.33
C VAL G 68 -55.46 48.45 54.00
N ARG G 69 -55.62 47.47 53.11
CA ARG G 69 -56.20 47.76 51.79
C ARG G 69 -57.60 48.36 51.92
N SER G 70 -58.44 47.74 52.73
CA SER G 70 -59.80 48.24 52.89
C SER G 70 -59.80 49.64 53.49
N ILE G 71 -58.98 49.86 54.53
CA ILE G 71 -58.90 51.18 55.14
C ILE G 71 -58.53 52.23 54.10
N MET G 72 -57.51 51.92 53.30
CA MET G 72 -56.94 52.96 52.44
C MET G 72 -57.83 53.20 51.22
N ASP G 73 -58.48 52.14 50.72
CA ASP G 73 -59.46 52.32 49.64
C ASP G 73 -60.69 53.08 50.11
N SER G 74 -61.15 52.82 51.33
CA SER G 74 -62.24 53.62 51.88
C SER G 74 -61.82 55.08 52.03
N LEU G 75 -60.56 55.31 52.41
CA LEU G 75 -60.04 56.67 52.42
C LEU G 75 -60.11 57.27 51.01
N THR G 76 -59.70 56.51 50.01
CA THR G 76 -59.67 57.02 48.64
C THR G 76 -61.07 57.37 48.16
N GLU G 77 -62.07 56.57 48.50
CA GLU G 77 -63.44 56.81 48.07
C GLU G 77 -64.17 57.82 48.93
N ILE G 78 -63.50 58.44 49.89
CA ILE G 78 -64.07 59.50 50.74
C ILE G 78 -63.30 60.79 50.47
N PRO G 79 -64.00 61.92 50.25
CA PRO G 79 -63.27 63.19 50.02
C PRO G 79 -62.63 63.73 51.28
N TYR G 80 -61.66 62.99 51.82
CA TYR G 80 -61.01 63.36 53.09
C TYR G 80 -59.66 64.00 52.77
N LEU G 81 -59.64 65.33 52.65
CA LEU G 81 -58.45 66.07 52.28
C LEU G 81 -57.74 66.69 53.48
N HIS G 82 -58.21 66.46 54.70
CA HIS G 82 -57.61 67.09 55.87
C HIS G 82 -56.31 66.43 56.30
N THR G 83 -56.08 65.18 55.90
CA THR G 83 -54.89 64.46 56.34
C THR G 83 -53.63 65.14 55.82
N LYS G 84 -52.64 65.28 56.70
CA LYS G 84 -51.37 65.90 56.34
C LYS G 84 -50.15 65.05 56.68
N SER G 85 -50.28 64.04 57.55
CA SER G 85 -49.15 63.19 57.93
C SER G 85 -49.66 61.84 58.38
N ILE G 86 -48.94 60.79 58.00
CA ILE G 86 -49.24 59.43 58.44
C ILE G 86 -47.92 58.73 58.77
N ARG G 87 -47.83 58.16 59.98
CA ARG G 87 -46.62 57.47 60.42
C ARG G 87 -46.98 56.07 60.92
N LEU G 88 -46.41 55.06 60.28
CA LEU G 88 -46.56 53.67 60.69
C LEU G 88 -45.21 52.98 60.60
N TRP G 89 -44.83 52.25 61.65
CA TRP G 89 -43.63 51.42 61.66
C TRP G 89 -44.07 49.96 61.62
N LYS G 90 -43.63 49.23 60.60
CA LYS G 90 -43.85 47.79 60.52
C LYS G 90 -45.33 47.42 60.45
N VAL G 91 -46.18 48.36 60.03
CA VAL G 91 -47.59 48.01 59.80
C VAL G 91 -47.76 47.16 58.56
N LYS G 92 -46.73 47.06 57.72
CA LYS G 92 -46.67 46.06 56.65
C LYS G 92 -47.73 46.32 55.58
N ALA G 93 -47.76 47.55 55.07
CA ALA G 93 -48.69 47.86 53.97
C ALA G 93 -48.39 47.01 52.75
N GLN G 94 -47.10 46.83 52.44
CA GLN G 94 -46.69 45.97 51.32
C GLN G 94 -47.28 46.46 50.00
N ASP G 95 -47.33 45.58 49.01
CA ASP G 95 -47.73 45.99 47.66
C ASP G 95 -49.15 46.55 47.65
N GLU G 96 -50.11 45.79 48.20
CA GLU G 96 -51.51 46.20 48.10
C GLU G 96 -51.78 47.47 48.89
N GLY G 97 -51.29 47.53 50.12
CA GLY G 97 -51.46 48.75 50.89
C GLY G 97 -50.81 49.95 50.21
N THR G 98 -49.60 49.75 49.69
CA THR G 98 -48.90 50.84 49.01
C THR G 98 -49.70 51.34 47.81
N ARG G 99 -50.25 50.42 47.02
CA ARG G 99 -51.06 50.82 45.88
C ARG G 99 -52.33 51.54 46.33
N THR G 100 -52.90 51.11 47.47
CA THR G 100 -54.07 51.80 48.01
C THR G 100 -53.74 53.24 48.37
N ILE G 101 -52.65 53.45 49.11
CA ILE G 101 -52.25 54.82 49.43
C ILE G 101 -51.92 55.60 48.17
N CYS G 102 -51.35 54.95 47.16
CA CYS G 102 -51.06 55.65 45.91
C CYS G 102 -52.35 56.15 45.26
N ASN G 103 -53.37 55.28 45.19
CA ASN G 103 -54.64 55.71 44.60
C ASN G 103 -55.27 56.83 45.41
N TYR G 104 -55.23 56.73 46.74
CA TYR G 104 -55.77 57.79 47.57
C TYR G 104 -55.04 59.10 47.33
N MET G 105 -53.71 59.04 47.27
CA MET G 105 -52.91 60.25 47.06
C MET G 105 -53.24 60.89 45.73
N GLU G 106 -53.37 60.08 44.67
CA GLU G 106 -53.64 60.63 43.36
C GLU G 106 -55.08 61.16 43.24
N LYS G 107 -56.03 60.55 43.96
CA LYS G 107 -57.41 61.01 43.92
C LYS G 107 -57.62 62.28 44.74
N SER G 108 -56.91 62.40 45.87
CA SER G 108 -57.03 63.53 46.78
C SER G 108 -55.91 64.55 46.62
N LYS G 109 -54.67 64.09 46.46
CA LYS G 109 -53.52 64.98 46.31
C LYS G 109 -53.40 65.93 47.50
N THR G 110 -53.62 65.40 48.70
CA THR G 110 -53.54 66.20 49.92
C THR G 110 -52.64 65.62 51.00
N ILE G 111 -52.22 64.35 50.88
CA ILE G 111 -51.31 63.77 51.87
C ILE G 111 -49.94 64.42 51.75
N GLU G 112 -49.39 64.85 52.88
CA GLU G 112 -48.12 65.56 52.89
C GLU G 112 -47.00 64.83 53.62
N TYR G 113 -47.30 64.06 54.66
CA TYR G 113 -46.28 63.33 55.40
C TYR G 113 -46.64 61.86 55.46
N LEU G 114 -45.62 61.01 55.37
CA LEU G 114 -45.80 59.57 55.44
C LEU G 114 -44.65 58.95 56.23
N ASP G 115 -44.85 57.73 56.68
CA ASP G 115 -43.86 57.02 57.48
C ASP G 115 -44.12 55.52 57.37
N LEU G 116 -43.20 54.80 56.76
CA LEU G 116 -43.38 53.38 56.45
C LEU G 116 -42.14 52.57 56.79
N MET G 117 -41.56 52.78 57.97
CA MET G 117 -40.39 51.99 58.35
C MET G 117 -40.78 50.60 58.82
N ASP G 118 -39.93 49.62 58.50
CA ASP G 118 -40.04 48.26 59.02
C ASP G 118 -41.31 47.58 58.56
N ASN G 119 -41.86 48.02 57.43
CA ASN G 119 -43.13 47.53 56.92
C ASN G 119 -42.97 46.43 55.89
N GLN G 120 -41.73 46.02 55.59
CA GLN G 120 -41.49 44.93 54.63
C GLN G 120 -42.13 45.25 53.29
N VAL G 121 -41.73 46.36 52.69
CA VAL G 121 -42.21 46.77 51.37
C VAL G 121 -41.44 46.00 50.30
N GLY G 122 -42.17 45.30 49.43
CA GLY G 122 -41.58 44.47 48.41
C GLY G 122 -41.28 45.23 47.13
N SER G 123 -40.90 44.45 46.11
CA SER G 123 -40.54 45.05 44.82
C SER G 123 -41.74 45.77 44.19
N LEU G 124 -42.89 45.12 44.17
CA LEU G 124 -44.08 45.76 43.60
C LEU G 124 -44.49 46.98 44.42
N GLY G 125 -44.21 46.95 45.73
CA GLY G 125 -44.44 48.13 46.55
C GLY G 125 -43.59 49.31 46.13
N CYS G 126 -42.32 49.05 45.82
CA CYS G 126 -41.46 50.11 45.29
C CYS G 126 -41.92 50.55 43.92
N GLU G 127 -42.45 49.63 43.11
CA GLU G 127 -43.06 50.01 41.84
C GLU G 127 -44.19 51.00 42.05
N PHE G 128 -45.08 50.71 42.99
CA PHE G 128 -46.17 51.63 43.31
C PHE G 128 -45.62 52.97 43.79
N LEU G 129 -44.61 52.93 44.66
CA LEU G 129 -44.04 54.16 45.19
C LEU G 129 -43.46 55.02 44.07
N GLY G 130 -42.75 54.40 43.13
CA GLY G 130 -42.20 55.16 42.02
C GLY G 130 -43.27 55.73 41.12
N ARG G 131 -44.27 54.92 40.78
CA ARG G 131 -45.30 55.39 39.84
C ARG G 131 -46.12 56.52 40.44
N VAL G 132 -46.55 56.38 41.69
CA VAL G 132 -47.41 57.40 42.29
C VAL G 132 -46.66 58.72 42.49
N LEU G 133 -45.33 58.69 42.43
CA LEU G 133 -44.52 59.88 42.63
C LEU G 133 -44.20 60.62 41.33
N HIS G 134 -45.09 60.57 40.35
CA HIS G 134 -44.85 61.25 39.09
C HIS G 134 -44.85 62.77 39.31
N PRO G 135 -44.19 63.52 38.43
CA PRO G 135 -44.14 64.96 38.62
C PRO G 135 -45.39 65.73 38.17
N GLN G 136 -46.22 65.16 37.29
CA GLN G 136 -47.51 65.75 36.99
C GLN G 136 -48.62 65.30 37.93
N ILE G 137 -48.32 64.44 38.91
CA ILE G 137 -49.34 64.08 39.90
C ILE G 137 -49.67 65.28 40.79
N GLU G 138 -48.67 66.10 41.11
CA GLU G 138 -48.84 67.24 42.00
C GLU G 138 -49.25 66.75 43.39
N ILE G 139 -48.41 65.87 43.93
CA ILE G 139 -48.66 65.22 45.22
C ILE G 139 -48.03 66.08 46.32
N PRO G 140 -48.73 66.31 47.43
CA PRO G 140 -48.20 67.19 48.47
C PRO G 140 -47.30 66.49 49.49
N LEU G 141 -46.84 65.28 49.18
CA LEU G 141 -45.98 64.56 50.11
C LEU G 141 -44.76 65.39 50.48
N LEU G 142 -44.48 65.47 51.78
CA LEU G 142 -43.40 66.29 52.31
C LEU G 142 -42.15 65.49 52.66
N LYS G 143 -42.29 64.48 53.51
CA LYS G 143 -41.14 63.71 53.97
C LYS G 143 -41.45 62.22 53.87
N LEU G 144 -40.50 61.47 53.32
CA LEU G 144 -40.65 60.05 53.04
C LEU G 144 -39.58 59.26 53.77
N LYS G 145 -39.95 58.07 54.23
CA LYS G 145 -39.04 57.21 54.99
C LYS G 145 -39.46 55.76 54.78
N LEU G 146 -38.51 54.92 54.37
CA LEU G 146 -38.76 53.50 54.12
C LEU G 146 -37.67 52.64 54.73
N ASP G 147 -37.35 52.90 56.01
CA ASP G 147 -36.31 52.15 56.69
C ASP G 147 -36.77 50.71 56.94
N HIS G 148 -35.79 49.85 57.22
CA HIS G 148 -36.04 48.43 57.49
C HIS G 148 -36.79 47.78 56.33
N ASN G 149 -36.44 48.18 55.10
CA ASN G 149 -37.02 47.62 53.89
C ASN G 149 -35.89 47.18 52.97
N GLU G 150 -35.62 45.87 52.94
CA GLU G 150 -34.57 45.31 52.11
C GLU G 150 -35.07 45.08 50.69
N PHE G 151 -35.49 46.18 50.05
CA PHE G 151 -35.89 46.12 48.65
C PHE G 151 -34.70 46.04 47.72
N GLY G 152 -33.56 46.61 48.12
CA GLY G 152 -32.35 46.50 47.34
C GLY G 152 -32.38 47.35 46.07
N THR G 153 -31.58 46.91 45.09
CA THR G 153 -31.46 47.63 43.83
C THR G 153 -32.80 47.67 43.10
N GLU G 154 -33.53 46.55 43.10
CA GLU G 154 -34.82 46.52 42.42
C GLU G 154 -35.77 47.57 42.99
N GLY G 155 -35.90 47.60 44.32
CA GLY G 155 -36.77 48.58 44.94
C GLY G 155 -36.30 50.00 44.73
N LEU G 156 -34.99 50.23 44.81
CA LEU G 156 -34.48 51.58 44.62
C LEU G 156 -34.74 52.06 43.20
N MET G 157 -34.58 51.19 42.21
CA MET G 157 -34.90 51.56 40.83
C MET G 157 -36.39 51.80 40.66
N GLN G 158 -37.23 50.97 41.28
CA GLN G 158 -38.67 51.18 41.18
C GLN G 158 -39.05 52.54 41.75
N LEU G 159 -38.45 52.92 42.88
CA LEU G 159 -38.64 54.27 43.41
C LEU G 159 -38.14 55.33 42.43
N ALA G 160 -36.92 55.15 41.93
CA ALA G 160 -36.33 56.15 41.05
C ALA G 160 -37.13 56.34 39.78
N ALA G 161 -37.94 55.37 39.39
CA ALA G 161 -38.76 55.48 38.18
C ALA G 161 -39.37 56.88 38.08
N GLY G 162 -39.88 57.41 39.19
CA GLY G 162 -40.36 58.78 39.22
C GLY G 162 -39.68 59.64 40.26
N LEU G 163 -39.19 59.00 41.33
CA LEU G 163 -38.53 59.70 42.42
C LEU G 163 -37.09 60.07 42.10
N CYS G 164 -36.43 59.35 41.19
CA CYS G 164 -35.08 59.72 40.80
C CYS G 164 -35.02 61.16 40.35
N MET G 165 -36.08 61.63 39.68
CA MET G 165 -36.19 63.02 39.25
C MET G 165 -37.42 63.68 39.86
N ASN G 166 -37.96 63.11 40.93
CA ASN G 166 -39.10 63.69 41.62
C ASN G 166 -38.67 64.95 42.36
N SER G 167 -39.64 65.86 42.55
CA SER G 167 -39.37 67.20 43.07
C SER G 167 -40.42 67.61 44.09
N VAL G 168 -40.71 66.72 45.05
CA VAL G 168 -41.82 66.91 45.99
C VAL G 168 -41.34 66.93 47.44
N LEU G 169 -40.63 65.89 47.87
CA LEU G 169 -40.44 65.59 49.27
C LEU G 169 -39.55 66.66 49.94
N GLU G 170 -39.33 66.49 51.25
CA GLU G 170 -38.23 67.16 51.94
C GLU G 170 -37.18 66.17 52.42
N LYS G 171 -37.56 65.18 53.21
CA LYS G 171 -36.63 64.22 53.78
C LYS G 171 -37.00 62.81 53.34
N LEU G 172 -36.05 62.12 52.74
CA LEU G 172 -36.22 60.74 52.27
C LEU G 172 -35.14 59.88 52.90
N SER G 173 -35.55 58.85 53.63
CA SER G 173 -34.64 57.97 54.36
C SER G 173 -34.81 56.54 53.88
N LEU G 174 -33.69 55.86 53.67
CA LEU G 174 -33.68 54.46 53.28
C LEU G 174 -32.61 53.70 54.04
N ASN G 175 -32.46 54.03 55.33
CA ASN G 175 -31.37 53.46 56.11
C ASN G 175 -31.64 52.00 56.44
N TYR G 176 -30.55 51.27 56.71
CA TYR G 176 -30.62 49.83 57.02
C TYR G 176 -31.39 49.08 55.93
N CYS G 177 -31.17 49.48 54.68
CA CYS G 177 -31.84 48.86 53.55
C CYS G 177 -30.90 48.05 52.67
N ALA G 178 -29.61 48.02 52.98
CA ALA G 178 -28.65 47.24 52.21
C ALA G 178 -28.70 47.61 50.73
N ILE G 179 -28.88 48.89 50.46
CA ILE G 179 -28.88 49.36 49.07
C ILE G 179 -27.56 48.97 48.44
N THR G 180 -27.63 48.22 47.34
CA THR G 180 -26.42 47.74 46.69
C THR G 180 -25.64 48.92 46.09
N ALA G 181 -24.33 48.74 45.97
CA ALA G 181 -23.48 49.80 45.46
C ALA G 181 -23.86 50.18 44.03
N GLU G 182 -24.11 49.19 43.18
CA GLU G 182 -24.45 49.48 41.78
C GLU G 182 -25.64 50.40 41.68
N GLY G 183 -26.71 50.13 42.44
CA GLY G 183 -27.90 50.97 42.39
C GLY G 183 -27.64 52.41 42.74
N SER G 184 -26.51 52.70 43.39
CA SER G 184 -26.17 54.09 43.69
C SER G 184 -26.11 54.94 42.43
N LYS G 185 -25.88 54.31 41.26
CA LYS G 185 -25.91 55.06 40.01
C LYS G 185 -27.19 55.87 39.88
N TYR G 186 -28.32 55.29 40.32
CA TYR G 186 -29.58 56.03 40.28
C TYR G 186 -29.49 57.31 41.08
N ILE G 187 -28.98 57.23 42.31
CA ILE G 187 -28.77 58.44 43.10
C ILE G 187 -27.78 59.36 42.39
N GLN G 188 -26.84 58.78 41.64
CA GLN G 188 -25.93 59.60 40.85
C GLN G 188 -26.70 60.52 39.90
N GLN G 189 -27.81 60.03 39.36
CA GLN G 189 -28.63 60.86 38.47
C GLN G 189 -29.39 61.92 39.25
N ILE G 190 -29.68 61.67 40.52
CA ILE G 190 -30.43 62.64 41.33
C ILE G 190 -29.58 63.88 41.60
N LEU G 191 -28.30 63.67 41.92
CA LEU G 191 -27.44 64.79 42.30
C LEU G 191 -26.98 65.61 41.09
N SER G 192 -26.74 64.97 39.95
CA SER G 192 -26.31 65.68 38.75
C SER G 192 -27.37 66.63 38.22
N PHE G 193 -28.52 66.71 38.87
CA PHE G 193 -29.62 67.57 38.44
C PHE G 193 -29.41 68.97 38.99
N VAL G 194 -29.64 69.98 38.16
CA VAL G 194 -29.47 71.37 38.60
C VAL G 194 -30.68 71.93 39.31
N ASN G 195 -31.82 71.24 39.27
CA ASN G 195 -33.05 71.68 39.93
C ASN G 195 -33.13 71.03 41.30
N THR G 196 -33.27 71.84 42.35
CA THR G 196 -32.94 71.40 43.70
C THR G 196 -33.70 72.21 44.74
N ASN G 197 -34.78 71.63 45.28
CA ASN G 197 -35.50 72.21 46.41
C ASN G 197 -35.97 71.14 47.41
N LEU G 198 -35.20 70.08 47.57
CA LEU G 198 -35.36 69.07 48.61
C LEU G 198 -34.32 69.31 49.72
N LYS G 199 -34.45 68.58 50.83
CA LYS G 199 -33.61 68.89 51.99
C LYS G 199 -32.71 67.73 52.41
N LYS G 200 -33.24 66.52 52.57
CA LYS G 200 -32.51 65.45 53.24
C LYS G 200 -32.48 64.17 52.41
N LEU G 201 -31.43 63.39 52.61
CA LEU G 201 -31.28 62.06 52.02
C LEU G 201 -30.46 61.22 52.98
N LYS G 202 -31.06 60.16 53.51
CA LYS G 202 -30.40 59.25 54.43
C LYS G 202 -29.90 58.03 53.67
N MET G 203 -28.61 57.71 53.82
CA MET G 203 -28.01 56.56 53.15
C MET G 203 -27.11 55.79 54.11
N LYS G 204 -27.62 55.53 55.32
CA LYS G 204 -26.91 54.73 56.31
C LYS G 204 -27.42 53.29 56.28
N GLY G 205 -26.49 52.35 56.45
CA GLY G 205 -26.86 50.96 56.55
C GLY G 205 -27.17 50.27 55.23
N ASN G 206 -26.57 50.71 54.13
CA ASN G 206 -26.78 50.10 52.83
C ASN G 206 -25.45 49.54 52.32
N LEU G 207 -25.50 48.90 51.15
CA LEU G 207 -24.34 48.26 50.55
C LEU G 207 -23.68 49.14 49.50
N LEU G 208 -23.76 50.47 49.64
CA LEU G 208 -23.14 51.35 48.65
C LEU G 208 -21.63 51.16 48.62
N LYS G 209 -21.00 51.03 49.79
CA LYS G 209 -19.59 50.66 49.85
C LYS G 209 -18.68 51.72 49.24
N ASN G 210 -17.44 51.31 48.93
CA ASN G 210 -16.46 52.25 48.39
C ASN G 210 -16.89 52.83 47.05
N GLU G 211 -17.38 51.96 46.15
CA GLU G 211 -17.84 52.46 44.86
C GLU G 211 -19.02 53.39 45.04
N GLY G 212 -19.92 53.07 45.97
CA GLY G 212 -21.02 53.97 46.24
C GLY G 212 -20.55 55.34 46.72
N VAL G 213 -19.58 55.35 47.64
CA VAL G 213 -19.10 56.63 48.16
C VAL G 213 -18.43 57.43 47.05
N HIS G 214 -17.66 56.76 46.19
CA HIS G 214 -17.02 57.47 45.07
C HIS G 214 -18.08 58.06 44.15
N GLN G 215 -19.12 57.30 43.83
CA GLN G 215 -20.18 57.82 42.97
C GLN G 215 -20.89 59.00 43.62
N LEU G 216 -21.17 58.89 44.92
CA LEU G 216 -21.84 59.97 45.63
C LEU G 216 -20.99 61.23 45.63
N PHE G 217 -19.68 61.08 45.77
CA PHE G 217 -18.82 62.26 45.78
C PHE G 217 -18.68 62.86 44.38
N ARG G 218 -18.62 62.02 43.35
CA ARG G 218 -18.72 62.51 41.99
C ARG G 218 -19.97 63.36 41.82
N ALA G 219 -21.11 62.86 42.29
CA ALA G 219 -22.35 63.62 42.19
C ALA G 219 -22.27 64.92 42.99
N PHE G 220 -21.69 64.86 44.19
CA PHE G 220 -21.53 66.07 45.00
C PHE G 220 -20.68 67.11 44.28
N LYS G 221 -19.76 66.67 43.42
CA LYS G 221 -18.91 67.61 42.70
C LYS G 221 -19.74 68.58 41.86
N VAL G 222 -20.98 68.23 41.55
CA VAL G 222 -21.84 69.11 40.77
C VAL G 222 -22.97 69.63 41.65
N ASN G 223 -23.33 68.87 42.68
CA ASN G 223 -24.38 69.30 43.59
C ASN G 223 -23.91 70.49 44.42
N LYS G 224 -24.72 71.54 44.48
CA LYS G 224 -24.36 72.77 45.18
C LYS G 224 -25.32 73.12 46.31
N THR G 225 -26.29 72.27 46.62
CA THR G 225 -27.34 72.64 47.56
C THR G 225 -27.70 71.58 48.59
N LEU G 226 -27.03 70.43 48.60
CA LEU G 226 -27.28 69.45 49.65
C LEU G 226 -26.97 70.03 51.02
N GLU G 227 -27.84 69.75 51.99
CA GLU G 227 -27.68 70.27 53.34
C GLU G 227 -27.20 69.23 54.34
N LYS G 228 -27.89 68.09 54.42
CA LYS G 228 -27.52 67.02 55.34
C LYS G 228 -27.50 65.70 54.59
N VAL G 229 -26.47 64.90 54.84
CA VAL G 229 -26.32 63.59 54.20
C VAL G 229 -25.80 62.60 55.24
N ASP G 230 -26.33 61.39 55.21
CA ASP G 230 -25.94 60.33 56.15
C ASP G 230 -25.69 59.05 55.37
N LEU G 231 -24.44 58.60 55.35
CA LEU G 231 -24.04 57.40 54.62
C LEU G 231 -23.35 56.37 55.52
N SER G 232 -23.44 56.52 56.83
CA SER G 232 -22.70 55.66 57.74
C SER G 232 -23.23 54.23 57.71
N ASP G 233 -22.50 53.33 58.36
CA ASP G 233 -22.91 51.94 58.53
C ASP G 233 -23.24 51.29 57.19
N ASN G 234 -22.44 51.61 56.16
CA ASN G 234 -22.69 51.14 54.81
C ASN G 234 -21.58 50.21 54.33
N GLN G 235 -20.92 49.52 55.26
CA GLN G 235 -19.81 48.61 54.97
C GLN G 235 -18.62 49.31 54.34
N PHE G 236 -18.63 50.64 54.28
CA PHE G 236 -17.58 51.36 53.59
C PHE G 236 -16.23 51.07 54.22
N ASP G 237 -15.35 50.40 53.47
CA ASP G 237 -14.06 49.92 53.96
C ASP G 237 -12.96 50.82 53.42
N THR G 238 -12.43 51.69 54.28
CA THR G 238 -11.27 52.51 53.94
C THR G 238 -9.97 51.90 54.44
N THR G 239 -9.91 51.53 55.72
CA THR G 239 -8.72 50.86 56.24
C THR G 239 -8.51 49.55 55.50
N LEU G 240 -7.26 49.32 55.05
CA LEU G 240 -6.97 48.07 54.38
C LEU G 240 -7.17 46.87 55.31
N GLY G 241 -6.93 47.06 56.61
CA GLY G 241 -7.01 46.03 57.60
C GLY G 241 -5.87 46.16 58.59
N ASP G 242 -5.44 45.02 59.12
CA ASP G 242 -4.34 44.97 60.08
C ASP G 242 -2.98 44.74 59.42
N ASP G 243 -2.92 44.75 58.09
CA ASP G 243 -1.66 44.56 57.37
C ASP G 243 -0.80 45.82 57.53
N GLN G 244 -0.20 45.93 58.71
CA GLN G 244 0.67 47.05 59.04
C GLN G 244 2.10 46.62 59.35
N ASP G 245 2.38 45.32 59.39
CA ASP G 245 3.73 44.78 59.51
C ASP G 245 4.16 44.31 58.13
N PRO G 246 4.78 45.16 57.32
CA PRO G 246 5.14 44.75 55.96
C PRO G 246 6.07 43.55 55.90
N GLU G 247 6.96 43.38 56.89
CA GLU G 247 7.89 42.26 56.85
C GLU G 247 7.16 40.92 56.77
N ALA G 248 5.93 40.85 57.28
CA ALA G 248 5.16 39.63 57.15
C ALA G 248 4.95 39.26 55.69
N ASN G 249 4.60 40.25 54.86
CA ASN G 249 4.44 40.06 53.42
C ASN G 249 5.20 41.18 52.72
N PRO G 250 6.47 40.94 52.37
CA PRO G 250 7.27 42.03 51.78
C PRO G 250 6.68 42.60 50.50
N ASN G 251 6.08 41.77 49.66
CA ASN G 251 5.57 42.20 48.37
C ASN G 251 4.13 42.69 48.42
N PHE G 252 3.52 42.72 49.61
CA PHE G 252 2.12 43.11 49.70
C PHE G 252 1.90 44.53 49.18
N PHE G 253 2.93 45.39 49.29
CA PHE G 253 2.80 46.76 48.79
C PHE G 253 2.81 46.82 47.26
N GLU G 254 3.60 45.97 46.62
CA GLU G 254 3.74 46.07 45.17
C GLU G 254 2.42 45.78 44.47
N THR G 255 1.79 44.64 44.78
CA THR G 255 0.55 44.27 44.11
C THR G 255 -0.59 45.20 44.53
N ASN G 256 -0.63 45.59 45.79
CA ASN G 256 -1.70 46.45 46.31
C ASN G 256 -1.56 47.87 45.76
N LYS G 257 -1.94 48.01 44.49
CA LYS G 257 -1.83 49.28 43.77
C LYS G 257 -3.20 49.86 43.44
N ASP G 258 -4.11 49.04 42.91
CA ASP G 258 -5.42 49.53 42.50
C ASP G 258 -6.27 49.95 43.69
N ALA G 259 -6.36 49.09 44.71
CA ALA G 259 -7.24 49.38 45.84
C ALA G 259 -6.79 50.62 46.60
N ILE G 260 -5.49 50.71 46.89
CA ILE G 260 -4.97 51.82 47.68
C ILE G 260 -5.07 53.12 46.89
N GLU G 261 -4.70 53.10 45.61
CA GLU G 261 -4.81 54.29 44.79
C GLU G 261 -6.27 54.73 44.65
N HIS G 262 -7.17 53.78 44.48
CA HIS G 262 -8.60 54.09 44.41
C HIS G 262 -9.10 54.72 45.71
N ASN G 263 -8.67 54.19 46.85
CA ASN G 263 -9.08 54.76 48.13
C ASN G 263 -8.52 56.16 48.32
N LYS G 264 -7.27 56.38 47.91
CA LYS G 264 -6.70 57.73 47.99
C LYS G 264 -7.46 58.70 47.09
N GLN G 265 -7.83 58.25 45.89
CA GLN G 265 -8.66 59.07 45.01
C GLN G 265 -9.99 59.39 45.68
N ILE G 266 -10.60 58.41 46.33
CA ILE G 266 -11.88 58.64 47.00
C ILE G 266 -11.74 59.68 48.09
N ILE G 267 -10.69 59.58 48.90
CA ILE G 267 -10.50 60.53 49.99
C ILE G 267 -10.19 61.92 49.45
N GLU G 268 -9.42 61.99 48.36
CA GLU G 268 -9.13 63.30 47.76
C GLU G 268 -10.40 63.93 47.19
N ASN G 269 -11.25 63.13 46.57
CA ASN G 269 -12.53 63.65 46.07
C ASN G 269 -13.40 64.10 47.25
N ILE G 270 -13.36 63.36 48.35
CA ILE G 270 -14.08 63.77 49.55
C ILE G 270 -13.59 65.14 50.02
N CYS G 271 -12.27 65.33 50.05
CA CYS G 271 -11.71 66.60 50.44
C CYS G 271 -12.17 67.73 49.51
N GLU G 272 -12.12 67.48 48.20
CA GLU G 272 -12.52 68.50 47.24
C GLU G 272 -13.99 68.86 47.40
N VAL G 273 -14.84 67.84 47.58
CA VAL G 273 -16.28 68.09 47.74
C VAL G 273 -16.55 68.88 49.01
N LEU G 274 -15.91 68.49 50.12
CA LEU G 274 -16.10 69.23 51.37
C LEU G 274 -15.60 70.67 51.24
N LYS G 275 -14.49 70.87 50.52
CA LYS G 275 -13.98 72.22 50.30
C LYS G 275 -14.97 73.06 49.52
N ALA G 276 -15.46 72.54 48.39
CA ALA G 276 -16.37 73.28 47.53
C ALA G 276 -17.80 73.24 48.02
N ALA G 277 -18.14 72.35 48.95
CA ALA G 277 -19.49 72.26 49.45
C ALA G 277 -19.87 73.53 50.19
N ASP G 278 -20.70 74.37 49.57
CA ASP G 278 -21.17 75.60 50.18
C ASP G 278 -22.47 75.44 50.94
N THR G 279 -23.07 74.26 50.90
CA THR G 279 -24.34 74.01 51.58
C THR G 279 -24.31 72.79 52.49
N LEU G 280 -23.60 71.73 52.09
CA LEU G 280 -23.60 70.48 52.86
C LEU G 280 -22.76 70.64 54.11
N LEU G 281 -23.40 70.55 55.27
CA LEU G 281 -22.72 70.72 56.55
C LEU G 281 -23.09 69.66 57.59
N TYR G 282 -23.85 68.63 57.21
CA TYR G 282 -24.27 67.57 58.13
C TYR G 282 -23.81 66.24 57.56
N TYR G 283 -23.05 65.48 58.34
CA TYR G 283 -22.47 64.23 57.87
C TYR G 283 -22.52 63.19 58.98
N ASP G 284 -22.52 61.92 58.58
CA ASP G 284 -22.56 60.79 59.51
C ASP G 284 -21.75 59.65 58.92
N PHE G 285 -20.67 59.26 59.61
CA PHE G 285 -19.84 58.14 59.20
C PHE G 285 -19.72 57.08 60.30
N ARG G 286 -20.67 57.06 61.23
CA ARG G 286 -20.56 56.12 62.34
C ARG G 286 -20.73 54.69 61.86
N PHE G 287 -20.10 53.77 62.58
CA PHE G 287 -20.21 52.34 62.31
C PHE G 287 -19.63 51.97 60.95
N ASN G 288 -18.72 52.79 60.44
CA ASN G 288 -18.07 52.58 59.15
C ASN G 288 -16.60 52.27 59.35
N ASN G 289 -15.97 51.78 58.28
CA ASN G 289 -14.55 51.45 58.29
C ASN G 289 -13.78 52.62 57.67
N ILE G 290 -13.38 53.55 58.53
CA ILE G 290 -12.66 54.75 58.13
C ILE G 290 -11.26 54.71 58.74
N SER G 291 -10.25 54.72 57.87
CA SER G 291 -8.88 54.57 58.32
C SER G 291 -8.37 55.83 59.01
N LYS G 292 -7.31 55.65 59.82
CA LYS G 292 -6.70 56.78 60.51
C LYS G 292 -6.12 57.78 59.50
N THR G 293 -5.46 57.29 58.46
CA THR G 293 -4.90 58.19 57.45
C THR G 293 -6.01 59.00 56.78
N ASP G 294 -7.13 58.35 56.45
CA ASP G 294 -8.27 59.07 55.90
C ASP G 294 -8.80 60.06 56.92
N ALA G 295 -8.82 59.69 58.20
CA ALA G 295 -9.28 60.61 59.23
C ALA G 295 -8.44 61.87 59.27
N LYS G 296 -7.11 61.72 59.27
CA LYS G 296 -6.23 62.88 59.30
C LYS G 296 -6.36 63.70 58.02
N ALA G 297 -6.48 63.03 56.87
CA ALA G 297 -6.66 63.77 55.63
C ALA G 297 -7.94 64.61 55.67
N ILE G 298 -9.04 64.02 56.15
CA ILE G 298 -10.29 64.77 56.24
C ILE G 298 -10.15 65.90 57.26
N ILE G 299 -9.41 65.67 58.34
CA ILE G 299 -9.20 66.71 59.34
C ILE G 299 -8.49 67.90 58.72
N ASP G 300 -7.45 67.64 57.94
CA ASP G 300 -6.73 68.73 57.28
C ASP G 300 -7.61 69.42 56.24
N CYS G 301 -8.39 68.64 55.48
CA CYS G 301 -9.17 69.22 54.39
C CYS G 301 -10.32 70.08 54.91
N LEU G 302 -11.03 69.62 55.95
CA LEU G 302 -12.17 70.37 56.45
C LEU G 302 -11.76 71.71 57.07
N GLU G 303 -10.46 71.92 57.31
CA GLU G 303 -9.99 73.15 57.93
C GLU G 303 -10.41 74.37 57.12
N ALA G 304 -10.44 74.24 55.78
CA ALA G 304 -10.83 75.37 54.94
C ALA G 304 -12.32 75.65 55.03
N ASN G 305 -13.15 74.60 54.98
CA ASN G 305 -14.61 74.76 55.01
C ASN G 305 -15.07 74.66 56.46
N LYS G 306 -15.30 75.81 57.08
CA LYS G 306 -15.66 75.90 58.49
C LYS G 306 -17.16 76.09 58.72
N ASN G 307 -17.97 76.05 57.66
CA ASN G 307 -19.42 76.20 57.81
C ASN G 307 -20.10 74.90 58.24
N ILE G 308 -19.39 73.78 58.19
CA ILE G 308 -20.00 72.47 58.45
C ILE G 308 -20.41 72.43 59.93
N TYR G 309 -21.71 72.41 60.18
CA TYR G 309 -22.23 72.47 61.55
C TYR G 309 -22.44 71.09 62.18
N TYR G 310 -22.09 70.01 61.48
CA TYR G 310 -22.08 68.71 62.14
C TYR G 310 -21.50 67.66 61.19
N MET G 311 -20.79 66.70 61.77
CA MET G 311 -20.19 65.61 61.00
C MET G 311 -19.99 64.42 61.94
N GLU G 312 -19.76 63.25 61.33
CA GLU G 312 -19.49 62.04 62.08
C GLU G 312 -18.35 61.25 61.42
N LEU G 313 -17.58 60.56 62.25
CA LEU G 313 -16.48 59.73 61.80
C LEU G 313 -16.50 58.40 62.53
N SER G 314 -15.82 57.41 61.94
CA SER G 314 -15.79 56.07 62.52
C SER G 314 -15.06 56.09 63.87
N GLU G 315 -15.41 55.12 64.71
CA GLU G 315 -14.91 55.10 66.08
C GLU G 315 -13.42 54.74 66.17
N HIS G 316 -12.89 53.99 65.22
CA HIS G 316 -11.50 53.52 65.31
C HIS G 316 -10.52 54.49 64.65
N ILE G 317 -10.98 55.68 64.30
CA ILE G 317 -10.11 56.72 63.73
C ILE G 317 -9.19 57.20 64.85
N PRO G 318 -8.08 57.88 64.53
CA PRO G 318 -7.13 58.28 65.57
C PRO G 318 -7.80 59.08 66.67
N LYS G 319 -7.48 58.73 67.92
CA LYS G 319 -8.12 59.38 69.06
C LYS G 319 -7.76 60.86 69.12
N ASP G 320 -6.48 61.18 68.93
CA ASP G 320 -6.08 62.58 68.88
C ASP G 320 -6.77 63.31 67.74
N LEU G 321 -6.89 62.65 66.59
CA LEU G 321 -7.62 63.23 65.47
C LEU G 321 -9.10 63.42 65.79
N ILE G 322 -9.68 62.48 66.54
CA ILE G 322 -11.08 62.64 66.96
C ILE G 322 -11.23 63.89 67.83
N GLU G 323 -10.33 64.06 68.79
CA GLU G 323 -10.38 65.23 69.65
C GLU G 323 -10.19 66.51 68.84
N ARG G 324 -9.24 66.50 67.90
CA ARG G 324 -9.01 67.67 67.06
C ARG G 324 -10.25 68.02 66.25
N LYS G 325 -10.89 67.01 65.66
CA LYS G 325 -12.11 67.25 64.89
C LYS G 325 -13.21 67.82 65.78
N LYS G 326 -13.39 67.25 66.96
CA LYS G 326 -14.43 67.77 67.86
C LYS G 326 -14.15 69.22 68.24
N GLY G 327 -12.90 69.52 68.58
CA GLY G 327 -12.55 70.89 68.94
C GLY G 327 -12.77 71.87 67.80
N LEU G 328 -12.39 71.47 66.59
CA LEU G 328 -12.57 72.35 65.43
C LEU G 328 -14.04 72.56 65.10
N MET G 329 -14.85 71.49 65.17
CA MET G 329 -16.26 71.61 64.84
C MET G 329 -17.08 72.27 65.95
N LYS G 330 -16.54 72.35 67.17
CA LYS G 330 -17.25 73.04 68.24
C LYS G 330 -17.62 74.46 67.83
N LYS G 331 -16.73 75.14 67.10
CA LYS G 331 -17.03 76.48 66.62
C LYS G 331 -18.13 76.48 65.57
N ARG G 332 -18.40 75.35 64.93
CA ARG G 332 -19.33 75.30 63.81
C ARG G 332 -20.76 74.98 64.21
N LYS G 333 -21.05 74.83 65.50
CA LYS G 333 -22.41 74.51 65.91
C LYS G 333 -23.35 75.66 65.56
N PRO G 334 -24.46 75.40 64.87
CA PRO G 334 -25.41 76.47 64.58
C PRO G 334 -26.05 77.00 65.86
N LYS G 335 -26.37 78.28 65.85
CA LYS G 335 -27.01 78.91 67.00
C LYS G 335 -28.51 78.63 66.96
N LYS G 336 -29.01 77.97 68.00
CA LYS G 336 -30.41 77.58 68.04
C LYS G 336 -31.31 78.82 68.03
N LYS G 337 -32.13 78.96 66.99
CA LYS G 337 -33.03 80.09 66.90
C LYS G 337 -34.23 79.87 67.82
N LYS G 338 -34.39 80.76 68.79
CA LYS G 338 -35.50 80.67 69.74
C LYS G 338 -36.82 80.75 69.00
N LYS G 339 -37.75 79.86 69.37
CA LYS G 339 -39.09 79.89 68.81
C LYS G 339 -39.76 81.22 69.14
N LYS G 340 -39.99 82.07 68.14
CA LYS G 340 -40.59 83.37 68.41
C LYS G 340 -42.01 83.19 68.92
N LYS G 341 -42.22 83.40 70.21
CA LYS G 341 -43.52 83.19 70.84
C LYS G 341 -44.35 84.44 70.68
N ALA G 342 -45.20 84.47 69.66
CA ALA G 342 -46.04 85.63 69.40
C ALA G 342 -47.07 85.78 70.51
N LYS G 343 -47.13 86.97 71.10
CA LYS G 343 -48.11 87.25 72.14
C LYS G 343 -49.50 87.22 71.54
N LYS G 344 -50.25 86.14 71.81
CA LYS G 344 -51.58 85.99 71.25
C LYS G 344 -52.48 87.12 71.72
N LYS G 345 -53.22 87.70 70.79
CA LYS G 345 -54.06 88.85 71.10
C LYS G 345 -55.29 88.90 70.18
N MET H 1 -67.76 -49.91 64.21
CA MET H 1 -66.48 -49.25 64.42
C MET H 1 -66.63 -47.74 64.52
N ASP H 2 -66.64 -47.24 65.76
CA ASP H 2 -66.52 -48.07 66.94
C ASP H 2 -67.89 -48.31 67.56
N HIS H 3 -68.74 -47.29 67.50
CA HIS H 3 -70.02 -47.27 68.20
C HIS H 3 -71.14 -47.00 67.22
N ASN H 4 -72.35 -47.42 67.60
CA ASN H 4 -73.50 -47.31 66.72
C ASN H 4 -73.79 -45.85 66.41
N GLU H 5 -74.11 -45.58 65.15
CA GLU H 5 -74.24 -44.23 64.62
C GLU H 5 -75.62 -44.09 63.98
N GLY H 6 -76.39 -42.94 64.36
CA GLY H 6 -77.79 -41.97 64.37
C GLY H 6 -78.11 -40.55 63.86
N GLY H 7 -78.12 -39.57 64.76
CA GLY H 7 -78.08 -38.19 64.30
C GLY H 7 -76.70 -37.97 63.74
N TYR H 8 -76.38 -38.76 62.70
CA TYR H 8 -75.02 -39.21 62.44
C TYR H 8 -74.26 -38.35 61.44
N SER H 9 -74.74 -38.26 60.19
CA SER H 9 -73.88 -37.62 59.18
C SER H 9 -73.98 -36.09 59.25
N HIS H 10 -75.12 -35.49 58.88
CA HIS H 10 -76.02 -35.98 57.83
C HIS H 10 -75.39 -35.45 56.53
N HIS H 11 -76.08 -35.47 55.39
CA HIS H 11 -75.37 -35.05 54.18
C HIS H 11 -74.97 -33.58 54.26
N GLN H 12 -74.11 -33.18 53.34
CA GLN H 12 -73.41 -31.90 53.39
C GLN H 12 -74.38 -30.73 53.26
N ILE H 13 -73.88 -29.53 53.59
CA ILE H 13 -74.69 -28.32 53.61
C ILE H 13 -74.07 -27.16 52.83
N GLU H 14 -72.84 -26.78 53.18
CA GLU H 14 -72.36 -25.41 52.98
C GLU H 14 -71.29 -25.25 51.92
N GLY H 15 -71.39 -25.91 50.78
CA GLY H 15 -70.34 -25.89 49.76
C GLY H 15 -69.97 -24.59 49.07
N GLN H 16 -70.86 -24.06 48.23
CA GLN H 16 -70.50 -23.06 47.22
C GLN H 16 -71.15 -21.72 47.54
N GLU H 17 -70.34 -20.66 47.65
CA GLU H 17 -70.85 -19.37 48.12
C GLU H 17 -70.62 -18.21 47.19
N GLY H 18 -69.43 -18.06 46.61
CA GLY H 18 -68.98 -16.74 46.16
C GLY H 18 -68.91 -16.40 44.68
N GLN H 19 -69.93 -16.74 43.91
CA GLN H 19 -69.98 -16.35 42.50
C GLN H 19 -69.98 -14.83 42.35
N GLN H 20 -68.97 -14.30 41.65
CA GLN H 20 -68.72 -12.86 41.58
C GLN H 20 -68.39 -12.39 40.16
N GLN H 21 -69.17 -12.83 39.18
CA GLN H 21 -68.88 -12.51 37.78
C GLN H 21 -69.55 -11.20 37.36
N GLN H 22 -69.44 -10.87 36.08
CA GLN H 22 -70.05 -9.68 35.50
C GLN H 22 -71.06 -10.06 34.42
N ALA H 23 -72.21 -9.38 34.42
CA ALA H 23 -73.41 -9.78 33.69
C ALA H 23 -73.44 -9.39 32.21
N PRO H 24 -73.20 -8.12 31.87
CA PRO H 24 -73.54 -7.65 30.52
C PRO H 24 -72.82 -8.43 29.43
N VAL H 25 -73.26 -8.19 28.19
CA VAL H 25 -72.77 -8.92 27.02
C VAL H 25 -72.49 -7.93 25.89
N GLY H 26 -71.70 -8.39 24.92
CA GLY H 26 -71.24 -7.55 23.84
C GLY H 26 -72.16 -7.56 22.62
N GLY H 27 -71.69 -6.91 21.56
CA GLY H 27 -72.47 -6.72 20.35
C GLY H 27 -71.72 -6.92 19.04
N GLY H 28 -70.79 -7.86 19.00
CA GLY H 28 -69.95 -8.07 17.84
C GLY H 28 -70.62 -8.77 16.67
N GLY H 29 -71.52 -8.07 15.98
CA GLY H 29 -72.25 -8.67 14.88
C GLY H 29 -71.97 -8.10 13.51
N GLU H 30 -70.84 -7.41 13.34
CA GLU H 30 -70.49 -6.78 12.07
C GLU H 30 -70.10 -7.84 11.03
N ASP H 31 -71.11 -8.62 10.62
CA ASP H 31 -70.85 -9.77 9.76
C ASP H 31 -71.01 -9.45 8.28
N ILE H 32 -71.47 -8.25 7.93
CA ILE H 32 -71.86 -7.97 6.55
C ILE H 32 -70.75 -7.26 5.79
N PHE H 33 -70.35 -6.08 6.25
CA PHE H 33 -69.61 -5.11 5.43
C PHE H 33 -68.11 -5.38 5.34
N GLN H 34 -67.66 -6.61 5.61
CA GLN H 34 -66.28 -7.00 5.37
C GLN H 34 -66.15 -8.15 4.38
N VAL H 35 -66.99 -8.20 3.36
CA VAL H 35 -67.02 -9.34 2.45
C VAL H 35 -66.41 -9.01 1.10
N LEU H 36 -66.57 -7.78 0.60
CA LEU H 36 -66.07 -7.44 -0.73
C LEU H 36 -64.61 -7.01 -0.76
N GLU H 37 -63.93 -6.95 0.38
CA GLU H 37 -62.51 -6.61 0.35
C GLU H 37 -61.60 -7.83 0.23
N ASN H 38 -62.15 -9.04 0.14
CA ASN H 38 -61.35 -10.25 -0.03
C ASN H 38 -61.07 -10.58 -1.49
N ILE H 39 -61.61 -9.81 -2.44
CA ILE H 39 -61.32 -10.04 -3.84
C ILE H 39 -59.81 -9.97 -4.06
N THR H 40 -59.28 -10.95 -4.79
CA THR H 40 -57.84 -11.00 -5.07
C THR H 40 -57.52 -9.96 -6.13
N GLN H 41 -57.27 -8.74 -5.65
CA GLN H 41 -56.87 -7.64 -6.54
C GLN H 41 -55.61 -8.04 -7.30
N VAL H 42 -55.57 -7.66 -8.59
CA VAL H 42 -54.55 -8.17 -9.50
C VAL H 42 -53.15 -7.99 -8.93
N GLN H 43 -52.43 -9.08 -8.78
CA GLN H 43 -51.09 -9.06 -8.21
C GLN H 43 -50.06 -8.66 -9.28
N ASN H 44 -48.98 -8.01 -8.85
CA ASN H 44 -47.89 -7.70 -9.76
C ASN H 44 -47.08 -8.97 -10.06
N GLU H 45 -46.83 -9.21 -11.35
CA GLU H 45 -46.13 -10.42 -11.76
C GLU H 45 -44.76 -10.52 -11.11
N LYS H 46 -44.02 -9.41 -11.10
CA LYS H 46 -42.73 -9.39 -10.43
C LYS H 46 -42.89 -9.65 -8.93
N LEU H 47 -43.96 -9.11 -8.33
CA LEU H 47 -44.19 -9.31 -6.91
C LEU H 47 -44.41 -10.79 -6.59
N LYS H 48 -45.26 -11.46 -7.37
CA LYS H 48 -45.47 -12.89 -7.16
C LYS H 48 -44.19 -13.67 -7.41
N ARG H 49 -43.43 -13.30 -8.44
CA ARG H 49 -42.18 -14.01 -8.71
C ARG H 49 -41.23 -13.91 -7.54
N CYS H 50 -41.07 -12.70 -6.98
CA CYS H 50 -40.23 -12.54 -5.81
C CYS H 50 -40.75 -13.34 -4.64
N GLN H 51 -42.08 -13.31 -4.43
CA GLN H 51 -42.67 -13.98 -3.27
C GLN H 51 -42.52 -15.49 -3.36
N GLU H 52 -42.72 -16.08 -4.54
CA GLU H 52 -42.52 -17.51 -4.70
C GLU H 52 -41.04 -17.88 -4.67
N PHE H 53 -40.16 -16.97 -5.13
CA PHE H 53 -38.73 -17.28 -5.13
C PHE H 53 -38.21 -17.47 -3.72
N LYS H 54 -38.76 -16.72 -2.75
CA LYS H 54 -38.48 -16.99 -1.34
C LYS H 54 -39.28 -18.17 -0.80
N GLU H 55 -40.18 -18.73 -1.61
CA GLU H 55 -40.97 -19.89 -1.22
C GLU H 55 -40.25 -21.22 -1.51
N GLN H 56 -39.05 -21.18 -2.08
CA GLN H 56 -38.28 -22.40 -2.26
C GLN H 56 -37.85 -22.94 -0.90
N GLU H 57 -37.91 -24.26 -0.75
CA GLU H 57 -37.68 -24.88 0.55
C GLU H 57 -36.28 -24.62 1.10
N ASN H 58 -35.33 -24.24 0.25
CA ASN H 58 -33.93 -24.08 0.66
C ASN H 58 -33.44 -22.68 0.30
N ILE H 59 -34.20 -21.67 0.70
CA ILE H 59 -33.84 -20.27 0.48
C ILE H 59 -32.34 -20.08 0.71
N PRO H 60 -31.61 -19.51 -0.25
CA PRO H 60 -30.17 -19.32 -0.05
C PRO H 60 -29.90 -18.44 1.17
N ARG H 61 -28.92 -18.84 1.97
CA ARG H 61 -28.59 -18.05 3.15
C ARG H 61 -28.17 -16.64 2.77
N GLN H 62 -27.57 -16.46 1.58
CA GLN H 62 -27.17 -15.13 1.13
C GLN H 62 -28.37 -14.23 0.90
N TYR H 63 -29.56 -14.79 0.72
CA TYR H 63 -30.76 -14.00 0.48
C TYR H 63 -31.52 -13.64 1.75
N ILE H 64 -31.10 -14.12 2.91
CA ILE H 64 -31.81 -13.87 4.14
C ILE H 64 -31.03 -12.98 5.11
N GLU H 65 -29.69 -13.03 5.11
CA GLU H 65 -28.88 -12.18 5.97
C GLU H 65 -27.72 -11.59 5.19
N ASN H 66 -27.42 -10.32 5.45
CA ASN H 66 -26.32 -9.63 4.80
C ASN H 66 -25.07 -9.71 5.68
N SER H 67 -23.93 -9.95 5.04
CA SER H 67 -22.67 -10.14 5.76
C SER H 67 -22.37 -8.94 6.65
N PRO H 68 -21.43 -9.07 7.59
CA PRO H 68 -21.10 -7.91 8.44
C PRO H 68 -20.69 -6.69 7.66
N LYS H 69 -19.90 -6.87 6.61
CA LYS H 69 -19.51 -5.74 5.78
C LYS H 69 -20.71 -5.16 5.04
N GLU H 70 -21.67 -6.01 4.64
CA GLU H 70 -22.88 -5.49 4.01
C GLU H 70 -23.65 -4.59 4.97
N GLU H 71 -23.77 -5.00 6.24
CA GLU H 71 -24.47 -4.16 7.20
C GLU H 71 -23.69 -2.89 7.50
N LEU H 72 -22.36 -2.96 7.55
CA LEU H 72 -21.57 -1.75 7.75
C LEU H 72 -21.73 -0.81 6.57
N VAL H 73 -21.81 -1.35 5.35
CA VAL H 73 -22.07 -0.54 4.17
C VAL H 73 -23.45 0.10 4.27
N LEU H 74 -24.44 -0.65 4.76
CA LEU H 74 -25.76 -0.09 4.98
C LEU H 74 -25.71 1.07 5.97
N GLU H 75 -24.94 0.91 7.04
CA GLU H 75 -24.81 1.99 8.02
C GLU H 75 -24.12 3.21 7.43
N HIS H 76 -23.09 3.00 6.61
CA HIS H 76 -22.45 4.11 5.92
C HIS H 76 -23.42 4.81 4.97
N VAL H 77 -24.26 4.02 4.28
CA VAL H 77 -25.25 4.60 3.37
C VAL H 77 -26.24 5.45 4.14
N ILE H 78 -26.72 4.95 5.29
CA ILE H 78 -27.65 5.73 6.11
C ILE H 78 -26.98 6.99 6.62
N GLN H 79 -25.69 6.89 7.00
CA GLN H 79 -24.96 8.05 7.46
C GLN H 79 -24.84 9.12 6.37
N PHE H 80 -24.51 8.68 5.15
CA PHE H 80 -24.40 9.63 4.05
C PHE H 80 -25.76 10.23 3.69
N LYS H 81 -26.83 9.45 3.81
CA LYS H 81 -28.17 9.99 3.60
C LYS H 81 -28.50 11.05 4.65
N ARG H 82 -28.17 10.79 5.91
CA ARG H 82 -28.41 11.77 6.96
C ARG H 82 -27.63 13.05 6.68
N GLN H 83 -26.36 12.92 6.29
CA GLN H 83 -25.56 14.10 5.98
C GLN H 83 -26.12 14.85 4.78
N PHE H 84 -26.61 14.11 3.77
CA PHE H 84 -27.21 14.73 2.59
C PHE H 84 -28.44 15.54 2.96
N GLN H 85 -29.28 14.99 3.85
CA GLN H 85 -30.45 15.75 4.30
C GLN H 85 -30.05 16.95 5.15
N TYR H 86 -29.01 16.81 5.99
CA TYR H 86 -28.63 17.89 6.89
C TYR H 86 -28.06 19.08 6.11
N GLN H 87 -27.31 18.82 5.05
CA GLN H 87 -26.69 19.89 4.28
C GLN H 87 -27.48 20.28 3.04
N LEU H 88 -28.67 19.72 2.84
CA LEU H 88 -29.55 20.07 1.73
C LEU H 88 -30.82 20.72 2.24
N TYR H 89 -30.68 21.64 3.19
CA TYR H 89 -31.84 22.34 3.74
C TYR H 89 -32.63 23.10 2.69
N TYR H 90 -32.01 23.41 1.55
CA TYR H 90 -32.64 24.24 0.53
C TYR H 90 -33.23 23.44 -0.63
N GLU H 91 -32.64 22.30 -0.97
CA GLU H 91 -33.13 21.53 -2.11
C GLU H 91 -34.14 20.47 -1.68
N ASP H 92 -35.18 20.30 -2.48
CA ASP H 92 -36.24 19.35 -2.15
C ASP H 92 -35.69 17.92 -2.13
N LYS H 93 -36.29 17.08 -1.28
CA LYS H 93 -35.86 15.69 -1.18
C LYS H 93 -35.94 14.99 -2.52
N ARG H 94 -34.91 14.20 -2.83
CA ARG H 94 -34.91 13.31 -3.98
C ARG H 94 -34.53 11.91 -3.50
N ASP H 95 -35.28 10.91 -3.93
CA ASP H 95 -35.15 9.56 -3.39
C ASP H 95 -33.80 8.97 -3.82
N LEU H 96 -32.83 8.98 -2.91
CA LEU H 96 -31.62 8.19 -3.08
C LEU H 96 -31.94 6.77 -2.66
N PHE H 97 -32.52 6.00 -3.58
CA PHE H 97 -33.01 4.66 -3.31
C PHE H 97 -31.80 3.74 -3.19
N LEU H 98 -31.11 3.85 -2.05
CA LEU H 98 -29.90 3.10 -1.77
C LEU H 98 -30.15 1.83 -0.96
N TYR H 99 -31.35 1.68 -0.38
CA TYR H 99 -31.68 0.51 0.42
C TYR H 99 -32.97 -0.14 -0.08
N PRO H 100 -32.96 -0.66 -1.31
CA PRO H 100 -34.10 -1.45 -1.75
C PRO H 100 -34.45 -2.59 -0.82
N LYS H 101 -35.57 -3.24 -1.09
CA LYS H 101 -35.88 -4.55 -0.54
C LYS H 101 -36.04 -5.52 -1.71
N ASN H 102 -35.26 -6.58 -1.71
CA ASN H 102 -35.30 -7.55 -2.79
C ASN H 102 -36.42 -8.57 -2.49
N GLU H 103 -36.48 -9.65 -3.27
CA GLU H 103 -37.62 -10.56 -3.18
C GLU H 103 -37.79 -11.08 -1.76
N CYS H 104 -36.70 -11.18 -1.00
CA CYS H 104 -36.79 -11.50 0.41
C CYS H 104 -37.18 -10.30 1.27
N ASP H 105 -37.19 -9.09 0.69
CA ASP H 105 -37.60 -7.88 1.41
C ASP H 105 -36.65 -7.55 2.56
N VAL H 106 -35.44 -8.10 2.53
CA VAL H 106 -34.40 -7.77 3.51
C VAL H 106 -33.52 -6.69 2.92
N TYR H 107 -33.28 -5.64 3.69
CA TYR H 107 -32.71 -4.40 3.17
C TYR H 107 -31.39 -4.66 2.45
N LYS H 108 -31.23 -4.03 1.29
CA LYS H 108 -30.03 -4.21 0.48
C LYS H 108 -29.55 -2.86 -0.04
N PHE H 109 -28.25 -2.78 -0.33
CA PHE H 109 -27.66 -1.60 -0.94
C PHE H 109 -27.65 -1.76 -2.46
N ILE H 110 -28.18 -0.77 -3.16
CA ILE H 110 -28.26 -0.85 -4.63
C ILE H 110 -26.87 -0.95 -5.24
N CYS H 111 -25.90 -0.23 -4.66
CA CYS H 111 -24.56 -0.23 -5.23
C CYS H 111 -23.96 -1.62 -5.27
N THR H 112 -24.27 -2.45 -4.28
CA THR H 112 -23.81 -3.84 -4.29
C THR H 112 -24.76 -4.77 -5.04
N THR H 113 -25.85 -4.25 -5.60
CA THR H 113 -26.86 -5.09 -6.25
C THR H 113 -26.54 -5.37 -7.72
N ILE H 114 -25.48 -4.80 -8.28
CA ILE H 114 -25.10 -5.04 -9.67
C ILE H 114 -24.16 -6.24 -9.71
N ARG H 115 -24.56 -7.29 -10.43
CA ARG H 115 -23.75 -8.49 -10.59
C ARG H 115 -23.41 -8.66 -12.06
N PRO H 116 -22.32 -8.07 -12.53
CA PRO H 116 -21.94 -8.23 -13.94
C PRO H 116 -21.58 -9.66 -14.29
N THR H 117 -22.35 -10.29 -15.16
CA THR H 117 -22.08 -11.66 -15.61
C THR H 117 -21.92 -11.65 -17.12
N LYS H 118 -20.69 -11.85 -17.58
CA LYS H 118 -20.37 -11.87 -19.01
C LYS H 118 -20.25 -13.33 -19.45
N LEU H 119 -21.34 -13.86 -19.97
CA LEU H 119 -21.32 -15.20 -20.54
C LEU H 119 -20.50 -15.20 -21.82
N GLY H 120 -20.05 -16.39 -22.22
CA GLY H 120 -19.23 -16.52 -23.40
C GLY H 120 -19.98 -16.27 -24.70
N PHE H 121 -21.30 -16.14 -24.62
CA PHE H 121 -22.13 -16.03 -25.81
C PHE H 121 -21.81 -14.76 -26.58
N LEU H 122 -21.74 -14.88 -27.91
CA LEU H 122 -21.49 -13.72 -28.76
C LEU H 122 -22.64 -12.73 -28.67
N GLU H 123 -23.87 -13.22 -28.62
CA GLU H 123 -25.04 -12.34 -28.73
C GLU H 123 -24.98 -11.20 -27.73
N LEU H 124 -24.50 -11.47 -26.52
CA LEU H 124 -24.48 -10.47 -25.47
C LEU H 124 -23.12 -9.79 -25.32
N TYR H 125 -22.12 -10.18 -26.11
CA TYR H 125 -20.87 -9.42 -26.15
C TYR H 125 -21.04 -8.01 -26.71
N ASP H 126 -21.84 -7.85 -27.77
CA ASP H 126 -21.99 -6.57 -28.46
C ASP H 126 -23.06 -5.75 -27.77
N TYR H 127 -22.68 -4.54 -27.34
CA TYR H 127 -23.63 -3.67 -26.66
C TYR H 127 -24.84 -3.40 -27.55
N GLN H 128 -24.59 -3.11 -28.83
CA GLN H 128 -25.69 -2.88 -29.76
C GLN H 128 -26.48 -4.16 -29.99
N GLN H 129 -25.79 -5.26 -30.32
CA GLN H 129 -26.49 -6.51 -30.57
C GLN H 129 -27.10 -7.07 -29.29
N CYS H 130 -26.41 -6.92 -28.16
CA CYS H 130 -26.99 -7.38 -26.90
C CYS H 130 -28.26 -6.61 -26.57
N SER H 131 -28.25 -5.29 -26.79
CA SER H 131 -29.46 -4.51 -26.56
C SER H 131 -30.58 -4.93 -27.50
N LYS H 132 -30.25 -5.19 -28.77
CA LYS H 132 -31.27 -5.64 -29.71
C LYS H 132 -31.88 -6.97 -29.29
N TYR H 133 -31.02 -7.93 -28.91
CA TYR H 133 -31.52 -9.23 -28.49
C TYR H 133 -32.35 -9.11 -27.22
N LEU H 134 -31.93 -8.25 -26.30
CA LEU H 134 -32.72 -8.04 -25.08
C LEU H 134 -34.07 -7.41 -25.42
N SER H 135 -34.11 -6.48 -26.37
CA SER H 135 -35.37 -5.87 -26.77
C SER H 135 -36.29 -6.90 -27.41
N GLU H 136 -35.74 -7.80 -28.23
CA GLU H 136 -36.52 -8.82 -28.90
C GLU H 136 -36.63 -10.12 -28.13
N PHE H 137 -36.16 -10.15 -26.88
CA PHE H 137 -36.15 -11.35 -26.06
C PHE H 137 -37.12 -11.28 -24.88
N VAL H 138 -37.51 -10.08 -24.46
CA VAL H 138 -38.43 -9.91 -23.34
C VAL H 138 -39.51 -8.92 -23.75
N GLN H 139 -40.77 -9.32 -23.59
CA GLN H 139 -41.86 -8.36 -23.58
C GLN H 139 -41.73 -7.47 -22.34
N TYR H 140 -41.87 -6.16 -22.53
CA TYR H 140 -41.61 -5.22 -21.44
C TYR H 140 -42.82 -5.12 -20.53
N GLU H 141 -42.58 -5.27 -19.22
CA GLU H 141 -43.61 -5.11 -18.21
C GLU H 141 -43.71 -3.65 -17.82
N GLU H 142 -44.92 -3.11 -17.85
CA GLU H 142 -45.11 -1.68 -17.67
C GLU H 142 -45.07 -1.30 -16.20
N LEU H 143 -44.24 -0.31 -15.88
CA LEU H 143 -44.07 0.14 -14.50
C LEU H 143 -45.37 0.70 -13.94
N ASP H 144 -45.66 0.37 -12.69
CA ASP H 144 -46.84 0.90 -12.02
C ASP H 144 -46.63 0.90 -10.50
N PRO H 145 -46.52 2.07 -9.88
CA PRO H 145 -46.60 3.33 -10.62
C PRO H 145 -45.31 3.60 -11.39
N PRO H 146 -45.42 4.09 -12.61
CA PRO H 146 -44.21 4.46 -13.36
C PRO H 146 -43.44 5.60 -12.72
N ASN H 147 -44.06 6.35 -11.82
CA ASN H 147 -43.46 7.51 -11.19
C ASN H 147 -42.66 7.17 -9.94
N GLU H 148 -42.52 5.89 -9.61
CA GLU H 148 -41.94 5.50 -8.34
C GLU H 148 -40.95 4.35 -8.48
N PHE H 149 -40.50 3.81 -7.36
CA PHE H 149 -39.59 2.68 -7.16
C PHE H 149 -40.37 1.39 -6.98
N PRO H 150 -39.93 0.30 -7.60
CA PRO H 150 -40.64 -0.96 -7.48
C PRO H 150 -40.52 -1.54 -6.08
N LEU H 151 -41.44 -2.45 -5.75
CA LEU H 151 -41.46 -3.05 -4.42
C LEU H 151 -40.16 -3.82 -4.15
N VAL H 152 -39.67 -4.57 -5.12
CA VAL H 152 -38.46 -5.37 -4.99
C VAL H 152 -37.53 -5.06 -6.14
N ILE H 153 -36.23 -4.96 -5.84
CA ILE H 153 -35.19 -4.75 -6.82
C ILE H 153 -34.38 -6.06 -6.93
N PRO H 154 -34.59 -6.87 -7.96
CA PRO H 154 -33.89 -8.14 -8.06
C PRO H 154 -32.52 -8.00 -8.70
N SER H 155 -31.64 -8.95 -8.34
CA SER H 155 -30.31 -8.99 -8.91
C SER H 155 -30.36 -9.46 -10.37
N PRO H 156 -29.30 -9.22 -11.14
CA PRO H 156 -29.34 -9.55 -12.58
C PRO H 156 -29.63 -11.01 -12.86
N THR H 157 -29.20 -11.92 -11.99
CA THR H 157 -29.46 -13.34 -12.22
C THR H 157 -30.95 -13.61 -12.34
N ASN H 158 -31.71 -13.31 -11.28
CA ASN H 158 -33.17 -13.48 -11.35
C ASN H 158 -33.78 -12.57 -12.41
N VAL H 159 -33.14 -11.44 -12.72
CA VAL H 159 -33.64 -10.56 -13.77
C VAL H 159 -33.69 -11.30 -15.10
N ALA H 160 -32.59 -11.98 -15.45
CA ALA H 160 -32.59 -12.77 -16.68
C ALA H 160 -33.41 -14.05 -16.53
N VAL H 161 -33.55 -14.55 -15.31
CA VAL H 161 -34.28 -15.80 -15.09
C VAL H 161 -35.78 -15.60 -15.31
N TRP H 162 -36.34 -14.53 -14.77
CA TRP H 162 -37.79 -14.39 -14.68
C TRP H 162 -38.44 -13.78 -15.91
N GLN H 163 -37.65 -13.33 -16.89
CA GLN H 163 -38.09 -12.98 -18.24
C GLN H 163 -39.02 -11.78 -18.31
N LYS H 164 -39.37 -11.16 -17.18
CA LYS H 164 -40.23 -9.98 -17.21
C LYS H 164 -39.86 -9.07 -16.05
N GLY H 165 -40.16 -7.78 -16.21
CA GLY H 165 -39.84 -6.81 -15.18
C GLY H 165 -39.89 -5.40 -15.72
N ASP H 166 -39.49 -4.48 -14.86
CA ASP H 166 -39.50 -3.05 -15.19
C ASP H 166 -38.17 -2.65 -15.84
N CYS H 167 -37.93 -1.34 -15.92
CA CYS H 167 -36.72 -0.85 -16.56
C CYS H 167 -35.47 -1.26 -15.80
N PHE H 168 -35.50 -1.20 -14.46
CA PHE H 168 -34.29 -1.48 -13.69
C PHE H 168 -33.74 -2.88 -13.98
N ASP H 169 -34.61 -3.87 -14.11
CA ASP H 169 -34.13 -5.24 -14.23
C ASP H 169 -33.23 -5.40 -15.45
N MET H 170 -33.80 -5.23 -16.65
CA MET H 170 -33.01 -5.37 -17.86
C MET H 170 -31.92 -4.30 -17.95
N SER H 171 -32.15 -3.13 -17.36
CA SER H 171 -31.12 -2.08 -17.39
C SER H 171 -29.89 -2.51 -16.62
N ILE H 172 -30.07 -3.03 -15.41
CA ILE H 172 -28.96 -3.55 -14.62
C ILE H 172 -28.32 -4.73 -15.33
N LEU H 173 -29.13 -5.58 -15.97
CA LEU H 173 -28.58 -6.69 -16.74
C LEU H 173 -27.62 -6.16 -17.82
N LEU H 174 -28.08 -5.19 -18.61
CA LEU H 174 -27.27 -4.65 -19.69
C LEU H 174 -26.02 -3.95 -19.17
N CYS H 175 -26.17 -3.13 -18.12
CA CYS H 175 -25.02 -2.40 -17.60
C CYS H 175 -23.99 -3.35 -17.01
N SER H 176 -24.43 -4.40 -16.30
CA SER H 176 -23.50 -5.39 -15.79
C SER H 176 -22.79 -6.10 -16.92
N LEU H 177 -23.52 -6.45 -17.99
CA LEU H 177 -22.87 -7.07 -19.14
C LEU H 177 -21.83 -6.14 -19.75
N LEU H 178 -22.17 -4.86 -19.89
CA LEU H 178 -21.22 -3.89 -20.44
C LEU H 178 -19.98 -3.78 -19.58
N ILE H 179 -20.18 -3.72 -18.25
CA ILE H 179 -19.05 -3.60 -17.33
C ILE H 179 -18.16 -4.83 -17.43
N GLY H 180 -18.75 -6.02 -17.48
CA GLY H 180 -17.95 -7.23 -17.61
C GLY H 180 -17.18 -7.31 -18.91
N VAL H 181 -17.82 -6.89 -20.02
CA VAL H 181 -17.17 -6.99 -21.32
C VAL H 181 -15.90 -6.14 -21.37
N GLY H 182 -15.98 -4.92 -20.85
CA GLY H 182 -14.83 -4.02 -20.88
C GLY H 182 -15.17 -2.62 -21.34
N TYR H 183 -16.47 -2.34 -21.48
CA TYR H 183 -16.95 -1.02 -21.84
C TYR H 183 -16.97 -0.11 -20.61
N ASP H 184 -17.61 1.04 -20.73
CA ASP H 184 -17.78 1.99 -19.64
C ASP H 184 -19.29 2.21 -19.45
N ALA H 185 -19.86 1.56 -18.43
CA ALA H 185 -21.30 1.52 -18.25
C ALA H 185 -21.70 2.01 -16.86
N TYR H 186 -22.80 2.76 -16.81
CA TYR H 186 -23.42 3.23 -15.58
C TYR H 186 -24.92 3.06 -15.71
N CYS H 187 -25.61 3.03 -14.58
CA CYS H 187 -27.07 2.93 -14.56
C CYS H 187 -27.65 4.27 -14.11
N VAL H 188 -28.57 4.82 -14.90
CA VAL H 188 -29.17 6.10 -14.60
C VAL H 188 -30.69 5.95 -14.60
N TYR H 189 -31.31 6.30 -13.49
CA TYR H 189 -32.76 6.26 -13.36
C TYR H 189 -33.29 7.63 -12.97
N GLY H 190 -34.49 7.93 -13.46
CA GLY H 190 -35.10 9.23 -13.26
C GLY H 190 -36.49 9.31 -13.85
N LYS H 191 -36.77 10.37 -14.60
CA LYS H 191 -38.07 10.59 -15.20
C LYS H 191 -37.97 10.54 -16.72
N ALA H 192 -38.86 9.77 -17.34
CA ALA H 192 -38.85 9.54 -18.78
C ALA H 192 -40.28 9.54 -19.28
N PRO H 193 -40.48 9.73 -20.58
CA PRO H 193 -41.85 9.71 -21.14
C PRO H 193 -42.44 8.31 -21.12
N ARG H 194 -43.77 8.25 -21.16
CA ARG H 194 -44.45 6.96 -21.13
C ARG H 194 -44.10 6.11 -22.34
N GLU H 195 -43.87 6.72 -23.50
CA GLU H 195 -43.58 5.97 -24.72
C GLU H 195 -42.45 4.98 -24.49
N ILE H 196 -41.47 5.37 -23.67
CA ILE H 196 -40.37 4.48 -23.32
C ILE H 196 -40.87 3.33 -22.46
N THR H 197 -41.77 3.62 -21.52
CA THR H 197 -42.15 2.64 -20.51
C THR H 197 -43.09 1.58 -21.09
N THR H 198 -44.27 2.00 -21.57
CA THR H 198 -45.27 1.04 -22.03
C THR H 198 -44.83 0.28 -23.26
N ARG H 199 -43.76 0.69 -23.92
CA ARG H 199 -43.23 0.05 -25.12
C ARG H 199 -44.12 0.29 -26.33
N ASN H 200 -44.90 1.37 -26.31
CA ASN H 200 -45.79 1.73 -27.40
C ASN H 200 -45.02 2.62 -28.38
N GLU H 201 -44.80 2.12 -29.59
CA GLU H 201 -44.03 2.84 -30.60
C GLU H 201 -44.66 2.72 -31.98
N SER H 202 -45.99 2.59 -32.05
CA SER H 202 -46.68 2.52 -33.33
C SER H 202 -46.60 3.86 -34.04
N LEU H 203 -45.85 4.82 -33.47
CA LEU H 203 -45.56 6.09 -34.11
C LEU H 203 -44.07 6.34 -34.26
N MET H 204 -43.23 5.57 -33.57
CA MET H 204 -41.79 5.75 -33.67
C MET H 204 -41.28 5.21 -35.01
N GLU H 205 -40.15 5.75 -35.45
CA GLU H 205 -39.57 5.32 -36.71
C GLU H 205 -39.34 3.82 -36.69
N CYS H 206 -39.76 3.16 -37.77
CA CYS H 206 -39.63 1.71 -37.91
C CYS H 206 -38.40 1.43 -38.77
N LEU H 207 -37.27 1.18 -38.11
CA LEU H 207 -36.05 0.83 -38.85
C LEU H 207 -36.21 -0.47 -39.62
N PHE H 208 -37.21 -1.27 -39.29
CA PHE H 208 -37.48 -2.52 -39.99
C PHE H 208 -38.20 -2.30 -41.32
N LEU H 209 -38.60 -1.08 -41.63
CA LEU H 209 -39.34 -0.82 -42.86
C LEU H 209 -38.47 -0.95 -44.10
N GLU H 210 -37.14 -0.93 -43.96
CA GLU H 210 -36.26 -1.06 -45.13
C GLU H 210 -35.96 -2.52 -45.45
N LYS H 211 -35.72 -3.34 -44.42
CA LYS H 211 -35.30 -4.71 -44.65
C LYS H 211 -36.34 -5.48 -45.46
N GLY H 212 -35.87 -6.27 -46.42
CA GLY H 212 -36.73 -6.91 -47.38
C GLY H 212 -36.98 -6.10 -48.62
N LYS H 213 -36.50 -4.86 -48.68
CA LYS H 213 -36.71 -4.01 -49.83
C LYS H 213 -36.10 -4.63 -51.09
N TYR H 214 -36.81 -4.50 -52.20
CA TYR H 214 -36.38 -5.03 -53.49
C TYR H 214 -35.78 -3.89 -54.32
N ILE H 215 -34.49 -4.01 -54.64
CA ILE H 215 -33.76 -2.99 -55.39
C ILE H 215 -33.49 -3.52 -56.78
N GLU H 216 -33.87 -2.74 -57.79
CA GLU H 216 -33.69 -3.14 -59.19
C GLU H 216 -32.21 -3.15 -59.54
N GLU H 217 -31.63 -4.35 -59.64
CA GLU H 217 -30.30 -4.50 -60.23
C GLU H 217 -30.45 -4.47 -61.74
N ASN H 218 -30.85 -3.31 -62.23
CA ASN H 218 -31.25 -3.14 -63.62
C ASN H 218 -30.04 -3.22 -64.54
N ASP H 219 -30.26 -2.90 -65.81
CA ASP H 219 -29.22 -2.95 -66.82
C ASP H 219 -28.40 -1.66 -66.88
N LYS H 220 -28.34 -0.90 -65.79
CA LYS H 220 -27.41 0.22 -65.72
C LYS H 220 -26.00 -0.34 -65.66
N LYS H 221 -25.40 -0.51 -66.84
CA LYS H 221 -24.10 -1.13 -66.93
C LYS H 221 -23.01 -0.20 -66.40
N PRO H 222 -21.90 -0.75 -65.92
CA PRO H 222 -20.78 0.10 -65.50
C PRO H 222 -20.29 0.93 -66.68
N LYS H 223 -20.35 2.25 -66.51
CA LYS H 223 -19.96 3.16 -67.59
C LYS H 223 -18.46 3.11 -67.79
N GLN H 224 -18.03 2.37 -68.81
CA GLN H 224 -16.65 1.93 -68.92
C GLN H 224 -15.68 3.10 -68.80
N THR H 225 -14.45 2.78 -68.38
CA THR H 225 -13.43 3.79 -68.10
C THR H 225 -12.84 4.29 -69.42
N LEU H 226 -13.68 4.98 -70.18
CA LEU H 226 -13.25 5.52 -71.47
C LEU H 226 -12.17 6.58 -71.27
N GLU H 227 -11.14 6.54 -72.11
CA GLU H 227 -10.04 7.48 -72.03
C GLU H 227 -10.45 8.84 -72.57
N GLN H 228 -10.21 9.89 -71.78
CA GLN H 228 -10.62 11.24 -72.14
C GLN H 228 -9.50 11.99 -72.89
N ASN H 229 -9.00 11.37 -73.96
CA ASN H 229 -7.93 11.98 -74.73
C ASN H 229 -8.39 13.29 -75.35
N GLU H 230 -7.48 14.26 -75.42
CA GLU H 230 -7.81 15.56 -75.99
C GLU H 230 -8.19 15.46 -77.46
N ASN H 231 -7.82 14.36 -78.13
CA ASN H 231 -8.19 14.19 -79.54
C ASN H 231 -9.69 14.03 -79.69
N ALA H 232 -10.30 13.18 -78.85
CA ALA H 232 -11.73 12.91 -78.91
C ALA H 232 -12.49 14.00 -78.16
N LEU H 233 -13.28 14.77 -78.89
CA LEU H 233 -14.07 15.84 -78.31
C LEU H 233 -15.48 15.37 -77.98
N LEU H 234 -16.17 16.14 -77.16
CA LEU H 234 -17.53 15.84 -76.74
C LEU H 234 -18.52 16.39 -77.75
N LYS H 235 -19.80 16.39 -77.39
CA LYS H 235 -20.84 16.98 -78.23
C LYS H 235 -20.95 18.47 -77.94
N LYS H 236 -21.00 19.25 -79.01
CA LYS H 236 -21.04 20.70 -78.87
C LYS H 236 -22.37 21.12 -78.24
N PRO H 237 -22.34 21.99 -77.23
CA PRO H 237 -23.59 22.60 -76.76
C PRO H 237 -24.22 23.46 -77.84
N ILE H 238 -25.55 23.47 -77.84
CA ILE H 238 -26.33 24.25 -78.80
C ILE H 238 -27.37 25.05 -78.00
N ALA H 239 -28.02 25.98 -78.69
CA ALA H 239 -28.99 26.86 -78.05
C ALA H 239 -30.25 26.06 -77.70
N HIS H 240 -30.34 25.63 -76.45
CA HIS H 240 -31.56 25.05 -75.88
C HIS H 240 -31.94 25.81 -74.62
N SER H 241 -33.25 25.88 -74.37
CA SER H 241 -33.80 26.72 -73.31
C SER H 241 -34.25 25.84 -72.13
N LYS H 242 -33.67 26.10 -70.96
CA LYS H 242 -34.18 25.50 -69.73
C LYS H 242 -35.48 26.16 -69.27
N TRP H 243 -35.81 27.32 -69.84
CA TRP H 243 -37.05 28.00 -69.44
C TRP H 243 -38.27 27.14 -69.77
N ASP H 244 -38.37 26.70 -71.02
CA ASP H 244 -39.44 25.77 -71.38
C ASP H 244 -39.32 24.45 -70.64
N GLN H 245 -38.08 24.00 -70.36
CA GLN H 245 -37.90 22.73 -69.68
C GLN H 245 -38.50 22.75 -68.28
N THR H 246 -38.18 23.78 -67.50
CA THR H 246 -38.76 23.90 -66.16
C THR H 246 -40.25 24.19 -66.23
N GLN H 247 -40.70 24.95 -67.23
CA GLN H 247 -42.14 25.06 -67.45
C GLN H 247 -42.77 23.68 -67.59
N GLU H 248 -42.14 22.82 -68.39
CA GLU H 248 -42.71 21.50 -68.66
C GLU H 248 -42.73 20.65 -67.39
N THR H 249 -41.64 20.67 -66.63
CA THR H 249 -41.57 19.90 -65.40
C THR H 249 -42.60 20.40 -64.39
N LYS H 250 -42.77 21.72 -64.28
CA LYS H 250 -43.79 22.25 -63.39
C LYS H 250 -45.18 21.80 -63.81
N ALA H 251 -45.46 21.82 -65.11
CA ALA H 251 -46.76 21.35 -65.58
C ALA H 251 -46.97 19.89 -65.21
N ARG H 252 -45.97 19.05 -65.44
CA ARG H 252 -46.09 17.64 -65.09
C ARG H 252 -46.36 17.46 -63.61
N GLU H 253 -45.57 18.14 -62.77
CA GLU H 253 -45.69 17.96 -61.32
C GLU H 253 -47.06 18.42 -60.83
N ALA H 254 -47.57 19.52 -61.38
CA ALA H 254 -48.93 19.94 -61.06
C ALA H 254 -49.93 18.88 -61.48
N GLU H 255 -49.69 18.24 -62.63
CA GLU H 255 -50.57 17.15 -63.04
C GLU H 255 -50.65 16.07 -61.98
N GLU H 256 -49.50 15.55 -61.53
CA GLU H 256 -49.59 14.44 -60.59
C GLU H 256 -50.09 14.92 -59.23
N GLU H 257 -49.81 16.17 -58.85
CA GLU H 257 -50.32 16.69 -57.57
C GLU H 257 -51.84 16.73 -57.57
N LYS H 258 -52.44 17.29 -58.63
CA LYS H 258 -53.88 17.31 -58.71
C LYS H 258 -54.44 15.90 -58.74
N ARG H 259 -53.78 14.99 -59.47
CA ARG H 259 -54.26 13.62 -59.52
C ARG H 259 -54.24 12.96 -58.15
N ARG H 260 -53.18 13.19 -57.37
CA ARG H 260 -53.11 12.54 -56.06
C ARG H 260 -54.13 13.13 -55.10
N ILE H 261 -54.36 14.45 -55.18
CA ILE H 261 -55.39 15.06 -54.35
C ILE H 261 -56.75 14.49 -54.70
N ALA H 262 -57.04 14.34 -55.99
CA ALA H 262 -58.35 13.83 -56.39
C ALA H 262 -58.50 12.34 -56.06
N LEU H 263 -57.40 11.59 -56.04
CA LEU H 263 -57.44 10.16 -55.78
C LEU H 263 -56.98 9.78 -54.38
N THR H 264 -56.53 10.73 -53.58
CA THR H 264 -56.03 10.45 -52.24
C THR H 264 -56.62 11.42 -51.23
N ILE H 265 -56.78 10.94 -49.99
CA ILE H 265 -57.29 11.73 -48.89
C ILE H 265 -56.23 11.80 -47.81
N ASN H 266 -56.35 12.81 -46.95
CA ASN H 266 -55.38 13.05 -45.88
C ASN H 266 -55.74 12.33 -44.59
N ASP H 267 -56.40 11.17 -44.68
CA ASP H 267 -56.77 10.38 -43.52
C ASP H 267 -55.62 9.49 -43.06
N ASP H 268 -54.38 9.80 -43.44
CA ASP H 268 -53.22 9.06 -42.96
C ASP H 268 -52.95 9.43 -41.51
N GLU H 269 -53.89 9.10 -40.62
CA GLU H 269 -53.85 9.54 -39.24
C GLU H 269 -53.70 8.36 -38.30
N PRO H 270 -52.61 8.29 -37.52
CA PRO H 270 -52.50 7.25 -36.49
C PRO H 270 -53.58 7.44 -35.43
N ASP H 271 -53.57 6.53 -34.46
CA ASP H 271 -54.33 6.71 -33.23
C ASP H 271 -53.43 7.37 -32.21
N GLU H 272 -53.70 8.63 -31.88
CA GLU H 272 -52.82 9.38 -31.01
C GLU H 272 -52.61 8.65 -29.68
N LEU H 273 -51.36 8.58 -29.24
CA LEU H 273 -51.05 8.01 -27.94
C LEU H 273 -51.41 9.00 -26.84
N LEU H 274 -52.11 8.50 -25.83
CA LEU H 274 -52.76 9.34 -24.82
C LEU H 274 -51.73 9.96 -23.89
N GLU H 275 -52.18 10.98 -23.15
CA GLU H 275 -51.33 11.63 -22.16
C GLU H 275 -51.02 10.67 -21.02
N ASP H 276 -49.84 10.83 -20.43
CA ASP H 276 -49.40 9.97 -19.34
C ASP H 276 -49.64 10.67 -18.02
N PRO H 277 -50.48 10.13 -17.13
CA PRO H 277 -50.64 10.72 -15.80
C PRO H 277 -49.34 10.75 -15.03
N TYR H 278 -48.48 9.76 -15.25
CA TYR H 278 -47.19 9.67 -14.58
C TYR H 278 -46.09 10.43 -15.31
N GLN H 279 -46.41 11.05 -16.44
CA GLN H 279 -45.42 11.77 -17.24
C GLN H 279 -45.00 13.04 -16.49
N GLY H 280 -43.69 13.20 -16.29
CA GLY H 280 -43.17 14.26 -15.47
C GLY H 280 -42.81 13.86 -14.06
N GLN H 281 -43.21 12.65 -13.61
CA GLN H 281 -42.76 12.12 -12.33
C GLN H 281 -42.48 10.63 -12.37
N ARG H 282 -42.48 9.99 -13.54
CA ARG H 282 -42.20 8.57 -13.65
C ARG H 282 -40.77 8.25 -13.22
N VAL H 283 -40.57 7.01 -12.76
CA VAL H 283 -39.25 6.50 -12.42
C VAL H 283 -38.92 5.42 -13.45
N HIS H 284 -38.16 5.80 -14.48
CA HIS H 284 -37.69 4.88 -15.51
C HIS H 284 -36.17 4.91 -15.54
N CYS H 285 -35.56 3.77 -15.86
CA CYS H 285 -34.12 3.63 -15.81
C CYS H 285 -33.56 3.21 -17.17
N TRP H 286 -32.27 3.48 -17.36
CA TRP H 286 -31.59 3.14 -18.60
C TRP H 286 -30.10 3.00 -18.31
N VAL H 287 -29.36 2.60 -19.34
CA VAL H 287 -27.93 2.33 -19.25
C VAL H 287 -27.20 3.41 -20.02
N LEU H 288 -26.21 4.04 -19.37
CA LEU H 288 -25.42 5.11 -19.98
C LEU H 288 -24.00 4.63 -20.22
N LEU H 289 -23.52 4.83 -21.45
CA LEU H 289 -22.16 4.46 -21.84
C LEU H 289 -21.27 5.69 -21.76
N ARG H 290 -20.23 5.60 -20.94
CA ARG H 290 -19.26 6.69 -20.82
C ARG H 290 -18.05 6.39 -21.70
N SER H 291 -17.58 7.42 -22.41
CA SER H 291 -16.48 7.24 -23.34
C SER H 291 -15.20 6.86 -22.60
N GLY H 292 -14.43 5.94 -23.19
CA GLY H 292 -13.15 5.59 -22.64
C GLY H 292 -12.87 4.10 -22.50
N LYS H 293 -13.89 3.33 -22.13
CA LYS H 293 -13.73 1.90 -21.88
C LYS H 293 -14.38 1.11 -23.01
N ARG H 294 -13.59 0.24 -23.64
CA ARG H 294 -14.00 -0.51 -24.83
C ARG H 294 -14.41 0.43 -25.96
N ASP H 295 -13.60 1.45 -26.20
CA ASP H 295 -13.74 2.33 -27.36
C ASP H 295 -15.12 2.99 -27.42
N VAL H 296 -15.48 3.68 -26.33
CA VAL H 296 -16.73 4.43 -26.28
C VAL H 296 -16.44 5.87 -26.71
N GLN H 297 -17.12 6.33 -27.76
CA GLN H 297 -16.87 7.67 -28.28
C GLN H 297 -17.22 8.74 -27.25
N GLN H 298 -18.42 8.65 -26.69
CA GLN H 298 -18.84 9.53 -25.60
C GLN H 298 -19.96 8.82 -24.85
N ASN H 299 -20.70 9.57 -24.03
CA ASN H 299 -21.81 8.99 -23.31
C ASN H 299 -23.01 8.82 -24.24
N ILE H 300 -23.58 7.62 -24.24
CA ILE H 300 -24.75 7.30 -25.06
C ILE H 300 -25.78 6.61 -24.17
N PHE H 301 -27.04 7.03 -24.27
CA PHE H 301 -28.11 6.47 -23.47
C PHE H 301 -28.81 5.33 -24.21
N ILE H 302 -29.19 4.29 -23.47
CA ILE H 302 -29.74 3.06 -24.05
C ILE H 302 -31.16 2.86 -23.53
N GLU H 303 -32.03 2.37 -24.41
CA GLU H 303 -33.40 2.02 -24.03
C GLU H 303 -33.46 0.53 -23.82
N PRO H 304 -33.23 0.02 -22.61
CA PRO H 304 -33.35 -1.43 -22.40
C PRO H 304 -34.76 -1.96 -22.63
N SER H 305 -35.79 -1.14 -22.38
CA SER H 305 -37.17 -1.61 -22.55
C SER H 305 -37.44 -2.00 -23.99
N THR H 306 -36.97 -1.21 -24.95
CA THR H 306 -37.18 -1.48 -26.36
C THR H 306 -35.87 -1.70 -27.14
N GLY H 307 -34.72 -1.64 -26.47
CA GLY H 307 -33.47 -1.71 -27.18
C GLY H 307 -33.22 -0.54 -28.10
N ARG H 308 -33.65 0.66 -27.70
CA ARG H 308 -33.49 1.85 -28.53
C ARG H 308 -32.39 2.74 -27.95
N MET H 309 -31.57 3.29 -28.84
CA MET H 309 -30.46 4.14 -28.41
C MET H 309 -30.84 5.60 -28.58
N TYR H 310 -30.64 6.40 -27.52
CA TYR H 310 -30.90 7.83 -27.55
C TYR H 310 -29.78 8.56 -26.82
N SER H 311 -29.54 9.82 -27.24
CA SER H 311 -28.42 10.63 -26.79
C SER H 311 -28.89 11.72 -25.84
N PRO H 312 -28.02 12.17 -24.92
CA PRO H 312 -28.43 13.20 -23.95
C PRO H 312 -28.94 14.47 -24.61
N SER H 313 -28.33 14.90 -25.71
CA SER H 313 -28.74 16.15 -26.33
C SER H 313 -30.09 16.05 -27.01
N THR H 314 -30.62 14.84 -27.19
CA THR H 314 -31.94 14.65 -27.79
C THR H 314 -32.73 13.54 -27.10
N CYS H 315 -32.25 13.01 -25.98
CA CYS H 315 -32.91 11.90 -25.32
C CYS H 315 -34.28 12.34 -24.79
N PRO H 316 -35.23 11.41 -24.70
CA PRO H 316 -36.52 11.71 -24.09
C PRO H 316 -36.52 11.70 -22.57
N TYR H 317 -35.39 11.42 -21.93
CA TYR H 317 -35.34 11.37 -20.48
C TYR H 317 -35.65 12.74 -19.88
N GLU H 318 -36.34 12.72 -18.75
CA GLU H 318 -36.81 13.95 -18.11
C GLU H 318 -35.88 14.45 -17.01
N CYS H 319 -35.55 13.59 -16.05
CA CYS H 319 -34.76 14.01 -14.89
C CYS H 319 -33.55 13.11 -14.71
N VAL H 320 -32.51 13.67 -14.12
CA VAL H 320 -31.29 12.94 -13.76
C VAL H 320 -30.99 13.28 -12.30
N ASP H 321 -31.49 12.46 -11.37
CA ASP H 321 -31.33 12.72 -9.95
C ASP H 321 -30.12 12.00 -9.36
N ALA H 322 -29.75 10.84 -9.88
CA ALA H 322 -28.58 10.13 -9.39
C ALA H 322 -28.24 9.03 -10.38
N VAL H 323 -26.98 8.60 -10.33
CA VAL H 323 -26.47 7.51 -11.15
C VAL H 323 -25.75 6.53 -10.24
N PHE H 324 -25.68 5.28 -10.67
CA PHE H 324 -25.02 4.27 -9.84
C PHE H 324 -24.32 3.25 -10.72
N ASN H 325 -23.55 2.40 -10.07
CA ASN H 325 -22.76 1.37 -10.74
C ASN H 325 -22.60 0.21 -9.76
N ASN H 326 -21.64 -0.66 -10.04
CA ASN H 326 -21.28 -1.72 -9.11
C ASN H 326 -20.25 -1.26 -8.08
N LEU H 327 -19.77 -0.03 -8.16
CA LEU H 327 -18.71 0.42 -7.27
C LEU H 327 -19.00 1.74 -6.55
N ASN H 328 -19.68 2.68 -7.20
CA ASN H 328 -19.89 3.98 -6.58
C ASN H 328 -21.25 4.55 -6.98
N PHE H 329 -21.79 5.39 -6.11
CA PHE H 329 -23.09 6.03 -6.29
C PHE H 329 -22.88 7.53 -6.30
N TRP H 330 -23.44 8.21 -7.32
CA TRP H 330 -23.28 9.65 -7.46
C TRP H 330 -24.66 10.30 -7.49
N ILE H 331 -24.75 11.47 -6.87
CA ILE H 331 -26.00 12.20 -6.75
C ILE H 331 -25.90 13.51 -7.54
N ASN H 332 -27.07 13.98 -7.99
CA ASN H 332 -27.20 15.15 -8.85
C ASN H 332 -27.96 16.22 -8.07
N MET H 333 -27.23 17.20 -7.54
CA MET H 333 -27.85 18.29 -6.79
C MET H 333 -28.66 19.21 -7.68
N LYS H 334 -28.43 19.19 -8.99
CA LYS H 334 -29.07 20.13 -9.90
C LYS H 334 -29.79 19.39 -11.01
N PRO H 335 -30.79 18.56 -10.69
CA PRO H 335 -31.48 17.81 -11.74
C PRO H 335 -32.55 18.61 -12.46
N GLU H 336 -32.88 19.82 -11.99
CA GLU H 336 -33.92 20.61 -12.64
C GLU H 336 -33.60 20.84 -14.11
N CYS H 337 -32.33 20.85 -14.47
CA CYS H 337 -31.92 21.05 -15.85
C CYS H 337 -32.05 19.76 -16.65
N GLU H 338 -31.91 19.90 -17.97
CA GLU H 338 -31.97 18.76 -18.87
C GLU H 338 -30.69 17.92 -18.76
N VAL H 339 -30.77 16.68 -19.24
CA VAL H 339 -29.63 15.77 -19.21
C VAL H 339 -28.47 16.31 -20.04
N LYS H 340 -28.75 17.21 -21.00
CA LYS H 340 -27.71 17.75 -21.86
C LYS H 340 -26.72 18.60 -21.07
N ASN H 341 -27.22 19.40 -20.12
CA ASN H 341 -26.38 20.30 -19.35
C ASN H 341 -25.73 19.63 -18.14
N LEU H 342 -26.04 18.36 -17.87
CA LEU H 342 -25.49 17.65 -16.73
C LEU H 342 -24.30 16.82 -17.19
N ASN H 343 -23.10 17.26 -16.81
CA ASN H 343 -21.87 16.56 -17.22
C ASN H 343 -21.83 15.19 -16.59
N PHE H 344 -21.62 14.15 -17.40
CA PHE H 344 -21.53 12.78 -16.91
C PHE H 344 -20.09 12.33 -16.70
N GLU H 345 -19.12 13.21 -16.92
CA GLU H 345 -17.71 12.88 -16.69
C GLU H 345 -17.09 13.61 -15.50
N GLU H 346 -17.69 14.71 -15.06
CA GLU H 346 -17.28 15.38 -13.84
C GLU H 346 -18.00 14.84 -12.61
N MET H 347 -18.40 13.55 -12.65
CA MET H 347 -19.29 13.02 -11.63
C MET H 347 -18.68 13.10 -10.24
N ASP H 348 -17.39 12.81 -10.12
CA ASP H 348 -16.74 12.78 -8.82
C ASP H 348 -16.19 14.16 -8.43
N SER H 349 -15.27 14.69 -9.23
CA SER H 349 -14.57 15.91 -8.86
C SER H 349 -15.48 17.13 -8.89
N SER H 350 -16.22 17.30 -9.98
CA SER H 350 -17.03 18.50 -10.12
C SER H 350 -18.07 18.59 -9.02
N LEU H 351 -18.31 19.81 -8.54
CA LEU H 351 -19.33 20.05 -7.54
C LEU H 351 -20.74 19.78 -8.07
N ASN H 352 -20.91 19.70 -9.39
CA ASN H 352 -22.22 19.42 -9.96
C ASN H 352 -22.70 18.02 -9.58
N TRP H 353 -21.82 17.02 -9.68
CA TRP H 353 -22.12 15.65 -9.29
C TRP H 353 -21.31 15.30 -8.06
N GLU H 354 -21.98 14.72 -7.06
CA GLU H 354 -21.32 14.41 -5.80
C GLU H 354 -21.20 12.90 -5.59
N TYR H 355 -20.03 12.49 -5.13
CA TYR H 355 -19.70 11.09 -4.91
C TYR H 355 -19.95 10.72 -3.46
N VAL H 356 -20.74 9.66 -3.25
CA VAL H 356 -21.10 9.26 -1.89
C VAL H 356 -19.89 8.70 -1.15
N MET H 357 -19.03 7.96 -1.85
CA MET H 357 -17.89 7.32 -1.22
C MET H 357 -16.59 7.77 -1.87
N LEU H 358 -15.56 7.90 -1.03
CA LEU H 358 -14.22 8.25 -1.48
C LEU H 358 -13.40 6.96 -1.53
N ASP H 359 -13.15 6.46 -2.73
CA ASP H 359 -12.44 5.21 -2.90
C ASP H 359 -10.94 5.44 -2.97
N THR H 360 -10.19 4.35 -2.96
CA THR H 360 -8.73 4.40 -2.95
C THR H 360 -8.12 4.44 -4.35
N LEU H 361 -8.95 4.41 -5.40
CA LEU H 361 -8.42 4.47 -6.76
C LEU H 361 -7.66 5.77 -6.98
N LEU H 362 -8.22 6.89 -6.53
CA LEU H 362 -7.63 8.20 -6.79
C LEU H 362 -6.41 8.46 -5.92
N PHE H 363 -6.47 8.09 -4.64
CA PHE H 363 -5.43 8.48 -3.70
C PHE H 363 -4.21 7.57 -3.71
N ASN H 364 -4.30 6.38 -4.30
CA ASN H 364 -3.22 5.40 -4.24
C ASN H 364 -2.61 5.08 -5.59
N LYS H 365 -2.80 5.93 -6.59
CA LYS H 365 -2.19 5.72 -7.90
C LYS H 365 -0.91 6.52 -8.11
N GLY H 366 -0.42 7.22 -7.08
CA GLY H 366 0.80 7.99 -7.24
C GLY H 366 2.01 7.14 -7.56
N ASN H 367 2.13 5.99 -6.91
CA ASN H 367 3.29 5.12 -7.07
C ASN H 367 3.15 4.15 -8.25
N GLY H 368 2.34 4.49 -9.23
CA GLY H 368 2.25 3.69 -10.44
C GLY H 368 2.87 4.39 -11.64
N ASN H 369 3.74 5.36 -11.39
CA ASN H 369 4.30 6.20 -12.45
C ASN H 369 5.73 5.86 -12.82
N ASP H 370 6.31 4.80 -12.25
CA ASP H 370 7.67 4.40 -12.62
C ASP H 370 7.68 3.45 -13.82
N GLU H 371 6.97 3.85 -14.89
CA GLU H 371 6.95 3.05 -16.10
C GLU H 371 8.13 3.38 -17.02
N GLU H 372 8.55 4.64 -17.05
CA GLU H 372 9.58 5.09 -17.95
C GLU H 372 10.98 4.95 -17.38
N GLY H 373 11.12 4.38 -16.20
CA GLY H 373 12.42 4.38 -15.55
C GLY H 373 13.49 3.60 -16.30
N ASN H 374 14.34 4.35 -17.01
CA ASN H 374 15.60 3.85 -17.51
C ASN H 374 16.68 4.93 -17.40
N GLU H 375 16.55 5.80 -16.40
CA GLU H 375 17.24 7.07 -16.34
C GLU H 375 18.01 7.16 -15.03
N ASN H 376 18.43 8.38 -14.69
CA ASN H 376 19.27 8.64 -13.53
C ASN H 376 18.86 7.79 -12.34
N ILE H 377 19.86 7.42 -11.54
CA ILE H 377 19.71 6.51 -10.41
C ILE H 377 19.75 7.33 -9.13
N ASP H 378 19.26 8.57 -9.21
CA ASP H 378 19.47 9.58 -8.19
C ASP H 378 19.47 8.99 -6.79
N ASP H 379 20.48 9.38 -6.02
CA ASP H 379 20.70 8.80 -4.69
C ASP H 379 19.52 9.13 -3.77
N PRO H 380 18.96 8.15 -3.07
CA PRO H 380 17.81 8.44 -2.19
C PRO H 380 18.20 9.19 -0.93
N LEU H 381 19.43 9.72 -0.87
CA LEU H 381 19.85 10.48 0.30
C LEU H 381 19.08 11.78 0.42
N ASN H 382 18.63 12.34 -0.70
CA ASN H 382 17.92 13.60 -0.72
C ASN H 382 16.42 13.45 -0.92
N LYS H 383 15.90 12.22 -0.90
CA LYS H 383 14.47 11.97 -1.04
C LYS H 383 13.84 11.51 0.27
N GLN H 384 14.26 12.08 1.40
CA GLN H 384 13.68 11.78 2.70
C GLN H 384 12.65 12.83 3.13
N ALA H 385 11.87 13.35 2.18
CA ALA H 385 10.85 14.32 2.52
C ALA H 385 9.94 13.76 3.61
N GLN H 386 9.71 14.57 4.65
CA GLN H 386 8.94 14.13 5.80
C GLN H 386 7.47 14.01 5.40
N ARG H 387 6.99 12.78 5.27
CA ARG H 387 5.58 12.55 4.95
C ARG H 387 4.69 13.23 5.98
N ASP H 388 3.65 13.89 5.51
CA ASP H 388 2.76 14.60 6.42
C ASP H 388 2.18 13.62 7.43
N PRO H 389 2.36 13.83 8.73
CA PRO H 389 1.66 12.98 9.70
C PRO H 389 0.16 13.05 9.56
N GLU H 390 -0.36 14.18 9.06
CA GLU H 390 -1.79 14.33 8.87
C GLU H 390 -2.33 13.29 7.88
N GLN H 391 -1.61 13.06 6.78
CA GLN H 391 -2.12 12.12 5.77
C GLN H 391 -2.30 10.73 6.36
N GLU H 392 -1.26 10.18 6.99
CA GLU H 392 -1.35 8.84 7.55
C GLU H 392 -2.34 8.79 8.69
N GLN H 393 -2.35 9.82 9.55
CA GLN H 393 -3.25 9.83 10.70
C GLN H 393 -4.71 9.83 10.27
N LEU H 394 -5.05 10.65 9.28
CA LEU H 394 -6.44 10.71 8.82
C LEU H 394 -6.79 9.51 7.95
N GLN H 395 -5.81 8.90 7.27
CA GLN H 395 -6.05 7.63 6.61
C GLN H 395 -6.39 6.54 7.63
N ASP H 396 -5.78 6.61 8.81
CA ASP H 396 -5.92 5.55 9.81
C ASP H 396 -7.14 5.72 10.71
N ILE H 397 -7.51 6.96 11.04
CA ILE H 397 -8.57 7.17 12.03
C ILE H 397 -9.97 7.27 11.41
N ALA H 398 -10.07 7.69 10.15
CA ALA H 398 -11.35 7.88 9.47
C ALA H 398 -11.70 6.70 8.58
N GLN H 399 -11.43 5.49 9.06
CA GLN H 399 -11.36 4.28 8.24
C GLN H 399 -12.37 4.26 7.10
N LEU H 400 -11.86 4.00 5.90
CA LEU H 400 -12.68 3.94 4.71
C LEU H 400 -13.67 2.78 4.79
N LEU H 401 -14.79 2.91 4.09
CA LEU H 401 -15.79 1.85 4.01
C LEU H 401 -15.76 1.30 2.59
N ASP H 402 -15.07 0.18 2.42
CA ASP H 402 -14.87 -0.38 1.08
C ASP H 402 -16.18 -0.87 0.49
N MET H 403 -16.34 -0.67 -0.82
CA MET H 403 -17.54 -1.10 -1.51
C MET H 403 -17.47 -2.60 -1.77
N PRO H 404 -18.42 -3.39 -1.28
CA PRO H 404 -18.38 -4.84 -1.49
C PRO H 404 -18.76 -5.18 -2.92
N PRO H 405 -18.04 -6.12 -3.53
CA PRO H 405 -18.39 -6.55 -4.89
C PRO H 405 -19.78 -7.14 -4.92
N PRO H 406 -20.29 -7.52 -6.10
CA PRO H 406 -21.67 -8.02 -6.19
C PRO H 406 -21.93 -9.18 -5.22
N TRP H 407 -22.93 -9.02 -4.38
CA TRP H 407 -23.26 -10.06 -3.40
C TRP H 407 -23.61 -11.41 -4.03
N PRO H 408 -24.40 -11.49 -5.10
CA PRO H 408 -24.82 -12.81 -5.60
C PRO H 408 -23.77 -13.41 -6.51
N PRO H 409 -23.85 -14.71 -6.79
CA PRO H 409 -22.98 -15.29 -7.83
C PRO H 409 -23.35 -14.77 -9.21
N LYS H 410 -22.63 -15.23 -10.23
CA LYS H 410 -22.82 -14.67 -11.57
C LYS H 410 -24.13 -15.17 -12.19
N ILE H 411 -24.61 -14.39 -13.17
CA ILE H 411 -25.88 -14.70 -13.82
C ILE H 411 -25.81 -16.04 -14.54
N TYR H 412 -26.98 -16.60 -14.83
CA TYR H 412 -27.06 -17.85 -15.58
C TYR H 412 -28.18 -17.77 -16.62
N ILE H 413 -27.94 -18.41 -17.77
CA ILE H 413 -28.90 -18.48 -18.87
C ILE H 413 -28.73 -19.84 -19.53
N ASP H 414 -29.74 -20.25 -20.32
CA ASP H 414 -29.73 -21.57 -20.94
C ASP H 414 -29.52 -21.46 -22.45
N LYS H 415 -29.43 -22.63 -23.10
CA LYS H 415 -29.07 -22.74 -24.51
C LYS H 415 -30.28 -22.67 -25.43
N GLU H 416 -31.20 -23.63 -25.29
CA GLU H 416 -32.38 -23.67 -26.15
C GLU H 416 -33.27 -22.45 -25.90
N LYS H 417 -33.39 -22.03 -24.64
CA LYS H 417 -34.18 -20.85 -24.33
C LYS H 417 -33.62 -19.62 -25.04
N PHE H 418 -32.30 -19.46 -25.03
CA PHE H 418 -31.67 -18.35 -25.75
C PHE H 418 -31.92 -18.47 -27.24
N LEU H 419 -31.84 -19.70 -27.77
CA LEU H 419 -32.14 -19.91 -29.19
C LEU H 419 -33.58 -19.55 -29.53
N MET H 420 -34.50 -19.67 -28.57
CA MET H 420 -35.91 -19.44 -28.86
C MET H 420 -36.21 -17.97 -29.15
N GLY H 421 -35.35 -17.06 -28.71
CA GLY H 421 -35.48 -15.66 -29.08
C GLY H 421 -36.40 -14.83 -28.23
N THR H 422 -37.72 -14.95 -28.45
CA THR H 422 -38.70 -14.12 -27.76
C THR H 422 -39.27 -14.83 -26.54
N PRO H 423 -39.82 -14.08 -25.59
CA PRO H 423 -40.16 -14.67 -24.28
C PRO H 423 -41.09 -15.87 -24.34
N LEU H 424 -42.12 -15.83 -25.19
CA LEU H 424 -43.07 -16.92 -25.33
C LEU H 424 -42.90 -17.66 -26.65
N GLY H 425 -41.70 -17.64 -27.23
CA GLY H 425 -41.48 -18.18 -28.55
C GLY H 425 -41.89 -17.28 -29.69
N GLU H 426 -42.85 -16.39 -29.46
CA GLU H 426 -43.31 -15.45 -30.47
C GLU H 426 -43.34 -14.05 -29.86
N GLY H 427 -42.73 -13.10 -30.56
CA GLY H 427 -42.75 -11.72 -30.13
C GLY H 427 -43.40 -10.82 -31.15
N THR H 428 -44.55 -10.25 -30.82
CA THR H 428 -45.29 -9.38 -31.71
C THR H 428 -45.44 -8.00 -31.11
N VAL H 429 -45.15 -6.98 -31.91
CA VAL H 429 -45.33 -5.59 -31.50
C VAL H 429 -45.78 -4.78 -32.71
N TYR H 430 -46.32 -3.59 -32.42
CA TYR H 430 -46.87 -2.70 -33.44
C TYR H 430 -45.89 -1.55 -33.66
N TYR H 431 -45.17 -1.58 -34.78
CA TYR H 431 -44.36 -0.45 -35.21
C TYR H 431 -45.23 0.62 -35.86
N ASN H 432 -44.59 1.71 -36.23
CA ASN H 432 -45.29 2.81 -36.88
C ASN H 432 -45.83 2.30 -38.21
N LYS H 433 -47.14 2.02 -38.24
CA LYS H 433 -47.83 1.39 -39.37
C LYS H 433 -47.25 0.01 -39.71
N VAL H 434 -46.57 -0.64 -38.77
CA VAL H 434 -45.95 -1.94 -39.02
C VAL H 434 -46.42 -2.92 -37.96
N LYS H 435 -46.36 -4.20 -38.29
CA LYS H 435 -46.63 -5.26 -37.31
C LYS H 435 -45.52 -6.30 -37.40
N VAL H 436 -44.68 -6.38 -36.37
CA VAL H 436 -43.53 -7.27 -36.40
C VAL H 436 -43.81 -8.46 -35.50
N ASP H 437 -43.69 -9.65 -36.08
CA ASP H 437 -43.85 -10.92 -35.37
C ASP H 437 -42.61 -11.77 -35.60
N ASN H 438 -41.94 -12.16 -34.52
CA ASN H 438 -40.74 -12.98 -34.60
C ASN H 438 -41.02 -14.34 -33.96
N TYR H 439 -40.85 -15.41 -34.74
CA TYR H 439 -41.00 -16.78 -34.28
C TYR H 439 -39.65 -17.49 -34.33
N ALA H 440 -39.56 -18.62 -33.63
CA ALA H 440 -38.32 -19.38 -33.59
C ALA H 440 -38.18 -20.24 -34.85
N PRO H 441 -37.07 -20.12 -35.57
CA PRO H 441 -36.84 -21.01 -36.73
C PRO H 441 -36.69 -22.45 -36.29
N TYR H 442 -36.98 -23.35 -37.23
CA TYR H 442 -36.99 -24.81 -37.07
C TYR H 442 -38.26 -25.28 -36.40
N SER H 443 -39.15 -24.38 -35.98
CA SER H 443 -40.40 -24.77 -35.35
C SER H 443 -41.58 -24.67 -36.29
N GLN H 444 -41.52 -23.74 -37.24
CA GLN H 444 -42.60 -23.55 -38.21
C GLN H 444 -42.47 -24.59 -39.33
N PRO H 445 -43.56 -25.30 -39.66
CA PRO H 445 -43.46 -26.30 -40.75
C PRO H 445 -42.93 -25.72 -42.05
N ASP H 446 -43.35 -24.50 -42.41
CA ASP H 446 -42.67 -23.77 -43.48
C ASP H 446 -41.46 -23.02 -42.95
N GLY H 447 -41.44 -22.70 -41.66
CA GLY H 447 -40.24 -22.21 -41.01
C GLY H 447 -40.01 -20.73 -41.03
N LEU H 448 -41.04 -19.91 -41.17
CA LEU H 448 -40.85 -18.47 -41.18
C LEU H 448 -40.23 -18.00 -39.87
N VAL H 449 -39.22 -17.13 -39.97
CA VAL H 449 -38.52 -16.63 -38.80
C VAL H 449 -39.04 -15.27 -38.35
N GLN H 450 -39.21 -14.34 -39.30
CA GLN H 450 -39.68 -13.02 -38.97
C GLN H 450 -40.72 -12.57 -39.99
N LYS H 451 -41.65 -11.75 -39.52
CA LYS H 451 -42.75 -11.27 -40.34
C LYS H 451 -42.99 -9.80 -40.00
N ILE H 452 -42.49 -8.91 -40.85
CA ILE H 452 -42.70 -7.48 -40.69
C ILE H 452 -43.83 -7.13 -41.66
N THR H 453 -45.06 -7.27 -41.18
CA THR H 453 -46.27 -6.98 -41.96
C THR H 453 -46.36 -5.46 -42.11
N ILE H 454 -46.13 -5.00 -43.34
CA ILE H 454 -46.15 -3.57 -43.66
C ILE H 454 -47.59 -3.16 -43.94
N PHE H 455 -48.22 -2.51 -42.96
CA PHE H 455 -49.58 -2.04 -43.14
C PHE H 455 -49.59 -0.60 -43.64
N GLN H 456 -50.41 -0.32 -44.66
CA GLN H 456 -50.49 0.98 -45.29
C GLN H 456 -50.88 2.10 -44.33
N ASP H 457 -51.10 1.80 -43.05
CA ASP H 457 -51.40 2.83 -42.08
C ASP H 457 -51.03 2.30 -40.70
N TYR H 458 -51.22 3.17 -39.70
CA TYR H 458 -50.94 2.84 -38.31
C TYR H 458 -51.97 1.89 -37.72
N LYS H 459 -53.08 1.65 -38.42
CA LYS H 459 -54.12 0.75 -37.90
C LYS H 459 -53.64 -0.69 -37.84
N ARG H 460 -52.65 -1.06 -38.66
CA ARG H 460 -52.22 -2.44 -38.79
C ARG H 460 -53.26 -3.28 -39.53
N LEU H 461 -53.81 -2.73 -40.61
CA LEU H 461 -54.91 -3.33 -41.35
C LEU H 461 -54.54 -3.77 -42.76
N LYS H 462 -54.03 -2.85 -43.58
CA LYS H 462 -53.77 -3.08 -44.99
C LYS H 462 -52.29 -3.28 -45.24
N VAL H 463 -51.92 -4.47 -45.69
CA VAL H 463 -50.52 -4.85 -45.87
C VAL H 463 -49.97 -4.16 -47.10
N LYS H 464 -48.76 -3.61 -46.98
CA LYS H 464 -48.08 -2.89 -48.06
C LYS H 464 -47.14 -3.79 -48.86
N GLU H 465 -46.19 -4.45 -48.18
CA GLU H 465 -45.16 -5.24 -48.86
C GLU H 465 -44.83 -6.44 -47.97
N TYR H 466 -45.38 -7.59 -48.33
CA TYR H 466 -45.16 -8.79 -47.52
C TYR H 466 -43.71 -9.22 -47.61
N ARG H 467 -43.15 -9.56 -46.44
CA ARG H 467 -41.71 -9.84 -46.32
C ARG H 467 -41.56 -11.18 -45.58
N TYR H 468 -41.60 -12.28 -46.31
CA TYR H 468 -41.32 -13.59 -45.73
C TYR H 468 -39.82 -13.73 -45.55
N PHE H 469 -39.42 -14.34 -44.43
CA PHE H 469 -38.01 -14.61 -44.16
C PHE H 469 -37.85 -16.04 -43.67
N TYR H 470 -37.00 -16.81 -44.36
CA TYR H 470 -36.74 -18.20 -44.02
C TYR H 470 -35.23 -18.44 -44.02
N LYS H 471 -34.81 -19.39 -43.19
CA LYS H 471 -33.41 -19.81 -43.11
C LYS H 471 -33.36 -21.27 -42.69
N HIS H 472 -32.23 -21.91 -42.92
CA HIS H 472 -31.98 -23.32 -42.59
C HIS H 472 -32.76 -24.27 -43.50
N ARG H 473 -33.58 -23.75 -44.41
CA ARG H 473 -34.35 -24.59 -45.30
C ARG H 473 -33.44 -25.46 -46.16
N SER H 474 -34.03 -26.47 -46.80
CA SER H 474 -33.30 -27.23 -47.80
C SER H 474 -33.07 -26.40 -49.06
N ASP H 475 -34.12 -25.74 -49.56
CA ASP H 475 -34.01 -24.97 -50.78
C ASP H 475 -33.19 -23.69 -50.61
N LYS H 476 -33.01 -23.23 -49.37
CA LYS H 476 -32.26 -22.01 -49.09
C LYS H 476 -33.03 -20.76 -49.48
N LEU H 477 -34.36 -20.79 -49.36
CA LEU H 477 -35.20 -19.62 -49.62
C LEU H 477 -35.10 -18.65 -48.45
N SER H 478 -34.07 -17.80 -48.46
CA SER H 478 -33.83 -16.91 -47.33
C SER H 478 -34.95 -15.92 -47.13
N ILE H 479 -35.50 -15.37 -48.21
CA ILE H 479 -36.55 -14.36 -48.11
C ILE H 479 -37.47 -14.47 -49.32
N ARG H 480 -38.72 -14.03 -49.12
CA ARG H 480 -39.73 -13.94 -50.17
C ARG H 480 -40.29 -12.53 -50.14
N ARG H 481 -40.23 -11.84 -51.28
CA ARG H 481 -40.79 -10.49 -51.40
C ARG H 481 -42.13 -10.57 -52.11
N ARG H 482 -43.16 -10.00 -51.51
CA ARG H 482 -44.51 -10.04 -52.07
C ARG H 482 -45.05 -8.62 -52.19
N TYR H 483 -45.47 -8.26 -53.41
CA TYR H 483 -46.12 -6.99 -53.69
C TYR H 483 -47.62 -7.23 -53.80
N PRO H 484 -48.43 -6.64 -52.93
CA PRO H 484 -49.87 -6.92 -52.93
C PRO H 484 -50.58 -6.46 -54.20
N PHE H 485 -50.42 -5.19 -54.57
CA PHE H 485 -51.21 -4.66 -55.68
C PHE H 485 -50.95 -5.46 -56.95
N GLU H 486 -49.69 -5.80 -57.23
CA GLU H 486 -49.32 -6.60 -58.38
C GLU H 486 -49.30 -8.09 -58.10
N PHE H 487 -49.46 -8.51 -56.84
CA PHE H 487 -49.27 -9.89 -56.45
C PHE H 487 -47.87 -10.39 -56.82
N LYS H 488 -46.92 -9.47 -56.97
CA LYS H 488 -45.62 -9.79 -57.54
C LYS H 488 -44.78 -10.57 -56.53
N THR H 489 -44.23 -11.69 -56.97
CA THR H 489 -43.44 -12.56 -56.10
C THR H 489 -41.99 -12.52 -56.58
N ILE H 490 -41.08 -12.14 -55.69
CA ILE H 490 -39.66 -12.02 -56.00
C ILE H 490 -38.86 -12.88 -55.03
N GLU H 491 -37.91 -13.64 -55.58
CA GLU H 491 -36.99 -14.43 -54.80
C GLU H 491 -35.65 -14.51 -55.54
N GLU H 492 -34.57 -14.64 -54.77
CA GLU H 492 -33.23 -14.76 -55.31
C GLU H 492 -32.49 -15.87 -54.58
N TYR H 493 -31.56 -16.52 -55.29
CA TYR H 493 -30.86 -17.69 -54.77
C TYR H 493 -29.39 -17.37 -54.54
N GLU H 494 -28.89 -17.73 -53.36
CA GLU H 494 -27.47 -17.61 -53.04
C GLU H 494 -26.68 -18.75 -53.67
N PRO H 495 -25.37 -18.60 -53.80
CA PRO H 495 -24.56 -19.65 -54.46
C PRO H 495 -24.52 -20.92 -53.62
N GLN H 496 -24.43 -22.06 -54.31
CA GLN H 496 -24.45 -23.37 -53.69
C GLN H 496 -23.15 -24.12 -53.97
N LYS H 497 -22.80 -25.05 -53.09
CA LYS H 497 -21.53 -25.76 -53.18
C LYS H 497 -21.56 -26.82 -54.27
N TYR H 498 -20.38 -27.12 -54.83
CA TYR H 498 -20.24 -28.15 -55.84
C TYR H 498 -20.26 -29.56 -55.22
N GLU H 499 -19.66 -29.70 -54.05
CA GLU H 499 -19.41 -31.01 -53.45
C GLU H 499 -20.65 -31.63 -52.81
N ASN H 500 -21.83 -31.14 -53.15
CA ASN H 500 -23.09 -31.65 -52.62
C ASN H 500 -23.75 -32.56 -53.65
N LYS H 501 -23.52 -33.87 -53.50
CA LYS H 501 -24.03 -34.84 -54.47
C LYS H 501 -25.55 -35.00 -54.37
N THR H 502 -26.11 -34.90 -53.16
CA THR H 502 -27.52 -35.21 -52.98
C THR H 502 -28.41 -34.28 -53.80
N ILE H 503 -28.09 -33.00 -53.82
CA ILE H 503 -28.95 -32.01 -54.49
C ILE H 503 -28.74 -32.12 -56.00
N PRO H 504 -29.80 -32.41 -56.76
CA PRO H 504 -29.65 -32.46 -58.22
C PRO H 504 -29.43 -31.09 -58.82
N GLN H 505 -28.82 -31.08 -60.01
CA GLN H 505 -28.53 -29.83 -60.71
C GLN H 505 -29.80 -29.04 -61.00
N ALA H 506 -30.94 -29.71 -61.17
CA ALA H 506 -32.19 -28.98 -61.32
C ALA H 506 -32.41 -28.05 -60.15
N LEU H 507 -31.93 -28.43 -58.96
CA LEU H 507 -31.91 -27.51 -57.83
C LEU H 507 -30.84 -26.44 -58.00
N GLN H 508 -29.71 -26.77 -58.63
CA GLN H 508 -28.67 -25.80 -58.91
C GLN H 508 -28.90 -25.08 -60.24
N GLN H 509 -30.12 -24.61 -60.44
CA GLN H 509 -30.41 -23.79 -61.62
C GLN H 509 -31.13 -22.49 -61.29
N TRP H 510 -32.08 -22.52 -60.37
CA TRP H 510 -32.94 -21.37 -60.11
C TRP H 510 -32.17 -20.35 -59.27
N ARG H 511 -31.80 -19.23 -59.88
CA ARG H 511 -31.07 -18.18 -59.17
C ARG H 511 -32.01 -17.09 -58.66
N GLN H 512 -32.72 -16.42 -59.57
CA GLN H 512 -33.77 -15.49 -59.18
C GLN H 512 -35.02 -15.79 -59.98
N VAL H 513 -36.18 -15.64 -59.34
CA VAL H 513 -37.47 -15.78 -60.01
C VAL H 513 -38.38 -14.66 -59.51
N ILE H 514 -38.96 -13.91 -60.45
CA ILE H 514 -39.98 -12.92 -60.15
C ILE H 514 -41.16 -13.21 -61.07
N GLN H 515 -42.27 -13.65 -60.47
CA GLN H 515 -43.48 -13.96 -61.21
C GLN H 515 -44.57 -12.95 -60.84
N ILE H 516 -45.24 -12.44 -61.86
CA ILE H 516 -46.40 -11.57 -61.69
C ILE H 516 -47.55 -12.13 -62.50
N ASP H 517 -48.76 -11.96 -61.96
CA ASP H 517 -49.99 -12.44 -62.56
C ASP H 517 -49.90 -13.94 -62.79
N ARG H 518 -50.80 -14.47 -63.61
CA ARG H 518 -50.84 -15.89 -63.91
C ARG H 518 -49.90 -16.26 -65.05
N HIS H 519 -49.16 -15.30 -65.59
CA HIS H 519 -48.51 -15.48 -66.87
C HIS H 519 -47.01 -15.18 -66.85
N LEU H 520 -46.59 -14.14 -66.12
CA LEU H 520 -45.25 -13.60 -66.29
C LEU H 520 -44.31 -14.17 -65.24
N ARG H 521 -43.14 -14.63 -65.68
CA ARG H 521 -42.12 -15.12 -64.75
C ARG H 521 -40.73 -14.87 -65.36
N ILE H 522 -40.02 -13.88 -64.86
CA ILE H 522 -38.65 -13.61 -65.29
C ILE H 522 -37.70 -14.26 -64.30
N ILE H 523 -36.86 -15.17 -64.78
CA ILE H 523 -35.91 -15.91 -63.95
C ILE H 523 -34.51 -15.70 -64.51
N LYS H 524 -33.53 -15.70 -63.61
CA LYS H 524 -32.17 -15.28 -63.91
C LYS H 524 -31.18 -16.25 -63.27
N TYR H 525 -30.02 -16.42 -63.91
CA TYR H 525 -29.04 -17.45 -63.60
C TYR H 525 -27.64 -16.84 -63.46
N TYR H 526 -26.65 -17.70 -63.20
CA TYR H 526 -25.26 -17.29 -63.01
C TYR H 526 -24.53 -17.11 -64.35
N HIS H 527 -23.45 -16.33 -64.27
CA HIS H 527 -22.50 -16.25 -65.40
C HIS H 527 -21.70 -17.53 -65.53
N ASN H 528 -21.16 -18.05 -64.43
CA ASN H 528 -20.17 -19.11 -64.45
C ASN H 528 -20.68 -20.43 -63.87
N ARG H 529 -22.01 -20.62 -63.81
CA ARG H 529 -22.56 -21.87 -63.30
C ARG H 529 -23.69 -22.39 -64.17
N ASN H 530 -23.51 -22.37 -65.49
CA ASN H 530 -24.48 -22.90 -66.44
C ASN H 530 -23.77 -23.73 -67.49
N HIS H 531 -24.53 -24.62 -68.13
CA HIS H 531 -23.97 -25.58 -69.08
C HIS H 531 -24.22 -25.21 -70.53
N ASP H 532 -25.47 -24.98 -70.92
CA ASP H 532 -25.79 -24.71 -72.32
C ASP H 532 -25.73 -23.23 -72.66
N GLY H 533 -25.33 -22.38 -71.73
CA GLY H 533 -25.18 -20.96 -71.99
C GLY H 533 -26.35 -20.09 -71.60
N LEU H 534 -27.43 -20.67 -71.07
CA LEU H 534 -28.61 -19.90 -70.70
C LEU H 534 -28.26 -18.85 -69.65
N ILE H 535 -28.71 -17.62 -69.87
CA ILE H 535 -28.43 -16.49 -68.99
C ILE H 535 -29.65 -16.10 -68.17
N GLU H 536 -30.73 -15.70 -68.85
CA GLU H 536 -31.99 -15.35 -68.21
C GLU H 536 -33.13 -15.71 -69.15
N ARG H 537 -34.27 -16.11 -68.57
CA ARG H 537 -35.44 -16.48 -69.37
C ARG H 537 -36.68 -15.84 -68.77
N VAL H 538 -37.43 -15.13 -69.61
CA VAL H 538 -38.67 -14.48 -69.20
C VAL H 538 -39.82 -15.23 -69.85
N GLU H 539 -40.52 -16.03 -69.06
CA GLU H 539 -41.64 -16.83 -69.55
C GLU H 539 -42.90 -15.97 -69.54
N GLN H 540 -43.42 -15.72 -70.74
CA GLN H 540 -44.67 -14.99 -70.93
C GLN H 540 -45.70 -16.01 -71.43
N ILE H 541 -46.82 -16.13 -70.72
CA ILE H 541 -47.79 -17.17 -71.00
C ILE H 541 -48.66 -16.74 -72.17
N GLY H 542 -48.59 -17.49 -73.27
CA GLY H 542 -49.47 -17.29 -74.41
C GLY H 542 -48.85 -16.60 -75.61
N GLU H 543 -47.67 -15.99 -75.48
CA GLU H 543 -47.12 -15.19 -76.57
C GLU H 543 -45.76 -15.67 -77.09
N LYS H 544 -44.80 -15.97 -76.21
CA LYS H 544 -43.48 -16.29 -76.72
C LYS H 544 -42.63 -16.91 -75.60
N THR H 545 -41.54 -17.56 -76.02
CA THR H 545 -40.52 -18.11 -75.13
C THR H 545 -39.16 -17.52 -75.50
N MET H 546 -38.36 -17.21 -74.48
CA MET H 546 -37.08 -16.53 -74.67
C MET H 546 -35.96 -17.27 -73.95
N MET H 547 -34.73 -17.11 -74.46
CA MET H 547 -33.56 -17.78 -73.90
C MET H 547 -32.32 -16.99 -74.28
N PHE H 548 -31.52 -16.60 -73.28
CA PHE H 548 -30.30 -15.83 -73.47
C PHE H 548 -29.09 -16.75 -73.31
N TYR H 549 -28.06 -16.52 -74.14
CA TYR H 549 -26.90 -17.40 -74.15
C TYR H 549 -25.61 -16.60 -74.06
N GLN H 550 -24.60 -17.25 -73.48
CA GLN H 550 -23.25 -16.72 -73.36
C GLN H 550 -22.34 -17.87 -72.96
N ASN H 551 -21.04 -17.70 -73.19
CA ASN H 551 -20.06 -18.74 -72.89
C ASN H 551 -20.37 -20.01 -73.69
N ARG H 552 -20.77 -19.84 -74.94
CA ARG H 552 -21.23 -20.93 -75.79
C ARG H 552 -20.32 -21.09 -77.00
N ASP H 553 -19.96 -22.34 -77.30
CA ASP H 553 -19.16 -22.63 -78.48
C ASP H 553 -19.93 -22.33 -79.76
N ASP H 554 -21.18 -22.80 -79.84
CA ASP H 554 -21.97 -22.62 -81.06
C ASP H 554 -22.17 -21.15 -81.39
N ARG H 555 -22.19 -20.27 -80.39
CA ARG H 555 -22.28 -18.82 -80.53
C ARG H 555 -23.70 -18.31 -80.76
N VAL H 556 -24.70 -19.19 -80.77
CA VAL H 556 -26.10 -18.76 -80.84
C VAL H 556 -26.48 -18.33 -79.43
N ILE H 557 -26.39 -17.02 -79.17
CA ILE H 557 -26.56 -16.50 -77.83
C ILE H 557 -27.99 -16.12 -77.50
N TYR H 558 -28.85 -15.92 -78.50
CA TYR H 558 -30.23 -15.54 -78.27
C TYR H 558 -31.11 -16.53 -79.02
N ARG H 559 -32.17 -17.03 -78.37
CA ARG H 559 -33.04 -18.00 -79.02
C ARG H 559 -34.45 -17.87 -78.44
N SER H 560 -35.44 -17.72 -79.32
CA SER H 560 -36.81 -17.52 -78.86
C SER H 560 -37.80 -18.07 -79.88
N ILE H 561 -39.02 -18.31 -79.41
CA ILE H 561 -40.10 -18.83 -80.24
C ILE H 561 -41.36 -18.04 -79.94
N ARG H 562 -41.85 -17.31 -80.95
CA ARG H 562 -43.11 -16.60 -80.82
C ARG H 562 -44.27 -17.58 -80.69
N PHE H 563 -45.35 -17.11 -80.06
CA PHE H 563 -46.57 -17.91 -79.92
C PHE H 563 -47.77 -17.06 -80.30
N ASP H 564 -48.83 -17.74 -80.75
CA ASP H 564 -50.14 -17.14 -81.01
C ASP H 564 -51.19 -18.21 -80.89
N ASN H 565 -52.25 -17.93 -80.12
CA ASN H 565 -53.31 -18.90 -79.85
C ASN H 565 -54.50 -18.77 -80.80
N LYS H 566 -54.32 -18.23 -82.00
CA LYS H 566 -55.44 -17.96 -82.89
C LYS H 566 -55.87 -19.16 -83.72
N ARG H 567 -55.33 -20.36 -83.45
CA ARG H 567 -55.74 -21.55 -84.17
C ARG H 567 -55.65 -22.76 -83.25
N ALA H 568 -56.61 -23.67 -83.38
CA ALA H 568 -56.85 -24.76 -82.43
C ALA H 568 -55.82 -25.88 -82.60
N PRO H 569 -55.98 -27.00 -81.87
CA PRO H 569 -54.97 -28.08 -81.96
C PRO H 569 -54.99 -28.77 -83.31
N SER H 570 -54.33 -28.13 -84.28
CA SER H 570 -54.27 -28.67 -85.64
C SER H 570 -53.84 -30.13 -85.60
N SER H 571 -54.60 -30.97 -86.28
CA SER H 571 -54.55 -32.41 -86.05
C SER H 571 -53.67 -33.17 -87.03
N GLN H 572 -52.94 -32.50 -87.92
CA GLN H 572 -52.08 -33.22 -88.87
C GLN H 572 -50.63 -33.33 -88.37
N ASN H 573 -49.98 -32.19 -88.16
CA ASN H 573 -48.52 -32.14 -87.98
C ASN H 573 -48.12 -32.75 -86.64
N ASN H 574 -47.33 -33.82 -86.69
CA ASN H 574 -46.70 -34.33 -85.47
C ASN H 574 -45.75 -33.31 -84.88
N ASP H 575 -44.88 -32.72 -85.71
CA ASP H 575 -43.97 -31.69 -85.22
C ASP H 575 -44.73 -30.49 -84.66
N LYS H 576 -45.98 -30.30 -85.06
CA LYS H 576 -46.80 -29.22 -84.54
C LYS H 576 -47.85 -29.71 -83.54
N VAL H 577 -47.95 -31.02 -83.33
CA VAL H 577 -48.72 -31.59 -82.22
C VAL H 577 -47.76 -31.70 -81.05
N PHE H 578 -47.87 -30.77 -80.11
CA PHE H 578 -46.88 -30.59 -79.06
C PHE H 578 -47.48 -31.00 -77.73
N GLN H 579 -46.78 -31.89 -77.01
CA GLN H 579 -47.22 -32.28 -75.68
C GLN H 579 -46.90 -31.16 -74.68
N ASP H 580 -47.50 -30.00 -74.95
CA ASP H 580 -47.26 -28.84 -74.13
C ASP H 580 -47.58 -29.16 -72.67
N ASN H 581 -46.63 -28.86 -71.80
CA ASN H 581 -46.80 -29.19 -70.39
C ASN H 581 -48.07 -28.53 -69.85
N HIS H 582 -48.30 -27.29 -70.26
CA HIS H 582 -49.28 -26.44 -69.58
C HIS H 582 -50.70 -26.97 -69.77
N VAL H 583 -51.08 -27.24 -71.02
CA VAL H 583 -52.46 -27.61 -71.33
C VAL H 583 -52.56 -28.82 -72.25
N GLY H 584 -51.46 -29.32 -72.81
CA GLY H 584 -51.57 -30.33 -73.84
C GLY H 584 -51.19 -29.80 -75.21
N ASP H 585 -52.19 -29.52 -76.04
CA ASP H 585 -51.97 -29.13 -77.43
C ASP H 585 -51.96 -27.61 -77.56
N VAL H 586 -50.97 -27.09 -78.30
CA VAL H 586 -50.85 -25.67 -78.62
C VAL H 586 -50.32 -25.57 -80.05
N GLN H 587 -50.39 -24.36 -80.64
CA GLN H 587 -50.08 -24.15 -82.04
C GLN H 587 -49.03 -23.05 -82.23
N ILE H 588 -48.28 -23.13 -83.33
CA ILE H 588 -46.99 -22.44 -83.48
C ILE H 588 -47.11 -21.26 -84.44
N THR H 589 -46.23 -20.26 -84.24
CA THR H 589 -46.19 -19.07 -85.10
C THR H 589 -44.83 -18.82 -85.75
N LYS H 590 -43.75 -18.71 -84.99
CA LYS H 590 -42.50 -18.18 -85.54
C LYS H 590 -41.35 -18.44 -84.57
N MET H 591 -40.11 -18.30 -85.08
CA MET H 591 -38.89 -18.45 -84.31
C MET H 591 -37.91 -17.33 -84.64
N THR H 592 -37.11 -16.95 -83.64
CA THR H 592 -36.02 -15.98 -83.81
C THR H 592 -34.76 -16.48 -83.13
N GLN H 593 -33.61 -16.16 -83.73
CA GLN H 593 -32.32 -16.65 -83.23
C GLN H 593 -31.23 -15.63 -83.54
N LYS H 594 -30.33 -15.44 -82.57
CA LYS H 594 -29.26 -14.45 -82.64
C LYS H 594 -27.94 -15.12 -82.25
N PHE H 595 -26.91 -14.92 -83.06
CA PHE H 595 -25.66 -15.65 -82.95
C PHE H 595 -24.50 -14.72 -82.59
N GLU H 596 -23.48 -15.28 -81.93
CA GLU H 596 -22.25 -14.54 -81.66
C GLU H 596 -21.41 -14.41 -82.92
N LYS H 597 -20.68 -13.31 -83.04
CA LYS H 597 -19.87 -13.03 -84.23
C LYS H 597 -18.45 -13.56 -84.01
N ASN H 598 -18.14 -14.70 -84.59
CA ASN H 598 -16.76 -15.19 -84.56
C ASN H 598 -15.87 -14.24 -85.36
N PRO H 599 -14.75 -13.78 -84.79
CA PRO H 599 -13.87 -12.88 -85.54
C PRO H 599 -13.40 -13.49 -86.85
N HIS H 600 -13.39 -14.82 -86.94
CA HIS H 600 -12.83 -15.48 -88.10
C HIS H 600 -13.91 -16.03 -89.05
N TYR H 601 -15.20 -16.03 -88.65
CA TYR H 601 -16.27 -16.31 -89.62
C TYR H 601 -16.82 -15.03 -90.22
N PRO H 602 -16.83 -14.92 -91.54
CA PRO H 602 -17.21 -13.66 -92.19
C PRO H 602 -18.64 -13.27 -91.83
N ALA H 603 -18.83 -11.96 -91.62
CA ALA H 603 -20.16 -11.47 -91.27
C ALA H 603 -21.16 -11.74 -92.40
N ASN H 604 -20.78 -11.48 -93.64
CA ASN H 604 -21.67 -11.72 -94.77
C ASN H 604 -21.81 -13.20 -95.11
N GLU H 605 -20.98 -14.06 -94.52
CA GLU H 605 -21.18 -15.50 -94.62
C GLU H 605 -21.68 -16.13 -93.33
N GLN H 606 -21.51 -15.47 -92.19
CA GLN H 606 -21.99 -15.97 -90.91
C GLN H 606 -23.29 -15.25 -90.53
N ILE H 607 -24.31 -16.04 -90.19
CA ILE H 607 -25.61 -15.49 -89.85
C ILE H 607 -25.60 -15.00 -88.41
N GLN H 608 -26.01 -13.76 -88.20
CA GLN H 608 -26.11 -13.22 -86.84
C GLN H 608 -27.53 -13.35 -86.30
N LYS H 609 -28.54 -13.11 -87.13
CA LYS H 609 -29.93 -13.27 -86.75
C LYS H 609 -30.67 -14.04 -87.83
N MET H 610 -31.72 -14.72 -87.42
CA MET H 610 -32.56 -15.51 -88.32
C MET H 610 -33.97 -15.59 -87.75
N VAL H 611 -34.96 -15.54 -88.62
CA VAL H 611 -36.37 -15.56 -88.23
C VAL H 611 -37.11 -16.53 -89.14
N ILE H 612 -37.55 -17.66 -88.58
CA ILE H 612 -38.36 -18.62 -89.31
C ILE H 612 -39.79 -18.40 -88.83
N ASP H 613 -40.53 -17.54 -89.54
CA ASP H 613 -41.87 -17.17 -89.15
C ASP H 613 -42.87 -18.02 -89.93
N LEU H 614 -43.69 -18.78 -89.20
CA LEU H 614 -44.61 -19.70 -89.87
C LEU H 614 -45.78 -18.96 -90.51
N ILE H 615 -46.26 -17.90 -89.87
CA ILE H 615 -47.34 -17.11 -90.46
C ILE H 615 -46.93 -16.61 -91.83
N LYS H 616 -45.76 -15.99 -91.92
CA LYS H 616 -45.22 -15.60 -93.22
C LYS H 616 -44.66 -16.80 -93.98
N ASP H 617 -44.39 -17.91 -93.29
CA ASP H 617 -43.81 -19.10 -93.90
C ASP H 617 -42.54 -18.75 -94.68
N LYS H 618 -41.90 -17.64 -94.29
CA LYS H 618 -40.64 -17.22 -94.88
C LYS H 618 -39.72 -16.80 -93.74
N VAL H 619 -38.42 -16.99 -93.97
CA VAL H 619 -37.42 -16.83 -92.91
C VAL H 619 -36.84 -15.43 -92.97
N ILE H 620 -36.66 -14.83 -91.81
CA ILE H 620 -36.14 -13.47 -91.67
C ILE H 620 -34.80 -13.58 -90.97
N VAL H 621 -33.70 -13.56 -91.73
CA VAL H 621 -32.36 -13.80 -91.21
C VAL H 621 -31.55 -12.53 -91.29
N TYR H 622 -30.85 -12.19 -90.20
CA TYR H 622 -29.97 -11.04 -90.17
C TYR H 622 -28.51 -11.46 -90.31
N TYR H 623 -27.75 -10.63 -91.02
CA TYR H 623 -26.31 -10.77 -91.16
C TYR H 623 -25.62 -9.54 -90.62
N HIS H 624 -24.43 -9.74 -90.04
CA HIS H 624 -23.65 -8.64 -89.51
C HIS H 624 -23.40 -7.56 -90.57
N MET H 625 -22.94 -6.41 -90.11
CA MET H 625 -22.60 -5.29 -90.98
C MET H 625 -21.09 -5.22 -91.16
N ASN H 626 -20.64 -5.21 -92.41
CA ASN H 626 -19.22 -5.19 -92.70
C ASN H 626 -18.60 -3.85 -92.30
N ASP H 627 -17.27 -3.85 -92.21
CA ASP H 627 -16.54 -2.65 -91.84
C ASP H 627 -16.92 -1.51 -92.76
N GLY H 628 -17.46 -0.43 -92.17
CA GLY H 628 -17.97 0.68 -92.93
C GLY H 628 -19.42 0.54 -93.38
N GLU H 629 -20.08 -0.56 -93.04
CA GLU H 629 -21.44 -0.79 -93.50
C GLU H 629 -22.46 -0.31 -92.48
N ILE H 630 -23.51 0.35 -92.97
CA ILE H 630 -24.68 0.68 -92.15
C ILE H 630 -25.92 0.14 -92.87
N THR H 631 -25.70 -0.64 -93.93
CA THR H 631 -26.80 -1.33 -94.59
C THR H 631 -27.00 -2.68 -93.91
N PRO H 632 -27.95 -2.79 -92.98
CA PRO H 632 -28.17 -4.07 -92.31
C PRO H 632 -28.68 -5.12 -93.28
N ILE H 633 -28.26 -6.35 -93.05
CA ILE H 633 -28.57 -7.47 -93.95
C ILE H 633 -29.78 -8.18 -93.37
N VAL H 634 -30.97 -7.72 -93.76
CA VAL H 634 -32.23 -8.33 -93.36
C VAL H 634 -32.73 -9.11 -94.59
N LYS H 635 -32.33 -10.37 -94.69
CA LYS H 635 -32.73 -11.22 -95.79
C LYS H 635 -34.06 -11.88 -95.45
N ILE H 636 -35.02 -11.79 -96.35
CA ILE H 636 -36.32 -12.43 -96.19
C ILE H 636 -36.41 -13.53 -97.25
N TYR H 637 -35.98 -14.73 -96.89
CA TYR H 637 -35.99 -15.82 -97.87
C TYR H 637 -37.34 -16.55 -97.85
N PRO H 638 -37.72 -17.14 -98.99
CA PRO H 638 -38.93 -17.97 -99.03
C PRO H 638 -38.62 -19.38 -98.52
N ARG H 639 -39.57 -19.95 -97.79
CA ARG H 639 -39.41 -21.31 -97.26
C ARG H 639 -40.18 -22.35 -98.07
N ASP H 640 -40.58 -22.03 -99.31
CA ASP H 640 -41.33 -22.98 -100.12
C ASP H 640 -40.50 -24.21 -100.45
N SER H 641 -39.21 -24.03 -100.75
CA SER H 641 -38.32 -25.12 -101.16
C SER H 641 -37.35 -25.51 -100.05
N MET H 642 -37.80 -25.53 -98.80
CA MET H 642 -36.90 -25.66 -97.65
C MET H 642 -36.71 -27.09 -97.17
N HIS H 643 -37.73 -27.94 -97.21
CA HIS H 643 -37.61 -29.33 -96.79
C HIS H 643 -37.77 -30.32 -97.94
N GLY H 644 -37.54 -29.89 -99.18
CA GLY H 644 -37.89 -30.71 -100.31
C GLY H 644 -39.34 -30.65 -100.72
N PHE H 645 -40.12 -29.78 -100.08
CA PHE H 645 -41.53 -29.59 -100.47
C PHE H 645 -41.65 -28.95 -101.85
N ALA H 646 -40.55 -28.44 -102.40
CA ALA H 646 -40.61 -27.76 -103.70
C ALA H 646 -41.23 -28.66 -104.74
N LYS H 647 -42.18 -28.12 -105.50
CA LYS H 647 -42.86 -28.89 -106.52
C LYS H 647 -42.03 -28.92 -107.80
N LEU H 648 -41.48 -30.10 -108.10
CA LEU H 648 -40.89 -30.32 -109.41
C LEU H 648 -41.94 -30.47 -110.50
N ASN H 649 -43.22 -30.53 -110.12
CA ASN H 649 -44.28 -30.71 -111.09
C ASN H 649 -44.39 -29.52 -112.04
N GLU H 650 -43.93 -28.35 -111.61
CA GLU H 650 -43.99 -27.14 -112.44
C GLU H 650 -42.88 -27.14 -113.48
N PRO H 651 -43.19 -27.40 -114.75
CA PRO H 651 -42.20 -27.18 -115.82
C PRO H 651 -42.15 -25.69 -116.16
N GLY H 652 -41.08 -25.03 -115.73
CA GLY H 652 -40.96 -23.60 -115.97
C GLY H 652 -40.29 -22.84 -114.85
N GLY H 653 -40.38 -23.35 -113.62
CA GLY H 653 -39.63 -22.74 -112.53
C GLY H 653 -38.14 -22.89 -112.77
N ASP H 654 -37.43 -21.78 -112.90
CA ASP H 654 -36.01 -21.83 -113.21
C ASP H 654 -35.29 -22.78 -112.26
N ASN H 655 -34.76 -23.87 -112.82
CA ASN H 655 -34.23 -24.97 -112.02
C ASN H 655 -32.80 -24.66 -111.58
N LYS H 656 -32.70 -23.72 -110.66
CA LYS H 656 -31.43 -23.37 -110.02
C LYS H 656 -31.13 -24.24 -108.80
N ILE H 657 -31.98 -25.23 -108.51
CA ILE H 657 -31.71 -26.16 -107.42
C ILE H 657 -30.45 -26.96 -107.68
N ASP H 658 -30.08 -27.16 -108.95
CA ASP H 658 -28.88 -27.92 -109.26
C ASP H 658 -27.66 -27.32 -108.57
N ASP H 659 -27.68 -26.02 -108.34
CA ASP H 659 -26.54 -25.34 -107.71
C ASP H 659 -26.32 -25.89 -106.31
N PRO H 660 -25.13 -26.41 -105.99
CA PRO H 660 -24.90 -26.93 -104.63
C PRO H 660 -24.99 -25.86 -103.56
N LEU H 661 -24.90 -24.58 -103.96
CA LEU H 661 -25.02 -23.51 -102.99
C LEU H 661 -26.39 -23.53 -102.33
N VAL H 662 -27.45 -23.66 -103.13
CA VAL H 662 -28.79 -23.80 -102.59
C VAL H 662 -28.87 -25.03 -101.70
N GLN H 663 -28.21 -26.11 -102.11
CA GLN H 663 -28.24 -27.34 -101.33
C GLN H 663 -27.65 -27.13 -99.94
N LEU H 664 -26.49 -26.49 -99.86
CA LEU H 664 -25.87 -26.23 -98.57
C LEU H 664 -26.69 -25.28 -97.73
N GLU H 665 -27.24 -24.23 -98.35
CA GLU H 665 -28.11 -23.31 -97.62
C GLU H 665 -29.26 -24.05 -96.97
N ASN H 666 -29.96 -24.87 -97.75
CA ASN H 666 -31.13 -25.57 -97.23
C ASN H 666 -30.74 -26.62 -96.19
N THR H 667 -29.61 -27.30 -96.39
CA THR H 667 -29.15 -28.26 -95.39
C THR H 667 -28.90 -27.57 -94.05
N LYS H 668 -28.21 -26.43 -94.08
CA LYS H 668 -27.96 -25.70 -92.84
C LYS H 668 -29.26 -25.26 -92.19
N MET H 669 -30.19 -24.72 -92.99
CA MET H 669 -31.45 -24.24 -92.44
C MET H 669 -32.25 -25.39 -91.80
N VAL H 670 -32.34 -26.52 -92.49
CA VAL H 670 -33.11 -27.66 -91.98
C VAL H 670 -32.49 -28.18 -90.69
N ASN H 671 -31.16 -28.32 -90.68
CA ASN H 671 -30.50 -28.80 -89.46
C ASN H 671 -30.79 -27.87 -88.29
N LEU H 672 -30.61 -26.56 -88.49
CA LEU H 672 -30.87 -25.61 -87.41
C LEU H 672 -32.31 -25.71 -86.92
N GLU H 673 -33.27 -25.77 -87.85
CA GLU H 673 -34.68 -25.66 -87.46
C GLU H 673 -35.15 -26.92 -86.75
N LYS H 674 -34.79 -28.10 -87.26
CA LYS H 674 -35.15 -29.34 -86.56
C LYS H 674 -34.46 -29.44 -85.21
N ASP H 675 -33.20 -29.00 -85.13
CA ASP H 675 -32.51 -28.99 -83.84
C ASP H 675 -33.28 -28.14 -82.84
N CYS H 676 -33.71 -26.94 -83.27
CA CYS H 676 -34.48 -26.09 -82.37
C CYS H 676 -35.81 -26.75 -81.99
N LEU H 677 -36.47 -27.41 -82.94
CA LEU H 677 -37.73 -28.08 -82.64
C LEU H 677 -37.56 -29.11 -81.52
N ASN H 678 -36.60 -30.03 -81.71
CA ASN H 678 -36.42 -31.08 -80.72
C ASN H 678 -35.93 -30.53 -79.39
N GLN H 679 -35.01 -29.56 -79.43
CA GLN H 679 -34.52 -28.95 -78.19
C GLN H 679 -35.65 -28.28 -77.44
N LEU H 680 -36.59 -27.66 -78.15
CA LEU H 680 -37.65 -26.94 -77.46
C LEU H 680 -38.73 -27.87 -76.92
N LYS H 681 -39.02 -28.98 -77.60
CA LYS H 681 -39.90 -29.97 -76.96
C LYS H 681 -39.22 -30.57 -75.72
N GLN H 682 -37.92 -30.82 -75.80
CA GLN H 682 -37.18 -31.28 -74.62
C GLN H 682 -37.22 -30.24 -73.52
N GLN H 683 -37.13 -28.95 -73.88
CA GLN H 683 -37.26 -27.88 -72.89
C GLN H 683 -38.63 -27.92 -72.25
N GLU H 684 -39.66 -28.18 -73.04
CA GLU H 684 -40.99 -28.38 -72.48
C GLU H 684 -40.97 -29.47 -71.42
N LYS H 685 -40.44 -30.63 -71.77
CA LYS H 685 -40.46 -31.74 -70.81
C LYS H 685 -39.66 -31.41 -69.56
N ILE H 686 -38.48 -30.80 -69.74
CA ILE H 686 -37.61 -30.49 -68.61
C ILE H 686 -38.26 -29.45 -67.70
N ALA H 687 -38.86 -28.42 -68.28
CA ALA H 687 -39.54 -27.40 -67.49
C ALA H 687 -40.73 -28.01 -66.74
N ARG H 688 -41.49 -28.88 -67.40
CA ARG H 688 -42.58 -29.58 -66.72
C ARG H 688 -42.03 -30.30 -65.49
N ASP H 689 -40.97 -31.09 -65.69
CA ASP H 689 -40.39 -31.83 -64.58
C ASP H 689 -39.96 -30.90 -63.46
N ASP H 690 -39.25 -29.83 -63.80
CA ASP H 690 -38.70 -28.94 -62.79
C ASP H 690 -39.80 -28.28 -61.97
N GLU H 691 -40.80 -27.71 -62.66
CA GLU H 691 -41.84 -26.99 -61.96
C GLU H 691 -42.70 -27.93 -61.11
N LYS H 692 -43.03 -29.12 -61.63
CA LYS H 692 -43.75 -30.08 -60.81
C LYS H 692 -42.95 -30.47 -59.58
N THR H 693 -41.65 -30.72 -59.75
CA THR H 693 -40.81 -31.11 -58.62
C THR H 693 -40.77 -30.03 -57.55
N ILE H 694 -40.59 -28.77 -57.94
CA ILE H 694 -40.53 -27.69 -56.95
C ILE H 694 -41.91 -27.27 -56.45
N ARG H 695 -42.99 -27.76 -57.08
CA ARG H 695 -44.34 -27.49 -56.59
C ARG H 695 -44.80 -28.50 -55.55
N GLU H 696 -44.79 -29.79 -55.89
CA GLU H 696 -45.38 -30.79 -55.02
C GLU H 696 -44.65 -30.94 -53.68
N GLY H 697 -43.33 -30.75 -53.66
CA GLY H 697 -42.58 -31.04 -52.46
C GLY H 697 -42.91 -30.12 -51.30
N GLU H 698 -42.75 -30.64 -50.10
CA GLU H 698 -42.86 -29.87 -48.87
C GLU H 698 -41.50 -29.20 -48.61
N ILE H 699 -41.31 -28.70 -47.39
CA ILE H 699 -40.15 -27.89 -47.04
C ILE H 699 -39.21 -28.70 -46.16
N ARG H 700 -37.92 -28.75 -46.55
CA ARG H 700 -36.89 -29.50 -45.82
C ARG H 700 -35.99 -28.56 -45.04
N LEU H 701 -35.43 -29.09 -43.95
CA LEU H 701 -34.50 -28.35 -43.08
C LEU H 701 -33.21 -29.14 -42.91
N GLU H 702 -32.12 -28.41 -42.72
CA GLU H 702 -30.81 -29.01 -42.50
C GLU H 702 -30.39 -28.86 -41.05
N LYS H 703 -29.60 -29.82 -40.58
CA LYS H 703 -29.01 -29.79 -39.25
C LYS H 703 -27.51 -29.50 -39.37
N THR H 704 -27.06 -28.43 -38.72
CA THR H 704 -25.66 -28.04 -38.80
C THR H 704 -24.78 -29.11 -38.19
N LEU H 705 -23.52 -29.16 -38.64
CA LEU H 705 -22.59 -30.18 -38.14
C LEU H 705 -22.48 -30.14 -36.63
N TYR H 706 -22.51 -28.94 -36.04
CA TYR H 706 -22.45 -28.82 -34.58
C TYR H 706 -23.69 -29.41 -33.92
N ASP H 707 -24.87 -29.08 -34.46
CA ASP H 707 -26.11 -29.70 -33.97
C ASP H 707 -26.12 -31.20 -34.24
N LYS H 708 -25.50 -31.64 -35.33
CA LYS H 708 -25.37 -33.07 -35.58
C LYS H 708 -24.52 -33.74 -34.51
N ALA H 709 -23.43 -33.09 -34.09
CA ALA H 709 -22.61 -33.64 -33.01
C ALA H 709 -23.40 -33.69 -31.70
N ARG H 710 -24.18 -32.65 -31.42
CA ARG H 710 -25.02 -32.67 -30.22
C ARG H 710 -26.03 -33.80 -30.26
N ASP H 711 -26.64 -34.03 -31.43
CA ASP H 711 -27.57 -35.15 -31.58
C ASP H 711 -26.87 -36.49 -31.41
N ARG H 712 -25.65 -36.61 -31.92
CA ARG H 712 -24.88 -37.82 -31.70
C ARG H 712 -24.65 -38.06 -30.21
N PHE H 713 -24.31 -36.99 -29.49
CA PHE H 713 -24.10 -37.11 -28.05
C PHE H 713 -25.38 -37.57 -27.35
N LYS H 714 -26.52 -36.97 -27.73
CA LYS H 714 -27.77 -37.37 -27.10
C LYS H 714 -28.14 -38.81 -27.43
N GLU H 715 -27.81 -39.25 -28.65
CA GLU H 715 -28.01 -40.66 -29.00
C GLU H 715 -27.14 -41.57 -28.14
N SER H 716 -25.88 -41.19 -27.93
CA SER H 716 -24.99 -42.02 -27.12
C SER H 716 -25.43 -42.08 -25.67
N SER H 717 -26.06 -41.01 -25.17
CA SER H 717 -26.49 -40.99 -23.77
C SER H 717 -27.46 -42.13 -23.47
N LYS H 718 -28.45 -42.32 -24.33
CA LYS H 718 -29.49 -43.34 -24.11
C LYS H 718 -29.62 -44.27 -25.31
N ALA H 751 -39.71 -71.56 -36.81
CA ALA H 751 -39.05 -72.86 -36.72
C ALA H 751 -38.39 -73.23 -38.06
N GLN H 752 -39.05 -72.84 -39.15
CA GLN H 752 -38.56 -73.18 -40.48
C GLN H 752 -37.20 -72.57 -40.76
N VAL H 753 -37.01 -71.30 -40.38
CA VAL H 753 -35.72 -70.66 -40.56
C VAL H 753 -34.71 -71.10 -39.50
N ALA H 754 -35.20 -71.55 -38.34
CA ALA H 754 -34.31 -72.01 -37.29
C ALA H 754 -33.50 -73.22 -37.75
N MET H 755 -34.11 -74.09 -38.55
CA MET H 755 -33.41 -75.27 -39.03
C MET H 755 -32.21 -74.89 -39.92
N GLU H 756 -32.39 -73.93 -40.84
CA GLU H 756 -31.25 -73.55 -41.68
C GLU H 756 -30.23 -72.76 -40.87
N ILE H 757 -30.69 -72.00 -39.87
CA ILE H 757 -29.74 -71.32 -38.98
C ILE H 757 -28.86 -72.33 -38.27
N LYS H 758 -29.47 -73.41 -37.77
CA LYS H 758 -28.73 -74.48 -37.11
C LYS H 758 -27.80 -75.17 -38.08
N ASN H 759 -28.23 -75.35 -39.34
CA ASN H 759 -27.31 -75.86 -40.35
C ASN H 759 -26.11 -74.93 -40.52
N GLU H 760 -26.35 -73.62 -40.56
CA GLU H 760 -25.25 -72.67 -40.65
C GLU H 760 -24.25 -72.86 -39.52
N VAL H 761 -24.76 -72.87 -38.27
CA VAL H 761 -23.87 -72.90 -37.12
C VAL H 761 -23.11 -74.21 -37.05
N MET H 762 -23.81 -75.34 -37.21
CA MET H 762 -23.15 -76.64 -37.13
C MET H 762 -22.20 -76.85 -38.30
N GLN H 763 -22.52 -76.33 -39.49
CA GLN H 763 -21.58 -76.43 -40.59
C GLN H 763 -20.32 -75.64 -40.29
N LYS H 764 -20.46 -74.44 -39.71
CA LYS H 764 -19.28 -73.68 -39.32
C LYS H 764 -18.44 -74.47 -38.32
N LEU H 765 -19.08 -75.06 -37.31
CA LEU H 765 -18.34 -75.79 -36.29
C LEU H 765 -17.64 -77.03 -36.87
N LYS H 766 -18.36 -77.83 -37.66
CA LYS H 766 -17.77 -79.03 -38.22
C LYS H 766 -16.65 -78.69 -39.19
N GLU H 767 -16.84 -77.63 -40.00
CA GLU H 767 -15.77 -77.18 -40.87
C GLU H 767 -14.53 -76.82 -40.06
N ARG H 768 -14.70 -76.02 -39.00
CA ARG H 768 -13.56 -75.67 -38.16
C ARG H 768 -12.84 -76.92 -37.66
N LEU H 769 -13.60 -77.83 -37.02
CA LEU H 769 -12.99 -78.98 -36.35
C LEU H 769 -12.30 -79.90 -37.36
N LEU H 770 -13.02 -80.31 -38.39
CA LEU H 770 -12.46 -81.26 -39.34
C LEU H 770 -11.36 -80.63 -40.19
N SER H 771 -11.45 -79.33 -40.48
CA SER H 771 -10.42 -78.65 -41.24
C SER H 771 -9.13 -78.56 -40.43
N ARG H 772 -9.22 -78.23 -39.15
CA ARG H 772 -8.04 -78.36 -38.31
C ARG H 772 -7.56 -79.81 -38.25
N ALA H 773 -8.47 -80.77 -38.40
CA ALA H 773 -8.06 -82.17 -38.50
C ALA H 773 -7.19 -82.40 -39.74
N GLU H 774 -7.62 -81.90 -40.90
CA GLU H 774 -6.76 -82.06 -42.08
C GLU H 774 -5.47 -81.27 -41.93
N ILE H 775 -5.50 -80.14 -41.22
CA ILE H 775 -4.26 -79.41 -40.95
C ILE H 775 -3.30 -80.27 -40.13
N ILE H 776 -3.84 -80.99 -39.14
CA ILE H 776 -3.02 -81.91 -38.36
C ILE H 776 -2.49 -83.04 -39.24
N GLN H 777 -3.31 -83.55 -40.16
CA GLN H 777 -2.85 -84.57 -41.09
C GLN H 777 -1.70 -84.05 -41.94
N ARG H 778 -1.83 -82.81 -42.42
CA ARG H 778 -0.77 -82.20 -43.22
C ARG H 778 0.51 -82.05 -42.39
N ARG H 779 0.37 -81.66 -41.13
CA ARG H 779 1.55 -81.58 -40.26
C ARG H 779 2.19 -82.96 -40.09
N LEU H 780 1.37 -83.99 -39.90
CA LEU H 780 1.91 -85.34 -39.74
C LEU H 780 2.67 -85.79 -40.98
N GLU H 781 2.10 -85.56 -42.16
CA GLU H 781 2.76 -85.99 -43.38
C GLU H 781 4.02 -85.17 -43.64
N GLU H 782 4.00 -83.87 -43.35
CA GLU H 782 5.21 -83.08 -43.51
C GLU H 782 6.29 -83.57 -42.56
N GLN H 783 5.92 -83.91 -41.32
CA GLN H 783 6.88 -84.44 -40.38
C GLN H 783 7.47 -85.75 -40.89
N ARG H 784 6.62 -86.63 -41.41
CA ARG H 784 7.08 -87.91 -41.93
C ARG H 784 7.99 -87.73 -43.14
N GLN H 785 7.68 -86.79 -44.03
CA GLN H 785 8.54 -86.47 -45.17
C GLN H 785 9.88 -85.88 -44.75
N VAL H 786 9.89 -84.99 -43.76
CA VAL H 786 11.16 -84.45 -43.27
C VAL H 786 12.00 -85.55 -42.65
N LEU H 787 11.37 -86.44 -41.86
CA LEU H 787 12.10 -87.54 -41.26
C LEU H 787 12.66 -88.49 -42.33
N GLU H 788 11.87 -88.79 -43.35
CA GLU H 788 12.37 -89.65 -44.42
C GLU H 788 13.51 -88.98 -45.19
N GLN H 789 13.41 -87.67 -45.41
CA GLN H 789 14.53 -86.95 -46.02
C GLN H 789 15.78 -87.05 -45.17
N LYS H 790 15.64 -86.85 -43.86
CA LYS H 790 16.80 -86.92 -42.97
C LYS H 790 17.41 -88.31 -42.96
N GLU H 791 16.56 -89.34 -42.94
CA GLU H 791 17.08 -90.72 -42.93
C GLU H 791 17.74 -91.07 -44.25
N ALA H 792 17.20 -90.60 -45.38
CA ALA H 792 17.87 -90.79 -46.65
C ALA H 792 19.21 -90.07 -46.67
N GLN H 793 19.26 -88.87 -46.09
CA GLN H 793 20.53 -88.16 -45.98
C GLN H 793 21.54 -88.95 -45.17
N VAL H 794 21.09 -89.53 -44.05
CA VAL H 794 21.97 -90.36 -43.24
C VAL H 794 22.48 -91.55 -44.05
N ALA H 795 21.59 -92.17 -44.84
CA ALA H 795 21.99 -93.28 -45.69
C ALA H 795 23.04 -92.85 -46.70
N LYS H 796 22.90 -91.65 -47.27
CA LYS H 796 23.89 -91.16 -48.24
C LYS H 796 25.26 -91.05 -47.59
N ARG H 797 25.32 -90.57 -46.35
CA ARG H 797 26.58 -90.43 -45.63
C ARG H 797 27.02 -91.81 -45.13
N GLN H 798 28.19 -92.26 -45.58
CA GLN H 798 28.67 -93.59 -45.20
C GLN H 798 28.85 -93.69 -43.69
N GLU H 799 29.46 -92.67 -43.08
CA GLU H 799 29.60 -92.64 -41.63
C GLU H 799 28.40 -91.93 -41.02
N ILE H 800 27.85 -92.52 -39.96
CA ILE H 800 26.69 -91.94 -39.29
C ILE H 800 27.11 -90.63 -38.61
N ASP H 801 26.40 -89.56 -38.91
CA ASP H 801 26.70 -88.26 -38.31
C ASP H 801 25.88 -88.09 -37.03
N PRO H 802 26.52 -88.01 -35.86
CA PRO H 802 25.73 -87.95 -34.61
C PRO H 802 24.78 -86.76 -34.54
N LYS H 803 25.16 -85.61 -35.08
CA LYS H 803 24.26 -84.47 -35.09
C LYS H 803 23.01 -84.77 -35.91
N GLN H 804 23.18 -85.45 -37.05
CA GLN H 804 22.01 -85.89 -37.79
C GLN H 804 21.20 -86.91 -37.00
N GLU H 805 21.86 -87.70 -36.15
CA GLU H 805 21.13 -88.58 -35.24
C GLU H 805 20.26 -87.79 -34.28
N GLU H 806 20.81 -86.70 -33.72
CA GLU H 806 20.03 -85.85 -32.84
C GLU H 806 18.85 -85.22 -33.58
N GLU H 807 19.08 -84.77 -34.82
CA GLU H 807 18.00 -84.19 -35.59
C GLU H 807 16.92 -85.23 -35.91
N ILE H 808 17.33 -86.47 -36.22
CA ILE H 808 16.37 -87.53 -36.48
C ILE H 808 15.54 -87.83 -35.25
N ARG H 809 16.18 -87.90 -34.07
CA ARG H 809 15.42 -88.14 -32.85
C ARG H 809 14.50 -86.97 -32.53
N ASP H 810 14.91 -85.75 -32.82
CA ASP H 810 14.01 -84.60 -32.65
C ASP H 810 12.81 -84.71 -33.57
N ILE H 811 13.04 -85.11 -34.83
CA ILE H 811 11.93 -85.29 -35.76
C ILE H 811 11.00 -86.39 -35.25
N ASN H 812 11.56 -87.47 -34.72
CA ASN H 812 10.75 -88.53 -34.16
C ASN H 812 9.89 -88.01 -33.01
N PHE H 813 10.48 -87.22 -32.12
CA PHE H 813 9.72 -86.65 -31.02
C PHE H 813 8.60 -85.75 -31.53
N LYS H 814 8.89 -84.91 -32.51
CA LYS H 814 7.87 -83.99 -33.01
C LYS H 814 6.74 -84.75 -33.70
N ILE H 815 7.05 -85.77 -34.48
CA ILE H 815 6.00 -86.55 -35.13
C ILE H 815 5.16 -87.27 -34.09
N ASP H 816 5.80 -87.86 -33.08
CA ASP H 816 5.05 -88.56 -32.04
C ASP H 816 4.14 -87.61 -31.27
N ILE H 817 4.65 -86.42 -30.93
CA ILE H 817 3.86 -85.45 -30.19
C ILE H 817 2.71 -84.94 -31.06
N LEU H 818 2.94 -84.77 -32.36
CA LEU H 818 1.87 -84.39 -33.25
C LEU H 818 0.80 -85.48 -33.33
N GLU H 819 1.23 -86.74 -33.33
CA GLU H 819 0.26 -87.84 -33.34
C GLU H 819 -0.58 -87.83 -32.07
N GLN H 820 0.05 -87.65 -30.91
CA GLN H 820 -0.69 -87.59 -29.65
C GLN H 820 -1.65 -86.41 -29.64
N ARG H 821 -1.17 -85.24 -30.06
CA ARG H 821 -2.04 -84.06 -30.12
C ARG H 821 -3.16 -84.25 -31.11
N ALA H 822 -2.94 -85.02 -32.18
CA ALA H 822 -4.00 -85.27 -33.16
C ALA H 822 -5.06 -86.20 -32.59
N LEU H 823 -4.64 -87.24 -31.86
CA LEU H 823 -5.63 -88.10 -31.20
C LEU H 823 -6.45 -87.30 -30.20
N ARG H 824 -5.77 -86.48 -29.39
CA ARG H 824 -6.50 -85.65 -28.43
C ARG H 824 -7.37 -84.64 -29.16
N PHE H 825 -6.93 -84.18 -30.33
CA PHE H 825 -7.74 -83.29 -31.14
C PHE H 825 -9.00 -83.98 -31.63
N GLU H 826 -8.89 -85.25 -32.04
CA GLU H 826 -10.08 -85.99 -32.46
C GLU H 826 -11.05 -86.15 -31.30
N SER H 827 -10.54 -86.50 -30.12
CA SER H 827 -11.40 -86.67 -28.96
C SER H 827 -12.10 -85.36 -28.59
N MET H 828 -11.32 -84.28 -28.44
CA MET H 828 -11.89 -82.99 -28.12
C MET H 828 -12.74 -82.41 -29.24
N ALA H 829 -12.51 -82.79 -30.50
CA ALA H 829 -13.34 -82.30 -31.58
C ALA H 829 -14.71 -82.97 -31.57
N LEU H 830 -14.76 -84.28 -31.36
CA LEU H 830 -16.05 -84.92 -31.18
C LEU H 830 -16.77 -84.35 -29.97
N GLN H 831 -16.04 -84.18 -28.86
CA GLN H 831 -16.67 -83.68 -27.64
C GLN H 831 -17.14 -82.24 -27.82
N LYS H 832 -16.40 -81.42 -28.56
CA LYS H 832 -16.83 -80.04 -28.80
C LYS H 832 -17.96 -79.97 -29.81
N TYR H 833 -18.00 -80.88 -30.77
CA TYR H 833 -19.15 -80.98 -31.66
C TYR H 833 -20.41 -81.21 -30.84
N GLU H 834 -20.38 -82.21 -29.95
CA GLU H 834 -21.54 -82.46 -29.09
C GLU H 834 -21.78 -81.31 -28.11
N GLU H 835 -20.71 -80.70 -27.59
CA GLU H 835 -20.85 -79.60 -26.66
C GLU H 835 -21.57 -78.42 -27.29
N MET H 836 -21.17 -78.06 -28.52
CA MET H 836 -21.84 -76.96 -29.20
C MET H 836 -23.24 -77.36 -29.62
N ASP H 837 -23.44 -78.63 -29.96
CA ASP H 837 -24.80 -79.12 -30.19
C ASP H 837 -25.69 -78.81 -28.99
N ASN H 838 -25.23 -79.16 -27.80
CA ASN H 838 -26.02 -78.90 -26.61
C ASN H 838 -26.17 -77.40 -26.36
N ARG H 839 -25.09 -76.64 -26.51
CA ARG H 839 -25.13 -75.21 -26.23
C ARG H 839 -26.02 -74.47 -27.23
N LEU H 840 -26.30 -75.05 -28.38
CA LEU H 840 -27.14 -74.40 -29.38
C LEU H 840 -28.58 -74.89 -29.36
N ASN H 841 -28.81 -76.19 -29.22
CA ASN H 841 -30.17 -76.70 -29.27
C ASN H 841 -31.00 -76.22 -28.08
N LYS H 842 -30.39 -76.08 -26.90
CA LYS H 842 -31.09 -75.69 -25.69
C LYS H 842 -30.94 -74.20 -25.39
N ASP H 843 -30.81 -73.37 -26.42
CA ASP H 843 -30.88 -71.93 -26.22
C ASP H 843 -32.17 -71.38 -26.82
N ALA H 844 -32.51 -70.16 -26.41
CA ALA H 844 -33.82 -69.61 -26.74
C ALA H 844 -34.05 -69.51 -28.24
N ARG H 845 -33.05 -69.05 -28.99
CA ARG H 845 -33.25 -68.81 -30.42
C ARG H 845 -33.59 -70.08 -31.20
N LEU H 846 -33.58 -71.25 -30.55
CA LEU H 846 -34.04 -72.49 -31.15
C LEU H 846 -34.87 -73.28 -30.15
N ALA H 847 -35.77 -72.58 -29.44
CA ALA H 847 -36.64 -73.25 -28.48
C ALA H 847 -37.65 -74.17 -29.15
N ALA H 848 -38.22 -73.74 -30.28
CA ALA H 848 -39.26 -74.52 -30.94
C ALA H 848 -38.78 -75.90 -31.34
N LEU H 849 -37.46 -76.08 -31.49
CA LEU H 849 -36.93 -77.41 -31.82
C LEU H 849 -37.38 -78.44 -30.79
N HIS H 850 -37.58 -78.02 -29.54
CA HIS H 850 -38.06 -78.94 -28.52
C HIS H 850 -39.42 -79.52 -28.89
N ARG H 851 -40.33 -78.68 -29.38
CA ARG H 851 -41.63 -79.18 -29.81
C ARG H 851 -41.51 -80.07 -31.03
N LYS H 852 -40.34 -80.08 -31.68
CA LYS H 852 -40.03 -81.03 -32.74
C LYS H 852 -39.21 -82.19 -32.19
N MET I 1 75.46 11.39 132.93
CA MET I 1 76.53 10.59 133.54
C MET I 1 76.48 10.72 135.06
N TYR I 2 77.27 11.65 135.60
CA TYR I 2 77.30 11.86 137.04
C TYR I 2 76.11 12.71 137.46
N ASP I 3 75.31 12.21 138.39
CA ASP I 3 74.14 12.92 138.87
C ASP I 3 74.50 13.69 140.14
N PRO I 4 74.47 15.02 140.12
CA PRO I 4 74.85 15.81 141.29
C PRO I 4 73.71 16.08 142.27
N ASN I 5 72.57 15.38 142.14
CA ASN I 5 71.44 15.61 143.02
C ASN I 5 70.83 14.30 143.47
N THR I 6 71.68 13.29 143.68
CA THR I 6 71.24 11.98 144.14
C THR I 6 71.51 11.83 145.63
N SER I 7 71.26 10.63 146.16
CA SER I 7 71.48 10.37 147.58
C SER I 7 72.97 10.35 147.89
N GLN I 8 73.27 10.48 149.19
CA GLN I 8 74.67 10.48 149.61
C GLN I 8 75.36 9.16 149.24
N THR I 9 74.68 8.03 149.46
CA THR I 9 75.23 6.76 149.01
C THR I 9 75.34 6.73 147.50
N GLU I 10 74.33 7.23 146.79
CA GLU I 10 74.41 7.33 145.34
C GLU I 10 75.52 8.28 144.92
N LYS I 11 75.70 9.37 145.65
CA LYS I 11 76.79 10.30 145.35
C LYS I 11 78.14 9.60 145.45
N GLN I 12 78.34 8.85 146.53
CA GLN I 12 79.61 8.14 146.71
C GLN I 12 79.81 7.08 145.63
N LYS I 13 78.74 6.35 145.29
CA LYS I 13 78.84 5.33 144.25
C LYS I 13 79.22 5.96 142.92
N GLN I 14 78.57 7.07 142.57
CA GLN I 14 78.87 7.75 141.32
C GLN I 14 80.30 8.27 141.31
N GLU I 15 80.76 8.84 142.43
CA GLU I 15 82.13 9.33 142.50
C GLU I 15 83.12 8.19 142.32
N GLU I 16 82.89 7.06 142.98
CA GLU I 16 83.78 5.92 142.85
C GLU I 16 83.80 5.39 141.42
N PHE I 17 82.63 5.29 140.79
CA PHE I 17 82.58 4.81 139.41
C PHE I 17 83.30 5.77 138.47
N LEU I 18 83.12 7.08 138.68
CA LEU I 18 83.82 8.06 137.85
C LEU I 18 85.33 7.98 138.05
N LYS I 19 85.78 7.77 139.29
CA LYS I 19 87.21 7.61 139.54
C LYS I 19 87.75 6.37 138.84
N LEU I 20 87.01 5.25 138.91
CA LEU I 20 87.44 4.04 138.22
C LEU I 20 87.50 4.24 136.72
N LYS I 21 86.50 4.93 136.17
CA LYS I 21 86.49 5.20 134.73
C LYS I 21 87.66 6.09 134.32
N ILE I 22 87.97 7.11 135.14
CA ILE I 22 89.12 7.97 134.86
C ILE I 22 90.41 7.15 134.92
N GLN I 23 90.52 6.26 135.90
CA GLN I 23 91.70 5.41 135.98
C GLN I 23 91.84 4.52 134.77
N GLU I 24 90.72 3.95 134.29
CA GLU I 24 90.76 3.11 133.10
C GLU I 24 91.19 3.91 131.89
N ALA I 25 90.65 5.11 131.72
CA ALA I 25 91.04 5.96 130.60
C ALA I 25 92.53 6.32 130.70
N PHE I 26 93.01 6.62 131.90
CA PHE I 26 94.42 6.92 132.10
C PHE I 26 95.29 5.73 131.71
N ASN I 27 94.88 4.52 132.11
CA ASN I 27 95.62 3.33 131.74
C ASN I 27 95.63 3.14 130.23
N LEU I 28 94.50 3.39 129.57
CA LEU I 28 94.46 3.29 128.12
C LEU I 28 95.47 4.20 127.46
N PHE I 29 95.78 5.34 128.09
CA PHE I 29 96.77 6.28 127.58
C PHE I 29 98.14 6.09 128.23
N VAL I 30 98.29 5.08 129.08
CA VAL I 30 99.58 4.81 129.73
C VAL I 30 100.44 4.00 128.78
N LYS I 31 101.65 4.50 128.51
CA LYS I 31 102.58 3.85 127.59
C LYS I 31 103.87 3.41 128.23
N ASP I 32 104.45 4.22 129.13
CA ASP I 32 105.74 3.92 129.75
C ASP I 32 105.61 3.59 131.22
N LYS I 33 104.98 4.47 132.02
CA LYS I 33 104.88 4.29 133.46
C LYS I 33 103.45 4.61 133.90
N LYS I 34 102.88 3.74 134.72
CA LYS I 34 101.54 3.98 135.24
C LYS I 34 101.53 5.21 136.14
N GLY I 35 100.53 6.06 135.96
CA GLY I 35 100.43 7.29 136.71
C GLY I 35 100.88 8.54 135.98
N ILE I 36 101.40 8.40 134.76
CA ILE I 36 101.82 9.54 133.95
C ILE I 36 101.29 9.35 132.54
N VAL I 37 100.69 10.40 131.98
CA VAL I 37 100.17 10.37 130.61
C VAL I 37 100.60 11.64 129.89
N ASP I 38 100.66 11.54 128.56
CA ASP I 38 101.08 12.68 127.75
C ASP I 38 100.12 13.85 127.90
N LYS I 39 100.66 15.07 127.86
CA LYS I 39 99.83 16.26 128.00
C LYS I 39 98.84 16.38 126.84
N ARG I 40 99.29 16.06 125.62
CA ARG I 40 98.41 16.20 124.46
C ARG I 40 97.16 15.32 124.59
N GLU I 41 97.24 14.24 125.36
CA GLU I 41 96.11 13.35 125.53
C GLU I 41 95.12 13.84 126.58
N ILE I 42 95.42 14.95 127.27
CA ILE I 42 94.52 15.43 128.31
C ILE I 42 93.12 15.72 127.78
N PRO I 43 92.94 16.56 126.75
CA PRO I 43 91.58 16.76 126.23
C PRO I 43 90.95 15.46 125.74
N TYR I 44 91.75 14.58 125.11
CA TYR I 44 91.19 13.37 124.53
C TYR I 44 90.47 12.54 125.59
N ILE I 45 91.12 12.33 126.74
CA ILE I 45 90.47 11.58 127.82
C ILE I 45 89.17 12.25 128.23
N MET I 46 89.16 13.58 128.29
CA MET I 46 87.95 14.28 128.69
C MET I 46 86.78 13.92 127.79
N ARG I 47 87.07 13.56 126.53
CA ARG I 47 86.00 13.26 125.59
C ARG I 47 85.35 11.92 125.88
N TYR I 48 86.04 11.05 126.62
CA TYR I 48 85.38 9.84 127.09
C TYR I 48 84.65 10.07 128.41
N LEU I 49 85.12 11.02 129.21
CA LEU I 49 84.45 11.39 130.44
C LEU I 49 83.24 12.28 130.19
N GLY I 50 82.85 12.49 128.93
CA GLY I 50 81.73 13.33 128.59
C GLY I 50 82.05 14.79 128.35
N GLN I 51 83.32 15.18 128.44
CA GLN I 51 83.71 16.57 128.26
C GLN I 51 84.32 16.78 126.87
N PHE I 52 83.89 17.85 126.19
CA PHE I 52 84.40 18.22 124.88
C PHE I 52 85.06 19.60 124.98
N PRO I 53 86.10 19.72 125.78
CA PRO I 53 86.74 21.04 125.96
C PRO I 53 87.39 21.53 124.68
N SER I 54 87.40 22.85 124.49
CA SER I 54 88.09 23.44 123.37
C SER I 54 89.59 23.48 123.62
N GLU I 55 90.36 23.60 122.53
CA GLU I 55 91.81 23.65 122.66
C GLU I 55 92.24 24.86 123.48
N ALA I 56 91.65 26.02 123.22
CA ALA I 56 91.99 27.21 123.98
C ALA I 56 91.63 27.05 125.46
N GLN I 57 90.46 26.47 125.74
CA GLN I 57 90.05 26.30 127.13
C GLN I 57 91.01 25.39 127.88
N VAL I 58 91.41 24.27 127.25
CA VAL I 58 92.33 23.35 127.91
C VAL I 58 93.69 23.99 128.08
N ARG I 59 94.17 24.71 127.07
CA ARG I 59 95.48 25.34 127.16
C ARG I 59 95.52 26.40 128.25
N ASP I 60 94.45 27.19 128.37
CA ASP I 60 94.45 28.31 129.31
C ASP I 60 94.13 27.87 130.73
N ALA I 61 93.15 26.98 130.89
CA ALA I 61 92.68 26.57 132.20
C ALA I 61 93.07 25.15 132.58
N ILE I 62 92.79 24.18 131.71
CA ILE I 62 93.03 22.78 132.05
C ILE I 62 94.51 22.53 132.28
N LEU I 63 95.36 22.98 131.35
CA LEU I 63 96.79 22.71 131.45
C LEU I 63 97.41 23.35 132.69
N PRO I 64 97.22 24.65 132.95
CA PRO I 64 97.82 25.23 134.16
C PRO I 64 97.36 24.56 135.44
N GLU I 65 96.09 24.16 135.51
CA GLU I 65 95.58 23.52 136.72
C GLU I 65 96.19 22.13 136.90
N ILE I 66 96.20 21.33 135.82
CA ILE I 66 96.77 19.99 135.92
C ILE I 66 98.28 20.05 136.15
N GLU I 67 98.95 21.03 135.57
CA GLU I 67 100.40 21.15 135.72
C GLU I 67 100.76 21.39 137.18
N GLU I 68 101.89 20.82 137.59
CA GLU I 68 102.39 20.98 138.94
C GLU I 68 103.07 22.34 139.08
N ASP I 69 103.80 22.53 140.18
CA ASP I 69 104.49 23.80 140.40
C ASP I 69 105.37 24.18 139.21
N GLU I 70 105.99 23.18 138.58
CA GLU I 70 106.81 23.42 137.40
C GLU I 70 106.17 22.78 136.17
N PRO I 71 106.38 23.36 134.98
CA PRO I 71 105.79 22.79 133.77
C PRO I 71 106.43 21.44 133.44
N SER I 72 105.58 20.43 133.25
CA SER I 72 106.02 19.08 132.94
C SER I 72 105.33 18.59 131.68
N GLU I 73 106.06 17.84 130.85
CA GLU I 73 105.48 17.29 129.63
C GLU I 73 104.51 16.16 129.90
N PHE I 74 104.55 15.57 131.09
CA PHE I 74 103.68 14.46 131.46
C PHE I 74 102.85 14.85 132.68
N ILE I 75 101.58 14.47 132.65
CA ILE I 75 100.64 14.74 133.74
C ILE I 75 100.53 13.48 134.59
N LYS I 76 100.75 13.62 135.89
CA LYS I 76 100.65 12.50 136.80
C LYS I 76 99.19 12.16 137.09
N TYR I 77 98.93 10.88 137.38
CA TYR I 77 97.58 10.46 137.71
C TYR I 77 97.09 11.11 139.00
N SER I 78 98.00 11.43 139.93
CA SER I 78 97.60 12.04 141.19
C SER I 78 96.94 13.39 140.96
N LYS I 79 97.48 14.20 140.06
CA LYS I 79 96.88 15.49 139.71
C LYS I 79 95.83 15.39 138.62
N PHE I 80 95.68 14.22 138.00
CA PHE I 80 94.73 14.03 136.90
C PHE I 80 93.38 13.53 137.40
N GLU I 81 93.38 12.54 138.29
CA GLU I 81 92.13 11.97 138.77
C GLU I 81 91.26 12.98 139.51
N PRO I 82 91.77 13.77 140.46
CA PRO I 82 90.91 14.70 141.19
C PRO I 82 90.35 15.79 140.30
N TYR I 83 91.20 16.40 139.47
CA TYR I 83 90.75 17.43 138.57
C TYR I 83 89.71 16.88 137.60
N MET I 84 89.93 15.67 137.08
CA MET I 84 88.95 15.05 136.21
C MET I 84 87.63 14.83 136.93
N LEU I 85 87.69 14.39 138.19
CA LEU I 85 86.47 14.13 138.95
C LEU I 85 85.67 15.40 139.13
N LYS I 86 86.33 16.48 139.58
CA LYS I 86 85.61 17.74 139.77
C LYS I 86 85.08 18.29 138.44
N VAL I 87 85.86 18.19 137.37
CA VAL I 87 85.40 18.68 136.07
C VAL I 87 84.15 17.92 135.64
N LEU I 88 84.16 16.59 135.80
CA LEU I 88 83.01 15.79 135.39
C LEU I 88 81.80 16.09 136.27
N LYS I 89 82.01 16.27 137.58
CA LYS I 89 80.90 16.62 138.46
C LYS I 89 80.29 17.95 138.06
N GLU I 90 81.12 18.93 137.71
CA GLU I 90 80.63 20.23 137.30
C GLU I 90 80.15 20.27 135.86
N ARG I 91 80.46 19.24 135.06
CA ARG I 91 80.04 19.20 133.66
C ARG I 91 80.48 20.45 132.91
N GLU I 92 81.71 20.89 133.17
CA GLU I 92 82.20 22.15 132.62
C GLU I 92 82.29 22.10 131.10
N TYR I 93 82.87 21.02 130.55
CA TYR I 93 83.15 20.92 129.13
C TYR I 93 82.21 19.93 128.43
N GLU I 94 80.98 19.79 128.92
CA GLU I 94 80.03 18.91 128.27
C GLU I 94 79.68 19.44 126.88
N PRO I 95 79.42 18.55 125.93
CA PRO I 95 78.98 19.03 124.61
C PRO I 95 77.67 19.81 124.74
N ASP I 96 77.54 20.85 123.92
CA ASP I 96 76.37 21.71 123.98
C ASP I 96 75.12 20.95 123.56
N ASP I 97 73.97 21.59 123.72
CA ASP I 97 72.72 20.98 123.32
C ASP I 97 72.73 20.72 121.81
N PRO I 98 72.28 19.55 121.36
CA PRO I 98 72.20 19.31 119.91
C PRO I 98 71.40 20.38 119.18
N GLU I 99 70.40 20.97 119.84
CA GLU I 99 69.70 22.11 119.25
C GLU I 99 70.66 23.24 118.94
N ALA I 100 71.68 23.44 119.79
CA ALA I 100 72.69 24.46 119.52
C ALA I 100 73.46 24.14 118.25
N LEU I 101 73.84 22.88 118.05
CA LEU I 101 74.54 22.49 116.83
C LEU I 101 73.66 22.69 115.61
N LEU I 102 72.37 22.34 115.71
CA LEU I 102 71.45 22.56 114.61
C LEU I 102 71.32 24.04 114.28
N ALA I 103 71.23 24.88 115.30
CA ALA I 103 71.16 26.32 115.08
C ALA I 103 72.42 26.84 114.41
N ALA I 104 73.59 26.36 114.86
CA ALA I 104 74.83 26.78 114.24
C ALA I 104 74.88 26.37 112.77
N PHE I 105 74.48 25.13 112.46
CA PHE I 105 74.51 24.68 111.08
C PHE I 105 73.53 25.45 110.22
N LYS I 106 72.32 25.74 110.73
CA LYS I 106 71.37 26.54 109.97
C LYS I 106 71.87 27.95 109.76
N LEU I 107 72.60 28.50 110.74
CA LEU I 107 73.25 29.79 110.55
C LEU I 107 74.27 29.71 109.43
N LEU I 108 75.03 28.62 109.39
CA LEU I 108 75.97 28.43 108.28
C LEU I 108 75.23 28.34 106.94
N ASP I 109 74.09 27.65 106.92
CA ASP I 109 73.28 27.52 105.70
C ASP I 109 72.37 28.74 105.62
N GLN I 110 72.86 29.79 104.93
CA GLN I 110 72.12 31.05 104.88
C GLN I 110 70.76 30.87 104.23
N GLU I 111 70.70 30.12 103.13
CA GLU I 111 69.44 29.92 102.41
C GLU I 111 68.52 28.91 103.08
N GLY I 112 68.99 28.20 104.11
CA GLY I 112 68.15 27.23 104.77
C GLY I 112 67.70 26.10 103.86
N LYS I 113 68.60 25.62 103.00
CA LYS I 113 68.29 24.52 102.10
C LYS I 113 68.53 23.15 102.72
N GLY I 114 69.02 23.10 103.96
CA GLY I 114 69.27 21.84 104.64
C GLY I 114 70.60 21.19 104.33
N TYR I 115 71.46 21.84 103.55
CA TYR I 115 72.76 21.28 103.22
C TYR I 115 73.80 22.38 103.16
N ILE I 116 75.06 21.97 103.31
CA ILE I 116 76.20 22.87 103.25
C ILE I 116 77.24 22.27 102.31
N GLU I 117 77.83 23.11 101.48
CA GLU I 117 78.85 22.64 100.55
C GLU I 117 80.11 22.21 101.30
N ILE I 118 80.78 21.19 100.76
CA ILE I 118 82.01 20.70 101.39
C ILE I 118 83.08 21.79 101.42
N ASP I 119 83.23 22.50 100.31
CA ASP I 119 84.22 23.58 100.26
C ASP I 119 83.88 24.68 101.26
N MET I 120 82.60 25.02 101.39
CA MET I 120 82.19 26.03 102.35
C MET I 120 82.54 25.61 103.77
N MET I 121 82.25 24.36 104.12
CA MET I 121 82.58 23.86 105.46
C MET I 121 84.08 23.87 105.68
N LYS I 122 84.85 23.45 104.68
CA LYS I 122 86.31 23.46 104.80
C LYS I 122 86.82 24.87 105.04
N THR I 123 86.32 25.84 104.27
CA THR I 123 86.76 27.22 104.45
C THR I 123 86.39 27.74 105.83
N PHE I 124 85.17 27.45 106.29
CA PHE I 124 84.76 27.90 107.61
C PHE I 124 85.63 27.31 108.70
N LEU I 125 85.94 26.02 108.60
CA LEU I 125 86.73 25.34 109.64
C LEU I 125 88.21 25.67 109.57
N GLU I 126 88.72 26.10 108.42
CA GLU I 126 90.15 26.35 108.27
C GLU I 126 90.52 27.82 108.24
N LYS I 127 89.55 28.74 108.17
CA LYS I 127 89.85 30.17 108.13
C LYS I 127 89.25 30.97 109.27
N GLN I 128 88.20 30.48 109.92
CA GLN I 128 87.57 31.18 111.04
C GLN I 128 87.70 30.35 112.31
N GLY I 129 87.89 31.04 113.43
CA GLY I 129 88.07 30.35 114.69
C GLY I 129 89.40 29.61 114.74
N ILE I 130 89.42 28.57 115.58
CA ILE I 130 90.60 27.73 115.73
C ILE I 130 90.63 26.79 114.53
N GLU I 131 91.52 27.09 113.57
CA GLU I 131 91.55 26.34 112.33
C GLU I 131 91.91 24.88 112.58
N PHE I 132 91.19 23.98 111.91
CA PHE I 132 91.46 22.56 111.98
C PHE I 132 92.69 22.19 111.14
N ARG I 133 93.27 21.05 111.46
CA ARG I 133 94.31 20.47 110.62
C ARG I 133 93.69 19.73 109.44
N GLU I 134 94.56 19.32 108.50
CA GLU I 134 94.06 18.65 107.30
C GLU I 134 93.35 17.35 107.65
N GLN I 135 93.92 16.56 108.56
CA GLN I 135 93.30 15.29 108.92
C GLN I 135 91.97 15.51 109.64
N GLU I 136 91.88 16.55 110.47
CA GLU I 136 90.62 16.88 111.12
C GLU I 136 89.52 17.13 110.09
N THR I 137 89.82 18.00 109.12
CA THR I 137 88.84 18.32 108.09
C THR I 137 88.49 17.09 107.24
N LYS I 138 89.50 16.29 106.91
CA LYS I 138 89.24 15.09 106.12
C LYS I 138 88.30 14.14 106.85
N SER I 139 88.57 13.90 108.14
CA SER I 139 87.70 13.02 108.92
C SER I 139 86.29 13.60 109.04
N PHE I 140 86.19 14.90 109.31
CA PHE I 140 84.88 15.53 109.44
C PHE I 140 84.08 15.40 108.14
N ILE I 141 84.73 15.63 107.00
CA ILE I 141 84.03 15.52 105.72
C ILE I 141 83.63 14.07 105.45
N GLU I 142 84.53 13.13 105.74
CA GLU I 142 84.22 11.73 105.47
C GLU I 142 83.04 11.24 106.30
N PHE I 143 83.01 11.63 107.59
CA PHE I 143 82.01 11.04 108.49
C PHE I 143 80.70 11.82 108.45
N ALA I 144 80.76 13.12 108.17
CA ALA I 144 79.54 13.88 107.92
C ALA I 144 78.83 13.35 106.67
N THR I 145 79.60 13.00 105.65
CA THR I 145 79.08 12.42 104.42
C THR I 145 78.98 10.91 104.47
N ASN I 146 78.84 10.32 105.67
CA ASN I 146 78.73 8.89 105.88
C ASN I 146 79.75 8.11 105.04
N LYS I 147 80.97 8.63 104.94
CA LYS I 147 82.04 7.99 104.18
C LYS I 147 81.64 7.82 102.71
N ASP I 148 80.94 8.82 102.17
CA ASP I 148 80.52 8.78 100.78
C ASP I 148 81.58 9.46 99.92
N PRO I 149 82.23 8.75 98.99
CA PRO I 149 83.23 9.42 98.15
C PRO I 149 82.63 10.32 97.09
N ASN I 150 81.38 10.07 96.68
CA ASN I 150 80.72 10.86 95.65
C ASN I 150 79.87 12.00 96.23
N ALA I 151 79.84 12.15 97.56
CA ALA I 151 79.04 13.20 98.16
C ALA I 151 79.59 14.57 97.79
N THR I 152 78.68 15.49 97.44
CA THR I 152 79.05 16.86 97.11
C THR I 152 78.64 17.88 98.17
N VAL I 153 77.59 17.59 98.94
CA VAL I 153 77.14 18.46 100.01
C VAL I 153 76.84 17.59 101.23
N ILE I 154 76.82 18.23 102.39
CA ILE I 154 76.59 17.56 103.67
C ILE I 154 75.27 18.07 104.23
N TYR I 155 74.34 17.15 104.49
CA TYR I 155 73.08 17.49 105.15
C TYR I 155 73.33 17.55 106.66
N TYR I 156 73.16 18.74 107.25
CA TYR I 156 73.53 18.91 108.65
C TYR I 156 72.62 18.14 109.59
N GLU I 157 71.34 18.01 109.25
CA GLU I 157 70.39 17.39 110.18
C GLU I 157 70.76 15.93 110.45
N ASP I 158 70.92 15.14 109.38
CA ASP I 158 71.20 13.72 109.57
C ASP I 158 72.60 13.49 110.12
N TYR I 159 73.57 14.31 109.72
CA TYR I 159 74.91 14.20 110.29
C TYR I 159 74.89 14.47 111.78
N ILE I 160 74.16 15.50 112.21
CA ILE I 160 74.05 15.80 113.64
C ILE I 160 73.35 14.66 114.36
N SER I 161 72.29 14.12 113.77
CA SER I 161 71.58 13.00 114.41
C SER I 161 72.51 11.81 114.58
N ARG I 162 73.28 11.48 113.54
CA ARG I 162 74.19 10.34 113.62
C ARG I 162 75.29 10.59 114.65
N LEU I 163 75.85 11.80 114.68
CA LEU I 163 76.89 12.09 115.66
C LEU I 163 76.34 12.02 117.08
N GLN I 164 75.13 12.53 117.31
CA GLN I 164 74.54 12.46 118.64
C GLN I 164 74.25 11.02 119.04
N ALA I 165 73.75 10.21 118.11
CA ALA I 165 73.50 8.80 118.43
C ALA I 165 74.80 8.08 118.76
N PHE I 166 75.86 8.33 117.99
CA PHE I 166 77.15 7.72 118.26
C PHE I 166 77.68 8.16 119.62
N THR I 167 77.55 9.45 119.94
CA THR I 167 78.01 9.94 121.24
C THR I 167 77.23 9.29 122.38
N ASP I 168 75.91 9.16 122.23
CA ASP I 168 75.12 8.52 123.27
C ASP I 168 75.51 7.06 123.45
N LYS I 169 75.71 6.34 122.34
CA LYS I 169 76.13 4.95 122.44
C LYS I 169 77.49 4.83 123.11
N HIS I 170 78.42 5.71 122.75
CA HIS I 170 79.74 5.69 123.37
C HIS I 170 79.66 5.97 124.86
N ILE I 171 78.86 6.96 125.25
CA ILE I 171 78.72 7.30 126.67
C ILE I 171 78.13 6.14 127.44
N GLU I 172 77.08 5.51 126.91
CA GLU I 172 76.48 4.37 127.59
C GLU I 172 77.47 3.22 127.70
N SER I 173 78.23 2.95 126.65
CA SER I 173 79.23 1.88 126.71
C SER I 173 80.30 2.17 127.74
N VAL I 174 80.79 3.41 127.80
CA VAL I 174 81.81 3.75 128.79
C VAL I 174 81.23 3.73 130.19
N MET I 175 79.96 4.10 130.34
CA MET I 175 79.28 4.03 131.63
C MET I 175 78.87 2.61 132.01
N LYS I 176 79.06 1.65 131.11
CA LYS I 176 78.59 0.29 131.37
C LYS I 176 79.18 -0.24 132.67
N GLY I 177 78.33 -0.89 133.48
CA GLY I 177 78.74 -1.46 134.73
C GLY I 177 78.44 -0.63 135.96
N TYR I 178 77.88 0.57 135.80
CA TYR I 178 77.59 1.39 136.97
C TYR I 178 76.54 0.75 137.87
N ASN I 179 75.56 0.07 137.26
CA ASN I 179 74.57 -0.65 138.06
C ASN I 179 75.22 -1.72 138.92
N ASN I 180 76.15 -2.49 138.35
CA ASN I 180 76.83 -3.54 139.08
C ASN I 180 77.97 -3.02 139.95
N PHE I 181 78.42 -1.79 139.72
CA PHE I 181 79.50 -1.23 140.53
C PHE I 181 78.98 -0.86 141.92
N GLN I 182 79.80 -1.11 142.93
CA GLN I 182 79.44 -0.83 144.32
C GLN I 182 80.55 -0.05 145.00
N VAL I 183 80.16 0.76 145.99
CA VAL I 183 81.12 1.58 146.71
C VAL I 183 82.08 0.69 147.48
N LYS I 184 83.37 0.97 147.35
CA LYS I 184 84.40 0.21 148.07
C LYS I 184 84.56 0.75 149.48
N LYS I 185 84.55 -0.15 150.45
CA LYS I 185 84.69 0.23 151.85
C LYS I 185 86.12 0.04 152.34
N MET J 1 72.60 -94.10 -199.33
CA MET J 1 73.56 -94.84 -198.52
C MET J 1 74.47 -95.71 -199.38
N ASN J 2 75.65 -96.00 -198.86
CA ASN J 2 76.64 -96.78 -199.61
C ASN J 2 76.13 -98.19 -199.85
N GLN J 3 76.41 -98.72 -201.05
CA GLN J 3 75.91 -100.04 -201.41
C GLN J 3 76.55 -101.13 -200.54
N ILE J 4 77.82 -100.95 -200.15
CA ILE J 4 78.46 -101.93 -199.29
C ILE J 4 77.77 -102.00 -197.93
N ASP J 5 77.46 -100.84 -197.35
CA ASP J 5 76.78 -100.83 -196.05
C ASP J 5 75.39 -101.44 -196.15
N ALA J 6 74.66 -101.14 -197.22
CA ALA J 6 73.34 -101.72 -197.41
C ALA J 6 73.43 -103.23 -197.57
N HIS J 7 74.42 -103.71 -198.32
CA HIS J 7 74.62 -105.14 -198.49
C HIS J 7 74.94 -105.81 -197.16
N LYS J 8 75.79 -105.17 -196.34
CA LYS J 8 76.11 -105.73 -195.03
C LYS J 8 74.87 -105.79 -194.14
N LEU J 9 74.05 -104.74 -194.16
CA LEU J 9 72.82 -104.74 -193.38
C LEU J 9 71.87 -105.85 -193.84
N THR J 10 71.74 -106.02 -195.16
CA THR J 10 70.90 -107.09 -195.68
C THR J 10 71.45 -108.46 -195.27
N ILE J 11 72.77 -108.62 -195.29
CA ILE J 11 73.39 -109.88 -194.88
C ILE J 11 73.10 -110.15 -193.41
N ILE J 12 73.19 -109.13 -192.56
CA ILE J 12 72.88 -109.31 -191.14
C ILE J 12 71.43 -109.72 -190.96
N LEU J 13 70.51 -109.05 -191.67
CA LEU J 13 69.11 -109.40 -191.55
C LEU J 13 68.83 -110.82 -192.03
N ARG J 14 69.47 -111.24 -193.13
CA ARG J 14 69.27 -112.60 -193.61
C ARG J 14 69.89 -113.61 -192.65
N ASP J 15 70.98 -113.24 -191.99
CA ASP J 15 71.56 -114.12 -190.97
C ASP J 15 70.61 -114.29 -189.80
N ALA J 16 69.96 -113.21 -189.37
CA ALA J 16 68.95 -113.33 -188.31
C ALA J 16 67.79 -114.20 -188.77
N THR J 17 67.35 -114.03 -190.02
CA THR J 17 66.29 -114.88 -190.55
C THR J 17 66.71 -116.34 -190.58
N GLU J 18 67.97 -116.61 -190.94
CA GLU J 18 68.47 -117.98 -190.99
C GLU J 18 68.56 -118.57 -189.58
N ARG J 19 68.93 -117.75 -188.59
CA ARG J 19 68.89 -118.20 -187.20
C ARG J 19 67.48 -118.59 -186.80
N LEU J 20 66.50 -117.77 -187.17
CA LEU J 20 65.10 -118.10 -186.86
C LEU J 20 64.69 -119.40 -187.56
N THR J 21 65.10 -119.58 -188.81
CA THR J 21 64.77 -120.78 -189.55
C THR J 21 65.39 -122.02 -188.89
N PHE J 22 66.64 -121.91 -188.44
CA PHE J 22 67.28 -123.02 -187.74
C PHE J 22 66.56 -123.33 -186.44
N LEU J 23 66.16 -122.30 -185.70
CA LEU J 23 65.43 -122.53 -184.46
C LEU J 23 64.12 -123.25 -184.73
N ASP J 24 63.39 -122.82 -185.76
CA ASP J 24 62.14 -123.49 -186.12
C ASP J 24 62.38 -124.94 -186.53
N THR J 25 63.42 -125.17 -187.33
CA THR J 25 63.73 -126.54 -187.76
C THR J 25 64.06 -127.43 -186.57
N ILE J 26 64.84 -126.92 -185.61
CA ILE J 26 65.15 -127.70 -184.42
C ILE J 26 63.88 -127.98 -183.63
N ASN J 27 63.00 -126.98 -183.52
CA ASN J 27 61.71 -127.19 -182.85
C ASN J 27 60.78 -128.10 -183.64
N ARG J 28 61.12 -128.40 -184.90
CA ARG J 28 60.23 -129.18 -185.76
C ARG J 28 60.00 -130.57 -185.20
N GLN J 29 61.09 -131.29 -184.88
CA GLN J 29 61.02 -132.72 -184.61
C GLN J 29 60.10 -133.05 -183.45
N ASP J 30 60.48 -132.65 -182.24
CA ASP J 30 59.64 -132.85 -181.06
C ASP J 30 59.63 -131.67 -180.11
N ASP J 31 60.37 -130.59 -180.40
CA ASP J 31 60.39 -129.45 -179.50
C ASP J 31 59.01 -128.84 -179.30
N LEU J 32 58.08 -129.10 -180.23
CA LEU J 32 56.69 -128.71 -180.00
C LEU J 32 56.13 -129.34 -178.73
N SER J 33 56.68 -130.47 -178.31
CA SER J 33 56.25 -131.10 -177.07
C SER J 33 56.53 -130.19 -175.88
N SER J 34 56.00 -130.57 -174.72
CA SER J 34 56.20 -129.82 -173.50
C SER J 34 57.62 -129.91 -172.97
N GLU J 35 58.54 -130.54 -173.71
CA GLU J 35 59.89 -130.73 -173.22
C GLU J 35 60.59 -129.38 -173.02
N LEU J 36 60.31 -128.40 -173.87
CA LEU J 36 60.92 -127.07 -173.71
C LEU J 36 60.31 -126.32 -172.55
N ALA J 37 58.98 -126.37 -172.42
CA ALA J 37 58.33 -125.77 -171.26
C ALA J 37 58.79 -126.48 -169.98
N GLY J 38 58.90 -127.80 -170.03
CA GLY J 38 59.45 -128.52 -168.90
C GLY J 38 60.87 -128.12 -168.57
N TYR J 39 61.68 -127.84 -169.59
CA TYR J 39 63.05 -127.41 -169.36
C TYR J 39 63.11 -126.04 -168.71
N GLU J 40 62.26 -125.11 -169.15
CA GLU J 40 62.21 -123.80 -168.50
C GLU J 40 61.73 -123.94 -167.06
N ILE J 41 60.72 -124.77 -166.83
CA ILE J 41 60.24 -125.01 -165.47
C ILE J 41 61.35 -125.60 -164.62
N SER J 42 62.14 -126.51 -165.19
CA SER J 42 63.23 -127.13 -164.45
C SER J 42 64.33 -126.13 -164.14
N LYS J 43 64.63 -125.21 -165.06
CA LYS J 43 65.62 -124.18 -164.76
C LYS J 43 65.15 -123.26 -163.64
N LEU J 44 63.88 -122.84 -163.69
CA LEU J 44 63.34 -122.02 -162.61
C LEU J 44 63.35 -122.77 -161.29
N LEU J 45 63.00 -124.06 -161.32
CA LEU J 45 63.02 -124.87 -160.11
C LEU J 45 64.44 -125.09 -159.61
N LYS J 46 65.43 -125.09 -160.51
CA LYS J 46 66.82 -125.20 -160.09
C LYS J 46 67.29 -123.92 -159.41
N LYS J 47 66.86 -122.77 -159.93
CA LYS J 47 67.12 -121.51 -159.24
C LYS J 47 66.48 -121.51 -157.85
N GLN J 48 65.23 -121.99 -157.76
CA GLN J 48 64.58 -122.10 -156.46
C GLN J 48 65.32 -123.06 -155.55
N LYS J 49 65.83 -124.16 -156.10
CA LYS J 49 66.58 -125.13 -155.33
C LYS J 49 67.86 -124.53 -154.79
N ASN J 50 68.55 -123.73 -155.61
CA ASN J 50 69.75 -123.05 -155.14
C ASN J 50 69.42 -122.09 -154.01
N LEU J 51 68.33 -121.34 -154.15
CA LEU J 51 67.91 -120.44 -153.07
C LEU J 51 67.61 -121.22 -151.80
N GLU J 52 66.89 -122.33 -151.92
CA GLU J 52 66.57 -123.14 -150.76
C GLU J 52 67.82 -123.73 -150.12
N ASN J 53 68.78 -124.16 -150.93
CA ASN J 53 70.02 -124.70 -150.40
C ASN J 53 70.80 -123.64 -149.63
N GLN J 54 70.89 -122.43 -150.18
CA GLN J 54 71.56 -121.35 -149.48
C GLN J 54 70.84 -121.02 -148.17
N TYR J 55 69.51 -120.97 -148.20
CA TYR J 55 68.75 -120.71 -146.99
C TYR J 55 68.98 -121.77 -145.93
N ALA J 56 68.97 -123.04 -146.33
CA ALA J 56 69.19 -124.13 -145.39
C ALA J 56 70.60 -124.09 -144.82
N ASP J 57 71.59 -123.79 -145.66
CA ASP J 57 72.96 -123.68 -145.17
C ASP J 57 73.08 -122.55 -144.15
N LEU J 58 72.45 -121.40 -144.43
CA LEU J 58 72.47 -120.29 -143.49
C LEU J 58 71.78 -120.67 -142.18
N VAL J 59 70.65 -121.38 -142.26
CA VAL J 59 69.95 -121.80 -141.05
C VAL J 59 70.80 -122.76 -140.24
N GLN J 60 71.47 -123.70 -140.92
CA GLN J 60 72.34 -124.63 -140.22
C GLN J 60 73.50 -123.90 -139.54
N LEU J 61 74.09 -122.93 -140.24
CA LEU J 61 75.16 -122.13 -139.63
C LEU J 61 74.66 -121.39 -138.40
N ARG J 62 73.47 -120.76 -138.51
CA ARG J 62 72.91 -120.04 -137.37
C ARG J 62 72.68 -120.98 -136.19
N THR J 63 72.14 -122.17 -136.46
CA THR J 63 71.93 -123.13 -135.38
C THR J 63 73.25 -123.55 -134.75
N SER J 64 74.29 -123.73 -135.56
CA SER J 64 75.61 -124.09 -135.07
C SER J 64 76.47 -122.89 -134.69
N LEU J 65 76.03 -121.67 -135.00
CA LEU J 65 76.79 -120.46 -134.67
C LEU J 65 76.49 -120.00 -133.24
N THR J 66 76.87 -120.85 -132.29
CA THR J 66 76.70 -120.54 -130.87
C THR J 66 77.96 -119.84 -130.37
N GLY J 67 77.88 -118.53 -130.18
CA GLY J 67 79.03 -117.75 -129.76
C GLY J 67 78.74 -116.28 -129.60
N ILE J 68 79.27 -115.66 -128.55
CA ILE J 68 79.03 -114.25 -128.29
C ILE J 68 79.74 -113.38 -129.32
N GLN J 69 81.01 -113.69 -129.61
CA GLN J 69 81.80 -112.85 -130.49
C GLN J 69 81.29 -112.87 -131.93
N ASN J 70 80.44 -113.82 -132.28
CA ASN J 70 79.97 -113.98 -133.65
C ASN J 70 78.60 -113.36 -133.89
N LYS J 71 78.09 -112.56 -132.96
CA LYS J 71 76.74 -112.00 -133.11
C LYS J 71 76.62 -111.21 -134.40
N LYS J 72 77.68 -110.51 -134.80
CA LYS J 72 77.67 -109.80 -136.07
C LYS J 72 77.53 -110.77 -137.24
N ASN J 73 78.25 -111.90 -137.16
CA ASN J 73 78.12 -112.93 -138.19
C ASN J 73 76.71 -113.49 -138.23
N LEU J 74 76.11 -113.69 -137.05
CA LEU J 74 74.75 -114.17 -136.98
C LEU J 74 73.77 -113.18 -137.62
N ILE J 75 74.00 -111.89 -137.39
CA ILE J 75 73.14 -110.86 -138.00
C ILE J 75 73.29 -110.88 -139.51
N GLU J 76 74.53 -111.01 -139.99
CA GLU J 76 74.76 -111.10 -141.43
C GLU J 76 74.06 -112.31 -142.02
N THR J 77 74.14 -113.46 -141.33
CA THR J 77 73.47 -114.66 -141.79
C THR J 77 71.96 -114.46 -141.82
N GLN J 78 71.42 -113.78 -140.82
CA GLN J 78 69.99 -113.50 -140.79
C GLN J 78 69.58 -112.63 -141.98
N THR J 79 70.39 -111.62 -142.29
CA THR J 79 70.11 -110.77 -143.44
C THR J 79 70.14 -111.58 -144.74
N LYS J 80 71.14 -112.46 -144.87
CA LYS J 80 71.22 -113.31 -146.06
C LYS J 80 70.01 -114.23 -146.15
N ILE J 81 69.56 -114.75 -145.01
CA ILE J 81 68.39 -115.62 -144.94
C ILE J 81 67.16 -114.83 -145.39
N VAL J 82 67.05 -113.58 -144.96
CA VAL J 82 65.92 -112.74 -145.36
C VAL J 82 65.92 -112.54 -146.87
N ASP J 83 67.10 -112.25 -147.43
CA ASP J 83 67.20 -112.07 -148.87
C ASP J 83 66.82 -113.36 -149.61
N VAL J 84 67.29 -114.50 -149.11
CA VAL J 84 66.98 -115.78 -149.74
C VAL J 84 65.48 -116.05 -149.68
N ALA J 85 64.85 -115.74 -148.55
CA ALA J 85 63.41 -115.95 -148.41
C ALA J 85 62.63 -115.08 -149.39
N GLN J 86 63.05 -113.81 -149.53
CA GLN J 86 62.40 -112.94 -150.50
C GLN J 86 62.56 -113.47 -151.91
N ASN J 87 63.76 -113.97 -152.23
CA ASN J 87 64.00 -114.56 -153.54
C ASN J 87 63.10 -115.77 -153.77
N LEU J 88 62.94 -116.61 -152.74
CA LEU J 88 62.07 -117.78 -152.84
C LEU J 88 60.63 -117.38 -153.09
N LYS J 89 60.16 -116.35 -152.37
CA LYS J 89 58.79 -115.89 -152.56
C LYS J 89 58.59 -115.36 -153.97
N GLU J 90 59.55 -114.59 -154.47
CA GLU J 90 59.44 -114.06 -155.83
C GLU J 90 59.45 -115.19 -156.86
N SER J 91 60.31 -116.19 -156.66
CA SER J 91 60.37 -117.32 -157.58
C SER J 91 59.06 -118.11 -157.57
N THR J 92 58.48 -118.29 -156.38
CA THR J 92 57.19 -118.96 -156.29
C THR J 92 56.12 -118.17 -157.02
N LYS J 93 56.14 -116.83 -156.89
CA LYS J 93 55.22 -115.99 -157.61
C LYS J 93 55.35 -116.18 -159.12
N LYS J 94 56.59 -116.16 -159.61
CA LYS J 94 56.83 -116.32 -161.04
C LYS J 94 56.37 -117.68 -161.53
N LEU J 95 56.66 -118.74 -160.77
CA LEU J 95 56.29 -120.08 -161.17
C LEU J 95 54.78 -120.26 -161.19
N CYS J 96 54.09 -119.68 -160.19
CA CYS J 96 52.63 -119.72 -160.19
C CYS J 96 52.06 -118.95 -161.37
N ARG J 97 52.69 -117.82 -161.72
CA ARG J 97 52.26 -117.06 -162.89
C ARG J 97 52.42 -117.90 -164.15
N LEU J 98 53.52 -118.64 -164.25
CA LEU J 98 53.68 -119.59 -165.35
C LEU J 98 52.57 -120.62 -165.37
N PHE J 99 52.25 -121.20 -164.22
CA PHE J 99 51.31 -122.32 -164.18
C PHE J 99 49.86 -121.88 -164.37
N LYS J 100 49.53 -120.62 -164.08
CA LYS J 100 48.13 -120.20 -164.13
C LYS J 100 47.74 -119.71 -165.52
N GLU J 101 48.47 -118.74 -166.06
CA GLU J 101 48.07 -118.06 -167.29
C GLU J 101 48.56 -118.76 -168.55
N ASN J 102 49.23 -119.90 -168.43
CA ASN J 102 49.64 -120.65 -169.60
C ASN J 102 49.01 -122.03 -169.59
N PRO J 103 47.69 -122.14 -169.37
CA PRO J 103 47.06 -123.47 -169.30
C PRO J 103 47.15 -124.24 -170.62
N ASP J 104 47.11 -123.55 -171.75
CA ASP J 104 47.14 -124.19 -173.07
C ASP J 104 48.55 -124.04 -173.64
N LEU J 105 49.37 -125.07 -173.43
CA LEU J 105 50.71 -125.08 -174.03
C LEU J 105 50.63 -125.09 -175.55
N GLU J 106 49.68 -125.84 -176.11
CA GLU J 106 49.56 -125.94 -177.56
C GLU J 106 49.24 -124.57 -178.17
N SER J 107 48.24 -123.88 -177.62
CA SER J 107 47.87 -122.57 -178.16
C SER J 107 49.00 -121.57 -178.00
N ASP J 108 49.67 -121.59 -176.85
CA ASP J 108 50.77 -120.66 -176.61
C ASP J 108 51.90 -120.89 -177.60
N ALA J 109 52.26 -122.16 -177.84
CA ALA J 109 53.31 -122.47 -178.82
C ALA J 109 52.88 -122.05 -180.22
N LEU J 110 51.61 -122.28 -180.57
CA LEU J 110 51.12 -121.86 -181.88
C LEU J 110 51.23 -120.36 -182.05
N LYS J 111 50.86 -119.59 -181.02
CA LYS J 111 50.97 -118.14 -181.10
C LYS J 111 52.42 -117.70 -181.18
N VAL J 112 53.31 -118.38 -180.46
CA VAL J 112 54.74 -118.04 -180.53
C VAL J 112 55.26 -118.27 -181.94
N LYS J 113 54.88 -119.39 -182.56
CA LYS J 113 55.30 -119.65 -183.93
C LYS J 113 54.72 -118.64 -184.91
N LYS J 114 53.46 -118.24 -184.70
CA LYS J 114 52.86 -117.22 -185.56
C LYS J 114 53.59 -115.88 -185.41
N ASP J 115 53.94 -115.52 -184.18
CA ASP J 115 54.73 -114.31 -183.97
C ASP J 115 56.09 -114.41 -184.64
N ARG J 116 56.71 -115.60 -184.60
CA ARG J 116 57.98 -115.81 -185.28
C ARG J 116 57.83 -115.61 -186.78
N ILE J 117 56.76 -116.15 -187.36
CA ILE J 117 56.53 -115.97 -188.80
C ILE J 117 56.30 -114.50 -189.13
N GLN J 118 55.53 -113.80 -188.29
CA GLN J 118 55.29 -112.38 -188.49
C GLN J 118 56.60 -111.60 -188.43
N PHE J 119 57.47 -111.93 -187.49
CA PHE J 119 58.74 -111.24 -187.36
C PHE J 119 59.67 -111.54 -188.54
N MET J 120 59.67 -112.77 -189.04
CA MET J 120 60.46 -113.07 -190.22
C MET J 120 59.95 -112.30 -191.44
N ALA J 121 58.63 -112.20 -191.60
CA ALA J 121 58.07 -111.39 -192.67
C ALA J 121 58.47 -109.93 -192.52
N VAL J 122 58.46 -109.42 -191.27
CA VAL J 122 58.85 -108.04 -191.02
C VAL J 122 60.32 -107.84 -191.36
N ILE J 123 61.17 -108.81 -191.04
CA ILE J 123 62.59 -108.71 -191.34
C ILE J 123 62.81 -108.68 -192.85
N GLU J 124 62.09 -109.53 -193.59
CA GLU J 124 62.21 -109.49 -195.05
C GLU J 124 61.72 -108.16 -195.60
N GLN J 125 60.65 -107.61 -195.04
CA GLN J 125 60.17 -106.30 -195.46
C GLN J 125 61.22 -105.22 -195.20
N LEU J 126 61.88 -105.29 -194.04
CA LEU J 126 62.95 -104.35 -193.73
C LEU J 126 64.10 -104.49 -194.72
N ILE J 127 64.45 -105.73 -195.08
CA ILE J 127 65.51 -105.96 -196.04
C ILE J 127 65.15 -105.34 -197.39
N GLN J 128 63.90 -105.55 -197.82
CA GLN J 128 63.45 -104.97 -199.09
C GLN J 128 63.49 -103.45 -199.04
N MET J 129 63.07 -102.87 -197.91
CA MET J 129 63.12 -101.41 -197.77
C MET J 129 64.55 -100.90 -197.84
N VAL J 130 65.49 -101.58 -197.16
CA VAL J 130 66.88 -101.17 -197.19
C VAL J 130 67.42 -101.24 -198.60
N GLN J 131 67.14 -102.33 -199.31
CA GLN J 131 67.55 -102.42 -200.71
C GLN J 131 66.92 -101.31 -201.54
N ASN J 132 65.72 -100.86 -201.16
CA ASN J 132 65.09 -99.71 -201.78
C ASN J 132 65.41 -98.40 -201.07
N ASN J 133 66.15 -98.45 -199.97
CA ASN J 133 66.54 -97.26 -199.20
C ASN J 133 65.33 -96.50 -198.68
N SER J 134 64.22 -97.21 -198.44
CA SER J 134 63.01 -96.57 -197.92
C SER J 134 62.95 -96.70 -196.39
N LEU J 135 63.92 -96.05 -195.75
CA LEU J 135 63.99 -96.07 -194.29
C LEU J 135 62.78 -95.40 -193.67
N THR J 136 62.23 -94.38 -194.33
CA THR J 136 61.07 -93.69 -193.81
C THR J 136 59.87 -94.63 -193.71
N LYS J 137 59.68 -95.49 -194.71
CA LYS J 137 58.58 -96.45 -194.65
C LYS J 137 58.75 -97.42 -193.50
N PHE J 138 59.99 -97.89 -193.28
CA PHE J 138 60.25 -98.79 -192.15
C PHE J 138 59.96 -98.10 -190.82
N GLN J 139 60.40 -96.84 -190.68
CA GLN J 139 60.12 -96.11 -189.45
C GLN J 139 58.62 -95.91 -189.25
N SER J 140 57.90 -95.60 -190.32
CA SER J 140 56.46 -95.43 -190.22
C SER J 140 55.77 -96.72 -189.80
N MET J 141 56.21 -97.86 -190.36
CA MET J 141 55.65 -99.14 -189.96
C MET J 141 55.91 -99.42 -188.49
N THR J 142 57.13 -99.15 -188.02
CA THR J 142 57.43 -99.36 -186.60
C THR J 142 56.56 -98.47 -185.73
N THR J 143 56.39 -97.20 -186.12
CA THR J 143 55.54 -96.30 -185.36
C THR J 143 54.10 -96.80 -185.32
N LEU J 144 53.59 -97.26 -186.46
CA LEU J 144 52.22 -97.77 -186.51
C LEU J 144 52.04 -98.97 -185.60
N GLU J 145 52.98 -99.92 -185.64
CA GLU J 145 52.88 -101.09 -184.77
C GLU J 145 52.96 -100.69 -183.30
N LEU J 146 53.86 -99.78 -182.96
CA LEU J 146 53.96 -99.31 -181.58
C LEU J 146 52.64 -98.71 -181.12
N GLU J 147 52.04 -97.84 -181.95
CA GLU J 147 50.77 -97.25 -181.61
C GLU J 147 49.69 -98.33 -181.45
N ASP J 148 49.72 -99.35 -182.32
CA ASP J 148 48.68 -100.36 -182.29
C ASP J 148 48.73 -101.20 -181.01
N GLN J 149 49.91 -101.75 -180.67
CA GLN J 149 49.93 -102.77 -179.63
C GLN J 149 49.46 -102.23 -178.29
N ASP J 150 50.24 -101.28 -177.75
CA ASP J 150 49.82 -100.51 -176.55
C ASP J 150 49.78 -101.28 -175.23
N ARG J 151 48.66 -101.90 -174.86
CA ARG J 151 48.64 -102.37 -173.45
C ARG J 151 48.17 -103.78 -173.13
N LEU J 152 48.53 -104.29 -171.94
CA LEU J 152 48.03 -105.58 -171.40
C LEU J 152 48.50 -105.73 -169.94
N ARG J 153 47.65 -106.23 -169.04
CA ARG J 153 48.05 -106.53 -167.64
C ARG J 153 48.33 -105.19 -166.96
N LYS J 154 48.68 -104.17 -167.74
CA LYS J 154 48.78 -102.87 -167.09
C LYS J 154 47.38 -102.47 -166.63
N LEU J 155 46.37 -103.10 -167.25
CA LEU J 155 44.99 -102.79 -166.92
C LEU J 155 44.70 -103.09 -165.46
N ILE J 156 45.42 -104.03 -164.86
CA ILE J 156 45.16 -104.41 -163.46
C ILE J 156 45.39 -103.22 -162.53
N PHE J 157 46.63 -102.73 -162.48
CA PHE J 157 46.88 -101.59 -161.61
C PHE J 157 46.26 -100.33 -162.17
N ARG J 158 45.96 -100.29 -163.47
CA ARG J 158 45.18 -99.17 -163.99
C ARG J 158 43.80 -99.11 -163.34
N GLU J 159 43.14 -100.26 -163.20
CA GLU J 159 41.85 -100.30 -162.52
C GLU J 159 42.00 -100.03 -161.03
N LYS J 160 43.09 -100.51 -160.43
CA LYS J 160 43.34 -100.17 -159.02
C LYS J 160 43.42 -98.66 -158.84
N GLU J 161 44.23 -97.99 -159.67
CA GLU J 161 44.37 -96.55 -159.57
C GLU J 161 43.06 -95.84 -159.88
N LEU J 162 42.31 -96.34 -160.86
CA LEU J 162 41.03 -95.74 -161.21
C LEU J 162 40.04 -95.85 -160.07
N TYR J 163 39.99 -97.00 -159.40
CA TYR J 163 39.13 -97.14 -158.23
C TYR J 163 39.55 -96.20 -157.12
N GLN J 164 40.86 -96.10 -156.87
CA GLN J 164 41.34 -95.14 -155.86
C GLN J 164 40.88 -93.73 -156.19
N GLU J 165 41.10 -93.31 -157.44
CA GLU J 165 40.75 -91.96 -157.85
C GLU J 165 39.26 -91.72 -157.78
N ILE J 166 38.45 -92.69 -158.22
CA ILE J 166 37.01 -92.53 -158.20
C ILE J 166 36.51 -92.40 -156.77
N LYS J 167 37.01 -93.25 -155.86
CA LYS J 167 36.61 -93.16 -154.47
C LYS J 167 36.97 -91.79 -153.89
N LYS J 168 38.23 -91.37 -154.09
CA LYS J 168 38.67 -90.10 -153.53
C LYS J 168 37.86 -88.94 -154.10
N LEU J 169 37.62 -88.94 -155.41
CA LEU J 169 36.92 -87.82 -156.04
C LEU J 169 35.44 -87.80 -155.69
N GLN J 170 34.81 -88.96 -155.52
CA GLN J 170 33.43 -88.99 -155.06
C GLN J 170 33.33 -88.47 -153.62
N PHE J 171 34.27 -88.87 -152.76
CA PHE J 171 34.29 -88.31 -151.41
C PHE J 171 34.48 -86.80 -151.45
N ASP J 172 35.38 -86.32 -152.31
CA ASP J 172 35.63 -84.89 -152.42
C ASP J 172 34.38 -84.16 -152.92
N ARG J 173 33.67 -84.76 -153.89
CA ARG J 173 32.44 -84.15 -154.39
C ARG J 173 31.41 -84.05 -153.30
N ASN J 174 31.23 -85.12 -152.50
CA ASN J 174 30.28 -85.05 -151.40
C ASN J 174 30.68 -83.99 -150.39
N GLN J 175 31.97 -83.95 -150.02
CA GLN J 175 32.43 -82.95 -149.07
C GLN J 175 32.14 -81.55 -149.60
N GLU J 176 32.55 -81.27 -150.84
CA GLU J 176 32.40 -79.94 -151.41
C GLU J 176 30.94 -79.54 -151.51
N ASN J 177 30.07 -80.48 -151.89
CA ASN J 177 28.64 -80.22 -151.79
C ASN J 177 28.26 -79.83 -150.37
N LYS J 178 28.88 -80.47 -149.38
CA LYS J 178 28.58 -80.14 -147.99
C LYS J 178 28.96 -78.70 -147.68
N GLU J 179 30.16 -78.26 -148.09
CA GLU J 179 30.51 -76.88 -147.82
C GLU J 179 29.62 -75.92 -148.59
N TYR J 180 29.23 -76.27 -149.82
CA TYR J 180 28.37 -75.39 -150.59
C TYR J 180 27.00 -75.21 -149.91
N ASP J 181 26.42 -76.30 -149.43
CA ASP J 181 25.16 -76.19 -148.69
C ASP J 181 25.35 -75.44 -147.38
N ASN J 182 26.48 -75.65 -146.71
CA ASN J 182 26.78 -74.90 -145.50
C ASN J 182 26.74 -73.40 -145.78
N GLU J 183 27.46 -72.98 -146.82
CA GLU J 183 27.50 -71.56 -147.17
C GLU J 183 26.13 -71.06 -147.58
N GLN J 184 25.38 -71.86 -148.35
CA GLN J 184 24.04 -71.45 -148.77
C GLN J 184 23.16 -71.16 -147.56
N LYS J 185 23.07 -72.13 -146.64
CA LYS J 185 22.20 -71.95 -145.48
C LYS J 185 22.68 -70.81 -144.60
N ASP J 186 24.00 -70.72 -144.36
CA ASP J 186 24.52 -69.66 -143.50
C ASP J 186 24.23 -68.28 -144.07
N THR J 187 24.48 -68.10 -145.38
CA THR J 187 24.25 -66.80 -145.98
C THR J 187 22.77 -66.49 -146.11
N ASN J 188 21.92 -67.50 -146.33
CA ASN J 188 20.48 -67.25 -146.31
C ASN J 188 20.04 -66.77 -144.94
N LEU J 189 20.52 -67.43 -143.88
CA LEU J 189 20.18 -66.97 -142.53
C LEU J 189 20.68 -65.55 -142.30
N LYS J 190 21.89 -65.24 -142.75
CA LYS J 190 22.41 -63.89 -142.60
C LYS J 190 21.54 -62.87 -143.32
N ILE J 191 21.12 -63.19 -144.55
CA ILE J 191 20.33 -62.24 -145.34
C ILE J 191 18.97 -62.00 -144.71
N GLN J 192 18.29 -63.07 -144.29
CA GLN J 192 16.98 -62.89 -143.67
C GLN J 192 17.07 -62.19 -142.32
N ASN J 193 18.11 -62.49 -141.53
CA ASN J 193 18.28 -61.77 -140.26
C ASN J 193 18.57 -60.30 -140.52
N LEU J 194 19.37 -60.00 -141.56
CA LEU J 194 19.62 -58.61 -141.90
C LEU J 194 18.34 -57.89 -142.31
N LYS J 195 17.51 -58.55 -143.11
CA LYS J 195 16.25 -57.94 -143.51
C LYS J 195 15.33 -57.72 -142.31
N GLU J 196 15.28 -58.69 -141.40
CA GLU J 196 14.46 -58.53 -140.21
C GLU J 196 14.95 -57.36 -139.35
N ARG J 197 16.27 -57.26 -139.17
CA ARG J 197 16.83 -56.15 -138.40
C ARG J 197 16.56 -54.82 -139.08
N LEU J 198 16.65 -54.78 -140.42
CA LEU J 198 16.37 -53.55 -141.15
C LEU J 198 14.92 -53.14 -140.97
N LEU J 199 13.99 -54.09 -141.05
CA LEU J 199 12.58 -53.76 -140.84
C LEU J 199 12.34 -53.28 -139.42
N TYR J 200 12.95 -53.93 -138.43
CA TYR J 200 12.81 -53.48 -137.05
C TYR J 200 13.36 -52.08 -136.87
N LYS J 201 14.52 -51.79 -137.47
CA LYS J 201 15.11 -50.46 -137.34
C LYS J 201 14.21 -49.41 -137.99
N LYS J 202 13.63 -49.73 -139.15
CA LYS J 202 12.71 -48.79 -139.80
C LYS J 202 11.49 -48.54 -138.92
N ALA J 203 10.93 -49.59 -138.32
CA ALA J 203 9.77 -49.42 -137.46
C ALA J 203 10.11 -48.57 -136.24
N ARG J 204 11.25 -48.83 -135.61
CA ARG J 204 11.67 -48.03 -134.46
C ARG J 204 11.90 -46.59 -134.86
N ALA J 205 12.50 -46.36 -136.04
CA ALA J 205 12.74 -45.02 -136.51
C ALA J 205 11.43 -44.26 -136.70
N GLN J 206 10.45 -44.89 -137.36
CA GLN J 206 9.17 -44.23 -137.57
C GLN J 206 8.47 -43.95 -136.24
N LEU J 207 8.51 -44.90 -135.31
CA LEU J 207 7.89 -44.69 -134.01
C LEU J 207 8.53 -43.51 -133.28
N LYS J 208 9.86 -43.47 -133.26
CA LYS J 208 10.57 -42.38 -132.58
C LYS J 208 10.28 -41.05 -133.26
N ASN J 209 10.23 -41.03 -134.60
CA ASN J 209 9.95 -39.79 -135.31
C ASN J 209 8.56 -39.27 -134.98
N GLN J 210 7.55 -40.15 -134.97
CA GLN J 210 6.20 -39.72 -134.64
C GLN J 210 6.14 -39.21 -133.20
N TYR J 211 6.80 -39.92 -132.28
CA TYR J 211 6.80 -39.49 -130.89
C TYR J 211 7.46 -38.12 -130.72
N LYS J 212 8.58 -37.90 -131.41
CA LYS J 212 9.27 -36.62 -131.32
C LYS J 212 8.44 -35.49 -131.92
N GLU J 213 7.79 -35.72 -133.06
CA GLU J 213 6.90 -34.70 -133.61
C GLU J 213 5.77 -34.38 -132.63
N LYS J 214 5.21 -35.43 -132.01
CA LYS J 214 4.13 -35.22 -131.06
C LYS J 214 4.60 -34.40 -129.86
N GLU J 215 5.77 -34.73 -129.32
CA GLU J 215 6.31 -33.94 -128.20
C GLU J 215 6.58 -32.51 -128.62
N ALA J 216 7.14 -32.30 -129.81
CA ALA J 216 7.41 -30.95 -130.26
C ALA J 216 6.12 -30.14 -130.31
N ARG J 217 5.07 -30.72 -130.90
CA ARG J 217 3.81 -30.00 -130.96
C ARG J 217 3.26 -29.78 -129.56
N ALA J 218 3.50 -30.73 -128.66
CA ALA J 218 2.98 -30.62 -127.30
C ALA J 218 3.57 -29.42 -126.57
N GLU J 219 4.90 -29.30 -126.54
CA GLU J 219 5.47 -28.13 -125.89
C GLU J 219 5.17 -26.85 -126.66
N GLU J 220 5.06 -26.92 -128.00
CA GLU J 220 4.71 -25.70 -128.73
C GLU J 220 3.32 -25.20 -128.34
N GLY J 221 2.36 -26.12 -128.24
CA GLY J 221 1.03 -25.74 -127.81
C GLY J 221 0.99 -25.29 -126.36
N THR J 222 1.80 -25.92 -125.50
CA THR J 222 1.88 -25.46 -124.12
C THR J 222 2.39 -24.04 -124.03
N GLN J 223 3.43 -23.71 -124.79
CA GLN J 223 3.93 -22.35 -124.83
C GLN J 223 2.87 -21.40 -125.39
N GLN J 224 2.15 -21.84 -126.42
CA GLN J 224 1.09 -21.00 -126.97
C GLN J 224 0.03 -20.68 -125.94
N ARG J 225 -0.42 -21.69 -125.19
CA ARG J 225 -1.47 -21.49 -124.20
C ARG J 225 -0.99 -20.65 -123.02
N MET J 226 0.22 -20.93 -122.52
CA MET J 226 0.79 -20.05 -121.51
C MET J 226 0.94 -18.64 -122.05
N TYR J 227 1.07 -18.49 -123.38
CA TYR J 227 1.14 -17.16 -123.96
C TYR J 227 -0.21 -16.47 -123.97
N GLU J 228 -1.31 -17.20 -124.29
CA GLU J 228 -2.61 -16.58 -124.10
C GLU J 228 -2.77 -16.11 -122.65
N PHE J 229 -2.37 -16.96 -121.70
CA PHE J 229 -2.46 -16.58 -120.29
C PHE J 229 -1.67 -15.31 -120.02
N GLU J 230 -0.40 -15.28 -120.42
CA GLU J 230 0.48 -14.18 -120.07
C GLU J 230 0.04 -12.88 -120.73
N GLN J 231 -0.36 -12.94 -122.00
CA GLN J 231 -0.72 -11.70 -122.70
C GLN J 231 -2.11 -11.22 -122.29
N LYS J 232 -3.01 -12.12 -121.92
CA LYS J 232 -4.26 -11.66 -121.32
C LYS J 232 -3.99 -11.01 -119.97
N GLN J 233 -3.00 -11.49 -119.22
CA GLN J 233 -2.58 -10.78 -118.02
C GLN J 233 -2.02 -9.40 -118.35
N LEU J 234 -1.16 -9.32 -119.37
CA LEU J 234 -0.50 -8.06 -119.71
C LEU J 234 -1.50 -7.02 -120.20
N LYS J 235 -2.47 -7.41 -121.01
CA LYS J 235 -3.53 -6.49 -121.42
C LYS J 235 -4.57 -6.41 -120.32
N GLU J 236 -4.11 -6.19 -119.09
CA GLU J 236 -4.99 -6.01 -117.95
C GLU J 236 -4.61 -4.81 -117.08
N LYS J 237 -3.37 -4.35 -117.13
CA LYS J 237 -3.02 -3.13 -116.42
C LYS J 237 -3.83 -1.95 -116.93
N ILE J 238 -4.01 -1.87 -118.25
CA ILE J 238 -4.77 -0.77 -118.84
C ILE J 238 -6.23 -0.83 -118.39
N ASN J 239 -6.83 -2.02 -118.40
CA ASN J 239 -8.22 -2.15 -117.99
C ASN J 239 -8.40 -1.82 -116.51
N ASN J 240 -7.50 -2.34 -115.67
CA ASN J 240 -7.57 -2.03 -114.24
C ASN J 240 -7.39 -0.54 -114.00
N LEU J 241 -6.47 0.09 -114.73
CA LEU J 241 -6.27 1.52 -114.60
C LEU J 241 -7.52 2.29 -115.01
N LYS J 242 -8.16 1.89 -116.11
CA LYS J 242 -9.37 2.59 -116.53
C LYS J 242 -10.48 2.43 -115.50
N GLN J 243 -10.62 1.23 -114.92
CA GLN J 243 -11.64 1.01 -113.90
C GLN J 243 -11.37 1.85 -112.66
N LYS J 244 -10.13 1.85 -112.19
CA LYS J 244 -9.79 2.63 -111.00
C LYS J 244 -9.86 4.13 -111.26
N THR J 245 -9.62 4.56 -112.50
CA THR J 245 -9.79 5.97 -112.84
C THR J 245 -11.25 6.36 -112.90
N ASP J 246 -12.12 5.45 -113.36
CA ASP J 246 -13.56 5.66 -113.20
C ASP J 246 -13.91 5.82 -111.73
N THR J 247 -13.34 4.95 -110.89
CA THR J 247 -13.54 5.06 -109.45
C THR J 247 -13.12 6.43 -108.94
N GLU J 248 -11.91 6.87 -109.31
CA GLU J 248 -11.37 8.12 -108.81
C GLU J 248 -12.17 9.32 -109.31
N ASN J 249 -12.60 9.29 -110.58
CA ASN J 249 -13.40 10.38 -111.11
C ASN J 249 -14.73 10.47 -110.38
N MET J 250 -15.39 9.34 -110.16
CA MET J 250 -16.64 9.37 -109.41
C MET J 250 -16.41 9.92 -108.01
N VAL J 251 -15.36 9.45 -107.33
CA VAL J 251 -15.09 9.88 -105.97
C VAL J 251 -14.83 11.38 -105.93
N HIS J 252 -14.02 11.88 -106.86
CA HIS J 252 -13.65 13.29 -106.84
C HIS J 252 -14.82 14.18 -107.22
N GLU J 253 -15.64 13.77 -108.19
CA GLU J 253 -16.81 14.57 -108.54
C GLU J 253 -17.78 14.64 -107.36
N GLN J 254 -18.01 13.51 -106.69
CA GLN J 254 -18.86 13.53 -105.51
C GLN J 254 -18.23 14.39 -104.42
N LEU J 255 -16.91 14.34 -104.26
CA LEU J 255 -16.25 15.15 -103.24
C LEU J 255 -16.43 16.64 -103.51
N ARG J 256 -16.25 17.06 -104.76
CA ARG J 256 -16.42 18.46 -105.10
C ARG J 256 -17.86 18.91 -104.89
N ASN J 257 -18.82 18.09 -105.33
CA ASN J 257 -20.22 18.44 -105.13
C ASN J 257 -20.56 18.50 -103.64
N PHE J 258 -20.02 17.58 -102.85
CA PHE J 258 -20.26 17.58 -101.41
C PHE J 258 -19.66 18.82 -100.77
N LEU J 259 -18.46 19.23 -101.19
CA LEU J 259 -17.87 20.45 -100.66
C LEU J 259 -18.72 21.66 -100.97
N ILE J 260 -19.21 21.76 -102.21
CA ILE J 260 -20.04 22.90 -102.57
C ILE J 260 -21.36 22.89 -101.79
N GLU J 261 -21.99 21.71 -101.66
CA GLU J 261 -23.27 21.64 -100.94
C GLU J 261 -23.10 21.96 -99.47
N LYS J 262 -22.03 21.45 -98.84
CA LYS J 262 -21.77 21.80 -97.45
C LYS J 262 -21.49 23.29 -97.30
N GLU J 263 -20.73 23.87 -98.24
CA GLU J 263 -20.55 25.31 -98.25
C GLU J 263 -21.90 26.00 -98.23
N ASP J 264 -22.82 25.57 -99.10
CA ASP J 264 -24.13 26.20 -99.19
C ASP J 264 -24.88 26.08 -97.87
N GLN J 265 -24.88 24.88 -97.27
CA GLN J 265 -25.65 24.69 -96.04
C GLN J 265 -25.09 25.53 -94.90
N ILE J 266 -23.77 25.50 -94.69
CA ILE J 266 -23.20 26.30 -93.62
C ILE J 266 -23.37 27.79 -93.88
N LYS J 267 -23.31 28.21 -95.15
CA LYS J 267 -23.54 29.62 -95.45
C LYS J 267 -24.97 30.02 -95.11
N GLN J 268 -25.95 29.18 -95.45
CA GLN J 268 -27.34 29.48 -95.11
C GLN J 268 -27.51 29.56 -93.60
N LYS J 269 -26.90 28.61 -92.87
CA LYS J 269 -27.01 28.61 -91.42
C LYS J 269 -26.38 29.87 -90.82
N SER J 270 -25.22 30.27 -91.33
CA SER J 270 -24.54 31.45 -90.81
C SER J 270 -25.33 32.72 -91.11
N ASP J 271 -25.91 32.82 -92.31
CA ASP J 271 -26.73 33.99 -92.63
C ASP J 271 -27.98 34.04 -91.76
N GLU J 272 -28.58 32.88 -91.49
CA GLU J 272 -29.69 32.85 -90.53
C GLU J 272 -29.22 33.30 -89.14
N TRP J 273 -28.01 32.91 -88.77
CA TRP J 273 -27.41 33.38 -87.52
C TRP J 273 -27.31 34.90 -87.51
N ALA J 274 -26.83 35.48 -88.61
CA ALA J 274 -26.72 36.94 -88.68
C ALA J 274 -28.09 37.60 -88.60
N LYS J 275 -29.09 37.01 -89.26
CA LYS J 275 -30.44 37.55 -89.20
C LYS J 275 -30.96 37.56 -87.76
N LYS J 276 -30.80 36.44 -87.06
CA LYS J 276 -31.14 36.40 -85.64
C LYS J 276 -30.36 37.44 -84.85
N VAL J 277 -29.10 37.70 -85.25
CA VAL J 277 -28.31 38.73 -84.60
C VAL J 277 -29.00 40.07 -84.71
N GLU J 278 -29.40 40.45 -85.94
CA GLU J 278 -30.06 41.76 -86.10
C GLU J 278 -31.36 41.81 -85.33
N THR J 279 -32.16 40.74 -85.37
CA THR J 279 -33.43 40.74 -84.67
C THR J 279 -33.23 40.92 -83.17
N CYS J 280 -32.31 40.14 -82.59
CA CYS J 280 -32.05 40.24 -81.16
C CYS J 280 -31.52 41.61 -80.79
N ARG J 281 -30.62 42.17 -81.61
CA ARG J 281 -30.07 43.48 -81.30
C ARG J 281 -31.15 44.56 -81.32
N GLU J 282 -32.02 44.54 -82.33
CA GLU J 282 -33.08 45.54 -82.39
C GLU J 282 -34.04 45.38 -81.21
N GLN J 283 -34.41 44.15 -80.87
CA GLN J 283 -35.27 43.95 -79.71
C GLN J 283 -34.61 44.51 -78.44
N LEU J 284 -33.36 44.12 -78.19
CA LEU J 284 -32.69 44.55 -76.97
C LEU J 284 -32.55 46.07 -76.92
N GLN J 285 -32.25 46.69 -78.06
CA GLN J 285 -32.18 48.14 -78.09
C GLN J 285 -33.51 48.76 -77.72
N GLU J 286 -34.61 48.21 -78.23
CA GLU J 286 -35.92 48.76 -77.91
C GLU J 286 -36.22 48.62 -76.41
N GLU J 287 -36.01 47.43 -75.84
CA GLU J 287 -36.31 47.24 -74.42
C GLU J 287 -35.46 48.15 -73.55
N ILE J 288 -34.16 48.24 -73.84
CA ILE J 288 -33.28 49.06 -73.02
C ILE J 288 -33.64 50.54 -73.16
N ASP J 289 -34.02 50.96 -74.37
CA ASP J 289 -34.44 52.34 -74.57
C ASP J 289 -35.67 52.66 -73.76
N ARG J 290 -36.66 51.75 -73.73
CA ARG J 290 -37.82 51.97 -72.88
C ARG J 290 -37.42 52.04 -71.42
N LEU J 291 -36.52 51.15 -70.99
CA LEU J 291 -36.06 51.15 -69.60
C LEU J 291 -35.45 52.50 -69.24
N THR J 292 -34.58 53.02 -70.10
CA THR J 292 -33.97 54.32 -69.83
C THR J 292 -35.00 55.45 -69.87
N VAL J 293 -35.95 55.39 -70.80
CA VAL J 293 -36.97 56.43 -70.86
C VAL J 293 -37.73 56.48 -69.54
N GLU J 294 -37.98 55.32 -68.94
CA GLU J 294 -38.63 55.32 -67.63
C GLU J 294 -37.66 55.69 -66.51
N LYS J 295 -36.35 55.71 -66.78
CA LYS J 295 -35.38 55.88 -65.72
C LYS J 295 -35.26 57.34 -65.28
N GLU J 296 -34.93 57.54 -64.01
CA GLU J 296 -34.66 58.85 -63.42
C GLU J 296 -35.91 59.72 -63.41
N LYS J 297 -37.06 59.13 -63.08
CA LYS J 297 -38.28 59.92 -62.91
C LYS J 297 -38.82 59.77 -61.50
N LYS J 298 -38.93 58.53 -61.02
CA LYS J 298 -39.39 58.31 -59.65
C LYS J 298 -38.26 58.53 -58.64
N GLN J 299 -37.01 58.27 -59.06
CA GLN J 299 -35.88 58.41 -58.16
C GLN J 299 -35.77 59.83 -57.62
N GLU J 300 -36.03 60.82 -58.48
CA GLU J 300 -35.99 62.21 -58.04
C GLU J 300 -37.01 62.47 -56.94
N GLU J 301 -38.23 61.95 -57.11
CA GLU J 301 -39.25 62.15 -56.09
C GLU J 301 -38.84 61.48 -54.79
N LEU J 302 -38.30 60.26 -54.86
CA LEU J 302 -37.88 59.58 -53.65
C LEU J 302 -36.79 60.36 -52.93
N ARG J 303 -35.78 60.83 -53.66
CA ARG J 303 -34.69 61.58 -53.03
C ARG J 303 -35.20 62.88 -52.45
N GLU J 304 -36.08 63.59 -53.17
CA GLU J 304 -36.61 64.85 -52.66
C GLU J 304 -37.39 64.61 -51.37
N LEU J 305 -38.23 63.57 -51.34
CA LEU J 305 -38.89 63.22 -50.09
C LEU J 305 -37.87 62.90 -49.01
N ARG J 306 -36.73 62.34 -49.40
CA ARG J 306 -35.69 62.03 -48.42
C ARG J 306 -35.17 63.29 -47.75
N GLU J 307 -34.77 64.30 -48.54
CA GLU J 307 -34.26 65.51 -47.89
C GLU J 307 -35.39 66.23 -47.16
N ARG J 308 -36.62 66.10 -47.65
CA ARG J 308 -37.75 66.74 -46.98
C ARG J 308 -37.95 66.15 -45.59
N ASP J 309 -37.89 64.83 -45.48
CA ASP J 309 -37.99 64.19 -44.17
C ASP J 309 -36.78 64.54 -43.30
N GLN J 310 -35.60 64.65 -43.91
CA GLN J 310 -34.43 65.05 -43.12
C GLN J 310 -34.64 66.43 -42.52
N LYS J 311 -35.13 67.38 -43.32
CA LYS J 311 -35.39 68.72 -42.80
C LYS J 311 -36.47 68.71 -41.73
N GLU J 312 -37.53 67.91 -41.93
CA GLU J 312 -38.57 67.82 -40.92
C GLU J 312 -38.02 67.30 -39.60
N GLN J 313 -37.20 66.24 -39.66
CA GLN J 313 -36.64 65.67 -38.44
C GLN J 313 -35.69 66.64 -37.76
N GLU J 314 -34.89 67.37 -38.55
CA GLU J 314 -33.99 68.35 -37.94
C GLU J 314 -34.77 69.48 -37.28
N GLU J 315 -35.85 69.94 -37.91
CA GLU J 315 -36.71 70.93 -37.28
C GLU J 315 -37.28 70.39 -35.97
N LYS J 316 -37.76 69.15 -35.98
CA LYS J 316 -38.32 68.56 -34.77
C LYS J 316 -37.29 68.51 -33.66
N ASP J 317 -36.08 68.04 -33.98
CA ASP J 317 -35.05 67.89 -32.94
C ASP J 317 -34.57 69.24 -32.43
N ARG J 318 -34.48 70.25 -33.30
CA ARG J 318 -34.07 71.57 -32.82
C ARG J 318 -35.16 72.22 -31.98
N ARG J 319 -36.43 72.02 -32.35
CA ARG J 319 -37.52 72.46 -31.49
C ARG J 319 -37.44 71.79 -30.13
N GLU J 320 -37.15 70.48 -30.12
CA GLU J 320 -37.04 69.76 -28.87
C GLU J 320 -35.87 70.27 -28.04
N ARG J 321 -34.75 70.60 -28.67
CA ARG J 321 -33.60 71.12 -27.93
C ARG J 321 -33.90 72.50 -27.35
N GLN J 322 -34.58 73.35 -28.10
CA GLN J 322 -34.96 74.65 -27.55
C GLN J 322 -35.94 74.49 -26.39
N GLU J 323 -36.88 73.54 -26.50
CA GLU J 323 -37.74 73.25 -25.37
C GLU J 323 -36.96 72.69 -24.19
N LEU J 324 -35.89 71.94 -24.47
CA LEU J 324 -35.01 71.45 -23.41
C LEU J 324 -34.35 72.62 -22.68
N GLU J 325 -33.87 73.61 -23.44
CA GLU J 325 -33.32 74.81 -22.81
C GLU J 325 -34.38 75.54 -21.99
N GLU J 326 -35.60 75.61 -22.51
CA GLU J 326 -36.70 76.25 -21.76
C GLU J 326 -36.98 75.52 -20.45
N ALA J 327 -37.01 74.19 -20.49
CA ALA J 327 -37.24 73.42 -19.27
C ALA J 327 -36.08 73.59 -18.30
N ASP J 328 -34.86 73.67 -18.81
CA ASP J 328 -33.71 73.91 -17.94
C ASP J 328 -33.82 75.26 -17.24
N ARG J 329 -34.24 76.31 -17.98
CA ARG J 329 -34.43 77.62 -17.36
C ARG J 329 -35.55 77.58 -16.33
N LYS J 330 -36.64 76.86 -16.63
CA LYS J 330 -37.71 76.71 -15.65
C LYS J 330 -37.20 76.01 -14.39
N GLN J 331 -36.38 74.98 -14.56
CA GLN J 331 -35.82 74.27 -13.42
C GLN J 331 -34.88 75.16 -12.61
N GLN J 332 -34.12 76.02 -13.30
CA GLN J 332 -33.30 77.00 -12.60
C GLN J 332 -34.16 77.97 -11.79
N GLU J 333 -35.28 78.41 -12.37
CA GLU J 333 -36.19 79.29 -11.63
C GLU J 333 -36.73 78.59 -10.39
N GLU J 334 -37.13 77.33 -10.52
CA GLU J 334 -37.64 76.58 -9.38
C GLU J 334 -36.56 76.41 -8.31
N LEU J 335 -35.33 76.11 -8.73
CA LEU J 335 -34.25 75.95 -7.76
C LEU J 335 -33.93 77.27 -7.07
N ASP J 336 -34.06 78.39 -7.78
CA ASP J 336 -33.88 79.69 -7.14
C ASP J 336 -34.98 79.95 -6.10
N GLN J 337 -36.23 79.62 -6.44
CA GLN J 337 -37.30 79.78 -5.47
C GLN J 337 -37.08 78.90 -4.25
N ILE J 338 -36.62 77.66 -4.47
CA ILE J 338 -36.34 76.76 -3.35
C ILE J 338 -35.17 77.29 -2.52
N ARG J 339 -34.19 77.90 -3.17
CA ARG J 339 -33.10 78.52 -2.41
C ARG J 339 -33.60 79.68 -1.56
N LEU J 340 -34.51 80.48 -2.09
CA LEU J 340 -35.10 81.56 -1.29
C LEU J 340 -35.87 80.98 -0.10
N ASP J 341 -36.62 79.90 -0.33
CA ASP J 341 -37.27 79.22 0.78
C ASP J 341 -36.25 78.72 1.79
N ASN J 342 -35.11 78.22 1.30
CA ASN J 342 -34.05 77.76 2.20
C ASN J 342 -33.53 78.90 3.05
N ALA J 343 -33.33 80.08 2.45
CA ALA J 343 -32.90 81.24 3.21
C ALA J 343 -33.93 81.61 4.27
N ILE J 344 -35.22 81.55 3.91
CA ILE J 344 -36.26 81.83 4.88
C ILE J 344 -36.21 80.82 6.03
N LYS J 345 -36.02 79.55 5.71
CA LYS J 345 -36.08 78.47 6.68
C LYS J 345 -34.86 78.42 7.59
N LEU J 346 -33.71 78.90 7.10
CA LEU J 346 -32.46 78.67 7.80
C LEU J 346 -32.54 79.13 9.26
N ILE J 347 -33.00 80.36 9.48
CA ILE J 347 -33.07 80.88 10.86
C ILE J 347 -34.07 80.09 11.67
N GLN J 348 -35.25 79.80 11.11
CA GLN J 348 -36.29 79.12 11.86
C GLN J 348 -35.90 77.69 12.22
N ILE J 349 -35.04 77.05 11.43
CA ILE J 349 -34.73 75.64 11.61
C ILE J 349 -33.32 75.48 12.17
N GLU J 350 -32.84 76.49 12.90
CA GLU J 350 -31.48 76.48 13.44
C GLU J 350 -31.45 75.58 14.67
N TYR J 351 -31.53 74.27 14.43
CA TYR J 351 -31.43 73.27 15.49
C TYR J 351 -32.51 73.49 16.56
N GLN J 352 -33.75 73.29 16.11
CA GLN J 352 -34.92 73.46 16.97
C GLN J 352 -34.86 72.58 18.22
N GLU J 353 -34.38 71.34 18.08
CA GLU J 353 -34.89 70.22 18.87
C GLU J 353 -33.77 69.39 19.53
N TRP J 354 -32.87 70.04 20.27
CA TRP J 354 -31.67 69.31 20.70
C TRP J 354 -31.98 68.25 21.74
N LYS J 355 -32.79 67.26 21.34
CA LYS J 355 -32.56 65.84 21.59
C LYS J 355 -32.68 65.28 23.04
N ASP J 356 -32.89 63.77 23.21
CA ASP J 356 -33.15 62.40 24.06
C ASP J 356 -31.99 61.73 24.86
N ALA J 357 -32.08 61.77 26.19
CA ALA J 357 -30.94 61.57 27.11
C ALA J 357 -30.02 60.41 26.74
N GLY J 358 -28.73 60.56 27.07
CA GLY J 358 -27.73 59.61 26.61
C GLY J 358 -27.01 58.77 27.65
N GLY J 359 -25.71 58.99 27.80
CA GLY J 359 -24.82 58.17 28.64
C GLY J 359 -25.38 57.74 29.98
N GLY J 360 -25.18 56.47 30.35
CA GLY J 360 -25.93 55.87 31.45
C GLY J 360 -25.23 55.56 32.77
N LYS J 361 -25.17 54.27 33.10
CA LYS J 361 -24.98 53.81 34.46
C LYS J 361 -23.75 52.91 34.64
N LYS J 362 -22.60 53.28 34.09
CA LYS J 362 -21.40 52.50 34.26
C LYS J 362 -21.05 52.34 35.74
N LYS J 363 -20.97 51.09 36.20
CA LYS J 363 -20.78 50.81 37.62
C LYS J 363 -19.63 49.88 37.92
N ARG J 364 -19.39 48.88 37.06
CA ARG J 364 -18.44 47.83 37.40
C ARG J 364 -17.01 48.36 37.46
N LYS J 365 -16.16 47.60 38.15
CA LYS J 365 -14.72 47.84 38.25
C LYS J 365 -13.97 47.00 37.23
N LYS J 366 -14.53 46.90 36.03
CA LYS J 366 -14.21 45.89 35.02
C LYS J 366 -12.75 45.49 34.96
N GLY J 367 -11.82 46.45 35.02
CA GLY J 367 -10.43 46.11 34.84
C GLY J 367 -9.97 45.04 35.82
N LYS J 368 -9.84 43.80 35.32
CA LYS J 368 -9.52 42.65 36.14
C LYS J 368 -8.60 41.66 35.42
N LYS J 369 -7.98 42.06 34.32
CA LYS J 369 -7.36 41.12 33.39
C LYS J 369 -5.97 40.72 33.90
N LYS J 370 -5.16 40.13 33.02
CA LYS J 370 -3.96 39.37 33.38
C LYS J 370 -3.14 40.03 34.48
N LYS J 371 -2.55 39.20 35.34
CA LYS J 371 -1.76 39.69 36.48
C LYS J 371 -0.44 40.28 36.02
N LYS J 372 0.40 39.47 35.38
CA LYS J 372 1.71 39.90 34.91
C LYS J 372 1.59 41.09 33.96
N MET K 1 23.51 -18.29 -177.42
CA MET K 1 24.03 -19.43 -178.18
C MET K 1 25.49 -19.69 -177.84
N GLN K 2 25.75 -20.06 -176.58
CA GLN K 2 27.10 -20.37 -176.12
C GLN K 2 27.39 -21.87 -176.16
N ASN K 3 26.75 -22.60 -177.07
CA ASN K 3 26.88 -24.04 -177.11
C ASN K 3 28.30 -24.48 -177.42
N LEU K 4 28.73 -25.57 -176.80
CA LEU K 4 30.04 -26.17 -176.99
C LEU K 4 29.92 -27.68 -177.14
N SER K 5 29.00 -28.12 -178.00
CA SER K 5 28.68 -29.53 -178.14
C SER K 5 29.94 -30.37 -178.38
N LYS K 6 29.85 -31.65 -178.05
CA LYS K 6 30.96 -32.59 -178.17
C LYS K 6 30.82 -33.52 -179.37
N MET K 7 30.35 -32.99 -180.50
CA MET K 7 30.19 -33.81 -181.69
C MET K 7 31.54 -34.39 -182.12
N GLN K 8 31.50 -35.64 -182.57
CA GLN K 8 32.72 -36.34 -182.96
C GLN K 8 33.36 -35.69 -184.18
N SER K 9 34.68 -35.75 -184.23
CA SER K 9 35.45 -35.15 -185.32
C SER K 9 35.56 -36.13 -186.49
N ARG K 10 36.17 -35.66 -187.59
CA ARG K 10 36.29 -36.44 -188.81
C ARG K 10 37.67 -36.25 -189.45
N LEU K 11 38.73 -36.35 -188.64
CA LEU K 11 40.08 -36.16 -189.15
C LEU K 11 40.43 -37.21 -190.20
N HIS K 12 41.20 -36.79 -191.20
CA HIS K 12 41.63 -37.61 -192.32
C HIS K 12 42.72 -38.64 -192.01
N PRO K 13 43.59 -38.42 -190.99
CA PRO K 13 44.77 -39.28 -190.83
C PRO K 13 44.52 -40.76 -191.08
N ARG K 14 45.22 -41.32 -192.06
CA ARG K 14 45.08 -42.70 -192.47
C ARG K 14 46.05 -43.60 -191.71
N PRO K 15 45.75 -44.90 -191.63
CA PRO K 15 46.73 -45.85 -191.07
C PRO K 15 47.82 -46.17 -192.08
N GLU K 16 48.88 -45.36 -192.10
CA GLU K 16 49.93 -45.50 -193.11
C GLU K 16 50.46 -46.93 -193.17
N GLY K 17 51.14 -47.25 -194.27
CA GLY K 17 51.62 -48.60 -194.54
C GLY K 17 52.24 -49.29 -193.34
N GLU K 18 51.91 -50.57 -193.17
CA GLU K 18 52.46 -51.36 -192.08
C GLU K 18 53.95 -51.60 -192.29
N GLY K 19 54.71 -51.57 -191.22
CA GLY K 19 56.15 -51.78 -191.31
C GLY K 19 56.49 -53.23 -191.59
N GLY K 20 57.79 -53.49 -191.64
CA GLY K 20 58.29 -54.83 -191.89
C GLY K 20 58.33 -55.69 -190.64
N GLY K 21 57.16 -56.12 -190.19
CA GLY K 21 57.06 -56.98 -189.02
C GLY K 21 57.81 -58.28 -189.16
N GLY K 22 58.39 -58.76 -188.07
CA GLY K 22 59.17 -59.99 -188.08
C GLY K 22 58.32 -61.24 -187.99
N GLY K 23 57.79 -61.70 -189.12
CA GLY K 23 56.97 -62.89 -189.12
C GLY K 23 57.77 -64.16 -188.89
N GLY K 24 58.40 -64.26 -187.72
CA GLY K 24 59.19 -65.41 -187.35
C GLY K 24 58.41 -66.54 -186.72
N ARG K 25 57.67 -67.30 -187.52
CA ARG K 25 56.93 -68.45 -187.00
C ARG K 25 57.89 -69.51 -186.46
N THR K 26 57.91 -69.70 -185.15
CA THR K 26 58.76 -70.71 -184.55
C THR K 26 58.49 -72.08 -185.15
N LYS K 27 59.55 -72.75 -185.58
CA LYS K 27 59.44 -74.08 -186.17
C LYS K 27 59.19 -75.09 -185.06
N GLU K 28 57.93 -75.43 -184.84
CA GLU K 28 57.57 -76.39 -183.80
C GLU K 28 58.40 -77.66 -183.92
N LYS K 29 59.19 -77.95 -182.89
CA LYS K 29 60.08 -79.11 -182.93
C LYS K 29 59.25 -80.38 -182.93
N GLY K 30 59.08 -80.99 -184.10
CA GLY K 30 58.39 -82.26 -184.18
C GLY K 30 59.13 -83.33 -183.41
N LYS K 31 58.43 -83.98 -182.48
CA LYS K 31 59.06 -84.99 -181.63
C LYS K 31 59.73 -86.06 -182.47
N SER K 32 61.05 -86.16 -182.37
CA SER K 32 61.80 -87.09 -183.21
C SER K 32 61.43 -88.54 -182.85
N LEU K 33 62.05 -89.47 -183.58
CA LEU K 33 61.74 -90.88 -183.39
C LEU K 33 61.89 -91.29 -181.93
N GLN K 34 63.01 -90.92 -181.30
CA GLN K 34 63.19 -91.28 -179.90
C GLN K 34 62.17 -90.54 -179.03
N GLU K 35 62.04 -89.23 -179.21
CA GLU K 35 61.06 -88.48 -178.44
C GLU K 35 59.64 -88.94 -178.76
N THR K 36 59.36 -89.23 -180.03
CA THR K 36 58.02 -89.68 -180.41
C THR K 36 57.68 -91.02 -179.77
N HIS K 37 58.64 -91.95 -179.72
CA HIS K 37 58.39 -93.32 -179.31
C HIS K 37 58.75 -93.60 -177.85
N LYS K 38 59.28 -92.62 -177.12
CA LYS K 38 59.65 -92.86 -175.73
C LYS K 38 58.45 -93.24 -174.89
N GLU K 39 57.34 -92.52 -175.07
CA GLU K 39 56.13 -92.81 -174.29
C GLU K 39 55.62 -94.22 -174.60
N MET K 40 55.58 -94.59 -175.87
CA MET K 40 55.11 -95.92 -176.23
C MET K 40 56.04 -97.01 -175.71
N LEU K 41 57.35 -96.76 -175.77
CA LEU K 41 58.30 -97.72 -175.22
C LEU K 41 58.09 -97.90 -173.72
N LYS K 42 57.85 -96.80 -173.01
CA LYS K 42 57.58 -96.88 -171.58
C LYS K 42 56.32 -97.68 -171.31
N ASN K 43 55.26 -97.44 -172.10
CA ASN K 43 54.02 -98.19 -171.91
C ASN K 43 54.22 -99.68 -172.19
N ILE K 44 54.99 -100.01 -173.22
CA ILE K 44 55.25 -101.41 -173.53
C ILE K 44 56.06 -102.06 -172.42
N GLU K 45 57.03 -101.32 -171.85
CA GLU K 45 57.80 -101.85 -170.73
C GLU K 45 56.90 -102.07 -169.52
N SER K 46 55.94 -101.19 -169.28
CA SER K 46 55.04 -101.34 -168.15
C SER K 46 54.30 -102.68 -168.20
N THR K 47 54.14 -103.24 -169.39
CA THR K 47 53.49 -104.53 -169.57
C THR K 47 54.46 -105.69 -169.67
N ASN K 48 55.69 -105.45 -170.13
CA ASN K 48 56.66 -106.52 -170.37
C ASN K 48 57.19 -107.15 -169.08
N ILE K 49 57.07 -106.48 -167.94
CA ILE K 49 57.56 -107.01 -166.67
C ILE K 49 56.39 -107.68 -165.94
N GLY K 50 56.64 -108.87 -165.42
CA GLY K 50 55.59 -109.69 -164.84
C GLY K 50 55.02 -110.74 -165.78
N LYS K 51 55.47 -110.77 -167.03
CA LYS K 51 55.01 -111.75 -168.01
C LYS K 51 56.15 -112.72 -168.31
N PRO K 52 55.99 -114.01 -168.04
CA PRO K 52 57.04 -114.97 -168.37
C PRO K 52 57.10 -115.23 -169.88
N THR K 53 58.21 -115.83 -170.29
CA THR K 53 58.48 -116.05 -171.71
C THR K 53 58.74 -117.53 -171.97
N ILE K 54 58.32 -117.98 -173.15
CA ILE K 54 58.45 -119.38 -173.57
C ILE K 54 59.84 -119.63 -174.13
N VAL K 55 60.20 -120.91 -174.30
CA VAL K 55 61.51 -121.25 -174.84
C VAL K 55 61.69 -120.67 -176.24
N GLU K 56 60.67 -120.84 -177.10
CA GLU K 56 60.75 -120.27 -178.44
C GLU K 56 60.82 -118.75 -178.37
N ALA K 57 60.00 -118.14 -177.51
CA ALA K 57 60.04 -116.69 -177.36
C ALA K 57 61.37 -116.23 -176.77
N GLN K 58 61.92 -117.00 -175.83
CA GLN K 58 63.23 -116.65 -175.27
C GLN K 58 64.33 -116.71 -176.33
N ARG K 59 64.28 -117.72 -177.19
CA ARG K 59 65.22 -117.79 -178.30
C ARG K 59 65.05 -116.61 -179.24
N ILE K 60 63.79 -116.23 -179.51
CA ILE K 60 63.53 -115.05 -180.33
C ILE K 60 64.15 -113.82 -179.70
N LEU K 61 64.03 -113.68 -178.38
CA LEU K 61 64.62 -112.54 -177.69
C LEU K 61 66.15 -112.57 -177.78
N LYS K 62 66.74 -113.75 -177.66
CA LYS K 62 68.20 -113.85 -177.79
C LYS K 62 68.65 -113.40 -179.18
N ILE K 63 67.95 -113.86 -180.22
CA ILE K 63 68.28 -113.40 -181.57
C ILE K 63 68.01 -111.90 -181.71
N ILE K 64 67.02 -111.38 -180.97
CA ILE K 64 66.74 -109.95 -181.00
C ILE K 64 67.95 -109.17 -180.49
N ASP K 65 68.46 -109.58 -179.33
CA ASP K 65 69.63 -108.91 -178.77
C ASP K 65 70.85 -109.07 -179.66
N ASN K 66 71.01 -110.26 -180.26
CA ASN K 66 72.12 -110.48 -181.17
C ASN K 66 72.02 -109.53 -182.37
N LEU K 67 70.83 -109.39 -182.94
CA LEU K 67 70.64 -108.50 -184.08
C LEU K 67 70.89 -107.05 -183.67
N SER K 68 70.42 -106.65 -182.49
CA SER K 68 70.66 -105.29 -182.03
C SER K 68 72.15 -105.02 -181.84
N THR K 69 72.87 -105.98 -181.27
CA THR K 69 74.31 -105.81 -181.09
C THR K 69 75.04 -105.74 -182.43
N ASN K 70 74.64 -106.58 -183.40
CA ASN K 70 75.25 -106.53 -184.71
C ASN K 70 74.97 -105.19 -185.39
N LEU K 71 73.76 -104.69 -185.26
CA LEU K 71 73.42 -103.39 -185.83
C LEU K 71 74.26 -102.28 -185.20
N THR K 72 74.40 -102.31 -183.87
CA THR K 72 75.19 -101.28 -183.20
C THR K 72 76.65 -101.35 -183.65
N ILE K 73 77.18 -102.56 -183.80
CA ILE K 73 78.55 -102.72 -184.28
C ILE K 73 78.69 -102.16 -185.69
N PHE K 74 77.72 -102.48 -186.57
CA PHE K 74 77.73 -101.96 -187.92
C PHE K 74 77.65 -100.44 -187.93
N ILE K 75 77.02 -99.84 -186.92
CA ILE K 75 76.93 -98.38 -186.86
C ILE K 75 78.30 -97.74 -186.94
N TYR K 76 79.30 -98.37 -186.32
CA TYR K 76 80.66 -97.85 -186.31
C TYR K 76 81.59 -98.59 -187.26
N LEU K 77 81.02 -99.38 -188.18
CA LEU K 77 81.83 -100.09 -189.17
C LEU K 77 81.44 -99.68 -190.58
N ASP K 78 81.32 -98.38 -190.81
CA ASP K 78 80.94 -97.87 -192.12
C ASP K 78 82.00 -98.22 -193.16
N SER K 79 81.65 -98.00 -194.42
CA SER K 79 82.54 -98.37 -195.52
C SER K 79 83.80 -97.49 -195.54
N GLU K 80 83.65 -96.19 -195.28
CA GLU K 80 84.80 -95.29 -195.38
C GLU K 80 85.88 -95.65 -194.37
N LEU K 81 85.50 -95.91 -193.13
CA LEU K 81 86.49 -96.25 -192.12
C LEU K 81 87.21 -97.54 -192.47
N ILE K 82 86.46 -98.55 -192.95
CA ILE K 82 87.09 -99.80 -193.34
C ILE K 82 88.07 -99.58 -194.47
N SER K 83 87.66 -98.85 -195.50
CA SER K 83 88.57 -98.53 -196.59
C SER K 83 89.79 -97.75 -196.13
N LYS K 84 89.64 -96.96 -195.06
CA LYS K 84 90.76 -96.25 -194.47
C LYS K 84 91.81 -97.18 -193.88
N PHE K 85 91.48 -98.45 -193.69
CA PHE K 85 92.41 -99.44 -193.15
C PHE K 85 93.23 -100.14 -194.20
N LEU K 86 93.09 -99.77 -195.48
CA LEU K 86 93.79 -100.48 -196.55
C LEU K 86 95.30 -100.35 -196.42
N ASP K 87 95.78 -99.14 -196.13
CA ASP K 87 97.22 -98.86 -196.04
C ASP K 87 97.48 -98.13 -194.73
N VAL K 88 97.95 -98.86 -193.72
CA VAL K 88 98.12 -98.29 -192.38
C VAL K 88 99.16 -97.16 -192.42
N ALA K 89 100.29 -97.40 -193.10
CA ALA K 89 101.38 -96.44 -193.06
C ALA K 89 101.08 -95.19 -193.88
N LYS K 90 100.57 -95.36 -195.10
CA LYS K 90 100.34 -94.22 -195.98
C LYS K 90 99.03 -93.50 -195.70
N HIS K 91 98.04 -94.16 -195.11
CA HIS K 91 96.76 -93.54 -194.78
C HIS K 91 96.85 -93.02 -193.35
N SER K 92 97.22 -91.74 -193.21
CA SER K 92 97.42 -91.13 -191.91
C SER K 92 96.15 -90.57 -191.30
N LYS K 93 95.01 -90.65 -192.00
CA LYS K 93 93.77 -90.12 -191.44
C LYS K 93 93.35 -90.85 -190.18
N LEU K 94 93.87 -92.06 -189.95
CA LEU K 94 93.57 -92.83 -188.75
C LEU K 94 94.74 -92.71 -187.79
N SER K 95 94.46 -92.29 -186.56
CA SER K 95 95.51 -92.10 -185.57
C SER K 95 96.19 -93.43 -185.25
N LYS K 96 97.50 -93.36 -185.04
CA LYS K 96 98.27 -94.57 -184.76
C LYS K 96 97.86 -95.20 -183.43
N ASP K 97 97.54 -94.38 -182.43
CA ASP K 97 97.29 -94.90 -181.09
C ASP K 97 96.07 -95.82 -181.08
N LEU K 98 94.98 -95.40 -181.73
CA LEU K 98 93.78 -96.23 -181.77
C LEU K 98 94.04 -97.54 -182.50
N VAL K 99 94.81 -97.48 -183.59
CA VAL K 99 95.15 -98.71 -184.32
C VAL K 99 95.94 -99.65 -183.43
N SER K 100 96.91 -99.11 -182.69
CA SER K 100 97.70 -99.94 -181.79
C SER K 100 96.82 -100.56 -180.70
N LYS K 101 95.89 -99.78 -180.15
CA LYS K 101 95.02 -100.29 -179.10
C LYS K 101 94.13 -101.43 -179.59
N LEU K 102 93.93 -101.53 -180.89
CA LEU K 102 93.11 -102.62 -181.45
C LEU K 102 93.88 -103.93 -181.40
N SER K 103 93.14 -105.02 -181.17
CA SER K 103 93.74 -106.34 -181.06
C SER K 103 94.27 -106.81 -182.41
N GLN K 104 95.19 -107.77 -182.36
CA GLN K 104 95.78 -108.29 -183.59
C GLN K 104 94.72 -108.94 -184.47
N ARG K 105 93.83 -109.73 -183.88
CA ARG K 105 92.74 -110.32 -184.66
C ARG K 105 91.81 -109.24 -185.20
N CYS K 106 91.50 -108.24 -184.38
CA CYS K 106 90.63 -107.16 -184.84
C CYS K 106 91.27 -106.39 -185.99
N LEU K 107 92.57 -106.10 -185.88
CA LEU K 107 93.25 -105.39 -186.96
C LEU K 107 93.30 -106.25 -188.22
N ASP K 108 93.55 -107.55 -188.08
CA ASP K 108 93.55 -108.42 -189.24
C ASP K 108 92.19 -108.44 -189.92
N LEU K 109 91.11 -108.53 -189.12
CA LEU K 109 89.77 -108.50 -189.69
C LEU K 109 89.49 -107.17 -190.38
N LEU K 110 89.95 -106.06 -189.78
CA LEU K 110 89.75 -104.76 -190.40
C LEU K 110 90.44 -104.68 -191.75
N LYS K 111 91.70 -105.13 -191.81
CA LYS K 111 92.43 -105.11 -193.07
C LYS K 111 91.76 -106.01 -194.11
N SER K 112 91.34 -107.21 -193.70
CA SER K 112 90.69 -108.11 -194.64
C SER K 112 89.39 -107.53 -195.15
N GLN K 113 88.60 -106.92 -194.27
CA GLN K 113 87.34 -106.33 -194.70
C GLN K 113 87.58 -105.16 -195.63
N ALA K 114 88.59 -104.34 -195.36
CA ALA K 114 88.93 -103.24 -196.26
C ALA K 114 89.31 -103.77 -197.64
N GLU K 115 90.14 -104.82 -197.68
CA GLU K 115 90.53 -105.39 -198.95
C GLU K 115 89.33 -105.96 -199.70
N ILE K 116 88.45 -106.67 -198.99
CA ILE K 116 87.29 -107.27 -199.64
C ILE K 116 86.37 -106.20 -200.19
N GLU K 117 86.13 -105.14 -199.41
CA GLU K 117 85.28 -104.06 -199.87
C GLU K 117 85.88 -103.35 -201.08
N ALA K 118 87.21 -103.12 -201.05
CA ALA K 118 87.85 -102.50 -202.20
C ALA K 118 87.72 -103.35 -203.44
N LYS K 119 87.91 -104.67 -203.30
CA LYS K 119 87.78 -105.56 -204.45
C LYS K 119 86.34 -105.59 -204.97
N PHE K 120 85.37 -105.61 -204.05
CA PHE K 120 83.96 -105.80 -204.42
C PHE K 120 83.26 -104.51 -204.82
N LYS K 121 83.89 -103.35 -204.60
CA LYS K 121 83.28 -102.08 -205.00
C LYS K 121 82.82 -102.07 -206.45
N PRO K 122 83.64 -102.47 -207.43
CA PRO K 122 83.14 -102.50 -208.82
C PRO K 122 81.98 -103.45 -209.03
N TYR K 123 81.92 -104.55 -208.28
CA TYR K 123 80.92 -105.59 -208.51
C TYR K 123 79.65 -105.41 -207.69
N ALA K 124 79.62 -104.46 -206.75
CA ALA K 124 78.40 -104.24 -205.97
C ALA K 124 77.26 -103.79 -206.87
N SER K 125 77.52 -102.85 -207.77
CA SER K 125 76.49 -102.39 -208.69
C SER K 125 76.04 -103.50 -209.62
N LEU K 126 77.00 -104.33 -210.08
CA LEU K 126 76.63 -105.45 -210.94
C LEU K 126 75.72 -106.43 -210.21
N LEU K 127 76.04 -106.74 -208.95
CA LEU K 127 75.17 -107.62 -208.18
C LEU K 127 73.78 -106.99 -207.99
N ASP K 128 73.74 -105.68 -207.71
CA ASP K 128 72.45 -105.02 -207.50
C ASP K 128 71.61 -105.05 -208.76
N GLN K 129 72.23 -104.84 -209.93
CA GLN K 129 71.50 -104.75 -211.19
C GLN K 129 71.30 -106.09 -211.87
N SER K 130 71.90 -107.16 -211.36
CA SER K 130 71.69 -108.48 -211.96
C SER K 130 70.21 -108.84 -211.97
N ASN K 131 69.45 -108.38 -210.97
CA ASN K 131 68.02 -108.65 -210.95
C ASN K 131 67.29 -107.98 -212.10
N LYS K 132 67.90 -106.99 -212.75
CA LYS K 132 67.29 -106.30 -213.87
C LYS K 132 67.56 -107.07 -215.17
N GLU K 133 67.33 -106.43 -216.30
CA GLU K 133 67.42 -107.03 -217.63
C GLU K 133 68.86 -107.26 -218.09
N ALA K 134 69.88 -107.15 -217.25
CA ALA K 134 71.26 -107.29 -217.69
C ALA K 134 71.60 -108.74 -217.98
N GLU K 135 71.08 -109.28 -219.09
CA GLU K 135 71.35 -110.67 -219.44
C GLU K 135 72.76 -110.86 -219.97
N ASP K 136 73.38 -109.82 -220.52
CA ASP K 136 74.68 -109.91 -221.15
C ASP K 136 75.84 -109.86 -220.17
N VAL K 137 75.58 -110.05 -218.87
CA VAL K 137 76.65 -110.03 -217.89
C VAL K 137 77.55 -111.23 -218.08
N GLU K 138 78.87 -111.01 -217.99
CA GLU K 138 79.82 -112.08 -218.17
C GLU K 138 79.65 -113.16 -217.11
N GLU K 139 79.71 -114.42 -217.53
CA GLU K 139 79.60 -115.53 -216.59
C GLU K 139 80.74 -115.51 -215.59
N GLU K 140 81.97 -115.32 -216.07
CA GLU K 140 83.12 -115.26 -215.18
C GLU K 140 83.01 -114.06 -214.24
N LYS K 141 82.57 -112.92 -214.75
CA LYS K 141 82.38 -111.75 -213.91
C LYS K 141 81.36 -112.02 -212.82
N MET K 142 80.24 -112.66 -213.18
CA MET K 142 79.22 -112.97 -212.19
C MET K 142 79.75 -113.92 -211.13
N ILE K 143 80.49 -114.95 -211.54
CA ILE K 143 81.04 -115.91 -210.58
C ILE K 143 82.02 -115.21 -209.64
N ASP K 144 82.90 -114.36 -210.19
CA ASP K 144 83.85 -113.64 -209.35
C ASP K 144 83.12 -112.71 -208.38
N ALA K 145 82.07 -112.03 -208.84
CA ALA K 145 81.31 -111.15 -207.97
C ALA K 145 80.64 -111.93 -206.84
N GLU K 146 80.07 -113.09 -207.16
CA GLU K 146 79.45 -113.91 -206.13
C GLU K 146 80.49 -114.38 -205.11
N ARG K 147 81.66 -114.81 -205.58
CA ARG K 147 82.72 -115.24 -204.67
C ARG K 147 83.17 -114.09 -203.77
N LEU K 148 83.35 -112.91 -204.34
CA LEU K 148 83.75 -111.75 -203.55
C LEU K 148 82.69 -111.40 -202.52
N ARG K 149 81.42 -111.46 -202.89
CA ARG K 149 80.35 -111.18 -201.95
C ARG K 149 80.34 -112.19 -200.81
N MET K 150 80.50 -113.48 -201.13
CA MET K 150 80.48 -114.50 -200.09
C MET K 150 81.68 -114.36 -199.15
N GLN K 151 82.87 -114.07 -199.69
CA GLN K 151 84.02 -113.81 -198.83
C GLN K 151 83.81 -112.56 -197.96
N LEU K 152 83.23 -111.50 -198.52
CA LEU K 152 82.96 -110.31 -197.73
C LEU K 152 81.98 -110.61 -196.61
N GLU K 153 80.94 -111.40 -196.90
CA GLU K 153 79.97 -111.77 -195.88
C GLU K 153 80.63 -112.59 -194.78
N ASN K 154 81.49 -113.55 -195.16
CA ASN K 154 82.19 -114.36 -194.17
C ASN K 154 83.06 -113.49 -193.28
N ASN K 155 83.81 -112.57 -193.88
CA ASN K 155 84.71 -111.72 -193.10
C ASN K 155 83.92 -110.79 -192.18
N PHE K 156 82.82 -110.22 -192.67
CA PHE K 156 82.01 -109.34 -191.83
C PHE K 156 81.40 -110.10 -190.67
N LYS K 157 80.93 -111.33 -190.92
CA LYS K 157 80.39 -112.15 -189.84
C LYS K 157 81.47 -112.45 -188.81
N ASP K 158 82.69 -112.78 -189.27
CA ASP K 158 83.79 -113.02 -188.34
C ASP K 158 84.09 -111.78 -187.51
N LEU K 159 84.13 -110.61 -188.14
CA LEU K 159 84.42 -109.38 -187.42
C LEU K 159 83.33 -109.09 -186.39
N VAL K 160 82.07 -109.29 -186.76
CA VAL K 160 80.97 -109.07 -185.82
C VAL K 160 81.08 -110.03 -184.64
N ARG K 161 81.36 -111.30 -184.92
CA ARG K 161 81.50 -112.28 -183.86
C ARG K 161 82.62 -111.90 -182.90
N HIS K 162 83.77 -111.49 -183.44
CA HIS K 162 84.89 -111.11 -182.59
C HIS K 162 84.56 -109.87 -181.78
N LEU K 163 83.92 -108.87 -182.40
CA LEU K 163 83.58 -107.65 -181.67
C LEU K 163 82.60 -107.94 -180.54
N ARG K 164 81.61 -108.81 -180.79
CA ARG K 164 80.69 -109.18 -179.72
C ARG K 164 81.41 -109.91 -178.59
N ASN K 165 82.56 -110.51 -178.88
CA ASN K 165 83.34 -111.22 -177.88
C ASN K 165 84.44 -110.37 -177.25
N SER K 166 84.59 -109.12 -177.68
CA SER K 166 85.62 -108.22 -177.16
C SER K 166 85.03 -106.84 -176.91
N PRO K 167 84.66 -106.54 -175.66
CA PRO K 167 84.10 -105.20 -175.40
C PRO K 167 85.07 -104.08 -175.73
N GLU K 168 86.36 -104.30 -175.50
CA GLU K 168 87.35 -103.30 -175.86
C GLU K 168 87.35 -103.04 -177.36
N ASP K 169 87.11 -104.08 -178.16
CA ASP K 169 87.08 -103.90 -179.61
C ASP K 169 85.97 -102.95 -180.02
N PHE K 170 84.76 -103.17 -179.51
CA PHE K 170 83.66 -102.28 -179.86
C PHE K 170 83.86 -100.90 -179.28
N GLU K 171 84.44 -100.80 -178.08
CA GLU K 171 84.71 -99.48 -177.52
C GLU K 171 85.67 -98.69 -178.40
N ILE K 172 86.73 -99.34 -178.87
CA ILE K 172 87.69 -98.66 -179.75
C ILE K 172 87.02 -98.29 -181.07
N ILE K 173 86.19 -99.19 -181.61
CA ILE K 173 85.50 -98.89 -182.85
C ILE K 173 84.62 -97.66 -182.69
N LYS K 174 83.90 -97.56 -181.58
CA LYS K 174 83.13 -96.36 -181.29
C LYS K 174 84.04 -95.14 -181.14
N SER K 175 85.24 -95.34 -180.58
CA SER K 175 86.16 -94.22 -180.40
C SER K 175 86.59 -93.63 -181.73
N MET K 176 86.92 -94.49 -182.71
CA MET K 176 87.40 -93.97 -183.99
C MET K 176 86.33 -93.14 -184.70
N LYS K 177 85.08 -93.57 -184.68
CA LYS K 177 84.00 -92.90 -185.38
C LYS K 177 82.99 -92.35 -184.37
N THR K 178 82.72 -91.05 -184.46
CA THR K 178 81.75 -90.39 -183.57
C THR K 178 80.52 -89.87 -184.28
N ASN K 179 80.55 -89.69 -185.59
CA ASN K 179 79.39 -89.22 -186.36
C ASN K 179 78.59 -90.43 -186.82
N VAL K 180 77.38 -90.58 -186.30
CA VAL K 180 76.51 -91.71 -186.60
C VAL K 180 75.38 -91.24 -187.50
N ASN K 181 75.13 -91.98 -188.56
CA ASN K 181 74.10 -91.60 -189.51
C ASN K 181 72.75 -91.50 -188.80
N PRO K 182 72.02 -90.40 -188.94
CA PRO K 182 70.70 -90.32 -188.30
C PRO K 182 69.75 -91.42 -188.72
N ASP K 183 69.84 -91.85 -189.98
CA ASP K 183 69.05 -93.00 -190.42
C ASP K 183 69.46 -94.25 -189.66
N LEU K 184 70.75 -94.40 -189.35
CA LEU K 184 71.19 -95.54 -188.55
C LEU K 184 70.57 -95.50 -187.16
N ASN K 185 70.55 -94.32 -186.52
CA ASN K 185 69.91 -94.20 -185.21
C ASN K 185 68.42 -94.51 -185.29
N ASP K 186 67.75 -94.03 -186.34
CA ASP K 186 66.34 -94.33 -186.49
C ASP K 186 66.11 -95.83 -186.66
N LEU K 187 66.96 -96.49 -187.44
CA LEU K 187 66.84 -97.94 -187.61
C LEU K 187 67.09 -98.67 -186.30
N VAL K 188 68.06 -98.21 -185.51
CA VAL K 188 68.32 -98.85 -184.22
C VAL K 188 67.12 -98.69 -183.30
N HIS K 189 66.53 -97.49 -183.27
CA HIS K 189 65.36 -97.28 -182.42
C HIS K 189 64.17 -98.11 -182.89
N CYS K 190 63.99 -98.23 -184.21
CA CYS K 190 62.92 -99.08 -184.73
C CYS K 190 63.18 -100.55 -184.38
N ILE K 191 64.44 -100.97 -184.41
CA ILE K 191 64.79 -102.33 -184.00
C ILE K 191 64.41 -102.56 -182.55
N HIS K 192 64.73 -101.58 -181.68
CA HIS K 192 64.35 -101.70 -180.28
C HIS K 192 62.84 -101.73 -180.10
N CYS K 193 62.13 -100.91 -180.86
CA CYS K 193 60.67 -100.90 -180.78
C CYS K 193 60.08 -102.24 -181.19
N GLN K 194 60.60 -102.82 -182.28
CA GLN K 194 60.15 -104.14 -182.71
C GLN K 194 60.47 -105.18 -181.65
N LYS K 195 61.67 -105.09 -181.06
CA LYS K 195 62.05 -106.00 -179.98
C LYS K 195 61.08 -105.92 -178.81
N VAL K 196 60.73 -104.70 -178.40
CA VAL K 196 59.85 -104.52 -177.25
C VAL K 196 58.44 -105.04 -177.56
N ILE K 197 57.93 -104.71 -178.75
CA ILE K 197 56.59 -105.19 -179.12
C ILE K 197 56.56 -106.71 -179.19
N MET K 198 57.63 -107.32 -179.70
CA MET K 198 57.65 -108.78 -179.83
C MET K 198 57.84 -109.46 -178.48
N LEU K 199 58.58 -108.84 -177.57
CA LEU K 199 58.59 -109.30 -176.18
C LEU K 199 57.20 -109.23 -175.59
N LYS K 200 56.50 -108.13 -175.84
CA LYS K 200 55.13 -107.99 -175.36
C LYS K 200 54.25 -109.11 -175.90
N LYS K 201 54.37 -109.39 -177.20
CA LYS K 201 53.56 -110.43 -177.81
C LYS K 201 53.88 -111.81 -177.24
N LEU K 202 55.17 -112.15 -177.16
CA LEU K 202 55.57 -113.48 -176.73
C LEU K 202 55.62 -113.63 -175.21
N SER K 203 55.44 -112.53 -174.47
CA SER K 203 55.28 -112.59 -173.02
C SER K 203 53.83 -112.88 -172.62
N THR K 204 52.95 -113.06 -173.60
CA THR K 204 51.53 -113.26 -173.35
C THR K 204 51.09 -114.64 -173.81
N ALA K 205 50.31 -115.32 -172.98
CA ALA K 205 49.78 -116.62 -173.37
C ALA K 205 48.78 -116.46 -174.51
N SER K 206 48.74 -117.47 -175.39
CA SER K 206 47.78 -117.44 -176.47
C SER K 206 46.37 -117.30 -175.94
N GLU K 207 46.07 -117.96 -174.82
CA GLU K 207 44.80 -117.71 -174.14
C GLU K 207 44.69 -116.26 -173.72
N GLU K 208 45.77 -115.69 -173.17
CA GLU K 208 45.77 -114.26 -172.87
C GLU K 208 45.71 -113.42 -174.13
N ASP K 209 46.30 -113.91 -175.23
CA ASP K 209 46.20 -113.21 -176.50
C ASP K 209 44.75 -113.04 -176.92
N GLU K 210 43.97 -114.13 -176.85
CA GLU K 210 42.53 -114.01 -177.09
C GLU K 210 41.86 -113.22 -175.99
N ASN K 211 42.45 -113.21 -174.79
CA ASN K 211 41.95 -112.35 -173.72
C ASN K 211 41.92 -110.91 -174.17
N HIS K 212 42.99 -110.46 -174.85
CA HIS K 212 43.01 -109.11 -175.39
C HIS K 212 41.77 -108.84 -176.23
N LYS K 213 41.23 -109.90 -176.84
CA LYS K 213 40.02 -109.74 -177.69
C LYS K 213 38.78 -110.13 -176.89
N ALA K 214 38.82 -111.22 -176.13
CA ALA K 214 37.62 -111.73 -175.41
C ALA K 214 37.49 -111.07 -174.03
N GLN K 215 38.42 -111.33 -173.11
CA GLN K 215 38.17 -110.78 -171.78
C GLN K 215 38.82 -109.41 -171.61
N LEU K 216 39.97 -109.20 -172.24
CA LEU K 216 40.60 -107.89 -172.19
C LEU K 216 39.75 -106.85 -172.93
N ARG K 217 38.88 -107.29 -173.85
CA ARG K 217 37.88 -106.37 -174.36
C ARG K 217 37.04 -105.79 -173.22
N ASP K 218 36.49 -106.66 -172.38
CA ASP K 218 35.69 -106.19 -171.25
C ASP K 218 36.54 -105.36 -170.29
N LEU K 219 37.78 -105.77 -170.06
CA LEU K 219 38.65 -105.03 -169.16
C LEU K 219 38.88 -103.60 -169.68
N GLU K 220 39.20 -103.46 -170.96
CA GLU K 220 39.46 -102.14 -171.52
C GLU K 220 38.19 -101.31 -171.60
N GLU K 221 37.05 -101.94 -171.89
CA GLU K 221 35.79 -101.21 -171.90
C GLU K 221 35.44 -100.70 -170.50
N LYS K 222 35.67 -101.51 -169.47
CA LYS K 222 35.45 -101.04 -168.11
C LYS K 222 36.45 -99.96 -167.71
N ILE K 223 37.69 -100.04 -168.22
CA ILE K 223 38.66 -98.97 -167.96
C ILE K 223 38.17 -97.66 -168.57
N GLU K 224 37.66 -97.72 -169.81
CA GLU K 224 37.08 -96.53 -170.43
C GLU K 224 35.89 -96.02 -169.64
N GLU K 225 35.04 -96.94 -169.16
CA GLU K 225 33.88 -96.55 -168.36
C GLU K 225 34.31 -95.80 -167.11
N LEU K 226 35.31 -96.35 -166.40
CA LEU K 226 35.78 -95.69 -165.17
C LEU K 226 36.44 -94.35 -165.47
N GLU K 227 37.21 -94.27 -166.56
CA GLU K 227 37.82 -93.00 -166.94
C GLU K 227 36.75 -91.95 -167.24
N LYS K 228 35.72 -92.34 -167.98
CA LYS K 228 34.65 -91.40 -168.30
C LYS K 228 33.82 -91.05 -167.06
N LYS K 229 33.67 -91.99 -166.13
CA LYS K 229 33.01 -91.68 -164.87
C LYS K 229 33.80 -90.66 -164.08
N LYS K 230 35.14 -90.80 -164.05
CA LYS K 230 35.98 -89.80 -163.41
C LYS K 230 35.86 -88.46 -164.13
N ASN K 231 35.76 -88.48 -165.45
CA ASN K 231 35.55 -87.24 -166.20
C ASN K 231 34.23 -86.58 -165.80
N LYS K 232 33.16 -87.37 -165.66
CA LYS K 232 31.87 -86.84 -165.25
C LYS K 232 31.95 -86.25 -163.84
N ILE K 233 32.64 -86.94 -162.94
CA ILE K 233 32.76 -86.43 -161.57
C ILE K 233 33.58 -85.15 -161.56
N GLN K 234 34.61 -85.06 -162.40
CA GLN K 234 35.38 -83.82 -162.50
C GLN K 234 34.52 -82.68 -163.04
N GLU K 235 33.68 -82.97 -164.03
CA GLU K 235 32.76 -81.96 -164.54
C GLU K 235 31.79 -81.52 -163.46
N ASP K 236 31.28 -82.46 -162.67
CA ASP K 236 30.41 -82.11 -161.54
C ASP K 236 31.14 -81.22 -160.54
N LEU K 237 32.40 -81.55 -160.25
CA LEU K 237 33.18 -80.71 -159.33
C LEU K 237 33.35 -79.30 -159.88
N THR K 238 33.65 -79.19 -161.17
CA THR K 238 33.82 -77.87 -161.78
C THR K 238 32.52 -77.07 -161.71
N LYS K 239 31.41 -77.70 -162.06
CA LYS K 239 30.12 -77.00 -162.02
C LYS K 239 29.76 -76.60 -160.60
N LEU K 240 30.03 -77.47 -159.62
CA LEU K 240 29.72 -77.14 -158.24
C LEU K 240 30.59 -75.99 -157.74
N LYS K 241 31.87 -75.96 -158.13
CA LYS K 241 32.71 -74.84 -157.73
C LYS K 241 32.23 -73.53 -158.37
N GLU K 242 31.82 -73.59 -159.64
CA GLU K 242 31.25 -72.40 -160.26
C GLU K 242 29.99 -71.94 -159.53
N HIS K 243 29.13 -72.89 -159.16
CA HIS K 243 27.94 -72.56 -158.39
C HIS K 243 28.31 -71.91 -157.06
N ARG K 244 29.30 -72.49 -156.36
CA ARG K 244 29.74 -71.93 -155.09
C ARG K 244 30.19 -70.49 -155.27
N GLN K 245 31.08 -70.23 -156.22
CA GLN K 245 31.60 -68.89 -156.40
C GLN K 245 30.49 -67.90 -156.76
N LYS K 246 29.63 -68.27 -157.70
CA LYS K 246 28.60 -67.33 -158.15
C LYS K 246 27.58 -67.06 -157.06
N PHE K 247 27.09 -68.11 -156.40
CA PHE K 247 26.13 -67.92 -155.31
C PHE K 247 26.75 -67.13 -154.17
N SER K 248 28.00 -67.43 -153.82
CA SER K 248 28.65 -66.71 -152.73
C SER K 248 28.81 -65.23 -153.07
N LYS K 249 29.21 -64.92 -154.31
CA LYS K 249 29.36 -63.52 -154.68
C LYS K 249 28.02 -62.79 -154.64
N GLU K 250 26.97 -63.40 -155.20
CA GLU K 250 25.67 -62.74 -155.19
C GLU K 250 25.16 -62.55 -153.77
N LYS K 251 25.31 -63.56 -152.91
CA LYS K 251 24.80 -63.46 -151.56
C LYS K 251 25.62 -62.48 -150.72
N LYS K 252 26.93 -62.43 -150.93
CA LYS K 252 27.73 -61.42 -150.26
C LYS K 252 27.31 -60.02 -150.67
N GLU K 253 27.05 -59.83 -151.97
CA GLU K 253 26.57 -58.53 -152.45
C GLU K 253 25.24 -58.18 -151.79
N GLU K 254 24.31 -59.13 -151.74
CA GLU K 254 23.07 -58.89 -151.01
C GLU K 254 23.33 -58.57 -149.54
N LEU K 255 24.40 -59.14 -148.98
CA LEU K 255 24.73 -58.86 -147.58
C LEU K 255 25.15 -57.40 -147.39
N GLU K 256 26.05 -56.89 -148.25
CA GLU K 256 26.38 -55.48 -148.06
C GLU K 256 25.17 -54.61 -148.41
N LYS K 257 24.30 -55.06 -149.31
CA LYS K 257 23.09 -54.31 -149.59
C LYS K 257 22.22 -54.18 -148.34
N LEU K 258 22.04 -55.28 -147.61
CA LEU K 258 21.24 -55.23 -146.39
C LEU K 258 21.93 -54.40 -145.31
N LYS K 259 23.25 -54.50 -145.20
CA LYS K 259 23.98 -53.68 -144.24
C LYS K 259 23.79 -52.20 -144.54
N ASN K 260 23.90 -51.82 -145.82
CA ASN K 260 23.68 -50.43 -146.21
C ASN K 260 22.24 -50.01 -145.97
N GLU K 261 21.28 -50.90 -146.19
CA GLU K 261 19.88 -50.58 -145.91
C GLU K 261 19.69 -50.25 -144.44
N ILE K 262 20.24 -51.08 -143.55
CA ILE K 262 20.10 -50.85 -142.12
C ILE K 262 20.80 -49.56 -141.71
N ALA K 263 22.00 -49.33 -142.24
CA ALA K 263 22.74 -48.11 -141.91
C ALA K 263 21.98 -46.87 -142.37
N GLU K 264 21.42 -46.91 -143.58
CA GLU K 264 20.65 -45.78 -144.08
C GLU K 264 19.38 -45.56 -143.27
N VAL K 265 18.75 -46.64 -142.80
CA VAL K 265 17.58 -46.49 -141.95
C VAL K 265 17.95 -45.77 -140.66
N LYS K 266 19.06 -46.19 -140.03
CA LYS K 266 19.49 -45.52 -138.81
C LYS K 266 19.83 -44.05 -139.07
N ALA K 267 20.56 -43.78 -140.15
CA ALA K 267 20.94 -42.42 -140.47
C ALA K 267 19.72 -41.55 -140.72
N GLU K 268 18.72 -42.08 -141.43
CA GLU K 268 17.51 -41.32 -141.71
C GLU K 268 16.71 -41.08 -140.44
N LYS K 269 16.61 -42.07 -139.55
CA LYS K 269 15.90 -41.84 -138.29
C LYS K 269 16.58 -40.74 -137.49
N GLU K 270 17.91 -40.80 -137.37
CA GLU K 270 18.62 -39.78 -136.60
C GLU K 270 18.46 -38.41 -137.24
N LYS K 271 18.63 -38.32 -138.56
CA LYS K 271 18.52 -37.04 -139.24
C LYS K 271 17.13 -36.46 -139.12
N LYS K 272 16.10 -37.30 -139.28
CA LYS K 272 14.74 -36.80 -139.18
C LYS K 272 14.44 -36.32 -137.78
N ALA K 273 14.93 -37.02 -136.76
CA ALA K 273 14.85 -36.48 -135.41
C ALA K 273 15.55 -35.13 -135.34
N SER K 274 16.64 -34.97 -136.09
CA SER K 274 17.33 -33.69 -136.12
C SER K 274 16.44 -32.58 -136.67
N GLN K 275 15.80 -32.82 -137.83
CA GLN K 275 14.90 -31.79 -138.36
C GLN K 275 13.74 -31.53 -137.40
N LEU K 276 13.21 -32.58 -136.78
CA LEU K 276 12.09 -32.36 -135.86
C LEU K 276 12.50 -31.45 -134.70
N LYS K 277 13.63 -31.74 -134.07
CA LYS K 277 14.09 -30.90 -132.97
C LYS K 277 14.40 -29.49 -133.44
N ASN K 278 15.07 -29.36 -134.58
CA ASN K 278 15.42 -28.04 -135.09
C ASN K 278 14.18 -27.21 -135.40
N GLU K 279 13.18 -27.83 -136.03
CA GLU K 279 11.96 -27.11 -136.37
C GLU K 279 11.17 -26.74 -135.13
N LEU K 280 11.12 -27.63 -134.13
CA LEU K 280 10.44 -27.28 -132.89
C LEU K 280 11.13 -26.09 -132.22
N ASP K 281 12.46 -26.09 -132.21
CA ASP K 281 13.19 -24.95 -131.64
C ASP K 281 12.92 -23.67 -132.43
N ASN K 282 12.92 -23.76 -133.76
CA ASN K 282 12.64 -22.57 -134.57
C ASN K 282 11.24 -22.04 -134.29
N ARG K 283 10.26 -22.93 -134.21
CA ARG K 283 8.91 -22.53 -133.82
C ARG K 283 8.93 -21.82 -132.47
N LEU K 284 9.71 -22.35 -131.53
CA LEU K 284 9.85 -21.66 -130.25
C LEU K 284 10.36 -20.24 -130.43
N LYS K 285 11.40 -20.07 -131.25
CA LYS K 285 11.92 -18.72 -131.48
C LYS K 285 10.87 -17.79 -132.07
N GLN K 286 10.20 -18.21 -133.15
CA GLN K 286 9.24 -17.31 -133.77
C GLN K 286 8.07 -17.02 -132.84
N LEU K 287 7.60 -18.02 -132.12
CA LEU K 287 6.48 -17.80 -131.21
C LEU K 287 6.86 -16.85 -130.08
N GLU K 288 8.06 -17.02 -129.50
CA GLU K 288 8.51 -16.10 -128.47
C GLU K 288 8.66 -14.69 -129.02
N ARG K 289 9.20 -14.56 -130.23
CA ARG K 289 9.36 -13.24 -130.85
C ARG K 289 8.01 -12.56 -131.02
N ASP K 290 7.03 -13.28 -131.59
CA ASP K 290 5.72 -12.70 -131.80
C ASP K 290 5.06 -12.32 -130.48
N HIS K 291 5.14 -13.22 -129.48
CA HIS K 291 4.54 -12.94 -128.19
C HIS K 291 5.15 -11.69 -127.57
N LEU K 292 6.48 -11.60 -127.56
CA LEU K 292 7.15 -10.44 -126.98
C LEU K 292 6.79 -9.16 -127.73
N ALA K 293 6.78 -9.22 -129.07
CA ALA K 293 6.48 -8.04 -129.86
C ALA K 293 5.07 -7.54 -129.58
N LYS K 294 4.08 -8.44 -129.60
CA LYS K 294 2.71 -8.00 -129.39
C LYS K 294 2.49 -7.53 -127.95
N LYS K 295 3.10 -8.20 -126.96
CA LYS K 295 2.96 -7.75 -125.58
C LYS K 295 3.57 -6.36 -125.40
N ASP K 296 4.73 -6.11 -126.01
CA ASP K 296 5.32 -4.77 -125.93
C ASP K 296 4.42 -3.74 -126.62
N LYS K 297 3.86 -4.09 -127.78
CA LYS K 297 2.97 -3.16 -128.46
C LYS K 297 1.75 -2.84 -127.60
N LEU K 298 1.23 -3.83 -126.89
CA LEU K 298 0.05 -3.61 -126.07
C LEU K 298 0.31 -2.58 -124.98
N ASP K 299 1.53 -2.53 -124.46
CA ASP K 299 1.83 -1.68 -123.31
C ASP K 299 2.39 -0.31 -123.69
N LYS K 300 2.53 0.01 -124.97
CA LYS K 300 3.07 1.31 -125.34
C LYS K 300 2.16 2.44 -124.89
N GLU K 301 0.85 2.29 -125.11
CA GLU K 301 -0.11 3.30 -124.69
C GLU K 301 -0.09 3.45 -123.18
N LEU K 302 -0.06 2.32 -122.47
CA LEU K 302 -0.10 2.29 -121.02
C LEU K 302 0.71 3.43 -120.41
N GLN K 303 1.97 3.56 -120.84
CA GLN K 303 2.84 4.60 -120.29
C GLN K 303 2.10 5.93 -120.18
N LYS K 304 1.69 6.51 -121.32
CA LYS K 304 1.03 7.80 -121.28
C LYS K 304 -0.18 7.79 -120.35
N LEU K 305 -1.02 6.76 -120.42
CA LEU K 305 -2.17 6.72 -119.53
C LEU K 305 -1.74 6.97 -118.09
N GLU K 306 -0.71 6.24 -117.63
CA GLU K 306 -0.19 6.47 -116.29
C GLU K 306 -0.09 7.97 -116.01
N ASP K 307 0.74 8.67 -116.78
CA ASP K 307 0.96 10.08 -116.54
C ASP K 307 -0.35 10.82 -116.43
N ASP K 308 -1.25 10.64 -117.42
CA ASP K 308 -2.51 11.36 -117.38
C ASP K 308 -3.20 11.12 -116.05
N PHE K 309 -3.36 9.85 -115.68
CA PHE K 309 -3.99 9.54 -114.40
C PHE K 309 -3.30 10.30 -113.29
N ALA K 310 -1.97 10.19 -113.21
CA ALA K 310 -1.23 10.86 -112.16
C ALA K 310 -1.59 12.34 -112.14
N LYS K 311 -1.49 13.01 -113.29
CA LYS K 311 -1.83 14.42 -113.33
C LYS K 311 -3.25 14.63 -112.81
N LEU K 312 -4.22 13.90 -113.37
CA LEU K 312 -5.58 14.03 -112.86
C LEU K 312 -5.59 13.81 -111.36
N LYS K 313 -4.98 12.71 -110.90
CA LYS K 313 -4.96 12.44 -109.47
C LYS K 313 -4.42 13.65 -108.72
N GLN K 314 -3.25 14.15 -109.13
CA GLN K 314 -2.68 15.29 -108.42
C GLN K 314 -3.64 16.46 -108.47
N ASP K 315 -4.17 16.77 -109.65
CA ASP K 315 -5.15 17.85 -109.75
C ASP K 315 -6.28 17.63 -108.76
N HIS K 316 -6.80 16.40 -108.70
CA HIS K 316 -7.89 16.11 -107.76
C HIS K 316 -7.54 16.57 -106.36
N ALA K 317 -6.36 16.17 -105.87
CA ALA K 317 -5.96 16.60 -104.53
C ALA K 317 -6.10 18.11 -104.40
N ASN K 318 -5.52 18.84 -105.35
CA ASN K 318 -5.58 20.30 -105.30
C ASN K 318 -7.02 20.76 -105.09
N ASP K 319 -7.93 20.26 -105.94
CA ASP K 319 -9.31 20.69 -105.82
C ASP K 319 -9.80 20.51 -104.39
N GLU K 320 -9.68 19.29 -103.86
CA GLU K 320 -10.13 19.07 -102.49
C GLU K 320 -9.48 20.08 -101.58
N THR K 321 -8.15 20.16 -101.60
CA THR K 321 -7.46 21.11 -100.75
C THR K 321 -8.06 22.50 -100.95
N LYS K 322 -8.08 22.97 -102.19
CA LYS K 322 -8.60 24.31 -102.44
C LYS K 322 -9.99 24.44 -101.85
N LEU K 323 -10.88 23.51 -102.20
CA LEU K 323 -12.24 23.61 -101.71
C LEU K 323 -12.25 23.64 -100.19
N LYS K 324 -11.54 22.68 -99.57
CA LYS K 324 -11.51 22.66 -98.12
C LYS K 324 -11.14 24.04 -97.59
N THR K 325 -10.05 24.62 -98.10
CA THR K 325 -9.66 25.95 -97.68
C THR K 325 -10.87 26.87 -97.63
N ASN K 326 -11.49 27.10 -98.79
CA ASN K 326 -12.61 28.03 -98.83
C ASN K 326 -13.66 27.62 -97.81
N LYS K 327 -14.09 26.36 -97.84
CA LYS K 327 -15.16 25.96 -96.93
C LYS K 327 -14.77 26.27 -95.50
N ARG K 328 -13.54 25.91 -95.11
CA ARG K 328 -13.11 26.18 -93.75
C ARG K 328 -13.26 27.66 -93.41
N GLN K 329 -12.70 28.53 -94.27
CA GLN K 329 -12.79 29.95 -93.98
C GLN K 329 -14.23 30.35 -93.72
N GLN K 330 -15.17 29.80 -94.49
CA GLN K 330 -16.57 30.14 -94.27
C GLN K 330 -16.94 29.99 -92.81
N GLN K 331 -16.79 28.78 -92.25
CA GLN K 331 -17.18 28.65 -90.85
C GLN K 331 -16.34 29.54 -89.96
N ASN K 332 -15.06 29.72 -90.26
CA ASN K 332 -14.25 30.67 -89.50
C ASN K 332 -14.97 32.01 -89.43
N SER K 333 -15.38 32.54 -90.58
CA SER K 333 -16.13 33.79 -90.57
C SER K 333 -17.31 33.68 -89.63
N LEU K 334 -18.15 32.67 -89.84
CA LEU K 334 -19.29 32.48 -88.94
C LEU K 334 -18.83 32.44 -87.50
N ALA K 335 -17.79 31.64 -87.22
CA ALA K 335 -17.30 31.56 -85.86
C ALA K 335 -17.02 32.96 -85.30
N ASP K 336 -16.22 33.74 -86.02
CA ASP K 336 -15.96 35.10 -85.55
C ASP K 336 -17.27 35.85 -85.40
N ASN K 337 -18.11 35.81 -86.43
CA ASN K 337 -19.42 36.43 -86.32
C ASN K 337 -20.13 35.96 -85.06
N ILE K 338 -20.17 34.64 -84.86
CA ILE K 338 -20.78 34.12 -83.63
C ILE K 338 -20.23 34.87 -82.43
N GLU K 339 -18.91 34.83 -82.23
CA GLU K 339 -18.32 35.51 -81.08
C GLU K 339 -18.79 36.94 -81.01
N SER K 340 -18.69 37.68 -82.13
CA SER K 340 -19.15 39.05 -82.14
C SER K 340 -20.56 39.14 -81.57
N TYR K 341 -21.51 38.45 -82.19
CA TYR K 341 -22.85 38.39 -81.62
C TYR K 341 -22.76 38.11 -80.13
N ASP K 342 -22.23 36.95 -79.77
CA ASP K 342 -22.04 36.63 -78.35
C ASP K 342 -21.48 37.83 -77.62
N ALA K 343 -20.28 38.27 -78.02
CA ALA K 343 -19.68 39.42 -77.36
C ALA K 343 -20.70 40.54 -77.22
N LEU K 344 -21.16 41.08 -78.35
CA LEU K 344 -22.13 42.16 -78.29
C LEU K 344 -23.23 41.84 -77.28
N MET K 345 -23.92 40.72 -77.50
CA MET K 345 -25.08 40.42 -76.66
C MET K 345 -24.71 40.52 -75.20
N LYS K 346 -23.65 39.81 -74.79
CA LYS K 346 -23.28 39.84 -73.38
C LYS K 346 -23.24 41.27 -72.89
N ASP K 347 -22.36 42.09 -73.46
CA ASP K 347 -22.28 43.48 -73.03
C ASP K 347 -23.67 44.07 -72.95
N GLN K 348 -24.39 44.08 -74.07
CA GLN K 348 -25.68 44.74 -74.10
C GLN K 348 -26.58 44.21 -72.99
N HIS K 349 -26.70 42.88 -72.89
CA HIS K 349 -27.57 42.33 -71.87
C HIS K 349 -27.19 42.87 -70.51
N GLN K 350 -25.91 42.76 -70.16
CA GLN K 350 -25.47 43.23 -68.85
C GLN K 350 -25.93 44.67 -68.62
N LYS K 351 -25.69 45.54 -69.61
CA LYS K 351 -26.04 46.93 -69.45
C LYS K 351 -27.50 47.09 -69.06
N LYS K 352 -28.39 46.41 -69.79
CA LYS K 352 -29.81 46.55 -69.53
C LYS K 352 -30.13 46.25 -68.07
N GLN K 353 -29.49 45.20 -67.53
CA GLN K 353 -29.75 44.84 -66.13
C GLN K 353 -29.55 46.02 -65.21
N GLU K 354 -28.44 46.75 -65.37
CA GLU K 354 -28.19 47.88 -64.47
C GLU K 354 -29.35 48.87 -64.52
N ILE K 355 -29.83 49.18 -65.74
CA ILE K 355 -30.98 50.07 -65.84
C ILE K 355 -32.14 49.51 -65.04
N GLU K 356 -32.43 48.22 -65.24
CA GLU K 356 -33.45 47.57 -64.41
C GLU K 356 -33.14 47.76 -62.94
N GLU K 357 -31.90 47.51 -62.54
CA GLU K 357 -31.52 47.67 -61.14
C GLU K 357 -31.66 49.12 -60.70
N GLU K 358 -31.40 50.07 -61.61
CA GLU K 358 -31.56 51.48 -61.24
C GLU K 358 -33.01 51.91 -61.42
N LEU K 359 -33.84 51.06 -62.02
CA LEU K 359 -35.24 51.42 -62.23
C LEU K 359 -36.21 50.51 -61.46
N ALA K 360 -35.72 49.43 -60.85
CA ALA K 360 -36.57 48.48 -60.14
C ALA K 360 -36.26 48.53 -58.64
N LYS K 361 -37.18 47.95 -57.86
CA LYS K 361 -37.04 47.83 -56.41
C LYS K 361 -36.84 49.19 -55.76
N ILE K 362 -37.54 50.19 -56.28
CA ILE K 362 -37.49 51.52 -55.69
C ILE K 362 -38.89 52.10 -55.56
N ILE K 363 -39.85 51.52 -56.28
CA ILE K 363 -41.21 52.07 -56.24
C ILE K 363 -41.78 51.96 -54.83
N GLU K 364 -41.61 50.81 -54.20
CA GLU K 364 -42.18 50.59 -52.89
C GLU K 364 -41.54 51.49 -51.83
N GLU K 365 -40.24 51.76 -51.96
CA GLU K 365 -39.61 52.69 -51.02
C GLU K 365 -40.21 54.09 -51.16
N VAL K 366 -40.46 54.52 -52.39
CA VAL K 366 -41.11 55.81 -52.62
C VAL K 366 -42.49 55.82 -51.99
N ASP K 367 -43.25 54.73 -52.19
CA ASP K 367 -44.59 54.65 -51.62
C ASP K 367 -44.56 54.70 -50.11
N THR K 368 -43.62 53.98 -49.48
CA THR K 368 -43.54 53.97 -48.03
C THR K 368 -43.17 55.35 -47.49
N LEU K 369 -42.21 56.02 -48.12
CA LEU K 369 -41.85 57.37 -47.68
C LEU K 369 -43.03 58.32 -47.85
N LYS K 370 -43.77 58.20 -48.95
CA LYS K 370 -44.94 59.04 -49.15
C LYS K 370 -46.00 58.78 -48.08
N GLN K 371 -46.22 57.51 -47.73
CA GLN K 371 -47.21 57.18 -46.71
C GLN K 371 -46.82 57.74 -45.35
N LEU K 372 -45.54 57.59 -44.98
CA LEU K 372 -45.10 58.16 -43.70
C LEU K 372 -45.22 59.67 -43.72
N PHE K 373 -44.91 60.31 -44.85
CA PHE K 373 -45.12 61.74 -44.97
C PHE K 373 -46.58 62.11 -44.81
N LYS K 374 -47.48 61.30 -45.38
CA LYS K 374 -48.91 61.56 -45.23
C LYS K 374 -49.31 61.50 -43.76
N GLU K 375 -48.83 60.49 -43.04
CA GLU K 375 -49.14 60.40 -41.62
C GLU K 375 -48.58 61.60 -40.85
N ILE K 376 -47.34 61.99 -41.17
CA ILE K 376 -46.71 63.11 -40.46
C ILE K 376 -47.48 64.39 -40.71
N ASP K 377 -47.87 64.64 -41.96
CA ASP K 377 -48.63 65.85 -42.27
C ASP K 377 -50.02 65.83 -41.67
N GLU K 378 -50.67 64.66 -41.62
CA GLU K 378 -51.99 64.58 -41.02
C GLU K 378 -51.93 64.86 -39.52
N GLU K 379 -50.94 64.28 -38.83
CA GLU K 379 -50.73 64.60 -37.43
C GLU K 379 -50.35 66.06 -37.24
N LYS K 380 -49.58 66.63 -38.17
CA LYS K 380 -49.25 68.05 -38.10
C LYS K 380 -50.50 68.91 -38.18
N GLN K 381 -51.40 68.58 -39.12
CA GLN K 381 -52.64 69.32 -39.27
C GLN K 381 -53.52 69.19 -38.03
N ARG K 382 -53.61 67.98 -37.47
CA ARG K 382 -54.38 67.79 -36.25
C ARG K 382 -53.79 68.56 -35.08
N GLU K 383 -52.46 68.54 -34.94
CA GLU K 383 -51.81 69.30 -33.88
C GLU K 383 -52.05 70.79 -34.05
N ARG K 384 -52.00 71.28 -35.28
CA ARG K 384 -52.21 72.70 -35.54
C ARG K 384 -53.65 73.10 -35.28
N GLU K 385 -54.61 72.23 -35.63
CA GLU K 385 -56.00 72.51 -35.29
C GLU K 385 -56.21 72.56 -33.79
N LEU K 386 -55.60 71.62 -33.05
CA LEU K 386 -55.70 71.67 -31.60
C LEU K 386 -55.06 72.94 -31.05
N GLU K 387 -53.92 73.35 -31.62
CA GLU K 387 -53.27 74.57 -31.19
C GLU K 387 -54.14 75.79 -31.45
N GLU K 388 -54.81 75.82 -32.60
CA GLU K 388 -55.71 76.94 -32.91
C GLU K 388 -56.90 76.97 -31.95
N GLU K 389 -57.47 75.79 -31.64
CA GLU K 389 -58.57 75.75 -30.70
C GLU K 389 -58.13 76.23 -29.32
N PHE K 390 -56.97 75.78 -28.86
CA PHE K 390 -56.47 76.20 -27.56
C PHE K 390 -56.14 77.69 -27.54
N ARG K 391 -55.66 78.22 -28.68
CA ARG K 391 -55.35 79.65 -28.76
C ARG K 391 -56.61 80.49 -28.73
N LEU K 392 -57.67 80.04 -29.42
CA LEU K 392 -58.96 80.72 -29.29
C LEU K 392 -59.45 80.68 -27.85
N LYS K 393 -59.33 79.52 -27.21
CA LYS K 393 -59.75 79.40 -25.82
C LYS K 393 -58.95 80.32 -24.90
N LYS K 394 -57.65 80.46 -25.14
CA LYS K 394 -56.84 81.30 -24.27
C LYS K 394 -57.03 82.79 -24.55
N GLU K 395 -57.35 83.17 -25.79
CA GLU K 395 -57.79 84.54 -26.04
C GLU K 395 -59.09 84.83 -25.30
N GLN K 396 -60.02 83.87 -25.33
CA GLN K 396 -61.23 84.01 -24.50
C GLN K 396 -60.86 84.10 -23.03
N TRP K 397 -59.82 83.37 -22.61
CA TRP K 397 -59.33 83.46 -21.24
C TRP K 397 -58.85 84.86 -20.91
N GLU K 398 -58.11 85.49 -21.81
CA GLU K 398 -57.65 86.86 -21.58
C GLU K 398 -58.84 87.82 -21.52
N ILE K 399 -59.81 87.64 -22.41
CA ILE K 399 -60.98 88.50 -22.42
C ILE K 399 -61.77 88.38 -21.12
N GLN K 400 -61.99 87.14 -20.66
CA GLN K 400 -62.69 86.93 -19.40
C GLN K 400 -61.85 87.34 -18.20
N GLU K 401 -60.52 87.31 -18.31
CA GLU K 401 -59.67 87.87 -17.27
C GLU K 401 -59.88 89.37 -17.14
N ARG K 402 -59.95 90.08 -18.27
CA ARG K 402 -60.26 91.50 -18.21
C ARG K 402 -61.68 91.74 -17.71
N ARG K 403 -62.61 90.85 -18.06
CA ARG K 403 -63.95 90.91 -17.50
C ARG K 403 -63.92 90.80 -15.97
N LYS K 404 -63.12 89.87 -15.46
CA LYS K 404 -62.96 89.70 -14.03
C LYS K 404 -62.25 90.90 -13.40
N LYS K 405 -61.34 91.54 -14.14
CA LYS K 405 -60.70 92.75 -13.65
C LYS K 405 -61.71 93.88 -13.50
N GLU K 406 -62.63 94.00 -14.46
CA GLU K 406 -63.74 94.94 -14.30
C GLU K 406 -64.62 94.54 -13.11
N ALA K 407 -64.82 93.24 -12.92
CA ALA K 407 -65.56 92.76 -11.76
C ALA K 407 -64.90 93.23 -10.47
N ALA K 408 -63.57 93.11 -10.40
CA ALA K 408 -62.85 93.57 -9.22
C ALA K 408 -62.96 95.08 -9.06
N ARG K 409 -62.84 95.82 -10.17
CA ARG K 409 -63.08 97.26 -10.14
C ARG K 409 -64.41 97.58 -9.48
N CYS K 410 -65.46 96.83 -9.83
CA CYS K 410 -66.74 96.93 -9.17
C CYS K 410 -66.71 96.34 -7.76
N ILE K 411 -65.66 95.59 -7.42
CA ILE K 411 -65.55 94.98 -6.10
C ILE K 411 -64.98 95.97 -5.09
N LEU K 412 -64.07 96.84 -5.50
CA LEU K 412 -63.49 97.86 -4.63
C LEU K 412 -64.45 99.01 -4.37
N HIS K 413 -65.76 98.76 -4.52
CA HIS K 413 -66.73 99.83 -4.64
C HIS K 413 -67.90 99.64 -3.67
N PHE K 414 -67.80 98.70 -2.73
CA PHE K 414 -68.96 98.20 -2.00
C PHE K 414 -69.00 98.58 -0.51
N LEU K 415 -67.89 99.03 0.07
CA LEU K 415 -67.74 99.11 1.52
C LEU K 415 -67.14 100.45 1.93
N MET K 416 -67.69 101.55 1.41
CA MET K 416 -67.05 102.85 1.55
C MET K 416 -66.77 103.19 3.01
N ALA K 417 -67.78 103.14 3.87
CA ALA K 417 -67.59 103.59 5.24
C ALA K 417 -68.08 102.60 6.28
N ARG K 418 -69.13 101.84 6.00
CA ARG K 418 -69.83 101.10 7.04
C ARG K 418 -69.01 99.95 7.59
N LYS K 419 -69.07 99.74 8.91
CA LYS K 419 -69.63 100.67 9.92
C LYS K 419 -69.81 100.03 11.31
N GLU K 420 -70.92 99.33 11.49
CA GLU K 420 -71.53 99.14 12.81
C GLU K 420 -70.91 97.96 13.56
N LYS K 421 -69.61 98.11 13.86
CA LYS K 421 -69.03 97.57 15.09
C LYS K 421 -69.46 96.16 15.46
N SER K 422 -69.04 95.15 14.68
CA SER K 422 -69.26 93.75 15.06
C SER K 422 -68.34 93.49 16.26
N LYS K 423 -68.89 93.74 17.45
CA LYS K 423 -68.08 94.24 18.56
C LYS K 423 -67.38 93.14 19.37
N LYS K 424 -68.15 92.22 19.97
CA LYS K 424 -67.76 91.66 21.27
C LYS K 424 -66.64 90.62 21.21
N LYS K 425 -66.90 89.48 20.59
CA LYS K 425 -66.05 88.31 20.81
C LYS K 425 -66.13 87.36 19.64
N LYS K 426 -64.98 86.95 19.13
CA LYS K 426 -64.90 85.79 18.25
C LYS K 426 -63.66 84.94 18.56
N LYS K 427 -63.22 84.91 19.82
CA LYS K 427 -61.94 84.27 20.17
C LYS K 427 -61.92 82.80 19.77
N LYS K 428 -62.85 82.02 20.32
CA LYS K 428 -62.77 80.56 20.33
C LYS K 428 -62.42 80.02 18.96
N LYS K 429 -61.24 79.41 18.86
CA LYS K 429 -60.63 79.01 17.61
C LYS K 429 -60.02 77.62 17.71
N GLY K 430 -60.79 76.64 18.17
CA GLY K 430 -60.24 75.39 18.69
C GLY K 430 -58.95 74.89 18.06
N LYS K 431 -58.01 74.49 18.93
CA LYS K 431 -56.62 74.30 18.51
C LYS K 431 -56.50 73.29 17.37
N LYS K 432 -57.44 72.37 17.25
CA LYS K 432 -57.42 71.49 16.09
C LYS K 432 -57.42 72.33 14.82
N LYS K 433 -56.32 72.27 14.08
CA LYS K 433 -56.02 73.20 12.98
C LYS K 433 -55.92 72.45 11.67
N LYS K 434 -55.44 73.16 10.65
CA LYS K 434 -55.27 72.60 9.32
C LYS K 434 -53.80 72.42 8.98
N MET L 1 23.20 5.22 85.01
CA MET L 1 23.90 4.77 86.22
C MET L 1 23.77 5.82 87.32
N SER L 2 24.23 7.05 87.03
CA SER L 2 24.15 8.12 88.02
C SER L 2 22.73 8.65 88.15
N ASN L 3 22.03 8.82 87.02
CA ASN L 3 20.67 9.36 87.07
C ASN L 3 19.74 8.46 87.87
N MET L 4 19.73 7.16 87.56
CA MET L 4 18.83 6.25 88.26
C MET L 4 19.19 6.14 89.74
N MET L 5 20.47 6.04 90.06
CA MET L 5 20.88 5.93 91.45
C MET L 5 20.49 7.17 92.24
N TYR L 6 20.66 8.36 91.64
CA TYR L 6 20.26 9.58 92.34
C TYR L 6 18.74 9.72 92.42
N ASN L 7 18.01 9.23 91.42
CA ASN L 7 16.55 9.19 91.56
C ASN L 7 16.14 8.34 92.75
N MET L 8 16.76 7.16 92.90
CA MET L 8 16.42 6.31 94.03
C MET L 8 16.82 6.96 95.35
N LYS L 9 17.98 7.64 95.37
CA LYS L 9 18.41 8.30 96.60
C LYS L 9 17.46 9.44 96.98
N TRP L 10 17.01 10.23 96.01
CA TRP L 10 16.01 11.25 96.31
C TRP L 10 14.71 10.60 96.77
N GLN L 11 14.35 9.47 96.17
CA GLN L 11 13.16 8.75 96.61
C GLN L 11 13.27 8.38 98.09
N GLU L 12 14.42 7.84 98.49
CA GLU L 12 14.63 7.48 99.89
C GLU L 12 14.64 8.72 100.79
N ALA L 13 15.24 9.82 100.31
CA ALA L 13 15.27 11.05 101.10
C ALA L 13 13.87 11.60 101.33
N ILE L 14 13.03 11.58 100.29
CA ILE L 14 11.65 12.04 100.43
C ILE L 14 10.87 11.09 101.33
N ASN L 15 11.18 9.79 101.28
CA ASN L 15 10.58 8.86 102.24
C ASN L 15 10.95 9.24 103.66
N ASP L 16 12.21 9.61 103.88
CA ASP L 16 12.64 10.02 105.22
C ASP L 16 11.94 11.30 105.65
N LEU L 17 11.81 12.26 104.73
CA LEU L 17 11.12 13.51 105.06
C LEU L 17 9.65 13.26 105.37
N MET L 18 8.98 12.39 104.60
CA MET L 18 7.59 12.07 104.89
C MET L 18 7.46 11.33 106.22
N GLU L 19 8.43 10.46 106.53
CA GLU L 19 8.45 9.80 107.83
C GLU L 19 8.52 10.82 108.95
N GLN L 20 9.42 11.80 108.84
CA GLN L 20 9.54 12.82 109.88
C GLN L 20 8.27 13.68 109.97
N VAL L 21 7.69 14.03 108.82
CA VAL L 21 6.48 14.86 108.85
C VAL L 21 5.34 14.11 109.52
N THR L 22 5.15 12.83 109.19
CA THR L 22 4.11 12.05 109.85
C THR L 22 4.40 11.88 111.34
N LEU L 23 5.66 11.61 111.68
CA LEU L 23 6.04 11.49 113.08
C LEU L 23 5.67 12.74 113.86
N GLU L 24 6.05 13.92 113.35
CA GLU L 24 5.82 15.15 114.08
C GLU L 24 4.36 15.58 114.05
N TYR L 25 3.65 15.26 112.97
CA TYR L 25 2.20 15.43 112.97
C TYR L 25 1.53 14.56 114.02
N LEU L 26 2.14 13.41 114.35
CA LEU L 26 1.56 12.54 115.37
C LEU L 26 1.32 13.27 116.68
N PRO L 27 2.28 13.99 117.25
CA PRO L 27 2.00 14.70 118.51
C PRO L 27 0.86 15.69 118.41
N LEU L 28 0.75 16.42 117.29
CA LEU L 28 -0.31 17.42 117.17
C LEU L 28 -1.67 16.77 117.17
N GLU L 29 -1.85 15.70 116.37
CA GLU L 29 -3.13 15.03 116.32
C GLU L 29 -3.45 14.33 117.64
N GLN L 30 -2.44 13.73 118.28
CA GLN L 30 -2.65 13.11 119.58
C GLN L 30 -3.10 14.14 120.62
N ASN L 31 -2.48 15.32 120.60
CA ASN L 31 -2.91 16.40 121.48
C ASN L 31 -4.34 16.82 121.17
N GLU L 32 -4.67 16.95 119.88
CA GLU L 32 -6.02 17.32 119.49
C GLU L 32 -7.04 16.33 120.02
N GLN L 33 -6.70 15.03 119.97
CA GLN L 33 -7.59 14.02 120.52
C GLN L 33 -7.49 13.89 122.03
N GLN L 34 -6.53 14.55 122.68
CA GLN L 34 -6.41 14.52 124.13
C GLN L 34 -6.03 15.90 124.67
N LEU L 35 -6.69 16.94 124.17
CA LEU L 35 -6.40 18.31 124.59
C LEU L 35 -6.93 18.63 125.98
N GLY L 36 -7.76 17.77 126.57
CA GLY L 36 -8.41 18.12 127.82
C GLY L 36 -7.42 18.37 128.95
N MET L 37 -6.45 17.47 129.11
CA MET L 37 -5.56 17.49 130.25
C MET L 37 -4.18 18.01 129.87
N LYS L 38 -3.33 18.19 130.87
CA LYS L 38 -1.95 18.62 130.69
C LYS L 38 -1.08 17.42 130.34
N TYR L 39 0.12 17.71 129.84
CA TYR L 39 1.07 16.68 129.41
C TYR L 39 2.25 16.65 130.39
N LYS L 40 2.45 15.50 131.03
CA LYS L 40 3.62 15.27 131.89
C LYS L 40 4.69 14.48 131.13
N ARG L 41 5.15 15.04 130.03
CA ARG L 41 6.24 14.45 129.26
C ARG L 41 7.56 15.02 129.77
N ASP L 42 8.38 14.16 130.37
CA ASP L 42 9.68 14.58 130.87
C ASP L 42 10.57 15.04 129.72
N SER L 43 11.56 15.87 130.05
CA SER L 43 12.50 16.34 129.03
C SER L 43 13.24 15.20 128.36
N SER L 44 13.30 14.02 128.99
CA SER L 44 13.97 12.89 128.37
C SER L 44 13.28 12.49 127.08
N GLU L 45 11.95 12.34 127.11
CA GLU L 45 11.22 11.92 125.92
C GLU L 45 11.30 12.94 124.81
N TRP L 46 11.15 14.23 125.14
CA TRP L 46 11.28 15.27 124.14
C TRP L 46 12.69 15.28 123.55
N PHE L 47 13.69 15.06 124.39
CA PHE L 47 15.06 15.02 123.91
C PHE L 47 15.25 13.87 122.93
N HIS L 48 14.72 12.68 123.27
CA HIS L 48 14.81 11.56 122.35
C HIS L 48 14.13 11.88 121.02
N PHE L 49 12.92 12.44 121.09
CA PHE L 49 12.15 12.72 119.89
C PHE L 49 12.89 13.71 119.00
N TRP L 50 13.35 14.83 119.57
CA TRP L 50 14.04 15.83 118.77
C TRP L 50 15.39 15.32 118.28
N ALA L 51 16.08 14.48 119.05
CA ALA L 51 17.36 13.95 118.59
C ALA L 51 17.19 12.99 117.43
N THR L 52 16.18 12.11 117.49
CA THR L 52 15.89 11.26 116.36
C THR L 52 15.50 12.07 115.14
N LEU L 53 14.69 13.11 115.35
CA LEU L 53 14.32 13.98 114.24
C LEU L 53 15.57 14.64 113.63
N TYR L 54 16.47 15.11 114.49
CA TYR L 54 17.69 15.77 114.03
C TYR L 54 18.56 14.82 113.22
N ILE L 55 18.73 13.59 113.68
CA ILE L 55 19.58 12.64 112.97
C ILE L 55 18.95 12.25 111.63
N LYS L 56 17.64 12.01 111.62
CA LYS L 56 16.97 11.68 110.36
C LYS L 56 17.06 12.84 109.38
N TYR L 57 16.90 14.08 109.87
CA TYR L 57 17.05 15.24 109.00
C TYR L 57 18.49 15.39 108.52
N ILE L 58 19.46 14.98 109.33
CA ILE L 58 20.85 14.99 108.86
C ILE L 58 21.03 14.01 107.71
N ASP L 59 20.44 12.83 107.82
CA ASP L 59 20.51 11.87 106.72
C ASP L 59 19.84 12.44 105.47
N ILE L 60 18.69 13.07 105.64
CA ILE L 60 18.00 13.71 104.52
C ILE L 60 18.88 14.77 103.88
N TYR L 61 19.52 15.59 104.72
CA TYR L 61 20.43 16.62 104.21
C TYR L 61 21.55 16.00 103.39
N LYS L 62 22.20 14.96 103.93
CA LYS L 62 23.29 14.33 103.19
C LYS L 62 22.82 13.86 101.82
N LYS L 63 21.73 13.08 101.79
CA LYS L 63 21.28 12.50 100.54
C LYS L 63 20.87 13.59 99.55
N LEU L 64 20.12 14.58 100.00
CA LEU L 64 19.64 15.63 99.11
C LEU L 64 20.79 16.49 98.59
N GLU L 65 21.76 16.81 99.45
CA GLU L 65 22.89 17.61 99.01
C GLU L 65 23.72 16.85 97.98
N ASP L 66 23.96 15.56 98.20
CA ASP L 66 24.68 14.78 97.19
C ASP L 66 23.90 14.71 95.89
N CYS L 67 22.57 14.55 95.97
CA CYS L 67 21.76 14.49 94.76
C CYS L 67 21.86 15.79 93.97
N TYR L 68 21.65 16.93 94.64
CA TYR L 68 21.82 18.22 93.96
C TYR L 68 23.22 18.38 93.42
N ASP L 69 24.23 17.86 94.13
CA ASP L 69 25.59 17.88 93.63
C ASP L 69 25.69 17.11 92.31
N GLN L 70 24.97 16.00 92.19
CA GLN L 70 24.95 15.22 90.96
C GLN L 70 23.54 14.96 90.43
N LEU L 71 22.62 15.90 90.64
CA LEU L 71 21.31 15.89 89.97
C LEU L 71 21.36 16.81 88.76
N VAL L 72 21.08 16.24 87.59
CA VAL L 72 21.30 16.95 86.32
C VAL L 72 20.04 17.58 85.75
N HIS L 73 18.86 17.25 86.27
CA HIS L 73 17.64 17.88 85.78
C HIS L 73 17.53 19.30 86.33
N PRO L 74 17.76 20.33 85.53
CA PRO L 74 17.69 21.70 86.08
C PRO L 74 16.35 22.01 86.72
N GLN L 75 15.24 21.58 86.12
CA GLN L 75 13.95 21.72 86.78
C GLN L 75 13.93 20.92 88.07
N LYS L 76 14.46 19.69 88.04
CA LYS L 76 14.60 18.91 89.26
C LYS L 76 15.58 19.57 90.22
N ARG L 77 16.65 20.16 89.69
CA ARG L 77 17.65 20.77 90.55
C ARG L 77 17.10 21.95 91.34
N VAL L 78 16.26 22.78 90.71
CA VAL L 78 15.72 23.94 91.40
C VAL L 78 14.86 23.51 92.58
N LEU L 79 14.00 22.50 92.35
CA LEU L 79 13.20 21.96 93.43
C LEU L 79 14.08 21.37 94.52
N LEU L 80 15.11 20.62 94.12
CA LEU L 80 16.00 20.04 95.12
C LEU L 80 16.67 21.12 95.95
N LYS L 81 17.08 22.22 95.31
CA LYS L 81 17.75 23.30 96.03
C LYS L 81 16.81 23.96 97.04
N GLU L 82 15.59 24.30 96.59
CA GLU L 82 14.66 24.95 97.52
C GLU L 82 14.30 24.03 98.68
N MET L 83 14.03 22.76 98.38
CA MET L 83 13.73 21.80 99.43
C MET L 83 14.92 21.60 100.36
N LEU L 84 16.14 21.61 99.81
CA LEU L 84 17.33 21.45 100.62
C LEU L 84 17.50 22.63 101.58
N GLU L 85 17.28 23.85 101.10
CA GLU L 85 17.42 25.01 101.98
C GLU L 85 16.33 25.00 103.05
N ASN L 86 15.09 24.65 102.69
CA ASN L 86 14.04 24.55 103.71
C ASN L 86 14.37 23.49 104.76
N VAL L 87 14.86 22.33 104.32
CA VAL L 87 15.22 21.27 105.25
C VAL L 87 16.39 21.70 106.12
N ILE L 88 17.36 22.43 105.56
CA ILE L 88 18.48 22.94 106.33
C ILE L 88 17.98 23.90 107.41
N VAL L 89 17.00 24.74 107.05
CA VAL L 89 16.43 25.66 108.02
C VAL L 89 15.75 24.91 109.14
N ARG L 90 14.89 23.95 108.81
CA ARG L 90 14.22 23.23 109.90
C ARG L 90 15.20 22.38 110.68
N LEU L 91 16.31 21.98 110.06
CA LEU L 91 17.36 21.28 110.77
C LEU L 91 18.03 22.17 111.81
N CYS L 92 18.35 23.41 111.43
CA CYS L 92 18.90 24.35 112.39
C CYS L 92 17.89 24.61 113.51
N GLU L 93 16.61 24.73 113.16
CA GLU L 93 15.59 24.95 114.17
C GLU L 93 15.48 23.75 115.13
N THR L 94 15.58 22.53 114.58
CA THR L 94 15.56 21.33 115.41
C THR L 94 16.77 21.29 116.34
N LYS L 95 17.94 21.70 115.84
CA LYS L 95 19.12 21.77 116.69
C LYS L 95 18.90 22.76 117.82
N SER L 96 18.33 23.93 117.52
CA SER L 96 18.05 24.91 118.57
C SER L 96 17.05 24.36 119.59
N GLN L 97 16.01 23.68 119.11
CA GLN L 97 15.01 23.11 120.02
C GLN L 97 15.65 22.06 120.94
N VAL L 98 16.52 21.21 120.38
CA VAL L 98 17.25 20.26 121.21
C VAL L 98 18.12 21.00 122.21
N VAL L 99 18.70 22.12 121.80
CA VAL L 99 19.52 22.92 122.71
C VAL L 99 18.69 23.39 123.90
N LYS L 100 17.47 23.89 123.65
CA LYS L 100 16.67 24.44 124.73
C LYS L 100 16.32 23.39 125.77
N TYR L 101 15.95 22.18 125.32
CA TYR L 101 15.51 21.12 126.23
C TYR L 101 16.65 20.31 126.79
N ASN L 102 17.88 20.83 126.75
CA ASN L 102 19.05 20.14 127.31
C ASN L 102 19.04 20.25 128.83
N THR L 103 17.99 19.71 129.43
CA THR L 103 17.75 19.81 130.87
C THR L 103 18.04 18.49 131.59
N GLN L 104 18.95 17.68 131.06
CA GLN L 104 19.26 16.40 131.68
C GLN L 104 19.94 16.61 133.03
N TYR L 105 19.80 15.60 133.90
CA TYR L 105 20.29 15.64 135.27
C TYR L 105 19.48 16.58 136.15
N ASP L 106 18.26 16.94 135.72
CA ASP L 106 17.42 17.87 136.45
C ASP L 106 18.03 19.27 136.45
N ALA L 107 18.56 19.69 135.30
CA ALA L 107 19.25 20.97 135.18
C ALA L 107 18.67 21.75 134.01
N THR L 108 19.27 22.91 133.75
CA THR L 108 18.83 23.83 132.70
C THR L 108 19.95 24.18 131.73
N TYR L 109 20.67 23.17 131.25
CA TYR L 109 21.74 23.37 130.29
C TYR L 109 21.20 23.83 128.95
N LYS L 110 21.45 25.09 128.58
CA LYS L 110 21.09 25.55 127.24
C LYS L 110 22.26 25.38 126.27
N SER L 111 22.81 24.17 126.24
CA SER L 111 24.06 23.91 125.53
C SER L 111 23.83 23.91 124.03
N ASP L 112 24.73 24.57 123.30
CA ASP L 112 24.76 24.49 121.84
C ASP L 112 25.36 23.18 121.35
N TYR L 113 25.72 22.27 122.26
CA TYR L 113 26.34 21.00 121.91
C TYR L 113 25.61 19.86 122.62
N PRO L 114 24.33 19.65 122.28
CA PRO L 114 23.60 18.54 122.91
C PRO L 114 24.19 17.20 122.55
N ASN L 115 24.08 16.26 123.48
CA ASN L 115 24.68 14.94 123.34
C ASN L 115 23.62 13.95 122.85
N LEU L 116 23.85 13.39 121.66
CA LEU L 116 22.93 12.41 121.07
C LEU L 116 23.55 11.02 120.98
N ASP L 117 24.67 10.79 121.67
CA ASP L 117 25.38 9.52 121.51
C ASP L 117 24.52 8.34 121.96
N GLU L 118 23.82 8.48 123.08
CA GLU L 118 23.01 7.38 123.59
C GLU L 118 21.96 6.97 122.56
N LEU L 119 21.28 7.96 121.96
CA LEU L 119 20.34 7.65 120.89
C LEU L 119 21.06 7.08 119.67
N VAL L 120 22.26 7.60 119.37
CA VAL L 120 22.99 7.16 118.19
C VAL L 120 23.27 5.66 118.27
N MET L 121 23.83 5.21 119.40
CA MET L 121 24.07 3.78 119.56
C MET L 121 22.75 3.01 119.68
N ASP L 122 21.78 3.56 120.39
CA ASP L 122 20.48 2.89 120.48
C ASP L 122 19.82 2.77 119.11
N LEU L 123 20.17 3.66 118.19
CA LEU L 123 19.61 3.63 116.84
C LEU L 123 20.48 2.86 115.85
N LYS L 124 21.59 2.27 116.30
CA LYS L 124 22.41 1.39 115.47
C LYS L 124 23.12 2.17 114.37
N LEU L 125 23.68 3.32 114.70
CA LEU L 125 24.50 4.10 113.77
C LEU L 125 25.79 4.53 114.45
N THR L 126 26.85 4.64 113.66
CA THR L 126 28.12 5.12 114.15
C THR L 126 28.12 6.64 114.24
N PRO L 127 29.07 7.22 114.98
CA PRO L 127 29.05 8.69 115.16
C PRO L 127 29.08 9.47 113.87
N ASP L 128 29.73 8.95 112.83
CA ASP L 128 29.85 9.68 111.58
C ASP L 128 28.51 9.94 110.93
N CYS L 129 27.45 9.23 111.36
CA CYS L 129 26.12 9.51 110.83
C CYS L 129 25.70 10.95 111.11
N LEU L 130 26.32 11.61 112.10
CA LEU L 130 25.99 12.99 112.40
C LEU L 130 26.75 14.00 111.54
N ASP L 131 27.64 13.54 110.66
CA ASP L 131 28.44 14.45 109.85
C ASP L 131 27.55 15.33 108.98
N ILE L 132 27.88 16.62 108.93
CA ILE L 132 27.19 17.58 108.07
C ILE L 132 28.22 18.45 107.36
N PRO L 133 28.94 17.91 106.38
CA PRO L 133 29.91 18.75 105.66
C PRO L 133 29.20 19.87 104.93
N ILE L 134 29.86 21.03 104.85
CA ILE L 134 29.21 22.21 104.28
C ILE L 134 28.97 22.00 102.79
N PRO L 135 27.76 22.25 102.29
CA PRO L 135 27.49 22.02 100.87
C PRO L 135 28.42 22.86 99.99
N ARG L 136 28.81 22.29 98.86
CA ARG L 136 29.72 22.94 97.93
C ARG L 136 29.00 23.71 96.82
N TYR L 137 27.67 23.71 96.81
CA TYR L 137 26.94 24.44 95.78
C TYR L 137 26.80 25.92 96.08
N PHE L 138 27.30 26.38 97.23
CA PHE L 138 27.29 27.81 97.52
C PHE L 138 28.15 28.59 96.55
N ARG L 139 29.10 27.95 95.87
CA ARG L 139 29.94 28.64 94.91
C ARG L 139 29.29 28.72 93.53
N GLU L 140 28.90 27.58 92.95
CA GLU L 140 28.34 27.58 91.62
C GLU L 140 27.11 28.49 91.54
N GLU L 141 26.24 28.40 92.54
CA GLU L 141 25.02 29.20 92.55
C GLU L 141 25.36 30.68 92.65
N ASP L 142 24.91 31.46 91.67
CA ASP L 142 25.23 32.88 91.58
C ASP L 142 26.74 33.09 91.67
N LYS L 143 27.50 32.24 90.98
CA LYS L 143 28.95 32.28 91.02
C LYS L 143 29.53 33.50 90.33
N LYS L 144 28.73 34.23 89.54
CA LYS L 144 29.29 35.35 88.78
C LYS L 144 29.83 36.44 89.69
N ARG L 145 29.04 36.86 90.69
CA ARG L 145 29.47 37.95 91.55
C ARG L 145 30.70 37.58 92.37
N LEU L 146 30.71 36.39 92.97
CA LEU L 146 31.87 35.97 93.75
C LEU L 146 33.10 35.77 92.88
N ASP L 147 32.93 35.22 91.68
CA ASP L 147 34.06 35.08 90.77
C ASP L 147 34.63 36.43 90.37
N GLU L 148 33.75 37.41 90.11
CA GLU L 148 34.22 38.76 89.83
C GLU L 148 34.96 39.35 91.03
N ARG L 149 34.43 39.12 92.23
CA ARG L 149 35.08 39.61 93.44
C ARG L 149 36.47 39.03 93.59
N ASN L 150 36.61 37.72 93.38
CA ASN L 150 37.91 37.08 93.46
C ASN L 150 38.85 37.57 92.37
N GLN L 151 38.33 37.80 91.17
CA GLN L 151 39.14 38.37 90.11
C GLN L 151 39.70 39.74 90.52
N ILE L 152 38.83 40.59 91.09
CA ILE L 152 39.28 41.91 91.52
C ILE L 152 40.31 41.78 92.65
N LEU L 153 40.08 40.85 93.57
CA LEU L 153 41.02 40.66 94.67
C LEU L 153 42.39 40.23 94.16
N ASP L 154 42.42 39.29 93.22
CA ASP L 154 43.70 38.84 92.66
C ASP L 154 44.37 39.96 91.87
N ALA L 155 43.58 40.76 91.14
CA ALA L 155 44.15 41.89 90.42
C ALA L 155 44.79 42.89 91.39
N LEU L 156 44.11 43.18 92.50
CA LEU L 156 44.70 44.07 93.50
C LEU L 156 45.94 43.45 94.13
N LEU L 157 45.92 42.15 94.39
CA LEU L 157 47.07 41.49 94.99
C LEU L 157 48.28 41.59 94.09
N LEU L 158 48.10 41.34 92.79
CA LEU L 158 49.17 41.58 91.84
C LEU L 158 49.53 43.06 91.78
N GLU L 159 48.55 43.92 92.02
CA GLU L 159 48.79 45.37 92.01
C GLU L 159 49.79 45.77 93.10
N TYR L 160 49.65 45.20 94.30
CA TYR L 160 50.53 45.55 95.40
C TYR L 160 51.23 44.35 96.03
N THR L 161 50.54 43.23 96.22
CA THR L 161 51.14 42.12 96.96
C THR L 161 52.24 41.43 96.17
N ASP L 162 52.11 41.36 94.85
CA ASP L 162 53.07 40.70 93.97
C ASP L 162 53.07 39.18 94.13
N THR L 163 52.11 38.62 94.85
CA THR L 163 52.02 37.18 95.06
C THR L 163 50.58 36.73 94.87
N LYS L 164 50.41 35.48 94.47
CA LYS L 164 49.08 34.91 94.24
C LYS L 164 48.77 33.67 95.06
N GLU L 165 49.77 32.91 95.49
CA GLU L 165 49.49 31.72 96.26
C GLU L 165 48.85 32.11 97.59
N PRO L 166 47.90 31.31 98.10
CA PRO L 166 47.25 31.65 99.36
C PRO L 166 48.25 31.59 100.51
N GLN L 167 48.31 32.67 101.29
CA GLN L 167 49.24 32.72 102.40
C GLN L 167 48.96 31.60 103.39
N GLU L 168 50.02 30.92 103.81
CA GLU L 168 49.93 29.87 104.80
C GLU L 168 50.36 30.40 106.16
N GLU L 169 49.90 29.76 107.22
CA GLU L 169 50.16 30.23 108.59
C GLU L 169 51.63 30.04 108.91
N GLN L 170 52.39 31.13 108.85
CA GLN L 170 53.82 31.10 109.17
C GLN L 170 53.99 31.29 110.67
N TYR L 171 54.40 30.22 111.36
CA TYR L 171 54.60 30.27 112.80
C TYR L 171 56.09 30.49 113.09
N GLU L 172 56.41 31.62 113.69
CA GLU L 172 57.80 31.93 114.01
C GLU L 172 58.36 30.89 114.98
N ASP L 173 59.57 30.41 114.69
CA ASP L 173 60.23 29.41 115.52
C ASP L 173 61.08 30.10 116.58
N GLN L 174 60.83 29.79 117.84
CA GLN L 174 61.58 30.34 118.96
C GLN L 174 62.92 29.65 119.16
N ASN L 175 63.37 28.82 118.20
CA ASN L 175 64.63 28.10 118.29
C ASN L 175 65.74 28.78 117.52
N THR L 176 65.69 30.11 117.41
CA THR L 176 66.70 30.89 116.69
C THR L 176 67.74 31.39 117.68
N LEU L 177 69.01 31.17 117.37
CA LEU L 177 70.11 31.58 118.21
C LEU L 177 70.65 32.93 117.75
N GLN L 178 70.67 33.91 118.67
CA GLN L 178 71.19 35.24 118.37
C GLN L 178 72.70 35.26 118.64
N ALA L 179 73.42 34.56 117.78
CA ALA L 179 74.88 34.46 117.87
C ALA L 179 75.50 34.70 116.51
N ASP L 180 76.69 35.29 116.52
CA ASP L 180 77.41 35.55 115.28
C ASP L 180 77.90 34.25 114.67
N MET L 181 78.26 34.32 113.39
CA MET L 181 78.76 33.13 112.70
C MET L 181 79.97 32.55 113.41
N ASP L 182 80.77 33.40 114.07
CA ASP L 182 81.95 32.91 114.78
C ASP L 182 81.56 31.96 115.90
N THR L 183 80.49 32.28 116.64
CA THR L 183 80.06 31.41 117.73
C THR L 183 79.63 30.04 117.21
N ALA L 184 78.84 30.02 116.13
CA ALA L 184 78.42 28.75 115.56
C ALA L 184 79.60 27.96 115.03
N ILE L 185 80.55 28.64 114.39
CA ILE L 185 81.74 27.96 113.88
C ILE L 185 82.53 27.35 115.03
N ARG L 186 82.69 28.10 116.13
CA ARG L 186 83.42 27.58 117.28
C ARG L 186 82.69 26.38 117.90
N ILE L 187 81.37 26.45 117.98
CA ILE L 187 80.61 25.33 118.53
C ILE L 187 80.80 24.08 117.68
N ILE L 188 80.69 24.23 116.35
CA ILE L 188 80.88 23.10 115.46
C ILE L 188 82.30 22.56 115.57
N GLN L 189 83.27 23.46 115.70
CA GLN L 189 84.66 23.03 115.85
C GLN L 189 84.85 22.23 117.13
N ARG L 190 84.24 22.68 118.22
CA ARG L 190 84.33 21.94 119.47
C ARG L 190 83.69 20.56 119.33
N TYR L 191 82.52 20.48 118.71
CA TYR L 191 81.89 19.20 118.46
C TYR L 191 82.81 18.27 117.68
N GLU L 192 83.34 18.76 116.57
CA GLU L 192 84.15 17.92 115.69
C GLU L 192 85.44 17.48 116.38
N ARG L 193 86.09 18.39 117.10
CA ARG L 193 87.31 18.03 117.82
C ARG L 193 87.04 17.00 118.90
N GLY L 194 85.94 17.18 119.65
CA GLY L 194 85.60 16.19 120.66
C GLY L 194 85.37 14.82 120.06
N ARG L 195 84.61 14.77 118.96
CA ARG L 195 84.32 13.47 118.35
C ARG L 195 85.58 12.84 117.76
N GLN L 196 86.46 13.65 117.17
CA GLN L 196 87.70 13.12 116.64
C GLN L 196 88.60 12.59 117.74
N GLY L 197 88.71 13.32 118.85
CA GLY L 197 89.48 12.82 119.97
C GLY L 197 88.91 11.53 120.53
N ILE L 198 87.58 11.45 120.62
CA ILE L 198 86.94 10.20 121.03
C ILE L 198 87.34 9.07 120.10
N GLU L 199 87.28 9.31 118.79
CA GLU L 199 87.62 8.27 117.83
C GLU L 199 89.07 7.82 117.99
N ARG L 200 89.99 8.77 118.14
CA ARG L 200 91.40 8.41 118.21
C ARG L 200 91.71 7.65 119.50
N ALA L 201 91.12 8.06 120.62
CA ALA L 201 91.33 7.33 121.86
C ALA L 201 90.68 5.96 121.82
N ASN L 202 89.56 5.83 121.10
CA ASN L 202 88.97 4.52 120.89
C ASN L 202 89.90 3.62 120.08
N LEU L 203 90.55 4.19 119.06
CA LEU L 203 91.54 3.43 118.32
C LEU L 203 92.69 3.00 119.22
N ALA L 204 93.11 3.89 120.13
CA ALA L 204 94.16 3.53 121.08
C ALA L 204 93.71 2.38 121.98
N LYS L 205 92.48 2.44 122.48
CA LYS L 205 91.96 1.35 123.30
C LYS L 205 91.88 0.05 122.51
N ILE L 206 91.49 0.13 121.24
CA ILE L 206 91.42 -1.05 120.39
C ILE L 206 92.81 -1.66 120.21
N LEU L 207 93.81 -0.81 120.00
CA LEU L 207 95.18 -1.33 119.85
C LEU L 207 95.67 -1.95 121.16
N LYS L 208 95.32 -1.36 122.30
CA LYS L 208 95.68 -1.96 123.58
C LYS L 208 95.03 -3.33 123.74
N LYS L 209 93.75 -3.45 123.37
CA LYS L 209 93.08 -4.75 123.44
C LYS L 209 93.72 -5.75 122.50
N GLU L 210 94.11 -5.30 121.31
CA GLU L 210 94.78 -6.18 120.35
C GLU L 210 96.10 -6.68 120.92
N GLU L 211 96.86 -5.78 121.55
CA GLU L 211 98.13 -6.18 122.18
C GLU L 211 97.89 -7.19 123.29
N GLU L 212 96.87 -6.96 124.12
CA GLU L 212 96.57 -7.90 125.19
C GLU L 212 96.18 -9.27 124.64
N LYS L 213 95.35 -9.29 123.60
CA LYS L 213 94.96 -10.56 123.00
C LYS L 213 96.14 -11.26 122.34
N LYS L 214 97.03 -10.50 121.71
CA LYS L 214 98.23 -11.09 121.14
C LYS L 214 99.12 -11.71 122.21
N LEU L 215 99.28 -11.02 123.34
CA LEU L 215 100.05 -11.58 124.44
C LEU L 215 99.40 -12.86 124.96
N GLU L 216 98.08 -12.84 125.12
CA GLU L 216 97.38 -14.03 125.60
C GLU L 216 97.53 -15.20 124.64
N ARG L 217 97.41 -14.95 123.34
CA ARG L 217 97.56 -16.01 122.35
C ARG L 217 98.98 -16.54 122.32
N GLN L 218 99.97 -15.66 122.46
CA GLN L 218 101.36 -16.10 122.51
C GLN L 218 101.60 -16.97 123.74
N LYS L 219 101.05 -16.58 124.89
CA LYS L 219 101.19 -17.39 126.10
C LYS L 219 100.51 -18.75 125.92
N LYS L 220 99.33 -18.77 125.30
CA LYS L 220 98.65 -20.04 125.07
C LYS L 220 99.46 -20.94 124.14
N LEU L 221 100.02 -20.37 123.08
CA LEU L 221 100.83 -21.16 122.16
C LEU L 221 102.10 -21.65 122.82
N ALA L 222 102.63 -20.89 123.78
CA ALA L 222 103.82 -21.34 124.51
C ALA L 222 103.56 -22.62 125.30
N GLU L 223 102.30 -22.98 125.52
CA GLU L 223 101.95 -24.20 126.24
C GLU L 223 101.83 -25.42 125.33
N GLY L 224 102.10 -25.26 124.04
CA GLY L 224 102.01 -26.37 123.10
C GLY L 224 100.61 -26.92 122.93
N THR L 225 99.62 -26.05 122.79
CA THR L 225 98.23 -26.48 122.61
C THR L 225 97.91 -26.52 121.12
N GLU L 226 97.40 -27.66 120.67
CA GLU L 226 97.04 -27.86 119.27
C GLU L 226 95.53 -27.71 119.11
N ILE L 227 95.11 -26.84 118.21
CA ILE L 227 93.70 -26.57 117.96
C ILE L 227 93.36 -27.05 116.56
N GLY L 228 92.38 -27.94 116.46
CA GLY L 228 91.95 -28.42 115.15
C GLY L 228 91.35 -27.30 114.32
N GLU L 229 91.81 -27.18 113.08
CA GLU L 229 91.32 -26.14 112.17
C GLU L 229 90.35 -26.66 111.12
N GLU L 230 90.45 -27.94 110.75
CA GLU L 230 89.52 -28.49 109.76
C GLU L 230 88.10 -28.49 110.29
N THR L 231 87.92 -28.83 111.57
CA THR L 231 86.58 -28.92 112.14
C THR L 231 85.93 -27.56 112.35
N GLU L 232 86.73 -26.49 112.48
CA GLU L 232 86.15 -25.17 112.67
C GLU L 232 85.31 -24.75 111.47
N LYS L 233 85.82 -25.02 110.26
CA LYS L 233 85.05 -24.68 109.06
C LYS L 233 83.76 -25.47 108.98
N ASP L 234 83.82 -26.77 109.32
CA ASP L 234 82.60 -27.58 109.31
C ASP L 234 81.59 -27.07 110.32
N ASP L 235 82.04 -26.72 111.52
CA ASP L 235 81.12 -26.18 112.53
C ASP L 235 80.51 -24.87 112.07
N ALA L 236 81.33 -23.99 111.49
CA ALA L 236 80.81 -22.73 110.98
C ALA L 236 79.77 -22.96 109.89
N ALA L 237 80.04 -23.88 108.97
CA ALA L 237 79.09 -24.17 107.91
C ALA L 237 77.79 -24.73 108.47
N LEU L 238 77.89 -25.63 109.46
CA LEU L 238 76.69 -26.20 110.05
C LEU L 238 75.85 -25.13 110.74
N VAL L 239 76.50 -24.24 111.50
CA VAL L 239 75.77 -23.18 112.20
C VAL L 239 75.10 -22.25 111.20
N ILE L 240 75.84 -21.86 110.14
CA ILE L 240 75.28 -20.97 109.14
C ILE L 240 74.11 -21.62 108.43
N LYS L 241 74.22 -22.91 108.12
CA LYS L 241 73.12 -23.61 107.47
C LYS L 241 71.89 -23.67 108.36
N LYS L 242 72.09 -23.97 109.66
CA LYS L 242 70.96 -24.01 110.58
C LYS L 242 70.27 -22.65 110.66
N TYR L 243 71.06 -21.58 110.79
CA TYR L 243 70.48 -20.24 110.87
C TYR L 243 69.77 -19.86 109.59
N TRP L 244 70.34 -20.23 108.43
CA TRP L 244 69.71 -19.91 107.16
C TRP L 244 68.38 -20.65 107.01
N ARG L 245 68.34 -21.92 107.39
CA ARG L 245 67.10 -22.67 107.32
C ARG L 245 66.06 -22.09 108.27
N GLY L 246 66.47 -21.70 109.47
CA GLY L 246 65.55 -21.04 110.37
C GLY L 246 65.02 -19.73 109.81
N TYR L 247 65.90 -18.95 109.16
CA TYR L 247 65.47 -17.70 108.56
C TYR L 247 64.48 -17.95 107.42
N LYS L 248 64.72 -18.97 106.60
CA LYS L 248 63.77 -19.34 105.57
C LYS L 248 62.42 -19.70 106.18
N SER L 249 62.44 -20.51 107.24
CA SER L 249 61.19 -20.87 107.90
C SER L 249 60.46 -19.65 108.42
N ARG L 250 61.19 -18.74 109.07
CA ARG L 250 60.56 -17.55 109.62
C ARG L 250 59.99 -16.66 108.53
N LYS L 251 60.76 -16.43 107.47
CA LYS L 251 60.29 -15.57 106.38
C LYS L 251 59.06 -16.17 105.73
N LEU L 252 59.04 -17.49 105.55
CA LEU L 252 57.85 -18.14 105.03
C LEU L 252 56.69 -18.00 106.02
N VAL L 253 56.96 -18.00 107.32
CA VAL L 253 55.90 -17.86 108.31
C VAL L 253 55.25 -16.48 108.23
N GLN L 254 56.07 -15.43 108.15
CA GLN L 254 55.47 -14.09 107.98
C GLN L 254 54.90 -13.89 106.58
N ASP L 255 55.39 -14.61 105.58
CA ASP L 255 54.73 -14.57 104.26
C ASP L 255 53.32 -15.15 104.35
N ILE L 256 53.17 -16.28 105.03
CA ILE L 256 51.84 -16.84 105.23
C ILE L 256 51.00 -15.92 106.11
N ARG L 257 51.63 -15.27 107.10
CA ARG L 257 50.90 -14.33 107.95
C ARG L 257 50.36 -13.17 107.14
N GLU L 258 51.17 -12.62 106.22
CA GLU L 258 50.70 -11.51 105.40
C GLU L 258 49.69 -11.98 104.35
N GLU L 259 49.81 -13.23 103.90
CA GLU L 259 48.78 -13.78 103.02
C GLU L 259 47.45 -13.84 103.75
N GLU L 260 47.47 -14.27 105.02
CA GLU L 260 46.25 -14.22 105.84
C GLU L 260 45.82 -12.79 106.10
N LEU L 261 46.79 -11.88 106.22
CA LEU L 261 46.47 -10.47 106.43
C LEU L 261 45.66 -9.92 105.27
N LEU L 262 46.11 -10.17 104.04
CA LEU L 262 45.44 -9.64 102.86
C LEU L 262 44.17 -10.41 102.50
N PHE L 263 44.17 -11.74 102.71
CA PHE L 263 43.06 -12.58 102.28
C PHE L 263 42.00 -12.71 103.38
N LEU L 264 42.40 -13.23 104.55
CA LEU L 264 41.49 -13.21 105.68
C LEU L 264 41.17 -11.80 106.13
N GLY L 265 41.99 -10.83 105.75
CA GLY L 265 41.63 -9.44 105.94
C GLY L 265 42.25 -8.71 107.13
N MET L 266 43.57 -8.80 107.30
CA MET L 266 44.24 -8.05 108.36
C MET L 266 44.54 -6.62 107.91
N LYS L 267 45.34 -6.46 106.86
CA LYS L 267 45.76 -5.14 106.40
C LYS L 267 44.88 -4.66 105.25
N LYS L 268 44.41 -3.42 105.36
CA LYS L 268 43.64 -2.82 104.29
C LYS L 268 44.50 -2.65 103.03
N VAL L 269 43.88 -2.88 101.88
CA VAL L 269 44.53 -2.64 100.59
C VAL L 269 44.26 -1.19 100.22
N VAL L 270 45.22 -0.32 100.50
CA VAL L 270 45.07 1.11 100.27
C VAL L 270 45.25 1.40 98.78
N GLU L 271 44.37 2.24 98.24
CA GLU L 271 44.41 2.62 96.83
C GLU L 271 45.19 3.92 96.70
N ASP L 272 46.19 3.93 95.84
CA ASP L 272 46.99 5.13 95.61
C ASP L 272 46.25 6.09 94.69
N PRO L 273 45.97 7.32 95.11
CA PRO L 273 45.26 8.25 94.22
C PRO L 273 45.99 8.52 92.91
N THR L 274 47.33 8.48 92.92
CA THR L 274 48.10 8.82 91.72
C THR L 274 47.97 7.78 90.62
N LEU L 275 47.65 6.54 90.95
CA LEU L 275 47.58 5.49 89.94
C LEU L 275 46.45 5.80 88.95
N PRO L 276 46.63 5.49 87.67
CA PRO L 276 45.58 5.81 86.70
C PRO L 276 44.25 5.12 86.98
N GLU L 277 44.26 3.91 87.53
CA GLU L 277 43.07 3.08 87.63
C GLU L 277 42.44 3.11 89.02
N SER L 278 42.84 4.03 89.89
CA SER L 278 42.24 4.11 91.21
C SER L 278 40.73 4.34 91.11
N GLN L 279 39.97 3.63 91.93
CA GLN L 279 38.51 3.77 91.90
C GLN L 279 38.08 5.20 92.19
N TYR L 280 38.80 5.88 93.09
CA TYR L 280 38.47 7.27 93.36
C TYR L 280 38.63 8.13 92.11
N LYS L 281 39.60 7.81 91.25
CA LYS L 281 39.76 8.54 90.01
C LYS L 281 38.56 8.37 89.10
N GLN L 282 38.05 7.14 89.00
CA GLN L 282 36.84 6.92 88.20
C GLN L 282 35.66 7.69 88.78
N ALA L 283 35.52 7.68 90.10
CA ALA L 283 34.43 8.43 90.73
C ALA L 283 34.55 9.93 90.45
N GLN L 284 35.77 10.46 90.53
CA GLN L 284 35.98 11.88 90.25
C GLN L 284 35.67 12.21 88.80
N ASN L 285 36.10 11.36 87.86
CA ASN L 285 35.79 11.60 86.46
C ASN L 285 34.29 11.57 86.22
N LYS L 286 33.60 10.60 86.82
CA LYS L 286 32.15 10.53 86.65
C LYS L 286 31.46 11.74 87.24
N ARG L 287 31.91 12.19 88.41
CA ARG L 287 31.32 13.38 89.02
C ARG L 287 31.58 14.62 88.17
N GLN L 288 32.80 14.77 87.64
CA GLN L 288 33.09 15.90 86.76
C GLN L 288 32.20 15.89 85.53
N LYS L 289 32.09 14.73 84.88
CA LYS L 289 31.19 14.61 83.73
C LYS L 289 29.76 14.93 84.12
N MET L 290 29.28 14.40 85.25
CA MET L 290 27.92 14.62 85.68
C MET L 290 27.64 16.09 85.97
N LYS L 291 28.58 16.76 86.67
CA LYS L 291 28.43 18.18 86.96
C LYS L 291 28.39 19.01 85.69
N TYR L 292 29.34 18.76 84.78
CA TYR L 292 29.25 19.44 83.49
C TYR L 292 27.92 19.15 82.84
N ILE L 293 27.35 17.98 83.12
CA ILE L 293 26.04 17.68 82.58
C ILE L 293 24.98 18.60 83.16
N GLN L 294 25.02 18.84 84.48
CA GLN L 294 24.03 19.76 85.06
C GLN L 294 24.16 21.14 84.46
N GLU L 295 25.39 21.62 84.27
CA GLU L 295 25.52 22.94 83.64
C GLU L 295 25.06 22.94 82.18
N GLU L 296 25.35 21.87 81.43
CA GLU L 296 24.91 21.82 80.04
C GLU L 296 23.38 21.86 79.94
N HIS L 297 22.71 21.05 80.77
CA HIS L 297 21.26 21.12 80.80
C HIS L 297 20.77 22.48 81.25
N GLU L 298 21.45 23.10 82.23
CA GLU L 298 21.03 24.43 82.66
C GLU L 298 21.07 25.42 81.49
N GLN L 299 22.18 25.46 80.76
CA GLN L 299 22.32 26.44 79.68
C GLN L 299 21.31 26.17 78.56
N GLU L 300 21.19 24.92 78.14
CA GLU L 300 20.26 24.66 77.04
C GLU L 300 18.81 24.82 77.47
N PHE L 301 18.47 24.55 78.72
CA PHE L 301 17.11 24.79 79.21
C PHE L 301 16.81 26.28 79.27
N ASN L 302 17.77 27.09 79.68
CA ASN L 302 17.57 28.53 79.65
C ASN L 302 17.34 29.02 78.22
N ASP L 303 18.14 28.51 77.27
CA ASP L 303 17.95 28.90 75.87
C ASP L 303 16.59 28.46 75.35
N GLU L 304 16.17 27.24 75.71
CA GLU L 304 14.87 26.74 75.29
C GLU L 304 13.75 27.60 75.86
N ILE L 305 13.83 27.98 77.13
CA ILE L 305 12.80 28.81 77.74
C ILE L 305 12.75 30.17 77.06
N GLU L 306 13.91 30.76 76.77
CA GLU L 306 13.95 32.05 76.07
C GLU L 306 13.28 31.96 74.72
N ASN L 307 13.65 30.94 73.92
CA ASN L 307 13.05 30.79 72.60
C ASN L 307 11.55 30.51 72.70
N LEU L 308 11.15 29.70 73.68
CA LEU L 308 9.74 29.38 73.85
C LEU L 308 8.93 30.62 74.19
N LYS L 309 9.45 31.46 75.09
CA LYS L 309 8.75 32.70 75.41
C LYS L 309 8.70 33.63 74.21
N ARG L 310 9.79 33.71 73.45
CA ARG L 310 9.76 34.51 72.22
C ARG L 310 8.64 34.06 71.29
N LEU L 311 8.61 32.76 70.99
CA LEU L 311 7.61 32.25 70.05
C LEU L 311 6.20 32.40 70.60
N VAL L 312 6.02 32.19 71.90
CA VAL L 312 4.70 32.34 72.52
C VAL L 312 4.21 33.77 72.39
N LYS L 313 5.08 34.74 72.70
CA LYS L 313 4.67 36.13 72.60
C LYS L 313 4.38 36.51 71.15
N GLY L 314 5.19 35.99 70.22
CA GLY L 314 4.96 36.29 68.82
C GLY L 314 3.65 35.74 68.28
N ASN L 315 3.30 34.51 68.64
CA ASN L 315 2.11 33.88 68.10
C ASN L 315 0.84 34.28 68.83
N GLU L 316 0.83 34.24 70.16
CA GLU L 316 -0.37 34.54 70.95
C GLU L 316 -0.23 35.86 71.70
N GLY L 317 0.58 36.78 71.19
CA GLY L 317 0.77 38.05 71.84
C GLY L 317 -0.28 39.07 71.45
N PRO L 318 -0.38 39.38 70.15
CA PRO L 318 -1.37 40.36 69.71
C PRO L 318 -2.81 39.99 70.03
N ASP L 319 -3.16 38.71 69.97
CA ASP L 319 -4.57 38.32 70.03
C ASP L 319 -5.16 38.52 71.42
N ILE L 320 -4.63 37.83 72.42
CA ILE L 320 -5.13 38.03 73.78
C ILE L 320 -4.84 39.44 74.26
N LEU L 321 -3.80 40.07 73.73
CA LEU L 321 -3.53 41.47 74.07
C LEU L 321 -4.69 42.36 73.62
N ASP L 322 -5.17 42.17 72.39
CA ASP L 322 -6.32 42.93 71.93
C ASP L 322 -7.59 42.56 72.69
N LYS L 323 -7.72 41.28 73.07
CA LYS L 323 -8.88 40.88 73.86
C LYS L 323 -8.90 41.60 75.21
N MET L 324 -7.75 41.68 75.87
CA MET L 324 -7.70 42.38 77.15
C MET L 324 -7.79 43.89 76.96
N ARG L 325 -7.35 44.40 75.81
CA ARG L 325 -7.65 45.80 75.47
C ARG L 325 -9.15 46.03 75.43
N ALA L 326 -9.89 45.13 74.79
CA ALA L 326 -11.34 45.25 74.73
C ALA L 326 -11.95 45.16 76.13
N GLU L 327 -11.42 44.26 76.97
CA GLU L 327 -11.91 44.17 78.35
C GLU L 327 -11.69 45.49 79.10
N ARG L 328 -10.51 46.09 78.94
CA ARG L 328 -10.24 47.37 79.57
C ARG L 328 -11.16 48.46 79.03
N ARG L 329 -11.42 48.45 77.72
CA ARG L 329 -12.36 49.41 77.14
C ARG L 329 -13.75 49.25 77.74
N GLU L 330 -14.21 48.01 77.90
CA GLU L 330 -15.53 47.78 78.50
C GLU L 330 -15.56 48.25 79.94
N TRP L 331 -14.48 48.00 80.69
CA TRP L 331 -14.45 48.47 82.07
C TRP L 331 -14.48 50.00 82.11
N ILE L 332 -13.79 50.65 81.18
CA ILE L 332 -13.81 52.11 81.13
C ILE L 332 -15.21 52.62 80.81
N MET L 333 -15.89 51.96 79.89
CA MET L 333 -17.26 52.35 79.56
C MET L 333 -18.18 52.19 80.77
N ARG L 334 -18.03 51.09 81.51
CA ARG L 334 -18.81 50.91 82.72
C ARG L 334 -18.48 51.98 83.76
N GLU L 335 -17.21 52.33 83.87
CA GLU L 335 -16.80 53.41 84.77
C GLU L 335 -17.49 54.72 84.40
N LEU L 336 -17.49 55.04 83.10
CA LEU L 336 -18.10 56.28 82.63
C LEU L 336 -19.60 56.29 82.90
N GLU L 337 -20.26 55.15 82.66
CA GLU L 337 -21.68 55.06 82.98
C GLU L 337 -21.92 55.27 84.47
N LYS L 338 -21.08 54.65 85.31
CA LYS L 338 -21.22 54.82 86.75
C LYS L 338 -21.04 56.27 87.17
N ASN L 339 -20.15 57.00 86.51
CA ASN L 339 -19.99 58.43 86.74
C ASN L 339 -20.74 59.28 85.71
N GLU L 340 -21.44 58.64 84.76
CA GLU L 340 -22.22 59.37 83.76
C GLU L 340 -21.33 60.32 82.96
N PHE L 341 -20.13 59.88 82.64
CA PHE L 341 -19.15 60.66 81.87
C PHE L 341 -18.71 61.94 82.55
N LYS L 342 -18.81 62.00 83.89
CA LYS L 342 -18.29 63.16 84.62
C LYS L 342 -16.92 62.89 85.24
N GLU L 343 -16.75 61.74 85.89
CA GLU L 343 -15.50 61.39 86.55
C GLU L 343 -15.02 60.06 85.98
N ALA L 344 -13.84 60.07 85.37
CA ALA L 344 -13.32 58.92 84.67
C ALA L 344 -12.05 58.39 85.32
N PRO L 345 -11.69 57.14 85.06
CA PRO L 345 -10.48 56.58 85.66
C PRO L 345 -9.23 57.26 85.15
N GLN L 346 -8.20 57.28 86.00
CA GLN L 346 -6.88 57.77 85.64
C GLN L 346 -5.92 56.63 85.28
N ASP L 347 -6.05 55.50 85.96
CA ASP L 347 -5.25 54.32 85.68
C ASP L 347 -6.16 53.09 85.63
N PRO L 348 -6.02 52.25 84.61
CA PRO L 348 -6.83 51.02 84.55
C PRO L 348 -6.50 50.04 85.66
N SER L 349 -5.62 50.43 86.58
CA SER L 349 -5.18 49.53 87.64
C SER L 349 -6.34 49.05 88.49
N GLU L 350 -7.27 49.96 88.82
CA GLU L 350 -8.40 49.56 89.65
C GLU L 350 -9.26 48.49 88.98
N PHE L 351 -9.07 48.28 87.68
CA PHE L 351 -9.74 47.17 87.00
C PHE L 351 -9.42 45.85 87.70
N TYR L 352 -8.17 45.66 88.09
CA TYR L 352 -7.82 44.49 88.90
C TYR L 352 -8.49 44.55 90.27
N ASN L 353 -8.58 45.74 90.86
CA ASN L 353 -9.18 45.86 92.18
C ASN L 353 -10.61 45.33 92.21
N GLN L 354 -11.38 45.63 91.18
CA GLN L 354 -12.75 45.13 91.11
C GLN L 354 -12.84 43.65 90.80
N GLN L 355 -11.75 43.03 90.33
CA GLN L 355 -11.75 41.62 90.00
C GLN L 355 -10.82 40.81 90.90
N VAL L 356 -10.34 41.41 91.99
CA VAL L 356 -9.61 40.64 92.99
C VAL L 356 -10.57 39.80 93.83
N MET L 357 -11.82 40.26 94.02
CA MET L 357 -12.75 39.57 94.91
C MET L 357 -13.13 38.21 94.37
N ASP L 358 -12.39 37.18 94.72
CA ASP L 358 -12.84 35.86 94.31
C ASP L 358 -13.95 35.38 95.22
N PRO L 359 -15.03 34.81 94.66
CA PRO L 359 -16.12 34.28 95.50
C PRO L 359 -15.66 33.54 96.76
N GLU L 360 -14.95 32.43 96.57
CA GLU L 360 -14.40 31.70 97.72
C GLU L 360 -13.33 32.53 98.42
N GLN L 361 -12.50 33.25 97.64
CA GLN L 361 -11.49 34.14 98.21
C GLN L 361 -12.11 35.28 99.00
N GLN L 362 -13.13 35.91 98.44
CA GLN L 362 -13.84 36.95 99.19
C GLN L 362 -14.40 36.38 100.48
N ALA L 363 -14.82 35.11 100.45
CA ALA L 363 -15.29 34.50 101.69
C ALA L 363 -14.18 34.37 102.72
N ALA L 364 -13.05 33.77 102.33
CA ALA L 364 -11.99 33.51 103.30
C ALA L 364 -11.45 34.82 103.86
N GLU L 365 -11.29 35.81 102.98
CA GLU L 365 -10.74 37.09 103.39
C GLU L 365 -11.73 37.90 104.21
N ALA L 366 -13.03 37.82 103.88
CA ALA L 366 -14.02 38.52 104.69
C ALA L 366 -14.07 37.94 106.10
N ALA L 367 -14.05 36.61 106.20
CA ALA L 367 -14.03 35.98 107.52
C ALA L 367 -12.78 36.39 108.30
N LYS L 368 -11.62 36.33 107.65
CA LYS L 368 -10.37 36.69 108.32
C LYS L 368 -10.37 38.15 108.75
N ALA L 369 -10.86 39.05 107.89
CA ALA L 369 -10.87 40.48 108.22
C ALA L 369 -11.83 40.76 109.38
N ALA L 370 -13.02 40.15 109.36
CA ALA L 370 -13.93 40.32 110.48
C ALA L 370 -13.30 39.83 111.76
N GLU L 371 -12.68 38.64 111.72
CA GLU L 371 -12.08 38.10 112.94
C GLU L 371 -10.93 38.95 113.44
N GLU L 372 -10.09 39.46 112.52
CA GLU L 372 -8.96 40.30 112.93
C GLU L 372 -9.44 41.62 113.52
N ALA L 373 -10.31 42.33 112.80
CA ALA L 373 -10.75 43.65 113.25
C ALA L 373 -11.66 43.57 114.46
N LYS L 374 -12.25 42.41 114.75
CA LYS L 374 -13.03 42.26 115.97
C LYS L 374 -12.16 42.51 117.19
N LYS L 375 -10.92 42.02 117.16
CA LYS L 375 -9.99 42.22 118.27
C LYS L 375 -9.65 43.70 118.47
N LYS L 376 -9.77 44.51 117.42
CA LYS L 376 -9.48 45.94 117.57
C LYS L 376 -10.62 46.67 118.26
N GLY L 377 -11.86 46.19 118.13
CA GLY L 377 -12.98 46.87 118.74
C GLY L 377 -12.90 46.93 120.25
N ALA L 378 -12.52 45.81 120.89
CA ALA L 378 -12.47 45.73 122.34
C ALA L 378 -11.34 46.55 122.95
N ALA L 379 -10.43 47.07 122.14
CA ALA L 379 -9.26 47.79 122.64
C ALA L 379 -9.55 49.23 123.03
N LYS L 380 -10.82 49.57 123.27
CA LYS L 380 -11.19 50.95 123.59
C LYS L 380 -11.78 51.12 124.98
N LYS L 381 -12.44 50.10 125.51
CA LYS L 381 -13.18 50.28 126.77
C LYS L 381 -12.27 50.19 127.99
N ASP L 382 -11.66 49.03 128.21
CA ASP L 382 -10.88 48.79 129.42
C ASP L 382 -9.49 49.39 129.27
N ASP L 383 -9.26 50.55 129.87
CA ASP L 383 -7.96 51.20 129.89
C ASP L 383 -7.48 51.52 131.29
N LYS L 384 -8.38 51.87 132.21
CA LYS L 384 -7.97 52.23 133.57
C LYS L 384 -7.44 51.05 134.36
N LYS L 385 -7.54 49.83 133.83
CA LYS L 385 -7.05 48.66 134.54
C LYS L 385 -5.57 48.82 134.88
N LYS L 386 -5.11 47.99 135.81
CA LYS L 386 -3.73 47.99 136.24
C LYS L 386 -2.86 47.22 135.23
N LYS L 387 -1.54 47.34 135.38
CA LYS L 387 -0.57 46.71 134.49
C LYS L 387 0.06 45.47 135.13
N GLY L 388 -0.75 44.65 135.78
CA GLY L 388 -0.30 43.50 136.54
C GLY L 388 0.84 42.70 135.94
N LYS L 389 1.74 42.24 136.80
CA LYS L 389 2.93 41.53 136.36
C LYS L 389 2.54 40.21 135.68
N PRO L 390 3.35 39.74 134.73
CA PRO L 390 3.03 38.48 134.06
C PRO L 390 3.00 37.31 135.05
N SER L 391 2.05 36.41 134.84
CA SER L 391 1.93 35.23 135.69
C SER L 391 2.91 34.16 135.23
N GLU L 392 3.41 33.39 136.21
CA GLU L 392 4.37 32.34 135.89
C GLU L 392 3.77 31.30 134.95
N LEU L 393 2.53 30.86 135.23
CA LEU L 393 1.93 29.83 134.41
C LEU L 393 1.65 30.31 132.99
N ASP L 394 1.30 31.60 132.83
CA ASP L 394 1.05 32.13 131.50
C ASP L 394 2.26 31.94 130.59
N GLU L 395 3.43 32.41 131.04
CA GLU L 395 4.63 32.29 130.23
C GLU L 395 5.11 30.84 130.15
N PHE L 396 4.91 30.06 131.21
CA PHE L 396 5.29 28.65 131.14
C PHE L 396 4.52 27.93 130.05
N LEU L 397 3.21 28.18 129.95
CA LEU L 397 2.43 27.59 128.87
C LEU L 397 2.80 28.17 127.52
N GLU L 398 3.05 29.48 127.46
CA GLU L 398 3.36 30.12 126.18
C GLU L 398 4.65 29.56 125.60
N ASN L 399 5.67 29.35 126.42
CA ASN L 399 6.94 28.83 125.95
C ASN L 399 7.05 27.30 126.09
N ASN L 400 6.02 26.64 126.61
CA ASN L 400 5.98 25.19 126.70
C ASN L 400 4.87 24.59 125.84
N LYS L 401 4.15 25.41 125.09
CA LYS L 401 3.16 24.88 124.17
C LYS L 401 3.85 24.12 123.05
N PRO L 402 3.56 22.84 122.86
CA PRO L 402 4.20 22.11 121.76
C PRO L 402 3.97 22.77 120.41
N THR L 403 5.05 23.22 119.78
CA THR L 403 4.94 23.97 118.54
C THR L 403 4.28 23.13 117.45
N GLY L 404 3.38 23.76 116.69
CA GLY L 404 2.70 23.11 115.61
C GLY L 404 3.51 23.13 114.32
N PRO L 405 2.84 22.96 113.19
CA PRO L 405 3.56 22.92 111.90
C PRO L 405 4.16 24.28 111.58
N SER L 406 5.49 24.33 111.56
CA SER L 406 6.17 25.56 111.19
C SER L 406 5.91 25.87 109.71
N PRO L 407 5.90 27.15 109.34
CA PRO L 407 5.65 27.50 107.94
C PRO L 407 6.63 26.82 106.99
N ILE L 408 7.89 26.68 107.39
CA ILE L 408 8.86 25.98 106.55
C ILE L 408 8.49 24.51 106.46
N VAL L 409 7.90 23.95 107.51
CA VAL L 409 7.33 22.61 107.41
C VAL L 409 6.29 22.56 106.30
N LEU L 410 5.40 23.56 106.27
CA LEU L 410 4.41 23.60 105.19
C LEU L 410 5.10 23.67 103.83
N LYS L 411 6.11 24.53 103.71
CA LYS L 411 6.83 24.64 102.43
C LYS L 411 7.41 23.30 102.01
N LEU L 412 8.14 22.64 102.90
CA LEU L 412 8.82 21.40 102.54
C LEU L 412 7.83 20.30 102.20
N GLN L 413 6.78 20.14 103.03
CA GLN L 413 5.79 19.10 102.77
C GLN L 413 5.11 19.34 101.43
N GLU L 414 4.60 20.56 101.20
CA GLU L 414 3.90 20.85 99.95
C GLU L 414 4.81 20.67 98.75
N GLN L 415 6.09 21.06 98.87
CA GLN L 415 7.04 20.76 97.81
C GLN L 415 7.11 19.26 97.56
N ILE L 416 7.09 18.46 98.64
CA ILE L 416 7.13 17.02 98.49
C ILE L 416 5.91 16.52 97.69
N GLU L 417 4.71 16.96 98.08
CA GLU L 417 3.52 16.48 97.37
C GLU L 417 3.53 16.93 95.92
N LYS L 418 3.93 18.17 95.66
CA LYS L 418 3.90 18.67 94.29
C LYS L 418 4.92 17.94 93.41
N HIS L 419 6.12 17.67 93.96
CA HIS L 419 7.08 16.87 93.21
C HIS L 419 6.56 15.47 92.95
N SER L 420 5.93 14.86 93.95
CA SER L 420 5.35 13.52 93.75
C SER L 420 4.31 13.55 92.64
N GLY L 421 3.45 14.56 92.64
CA GLY L 421 2.40 14.64 91.64
C GLY L 421 2.92 14.88 90.23
N GLU L 422 3.94 15.75 90.10
CA GLU L 422 4.39 16.14 88.77
C GLU L 422 5.50 15.24 88.24
N TRP L 423 6.65 15.23 88.91
CA TRP L 423 7.85 14.57 88.38
C TRP L 423 7.83 13.07 88.59
N SER L 424 7.30 12.59 89.72
CA SER L 424 7.21 11.16 89.94
C SER L 424 6.32 10.49 88.90
N LYS L 425 5.21 11.14 88.55
CA LYS L 425 4.29 10.67 87.53
C LYS L 425 4.77 11.01 86.11
N ARG L 426 6.05 11.33 85.95
CA ARG L 426 6.60 11.72 84.65
C ARG L 426 7.33 10.53 84.03
N ASP L 427 6.99 10.23 82.78
CA ASP L 427 7.54 9.08 82.07
C ASP L 427 8.83 9.52 81.38
N GLU L 428 9.97 9.09 81.92
CA GLU L 428 11.29 9.45 81.41
C GLU L 428 11.86 8.42 80.44
N THR L 429 11.11 7.36 80.12
CA THR L 429 11.62 6.37 79.18
C THR L 429 11.85 6.98 77.81
N ASN L 430 10.92 7.81 77.35
CA ASN L 430 11.13 8.52 76.09
C ASN L 430 12.20 9.60 76.24
N ASN L 431 12.21 10.30 77.37
CA ASN L 431 13.25 11.28 77.68
C ASN L 431 14.34 10.61 78.54
N PHE L 432 15.05 9.67 77.91
CA PHE L 432 16.03 8.86 78.62
C PHE L 432 17.16 9.69 79.21
N GLU L 433 17.36 10.91 78.74
CA GLU L 433 18.46 11.77 79.19
C GLU L 433 18.08 12.62 80.40
N GLN L 434 16.84 12.50 80.88
CA GLN L 434 16.39 13.26 82.05
C GLN L 434 16.60 14.75 81.86
N LYS L 435 16.30 15.23 80.66
CA LYS L 435 16.36 16.65 80.34
C LYS L 435 15.00 17.29 80.57
N HIS L 436 14.93 18.61 80.39
CA HIS L 436 13.70 19.34 80.63
C HIS L 436 12.59 18.88 79.69
N GLU L 437 11.37 18.88 80.19
CA GLU L 437 10.19 18.53 79.39
C GLU L 437 9.52 19.81 78.91
N THR L 438 9.13 19.83 77.63
CA THR L 438 8.49 21.01 77.06
C THR L 438 7.26 21.43 77.83
N GLU L 439 6.53 20.45 78.40
CA GLU L 439 5.30 20.78 79.13
C GLU L 439 5.59 21.67 80.32
N LEU L 440 6.58 21.30 81.14
CA LEU L 440 6.94 22.14 82.28
C LEU L 440 7.42 23.50 81.81
N ALA L 441 8.16 23.53 80.70
CA ALA L 441 8.64 24.81 80.16
C ALA L 441 7.48 25.73 79.85
N LYS L 442 6.49 25.23 79.11
CA LYS L 442 5.30 26.04 78.81
C LYS L 442 4.58 26.45 80.08
N MET L 443 4.40 25.51 81.01
CA MET L 443 3.62 25.79 82.21
C MET L 443 4.25 26.89 83.05
N LEU L 444 5.57 26.84 83.21
CA LEU L 444 6.26 27.85 84.01
C LEU L 444 6.62 29.10 83.23
N ILE L 445 6.51 29.07 81.90
CA ILE L 445 6.75 30.26 81.10
C ILE L 445 5.49 31.09 80.88
N LYS L 446 4.31 30.48 80.95
CA LYS L 446 3.08 31.24 80.75
C LYS L 446 3.01 32.49 81.63
N PRO L 447 3.42 32.46 82.89
CA PRO L 447 3.37 33.70 83.69
C PRO L 447 4.17 34.84 83.07
N VAL L 448 5.34 34.55 82.51
CA VAL L 448 6.20 35.61 81.97
C VAL L 448 5.51 36.31 80.81
N VAL L 449 5.01 35.53 79.85
CA VAL L 449 4.36 36.13 78.68
C VAL L 449 3.08 36.84 79.10
N GLU L 450 2.31 36.23 80.01
CA GLU L 450 1.07 36.85 80.45
C GLU L 450 1.33 38.19 81.12
N GLU L 451 2.35 38.27 81.97
CA GLU L 451 2.65 39.52 82.66
C GLU L 451 3.24 40.55 81.72
N GLN L 452 4.03 40.13 80.72
CA GLN L 452 4.47 41.07 79.70
C GLN L 452 3.28 41.66 78.95
N ILE L 453 2.33 40.81 78.57
CA ILE L 453 1.13 41.28 77.88
C ILE L 453 0.35 42.23 78.78
N LYS L 454 0.22 41.89 80.06
CA LYS L 454 -0.51 42.74 80.98
C LYS L 454 0.14 44.12 81.11
N GLN L 455 1.46 44.17 81.21
CA GLN L 455 2.14 45.46 81.31
C GLN L 455 1.95 46.28 80.04
N GLN L 456 2.16 45.66 78.88
CA GLN L 456 2.00 46.38 77.63
C GLN L 456 0.57 46.92 77.49
N VAL L 457 -0.43 46.08 77.80
CA VAL L 457 -1.81 46.50 77.70
C VAL L 457 -2.14 47.56 78.73
N ASP L 458 -1.53 47.49 79.92
CA ASP L 458 -1.75 48.54 80.91
C ASP L 458 -1.28 49.88 80.39
N GLU L 459 -0.08 49.93 79.79
CA GLU L 459 0.38 51.18 79.19
C GLU L 459 -0.58 51.65 78.10
N MET L 460 -0.93 50.72 77.20
CA MET L 460 -1.73 51.10 76.03
C MET L 460 -3.11 51.60 76.44
N ILE L 461 -3.77 50.90 77.36
CA ILE L 461 -5.07 51.33 77.86
C ILE L 461 -4.94 52.55 78.77
N ALA L 462 -3.76 52.81 79.33
CA ALA L 462 -3.56 54.09 80.02
C ALA L 462 -3.64 55.24 79.03
N GLU L 463 -2.96 55.11 77.89
CA GLU L 463 -3.10 56.13 76.85
C GLU L 463 -4.55 56.22 76.39
N GLU L 464 -5.19 55.07 76.21
CA GLU L 464 -6.59 55.05 75.77
C GLU L 464 -7.49 55.78 76.75
N LEU L 465 -7.30 55.55 78.06
CA LEU L 465 -8.10 56.19 79.08
C LEU L 465 -7.84 57.69 79.13
N ASP L 466 -6.58 58.09 78.98
CA ASP L 466 -6.28 59.52 78.88
C ASP L 466 -7.07 60.15 77.74
N ILE L 467 -7.01 59.54 76.56
CA ILE L 467 -7.70 60.13 75.41
C ILE L 467 -9.21 60.14 75.62
N VAL L 468 -9.76 59.05 76.17
CA VAL L 468 -11.21 58.98 76.35
C VAL L 468 -11.67 60.04 77.35
N ARG L 469 -10.93 60.21 78.45
CA ARG L 469 -11.31 61.25 79.41
C ARG L 469 -11.20 62.63 78.79
N LEU L 470 -10.18 62.87 77.97
CA LEU L 470 -10.10 64.14 77.26
C LEU L 470 -11.25 64.32 76.27
N ARG L 471 -11.81 63.22 75.77
CA ARG L 471 -12.90 63.32 74.79
C ARG L 471 -14.08 64.09 75.37
N TYR L 472 -14.46 63.80 76.61
CA TYR L 472 -15.47 64.57 77.31
C TYR L 472 -14.90 65.82 77.96
N ASP L 473 -13.61 66.09 77.77
CA ASP L 473 -12.96 67.26 78.37
C ASP L 473 -13.10 67.24 79.89
N ILE L 474 -13.06 66.04 80.47
CA ILE L 474 -13.14 65.89 81.92
C ILE L 474 -11.85 66.40 82.53
N LYS L 475 -11.90 67.55 83.18
CA LYS L 475 -10.72 68.11 83.81
C LYS L 475 -10.12 67.12 84.79
N LYS L 476 -8.81 66.93 84.72
CA LYS L 476 -8.11 66.00 85.59
C LYS L 476 -8.16 66.55 87.01
N LYS L 477 -9.00 65.95 87.85
CA LYS L 477 -9.01 66.30 89.27
C LYS L 477 -7.59 66.28 89.79
N LYS L 478 -7.08 67.42 90.22
CA LYS L 478 -5.66 67.53 90.56
C LYS L 478 -5.21 66.38 91.44
N GLN L 479 -4.26 65.60 90.93
CA GLN L 479 -3.69 64.48 91.67
C GLN L 479 -2.87 65.05 92.82
N LYS L 480 -3.46 65.08 94.01
CA LYS L 480 -2.73 65.64 95.15
C LYS L 480 -1.45 64.87 95.38
N LYS L 481 -0.32 65.54 95.16
CA LYS L 481 1.00 64.93 95.30
C LYS L 481 1.13 64.34 96.71
N PRO L 482 1.54 63.08 96.82
CA PRO L 482 1.78 62.51 98.15
C PRO L 482 2.79 63.35 98.91
N PRO L 483 2.64 63.47 100.22
CA PRO L 483 3.52 64.37 101.00
C PRO L 483 4.96 64.30 100.55
N ARG L 484 5.50 65.44 100.12
CA ARG L 484 6.84 65.53 99.55
C ARG L 484 7.83 64.70 100.36
N PRO L 485 8.57 63.81 99.70
CA PRO L 485 9.43 62.88 100.44
C PRO L 485 10.58 63.58 101.14
N ARG L 486 10.27 64.29 102.22
CA ARG L 486 11.32 64.95 102.99
C ARG L 486 12.37 63.95 103.42
N ASN L 487 13.57 64.07 102.86
CA ASN L 487 14.67 63.21 103.27
C ASN L 487 15.19 63.70 104.61
N LYS L 488 14.40 63.50 105.67
CA LYS L 488 14.74 64.03 106.99
C LYS L 488 16.19 63.73 107.34
N GLY L 489 16.80 64.64 108.08
CA GLY L 489 18.13 64.41 108.58
C GLY L 489 18.11 63.37 109.69
N LYS L 490 17.56 62.20 109.39
CA LYS L 490 17.44 61.14 110.38
C LYS L 490 18.81 60.81 110.95
N ASN L 491 18.89 60.72 112.27
CA ASN L 491 20.17 60.48 112.94
C ASN L 491 20.54 59.00 112.78
N LYS L 492 20.77 58.62 111.52
CA LYS L 492 21.29 57.30 111.23
C LYS L 492 22.62 57.13 111.96
N LYS L 493 22.78 56.00 112.64
CA LYS L 493 23.90 55.82 113.54
C LYS L 493 25.23 56.03 112.83
N LYS L 494 25.93 57.10 113.18
CA LYS L 494 27.15 57.49 112.52
C LYS L 494 28.32 56.67 113.03
N PHE L 495 29.12 56.13 112.11
CA PHE L 495 30.25 55.28 112.46
C PHE L 495 31.57 55.94 112.09
N PRO L 496 32.65 55.58 112.77
CA PRO L 496 33.95 56.20 112.47
C PRO L 496 34.41 55.88 111.06
N GLY L 497 35.16 56.81 110.48
CA GLY L 497 35.75 56.63 109.17
C GLY L 497 34.91 57.12 108.01
N ASP L 498 33.70 57.61 108.25
CA ASP L 498 32.87 58.08 107.15
C ASP L 498 33.49 59.29 106.45
N SER L 499 34.19 60.14 107.20
CA SER L 499 34.74 61.36 106.61
C SER L 499 35.79 61.05 105.54
N SER L 500 36.64 60.05 105.77
CA SER L 500 37.76 59.76 104.89
C SER L 500 37.38 58.88 103.71
N ASN L 501 36.16 58.34 103.66
CA ASN L 501 35.72 57.49 102.57
C ASN L 501 34.47 58.01 101.89
N LYS L 502 34.05 59.24 102.16
CA LYS L 502 32.90 59.82 101.48
C LYS L 502 33.23 60.04 100.00
N GLY L 503 32.27 59.68 99.14
CA GLY L 503 32.40 59.92 97.72
C GLY L 503 33.28 58.93 96.97
N ARG L 504 33.77 57.89 97.63
CA ARG L 504 34.64 56.90 97.02
C ARG L 504 33.84 55.64 96.72
N ASP L 505 33.98 55.13 95.50
CA ASP L 505 33.31 53.90 95.13
C ASP L 505 33.99 52.70 95.79
N PRO L 506 33.30 51.57 95.89
CA PRO L 506 33.85 50.43 96.64
C PRO L 506 35.19 49.93 96.11
N LYS L 507 35.44 50.03 94.80
CA LYS L 507 36.66 49.46 94.24
C LYS L 507 37.91 50.16 94.77
N ASP L 508 37.85 51.49 94.94
CA ASP L 508 38.99 52.20 95.50
C ASP L 508 39.26 51.75 96.93
N ILE L 509 38.21 51.57 97.73
CA ILE L 509 38.41 51.09 99.09
C ILE L 509 38.99 49.69 99.09
N LEU L 510 38.55 48.84 98.17
CA LEU L 510 39.13 47.51 98.05
C LEU L 510 40.61 47.57 97.70
N ALA L 511 40.98 48.47 96.79
CA ALA L 511 42.39 48.63 96.44
C ALA L 511 43.19 49.08 97.65
N GLY L 512 42.66 50.04 98.42
CA GLY L 512 43.35 50.47 99.61
C GLY L 512 43.53 49.35 100.63
N LEU L 513 42.47 48.56 100.84
CA LEU L 513 42.58 47.42 101.75
C LEU L 513 43.62 46.43 101.28
N VAL L 514 43.63 46.12 99.98
CA VAL L 514 44.60 45.16 99.45
C VAL L 514 46.02 45.69 99.65
N GLU L 515 46.24 46.98 99.37
CA GLU L 515 47.55 47.56 99.60
C GLU L 515 47.91 47.58 101.08
N LYS L 516 46.93 47.60 101.97
CA LYS L 516 47.17 47.60 103.40
C LYS L 516 47.31 46.20 103.99
N ARG L 517 47.18 45.15 103.19
CA ARG L 517 47.36 43.77 103.59
C ARG L 517 46.31 43.29 104.59
N VAL L 518 45.28 44.10 104.85
CA VAL L 518 44.22 43.67 105.75
C VAL L 518 43.47 42.49 105.15
N ALA L 519 43.19 42.53 103.86
CA ALA L 519 42.50 41.45 103.17
C ALA L 519 43.52 40.54 102.50
N LYS L 520 43.40 39.24 102.75
CA LYS L 520 44.31 38.26 102.17
C LYS L 520 43.53 37.05 101.68
N LYS L 521 44.09 36.39 100.67
CA LYS L 521 43.49 35.18 100.08
C LYS L 521 43.97 33.98 100.87
N LEU L 522 43.21 33.62 101.91
CA LEU L 522 43.60 32.52 102.76
C LEU L 522 43.56 31.20 101.99
N ILE L 523 44.38 30.25 102.42
CA ILE L 523 44.47 28.95 101.76
C ILE L 523 43.12 28.26 101.80
N PRO L 524 42.65 27.71 100.68
CA PRO L 524 41.36 27.01 100.70
C PRO L 524 41.39 25.82 101.64
N ALA L 525 40.24 25.56 102.26
CA ALA L 525 40.11 24.46 103.20
C ALA L 525 38.67 23.97 103.21
N SER L 526 38.48 22.76 103.74
CA SER L 526 37.19 22.11 103.82
C SER L 526 36.82 21.87 105.28
N LEU L 527 35.52 21.92 105.57
CA LEU L 527 35.07 21.68 106.94
C LEU L 527 35.36 20.26 107.40
N MET L 528 35.25 19.28 106.48
CA MET L 528 35.59 17.92 106.83
C MET L 528 37.08 17.75 107.08
N ASP L 529 37.89 18.75 106.74
CA ASP L 529 39.32 18.72 107.06
C ASP L 529 39.58 18.75 108.57
N LEU L 530 38.57 19.09 109.37
CA LEU L 530 38.71 19.14 110.82
C LEU L 530 38.51 17.73 111.37
N LYS L 531 39.61 16.97 111.42
CA LYS L 531 39.56 15.61 111.95
C LYS L 531 39.07 15.63 113.39
N GLY L 532 37.88 15.07 113.61
CA GLY L 532 37.29 15.09 114.94
C GLY L 532 36.33 13.94 115.19
N GLU L 533 36.25 13.50 116.44
CA GLU L 533 35.39 12.40 116.84
C GLU L 533 34.15 12.91 117.55
N GLN L 534 33.10 12.10 117.52
CA GLN L 534 31.87 12.43 118.21
C GLN L 534 32.01 12.18 119.71
N ASN L 535 31.14 12.81 120.49
CA ASN L 535 31.17 12.67 121.94
C ASN L 535 30.63 11.30 122.34
N VAL L 536 31.41 10.25 122.09
CA VAL L 536 30.96 8.89 122.36
C VAL L 536 30.66 8.70 123.83
N LEU L 537 31.56 9.18 124.70
CA LEU L 537 31.40 9.03 126.14
C LEU L 537 31.22 10.38 126.82
N GLY L 538 30.78 11.40 126.09
CA GLY L 538 30.50 12.69 126.71
C GLY L 538 29.37 12.63 127.70
N LYS L 539 28.32 11.86 127.38
CA LYS L 539 27.19 11.75 128.30
C LYS L 539 27.59 11.07 129.59
N ILE L 540 28.44 10.03 129.51
CA ILE L 540 28.91 9.38 130.73
C ILE L 540 29.80 10.32 131.53
N GLN L 541 30.59 11.15 130.83
CA GLN L 541 31.37 12.17 131.52
C GLN L 541 30.45 13.13 132.27
N GLU L 542 29.34 13.53 131.64
CA GLU L 542 28.37 14.40 132.30
C GLU L 542 27.74 13.72 133.50
N ILE L 543 27.41 12.43 133.38
CA ILE L 543 26.83 11.69 134.49
C ILE L 543 27.79 11.66 135.68
N GLN L 544 29.07 11.36 135.39
CA GLN L 544 30.07 11.35 136.45
C GLN L 544 30.24 12.73 137.07
N ALA L 545 30.22 13.77 136.24
CA ALA L 545 30.32 15.13 136.77
C ALA L 545 29.18 15.45 137.72
N ASP L 546 27.95 15.10 137.32
CA ASP L 546 26.80 15.36 138.17
C ASP L 546 26.88 14.57 139.47
N GLU L 547 27.30 13.30 139.39
CA GLU L 547 27.41 12.48 140.59
C GLU L 547 28.48 13.03 141.54
N ASN L 548 29.62 13.45 141.00
CA ASN L 548 30.67 14.01 141.83
C ASN L 548 30.22 15.32 142.47
N LEU L 549 29.50 16.15 141.72
CA LEU L 549 28.96 17.38 142.29
C LEU L 549 27.96 17.06 143.42
N LYS L 550 27.11 16.07 143.22
CA LYS L 550 26.18 15.68 144.28
C LYS L 550 26.92 15.18 145.52
N LYS L 551 27.98 14.41 145.32
CA LYS L 551 28.80 13.98 146.45
C LYS L 551 29.42 15.17 147.16
N THR L 552 29.88 16.15 146.39
CA THR L 552 30.39 17.38 146.99
C THR L 552 29.32 18.06 147.83
N GLU L 553 28.07 18.05 147.34
CA GLU L 553 26.98 18.62 148.13
C GLU L 553 26.87 17.96 149.50
N ALA L 554 27.14 16.65 149.57
CA ALA L 554 27.07 15.93 150.84
C ALA L 554 28.25 16.23 151.76
N LEU L 555 29.27 16.92 151.27
CA LEU L 555 30.44 17.22 152.09
C LEU L 555 30.07 18.17 153.23
N THR L 556 30.83 18.08 154.32
CA THR L 556 30.59 18.85 155.53
C THR L 556 31.54 20.02 155.71
N ASP L 557 32.82 19.86 155.35
CA ASP L 557 33.80 20.93 155.56
C ASP L 557 33.53 22.08 154.59
N ALA L 558 33.27 23.26 155.16
CA ALA L 558 33.02 24.43 154.32
C ALA L 558 34.26 24.80 153.52
N LYS L 559 35.44 24.73 154.14
CA LYS L 559 36.68 25.08 153.44
C LYS L 559 36.92 24.14 152.27
N LEU L 560 36.72 22.84 152.47
CA LEU L 560 36.93 21.89 151.39
C LEU L 560 35.96 22.14 150.24
N LYS L 561 34.69 22.41 150.56
CA LYS L 561 33.71 22.71 149.51
C LYS L 561 34.09 23.97 148.75
N LYS L 562 34.52 25.01 149.46
CA LYS L 562 34.92 26.24 148.80
C LYS L 562 36.12 26.02 147.89
N ALA L 563 37.10 25.25 148.37
CA ALA L 563 38.27 24.97 147.55
C ALA L 563 37.89 24.18 146.30
N GLN L 564 37.04 23.17 146.45
CA GLN L 564 36.66 22.35 145.31
C GLN L 564 35.86 23.16 144.29
N LEU L 565 34.94 24.01 144.76
CA LEU L 565 34.13 24.79 143.82
C LEU L 565 34.92 25.94 143.20
N GLU L 566 35.99 26.40 143.87
CA GLU L 566 36.82 27.45 143.28
C GLU L 566 37.48 26.99 141.99
N GLU L 567 38.00 25.77 141.98
CA GLU L 567 38.60 25.23 140.77
C GLU L 567 37.51 24.88 139.76
N PRO L 568 37.82 24.95 138.47
CA PRO L 568 36.80 24.69 137.44
C PRO L 568 36.28 23.26 137.54
N SER L 569 35.01 23.09 137.18
CA SER L 569 34.38 21.77 137.20
C SER L 569 34.87 20.94 136.02
N THR L 570 36.07 20.37 136.14
CA THR L 570 36.65 19.59 135.06
C THR L 570 35.81 18.37 134.70
N LYS L 571 34.94 17.93 135.61
CA LYS L 571 34.12 16.75 135.35
C LYS L 571 33.24 16.92 134.12
N MET L 572 32.87 18.15 133.79
CA MET L 572 32.03 18.37 132.62
C MET L 572 32.80 18.07 131.35
N PRO L 573 32.29 17.20 130.47
CA PRO L 573 32.96 16.97 129.19
C PRO L 573 32.90 18.22 128.32
N ASP L 574 34.03 18.56 127.71
CA ASP L 574 34.08 19.73 126.84
C ASP L 574 33.32 19.45 125.54
N PRO L 575 32.94 20.50 124.82
CA PRO L 575 32.21 20.28 123.56
C PRO L 575 33.04 19.43 122.61
N SER L 576 32.37 18.48 121.96
CA SER L 576 33.06 17.56 121.07
C SER L 576 33.54 18.28 119.81
N ILE L 577 34.63 17.77 119.24
CA ILE L 577 35.12 18.32 117.98
C ILE L 577 34.06 18.15 116.90
N ALA L 578 33.36 17.01 116.89
CA ALA L 578 32.25 16.83 115.98
C ALA L 578 31.14 17.83 116.27
N GLN L 579 30.82 18.05 117.55
CA GLN L 579 29.80 19.02 117.91
C GLN L 579 30.23 20.43 117.52
N ILE L 580 31.50 20.76 117.71
CA ILE L 580 31.99 22.09 117.32
C ILE L 580 31.92 22.26 115.80
N ARG L 581 32.28 21.23 115.04
CA ARG L 581 32.14 21.29 113.59
C ARG L 581 30.68 21.50 113.20
N GLN L 582 29.76 20.77 113.85
CA GLN L 582 28.34 20.96 113.56
C GLN L 582 27.91 22.38 113.85
N ILE L 583 28.30 22.92 115.00
CA ILE L 583 27.86 24.25 115.39
C ILE L 583 28.39 25.29 114.42
N ILE L 584 29.69 25.20 114.08
CA ILE L 584 30.29 26.16 113.16
C ILE L 584 29.61 26.09 111.80
N ALA L 585 29.42 24.87 111.28
CA ALA L 585 28.76 24.72 109.99
C ALA L 585 27.37 25.35 110.03
N GLU L 586 26.55 24.99 111.01
CA GLU L 586 25.17 25.46 111.07
C GLU L 586 25.11 26.97 111.20
N TYR L 587 25.99 27.56 112.03
CA TYR L 587 25.92 29.00 112.26
C TYR L 587 26.55 29.83 111.15
N ILE L 588 27.50 29.29 110.39
CA ILE L 588 28.23 30.07 109.38
C ILE L 588 27.82 29.67 107.96
N ALA L 589 28.04 28.41 107.59
CA ALA L 589 27.91 28.03 106.18
C ALA L 589 26.51 28.29 105.67
N PHE L 590 25.49 27.77 106.36
CA PHE L 590 24.12 28.00 105.92
C PHE L 590 23.75 29.47 105.94
N PRO L 591 23.96 30.22 107.02
CA PRO L 591 23.68 31.66 106.97
C PRO L 591 24.58 32.41 106.01
N LEU L 592 25.90 32.23 106.13
CA LEU L 592 26.82 32.90 105.21
C LEU L 592 26.63 32.42 103.79
N GLY L 593 26.42 31.12 103.60
CA GLY L 593 26.30 30.54 102.27
C GLY L 593 24.91 30.46 101.70
N SER L 594 23.87 30.68 102.51
CA SER L 594 22.50 30.62 102.02
C SER L 594 21.73 31.85 102.50
N LYS L 595 21.02 32.49 101.56
CA LYS L 595 20.18 33.63 101.90
C LYS L 595 18.91 33.21 102.63
N TYR L 596 18.27 32.15 102.15
CA TYR L 596 17.00 31.73 102.72
C TYR L 596 17.16 31.28 104.17
N ALA L 597 18.22 30.51 104.45
CA ALA L 597 18.50 30.12 105.82
C ALA L 597 18.77 31.34 106.69
N LYS L 598 19.51 32.32 106.16
CA LYS L 598 19.77 33.55 106.90
C LYS L 598 18.46 34.23 107.28
N GLU L 599 17.53 34.33 106.33
CA GLU L 599 16.23 34.93 106.63
C GLU L 599 15.46 34.12 107.67
N LYS L 600 15.47 32.79 107.54
CA LYS L 600 14.61 31.92 108.33
C LYS L 600 15.26 31.44 109.63
N LEU L 601 16.48 31.85 109.92
CA LEU L 601 17.17 31.44 111.13
C LEU L 601 17.44 32.66 112.02
N ASP L 602 18.00 32.40 113.19
CA ASP L 602 18.37 33.48 114.09
C ASP L 602 19.34 34.43 113.42
N LYS L 603 19.08 35.72 113.58
CA LYS L 603 19.83 36.77 112.86
C LYS L 603 21.05 37.16 113.69
N MET L 604 22.07 36.31 113.64
CA MET L 604 23.31 36.53 114.37
C MET L 604 24.48 36.52 113.41
N ASN L 605 25.43 37.44 113.62
CA ASN L 605 26.61 37.55 112.77
C ASN L 605 27.89 37.79 113.57
N TYR L 606 27.91 37.45 114.86
CA TYR L 606 29.06 37.69 115.72
C TYR L 606 29.43 36.40 116.44
N PHE L 607 30.62 35.88 116.12
CA PHE L 607 31.15 34.69 116.76
C PHE L 607 32.47 35.01 117.45
N PHE L 608 32.62 34.53 118.68
CA PHE L 608 33.88 34.61 119.40
C PHE L 608 34.45 33.21 119.57
N PHE L 609 35.78 33.11 119.57
CA PHE L 609 36.47 31.83 119.68
C PHE L 609 37.56 31.90 120.72
N MET L 610 37.64 30.86 121.54
CA MET L 610 38.66 30.75 122.59
C MET L 610 39.37 29.40 122.45
N GLY L 611 40.70 29.44 122.37
CA GLY L 611 41.49 28.24 122.26
C GLY L 611 42.98 28.52 122.21
N PRO L 612 43.78 27.47 122.38
CA PRO L 612 45.24 27.63 122.34
C PRO L 612 45.72 27.93 120.93
N ARG L 613 46.95 28.45 120.86
CA ARG L 613 47.54 28.81 119.58
C ARG L 613 47.58 27.60 118.65
N GLY L 614 47.18 27.82 117.40
CA GLY L 614 47.19 26.78 116.39
C GLY L 614 46.25 25.62 116.66
N SER L 615 45.34 25.76 117.62
CA SER L 615 44.45 24.67 117.98
C SER L 615 43.44 24.34 116.88
N GLY L 616 43.50 25.01 115.74
CA GLY L 616 42.59 24.75 114.64
C GLY L 616 41.71 25.91 114.24
N LYS L 617 41.84 27.07 114.87
CA LYS L 617 41.03 28.22 114.47
C LYS L 617 41.32 28.62 113.03
N THR L 618 42.60 28.62 112.65
CA THR L 618 42.94 28.92 111.26
C THR L 618 42.37 27.88 110.31
N LEU L 619 42.37 26.61 110.72
CA LEU L 619 41.80 25.56 109.87
C LEU L 619 40.32 25.82 109.62
N ALA L 620 39.57 26.16 110.68
CA ALA L 620 38.15 26.45 110.51
C ALA L 620 37.94 27.68 109.63
N VAL L 621 38.73 28.73 109.85
CA VAL L 621 38.61 29.94 109.03
C VAL L 621 38.85 29.63 107.57
N ARG L 622 39.92 28.88 107.29
CA ARG L 622 40.23 28.50 105.91
C ARG L 622 39.12 27.67 105.30
N ALA L 623 38.61 26.69 106.05
CA ALA L 623 37.56 25.83 105.52
C ALA L 623 36.31 26.64 105.18
N LEU L 624 35.88 27.50 106.08
CA LEU L 624 34.69 28.31 105.83
C LEU L 624 34.92 29.25 104.64
N ALA L 625 36.07 29.91 104.58
CA ALA L 625 36.34 30.83 103.48
C ALA L 625 36.34 30.11 102.14
N HIS L 626 36.97 28.93 102.09
CA HIS L 626 37.02 28.19 100.83
C HIS L 626 35.65 27.67 100.43
N GLU L 627 34.89 27.12 101.39
CA GLU L 627 33.58 26.57 101.07
C GLU L 627 32.61 27.66 100.60
N CYS L 628 32.61 28.81 101.28
CA CYS L 628 31.72 29.89 100.93
C CYS L 628 32.33 30.90 99.96
N ASN L 629 33.60 30.72 99.59
CA ASN L 629 34.27 31.63 98.66
C ASN L 629 34.17 33.08 99.14
N ALA L 630 34.44 33.28 100.42
CA ALA L 630 34.26 34.57 101.06
C ALA L 630 35.61 35.22 101.35
N ILE L 631 35.68 36.53 101.13
CA ILE L 631 36.88 37.28 101.49
C ILE L 631 37.07 37.25 103.00
N VAL L 632 38.30 37.02 103.43
CA VAL L 632 38.65 37.01 104.84
C VAL L 632 39.48 38.26 105.13
N LEU L 633 38.92 39.16 105.93
CA LEU L 633 39.61 40.37 106.36
C LEU L 633 40.00 40.19 107.82
N ASP L 634 41.30 40.13 108.09
CA ASP L 634 41.80 39.97 109.45
C ASP L 634 42.24 41.33 109.96
N ILE L 635 41.49 41.88 110.92
CA ILE L 635 41.84 43.13 111.56
C ILE L 635 42.59 42.88 112.87
N SER L 636 43.16 41.68 113.03
CA SER L 636 43.87 41.35 114.25
C SER L 636 45.00 42.36 114.47
N PRO L 637 45.25 42.78 115.71
CA PRO L 637 46.35 43.73 115.95
C PRO L 637 47.68 43.23 115.42
N SER L 638 47.95 41.93 115.55
CA SER L 638 49.19 41.38 115.01
C SER L 638 49.25 41.52 113.50
N ASN L 639 48.14 41.22 112.82
CA ASN L 639 48.13 41.30 111.36
C ASN L 639 48.15 42.74 110.86
N ILE L 640 47.94 43.71 111.73
CA ILE L 640 47.94 45.12 111.36
C ILE L 640 49.01 45.91 112.10
N ASP L 641 49.82 45.26 112.93
CA ASP L 641 50.84 45.97 113.69
C ASP L 641 51.90 46.56 112.76
N GLY L 642 52.39 47.73 113.14
CA GLY L 642 53.42 48.42 112.37
C GLY L 642 52.91 49.24 111.21
N GLN L 643 51.60 49.31 111.00
CA GLN L 643 51.03 50.07 109.90
C GLN L 643 50.04 51.15 110.34
N TYR L 644 49.38 50.98 111.49
CA TYR L 644 48.43 51.96 112.00
C TYR L 644 49.00 52.59 113.26
N THR L 645 49.01 53.93 113.30
CA THR L 645 49.55 54.67 114.43
C THR L 645 48.62 55.78 114.90
N ASP L 646 47.36 55.78 114.48
CA ASP L 646 46.42 56.82 114.88
C ASP L 646 45.01 56.25 114.87
N LYS L 647 44.11 56.93 115.58
CA LYS L 647 42.72 56.49 115.64
C LYS L 647 42.00 56.67 114.32
N LYS L 648 42.34 57.73 113.57
CA LYS L 648 41.63 58.01 112.32
C LYS L 648 41.82 56.87 111.31
N GLN L 649 43.04 56.36 111.19
CA GLN L 649 43.29 55.27 110.25
C GLN L 649 42.52 54.01 110.65
N ILE L 650 42.48 53.70 111.94
CA ILE L 650 41.74 52.53 112.40
C ILE L 650 40.25 52.70 112.11
N ASP L 651 39.70 53.89 112.38
CA ASP L 651 38.30 54.15 112.11
C ASP L 651 38.00 53.99 110.62
N GLY L 652 38.85 54.57 109.78
CA GLY L 652 38.64 54.47 108.34
C GLY L 652 38.73 53.04 107.84
N MET L 653 39.70 52.28 108.35
CA MET L 653 39.85 50.89 107.94
C MET L 653 38.65 50.05 108.37
N ILE L 654 38.16 50.25 109.60
CA ILE L 654 36.99 49.53 110.07
C ILE L 654 35.77 49.86 109.21
N ASN L 655 35.59 51.15 108.93
CA ASN L 655 34.46 51.57 108.10
C ASN L 655 34.56 50.96 106.70
N SER L 656 35.74 50.98 106.10
CA SER L 656 35.92 50.42 104.76
C SER L 656 35.66 48.93 104.76
N ALA L 657 36.16 48.21 105.76
CA ALA L 657 35.92 46.77 105.83
C ALA L 657 34.44 46.47 105.98
N PHE L 658 33.74 47.22 106.84
CA PHE L 658 32.32 46.99 107.02
C PHE L 658 31.54 47.28 105.74
N LYS L 659 31.90 48.36 105.04
CA LYS L 659 31.22 48.68 103.78
C LYS L 659 31.48 47.61 102.74
N VAL L 660 32.72 47.12 102.67
CA VAL L 660 33.04 46.04 101.73
C VAL L 660 32.21 44.80 102.05
N ALA L 661 32.11 44.46 103.33
CA ALA L 661 31.31 43.30 103.71
C ALA L 661 29.85 43.48 103.32
N LYS L 662 29.29 44.66 103.56
CA LYS L 662 27.90 44.91 103.21
C LYS L 662 27.67 44.81 101.71
N GLU L 663 28.58 45.38 100.91
CA GLU L 663 28.39 45.40 99.46
C GLU L 663 29.10 44.27 98.73
N PHE L 664 30.21 43.78 99.27
CA PHE L 664 30.94 42.67 98.63
C PHE L 664 30.50 41.33 99.23
N GLN L 665 29.20 41.07 99.14
CA GLN L 665 28.63 39.83 99.64
C GLN L 665 29.06 38.66 98.78
N PRO L 666 29.44 37.53 99.39
CA PRO L 666 29.58 37.39 100.85
C PRO L 666 30.89 37.96 101.36
N ALA L 667 30.93 38.33 102.65
CA ALA L 667 32.15 38.85 103.25
C ALA L 667 32.24 38.37 104.70
N ILE L 668 33.47 38.16 105.16
CA ILE L 668 33.73 37.70 106.52
C ILE L 668 34.91 38.48 107.08
N ILE L 669 34.83 38.83 108.36
CA ILE L 669 35.88 39.56 109.05
C ILE L 669 36.40 38.69 110.19
N TYR L 670 37.70 38.42 110.17
CA TYR L 670 38.37 37.68 111.24
C TYR L 670 39.33 38.61 111.98
N CYS L 671 39.43 38.41 113.29
CA CYS L 671 40.30 39.25 114.10
C CYS L 671 40.78 38.45 115.30
N GLU L 672 42.08 38.15 115.32
CA GLU L 672 42.70 37.49 116.45
C GLU L 672 43.24 38.54 117.42
N ASP L 673 43.79 38.09 118.54
CA ASP L 673 44.37 38.97 119.54
C ASP L 673 43.34 39.99 120.04
N PHE L 674 42.10 39.53 120.22
CA PHE L 674 41.03 40.40 120.67
C PHE L 674 41.21 40.85 122.12
N GLU L 675 42.10 40.20 122.87
CA GLU L 675 42.31 40.57 124.27
C GLU L 675 42.84 42.00 124.38
N TYR L 676 43.79 42.37 123.53
CA TYR L 676 44.39 43.69 123.62
C TYR L 676 43.38 44.80 123.35
N ILE L 677 42.28 44.50 122.66
CA ILE L 677 41.24 45.50 122.41
C ILE L 677 40.14 45.47 123.45
N PHE L 678 39.91 44.33 124.11
CA PHE L 678 38.87 44.19 125.11
C PHE L 678 39.38 43.47 126.36
N GLY L 679 40.64 43.71 126.72
CA GLY L 679 41.25 43.07 127.86
C GLY L 679 41.00 43.82 129.15
N GLN L 680 41.74 43.42 130.18
CA GLN L 680 41.61 44.00 131.52
C GLN L 680 42.45 45.27 131.59
N ALA L 681 41.78 46.42 131.72
CA ALA L 681 42.49 47.69 131.82
C ALA L 681 43.32 47.77 133.10
N LYS L 682 42.78 47.26 134.21
CA LYS L 682 43.48 47.33 135.48
C LYS L 682 44.73 46.48 135.53
N LYS L 683 44.95 45.61 134.55
CA LYS L 683 46.13 44.76 134.55
C LYS L 683 47.40 45.60 134.38
N LYS L 684 48.54 44.92 134.42
CA LYS L 684 49.83 45.60 134.33
C LYS L 684 50.01 46.19 132.94
N LYS L 685 51.15 46.84 132.72
CA LYS L 685 51.44 47.51 131.46
C LYS L 685 51.78 46.46 130.40
N SER L 686 50.79 46.09 129.61
CA SER L 686 51.03 45.14 128.51
C SER L 686 51.89 45.77 127.43
N GLN L 687 52.79 44.97 126.87
CA GLN L 687 53.69 45.47 125.83
C GLN L 687 52.97 45.76 124.51
N VAL L 688 51.73 45.30 124.35
CA VAL L 688 51.01 45.54 123.11
C VAL L 688 50.74 47.04 122.95
N ASN L 689 50.58 47.46 121.69
CA ASN L 689 50.34 48.85 121.38
C ASN L 689 49.00 49.30 121.97
N PRO L 690 48.97 50.37 122.77
CA PRO L 690 47.69 50.83 123.32
C PRO L 690 46.67 51.18 122.25
N LEU L 691 47.12 51.58 121.06
CA LEU L 691 46.19 52.01 120.01
C LEU L 691 45.17 50.94 119.67
N PHE L 692 45.54 49.67 119.81
CA PHE L 692 44.61 48.59 119.49
C PHE L 692 43.38 48.61 120.39
N ALA L 693 43.57 48.94 121.67
CA ALA L 693 42.46 48.93 122.61
C ALA L 693 41.37 49.91 122.24
N LYS L 694 41.68 50.95 121.45
CA LYS L 694 40.69 51.94 121.09
C LYS L 694 39.63 51.41 120.14
N MET L 695 39.82 50.22 119.58
CA MET L 695 38.83 49.65 118.67
C MET L 695 37.51 49.37 119.36
N LYS L 696 37.48 49.33 120.69
CA LYS L 696 36.26 48.96 121.40
C LYS L 696 35.12 49.93 121.11
N LYS L 697 35.39 51.23 121.18
CA LYS L 697 34.33 52.21 120.95
C LYS L 697 33.76 52.13 119.54
N PRO L 698 34.57 52.16 118.48
CA PRO L 698 33.99 52.02 117.14
C PRO L 698 33.19 50.73 116.97
N LEU L 699 33.78 49.60 117.36
CA LEU L 699 33.06 48.33 117.30
C LEU L 699 31.86 48.31 118.24
N MET L 700 31.97 48.95 119.41
CA MET L 700 30.85 49.01 120.34
C MET L 700 29.66 49.71 119.69
N ASP L 701 29.88 50.89 119.11
CA ASP L 701 28.80 51.61 118.46
C ASP L 701 28.28 50.85 117.24
N PHE L 702 29.17 50.21 116.48
CA PHE L 702 28.73 49.39 115.36
C PHE L 702 27.77 48.30 115.83
N LYS L 703 28.16 47.56 116.87
CA LYS L 703 27.31 46.48 117.37
C LYS L 703 25.99 47.01 117.90
N LYS L 704 26.04 48.09 118.68
CA LYS L 704 24.80 48.66 119.20
C LYS L 704 23.91 49.23 118.10
N GLY L 705 24.48 49.50 116.93
CA GLY L 705 23.71 50.03 115.82
C GLY L 705 23.15 49.01 114.86
N LYS L 706 23.53 47.75 115.00
CA LYS L 706 23.09 46.70 114.07
C LYS L 706 23.49 47.04 112.64
N PHE L 707 24.79 47.28 112.44
CA PHE L 707 25.28 47.73 111.14
C PHE L 707 24.89 46.75 110.05
N PHE L 708 25.41 45.53 110.12
CA PHE L 708 25.10 44.53 109.10
C PHE L 708 23.64 44.09 109.22
N GLU L 709 22.93 44.12 108.10
CA GLU L 709 21.54 43.70 108.10
C GLU L 709 21.44 42.22 108.45
N PRO L 710 20.45 41.81 109.26
CA PRO L 710 20.40 40.41 109.69
C PRO L 710 20.38 39.42 108.53
N GLU L 711 19.66 39.73 107.46
CA GLU L 711 19.66 38.83 106.31
C GLU L 711 20.97 38.89 105.53
N ASP L 712 21.62 40.05 105.51
CA ASP L 712 22.89 40.16 104.80
C ASP L 712 23.86 39.11 105.34
N ARG L 713 24.43 38.34 104.41
CA ARG L 713 25.24 37.17 104.76
C ARG L 713 26.71 37.57 104.95
N VAL L 714 26.92 38.37 106.00
CA VAL L 714 28.26 38.79 106.41
C VAL L 714 28.38 38.60 107.92
N VAL L 715 29.50 38.03 108.36
CA VAL L 715 29.69 37.71 109.76
C VAL L 715 31.04 38.25 110.22
N PHE L 716 31.12 38.58 111.50
CA PHE L 716 32.35 39.04 112.13
C PHE L 716 32.94 37.91 112.96
N ILE L 717 34.24 37.68 112.82
CA ILE L 717 34.92 36.56 113.44
C ILE L 717 35.82 37.09 114.56
N GLY L 718 35.65 36.55 115.76
CA GLY L 718 36.54 36.84 116.86
C GLY L 718 37.10 35.58 117.50
N SER L 719 38.39 35.36 117.36
CA SER L 719 39.05 34.18 117.94
C SER L 719 40.30 34.63 118.67
N THR L 720 40.45 34.15 119.91
CA THR L 720 41.56 34.54 120.77
C THR L 720 42.33 33.29 121.20
N ASN L 721 43.48 33.53 121.84
CA ASN L 721 44.31 32.45 122.35
C ASN L 721 44.25 32.31 123.86
N ARG L 722 44.05 33.39 124.59
CA ARG L 722 43.94 33.37 126.06
C ARG L 722 42.63 34.05 126.46
N PRO L 723 41.57 33.27 126.72
CA PRO L 723 40.27 33.89 126.99
C PRO L 723 40.25 34.78 128.22
N TRP L 724 41.05 34.47 129.25
CA TRP L 724 40.97 35.22 130.49
C TRP L 724 41.34 36.68 130.34
N ASP L 725 42.07 37.06 129.29
CA ASP L 725 42.47 38.46 129.14
C ASP L 725 41.27 39.36 128.89
N CYS L 726 40.31 38.91 128.09
CA CYS L 726 39.19 39.74 127.71
C CYS L 726 38.19 39.87 128.86
N SER L 727 37.38 40.93 128.80
CA SER L 727 36.34 41.16 129.79
C SER L 727 35.17 40.22 129.53
N GLN L 728 34.74 39.51 130.57
CA GLN L 728 33.74 38.46 130.38
C GLN L 728 32.35 39.03 130.07
N LYS L 729 31.95 40.08 130.77
CA LYS L 729 30.63 40.67 130.51
C LYS L 729 30.53 41.21 129.09
N GLU L 730 31.56 41.91 128.63
CA GLU L 730 31.54 42.43 127.26
C GLU L 730 31.52 41.31 126.24
N ILE L 731 32.27 40.23 126.49
CA ILE L 731 32.24 39.08 125.59
C ILE L 731 30.84 38.51 125.54
N LYS L 732 30.19 38.37 126.70
CA LYS L 732 28.86 37.81 126.76
C LYS L 732 27.85 38.68 126.00
N SER L 733 27.94 40.00 126.17
CA SER L 733 26.92 40.89 125.66
C SER L 733 27.23 41.45 124.27
N PHE L 734 28.39 41.15 123.70
CA PHE L 734 28.81 41.78 122.46
C PHE L 734 28.87 40.83 121.27
N PHE L 735 28.98 39.52 121.50
CA PHE L 735 29.02 38.52 120.43
C PHE L 735 27.74 37.71 120.43
N ASP L 736 27.29 37.35 119.24
CA ASP L 736 26.09 36.53 119.12
C ASP L 736 26.29 35.18 119.79
N LYS L 737 27.45 34.56 119.58
CA LYS L 737 27.74 33.29 120.25
C LYS L 737 29.23 33.13 120.44
N LYS L 738 29.61 32.27 121.38
CA LYS L 738 31.01 31.98 121.70
C LYS L 738 31.26 30.48 121.63
N ILE L 739 32.47 30.13 121.20
CA ILE L 739 32.87 28.75 120.99
C ILE L 739 34.24 28.53 121.63
N TYR L 740 34.38 27.44 122.38
CA TYR L 740 35.65 27.04 122.97
C TYR L 740 36.09 25.73 122.36
N PHE L 741 37.31 25.71 121.82
CA PHE L 741 37.85 24.50 121.19
C PHE L 741 38.51 23.65 122.27
N PRO L 742 38.04 22.43 122.51
CA PRO L 742 38.61 21.61 123.58
C PRO L 742 39.96 21.03 123.20
N PHE L 743 40.75 20.71 124.22
CA PHE L 743 42.01 20.03 124.00
C PHE L 743 41.75 18.64 123.41
N PRO L 744 42.60 18.16 122.51
CA PRO L 744 42.38 16.84 121.94
C PRO L 744 42.36 15.76 123.02
N ASN L 745 41.43 14.83 122.89
CA ASN L 745 41.28 13.71 123.81
C ASN L 745 42.07 12.51 123.30
N TYR L 746 42.03 11.42 124.06
CA TYR L 746 42.80 10.24 123.70
C TYR L 746 42.43 9.75 122.29
N GLY L 747 41.14 9.53 122.05
CA GLY L 747 40.74 9.04 120.73
C GLY L 747 40.96 10.05 119.64
N THR L 748 40.50 11.29 119.85
CA THR L 748 40.65 12.32 118.83
C THR L 748 42.13 12.63 118.59
N ARG L 749 42.92 12.72 119.66
CA ARG L 749 44.34 13.02 119.50
C ARG L 749 45.06 11.88 118.78
N MET L 750 44.74 10.63 119.10
CA MET L 750 45.35 9.51 118.39
C MET L 750 44.96 9.51 116.91
N LEU L 751 43.69 9.79 116.62
CA LEU L 751 43.25 9.81 115.23
C LEU L 751 43.92 10.95 114.46
N LEU L 752 44.11 12.10 115.11
CA LEU L 752 44.84 13.20 114.49
C LEU L 752 46.29 12.80 114.22
N PHE L 753 46.92 12.10 115.17
CA PHE L 753 48.27 11.60 114.93
C PHE L 753 48.30 10.69 113.71
N LYS L 754 47.35 9.77 113.62
CA LYS L 754 47.32 8.86 112.47
C LYS L 754 47.13 9.63 111.17
N THR L 755 46.22 10.62 111.18
CA THR L 755 45.95 11.38 109.96
C THR L 755 47.17 12.17 109.51
N PHE L 756 47.87 12.83 110.44
CA PHE L 756 49.08 13.54 110.04
C PHE L 756 50.17 12.58 109.57
N LEU L 757 50.34 11.44 110.23
CA LEU L 757 51.40 10.52 109.81
C LEU L 757 51.11 9.95 108.43
N GLU L 758 49.85 9.66 108.12
CA GLU L 758 49.50 9.25 106.77
C GLU L 758 49.65 10.39 105.77
N GLN L 759 49.41 11.63 106.22
CA GLN L 759 49.59 12.79 105.34
C GLN L 759 51.05 12.97 104.95
N LYS L 760 51.96 12.77 105.90
CA LYS L 760 53.39 12.89 105.61
C LYS L 760 53.91 11.71 104.78
N LYS L 761 53.08 10.70 104.53
CA LYS L 761 53.47 9.54 103.73
C LYS L 761 54.55 8.71 104.44
N VAL L 762 54.32 8.42 105.72
CA VAL L 762 55.18 7.55 106.50
C VAL L 762 54.48 6.20 106.67
N PRO L 763 55.20 5.09 106.61
CA PRO L 763 54.56 3.77 106.72
C PRO L 763 53.94 3.54 108.11
N LEU L 764 52.88 2.74 108.13
CA LEU L 764 52.15 2.47 109.37
C LEU L 764 52.64 1.18 110.01
N PRO L 765 53.14 1.22 111.22
CA PRO L 765 53.56 0.02 111.91
C PRO L 765 52.42 -0.75 112.56
N ASP L 766 52.56 -2.08 112.57
CA ASP L 766 51.48 -2.93 113.10
C ASP L 766 51.46 -2.96 114.62
N ASN L 767 52.62 -2.96 115.26
CA ASN L 767 52.72 -3.10 116.71
C ASN L 767 52.92 -1.76 117.42
N PHE L 768 52.69 -0.64 116.74
CA PHE L 768 52.94 0.67 117.32
C PHE L 768 51.84 1.02 118.32
N PRO L 769 52.17 1.33 119.57
CA PRO L 769 51.14 1.69 120.56
C PRO L 769 50.70 3.15 120.48
N ILE L 770 49.72 3.44 119.60
CA ILE L 770 49.31 4.82 119.37
C ILE L 770 48.88 5.49 120.66
N ASN L 771 48.05 4.81 121.46
CA ASN L 771 47.54 5.43 122.68
C ASN L 771 48.65 5.77 123.66
N THR L 772 49.78 5.06 123.62
CA THR L 772 50.90 5.43 124.47
C THR L 772 51.40 6.82 124.15
N ILE L 773 51.62 7.11 122.87
CA ILE L 773 52.03 8.46 122.46
C ILE L 773 50.92 9.46 122.75
N ALA L 774 49.67 9.02 122.60
CA ALA L 774 48.55 9.90 122.95
C ALA L 774 48.64 10.34 124.41
N HIS L 775 48.90 9.38 125.30
CA HIS L 775 49.07 9.72 126.72
C HIS L 775 50.26 10.63 126.92
N ILE L 776 51.38 10.33 126.26
CA ILE L 776 52.57 11.16 126.41
C ILE L 776 52.33 12.59 125.96
N THR L 777 51.44 12.79 124.99
CA THR L 777 51.23 14.10 124.38
C THR L 777 50.07 14.88 124.99
N GLU L 778 49.44 14.38 126.05
CA GLU L 778 48.31 15.09 126.64
C GLU L 778 48.73 16.46 127.13
N GLY L 779 47.90 17.46 126.86
CA GLY L 779 48.17 18.83 127.27
C GLY L 779 48.64 19.77 126.19
N TRP L 780 48.61 19.35 124.93
CA TRP L 780 49.08 20.18 123.82
C TRP L 780 47.93 20.49 122.87
N SER L 781 47.96 21.68 122.29
CA SER L 781 46.94 22.09 121.33
C SER L 781 47.20 21.45 119.97
N ALA L 782 46.26 21.65 119.05
CA ALA L 782 46.42 21.11 117.70
C ALA L 782 47.60 21.75 117.00
N GLY L 783 47.82 23.05 117.20
CA GLY L 783 48.95 23.73 116.58
C GLY L 783 50.28 23.16 117.02
N SER L 784 50.41 22.88 118.32
CA SER L 784 51.63 22.24 118.82
C SER L 784 51.79 20.86 118.20
N PHE L 785 50.69 20.12 118.06
CA PHE L 785 50.74 18.81 117.42
C PHE L 785 51.31 18.91 116.01
N LYS L 786 50.75 19.82 115.21
CA LYS L 786 51.22 19.97 113.82
C LYS L 786 52.68 20.43 113.79
N MET L 787 53.04 21.36 114.67
CA MET L 787 54.41 21.86 114.68
C MET L 787 55.39 20.74 115.01
N ALA L 788 55.07 19.93 116.01
CA ALA L 788 55.93 18.82 116.38
C ALA L 788 56.04 17.81 115.25
N ILE L 789 54.92 17.51 114.58
CA ILE L 789 54.95 16.54 113.49
C ILE L 789 55.81 17.06 112.34
N ASP L 790 55.67 18.33 111.99
CA ASP L 790 56.53 18.89 110.95
C ASP L 790 57.99 18.88 111.36
N ARG L 791 58.28 19.19 112.63
CA ARG L 791 59.67 19.24 113.09
C ARG L 791 60.31 17.86 113.06
N VAL L 792 59.57 16.83 113.47
CA VAL L 792 60.15 15.49 113.61
C VAL L 792 60.65 14.97 112.26
N PHE L 793 59.85 15.13 111.21
CA PHE L 793 60.15 14.58 109.90
C PHE L 793 60.69 15.66 108.99
N THR L 794 61.84 15.40 108.36
CA THR L 794 62.46 16.30 107.40
C THR L 794 62.57 15.60 106.06
N GLU L 795 63.22 16.28 105.10
CA GLU L 795 63.34 15.72 103.75
C GLU L 795 64.12 14.42 103.75
N ARG L 796 65.33 14.43 104.32
CA ARG L 796 66.11 13.20 104.37
C ARG L 796 65.55 12.22 105.40
N ARG L 797 64.99 12.72 106.50
CA ARG L 797 64.37 11.84 107.48
C ARG L 797 63.17 11.13 106.87
N LEU L 798 62.34 11.86 106.10
CA LEU L 798 61.22 11.22 105.43
C LEU L 798 61.71 10.24 104.36
N GLN L 799 62.75 10.63 103.62
CA GLN L 799 63.33 9.71 102.64
C GLN L 799 63.95 8.49 103.31
N LYS L 800 64.34 8.61 104.58
CA LYS L 800 64.97 7.53 105.32
C LYS L 800 64.00 6.80 106.24
N ILE L 801 62.69 7.06 106.10
CA ILE L 801 61.72 6.42 106.99
C ILE L 801 61.69 4.91 106.75
N ASN L 802 61.89 4.49 105.50
CA ASN L 802 61.85 3.05 105.20
C ASN L 802 62.95 2.31 105.95
N GLU L 803 64.17 2.85 105.96
CA GLU L 803 65.27 2.17 106.64
C GLU L 803 65.04 2.11 108.14
N GLU L 804 64.56 3.20 108.73
CA GLU L 804 64.35 3.30 110.17
C GLU L 804 62.86 3.50 110.43
N GLN L 805 62.23 2.51 111.05
CA GLN L 805 60.83 2.63 111.41
C GLN L 805 60.64 3.74 112.44
N ILE L 806 59.42 4.29 112.48
CA ILE L 806 59.13 5.37 113.41
C ILE L 806 59.42 4.91 114.83
N LYS L 807 60.12 5.74 115.59
CA LYS L 807 60.55 5.42 116.94
C LYS L 807 59.86 6.35 117.93
N LEU L 808 59.53 5.81 119.11
CA LEU L 808 58.84 6.59 120.13
C LEU L 808 59.63 7.83 120.52
N SER L 809 60.93 7.65 120.80
CA SER L 809 61.76 8.76 121.25
C SER L 809 61.81 9.88 120.22
N GLU L 810 61.51 9.59 118.95
CA GLU L 810 61.46 10.65 117.94
C GLU L 810 60.52 11.77 118.35
N PHE L 811 59.41 11.44 119.01
CA PHE L 811 58.46 12.44 119.45
C PHE L 811 58.75 12.96 120.86
N ILE L 812 59.73 12.39 121.55
CA ILE L 812 60.04 12.83 122.92
C ILE L 812 60.62 14.23 122.91
N GLY L 813 61.59 14.48 122.03
CA GLY L 813 62.28 15.75 121.98
C GLY L 813 61.40 16.90 121.52
N PRO L 814 60.77 16.76 120.35
CA PRO L 814 59.94 17.86 119.83
C PRO L 814 58.81 18.27 120.76
N LEU L 815 58.22 17.31 121.47
CA LEU L 815 57.06 17.62 122.31
C LEU L 815 57.39 18.70 123.34
N SER L 816 58.55 18.59 123.98
CA SER L 816 58.96 19.62 124.93
C SER L 816 59.36 20.91 124.22
N ASN L 817 59.89 20.80 122.99
CA ASN L 817 60.32 22.00 122.27
C ASN L 817 59.14 22.90 121.91
N VAL L 818 58.02 22.32 121.50
CA VAL L 818 56.84 23.10 121.12
C VAL L 818 56.20 23.67 122.38
N PRO L 819 55.40 24.74 122.26
CA PRO L 819 54.77 25.31 123.46
C PRO L 819 53.90 24.28 124.16
N PHE L 820 53.94 24.30 125.49
CA PHE L 820 53.21 23.36 126.31
C PHE L 820 52.15 24.10 127.14
N THR L 821 50.95 23.55 127.16
CA THR L 821 49.83 24.12 127.91
C THR L 821 49.70 23.37 129.22
N SER L 822 49.82 24.08 130.34
CA SER L 822 49.70 23.47 131.65
C SER L 822 48.24 23.23 132.01
N LYS L 823 48.04 22.34 132.98
CA LYS L 823 46.67 22.05 133.44
C LYS L 823 45.97 23.32 133.91
N GLU L 824 46.71 24.28 134.44
CA GLU L 824 46.10 25.53 134.87
C GLU L 824 45.46 26.27 133.71
N GLU L 825 46.13 26.29 132.55
CA GLU L 825 45.56 26.95 131.38
C GLU L 825 44.27 26.27 130.95
N PHE L 826 44.24 24.94 130.94
CA PHE L 826 43.01 24.22 130.59
C PHE L 826 41.90 24.52 131.59
N LYS L 827 42.24 24.56 132.88
CA LYS L 827 41.24 24.89 133.89
C LYS L 827 40.67 26.28 133.68
N GLU L 828 41.53 27.26 133.36
CA GLU L 828 41.06 28.61 133.11
C GLU L 828 40.21 28.66 131.86
N PHE L 829 40.59 27.92 130.82
CA PHE L 829 39.79 27.85 129.60
C PHE L 829 38.39 27.34 129.93
N LYS L 830 38.32 26.28 130.73
CA LYS L 830 37.02 25.71 131.10
C LYS L 830 36.22 26.70 131.94
N LYS L 831 36.87 27.40 132.87
CA LYS L 831 36.18 28.39 133.67
C LYS L 831 35.61 29.51 132.80
N PHE L 832 36.40 30.01 131.85
CA PHE L 832 35.94 31.06 130.96
C PHE L 832 34.79 30.57 130.10
N ASN L 833 34.87 29.32 129.61
CA ASN L 833 33.79 28.77 128.81
C ASN L 833 32.50 28.68 129.64
N GLN L 834 32.61 28.23 130.89
CA GLN L 834 31.42 28.11 131.73
C GLN L 834 30.83 29.48 132.06
N VAL L 835 31.68 30.47 132.34
CA VAL L 835 31.20 31.77 132.78
C VAL L 835 30.64 32.57 131.62
N VAL L 836 31.44 32.77 130.58
CA VAL L 836 31.02 33.60 129.45
C VAL L 836 29.79 32.99 128.77
N THR L 837 29.80 31.66 128.58
CA THR L 837 28.64 30.99 128.03
C THR L 837 27.43 31.06 128.96
N GLY L 838 27.65 31.36 130.24
CA GLY L 838 26.58 31.41 131.20
C GLY L 838 26.25 30.10 131.89
N LEU L 839 27.03 29.05 131.64
CA LEU L 839 26.76 27.78 132.31
C LEU L 839 26.81 27.94 133.83
N GLN L 840 27.78 28.72 134.33
CA GLN L 840 27.79 29.02 135.75
C GLN L 840 26.54 29.79 136.16
N ALA L 841 25.95 30.56 135.25
CA ALA L 841 24.69 31.23 135.55
C ALA L 841 23.59 30.21 135.84
N ASN L 842 23.48 29.17 135.01
CA ASN L 842 22.54 28.10 135.30
C ASN L 842 22.90 27.39 136.60
N TYR L 843 24.20 27.17 136.83
CA TYR L 843 24.62 26.50 138.06
C TYR L 843 24.14 27.25 139.29
N GLU L 844 24.35 28.56 139.31
CA GLU L 844 23.85 29.37 140.42
C GLU L 844 22.33 29.41 140.43
N ALA L 845 21.70 29.31 139.26
CA ALA L 845 20.24 29.36 139.20
C ALA L 845 19.61 28.18 139.92
N LYS L 846 20.17 26.98 139.76
CA LYS L 846 19.55 25.75 140.24
C LYS L 846 20.02 25.39 141.65
N LYS L 847 20.48 26.37 142.43
CA LYS L 847 20.93 26.13 143.80
C LYS L 847 20.28 27.05 144.82
N ALA L 848 19.90 28.26 144.45
CA ALA L 848 19.33 29.20 145.40
C ALA L 848 17.88 28.82 145.69
N PRO L 849 17.51 28.65 146.96
CA PRO L 849 16.13 28.30 147.30
C PRO L 849 15.20 29.51 147.20
N ALA L 850 13.89 29.22 147.23
CA ALA L 850 12.86 30.23 147.12
C ALA L 850 12.26 30.59 148.47
N ASP L 851 12.79 30.06 149.56
CA ASP L 851 12.24 30.35 150.90
C ASP L 851 12.45 31.82 151.27
N ASP L 852 13.62 32.38 150.94
CA ASP L 852 13.95 33.73 151.38
C ASP L 852 12.92 34.73 150.87
N GLN L 853 12.56 35.68 151.74
CA GLN L 853 11.47 36.59 151.50
C GLN L 853 11.99 37.97 151.06
N LYS L 854 11.07 38.93 150.95
CA LYS L 854 11.38 40.27 150.47
C LYS L 854 10.89 41.32 151.46
N GLY L 855 11.21 41.15 152.75
CA GLY L 855 10.62 41.95 153.79
C GLY L 855 11.11 43.38 153.88
N ASP L 856 11.32 43.85 155.11
CA ASP L 856 11.59 45.27 155.34
C ASP L 856 12.84 45.72 154.59
N LYS L 857 12.72 46.86 153.90
CA LYS L 857 13.88 47.49 153.26
C LYS L 857 13.84 49.00 153.39
N ASN L 858 12.97 49.56 154.24
CA ASN L 858 12.77 50.99 154.31
C ASN L 858 13.30 51.64 155.58
N LYS L 859 13.51 50.87 156.65
CA LYS L 859 14.03 51.45 157.88
C LYS L 859 15.43 52.02 157.67
N LYS L 860 16.29 51.31 156.94
CA LYS L 860 17.66 51.75 156.71
C LYS L 860 17.67 52.80 155.59
N LYS L 861 17.24 54.01 155.95
CA LYS L 861 17.19 55.13 155.02
C LYS L 861 18.15 56.25 155.39
N LYS L 862 18.74 56.21 156.58
CA LYS L 862 19.66 57.26 157.01
C LYS L 862 20.98 57.19 156.25
N SER M 104 -74.80 63.51 -33.40
CA SER M 104 -73.69 63.83 -34.31
C SER M 104 -73.21 62.59 -35.05
N GLU M 105 -72.25 61.87 -34.46
CA GLU M 105 -71.71 60.68 -35.12
C GLU M 105 -72.78 59.62 -35.31
N ILE M 106 -73.49 59.26 -34.23
CA ILE M 106 -74.55 58.27 -34.34
C ILE M 106 -75.88 58.93 -34.65
N SER M 107 -76.33 59.81 -33.76
CA SER M 107 -77.58 60.54 -33.94
C SER M 107 -77.25 61.97 -34.34
N GLY M 108 -77.32 62.23 -35.65
CA GLY M 108 -77.18 63.59 -36.12
C GLY M 108 -78.40 64.43 -35.82
N ASN M 109 -78.19 65.75 -35.77
CA ASN M 109 -79.27 66.66 -35.46
C ASN M 109 -80.33 66.63 -36.56
N TYR M 110 -81.59 66.72 -36.16
CA TYR M 110 -82.75 66.63 -37.05
C TYR M 110 -83.29 68.00 -37.43
N GLU M 111 -82.42 68.98 -37.65
CA GLU M 111 -82.86 70.35 -37.97
C GLU M 111 -83.97 70.33 -39.00
N ALA M 112 -85.14 70.82 -38.59
CA ALA M 112 -86.33 70.78 -39.44
C ALA M 112 -86.15 71.69 -40.65
N ASP M 113 -86.65 71.24 -41.79
CA ASP M 113 -86.63 72.07 -43.00
C ASP M 113 -87.67 73.17 -42.89
N ASP M 114 -87.22 74.42 -42.98
CA ASP M 114 -88.15 75.54 -42.94
C ASP M 114 -89.17 75.43 -44.06
N GLU M 115 -88.71 75.10 -45.26
CA GLU M 115 -89.63 74.85 -46.38
C GLU M 115 -90.55 73.67 -46.06
N THR M 116 -89.99 72.60 -45.49
CA THR M 116 -90.80 71.42 -45.19
C THR M 116 -91.87 71.73 -44.17
N LEU M 117 -91.52 72.45 -43.09
CA LEU M 117 -92.53 72.77 -42.08
C LEU M 117 -93.55 73.78 -42.60
N ARG M 118 -93.13 74.70 -43.48
CA ARG M 118 -94.08 75.60 -44.11
C ARG M 118 -95.10 74.83 -44.92
N LYS M 119 -94.64 73.87 -45.73
CA LYS M 119 -95.58 73.00 -46.44
C LYS M 119 -96.44 72.21 -45.48
N ILE M 120 -95.86 71.76 -44.37
CA ILE M 120 -96.61 71.00 -43.38
C ILE M 120 -97.81 71.81 -42.89
N ARG M 121 -97.57 73.05 -42.48
CA ARG M 121 -98.65 73.84 -41.92
C ARG M 121 -99.64 74.26 -43.00
N ARG M 122 -99.14 74.55 -44.21
CA ARG M 122 -100.04 74.91 -45.31
C ARG M 122 -100.97 73.75 -45.64
N ASP M 123 -100.44 72.52 -45.70
CA ASP M 123 -101.28 71.37 -45.97
C ASP M 123 -102.21 71.07 -44.80
N LEU M 124 -101.78 71.34 -43.57
CA LEU M 124 -102.69 71.20 -42.44
C LEU M 124 -103.88 72.14 -42.60
N LEU M 125 -103.62 73.39 -42.98
CA LEU M 125 -104.70 74.35 -43.20
C LEU M 125 -105.60 73.90 -44.34
N ASP M 126 -105.01 73.42 -45.43
CA ASP M 126 -105.82 72.98 -46.57
C ASP M 126 -106.66 71.77 -46.21
N ASN M 127 -106.11 70.86 -45.40
CA ASN M 127 -106.87 69.68 -44.98
C ASN M 127 -108.02 70.07 -44.07
N ILE M 128 -107.80 71.02 -43.16
CA ILE M 128 -108.90 71.49 -42.33
C ILE M 128 -109.95 72.19 -43.19
N ASN M 129 -109.50 72.91 -44.22
CA ASN M 129 -110.44 73.55 -45.14
C ASN M 129 -111.28 72.50 -45.87
N LEU M 130 -110.66 71.41 -46.31
CA LEU M 130 -111.41 70.33 -46.95
C LEU M 130 -112.41 69.71 -45.98
N GLU M 131 -111.99 69.47 -44.74
CA GLU M 131 -112.90 68.92 -43.75
C GLU M 131 -114.09 69.85 -43.55
N ARG M 132 -113.84 71.16 -43.53
CA ARG M 132 -114.92 72.13 -43.41
C ARG M 132 -115.85 72.05 -44.62
N ARG M 133 -115.29 72.10 -45.83
CA ARG M 133 -116.08 72.07 -47.04
C ARG M 133 -116.88 70.77 -47.17
N HIS M 134 -116.46 69.72 -46.47
CA HIS M 134 -117.19 68.45 -46.54
C HIS M 134 -118.67 68.64 -46.23
N ARG M 135 -119.01 69.53 -45.30
CA ARG M 135 -120.39 69.68 -44.86
C ARG M 135 -120.84 71.15 -44.81
N ASP M 136 -120.65 71.88 -45.91
CA ASP M 136 -121.16 73.24 -46.05
C ASP M 136 -120.45 74.25 -45.15
N LEU M 137 -119.19 74.01 -44.82
CA LEU M 137 -118.43 74.90 -43.95
C LEU M 137 -117.36 75.65 -44.73
N GLN M 138 -117.26 76.95 -44.48
CA GLN M 138 -116.26 77.75 -45.15
C GLN M 138 -114.87 77.29 -44.75
N PRO M 139 -113.89 77.28 -45.66
CA PRO M 139 -112.53 76.96 -45.26
C PRO M 139 -112.00 77.96 -44.24
N VAL M 140 -111.22 77.47 -43.29
CA VAL M 140 -110.60 78.33 -42.29
C VAL M 140 -109.49 79.14 -42.94
N TYR M 141 -109.46 80.44 -42.66
CA TYR M 141 -108.47 81.34 -43.22
C TYR M 141 -107.21 81.35 -42.37
N ILE M 142 -106.21 82.10 -42.84
CA ILE M 142 -104.88 82.12 -42.22
C ILE M 142 -104.82 83.31 -41.27
N ASP M 143 -104.52 83.03 -40.00
CA ASP M 143 -104.32 84.07 -38.98
C ASP M 143 -102.85 84.02 -38.57
N LEU M 144 -102.11 85.08 -38.90
CA LEU M 144 -100.68 85.11 -38.61
C LEU M 144 -100.41 85.07 -37.11
N THR M 145 -101.21 85.78 -36.32
CA THR M 145 -101.00 85.78 -34.88
C THR M 145 -101.22 84.38 -34.30
N THR M 146 -102.34 83.75 -34.66
CA THR M 146 -102.59 82.39 -34.20
C THR M 146 -101.54 81.43 -34.74
N ASN M 147 -101.08 81.63 -35.96
CA ASN M 147 -100.02 80.80 -36.51
C ASN M 147 -98.75 80.91 -35.66
N ASN M 148 -98.37 82.13 -35.29
CA ASN M 148 -97.18 82.34 -34.48
C ASN M 148 -97.34 81.68 -33.11
N ILE M 149 -98.48 81.91 -32.46
CA ILE M 149 -98.70 81.34 -31.12
C ILE M 149 -98.71 79.82 -31.17
N SER M 150 -99.35 79.25 -32.20
CA SER M 150 -99.40 77.80 -32.35
C SER M 150 -98.01 77.23 -32.61
N GLN M 151 -97.21 77.92 -33.43
CA GLN M 151 -95.83 77.47 -33.65
C GLN M 151 -95.06 77.47 -32.33
N TYR M 152 -95.23 78.52 -31.53
CA TYR M 152 -94.57 78.59 -30.23
C TYR M 152 -94.98 77.43 -29.34
N TYR M 153 -96.29 77.19 -29.23
CA TYR M 153 -96.75 76.16 -28.31
C TYR M 153 -96.36 74.77 -28.81
N SER M 154 -96.34 74.56 -30.12
CA SER M 154 -95.87 73.29 -30.67
C SER M 154 -94.40 73.09 -30.37
N GLU M 155 -93.58 74.14 -30.52
CA GLU M 155 -92.17 74.02 -30.19
C GLU M 155 -91.99 73.66 -28.72
N TYR M 156 -92.75 74.30 -27.82
CA TYR M 156 -92.64 73.98 -26.40
C TYR M 156 -93.10 72.55 -26.11
N LEU M 157 -94.19 72.11 -26.74
CA LEU M 157 -94.81 70.84 -26.37
C LEU M 157 -93.92 69.64 -26.67
N VAL M 158 -93.06 69.74 -27.69
CA VAL M 158 -92.40 68.55 -28.22
C VAL M 158 -91.57 67.85 -27.16
N ASN M 159 -90.96 68.59 -26.24
CA ASN M 159 -90.22 68.01 -25.13
C ASN M 159 -90.86 68.30 -23.78
N ASN M 160 -92.07 68.86 -23.76
CA ASN M 160 -92.80 69.14 -22.53
C ASN M 160 -94.23 68.65 -22.68
N GLU M 161 -95.07 69.04 -21.73
CA GLU M 161 -96.48 68.66 -21.72
C GLU M 161 -97.37 69.87 -21.98
N HIS M 162 -98.66 69.59 -22.18
CA HIS M 162 -99.64 70.64 -22.45
C HIS M 162 -99.69 71.64 -21.30
N ASN M 163 -99.27 72.88 -21.57
CA ASN M 163 -99.18 73.92 -20.55
C ASN M 163 -99.94 75.15 -21.01
N GLN M 164 -100.88 75.62 -20.19
CA GLN M 164 -101.69 76.79 -20.55
C GLN M 164 -101.11 78.09 -20.01
N ASP M 165 -100.35 78.04 -18.92
CA ASP M 165 -99.75 79.27 -18.39
C ASP M 165 -98.81 79.89 -19.41
N PHE M 166 -98.00 79.06 -20.09
CA PHE M 166 -97.17 79.55 -21.17
C PHE M 166 -98.03 80.14 -22.29
N TYR M 167 -99.18 79.52 -22.55
CA TYR M 167 -100.09 80.02 -23.58
C TYR M 167 -100.53 81.45 -23.28
N GLU M 168 -101.02 81.69 -22.06
CA GLU M 168 -101.47 83.03 -21.72
C GLU M 168 -100.32 84.01 -21.55
N ASN M 169 -99.15 83.53 -21.12
CA ASN M 169 -97.99 84.40 -21.06
C ASN M 169 -97.59 84.90 -22.45
N ALA M 170 -97.60 84.01 -23.43
CA ALA M 170 -97.37 84.42 -24.81
C ALA M 170 -98.47 85.36 -25.28
N LYS M 171 -99.71 85.10 -24.88
CA LYS M 171 -100.80 86.03 -25.20
C LYS M 171 -100.48 87.43 -24.72
N VAL M 172 -100.11 87.57 -23.44
CA VAL M 172 -99.79 88.88 -22.89
C VAL M 172 -98.60 89.49 -23.62
N ARG M 173 -97.63 88.64 -23.99
CA ARG M 173 -96.46 89.15 -24.71
C ARG M 173 -96.85 89.75 -26.06
N TYR M 174 -97.75 89.08 -26.79
CA TYR M 174 -98.18 89.56 -28.10
C TYR M 174 -99.43 90.41 -28.07
N ASN M 175 -100.00 90.67 -26.90
CA ASN M 175 -101.19 91.50 -26.78
C ASN M 175 -102.32 90.96 -27.66
N ASN M 176 -102.77 89.75 -27.32
CA ASN M 176 -103.80 89.09 -28.10
C ASN M 176 -105.14 89.83 -27.97
N LEU M 177 -105.90 89.81 -29.07
CA LEU M 177 -107.23 90.41 -29.10
C LEU M 177 -108.23 89.38 -29.60
N GLY M 178 -109.39 89.33 -28.95
CA GLY M 178 -110.42 88.37 -29.29
C GLY M 178 -110.21 87.04 -28.60
N GLU M 179 -111.30 86.30 -28.46
CA GLU M 179 -111.25 84.98 -27.85
C GLU M 179 -110.61 83.99 -28.81
N CYS M 180 -109.62 83.25 -28.33
CA CYS M 180 -108.94 82.23 -29.13
C CYS M 180 -108.90 80.93 -28.36
N GLU M 181 -109.31 79.85 -29.02
CA GLU M 181 -109.36 78.52 -28.42
C GLU M 181 -108.22 77.67 -28.97
N LEU M 182 -107.59 76.91 -28.09
CA LEU M 182 -106.36 76.19 -28.40
C LEU M 182 -106.59 74.70 -28.54
N CYS M 183 -105.79 74.08 -29.40
CA CYS M 183 -105.79 72.64 -29.63
C CYS M 183 -104.36 72.13 -29.56
N HIS M 184 -104.16 70.97 -28.93
CA HIS M 184 -102.82 70.43 -28.77
C HIS M 184 -102.85 68.91 -28.92
N ILE M 185 -101.84 68.36 -29.59
CA ILE M 185 -101.60 66.93 -29.61
C ILE M 185 -100.09 66.69 -29.66
N THR M 186 -99.64 65.65 -28.96
CA THR M 186 -98.23 65.28 -28.91
C THR M 186 -98.14 63.78 -29.11
N ALA M 187 -97.79 63.36 -30.34
CA ALA M 187 -97.73 61.95 -30.69
C ALA M 187 -96.29 61.57 -30.99
N LYS M 188 -95.79 60.55 -30.30
CA LYS M 188 -94.41 60.12 -30.48
C LYS M 188 -94.24 59.51 -31.87
N PHE M 189 -93.03 59.05 -32.14
CA PHE M 189 -92.74 58.28 -33.34
C PHE M 189 -92.68 56.80 -33.00
N GLU M 190 -93.09 55.98 -33.95
CA GLU M 190 -93.13 54.54 -33.69
C GLU M 190 -91.72 54.04 -33.40
N PRO M 191 -91.54 53.18 -32.39
CA PRO M 191 -90.18 52.76 -32.02
C PRO M 191 -89.43 52.07 -33.15
N ASP M 192 -90.13 51.42 -34.07
CA ASP M 192 -89.51 50.74 -35.21
C ASP M 192 -90.04 51.31 -36.52
N ALA M 193 -90.10 52.63 -36.64
CA ALA M 193 -90.52 53.30 -37.85
C ALA M 193 -89.37 54.12 -38.42
N ASP M 194 -89.09 53.93 -39.70
CA ASP M 194 -88.01 54.64 -40.37
C ASP M 194 -88.46 56.05 -40.73
N ILE M 195 -87.52 57.00 -40.62
CA ILE M 195 -87.85 58.42 -40.68
C ILE M 195 -87.03 59.08 -41.79
N THR M 196 -87.73 59.71 -42.74
CA THR M 196 -87.14 60.60 -43.74
C THR M 196 -88.20 61.64 -44.10
N LYS M 197 -87.96 62.40 -45.18
CA LYS M 197 -88.93 63.41 -45.59
C LYS M 197 -90.29 62.78 -45.89
N GLU M 198 -90.31 61.69 -46.65
CA GLU M 198 -91.58 61.07 -47.01
C GLU M 198 -92.33 60.59 -45.78
N TYR M 199 -91.61 59.94 -44.85
CA TYR M 199 -92.23 59.54 -43.61
C TYR M 199 -92.64 60.76 -42.79
N ILE M 200 -91.91 61.87 -42.92
CA ILE M 200 -92.32 63.11 -42.26
C ILE M 200 -93.68 63.56 -42.75
N TYR M 201 -93.85 63.62 -44.07
CA TYR M 201 -95.10 64.06 -44.67
C TYR M 201 -96.25 63.14 -44.27
N ASP M 202 -96.01 61.83 -44.37
CA ASP M 202 -97.05 60.88 -44.03
C ASP M 202 -97.39 60.90 -42.55
N TYR M 203 -96.40 61.07 -41.67
CA TYR M 203 -96.66 61.14 -40.25
C TYR M 203 -97.48 62.38 -39.90
N PHE M 204 -97.18 63.51 -40.54
CA PHE M 204 -97.98 64.70 -40.31
C PHE M 204 -99.41 64.51 -40.79
N MET M 205 -99.60 63.83 -41.94
CA MET M 205 -100.96 63.54 -42.37
C MET M 205 -101.68 62.62 -41.39
N GLU M 206 -100.98 61.63 -40.85
CA GLU M 206 -101.59 60.73 -39.87
C GLU M 206 -101.97 61.47 -38.60
N ILE M 207 -101.12 62.40 -38.16
CA ILE M 207 -101.45 63.20 -36.99
C ILE M 207 -102.66 64.09 -37.29
N GLY M 208 -102.72 64.62 -38.51
CA GLY M 208 -103.91 65.36 -38.90
C GLY M 208 -105.16 64.52 -38.82
N TYR M 209 -105.08 63.27 -39.27
CA TYR M 209 -106.23 62.37 -39.14
C TYR M 209 -106.57 62.12 -37.67
N LEU M 210 -105.55 61.89 -36.84
CA LEU M 210 -105.78 61.74 -35.40
C LEU M 210 -106.56 62.93 -34.86
N PHE M 211 -106.23 64.13 -35.35
CA PHE M 211 -107.07 65.30 -35.08
C PHE M 211 -108.47 65.08 -35.64
N LEU M 212 -108.57 64.42 -36.80
CA LEU M 212 -109.87 64.19 -37.43
C LEU M 212 -110.74 63.21 -36.64
N GLU M 213 -110.16 62.39 -35.78
CA GLU M 213 -110.91 61.43 -34.99
C GLU M 213 -111.14 61.87 -33.54
N SER M 214 -110.93 63.15 -33.24
CA SER M 214 -111.20 63.69 -31.92
C SER M 214 -112.47 64.54 -31.98
N GLU M 215 -113.47 64.16 -31.20
CA GLU M 215 -114.75 64.87 -31.23
C GLU M 215 -114.60 66.30 -30.74
N GLU M 216 -113.89 66.51 -29.62
CA GLU M 216 -113.63 67.87 -29.18
C GLU M 216 -112.86 68.65 -30.24
N GLU M 217 -111.80 68.04 -30.78
CA GLU M 217 -110.99 68.71 -31.80
C GLU M 217 -111.78 68.93 -33.07
N LYS M 218 -112.57 67.95 -33.50
CA LYS M 218 -113.38 68.14 -34.70
C LYS M 218 -114.40 69.26 -34.52
N ARG M 219 -115.04 69.32 -33.35
CA ARG M 219 -115.99 70.39 -33.07
C ARG M 219 -115.31 71.75 -33.07
N ILE M 220 -114.24 71.90 -32.29
CA ILE M 220 -113.60 73.21 -32.13
C ILE M 220 -113.02 73.69 -33.44
N ILE M 221 -112.23 72.84 -34.10
CA ILE M 221 -111.59 73.21 -35.36
C ILE M 221 -112.59 73.29 -36.50
N LEU M 222 -113.84 72.87 -36.27
CA LEU M 222 -114.89 72.99 -37.27
C LEU M 222 -116.14 73.67 -36.70
N ASN M 223 -116.04 74.29 -35.53
CA ASN M 223 -117.19 74.93 -34.91
C ASN M 223 -117.58 76.18 -35.68
N PRO M 224 -118.84 76.33 -36.09
CA PRO M 224 -119.22 77.50 -36.91
C PRO M 224 -119.01 78.83 -36.22
N ALA M 225 -118.75 78.84 -34.91
CA ALA M 225 -118.60 80.11 -34.20
C ALA M 225 -117.43 80.92 -34.75
N ASN M 226 -116.29 80.27 -34.99
CA ASN M 226 -115.06 80.97 -35.33
C ASN M 226 -114.75 80.86 -36.83
N ASN M 227 -113.96 81.83 -37.32
CA ASN M 227 -113.65 81.90 -38.75
C ASN M 227 -112.18 82.23 -39.01
N HIS M 228 -111.27 81.75 -38.16
CA HIS M 228 -109.84 81.92 -38.41
C HIS M 228 -109.07 80.81 -37.73
N ILE M 229 -108.07 80.26 -38.44
CA ILE M 229 -107.34 79.08 -38.01
C ILE M 229 -105.85 79.33 -38.16
N GLY M 230 -105.07 78.85 -37.20
CA GLY M 230 -103.62 78.90 -37.26
C GLY M 230 -102.98 77.62 -36.73
N ILE M 231 -101.86 77.21 -37.32
CA ILE M 231 -101.25 75.91 -37.04
C ILE M 231 -99.80 76.11 -36.61
N GLY M 232 -99.37 75.27 -35.66
CA GLY M 232 -97.97 75.21 -35.26
C GLY M 232 -97.51 73.78 -35.09
N VAL M 233 -96.38 73.44 -35.71
CA VAL M 233 -95.87 72.06 -35.71
C VAL M 233 -94.43 72.08 -35.22
N PHE M 234 -94.07 71.11 -34.38
CA PHE M 234 -92.69 70.97 -33.93
C PHE M 234 -92.43 69.48 -33.69
N PHE M 235 -91.15 69.12 -33.58
CA PHE M 235 -90.82 67.71 -33.38
C PHE M 235 -89.44 67.60 -32.73
N ASP M 236 -89.20 66.43 -32.14
CA ASP M 236 -87.93 66.11 -31.49
C ASP M 236 -87.48 64.71 -31.84
N GLU M 237 -86.49 64.18 -31.11
CA GLU M 237 -86.00 62.84 -31.39
C GLU M 237 -87.08 61.77 -31.25
N ILE M 238 -88.16 62.05 -30.52
CA ILE M 238 -89.18 61.07 -30.19
C ILE M 238 -90.53 61.42 -30.80
N GLN M 239 -91.09 62.56 -30.42
CA GLN M 239 -92.48 62.86 -30.71
C GLN M 239 -92.60 64.18 -31.47
N ILE M 240 -93.75 64.33 -32.14
CA ILE M 240 -94.12 65.54 -32.84
C ILE M 240 -95.36 66.13 -32.19
N VAL M 241 -95.38 67.44 -32.03
CA VAL M 241 -96.50 68.18 -31.45
C VAL M 241 -97.15 69.01 -32.55
N VAL M 242 -98.47 68.89 -32.65
CA VAL M 242 -99.29 69.68 -33.57
C VAL M 242 -100.33 70.43 -32.75
N VAL M 243 -100.41 71.74 -32.97
CA VAL M 243 -101.27 72.60 -32.17
C VAL M 243 -101.99 73.60 -33.07
N LEU M 244 -103.20 73.96 -32.67
CA LEU M 244 -104.06 74.85 -33.43
C LEU M 244 -104.54 76.00 -32.56
N ILE M 245 -104.79 77.13 -33.19
CA ILE M 245 -105.41 78.30 -32.56
C ILE M 245 -106.58 78.73 -33.44
N LEU M 246 -107.77 78.80 -32.86
CA LEU M 246 -108.97 79.20 -33.59
C LEU M 246 -109.49 80.50 -33.01
N SER M 247 -109.74 81.47 -33.90
CA SER M 247 -110.15 82.80 -33.48
C SER M 247 -111.32 83.27 -34.33
N GLU M 248 -112.15 84.12 -33.74
CA GLU M 248 -113.32 84.70 -34.39
C GLU M 248 -113.08 86.19 -34.52
N LYS M 249 -113.11 86.70 -35.76
CA LYS M 249 -112.83 88.10 -36.03
C LYS M 249 -113.83 88.64 -37.04
N VAL M 250 -113.96 89.97 -37.06
CA VAL M 250 -114.90 90.60 -37.98
C VAL M 250 -114.25 90.85 -39.33
N LEU M 251 -112.98 91.26 -39.35
CA LEU M 251 -112.25 91.55 -40.58
C LEU M 251 -111.14 90.53 -40.76
N CYS M 252 -111.10 89.90 -41.93
CA CYS M 252 -110.17 88.82 -42.22
C CYS M 252 -109.09 89.30 -43.17
N ILE M 253 -107.85 88.89 -42.90
CA ILE M 253 -106.71 89.25 -43.75
C ILE M 253 -106.62 88.24 -44.90
N GLN M 254 -106.49 88.74 -46.13
CA GLN M 254 -106.38 87.88 -47.29
C GLN M 254 -105.11 88.07 -48.11
N LYS M 255 -104.48 89.25 -48.08
CA LYS M 255 -103.27 89.43 -48.87
C LYS M 255 -102.41 90.52 -48.24
N ILE M 256 -101.09 90.27 -48.19
CA ILE M 256 -100.13 91.26 -47.72
C ILE M 256 -98.86 91.13 -48.56
N SER M 257 -98.63 92.08 -49.47
CA SER M 257 -97.53 91.97 -50.42
C SER M 257 -96.67 93.23 -50.42
N GLN M 258 -95.73 93.28 -51.38
CA GLN M 258 -94.83 94.43 -51.57
C GLN M 258 -94.98 94.92 -53.00
N PRO M 259 -95.92 95.83 -53.25
CA PRO M 259 -96.13 96.31 -54.62
C PRO M 259 -94.92 97.04 -55.19
N GLU M 260 -94.47 98.10 -54.53
CA GLU M 260 -93.38 98.92 -55.00
C GLU M 260 -92.19 98.78 -54.05
N GLN M 261 -91.14 99.57 -54.33
CA GLN M 261 -90.00 99.60 -53.42
C GLN M 261 -90.43 100.10 -52.04
N ASN M 262 -91.30 101.10 -52.00
CA ASN M 262 -91.81 101.67 -50.76
C ASN M 262 -93.32 101.86 -50.84
N LYS M 263 -94.03 100.82 -51.28
CA LYS M 263 -95.49 100.77 -51.17
C LYS M 263 -95.89 99.50 -50.45
N ILE M 264 -96.75 99.63 -49.45
CA ILE M 264 -97.40 98.48 -48.83
C ILE M 264 -98.74 98.24 -49.53
N GLU M 265 -99.18 96.98 -49.54
CA GLU M 265 -100.46 96.65 -50.16
C GLU M 265 -101.03 95.44 -49.43
N ILE M 266 -102.04 95.67 -48.60
CA ILE M 266 -102.71 94.61 -47.85
C ILE M 266 -104.21 94.70 -48.09
N ARG M 267 -104.79 93.58 -48.52
CA ARG M 267 -106.21 93.45 -48.82
C ARG M 267 -106.87 92.50 -47.81
N GLY M 268 -108.04 92.88 -47.30
CA GLY M 268 -108.75 92.02 -46.37
C GLY M 268 -110.27 92.11 -46.49
N LYS M 269 -110.94 90.97 -46.48
CA LYS M 269 -112.39 90.92 -46.66
C LYS M 269 -113.08 90.99 -45.31
N MET M 270 -114.06 91.88 -45.20
CA MET M 270 -114.83 92.00 -43.96
C MET M 270 -115.76 90.81 -43.80
N LEU M 271 -115.60 90.08 -42.70
CA LEU M 271 -116.46 88.94 -42.40
C LEU M 271 -117.71 89.33 -41.62
N ASP M 272 -117.78 90.54 -41.09
CA ASP M 272 -118.96 91.02 -40.38
C ASP M 272 -119.69 92.02 -41.27
N GLU M 273 -120.97 91.74 -41.54
CA GLU M 273 -121.73 92.58 -42.45
C GLU M 273 -122.05 93.94 -41.82
N ASN M 274 -122.32 93.97 -40.52
CA ASN M 274 -122.69 95.22 -39.86
C ASN M 274 -121.50 96.05 -39.41
N PHE M 275 -120.29 95.49 -39.44
CA PHE M 275 -119.09 96.23 -39.10
C PHE M 275 -118.23 96.46 -40.33
N GLY M 276 -117.74 97.69 -40.49
CA GLY M 276 -116.83 98.03 -41.56
C GLY M 276 -115.53 98.56 -41.01
N ILE M 277 -114.47 98.53 -41.82
CA ILE M 277 -113.16 99.00 -41.37
C ILE M 277 -113.18 100.52 -41.39
N TYR M 278 -113.47 101.12 -40.25
CA TYR M 278 -113.51 102.58 -40.10
C TYR M 278 -112.26 103.12 -39.43
N ALA M 279 -111.69 102.39 -38.49
CA ALA M 279 -110.48 102.80 -37.79
C ALA M 279 -109.33 101.87 -38.21
N ILE M 280 -108.23 102.46 -38.64
CA ILE M 280 -106.99 101.71 -38.90
C ILE M 280 -105.89 102.43 -38.11
N ARG M 281 -105.70 102.02 -36.85
CA ARG M 281 -104.70 102.62 -35.98
C ARG M 281 -104.04 101.51 -35.17
N ILE M 282 -102.87 101.82 -34.60
CA ILE M 282 -102.17 100.83 -33.80
C ILE M 282 -101.37 101.55 -32.72
N MET M 283 -101.23 100.90 -31.58
CA MET M 283 -100.43 101.39 -30.46
C MET M 283 -99.15 100.56 -30.31
N ASN M 284 -98.11 101.21 -29.78
CA ASN M 284 -96.83 100.55 -29.60
C ASN M 284 -96.97 99.28 -28.79
N VAL M 285 -96.54 98.15 -29.37
CA VAL M 285 -96.60 96.89 -28.63
C VAL M 285 -95.71 96.95 -27.41
N ASP M 286 -94.54 97.59 -27.52
CA ASP M 286 -93.66 97.74 -26.37
C ASP M 286 -94.17 98.80 -25.39
N ASP M 287 -94.74 99.88 -25.92
CA ASP M 287 -95.31 100.96 -25.10
C ASP M 287 -96.66 101.35 -25.68
N GLN M 288 -97.73 100.69 -25.21
CA GLN M 288 -99.05 100.88 -25.78
C GLN M 288 -99.49 102.35 -25.70
N LYS M 289 -98.98 103.09 -24.72
CA LYS M 289 -99.41 104.46 -24.51
C LYS M 289 -98.93 105.42 -25.59
N LYS M 290 -97.99 104.99 -26.44
CA LYS M 290 -97.39 105.89 -27.42
C LYS M 290 -98.12 105.79 -28.76
N ASP M 291 -98.73 106.88 -29.19
CA ASP M 291 -99.46 106.93 -30.46
C ASP M 291 -98.48 106.66 -31.60
N ILE M 292 -98.60 105.49 -32.23
CA ILE M 292 -97.73 105.16 -33.36
C ILE M 292 -98.28 105.76 -34.64
N LYS M 293 -99.44 105.27 -35.08
CA LYS M 293 -99.87 105.55 -36.44
C LYS M 293 -101.26 105.02 -36.73
N GLY M 294 -102.02 105.73 -37.58
CA GLY M 294 -103.39 105.40 -37.91
C GLY M 294 -104.18 106.47 -38.65
N VAL M 295 -105.18 106.03 -39.41
CA VAL M 295 -106.12 106.91 -40.10
C VAL M 295 -107.42 106.13 -40.30
N GLY M 296 -108.49 106.85 -40.62
CA GLY M 296 -109.77 106.25 -40.91
C GLY M 296 -109.99 105.99 -42.39
N PRO M 297 -111.14 106.42 -42.90
CA PRO M 297 -111.56 106.01 -44.26
C PRO M 297 -110.97 106.83 -45.40
N GLU M 298 -110.20 107.89 -45.12
CA GLU M 298 -109.70 108.70 -46.22
C GLU M 298 -108.72 107.95 -47.11
N PHE M 299 -108.19 106.82 -46.65
CA PHE M 299 -107.31 105.98 -47.44
C PHE M 299 -107.72 104.51 -47.37
N ILE M 300 -109.01 104.24 -47.26
CA ILE M 300 -109.53 102.87 -47.21
C ILE M 300 -110.58 102.72 -48.31
N GLU M 301 -110.45 101.68 -49.12
CA GLU M 301 -111.39 101.36 -50.18
C GLU M 301 -112.22 100.16 -49.71
N TYR M 302 -113.48 100.42 -49.34
CA TYR M 302 -114.36 99.39 -48.82
C TYR M 302 -115.54 99.21 -49.77
N THR M 303 -115.86 97.95 -50.08
CA THR M 303 -117.02 97.61 -50.89
C THR M 303 -118.04 96.92 -50.00
N ARG M 304 -119.18 97.60 -49.78
CA ARG M 304 -120.22 97.02 -48.93
C ARG M 304 -120.77 95.73 -49.53
N SER M 305 -120.98 95.72 -50.86
CA SER M 305 -121.53 94.53 -51.50
C SER M 305 -120.64 93.31 -51.27
N THR M 306 -119.33 93.51 -51.37
CA THR M 306 -118.38 92.42 -51.17
C THR M 306 -117.77 92.39 -49.76
N GLN M 307 -117.88 93.48 -49.01
CA GLN M 307 -117.27 93.60 -47.69
C GLN M 307 -115.75 93.50 -47.74
N GLU M 308 -115.15 93.84 -48.88
CA GLU M 308 -113.70 93.82 -49.02
C GLU M 308 -113.14 95.23 -48.84
N TRP M 309 -112.11 95.35 -47.99
CA TRP M 309 -111.49 96.63 -47.73
C TRP M 309 -109.99 96.55 -48.00
N MET M 310 -109.48 97.58 -48.64
CA MET M 310 -108.10 97.70 -49.05
C MET M 310 -107.52 98.98 -48.47
N ALA M 311 -106.21 98.94 -48.18
CA ALA M 311 -105.55 100.04 -47.50
C ALA M 311 -104.45 100.61 -48.38
N SER M 312 -104.47 101.93 -48.57
CA SER M 312 -103.43 102.66 -49.28
C SER M 312 -102.95 103.79 -48.37
N PHE M 313 -101.65 103.82 -48.10
CA PHE M 313 -101.11 104.73 -47.11
C PHE M 313 -99.63 104.99 -47.42
N GLU M 314 -98.90 105.53 -46.45
CA GLU M 314 -97.47 105.79 -46.58
C GLU M 314 -96.76 105.37 -45.31
N LEU M 315 -95.53 104.88 -45.47
CA LEU M 315 -94.77 104.33 -44.36
C LEU M 315 -93.30 104.11 -44.75
N GLU M 316 -92.35 104.58 -43.93
CA GLU M 316 -90.94 104.40 -44.24
C GLU M 316 -90.23 103.60 -43.14
N LEU M 317 -88.92 103.46 -43.31
CA LEU M 317 -88.09 102.45 -42.65
C LEU M 317 -87.72 102.88 -41.24
N TYR M 318 -88.46 102.40 -40.25
CA TYR M 318 -88.12 102.63 -38.84
C TYR M 318 -88.62 101.45 -38.02
N ASN M 319 -87.70 100.62 -37.50
CA ASN M 319 -88.09 99.69 -36.45
C ASN M 319 -89.15 98.70 -36.93
N GLN M 320 -88.78 97.70 -37.70
CA GLN M 320 -89.73 96.89 -38.46
C GLN M 320 -89.76 95.42 -38.03
N ASP M 321 -89.59 95.12 -36.73
CA ASP M 321 -89.46 93.68 -36.43
C ASP M 321 -90.46 93.12 -35.42
N ARG M 322 -90.68 93.80 -34.28
CA ARG M 322 -91.19 93.16 -33.07
C ARG M 322 -92.38 93.93 -32.48
N MET M 323 -93.40 94.20 -33.28
CA MET M 323 -94.69 94.64 -32.74
C MET M 323 -95.82 94.02 -33.55
N ALA M 324 -97.05 94.43 -33.23
CA ALA M 324 -98.25 93.80 -33.78
C ALA M 324 -99.24 94.86 -34.24
N ILE M 325 -100.24 94.40 -35.00
CA ILE M 325 -101.27 95.26 -35.59
C ILE M 325 -102.34 95.55 -34.54
N GLU M 326 -103.21 96.53 -34.83
CA GLU M 326 -104.39 96.83 -34.02
C GLU M 326 -105.54 97.08 -34.98
N TYR M 327 -106.25 96.01 -35.34
CA TYR M 327 -107.36 96.10 -36.29
C TYR M 327 -108.61 96.54 -35.54
N TYR M 328 -109.14 97.71 -35.90
CA TYR M 328 -110.33 98.26 -35.28
C TYR M 328 -111.52 98.15 -36.23
N THR M 329 -112.72 98.17 -35.66
CA THR M 329 -113.94 98.18 -36.45
C THR M 329 -114.99 99.04 -35.76
N ARG M 330 -115.92 99.56 -36.55
CA ARG M 330 -116.98 100.44 -36.08
C ARG M 330 -118.30 100.01 -36.71
N VAL M 331 -119.40 100.38 -36.04
CA VAL M 331 -120.71 100.05 -36.56
C VAL M 331 -121.04 100.95 -37.74
N SER M 332 -122.00 100.52 -38.56
CA SER M 332 -122.51 101.30 -39.68
C SER M 332 -121.41 101.64 -40.69
N PRO M 333 -120.93 100.67 -41.45
CA PRO M 333 -120.04 100.99 -42.58
C PRO M 333 -120.68 101.99 -43.52
N ASP M 334 -122.01 101.95 -43.65
CA ASP M 334 -122.71 102.96 -44.46
C ASP M 334 -122.46 104.36 -43.91
N SER M 335 -122.45 104.50 -42.58
CA SER M 335 -122.09 105.77 -41.97
C SER M 335 -120.61 106.09 -42.11
N ILE M 336 -119.80 105.13 -42.56
CA ILE M 336 -118.36 105.34 -42.74
C ILE M 336 -118.12 106.11 -44.03
N PRO M 337 -117.47 107.28 -43.98
CA PRO M 337 -117.16 108.06 -45.18
C PRO M 337 -115.92 107.56 -45.91
N TYR M 338 -116.11 106.52 -46.71
CA TYR M 338 -115.00 105.89 -47.42
C TYR M 338 -114.44 106.81 -48.49
N LYS M 339 -113.11 106.84 -48.60
CA LYS M 339 -112.42 107.59 -49.64
C LYS M 339 -112.88 109.05 -49.72
N LYS M 340 -113.05 109.68 -48.57
CA LYS M 340 -113.46 111.08 -48.50
C LYS M 340 -112.27 111.92 -48.07
N LYS M 341 -111.91 112.90 -48.91
CA LYS M 341 -110.81 113.81 -48.59
C LYS M 341 -111.28 114.80 -47.53
N GLN M 342 -111.08 114.44 -46.26
CA GLN M 342 -111.54 115.26 -45.15
C GLN M 342 -110.64 116.47 -44.97
N SER M 343 -111.22 117.56 -44.46
CA SER M 343 -110.48 118.79 -44.27
C SER M 343 -109.37 118.57 -43.24
N LYS M 344 -108.26 119.27 -43.42
CA LYS M 344 -107.09 119.10 -42.55
C LYS M 344 -107.33 119.57 -41.13
N ASN M 345 -108.41 120.31 -40.87
CA ASN M 345 -108.72 120.81 -39.55
C ASN M 345 -109.57 119.84 -38.73
N GLU M 346 -109.82 118.65 -39.27
CA GLU M 346 -110.63 117.64 -38.59
C GLU M 346 -109.79 116.40 -38.34
N LYS M 347 -109.92 115.83 -37.15
CA LYS M 347 -109.26 114.59 -36.78
C LYS M 347 -110.30 113.53 -36.46
N LEU M 348 -110.06 112.31 -36.95
CA LEU M 348 -110.97 111.21 -36.68
C LEU M 348 -110.96 110.85 -35.20
N THR M 349 -112.13 110.45 -34.71
CA THR M 349 -112.32 110.06 -33.31
C THR M 349 -112.30 108.54 -33.23
N TYR M 350 -111.18 107.98 -32.78
CA TYR M 350 -111.02 106.55 -32.69
C TYR M 350 -111.49 105.97 -31.36
N LYS M 351 -111.77 106.83 -30.37
CA LYS M 351 -112.30 106.34 -29.10
C LYS M 351 -113.66 105.68 -29.31
N HIS M 352 -114.53 106.29 -30.13
CA HIS M 352 -115.76 105.64 -30.56
C HIS M 352 -115.54 104.38 -31.37
N LEU M 353 -114.28 104.03 -31.67
CA LEU M 353 -113.95 102.90 -32.51
C LEU M 353 -113.46 101.73 -31.66
N GLN M 354 -113.97 100.54 -31.98
CA GLN M 354 -113.74 99.35 -31.17
C GLN M 354 -112.68 98.47 -31.83
N LEU M 355 -111.63 98.14 -31.08
CA LEU M 355 -110.53 97.34 -31.61
C LEU M 355 -110.94 95.87 -31.75
N ARG M 356 -110.37 95.21 -32.74
CA ARG M 356 -110.80 93.84 -33.01
C ARG M 356 -109.66 92.82 -33.02
N LEU M 357 -108.51 93.16 -33.58
CA LEU M 357 -107.52 92.14 -33.95
C LEU M 357 -106.10 92.70 -33.82
N ARG M 358 -105.46 92.44 -32.69
CA ARG M 358 -104.07 92.82 -32.48
C ARG M 358 -103.19 91.70 -33.01
N THR M 359 -102.62 91.90 -34.20
CA THR M 359 -101.87 90.86 -34.87
C THR M 359 -100.44 91.32 -35.15
N PRO M 360 -99.43 90.53 -34.81
CA PRO M 360 -98.07 90.85 -35.27
C PRO M 360 -97.99 90.85 -36.78
N PHE M 361 -97.11 91.71 -37.31
CA PHE M 361 -97.05 91.98 -38.73
C PHE M 361 -96.00 91.08 -39.39
N GLN M 362 -96.40 90.40 -40.45
CA GLN M 362 -95.47 89.60 -41.25
C GLN M 362 -96.03 89.47 -42.65
N ILE M 363 -95.18 89.03 -43.58
CA ILE M 363 -95.59 88.90 -44.97
C ILE M 363 -96.71 87.88 -45.07
N TYR M 364 -97.89 88.32 -45.49
CA TYR M 364 -99.06 87.46 -45.61
C TYR M 364 -99.69 87.63 -46.99
N PRO M 365 -99.31 86.80 -47.97
CA PRO M 365 -98.35 85.72 -47.76
C PRO M 365 -96.91 86.15 -48.00
N ASP M 366 -95.97 85.49 -47.32
CA ASP M 366 -94.57 85.68 -47.61
C ASP M 366 -94.28 85.20 -49.03
N PRO M 367 -93.46 85.92 -49.79
CA PRO M 367 -93.13 85.45 -51.15
C PRO M 367 -92.70 84.00 -51.19
N LYS M 368 -91.90 83.56 -50.22
CA LYS M 368 -91.51 82.15 -50.16
C LYS M 368 -92.73 81.26 -49.99
N TYR M 369 -93.63 81.61 -49.07
CA TYR M 369 -94.79 80.76 -48.79
C TYR M 369 -95.66 80.61 -50.03
N ALA M 370 -96.04 81.74 -50.63
CA ALA M 370 -96.91 81.72 -51.81
C ALA M 370 -96.22 81.06 -53.00
N ALA M 371 -94.92 81.31 -53.20
CA ALA M 371 -94.21 80.69 -54.31
C ALA M 371 -94.13 79.18 -54.15
N GLU M 372 -93.85 78.71 -52.94
CA GLU M 372 -93.81 77.27 -52.69
C GLU M 372 -95.19 76.65 -52.89
N ASP M 373 -96.25 77.33 -52.43
CA ASP M 373 -97.60 76.84 -52.64
C ASP M 373 -97.93 76.79 -54.12
N GLU M 374 -97.50 77.81 -54.87
CA GLU M 374 -97.71 77.84 -56.32
C GLU M 374 -97.03 76.64 -56.98
N LYS M 375 -95.76 76.38 -56.63
CA LYS M 375 -95.05 75.26 -57.22
C LYS M 375 -95.73 73.94 -56.89
N GLU M 376 -96.12 73.77 -55.61
CA GLU M 376 -96.79 72.53 -55.22
C GLU M 376 -98.09 72.33 -55.98
N ARG M 377 -98.92 73.37 -56.03
CA ARG M 377 -100.19 73.23 -56.75
C ARG M 377 -99.96 72.95 -58.22
N ILE M 378 -99.02 73.66 -58.85
CA ILE M 378 -98.80 73.51 -60.30
C ILE M 378 -98.31 72.11 -60.63
N ARG M 379 -97.36 71.58 -59.85
CA ARG M 379 -96.98 70.18 -60.05
C ARG M 379 -98.17 69.27 -59.83
N LYS M 380 -99.05 69.63 -58.90
CA LYS M 380 -100.26 68.84 -58.68
C LYS M 380 -101.08 68.76 -59.96
N GLU M 381 -101.37 69.90 -60.58
CA GLU M 381 -102.19 69.86 -61.80
C GLU M 381 -101.45 69.16 -62.94
N GLN M 382 -100.13 69.30 -63.03
CA GLN M 382 -99.39 68.61 -64.09
C GLN M 382 -99.52 67.10 -63.94
N GLU M 383 -99.27 66.58 -62.75
CA GLU M 383 -99.40 65.13 -62.55
C GLU M 383 -100.85 64.69 -62.70
N ILE M 384 -101.81 65.54 -62.31
CA ILE M 384 -103.22 65.21 -62.45
C ILE M 384 -103.61 65.14 -63.92
N LEU M 385 -103.05 66.01 -64.76
CA LEU M 385 -103.36 65.96 -66.18
C LEU M 385 -102.74 64.73 -66.83
N ALA M 386 -101.53 64.37 -66.42
CA ALA M 386 -101.00 63.07 -66.86
C ALA M 386 -101.94 61.94 -66.45
N HIS M 387 -102.45 62.00 -65.21
CA HIS M 387 -103.40 61.00 -64.73
C HIS M 387 -104.67 60.95 -65.56
N GLU M 388 -105.22 62.13 -65.89
CA GLU M 388 -106.45 62.18 -66.65
C GLU M 388 -106.23 61.70 -68.07
N GLU M 389 -105.02 61.90 -68.61
CA GLU M 389 -104.65 61.24 -69.86
C GLU M 389 -104.60 59.73 -69.69
N GLN M 390 -104.06 59.25 -68.56
CA GLN M 390 -103.98 57.81 -68.33
C GLN M 390 -105.36 57.17 -68.37
N GLU M 391 -106.28 57.66 -67.54
CA GLU M 391 -107.64 57.11 -67.63
C GLU M 391 -108.36 57.45 -68.94
N ARG M 392 -108.05 58.55 -69.64
CA ARG M 392 -108.71 58.76 -70.92
C ARG M 392 -108.33 57.66 -71.91
N LYS M 393 -107.03 57.41 -72.08
CA LYS M 393 -106.60 56.35 -72.99
C LYS M 393 -107.08 54.99 -72.51
N GLU M 394 -107.14 54.79 -71.19
CA GLU M 394 -107.67 53.54 -70.66
C GLU M 394 -109.11 53.33 -71.10
N ARG M 395 -109.95 54.35 -70.96
CA ARG M 395 -111.34 54.21 -71.40
C ARG M 395 -111.41 54.01 -72.91
N GLU M 396 -110.56 54.72 -73.67
CA GLU M 396 -110.56 54.55 -75.13
C GLU M 396 -110.31 53.10 -75.52
N GLU M 397 -109.26 52.50 -74.95
CA GLU M 397 -108.94 51.11 -75.31
C GLU M 397 -109.94 50.13 -74.72
N ASN M 398 -110.50 50.42 -73.55
CA ASN M 398 -111.54 49.55 -72.99
C ASN M 398 -112.77 49.54 -73.90
N ASP M 399 -113.16 50.70 -74.43
CA ASP M 399 -114.27 50.76 -75.36
C ASP M 399 -113.92 50.08 -76.69
N ALA M 400 -112.65 50.17 -77.09
CA ALA M 400 -112.21 49.41 -78.27
C ALA M 400 -112.42 47.92 -78.05
N LYS M 401 -112.06 47.41 -76.87
CA LYS M 401 -112.29 45.99 -76.59
C LYS M 401 -113.78 45.69 -76.50
N ARG M 402 -114.57 46.62 -75.95
CA ARG M 402 -116.00 46.38 -75.82
C ARG M 402 -116.69 46.33 -77.17
N LEU M 403 -116.20 47.11 -78.15
CA LEU M 403 -116.81 47.04 -79.48
C LEU M 403 -116.61 45.65 -80.08
N LYS M 404 -115.43 45.05 -79.88
CA LYS M 404 -115.23 43.67 -80.31
C LYS M 404 -116.13 42.72 -79.53
N GLN M 405 -116.21 42.89 -78.21
CA GLN M 405 -117.05 42.00 -77.41
C GLN M 405 -118.53 42.17 -77.74
N SER M 406 -118.90 43.26 -78.43
CA SER M 406 -120.27 43.53 -78.84
C SER M 406 -120.59 42.90 -80.19
N ARG M 407 -119.90 41.82 -80.56
CA ARG M 407 -120.10 41.14 -81.83
C ARG M 407 -121.05 39.96 -81.73
N LYS M 408 -121.67 39.74 -80.57
CA LYS M 408 -122.52 38.57 -80.34
C LYS M 408 -123.93 38.77 -80.87
N MET N 1 -75.44 103.14 54.80
CA MET N 1 -76.12 104.42 54.83
C MET N 1 -75.13 105.57 55.02
N ASP N 2 -75.48 106.75 54.54
CA ASP N 2 -74.64 107.95 54.58
C ASP N 2 -73.36 107.80 53.79
N ASN N 3 -73.31 106.86 52.85
CA ASN N 3 -72.12 106.63 52.03
C ASN N 3 -70.89 106.39 52.92
N THR N 4 -71.08 105.57 53.95
CA THR N 4 -69.99 105.27 54.89
C THR N 4 -69.06 104.19 54.32
N GLY N 5 -68.64 104.44 53.08
CA GLY N 5 -67.65 103.61 52.44
C GLY N 5 -67.95 102.13 52.45
N LYS N 6 -66.92 101.32 52.21
CA LYS N 6 -65.60 101.87 51.95
C LYS N 6 -64.75 100.88 51.18
N LEU N 7 -64.29 101.29 50.00
CA LEU N 7 -63.55 100.42 49.11
C LEU N 7 -62.14 100.16 49.66
N GLU N 8 -61.62 98.98 49.36
CA GLU N 8 -60.29 98.58 49.80
C GLU N 8 -59.45 98.23 48.57
N LYS N 9 -58.28 98.87 48.46
CA LYS N 9 -57.35 98.62 47.36
C LYS N 9 -56.55 97.37 47.70
N GLN N 10 -57.02 96.22 47.23
CA GLN N 10 -56.49 94.93 47.66
C GLN N 10 -55.13 94.70 47.02
N LEU N 11 -54.07 95.02 47.76
CA LEU N 11 -52.71 94.73 47.34
C LEU N 11 -52.35 93.30 47.73
N VAL N 12 -52.04 92.47 46.73
CA VAL N 12 -51.71 91.07 46.97
C VAL N 12 -50.30 91.02 47.54
N THR N 13 -50.19 90.91 48.86
CA THR N 13 -48.89 90.87 49.51
C THR N 13 -48.15 89.58 49.15
N LEU N 14 -46.82 89.67 49.10
CA LEU N 14 -45.96 88.52 48.78
C LEU N 14 -45.73 87.66 50.01
N ASN N 15 -46.83 87.21 50.60
CA ASN N 15 -46.81 86.40 51.81
C ASN N 15 -47.79 85.24 51.71
N ASP N 16 -47.79 84.56 50.55
CA ASP N 16 -48.65 83.40 50.33
C ASP N 16 -47.93 82.42 49.41
N GLY N 17 -48.06 81.13 49.71
CA GLY N 17 -47.50 80.09 48.86
C GLY N 17 -45.98 80.10 48.75
N LEU N 18 -45.30 80.32 49.87
CA LEU N 18 -43.84 80.28 49.83
C LEU N 18 -43.35 78.83 49.89
N PRO N 19 -42.55 78.39 48.92
CA PRO N 19 -42.02 77.02 48.97
C PRO N 19 -41.26 76.76 50.26
N LYS N 20 -41.33 75.51 50.72
CA LYS N 20 -40.86 75.14 52.05
C LYS N 20 -39.55 74.35 52.03
N LYS N 21 -39.24 73.66 50.95
CA LYS N 21 -38.17 72.67 50.91
C LYS N 21 -36.98 73.25 50.16
N PRO N 22 -35.85 73.51 50.85
CA PRO N 22 -34.84 74.42 50.28
C PRO N 22 -34.07 73.98 49.06
N ALA N 23 -33.32 72.86 49.12
CA ALA N 23 -32.15 72.79 48.26
C ALA N 23 -31.74 71.41 47.73
N LYS N 24 -32.64 70.47 47.47
CA LYS N 24 -32.19 69.23 46.82
C LYS N 24 -32.89 68.94 45.49
N GLU N 25 -34.23 68.94 45.44
CA GLU N 25 -34.88 68.42 44.24
C GLU N 25 -35.99 69.29 43.65
N ILE N 26 -36.81 69.93 44.48
CA ILE N 26 -38.19 70.26 44.13
C ILE N 26 -38.36 70.94 42.77
N ILE N 27 -37.29 71.54 42.22
CA ILE N 27 -37.41 72.02 40.84
C ILE N 27 -37.33 70.87 39.85
N GLU N 28 -37.08 69.64 40.32
CA GLU N 28 -36.90 68.50 39.43
C GLU N 28 -38.07 68.35 38.48
N GLU N 29 -39.26 68.80 38.87
CA GLU N 29 -40.42 68.70 37.99
C GLU N 29 -40.16 69.38 36.65
N LEU N 30 -39.71 70.64 36.67
CA LEU N 30 -39.71 71.43 35.45
C LEU N 30 -38.95 70.73 34.34
N LYS N 31 -37.63 70.55 34.51
CA LYS N 31 -36.85 69.87 33.49
C LYS N 31 -37.39 68.49 33.20
N HIS N 32 -37.92 67.78 34.20
CA HIS N 32 -38.55 66.48 33.95
C HIS N 32 -39.61 66.62 32.86
N HIS N 33 -40.52 67.58 33.00
CA HIS N 33 -41.51 67.80 31.95
C HIS N 33 -40.80 68.14 30.64
N LEU N 34 -39.79 69.01 30.71
CA LEU N 34 -38.94 69.27 29.53
C LEU N 34 -38.37 67.96 29.00
N TYR N 35 -37.84 67.12 29.89
CA TYR N 35 -37.37 65.81 29.44
C TYR N 35 -38.48 65.04 28.74
N GLN N 36 -39.71 65.08 29.25
CA GLN N 36 -40.77 64.32 28.60
C GLN N 36 -40.95 64.74 27.14
N ASP N 37 -40.56 65.95 26.77
CA ASP N 37 -40.60 66.28 25.34
C ASP N 37 -39.80 65.30 24.48
N PHE N 38 -38.53 65.09 24.83
CA PHE N 38 -37.61 64.06 24.40
C PHE N 38 -37.90 62.79 25.20
N GLN N 39 -38.65 62.90 26.31
CA GLN N 39 -39.44 61.77 26.78
C GLN N 39 -40.79 61.67 26.04
N LYS N 40 -41.13 62.64 25.18
CA LYS N 40 -42.28 62.53 24.27
C LYS N 40 -41.91 62.83 22.81
N PHE N 41 -41.63 64.11 22.50
CA PHE N 41 -41.62 64.59 21.11
C PHE N 41 -40.63 63.85 20.21
N PHE N 42 -39.60 63.24 20.75
CA PHE N 42 -38.54 62.68 19.92
C PHE N 42 -38.58 61.15 19.90
N SER N 43 -38.36 60.61 18.72
CA SER N 43 -38.14 59.19 18.54
C SER N 43 -36.84 58.78 19.22
N GLU N 44 -36.84 57.56 19.75
CA GLU N 44 -35.67 57.06 20.44
C GLU N 44 -34.47 56.88 19.52
N GLU N 45 -34.68 56.91 18.20
CA GLU N 45 -33.57 56.80 17.27
C GLU N 45 -32.56 57.91 17.46
N LYS N 46 -33.03 59.15 17.57
CA LYS N 46 -32.10 60.26 17.80
C LYS N 46 -31.44 60.13 19.16
N LYS N 47 -32.16 59.59 20.14
CA LYS N 47 -31.57 59.38 21.45
C LYS N 47 -30.39 58.44 21.37
N GLN N 48 -30.58 57.29 20.72
CA GLN N 48 -29.50 56.33 20.58
C GLN N 48 -28.36 56.90 19.75
N GLN N 49 -28.71 57.62 18.68
CA GLN N 49 -27.69 58.22 17.84
C GLN N 49 -26.83 59.18 18.64
N TYR N 50 -27.46 60.00 19.48
CA TYR N 50 -26.70 60.95 20.29
C TYR N 50 -25.91 60.23 21.37
N GLN N 51 -26.47 59.19 21.97
CA GLN N 51 -25.72 58.40 22.94
C GLN N 51 -24.42 57.89 22.33
N ASN N 52 -24.52 57.24 21.17
CA ASN N 52 -23.34 56.68 20.53
C ASN N 52 -22.39 57.78 20.04
N ASN N 53 -22.93 58.85 19.47
CA ASN N 53 -22.08 59.93 18.96
C ASN N 53 -21.29 60.57 20.09
N PHE N 54 -21.93 60.82 21.24
CA PHE N 54 -21.21 61.40 22.37
C PHE N 54 -20.19 60.41 22.93
N ALA N 55 -20.58 59.15 23.13
CA ALA N 55 -19.61 58.16 23.62
C ALA N 55 -18.38 58.13 22.72
N LEU N 56 -18.58 58.30 21.41
CA LEU N 56 -17.45 58.56 20.53
C LEU N 56 -16.77 59.87 20.89
N PHE N 57 -17.56 60.90 21.19
CA PHE N 57 -17.01 62.19 21.61
C PHE N 57 -16.28 62.06 22.95
N ASP N 58 -16.83 61.27 23.87
CA ASP N 58 -16.24 61.11 25.20
C ASP N 58 -15.01 60.21 25.10
N ARG N 59 -13.94 60.80 24.57
CA ARG N 59 -12.70 60.05 24.33
C ARG N 59 -12.15 59.47 25.63
N ASP N 60 -12.36 60.14 26.76
CA ASP N 60 -11.90 59.65 28.05
C ASP N 60 -12.98 58.91 28.83
N ASN N 61 -14.16 58.74 28.25
CA ASN N 61 -15.26 58.02 28.90
C ASN N 61 -15.66 58.68 30.22
N ASP N 62 -15.54 60.00 30.29
CA ASP N 62 -15.87 60.75 31.50
C ASP N 62 -17.28 61.33 31.48
N LYS N 63 -18.06 61.06 30.44
CA LYS N 63 -19.43 61.55 30.27
C LYS N 63 -19.48 63.05 29.98
N TYR N 64 -18.34 63.73 29.95
CA TYR N 64 -18.30 65.18 29.86
C TYR N 64 -17.53 65.61 28.61
N ILE N 65 -17.83 66.81 28.14
CA ILE N 65 -17.14 67.40 26.99
C ILE N 65 -16.79 68.84 27.32
N ASN N 66 -15.57 69.25 26.96
CA ASN N 66 -15.08 70.59 27.24
C ASN N 66 -15.69 71.58 26.25
N LEU N 67 -15.23 72.83 26.30
CA LEU N 67 -15.75 73.85 25.39
C LEU N 67 -15.52 73.46 23.93
N SER N 68 -14.27 73.10 23.60
CA SER N 68 -13.96 72.74 22.22
C SER N 68 -14.76 71.53 21.77
N GLU N 69 -14.81 70.48 22.59
CA GLU N 69 -15.56 69.28 22.20
C GLU N 69 -17.06 69.49 22.26
N LEU N 70 -17.55 70.36 23.14
CA LEU N 70 -18.98 70.67 23.12
C LEU N 70 -19.36 71.37 21.81
N LYS N 71 -18.55 72.31 21.37
CA LYS N 71 -18.78 72.90 20.06
C LYS N 71 -18.63 71.84 18.97
N GLU N 72 -17.72 70.89 19.15
CA GLU N 72 -17.61 69.76 18.25
C GLU N 72 -18.96 69.06 18.09
N LEU N 73 -19.56 68.68 19.22
CA LEU N 73 -20.82 67.93 19.17
C LEU N 73 -21.94 68.77 18.59
N LEU N 74 -22.01 70.05 18.96
CA LEU N 74 -23.05 70.91 18.41
C LEU N 74 -22.91 71.04 16.90
N THR N 75 -21.69 71.23 16.40
CA THR N 75 -21.48 71.33 14.96
C THR N 75 -21.79 70.02 14.25
N SER N 76 -21.38 68.89 14.84
CA SER N 76 -21.62 67.60 14.20
C SER N 76 -23.11 67.32 14.01
N VAL N 77 -23.95 67.94 14.83
CA VAL N 77 -25.39 67.78 14.72
C VAL N 77 -25.96 68.93 13.90
N ASN N 78 -25.09 69.67 13.23
CA ASN N 78 -25.52 70.81 12.42
C ASN N 78 -26.16 71.91 13.28
N ILE N 79 -25.43 72.42 14.26
CA ILE N 79 -25.86 73.54 15.09
C ILE N 79 -25.16 74.79 14.62
N THR N 80 -25.93 75.84 14.32
CA THR N 80 -25.41 77.12 13.86
C THR N 80 -25.83 78.18 14.88
N PHE N 81 -24.93 78.52 15.79
CA PHE N 81 -25.24 79.44 16.88
C PHE N 81 -24.07 80.39 17.08
N PRO N 82 -24.32 81.62 17.54
CA PRO N 82 -23.22 82.54 17.82
C PRO N 82 -22.37 82.03 18.98
N ASP N 83 -21.10 82.44 18.96
CA ASP N 83 -20.15 81.96 19.97
C ASP N 83 -20.56 82.39 21.37
N ASP N 84 -20.97 83.64 21.53
CA ASP N 84 -21.19 84.22 22.85
C ASP N 84 -22.20 83.44 23.68
N GLU N 85 -23.47 83.39 23.23
CA GLU N 85 -24.53 82.84 24.06
C GLU N 85 -24.27 81.38 24.42
N LEU N 86 -23.82 80.59 23.45
CA LEU N 86 -23.41 79.22 23.77
C LEU N 86 -22.32 79.22 24.83
N GLU N 87 -21.41 80.19 24.76
CA GLU N 87 -20.35 80.28 25.76
C GLU N 87 -20.91 80.52 27.15
N GLU N 88 -21.86 81.46 27.28
CA GLU N 88 -22.42 81.71 28.61
C GLU N 88 -23.23 80.51 29.11
N LEU N 89 -23.94 79.83 28.21
CA LEU N 89 -24.68 78.63 28.64
C LEU N 89 -23.72 77.55 29.15
N TYR N 90 -22.63 77.33 28.43
CA TYR N 90 -21.64 76.36 28.86
C TYR N 90 -21.03 76.75 30.20
N ASN N 91 -20.75 78.05 30.38
CA ASN N 91 -20.20 78.52 31.65
C ASN N 91 -21.18 78.30 32.80
N GLU N 92 -22.46 78.59 32.57
CA GLU N 92 -23.47 78.35 33.60
C GLU N 92 -23.50 76.86 33.97
N PHE N 93 -23.52 75.99 32.97
CA PHE N 93 -23.62 74.56 33.27
C PHE N 93 -22.34 74.02 33.90
N CYS N 94 -21.20 74.63 33.60
CA CYS N 94 -19.97 74.26 34.29
C CYS N 94 -19.97 74.75 35.74
N LEU N 95 -20.58 75.91 35.99
CA LEU N 95 -20.81 76.32 37.36
C LEU N 95 -21.71 75.33 38.08
N THR N 96 -22.70 74.78 37.38
CA THR N 96 -23.51 73.72 37.95
C THR N 96 -22.68 72.48 38.25
N SER N 97 -21.49 72.38 37.66
CA SER N 97 -20.55 71.29 37.92
C SER N 97 -19.19 71.89 38.26
N PRO N 98 -19.08 72.55 39.43
CA PRO N 98 -17.83 73.27 39.74
C PRO N 98 -16.61 72.36 39.79
N GLU N 99 -16.77 71.10 40.21
CA GLU N 99 -15.65 70.19 40.38
C GLU N 99 -15.45 69.28 39.19
N ALA N 100 -16.18 69.49 38.10
CA ALA N 100 -16.05 68.70 36.88
C ALA N 100 -15.52 69.58 35.76
N ASP N 101 -14.54 69.07 35.01
CA ASP N 101 -13.92 69.81 33.91
C ASP N 101 -14.81 69.82 32.68
N GLY N 102 -15.99 70.38 32.85
CA GLY N 102 -16.98 70.45 31.80
C GLY N 102 -18.38 70.42 32.39
N ILE N 103 -19.30 69.84 31.62
CA ILE N 103 -20.70 69.71 32.01
C ILE N 103 -21.14 68.28 31.77
N ASN N 104 -22.02 67.77 32.64
CA ASN N 104 -22.53 66.43 32.46
C ASN N 104 -23.50 66.38 31.28
N GLU N 105 -23.78 65.16 30.82
CA GLU N 105 -24.58 64.98 29.61
C GLU N 105 -25.93 65.67 29.72
N ASP N 106 -26.65 65.45 30.82
CA ASP N 106 -27.99 66.01 30.95
C ASP N 106 -27.95 67.53 30.87
N ALA N 107 -27.10 68.16 31.69
CA ALA N 107 -26.99 69.62 31.66
C ALA N 107 -26.37 70.10 30.35
N VAL N 108 -25.45 69.33 29.78
CA VAL N 108 -24.84 69.71 28.51
C VAL N 108 -25.93 69.86 27.44
N PHE N 109 -26.78 68.85 27.32
CA PHE N 109 -27.85 68.84 26.34
C PHE N 109 -28.98 69.81 26.69
N ILE N 110 -29.17 70.14 27.98
CA ILE N 110 -30.14 71.16 28.33
C ILE N 110 -29.80 72.48 27.67
N ILE N 111 -28.55 72.66 27.24
CA ILE N 111 -28.12 73.93 26.63
C ILE N 111 -29.03 74.29 25.47
N VAL N 112 -29.29 73.33 24.58
CA VAL N 112 -30.24 73.53 23.49
C VAL N 112 -31.58 72.88 23.76
N SER N 113 -31.72 72.14 24.86
CA SER N 113 -33.06 71.79 25.31
C SER N 113 -33.87 73.04 25.61
N LYS N 114 -33.21 74.08 26.13
CA LYS N 114 -33.86 75.38 26.28
C LYS N 114 -34.26 75.95 24.92
N LYS N 115 -33.32 75.99 23.97
CA LYS N 115 -33.63 76.51 22.65
C LYS N 115 -34.72 75.69 21.95
N ILE N 116 -34.93 74.45 22.37
CA ILE N 116 -36.01 73.64 21.82
C ILE N 116 -37.34 74.39 21.97
N ARG N 117 -37.73 74.64 23.22
CA ARG N 117 -38.95 75.41 23.47
C ARG N 117 -38.82 76.84 22.96
N ASP N 118 -37.61 77.42 23.02
CA ASP N 118 -37.43 78.77 22.51
C ASP N 118 -37.91 78.87 21.06
N ASN N 119 -37.42 77.99 20.20
CA ASN N 119 -37.77 78.02 18.79
C ASN N 119 -39.17 77.46 18.55
N ASP N 120 -39.63 76.56 19.44
CA ASP N 120 -41.00 76.08 19.31
C ASP N 120 -41.99 77.21 19.49
N LYS N 121 -41.68 78.16 20.38
CA LYS N 121 -42.52 79.33 20.55
C LYS N 121 -42.64 80.11 19.25
N ASP N 122 -41.52 80.36 18.57
CA ASP N 122 -41.55 81.10 17.32
C ASP N 122 -42.29 80.31 16.24
N GLU N 123 -42.08 78.99 16.19
CA GLU N 123 -42.77 78.17 15.19
C GLU N 123 -44.28 78.23 15.38
N GLN N 124 -44.74 78.04 16.62
CA GLN N 124 -46.17 78.10 16.89
C GLN N 124 -46.74 79.48 16.59
N LEU N 125 -46.01 80.54 16.96
CA LEU N 125 -46.48 81.89 16.66
C LEU N 125 -46.60 82.12 15.16
N THR N 126 -45.59 81.69 14.40
CA THR N 126 -45.63 81.87 12.95
C THR N 126 -46.78 81.09 12.33
N GLN N 127 -46.99 79.85 12.78
CA GLN N 127 -48.11 79.07 12.24
C GLN N 127 -49.45 79.73 12.57
N ALA N 128 -49.61 80.20 13.81
CA ALA N 128 -50.84 80.85 14.21
C ALA N 128 -51.07 82.13 13.44
N PHE N 129 -50.01 82.90 13.18
CA PHE N 129 -50.17 84.14 12.43
C PHE N 129 -50.41 83.90 10.95
N LYS N 130 -49.87 82.82 10.38
CA LYS N 130 -50.27 82.44 9.02
C LYS N 130 -51.75 82.07 8.99
N LEU N 131 -52.22 81.34 10.00
CA LEU N 131 -53.66 81.08 10.07
C LEU N 131 -54.45 82.38 10.25
N VAL N 132 -53.90 83.34 10.98
CA VAL N 132 -54.53 84.65 11.13
C VAL N 132 -54.64 85.33 9.77
N GLU N 133 -53.57 85.27 8.98
CA GLU N 133 -53.60 85.83 7.64
C GLU N 133 -54.66 85.15 6.78
N LYS N 134 -54.78 83.82 6.90
CA LYS N 134 -55.82 83.11 6.15
C LYS N 134 -57.20 83.55 6.60
N ALA N 135 -57.39 83.76 7.90
CA ALA N 135 -58.68 84.24 8.40
C ALA N 135 -58.98 85.64 7.89
N VAL N 136 -57.96 86.51 7.84
CA VAL N 136 -58.15 87.85 7.32
C VAL N 136 -58.55 87.79 5.85
N ASN N 137 -57.90 86.93 5.07
CA ASN N 137 -58.27 86.76 3.67
C ASN N 137 -59.69 86.25 3.54
N ASP N 138 -60.08 85.29 4.40
CA ASP N 138 -61.45 84.80 4.37
C ASP N 138 -62.45 85.90 4.66
N GLU N 139 -62.16 86.74 5.66
CA GLU N 139 -63.04 87.86 5.96
C GLU N 139 -63.12 88.84 4.79
N LEU N 140 -61.97 89.15 4.19
CA LEU N 140 -61.94 90.11 3.09
C LEU N 140 -62.62 89.56 1.84
N ALA N 141 -62.72 88.23 1.71
CA ALA N 141 -63.48 87.67 0.60
C ALA N 141 -64.93 88.12 0.66
N LYS N 142 -65.53 88.12 1.85
CA LYS N 142 -66.89 88.62 2.01
C LYS N 142 -66.96 90.13 1.94
N THR N 143 -65.82 90.82 1.95
CA THR N 143 -65.77 92.28 1.90
C THR N 143 -65.16 92.72 0.57
N PRO N 144 -65.96 93.16 -0.40
CA PRO N 144 -65.39 93.46 -1.73
C PRO N 144 -64.55 94.72 -1.75
N ASN N 145 -65.02 95.80 -1.13
CA ASN N 145 -64.42 97.11 -1.36
C ASN N 145 -62.94 97.12 -0.99
N GLU N 146 -62.59 96.49 0.13
CA GLU N 146 -61.22 96.54 0.62
C GLU N 146 -60.24 96.21 -0.49
N THR N 147 -59.42 97.19 -0.85
CA THR N 147 -58.53 97.07 -2.01
C THR N 147 -57.23 96.38 -1.61
N LYS N 148 -56.34 96.23 -2.58
CA LYS N 148 -55.07 95.52 -2.37
C LYS N 148 -54.10 96.30 -1.50
N GLU N 149 -54.35 97.59 -1.26
CA GLU N 149 -53.54 98.33 -0.30
C GLU N 149 -53.81 97.89 1.13
N GLN N 150 -54.92 97.18 1.37
CA GLN N 150 -55.25 96.63 2.67
C GLN N 150 -54.66 95.25 2.89
N GLU N 151 -53.93 94.72 1.92
CA GLU N 151 -53.34 93.37 2.03
C GLU N 151 -52.20 93.43 3.03
N GLY N 152 -52.50 93.11 4.29
CA GLY N 152 -51.50 93.20 5.35
C GLY N 152 -51.97 93.99 6.55
N TYR N 153 -53.28 94.25 6.64
CA TYR N 153 -53.85 94.99 7.76
C TYR N 153 -55.21 94.42 8.12
N ILE N 154 -55.36 93.98 9.38
CA ILE N 154 -56.64 93.60 9.96
C ILE N 154 -56.66 94.11 11.40
N ARG N 155 -57.83 94.57 11.84
CA ARG N 155 -57.97 95.37 13.06
C ARG N 155 -57.05 94.89 14.18
N VAL N 156 -56.32 95.83 14.78
CA VAL N 156 -55.38 95.51 15.86
C VAL N 156 -56.14 95.04 17.09
N GLU N 157 -57.30 95.64 17.35
CA GLU N 157 -58.19 95.08 18.35
C GLU N 157 -58.43 93.60 18.04
N GLN N 158 -58.52 93.26 16.76
CA GLN N 158 -58.62 91.85 16.38
C GLN N 158 -57.31 91.12 16.65
N PHE N 159 -56.17 91.79 16.48
CA PHE N 159 -54.91 91.17 16.87
C PHE N 159 -54.99 90.68 18.30
N LYS N 160 -55.56 91.51 19.18
CA LYS N 160 -55.70 91.12 20.58
C LYS N 160 -56.80 90.08 20.76
N GLU N 161 -57.84 90.11 19.93
CA GLU N 161 -58.93 89.14 20.07
C GLU N 161 -58.38 87.75 19.81
N LEU N 162 -57.50 87.63 18.81
CA LEU N 162 -56.90 86.37 18.38
C LEU N 162 -55.73 85.91 19.26
N LEU N 163 -54.94 86.85 19.79
CA LEU N 163 -53.72 86.45 20.49
C LEU N 163 -53.99 85.42 21.58
N MET N 164 -55.05 85.61 22.36
CA MET N 164 -55.24 84.72 23.50
C MET N 164 -55.52 83.28 23.11
N THR N 165 -55.85 83.00 21.85
CA THR N 165 -56.29 81.67 21.46
C THR N 165 -55.31 80.91 20.58
N LEU N 166 -54.39 81.59 19.90
CA LEU N 166 -53.48 80.93 18.96
C LEU N 166 -52.15 80.64 19.65
N GLY N 167 -51.69 79.40 19.55
CA GLY N 167 -50.43 78.99 20.12
C GLY N 167 -50.48 78.80 21.62
N ASN N 168 -50.62 79.90 22.36
CA ASN N 168 -50.75 79.86 23.80
C ASN N 168 -51.59 81.05 24.25
N ARG N 169 -52.37 80.85 25.29
CA ARG N 169 -53.17 81.93 25.85
C ARG N 169 -52.27 83.08 26.29
N TRP N 170 -52.43 84.24 25.68
CA TRP N 170 -51.66 85.42 26.02
C TRP N 170 -52.37 86.20 27.12
N SER N 171 -51.62 86.60 28.14
CA SER N 171 -52.22 87.35 29.24
C SER N 171 -52.81 88.66 28.74
N GLU N 172 -53.94 89.05 29.32
CA GLU N 172 -54.57 90.32 28.95
C GLU N 172 -53.57 91.46 29.08
N GLU N 173 -52.88 91.54 30.22
CA GLU N 173 -51.82 92.53 30.37
C GLU N 173 -50.72 92.31 29.35
N GLN N 174 -50.46 91.05 28.97
CA GLN N 174 -49.46 90.78 27.93
C GLN N 174 -49.82 91.49 26.63
N ALA N 175 -51.06 91.30 26.17
CA ALA N 175 -51.49 91.93 24.92
C ALA N 175 -51.52 93.44 25.05
N ASN N 176 -52.01 93.97 26.18
CA ASN N 176 -52.04 95.42 26.35
C ASN N 176 -50.63 96.01 26.32
N GLU N 177 -49.69 95.37 27.02
CA GLU N 177 -48.32 95.86 27.04
C GLU N 177 -47.71 95.81 25.65
N PHE N 178 -47.92 94.71 24.92
CA PHE N 178 -47.35 94.62 23.57
C PHE N 178 -47.93 95.70 22.66
N LEU N 179 -49.24 95.90 22.70
CA LEU N 179 -49.85 96.92 21.86
C LEU N 179 -49.32 98.30 22.22
N LYS N 180 -49.19 98.59 23.52
CA LYS N 180 -48.66 99.88 23.93
C LYS N 180 -47.21 100.08 23.47
N ASP N 181 -46.40 99.02 23.56
CA ASP N 181 -45.01 99.12 23.12
C ASP N 181 -44.92 99.35 21.61
N ILE N 182 -45.75 98.64 20.82
CA ILE N 182 -45.69 98.80 19.38
C ILE N 182 -46.07 100.22 18.98
N ASN N 183 -46.96 100.85 19.74
CA ASN N 183 -47.32 102.24 19.51
C ASN N 183 -48.02 102.42 18.16
N PRO N 184 -49.24 101.89 18.00
CA PRO N 184 -49.99 102.16 16.77
C PRO N 184 -50.27 103.66 16.61
N LYS N 185 -50.34 104.10 15.36
CA LYS N 185 -50.44 105.52 15.04
C LYS N 185 -51.89 106.01 15.13
N SER N 186 -52.50 105.74 16.29
CA SER N 186 -53.85 106.22 16.61
C SER N 186 -54.84 105.94 15.49
N ASP N 187 -54.57 104.95 14.65
CA ASP N 187 -55.46 104.55 13.58
C ASP N 187 -56.17 103.23 13.89
N GLU N 188 -56.02 102.73 15.12
CA GLU N 188 -56.61 101.46 15.52
C GLU N 188 -56.11 100.29 14.68
N ARG N 189 -54.90 100.42 14.13
CA ARG N 189 -54.30 99.30 13.41
C ARG N 189 -52.80 99.51 13.28
N ILE N 190 -52.11 98.40 13.00
CA ILE N 190 -50.67 98.36 12.78
C ILE N 190 -50.45 97.53 11.51
N ASN N 191 -49.18 97.35 11.15
CA ASN N 191 -48.78 96.49 10.04
C ASN N 191 -48.35 95.14 10.60
N TYR N 192 -49.00 94.07 10.15
CA TYR N 192 -48.73 92.76 10.74
C TYR N 192 -47.30 92.29 10.45
N LEU N 193 -46.80 92.54 9.25
CA LEU N 193 -45.45 92.11 8.89
C LEU N 193 -44.40 92.85 9.71
N ASP N 194 -44.61 94.15 9.96
CA ASP N 194 -43.64 94.87 10.78
C ASP N 194 -43.59 94.31 12.20
N VAL N 195 -44.74 93.97 12.75
CA VAL N 195 -44.77 93.33 14.06
C VAL N 195 -44.08 91.98 14.00
N VAL N 196 -44.27 91.24 12.91
CA VAL N 196 -43.60 89.95 12.76
C VAL N 196 -42.09 90.13 12.79
N LYS N 197 -41.60 91.14 12.05
CA LYS N 197 -40.18 91.42 12.03
C LYS N 197 -39.66 91.80 13.40
N LYS N 198 -40.39 92.66 14.11
CA LYS N 198 -39.97 93.05 15.46
C LYS N 198 -39.91 91.84 16.39
N LEU N 199 -40.93 90.97 16.35
CA LEU N 199 -41.00 89.85 17.27
C LEU N 199 -39.96 88.78 16.95
N MET N 200 -39.68 88.56 15.66
CA MET N 200 -38.61 87.65 15.28
C MET N 200 -37.24 88.30 15.39
N LYS N 201 -37.19 89.60 15.66
CA LYS N 201 -35.93 90.32 15.75
C LYS N 201 -35.46 90.54 17.19
N ARG N 202 -36.37 90.75 18.13
CA ARG N 202 -36.00 90.93 19.53
C ARG N 202 -35.31 89.68 20.06
N MET O 1 -135.92 79.88 -48.72
CA MET O 1 -135.08 80.52 -49.72
C MET O 1 -135.21 82.04 -49.67
N ASP O 2 -135.11 82.67 -50.83
CA ASP O 2 -135.19 84.12 -50.99
C ASP O 2 -133.94 84.85 -50.52
N ASN O 3 -132.89 84.12 -50.16
CA ASN O 3 -131.65 84.73 -49.67
C ASN O 3 -131.95 85.72 -48.55
N THR O 4 -132.45 85.18 -47.45
CA THR O 4 -132.92 86.00 -46.33
C THR O 4 -131.72 86.61 -45.61
N GLY O 5 -131.36 87.82 -46.01
CA GLY O 5 -130.32 88.58 -45.33
C GLY O 5 -129.09 87.76 -45.04
N LYS O 6 -128.47 88.09 -43.90
CA LYS O 6 -128.95 89.18 -43.05
C LYS O 6 -127.79 89.84 -42.32
N LEU O 7 -127.94 91.12 -41.99
CA LEU O 7 -126.89 91.86 -41.29
C LEU O 7 -126.90 91.47 -39.82
N GLU O 8 -125.81 90.84 -39.37
CA GLU O 8 -125.68 90.38 -38.00
C GLU O 8 -124.32 90.79 -37.47
N LYS O 9 -124.25 91.06 -36.17
CA LYS O 9 -123.03 91.55 -35.54
C LYS O 9 -122.44 90.46 -34.65
N GLN O 10 -121.21 90.08 -34.93
CA GLN O 10 -120.48 89.11 -34.10
C GLN O 10 -119.64 89.88 -33.10
N LEU O 11 -120.09 89.86 -31.84
CA LEU O 11 -119.38 90.59 -30.79
C LEU O 11 -117.93 90.15 -30.68
N VAL O 12 -117.02 91.07 -30.98
CA VAL O 12 -115.59 90.80 -30.86
C VAL O 12 -115.15 91.09 -29.42
N THR O 13 -115.29 90.09 -28.55
CA THR O 13 -115.03 90.29 -27.13
C THR O 13 -113.53 90.16 -26.84
N LEU O 14 -112.99 91.14 -26.12
CA LEU O 14 -111.62 91.07 -25.66
C LEU O 14 -111.54 90.20 -24.41
N ASN O 15 -111.96 88.95 -24.55
CA ASN O 15 -112.00 87.99 -23.44
C ASN O 15 -110.80 87.07 -23.44
N ASP O 16 -109.62 87.59 -23.76
CA ASP O 16 -108.44 86.74 -23.98
C ASP O 16 -107.86 86.23 -22.66
N GLY O 17 -108.71 85.64 -21.82
CA GLY O 17 -108.24 84.90 -20.67
C GLY O 17 -107.20 85.59 -19.80
N LEU O 18 -107.61 86.61 -19.06
CA LEU O 18 -106.68 87.26 -18.14
C LEU O 18 -106.09 86.21 -17.20
N PRO O 19 -104.78 86.23 -16.97
CA PRO O 19 -104.12 85.08 -16.34
C PRO O 19 -104.72 84.73 -14.99
N LYS O 20 -104.90 83.43 -14.76
CA LYS O 20 -105.29 82.94 -13.44
C LYS O 20 -104.10 82.74 -12.51
N LYS O 21 -102.89 82.78 -13.05
CA LYS O 21 -101.69 82.60 -12.24
C LYS O 21 -101.56 83.77 -11.28
N PRO O 22 -100.96 83.56 -10.10
CA PRO O 22 -100.64 84.69 -9.23
C PRO O 22 -99.80 85.72 -9.97
N ALA O 23 -100.13 87.00 -9.79
CA ALA O 23 -99.46 88.05 -10.54
C ALA O 23 -97.96 88.08 -10.26
N LYS O 24 -97.54 87.56 -9.11
CA LYS O 24 -96.11 87.56 -8.78
C LYS O 24 -95.33 86.72 -9.78
N GLU O 25 -95.88 85.58 -10.20
CA GLU O 25 -95.21 84.77 -11.22
C GLU O 25 -95.07 85.53 -12.53
N ILE O 26 -96.11 86.26 -12.93
CA ILE O 26 -96.06 87.02 -14.17
C ILE O 26 -94.99 88.12 -14.08
N ILE O 27 -94.92 88.81 -12.93
CA ILE O 27 -93.92 89.85 -12.77
C ILE O 27 -92.52 89.26 -12.77
N GLU O 28 -92.36 88.08 -12.17
CA GLU O 28 -91.06 87.40 -12.22
C GLU O 28 -90.69 87.05 -13.65
N GLU O 29 -91.67 86.59 -14.44
CA GLU O 29 -91.40 86.25 -15.84
C GLU O 29 -90.99 87.48 -16.64
N LEU O 30 -91.66 88.60 -16.40
CA LEU O 30 -91.27 89.84 -17.06
C LEU O 30 -89.87 90.28 -16.63
N LYS O 31 -89.54 90.09 -15.35
CA LYS O 31 -88.17 90.37 -14.89
C LYS O 31 -87.17 89.49 -15.62
N HIS O 32 -87.52 88.21 -15.82
CA HIS O 32 -86.63 87.30 -16.53
C HIS O 32 -86.42 87.76 -17.98
N HIS O 33 -87.50 88.19 -18.64
CA HIS O 33 -87.34 88.70 -20.00
C HIS O 33 -86.51 89.97 -20.03
N LEU O 34 -86.65 90.81 -19.00
CA LEU O 34 -85.79 92.00 -18.89
C LEU O 34 -84.33 91.60 -18.77
N TYR O 35 -84.04 90.61 -17.93
CA TYR O 35 -82.66 90.14 -17.81
C TYR O 35 -82.17 89.59 -19.15
N GLN O 36 -83.04 88.87 -19.87
CA GLN O 36 -82.66 88.31 -21.16
C GLN O 36 -82.29 89.40 -22.15
N ASP O 37 -83.16 90.41 -22.30
CA ASP O 37 -82.86 91.47 -23.26
C ASP O 37 -81.71 92.35 -22.79
N PHE O 38 -81.44 92.39 -21.49
CA PHE O 38 -80.26 93.11 -21.00
C PHE O 38 -78.98 92.38 -21.41
N GLN O 39 -78.91 91.07 -21.16
CA GLN O 39 -77.72 90.33 -21.59
C GLN O 39 -77.63 90.23 -23.10
N LYS O 40 -78.73 90.44 -23.82
CA LYS O 40 -78.69 90.42 -25.29
C LYS O 40 -77.65 91.39 -25.81
N PHE O 41 -77.84 92.69 -25.55
CA PHE O 41 -76.92 93.71 -26.04
C PHE O 41 -75.85 94.11 -25.03
N PHE O 42 -76.07 93.84 -23.74
CA PHE O 42 -75.08 94.16 -22.72
C PHE O 42 -74.04 93.05 -22.68
N SER O 43 -72.81 93.38 -23.07
CA SER O 43 -71.74 92.40 -23.08
C SER O 43 -71.31 92.08 -21.65
N GLU O 44 -70.58 90.98 -21.51
CA GLU O 44 -70.12 90.57 -20.18
C GLU O 44 -69.23 91.62 -19.55
N GLU O 45 -68.45 92.35 -20.36
CA GLU O 45 -67.57 93.38 -19.80
C GLU O 45 -68.37 94.57 -19.28
N LYS O 46 -69.31 95.08 -20.08
CA LYS O 46 -70.17 96.16 -19.59
C LYS O 46 -71.01 95.70 -18.41
N LYS O 47 -71.49 94.45 -18.47
CA LYS O 47 -72.25 93.88 -17.36
C LYS O 47 -71.41 93.81 -16.09
N GLN O 48 -70.11 93.55 -16.23
CA GLN O 48 -69.18 93.45 -15.11
C GLN O 48 -68.66 94.81 -14.67
N GLN O 49 -68.84 95.84 -15.49
CA GLN O 49 -68.31 97.18 -15.23
C GLN O 49 -69.34 98.14 -14.65
N TYR O 50 -70.61 98.03 -15.06
CA TYR O 50 -71.62 99.00 -14.62
C TYR O 50 -71.77 99.01 -13.10
N GLN O 51 -71.47 97.90 -12.42
CA GLN O 51 -71.60 97.88 -10.97
C GLN O 51 -70.58 98.78 -10.29
N ASN O 52 -69.59 99.28 -11.03
CA ASN O 52 -68.55 100.17 -10.53
C ASN O 52 -69.09 101.52 -10.09
N ASN O 53 -70.41 101.74 -10.14
CA ASN O 53 -70.97 103.03 -9.79
C ASN O 53 -72.20 102.94 -8.89
N PHE O 54 -72.46 101.79 -8.26
CA PHE O 54 -73.62 101.61 -7.40
C PHE O 54 -73.23 101.44 -5.92
N ALA O 55 -72.25 100.57 -5.63
CA ALA O 55 -72.10 100.08 -4.27
C ALA O 55 -71.61 101.17 -3.31
N LEU O 56 -70.49 101.84 -3.63
CA LEU O 56 -69.93 102.81 -2.69
C LEU O 56 -70.91 103.94 -2.43
N PHE O 57 -71.56 104.44 -3.48
CA PHE O 57 -72.62 105.41 -3.27
C PHE O 57 -73.72 104.84 -2.38
N ASP O 58 -73.97 103.53 -2.51
CA ASP O 58 -74.82 102.79 -1.58
C ASP O 58 -74.08 102.66 -0.25
N ARG O 59 -74.05 103.78 0.49
CA ARG O 59 -73.21 103.88 1.67
C ARG O 59 -73.65 102.93 2.78
N ASP O 60 -74.95 102.70 2.93
CA ASP O 60 -75.45 101.87 4.01
C ASP O 60 -75.30 100.37 3.73
N ASN O 61 -74.85 99.98 2.54
CA ASN O 61 -74.44 98.62 2.24
C ASN O 61 -75.61 97.62 2.28
N ASP O 62 -76.85 98.08 2.09
CA ASP O 62 -78.00 97.19 1.98
C ASP O 62 -78.53 97.12 0.56
N LYS O 63 -77.71 97.48 -0.43
CA LYS O 63 -78.02 97.27 -1.84
C LYS O 63 -79.14 98.18 -2.35
N TYR O 64 -79.08 99.47 -1.99
CA TYR O 64 -80.05 100.45 -2.45
C TYR O 64 -79.35 101.78 -2.72
N ILE O 65 -79.98 102.59 -3.57
CA ILE O 65 -79.50 103.94 -3.84
C ILE O 65 -80.71 104.83 -4.14
N ASN O 66 -80.63 106.10 -3.73
CA ASN O 66 -81.70 107.04 -3.93
C ASN O 66 -81.48 107.80 -5.25
N LEU O 67 -82.26 108.87 -5.45
CA LEU O 67 -82.16 109.62 -6.70
C LEU O 67 -80.77 110.20 -6.91
N SER O 68 -80.20 110.82 -5.88
CA SER O 68 -78.87 111.41 -6.02
C SER O 68 -77.83 110.34 -6.34
N GLU O 69 -77.89 109.21 -5.63
CA GLU O 69 -76.94 108.13 -5.88
C GLU O 69 -77.11 107.54 -7.26
N LEU O 70 -78.36 107.36 -7.70
CA LEU O 70 -78.60 106.81 -9.03
C LEU O 70 -78.11 107.75 -10.11
N LYS O 71 -78.36 109.05 -9.96
CA LYS O 71 -77.87 110.02 -10.94
C LYS O 71 -76.35 110.07 -10.96
N GLU O 72 -75.72 109.98 -9.79
CA GLU O 72 -74.26 109.94 -9.75
C GLU O 72 -73.74 108.70 -10.46
N LEU O 73 -74.40 107.56 -10.27
CA LEU O 73 -74.03 106.34 -10.99
C LEU O 73 -74.17 106.54 -12.49
N LEU O 74 -75.29 107.12 -12.92
CA LEU O 74 -75.53 107.30 -14.34
C LEU O 74 -74.47 108.21 -14.97
N THR O 75 -74.13 109.31 -14.30
CA THR O 75 -73.07 110.17 -14.80
C THR O 75 -71.72 109.46 -14.77
N SER O 76 -71.55 108.53 -13.83
CA SER O 76 -70.31 107.77 -13.74
C SER O 76 -70.24 106.66 -14.80
N VAL O 77 -71.38 106.25 -15.37
CA VAL O 77 -71.36 105.31 -16.48
C VAL O 77 -71.27 106.02 -17.83
N ASN O 78 -71.14 107.35 -17.84
CA ASN O 78 -70.92 108.15 -19.02
C ASN O 78 -72.18 108.36 -19.85
N ILE O 79 -73.35 108.01 -19.31
CA ILE O 79 -74.63 108.25 -19.97
C ILE O 79 -75.56 108.91 -18.95
N THR O 80 -76.15 110.04 -19.33
CA THR O 80 -76.93 110.88 -18.44
C THR O 80 -78.41 110.60 -18.59
N PHE O 81 -79.18 110.99 -17.57
CA PHE O 81 -80.63 110.85 -17.54
C PHE O 81 -81.29 112.16 -17.13
N PRO O 82 -82.50 112.41 -17.61
CA PRO O 82 -83.21 113.64 -17.24
C PRO O 82 -83.57 113.66 -15.76
N ASP O 83 -83.64 114.87 -15.20
CA ASP O 83 -84.02 115.02 -13.80
C ASP O 83 -85.43 114.53 -13.56
N ASP O 84 -86.40 115.05 -14.33
CA ASP O 84 -87.78 114.64 -14.15
C ASP O 84 -87.99 113.18 -14.55
N GLU O 85 -87.34 112.73 -15.62
CA GLU O 85 -87.45 111.33 -15.99
C GLU O 85 -86.85 110.43 -14.91
N LEU O 86 -85.71 110.84 -14.33
CA LEU O 86 -85.11 110.05 -13.27
C LEU O 86 -86.03 109.99 -12.05
N GLU O 87 -86.64 111.11 -11.68
CA GLU O 87 -87.59 111.12 -10.57
C GLU O 87 -88.78 110.21 -10.85
N GLU O 88 -89.33 110.30 -12.07
CA GLU O 88 -90.43 109.44 -12.47
C GLU O 88 -90.06 107.97 -12.33
N LEU O 89 -88.92 107.60 -12.90
CA LEU O 89 -88.50 106.20 -12.87
C LEU O 89 -88.25 105.73 -11.44
N TYR O 90 -87.60 106.56 -10.62
CA TYR O 90 -87.30 106.15 -9.25
C TYR O 90 -88.57 105.99 -8.43
N ASN O 91 -89.53 106.89 -8.57
CA ASN O 91 -90.78 106.73 -7.85
C ASN O 91 -91.52 105.49 -8.32
N GLU O 92 -91.50 105.22 -9.63
CA GLU O 92 -92.10 103.99 -10.13
C GLU O 92 -91.42 102.77 -9.53
N PHE O 93 -90.09 102.81 -9.41
CA PHE O 93 -89.35 101.71 -8.80
C PHE O 93 -89.74 101.54 -7.34
N CYS O 94 -89.85 102.65 -6.61
CA CYS O 94 -90.20 102.60 -5.19
C CYS O 94 -91.63 102.15 -4.95
N LEU O 95 -92.50 102.29 -5.97
CA LEU O 95 -93.88 101.84 -5.82
C LEU O 95 -93.93 100.39 -5.33
N THR O 96 -93.06 99.54 -5.84
CA THR O 96 -93.00 98.14 -5.43
C THR O 96 -91.95 97.87 -4.35
N SER O 97 -91.21 98.90 -3.92
CA SER O 97 -90.17 98.75 -2.91
C SER O 97 -90.56 99.54 -1.66
N PRO O 98 -91.66 99.17 -1.01
CA PRO O 98 -92.11 99.93 0.17
C PRO O 98 -91.10 99.93 1.32
N GLU O 99 -90.41 98.81 1.53
CA GLU O 99 -89.51 98.68 2.67
C GLU O 99 -88.09 99.15 2.39
N ALA O 100 -87.79 99.52 1.15
CA ALA O 100 -86.45 99.96 0.76
C ALA O 100 -86.53 101.41 0.30
N ASP O 101 -85.71 102.27 0.90
CA ASP O 101 -85.62 103.67 0.49
C ASP O 101 -84.53 103.86 -0.56
N GLY O 102 -84.61 103.10 -1.64
CA GLY O 102 -83.63 103.17 -2.70
C GLY O 102 -83.83 102.05 -3.68
N ILE O 103 -82.98 102.06 -4.72
CA ILE O 103 -83.05 101.08 -5.79
C ILE O 103 -81.85 100.14 -5.69
N ASN O 104 -82.09 98.87 -5.99
CA ASN O 104 -81.08 97.83 -5.86
C ASN O 104 -80.02 97.96 -6.94
N GLU O 105 -78.97 97.15 -6.81
CA GLU O 105 -77.92 97.14 -7.82
C GLU O 105 -78.44 96.64 -9.17
N ASP O 106 -79.50 95.84 -9.18
CA ASP O 106 -80.16 95.47 -10.43
C ASP O 106 -81.04 96.59 -10.98
N ALA O 107 -81.45 97.54 -10.14
CA ALA O 107 -82.22 98.68 -10.63
C ALA O 107 -81.41 99.51 -11.61
N VAL O 108 -80.13 99.76 -11.32
CA VAL O 108 -79.28 100.48 -12.24
C VAL O 108 -79.09 99.69 -13.53
N PHE O 109 -78.96 98.37 -13.42
CA PHE O 109 -78.87 97.53 -14.61
C PHE O 109 -80.10 97.71 -15.49
N ILE O 110 -81.29 97.67 -14.90
CA ILE O 110 -82.51 97.81 -15.68
C ILE O 110 -82.62 99.22 -16.27
N ILE O 111 -82.23 100.23 -15.50
CA ILE O 111 -82.27 101.60 -16.00
C ILE O 111 -81.37 101.75 -17.22
N VAL O 112 -80.15 101.24 -17.12
CA VAL O 112 -79.21 101.34 -18.23
C VAL O 112 -79.71 100.51 -19.42
N SER O 113 -80.33 99.36 -19.15
CA SER O 113 -80.84 98.53 -20.23
C SER O 113 -81.93 99.26 -21.01
N LYS O 114 -82.88 99.89 -20.30
CA LYS O 114 -83.94 100.61 -21.00
C LYS O 114 -83.38 101.82 -21.73
N LYS O 115 -82.44 102.54 -21.10
CA LYS O 115 -81.82 103.68 -21.77
C LYS O 115 -81.11 103.26 -23.04
N ILE O 116 -80.38 102.14 -22.98
CA ILE O 116 -79.64 101.65 -24.14
C ILE O 116 -80.59 101.15 -25.21
N ARG O 117 -81.69 100.50 -24.83
CA ARG O 117 -82.69 100.10 -25.81
C ARG O 117 -83.23 101.31 -26.55
N ASP O 118 -83.60 102.36 -25.80
CA ASP O 118 -84.12 103.56 -26.44
C ASP O 118 -83.07 104.19 -27.37
N ASN O 119 -81.84 104.34 -26.86
CA ASN O 119 -80.79 104.96 -27.67
C ASN O 119 -80.51 104.15 -28.92
N ASP O 120 -80.43 102.82 -28.81
CA ASP O 120 -80.15 101.97 -29.96
C ASP O 120 -81.29 102.03 -30.97
N LYS O 121 -82.54 102.10 -30.49
CA LYS O 121 -83.62 102.39 -31.41
C LYS O 121 -83.38 103.71 -32.12
N ASP O 122 -82.82 104.69 -31.42
CA ASP O 122 -82.51 105.97 -32.05
C ASP O 122 -81.46 105.82 -33.14
N GLU O 123 -80.37 105.09 -32.87
CA GLU O 123 -79.36 104.91 -33.92
C GLU O 123 -79.93 104.11 -35.09
N GLN O 124 -80.81 103.15 -34.79
CA GLN O 124 -81.46 102.41 -35.87
C GLN O 124 -82.30 103.33 -36.72
N LEU O 125 -83.02 104.26 -36.09
CA LEU O 125 -83.78 105.26 -36.83
C LEU O 125 -82.88 106.10 -37.71
N THR O 126 -81.75 106.55 -37.17
CA THR O 126 -80.82 107.37 -37.95
C THR O 126 -80.26 106.58 -39.14
N GLN O 127 -79.85 105.34 -38.90
CA GLN O 127 -79.31 104.51 -39.98
C GLN O 127 -80.37 104.25 -41.04
N ALA O 128 -81.63 104.07 -40.62
CA ALA O 128 -82.71 103.90 -41.59
C ALA O 128 -82.91 105.16 -42.42
N PHE O 129 -82.84 106.34 -41.80
CA PHE O 129 -82.91 107.57 -42.59
C PHE O 129 -81.79 107.64 -43.61
N LYS O 130 -80.56 107.32 -43.21
CA LYS O 130 -79.45 107.36 -44.14
C LYS O 130 -79.65 106.37 -45.29
N LEU O 131 -80.09 105.15 -44.97
CA LEU O 131 -80.30 104.15 -46.02
C LEU O 131 -81.43 104.56 -46.96
N VAL O 132 -82.51 105.12 -46.42
CA VAL O 132 -83.62 105.53 -47.26
C VAL O 132 -83.19 106.67 -48.18
N GLU O 133 -82.41 107.62 -47.67
CA GLU O 133 -81.88 108.68 -48.53
C GLU O 133 -80.99 108.11 -49.61
N LYS O 134 -80.15 107.12 -49.26
CA LYS O 134 -79.29 106.48 -50.26
C LYS O 134 -80.12 105.82 -51.36
N ALA O 135 -81.18 105.11 -50.96
CA ALA O 135 -82.03 104.44 -51.94
C ALA O 135 -82.75 105.45 -52.83
N VAL O 136 -83.24 106.54 -52.24
CA VAL O 136 -83.92 107.56 -53.02
C VAL O 136 -82.96 108.20 -54.02
N ASN O 137 -81.73 108.48 -53.58
CA ASN O 137 -80.74 109.05 -54.50
C ASN O 137 -80.41 108.07 -55.62
N ASP O 138 -80.29 106.78 -55.30
CA ASP O 138 -80.05 105.78 -56.34
C ASP O 138 -81.18 105.75 -57.35
N GLU O 139 -82.43 105.76 -56.88
CA GLU O 139 -83.56 105.74 -57.80
C GLU O 139 -83.59 107.01 -58.66
N LEU O 140 -83.27 108.16 -58.06
CA LEU O 140 -83.17 109.39 -58.85
C LEU O 140 -82.10 109.26 -59.93
N ALA O 141 -80.94 108.72 -59.58
CA ALA O 141 -79.92 108.45 -60.57
C ALA O 141 -80.45 107.54 -61.67
N LYS O 142 -81.40 106.66 -61.33
CA LYS O 142 -82.05 105.85 -62.35
C LYS O 142 -82.80 106.72 -63.37
N THR O 143 -83.18 107.94 -62.99
CA THR O 143 -83.80 108.88 -63.91
C THR O 143 -82.91 110.10 -64.06
N PRO O 144 -82.16 110.22 -65.16
CA PRO O 144 -81.18 111.30 -65.29
C PRO O 144 -81.75 112.65 -65.69
N ASN O 145 -83.08 112.80 -65.73
CA ASN O 145 -83.71 114.04 -66.14
C ASN O 145 -84.77 114.53 -65.15
N GLU O 146 -84.69 114.11 -63.89
CA GLU O 146 -85.60 114.57 -62.85
C GLU O 146 -84.92 115.63 -62.00
N THR O 147 -85.69 116.64 -61.60
CA THR O 147 -85.14 117.75 -60.84
C THR O 147 -84.55 117.26 -59.53
N LYS O 148 -83.39 117.81 -59.17
CA LYS O 148 -82.76 117.49 -57.90
C LYS O 148 -83.55 118.01 -56.71
N GLU O 149 -84.53 118.89 -56.94
CA GLU O 149 -85.36 119.38 -55.84
C GLU O 149 -86.01 118.23 -55.08
N GLN O 150 -86.33 117.13 -55.78
CA GLN O 150 -86.92 115.97 -55.13
C GLN O 150 -85.97 115.28 -54.16
N GLU O 151 -84.68 115.62 -54.19
CA GLU O 151 -83.74 115.05 -53.23
C GLU O 151 -84.17 115.41 -51.82
N GLY O 152 -84.63 114.42 -51.06
CA GLY O 152 -85.30 114.64 -49.80
C GLY O 152 -86.80 114.66 -49.88
N TYR O 153 -87.37 114.71 -51.08
CA TYR O 153 -88.82 114.62 -51.30
C TYR O 153 -89.12 113.32 -52.05
N ILE O 154 -90.15 112.61 -51.59
CA ILE O 154 -90.47 111.30 -52.13
C ILE O 154 -91.95 111.21 -52.43
N ARG O 155 -92.30 110.27 -53.30
CA ARG O 155 -93.65 110.11 -53.79
C ARG O 155 -94.53 109.41 -52.75
N VAL O 156 -95.83 109.36 -53.05
CA VAL O 156 -96.76 108.60 -52.22
C VAL O 156 -96.43 107.12 -52.27
N GLU O 157 -96.14 106.60 -53.46
CA GLU O 157 -95.91 105.18 -53.66
C GLU O 157 -94.50 104.73 -53.28
N GLN O 158 -93.58 105.65 -53.05
CA GLN O 158 -92.25 105.31 -52.55
C GLN O 158 -92.08 105.77 -51.10
N PHE O 159 -93.15 105.62 -50.32
CA PHE O 159 -93.13 106.02 -48.91
C PHE O 159 -93.90 105.02 -48.04
N LYS O 160 -93.97 103.75 -48.44
CA LYS O 160 -94.89 102.83 -47.78
C LYS O 160 -94.25 101.53 -47.31
N GLU O 161 -93.32 100.97 -48.08
CA GLU O 161 -92.86 99.60 -47.88
C GLU O 161 -91.69 99.46 -46.90
N LEU O 162 -91.17 100.54 -46.39
CA LEU O 162 -89.99 100.37 -45.56
C LEU O 162 -90.27 99.88 -44.10
N LEU O 163 -91.44 99.52 -43.58
CA LEU O 163 -91.51 98.99 -42.22
C LEU O 163 -91.65 97.46 -42.17
N MET O 164 -90.96 96.74 -43.05
CA MET O 164 -90.82 95.28 -42.94
C MET O 164 -89.36 94.87 -42.99
N THR O 165 -88.48 95.64 -42.34
CA THR O 165 -87.03 95.41 -42.44
C THR O 165 -86.40 94.94 -41.12
N LEU O 166 -86.49 95.72 -40.04
CA LEU O 166 -85.73 95.36 -38.83
C LEU O 166 -86.24 96.11 -37.61
N GLY O 167 -85.90 95.58 -36.43
CA GLY O 167 -86.07 96.19 -35.12
C GLY O 167 -87.35 95.97 -34.32
N ASN O 168 -88.44 96.67 -34.62
CA ASN O 168 -89.66 96.57 -33.79
C ASN O 168 -90.84 97.00 -34.64
N ARG O 169 -91.57 96.02 -35.18
CA ARG O 169 -92.31 96.20 -36.42
C ARG O 169 -93.42 97.24 -36.29
N TRP O 170 -93.58 98.04 -37.35
CA TRP O 170 -94.80 98.79 -37.61
C TRP O 170 -95.55 98.08 -38.72
N SER O 171 -96.79 97.71 -38.45
CA SER O 171 -97.58 96.90 -39.35
C SER O 171 -98.37 97.77 -40.31
N GLU O 172 -99.27 97.15 -41.07
CA GLU O 172 -100.10 97.89 -42.02
C GLU O 172 -100.75 99.10 -41.36
N GLU O 173 -101.58 98.86 -40.36
CA GLU O 173 -102.35 99.92 -39.73
C GLU O 173 -101.50 100.83 -38.86
N GLN O 174 -100.18 100.62 -38.86
CA GLN O 174 -99.24 101.57 -38.28
C GLN O 174 -98.63 102.50 -39.33
N ALA O 175 -99.37 102.83 -40.38
CA ALA O 175 -98.85 103.68 -41.46
C ALA O 175 -99.89 104.68 -41.92
N ASN O 176 -100.59 105.31 -40.99
CA ASN O 176 -101.56 106.32 -41.41
C ASN O 176 -101.46 107.65 -40.67
N GLU O 177 -101.20 107.65 -39.35
CA GLU O 177 -101.22 108.92 -38.61
C GLU O 177 -100.15 109.88 -39.09
N PHE O 178 -98.89 109.43 -39.16
CA PHE O 178 -97.80 110.37 -39.41
C PHE O 178 -98.00 111.14 -40.71
N LEU O 179 -98.74 110.56 -41.66
CA LEU O 179 -99.11 111.31 -42.85
C LEU O 179 -99.98 112.52 -42.49
N LYS O 180 -100.99 112.30 -41.64
CA LYS O 180 -101.82 113.40 -41.19
C LYS O 180 -101.02 114.41 -40.36
N ASP O 181 -100.12 113.91 -39.52
CA ASP O 181 -99.31 114.79 -38.68
C ASP O 181 -98.43 115.68 -39.54
N ILE O 182 -97.80 115.12 -40.57
CA ILE O 182 -96.99 115.93 -41.48
C ILE O 182 -97.88 116.84 -42.32
N ASN O 183 -99.05 116.33 -42.74
CA ASN O 183 -99.98 117.13 -43.52
C ASN O 183 -99.35 117.60 -44.82
N PRO O 184 -99.12 116.70 -45.78
CA PRO O 184 -98.66 117.14 -47.10
C PRO O 184 -99.58 118.22 -47.66
N LYS O 185 -98.99 119.28 -48.20
CA LYS O 185 -99.75 120.45 -48.61
C LYS O 185 -100.48 120.20 -49.93
N SER O 186 -101.44 119.28 -49.93
CA SER O 186 -102.24 118.99 -51.11
C SER O 186 -101.35 118.70 -52.32
N ASP O 187 -100.27 117.97 -52.08
CA ASP O 187 -99.32 117.68 -53.14
C ASP O 187 -98.88 116.22 -53.19
N GLU O 188 -99.20 115.41 -52.18
CA GLU O 188 -98.86 113.99 -52.16
C GLU O 188 -97.37 113.75 -52.36
N ARG O 189 -96.53 114.62 -51.80
CA ARG O 189 -95.09 114.43 -51.80
C ARG O 189 -94.59 114.73 -50.40
N ILE O 190 -93.76 113.83 -49.85
CA ILE O 190 -93.43 113.87 -48.43
C ILE O 190 -91.91 113.96 -48.28
N ASN O 191 -91.47 114.82 -47.35
CA ASN O 191 -90.05 114.97 -47.06
C ASN O 191 -89.68 114.12 -45.85
N TYR O 192 -88.70 113.24 -46.03
CA TYR O 192 -88.22 112.43 -44.90
C TYR O 192 -87.45 113.26 -43.88
N LEU O 193 -87.01 114.46 -44.25
CA LEU O 193 -86.44 115.38 -43.25
C LEU O 193 -87.50 115.79 -42.23
N ASP O 194 -88.73 116.02 -42.69
CA ASP O 194 -89.82 116.28 -41.76
C ASP O 194 -90.03 115.12 -40.81
N VAL O 195 -89.92 113.89 -41.33
CA VAL O 195 -90.04 112.71 -40.47
C VAL O 195 -88.90 112.69 -39.46
N VAL O 196 -87.68 113.01 -39.90
CA VAL O 196 -86.56 113.08 -38.97
C VAL O 196 -86.87 114.05 -37.84
N LYS O 197 -87.43 115.21 -38.19
CA LYS O 197 -87.71 116.23 -37.17
C LYS O 197 -88.84 115.78 -36.23
N LYS O 198 -89.87 115.11 -36.76
CA LYS O 198 -91.06 114.85 -35.95
C LYS O 198 -90.98 113.56 -35.15
N LEU O 199 -90.17 112.59 -35.58
CA LEU O 199 -90.12 111.31 -34.87
C LEU O 199 -89.58 111.47 -33.46
N MET O 200 -88.56 112.31 -33.28
CA MET O 200 -87.89 112.46 -32.00
C MET O 200 -88.50 113.54 -31.11
N LYS O 201 -89.57 114.19 -31.57
CA LYS O 201 -90.21 115.27 -30.82
C LYS O 201 -91.06 114.78 -29.65
N ARG O 202 -91.27 113.48 -29.52
CA ARG O 202 -92.13 112.95 -28.48
C ARG O 202 -91.34 112.45 -27.27
N MET P 1 -58.62 47.75 112.40
CA MET P 1 -57.22 47.37 112.38
C MET P 1 -57.06 45.87 112.62
N SER P 2 -57.75 45.37 113.63
CA SER P 2 -57.67 43.95 114.00
C SER P 2 -59.01 43.23 113.91
N LYS P 3 -60.11 43.92 114.20
CA LYS P 3 -61.42 43.28 114.19
C LYS P 3 -61.87 43.00 112.75
N LYS P 4 -62.78 42.03 112.62
CA LYS P 4 -63.31 41.63 111.33
C LYS P 4 -64.78 41.94 111.23
N SER P 5 -65.18 43.15 111.62
CA SER P 5 -66.59 43.53 111.64
C SER P 5 -67.11 43.78 110.23
N GLY P 6 -67.08 42.73 109.40
CA GLY P 6 -67.54 42.80 108.03
C GLY P 6 -69.02 42.58 107.84
N LYS P 7 -69.83 43.62 108.09
CA LYS P 7 -71.28 43.52 107.88
C LYS P 7 -71.58 42.86 106.54
N GLY P 8 -72.67 42.10 106.48
CA GLY P 8 -72.94 41.25 105.34
C GLY P 8 -73.37 41.97 104.07
N LYS P 9 -72.44 42.72 103.48
CA LYS P 9 -72.73 43.42 102.23
C LYS P 9 -72.84 42.43 101.07
N GLY P 10 -74.03 42.31 100.51
CA GLY P 10 -74.22 41.51 99.32
C GLY P 10 -74.11 42.34 98.05
N LYS P 11 -72.92 42.87 97.78
CA LYS P 11 -72.73 43.71 96.61
C LYS P 11 -72.90 42.89 95.33
N ASN P 12 -72.90 43.60 94.20
CA ASN P 12 -73.12 42.97 92.91
C ASN P 12 -71.98 42.06 92.54
N ASP P 13 -72.16 40.75 92.72
CA ASP P 13 -71.10 39.81 92.39
C ASP P 13 -70.78 39.85 90.90
N GLY P 14 -71.82 39.92 90.06
CA GLY P 14 -71.59 39.90 88.62
C GLY P 14 -70.75 41.07 88.14
N ASP P 15 -71.04 42.28 88.63
CA ASP P 15 -70.28 43.44 88.19
C ASP P 15 -68.83 43.36 88.68
N GLU P 16 -68.63 42.89 89.91
CA GLU P 16 -67.26 42.75 90.43
C GLU P 16 -66.47 41.75 89.60
N LEU P 17 -67.07 40.61 89.26
CA LEU P 17 -66.36 39.61 88.46
C LEU P 17 -66.11 40.12 87.04
N GLY P 18 -67.07 40.85 86.47
CA GLY P 18 -66.83 41.44 85.16
C GLY P 18 -65.68 42.44 85.17
N ALA P 19 -65.62 43.27 86.21
CA ALA P 19 -64.50 44.20 86.36
C ALA P 19 -63.19 43.44 86.52
N GLU P 20 -63.20 42.35 87.28
CA GLU P 20 -62.00 41.54 87.42
C GLU P 20 -61.56 40.97 86.07
N LYS P 21 -62.51 40.48 85.27
CA LYS P 21 -62.16 39.95 83.95
C LYS P 21 -61.60 41.03 83.05
N GLU P 22 -62.22 42.21 83.04
CA GLU P 22 -61.72 43.30 82.20
C GLU P 22 -60.33 43.74 82.63
N GLN P 23 -60.10 43.83 83.94
CA GLN P 23 -58.78 44.17 84.46
C GLN P 23 -57.75 43.12 84.07
N VAL P 24 -58.13 41.83 84.14
CA VAL P 24 -57.23 40.76 83.73
C VAL P 24 -56.88 40.91 82.25
N LEU P 25 -57.86 41.19 81.42
CA LEU P 25 -57.61 41.35 79.99
C LEU P 25 -56.69 42.54 79.72
N ARG P 26 -56.92 43.67 80.40
CA ARG P 26 -56.05 44.82 80.20
C ARG P 26 -54.62 44.52 80.63
N THR P 27 -54.45 43.85 81.78
CA THR P 27 -53.11 43.49 82.23
C THR P 27 -52.44 42.56 81.23
N LYS P 28 -53.18 41.58 80.72
CA LYS P 28 -52.61 40.65 79.75
C LYS P 28 -52.19 41.37 78.47
N VAL P 29 -53.02 42.30 78.00
CA VAL P 29 -52.69 43.06 76.79
C VAL P 29 -51.45 43.90 77.00
N GLU P 30 -51.35 44.58 78.15
CA GLU P 30 -50.17 45.41 78.40
C GLU P 30 -48.91 44.55 78.47
N SER P 31 -48.98 43.39 79.14
CA SER P 31 -47.83 42.51 79.18
C SER P 31 -47.45 42.03 77.79
N LEU P 32 -48.46 41.69 76.98
CA LEU P 32 -48.19 41.22 75.63
C LEU P 32 -47.51 42.30 74.81
N ILE P 33 -47.96 43.54 74.93
CA ILE P 33 -47.35 44.64 74.17
C ILE P 33 -45.94 44.90 74.66
N GLN P 34 -45.71 44.80 75.96
CA GLN P 34 -44.35 44.97 76.49
C GLN P 34 -43.41 43.92 75.91
N ARG P 35 -43.85 42.66 75.92
CA ARG P 35 -43.04 41.59 75.39
C ARG P 35 -42.80 41.77 73.90
N LEU P 36 -43.84 42.21 73.17
CA LEU P 36 -43.69 42.49 71.75
C LEU P 36 -42.64 43.56 71.50
N GLY P 37 -42.67 44.64 72.28
CA GLY P 37 -41.71 45.71 72.10
C GLY P 37 -40.29 45.25 72.36
N HIS P 38 -40.07 44.53 73.46
CA HIS P 38 -38.72 44.05 73.75
C HIS P 38 -38.24 43.05 72.69
N GLU P 39 -39.13 42.17 72.22
CA GLU P 39 -38.73 41.22 71.18
C GLU P 39 -38.38 41.94 69.89
N GLN P 40 -39.16 42.96 69.52
CA GLN P 40 -38.84 43.73 68.33
C GLN P 40 -37.49 44.43 68.48
N GLU P 41 -37.23 44.99 69.67
CA GLU P 41 -35.95 45.64 69.90
C GLU P 41 -34.79 44.65 69.77
N ARG P 42 -34.96 43.45 70.34
CA ARG P 42 -33.91 42.44 70.26
C ARG P 42 -33.68 41.99 68.82
N ALA P 43 -34.76 41.82 68.05
CA ALA P 43 -34.62 41.43 66.66
C ALA P 43 -33.93 42.52 65.84
N ASP P 44 -34.27 43.79 66.09
CA ASP P 44 -33.61 44.89 65.42
C ASP P 44 -32.12 44.90 65.74
N ARG P 45 -31.79 44.69 67.02
CA ARG P 45 -30.38 44.62 67.41
C ARG P 45 -29.68 43.48 66.69
N ALA P 46 -30.32 42.32 66.60
CA ALA P 46 -29.71 41.17 65.92
C ALA P 46 -29.47 41.47 64.45
N LYS P 47 -30.43 42.09 63.78
CA LYS P 47 -30.25 42.40 62.36
C LYS P 47 -29.17 43.46 62.15
N ALA P 48 -29.11 44.46 63.03
CA ALA P 48 -28.03 45.45 62.95
C ALA P 48 -26.68 44.78 63.15
N ALA P 49 -26.59 43.83 64.09
CA ALA P 49 -25.33 43.11 64.30
C ALA P 49 -24.99 42.25 63.10
N GLU P 50 -26.00 41.65 62.44
CA GLU P 50 -25.74 40.88 61.24
C GLU P 50 -25.14 41.76 60.15
N ASN P 51 -25.73 42.93 59.91
CA ASN P 51 -25.19 43.83 58.90
C ASN P 51 -23.80 44.31 59.30
N GLU P 52 -23.58 44.56 60.58
CA GLU P 52 -22.28 44.96 61.09
C GLU P 52 -21.24 43.89 60.80
N LEU P 53 -21.58 42.62 61.03
CA LEU P 53 -20.67 41.52 60.74
C LEU P 53 -20.40 41.43 59.24
N ARG P 54 -21.43 41.61 58.43
CA ARG P 54 -21.24 41.57 56.98
C ARG P 54 -20.24 42.65 56.55
N ALA P 55 -20.36 43.85 57.12
CA ALA P 55 -19.32 44.86 56.92
C ALA P 55 -18.05 44.49 57.67
N ARG P 56 -18.16 43.87 58.84
CA ARG P 56 -17.02 43.47 59.66
C ARG P 56 -16.52 42.09 59.28
N LEU P 57 -15.76 41.46 60.17
CA LEU P 57 -15.03 40.23 59.84
C LEU P 57 -13.92 40.53 58.85
N PHE P 58 -12.97 41.37 59.26
CA PHE P 58 -11.87 41.80 58.40
C PHE P 58 -10.50 41.46 59.01
N ASP P 59 -10.36 41.64 60.32
CA ASP P 59 -9.05 41.54 60.94
C ASP P 59 -8.51 40.12 60.87
N LEU P 60 -9.31 39.13 61.28
CA LEU P 60 -8.83 37.76 61.28
C LEU P 60 -8.63 37.23 59.87
N ASP P 61 -9.52 37.59 58.93
CA ASP P 61 -9.33 37.16 57.55
C ASP P 61 -8.01 37.68 56.99
N LYS P 62 -7.72 38.95 57.25
CA LYS P 62 -6.46 39.52 56.81
C LYS P 62 -5.26 38.92 57.53
N ASP P 63 -5.43 38.53 58.80
CA ASP P 63 -4.38 37.79 59.49
C ASP P 63 -4.11 36.45 58.80
N PHE P 64 -5.17 35.75 58.42
CA PHE P 64 -5.01 34.49 57.70
C PHE P 64 -4.28 34.72 56.39
N LYS P 65 -4.64 35.77 55.67
CA LYS P 65 -4.00 36.04 54.39
C LYS P 65 -2.52 36.38 54.57
N ASN P 66 -2.19 37.15 55.61
CA ASN P 66 -0.79 37.45 55.90
C ASN P 66 0.01 36.20 56.21
N GLU P 67 -0.54 35.33 57.06
CA GLU P 67 0.17 34.10 57.40
C GLU P 67 0.33 33.24 56.15
N LYS P 68 -0.69 33.21 55.30
CA LYS P 68 -0.60 32.48 54.04
C LYS P 68 0.57 32.98 53.22
N ASP P 69 0.66 34.31 53.04
CA ASP P 69 1.74 34.88 52.25
C ASP P 69 3.11 34.50 52.81
N ARG P 70 3.30 34.73 54.11
CA ARG P 70 4.63 34.51 54.70
C ARG P 70 5.00 33.03 54.67
N LEU P 71 4.06 32.14 55.01
CA LEU P 71 4.37 30.72 55.00
C LEU P 71 4.62 30.20 53.59
N PHE P 72 3.88 30.70 52.60
CA PHE P 72 4.13 30.32 51.22
C PHE P 72 5.54 30.73 50.79
N SER P 73 5.93 31.96 51.12
CA SER P 73 7.28 32.41 50.77
C SER P 73 8.33 31.54 51.44
N ILE P 74 8.17 31.27 52.73
CA ILE P 74 9.16 30.46 53.45
C ILE P 74 9.24 29.06 52.87
N THR P 75 8.09 28.45 52.60
CA THR P 75 8.10 27.08 52.07
C THR P 75 8.77 27.02 50.71
N SER P 76 8.44 27.95 49.81
CA SER P 76 9.06 27.95 48.49
C SER P 76 10.56 28.15 48.60
N ASP P 77 10.99 29.10 49.43
CA ASP P 77 12.43 29.38 49.55
C ASP P 77 13.17 28.18 50.12
N MET P 78 12.61 27.53 51.14
CA MET P 78 13.29 26.39 51.75
C MET P 78 13.31 25.19 50.80
N THR P 79 12.25 25.03 50.00
CA THR P 79 12.23 23.96 49.01
C THR P 79 13.33 24.17 47.97
N ARG P 80 13.47 25.41 47.48
CA ARG P 80 14.57 25.72 46.58
C ARG P 80 15.92 25.47 47.25
N GLN P 81 16.03 25.85 48.52
CA GLN P 81 17.27 25.62 49.26
C GLN P 81 17.63 24.14 49.26
N TYR P 82 16.65 23.29 49.59
CA TYR P 82 16.89 21.85 49.62
C TYR P 82 17.27 21.32 48.24
N LYS P 83 16.54 21.76 47.21
CA LYS P 83 16.84 21.29 45.86
C LYS P 83 18.28 21.62 45.48
N GLN P 84 18.68 22.88 45.66
CA GLN P 84 20.04 23.28 45.32
C GLN P 84 21.07 22.54 46.16
N MET P 85 20.83 22.38 47.47
CA MET P 85 21.82 21.72 48.31
C MET P 85 22.00 20.26 47.92
N GLN P 86 20.90 19.54 47.63
CA GLN P 86 21.06 18.16 47.20
C GLN P 86 21.71 18.08 45.83
N ASP P 87 21.45 19.05 44.95
CA ASP P 87 22.23 19.13 43.71
C ASP P 87 23.70 19.34 44.02
N GLU P 88 24.00 19.96 45.16
CA GLU P 88 25.37 20.34 45.48
C GLU P 88 26.22 19.13 45.86
N LEU P 89 25.69 18.23 46.70
CA LEU P 89 26.52 17.18 47.29
C LEU P 89 26.64 15.97 46.38
N LEU P 90 27.73 15.91 45.60
CA LEU P 90 27.97 14.75 44.75
C LEU P 90 29.44 14.36 44.65
N ASN P 91 30.31 15.00 45.44
CA ASN P 91 31.74 14.80 45.25
C ASN P 91 32.32 13.68 46.11
N GLN P 92 32.11 13.74 47.43
CA GLN P 92 32.65 12.71 48.31
C GLN P 92 32.17 11.33 47.90
N VAL P 93 30.89 11.23 47.51
CA VAL P 93 30.34 9.94 47.10
C VAL P 93 31.09 9.39 45.90
N ASN P 94 31.32 10.23 44.89
CA ASN P 94 32.01 9.76 43.69
C ASN P 94 33.45 9.39 43.99
N ASP P 95 34.15 10.18 44.81
CA ASP P 95 35.52 9.84 45.14
C ASP P 95 35.59 8.50 45.87
N LEU P 96 34.70 8.29 46.83
CA LEU P 96 34.69 7.02 47.55
C LEU P 96 34.30 5.87 46.62
N ASN P 97 33.42 6.12 45.66
CA ASN P 97 33.07 5.08 44.70
C ASN P 97 34.28 4.69 43.84
N LYS P 98 35.05 5.68 43.38
CA LYS P 98 36.26 5.36 42.62
C LYS P 98 37.24 4.58 43.47
N THR P 99 37.43 4.99 44.72
CA THR P 99 38.32 4.25 45.61
C THR P 99 37.85 2.81 45.76
N VAL P 100 36.55 2.61 45.96
CA VAL P 100 36.00 1.26 46.14
C VAL P 100 36.22 0.44 44.89
N ILE P 101 35.98 1.03 43.72
CA ILE P 101 36.11 0.27 42.48
C ILE P 101 37.55 -0.18 42.27
N GLU P 102 38.50 0.75 42.41
CA GLU P 102 39.90 0.37 42.23
C GLU P 102 40.35 -0.63 43.28
N LYS P 103 39.86 -0.50 44.51
CA LYS P 103 40.29 -1.39 45.57
C LYS P 103 39.68 -2.78 45.43
N ASP P 104 38.46 -2.88 44.89
CA ASP P 104 37.93 -4.18 44.51
C ASP P 104 38.68 -4.78 43.34
N GLU P 105 39.16 -3.93 42.42
CA GLU P 105 40.07 -4.41 41.38
C GLU P 105 41.31 -5.04 42.01
N GLU P 106 41.86 -4.40 43.04
CA GLU P 106 42.97 -4.98 43.79
C GLU P 106 42.55 -6.30 44.44
N ILE P 107 41.34 -6.35 44.99
CA ILE P 107 40.86 -7.58 45.64
C ILE P 107 40.88 -8.74 44.66
N LYS P 108 40.30 -8.52 43.47
CA LYS P 108 40.30 -9.56 42.44
C LYS P 108 41.70 -9.89 41.98
N LYS P 109 42.58 -8.90 41.85
CA LYS P 109 43.95 -9.17 41.43
C LYS P 109 44.65 -10.08 42.43
N LYS P 110 44.47 -9.81 43.73
CA LYS P 110 45.11 -10.64 44.74
C LYS P 110 44.49 -12.03 44.80
N ASP P 111 43.19 -12.15 44.57
CA ASP P 111 42.60 -13.47 44.43
C ASP P 111 43.22 -14.24 43.26
N GLN P 112 43.41 -13.55 42.13
CA GLN P 112 44.03 -14.17 40.97
C GLN P 112 45.44 -14.64 41.30
N GLN P 113 46.22 -13.81 41.98
CA GLN P 113 47.57 -14.20 42.36
C GLN P 113 47.56 -15.38 43.31
N ILE P 114 46.62 -15.40 44.27
CA ILE P 114 46.51 -16.53 45.18
C ILE P 114 46.28 -17.82 44.39
N GLN P 115 45.31 -17.79 43.47
CA GLN P 115 44.98 -18.98 42.70
C GLN P 115 46.16 -19.42 41.83
N ASP P 116 46.84 -18.46 41.19
CA ASP P 116 47.99 -18.80 40.34
C ASP P 116 49.11 -19.42 41.17
N MET P 117 49.41 -18.85 42.34
CA MET P 117 50.43 -19.42 43.20
C MET P 117 50.05 -20.84 43.61
N THR P 118 48.80 -21.05 44.01
CA THR P 118 48.36 -22.39 44.38
C THR P 118 48.57 -23.37 43.23
N LYS P 119 48.15 -22.97 42.02
CA LYS P 119 48.26 -23.86 40.88
C LYS P 119 49.71 -24.22 40.58
N ASP P 120 50.58 -23.22 40.48
CA ASP P 120 51.97 -23.49 40.11
C ASP P 120 52.70 -24.28 41.18
N TYR P 121 52.48 -23.94 42.46
CA TYR P 121 53.12 -24.69 43.53
C TYR P 121 52.63 -26.13 43.55
N GLU P 122 51.33 -26.35 43.30
CA GLU P 122 50.82 -27.72 43.25
C GLU P 122 51.41 -28.48 42.07
N TYR P 123 51.62 -27.83 40.93
CA TYR P 123 52.26 -28.49 39.80
C TYR P 123 53.69 -28.89 40.14
N LYS P 124 54.44 -28.01 40.80
CA LYS P 124 55.77 -28.40 41.24
C LYS P 124 55.71 -29.55 42.23
N LEU P 125 54.72 -29.53 43.12
CA LEU P 125 54.55 -30.62 44.08
C LEU P 125 54.36 -31.95 43.35
N LYS P 126 53.49 -31.95 42.33
CA LYS P 126 53.22 -33.18 41.59
C LYS P 126 54.46 -33.65 40.84
N LYS P 127 55.22 -32.71 40.25
CA LYS P 127 56.42 -33.12 39.51
C LYS P 127 57.45 -33.73 40.45
N LYS P 128 57.62 -33.13 41.64
CA LYS P 128 58.54 -33.71 42.62
C LYS P 128 58.06 -35.08 43.08
N ASP P 129 56.75 -35.26 43.26
CA ASP P 129 56.21 -36.57 43.62
C ASP P 129 56.50 -37.60 42.55
N ASP P 130 56.32 -37.21 41.27
CA ASP P 130 56.64 -38.12 40.17
C ASP P 130 58.11 -38.48 40.18
N GLU P 131 58.99 -37.50 40.41
CA GLU P 131 60.41 -37.78 40.46
C GLU P 131 60.76 -38.74 41.59
N ILE P 132 60.13 -38.55 42.76
CA ILE P 132 60.38 -39.45 43.90
C ILE P 132 59.93 -40.86 43.57
N GLN P 133 58.75 -40.99 42.95
CA GLN P 133 58.26 -42.32 42.58
C GLN P 133 59.18 -42.98 41.56
N ASP P 134 59.67 -42.20 40.59
CA ASP P 134 60.60 -42.75 39.61
C ASP P 134 61.90 -43.20 40.27
N LEU P 135 62.41 -42.41 41.21
CA LEU P 135 63.63 -42.79 41.92
C LEU P 135 63.43 -44.07 42.72
N LYS P 136 62.30 -44.20 43.40
CA LYS P 136 62.02 -45.41 44.15
C LYS P 136 61.90 -46.62 43.24
N ARG P 137 61.24 -46.46 42.09
CA ARG P 137 61.15 -47.55 41.13
C ARG P 137 62.53 -47.96 40.62
N LYS P 138 63.39 -46.98 40.33
CA LYS P 138 64.74 -47.29 39.90
C LYS P 138 65.50 -48.04 40.99
N ILE P 139 65.30 -47.64 42.25
CA ILE P 139 65.95 -48.33 43.37
C ILE P 139 65.48 -49.78 43.43
N GLU P 140 64.17 -50.00 43.28
CA GLU P 140 63.67 -51.37 43.28
C GLU P 140 64.26 -52.19 42.15
N GLU P 141 64.34 -51.60 40.95
CA GLU P 141 64.92 -52.32 39.82
C GLU P 141 66.39 -52.64 40.08
N MET P 142 67.14 -51.69 40.63
CA MET P 142 68.55 -51.94 40.89
C MET P 142 68.74 -53.02 41.93
N SER P 143 67.90 -53.03 42.97
CA SER P 143 67.98 -54.11 43.95
C SER P 143 67.67 -55.46 43.32
N ALA P 144 66.65 -55.51 42.47
CA ALA P 144 66.30 -56.77 41.81
C ALA P 144 67.45 -57.26 40.92
N GLU P 145 68.04 -56.37 40.15
CA GLU P 145 69.14 -56.76 39.27
C GLU P 145 70.36 -57.19 40.08
N PHE P 146 70.65 -56.49 41.18
CA PHE P 146 71.73 -56.89 42.06
C PHE P 146 71.52 -58.30 42.59
N ALA P 147 70.30 -58.58 43.06
CA ALA P 147 70.00 -59.90 43.59
C ALA P 147 70.17 -60.97 42.51
N LYS P 148 69.64 -60.71 41.32
CA LYS P 148 69.72 -61.73 40.27
C LYS P 148 71.17 -61.94 39.81
N MET P 149 71.95 -60.86 39.68
CA MET P 149 73.35 -61.01 39.27
C MET P 149 74.15 -61.77 40.31
N LEU P 150 73.96 -61.47 41.60
CA LEU P 150 74.69 -62.20 42.62
C LEU P 150 74.25 -63.67 42.68
N LYS P 151 72.95 -63.93 42.46
CA LYS P 151 72.50 -65.30 42.40
C LYS P 151 73.17 -66.06 41.25
N ASP P 152 73.26 -65.41 40.08
CA ASP P 152 73.95 -66.02 38.96
C ASP P 152 75.43 -66.26 39.27
N THR P 153 76.07 -65.30 39.95
CA THR P 153 77.47 -65.45 40.31
C THR P 153 77.68 -66.62 41.25
N LEU P 154 76.82 -66.75 42.27
CA LEU P 154 76.93 -67.88 43.18
C LEU P 154 76.69 -69.20 42.46
N ASP P 155 75.70 -69.24 41.57
CA ASP P 155 75.45 -70.46 40.80
C ASP P 155 76.65 -70.83 39.96
N LYS P 156 77.25 -69.86 39.27
CA LYS P 156 78.42 -70.14 38.45
C LYS P 156 79.58 -70.62 39.30
N MET P 157 79.81 -69.98 40.45
CA MET P 157 80.92 -70.39 41.31
C MET P 157 80.73 -71.82 41.80
N GLN P 158 79.52 -72.15 42.27
CA GLN P 158 79.27 -73.50 42.75
C GLN P 158 79.40 -74.52 41.64
N GLU P 159 78.89 -74.19 40.44
CA GLU P 159 79.00 -75.13 39.32
C GLU P 159 80.45 -75.37 38.94
N ARG P 160 81.25 -74.31 38.88
CA ARG P 160 82.67 -74.48 38.56
C ARG P 160 83.37 -75.29 39.64
N ILE P 161 83.06 -75.03 40.91
CA ILE P 161 83.67 -75.78 42.00
C ILE P 161 83.33 -77.26 41.87
N GLU P 162 82.07 -77.57 41.61
CA GLU P 162 81.65 -78.97 41.50
C GLU P 162 82.28 -79.64 40.29
N MET P 163 82.40 -78.93 39.17
CA MET P 163 83.02 -79.51 37.98
C MET P 163 84.50 -79.80 38.24
N VAL P 164 85.21 -78.85 38.84
CA VAL P 164 86.61 -79.06 39.16
C VAL P 164 86.76 -80.17 40.19
N GLN P 165 85.74 -80.36 41.03
CA GLN P 165 85.78 -81.42 42.03
C GLN P 165 85.59 -82.79 41.40
N TRP P 166 84.66 -82.89 40.45
CA TRP P 166 84.35 -84.18 39.83
C TRP P 166 85.38 -84.60 38.80
N ASP P 167 85.95 -83.63 38.06
CA ASP P 167 86.87 -83.99 36.98
C ASP P 167 88.08 -84.76 37.52
N SER P 168 88.62 -84.33 38.66
CA SER P 168 89.68 -85.05 39.32
C SER P 168 89.13 -86.28 40.04
N ASP P 169 90.02 -87.24 40.30
CA ASP P 169 89.66 -88.49 40.98
C ASP P 169 89.91 -88.44 42.48
N THR P 170 89.78 -87.27 43.09
CA THR P 170 90.10 -87.12 44.51
C THR P 170 89.18 -87.98 45.37
N ASP P 171 89.65 -88.30 46.57
CA ASP P 171 88.85 -89.11 47.48
C ASP P 171 87.59 -88.34 47.87
N PRO P 172 86.44 -89.02 47.98
CA PRO P 172 85.20 -88.31 48.35
C PRO P 172 85.28 -87.59 49.69
N GLN P 173 86.21 -87.98 50.57
CA GLN P 173 86.35 -87.27 51.84
C GLN P 173 86.60 -85.78 51.60
N MET P 174 87.38 -85.45 50.58
CA MET P 174 87.70 -84.04 50.31
C MET P 174 86.44 -83.26 49.96
N MET P 175 85.58 -83.83 49.11
CA MET P 175 84.36 -83.14 48.72
C MET P 175 83.39 -83.04 49.90
N LYS P 176 83.32 -84.09 50.73
CA LYS P 176 82.49 -84.00 51.94
C LYS P 176 82.99 -82.90 52.87
N ARG P 177 84.31 -82.80 53.04
CA ARG P 177 84.87 -81.76 53.89
C ARG P 177 84.55 -80.37 53.34
N LEU P 178 84.67 -80.20 52.02
CA LEU P 178 84.36 -78.91 51.41
C LEU P 178 82.87 -78.57 51.57
N LYS P 179 81.99 -79.57 51.41
CA LYS P 179 80.57 -79.32 51.61
C LYS P 179 80.28 -78.93 53.06
N ASP P 180 80.94 -79.58 54.02
CA ASP P 180 80.78 -79.22 55.42
C ASP P 180 81.27 -77.81 55.69
N MET P 181 82.42 -77.44 55.11
CA MET P 181 82.97 -76.11 55.33
C MET P 181 82.09 -75.03 54.72
N THR P 182 81.53 -75.29 53.54
CA THR P 182 80.68 -74.30 52.89
C THR P 182 79.39 -74.05 53.67
N GLY P 183 78.95 -75.00 54.50
CA GLY P 183 77.74 -74.79 55.28
C GLY P 183 76.49 -74.64 54.45
N LEU P 184 76.33 -75.47 53.40
CA LEU P 184 75.17 -75.44 52.53
C LEU P 184 74.20 -76.58 52.80
N SER P 185 74.34 -77.25 53.95
CA SER P 185 73.52 -78.41 54.25
C SER P 185 72.04 -78.06 54.21
N ASN P 186 71.25 -78.90 53.55
CA ASN P 186 69.81 -78.68 53.51
C ASN P 186 69.25 -78.65 54.91
N ASN P 187 68.37 -77.69 55.16
CA ASN P 187 67.83 -77.49 56.51
C ASN P 187 66.31 -77.43 56.48
N MET Q 1 62.64 -21.25 125.13
CA MET Q 1 61.19 -21.35 125.21
C MET Q 1 60.74 -21.85 126.57
N TYR Q 2 61.08 -23.10 126.89
CA TYR Q 2 60.70 -23.71 128.15
C TYR Q 2 61.68 -23.31 129.25
N ASP Q 3 61.13 -22.88 130.39
CA ASP Q 3 61.94 -22.50 131.54
C ASP Q 3 61.87 -23.57 132.60
N PRO Q 4 62.95 -24.31 132.86
CA PRO Q 4 62.92 -25.37 133.89
C PRO Q 4 63.05 -24.87 135.31
N ASN Q 5 63.16 -23.55 135.52
CA ASN Q 5 63.30 -22.98 136.86
C ASN Q 5 62.00 -22.33 137.34
N THR Q 6 60.86 -22.90 136.98
CA THR Q 6 59.56 -22.39 137.36
C THR Q 6 58.87 -23.37 138.31
N SER Q 7 57.68 -22.99 138.77
CA SER Q 7 56.91 -23.82 139.66
C SER Q 7 56.31 -25.01 138.90
N GLN Q 8 55.77 -25.97 139.65
CA GLN Q 8 55.16 -27.13 139.02
C GLN Q 8 54.00 -26.73 138.12
N THR Q 9 53.16 -25.81 138.57
CA THR Q 9 52.10 -25.30 137.73
C THR Q 9 52.66 -24.62 136.48
N GLU Q 10 53.73 -23.84 136.64
CA GLU Q 10 54.36 -23.20 135.49
C GLU Q 10 54.92 -24.23 134.52
N LYS Q 11 55.57 -25.28 135.03
CA LYS Q 11 56.10 -26.32 134.15
C LYS Q 11 54.96 -27.02 133.40
N GLN Q 12 53.87 -27.32 134.10
CA GLN Q 12 52.74 -27.98 133.45
C GLN Q 12 52.12 -27.08 132.37
N LYS Q 13 51.98 -25.78 132.66
CA LYS Q 13 51.41 -24.88 131.67
C LYS Q 13 52.34 -24.73 130.46
N GLN Q 14 53.65 -24.69 130.70
CA GLN Q 14 54.59 -24.66 129.58
C GLN Q 14 54.46 -25.92 128.73
N GLU Q 15 54.33 -27.08 129.37
CA GLU Q 15 54.17 -28.32 128.62
C GLU Q 15 52.87 -28.31 127.81
N GLU Q 16 51.78 -27.84 128.40
CA GLU Q 16 50.51 -27.80 127.69
C GLU Q 16 50.57 -26.80 126.53
N PHE Q 17 51.28 -25.69 126.72
CA PHE Q 17 51.50 -24.78 125.61
C PHE Q 17 52.30 -25.43 124.49
N LEU Q 18 53.34 -26.19 124.85
CA LEU Q 18 54.09 -26.89 123.83
C LEU Q 18 53.18 -27.83 123.05
N LYS Q 19 52.30 -28.53 123.78
CA LYS Q 19 51.35 -29.42 123.13
C LYS Q 19 50.45 -28.66 122.17
N LEU Q 20 49.92 -27.51 122.60
CA LEU Q 20 48.99 -26.77 121.76
C LEU Q 20 49.68 -26.12 120.57
N LYS Q 21 50.92 -25.65 120.73
CA LYS Q 21 51.67 -25.13 119.59
C LYS Q 21 51.99 -26.24 118.59
N ILE Q 22 52.32 -27.43 119.09
CA ILE Q 22 52.51 -28.58 118.20
C ILE Q 22 51.23 -28.85 117.43
N GLN Q 23 50.10 -28.83 118.12
CA GLN Q 23 48.80 -29.05 117.46
C GLN Q 23 48.53 -27.99 116.41
N GLU Q 24 48.79 -26.73 116.72
CA GLU Q 24 48.55 -25.64 115.78
C GLU Q 24 49.40 -25.82 114.53
N ALA Q 25 50.71 -26.04 114.70
CA ALA Q 25 51.59 -26.20 113.56
C ALA Q 25 51.21 -27.41 112.73
N PHE Q 26 50.90 -28.53 113.40
CA PHE Q 26 50.51 -29.73 112.67
C PHE Q 26 49.26 -29.49 111.85
N ASN Q 27 48.24 -28.88 112.46
CA ASN Q 27 47.00 -28.63 111.74
C ASN Q 27 47.22 -27.68 110.56
N LEU Q 28 48.03 -26.64 110.76
CA LEU Q 28 48.32 -25.72 109.66
C LEU Q 28 49.19 -26.37 108.58
N PHE Q 29 49.86 -27.47 108.88
CA PHE Q 29 50.63 -28.20 107.88
C PHE Q 29 50.05 -29.56 107.53
N VAL Q 30 48.78 -29.81 107.87
CA VAL Q 30 48.09 -31.00 107.38
C VAL Q 30 47.44 -30.69 106.04
N LYS Q 31 47.63 -31.57 105.07
CA LYS Q 31 47.15 -31.30 103.72
C LYS Q 31 45.73 -31.81 103.49
N ASP Q 32 45.51 -33.11 103.63
CA ASP Q 32 44.22 -33.72 103.30
C ASP Q 32 43.49 -34.32 104.48
N LYS Q 33 44.10 -35.26 105.19
CA LYS Q 33 43.46 -35.96 106.30
C LYS Q 33 43.91 -35.33 107.61
N LYS Q 34 42.96 -34.85 108.41
CA LYS Q 34 43.30 -34.23 109.68
C LYS Q 34 44.00 -35.23 110.58
N GLY Q 35 45.11 -34.79 111.18
CA GLY Q 35 45.88 -35.63 112.07
C GLY Q 35 47.08 -36.31 111.44
N ILE Q 36 47.45 -35.95 110.22
CA ILE Q 36 48.59 -36.56 109.52
C ILE Q 36 49.37 -35.46 108.81
N VAL Q 37 50.70 -35.52 108.88
CA VAL Q 37 51.57 -34.57 108.23
C VAL Q 37 52.83 -35.29 107.76
N ASP Q 38 53.35 -34.89 106.60
CA ASP Q 38 54.56 -35.51 106.07
C ASP Q 38 55.75 -35.20 106.95
N LYS Q 39 56.68 -36.16 107.02
CA LYS Q 39 57.86 -36.01 107.87
C LYS Q 39 58.85 -35.00 107.33
N ARG Q 40 58.73 -34.60 106.05
CA ARG Q 40 59.65 -33.60 105.51
C ARG Q 40 59.53 -32.27 106.24
N GLU Q 41 58.30 -31.85 106.52
CA GLU Q 41 58.06 -30.58 107.19
C GLU Q 41 58.15 -30.68 108.71
N ILE Q 42 58.39 -31.87 109.26
CA ILE Q 42 58.59 -31.99 110.70
C ILE Q 42 59.73 -31.08 111.16
N PRO Q 43 60.91 -31.11 110.55
CA PRO Q 43 61.89 -30.06 110.81
C PRO Q 43 61.37 -28.68 110.45
N TYR Q 44 60.52 -28.59 109.43
CA TYR Q 44 59.91 -27.31 109.11
C TYR Q 44 59.01 -26.82 110.23
N ILE Q 45 58.24 -27.73 110.86
CA ILE Q 45 57.44 -27.36 112.02
C ILE Q 45 58.34 -26.94 113.17
N MET Q 46 59.44 -27.67 113.39
CA MET Q 46 60.37 -27.30 114.45
C MET Q 46 60.91 -25.89 114.23
N ARG Q 47 61.33 -25.58 113.00
CA ARG Q 47 61.81 -24.23 112.70
C ARG Q 47 60.70 -23.20 112.89
N TYR Q 48 59.47 -23.53 112.49
CA TYR Q 48 58.33 -22.68 112.82
C TYR Q 48 58.22 -22.45 114.31
N LEU Q 49 58.67 -23.41 115.12
CA LEU Q 49 58.60 -23.31 116.57
C LEU Q 49 59.92 -22.91 117.22
N GLY Q 50 60.95 -22.62 116.43
CA GLY Q 50 62.20 -22.08 116.95
C GLY Q 50 63.33 -23.07 117.11
N GLN Q 51 63.04 -24.37 117.15
CA GLN Q 51 64.10 -25.37 117.30
C GLN Q 51 64.95 -25.45 116.05
N PHE Q 52 66.25 -25.67 116.23
CA PHE Q 52 67.22 -25.72 115.14
C PHE Q 52 68.00 -27.03 115.21
N PRO Q 53 67.35 -28.15 114.95
CA PRO Q 53 68.07 -29.42 114.89
C PRO Q 53 68.70 -29.64 113.52
N SER Q 54 69.87 -30.26 113.53
CA SER Q 54 70.55 -30.56 112.28
C SER Q 54 69.83 -31.68 111.54
N GLU Q 55 70.06 -31.75 110.23
CA GLU Q 55 69.41 -32.77 109.41
C GLU Q 55 69.76 -34.17 109.91
N ALA Q 56 71.05 -34.42 110.19
CA ALA Q 56 71.44 -35.72 110.73
C ALA Q 56 70.80 -35.95 112.09
N GLN Q 57 70.80 -34.94 112.95
CA GLN Q 57 70.17 -35.08 114.25
C GLN Q 57 68.66 -35.34 114.10
N VAL Q 58 68.02 -34.63 113.18
CA VAL Q 58 66.58 -34.82 112.97
C VAL Q 58 66.31 -36.25 112.51
N ARG Q 59 67.12 -36.77 111.60
CA ARG Q 59 66.88 -38.10 111.06
C ARG Q 59 67.23 -39.20 112.06
N ASP Q 60 68.20 -38.96 112.94
CA ASP Q 60 68.69 -40.00 113.84
C ASP Q 60 67.99 -40.03 115.18
N ALA Q 61 67.61 -38.87 115.73
CA ALA Q 61 67.00 -38.81 117.05
C ALA Q 61 65.57 -38.26 117.06
N ILE Q 62 65.10 -37.71 115.95
CA ILE Q 62 63.75 -37.15 115.90
C ILE Q 62 62.79 -38.14 115.28
N LEU Q 63 63.02 -38.49 114.02
CA LEU Q 63 62.08 -39.37 113.31
C LEU Q 63 61.95 -40.74 113.97
N PRO Q 64 63.03 -41.46 114.28
CA PRO Q 64 62.86 -42.76 114.95
C PRO Q 64 62.14 -42.65 116.28
N GLU Q 65 62.36 -41.57 117.03
CA GLU Q 65 61.70 -41.40 118.32
C GLU Q 65 60.22 -41.09 118.18
N ILE Q 66 59.78 -40.69 116.99
CA ILE Q 66 58.37 -40.38 116.76
C ILE Q 66 57.72 -41.36 115.78
N GLU Q 67 58.49 -41.98 114.90
CA GLU Q 67 57.92 -42.92 113.95
C GLU Q 67 57.44 -44.19 114.66
N GLU Q 68 56.45 -44.84 114.06
CA GLU Q 68 55.85 -46.04 114.61
C GLU Q 68 56.77 -47.24 114.39
N ASP Q 69 56.48 -48.33 115.10
CA ASP Q 69 57.17 -49.59 114.85
C ASP Q 69 56.93 -50.04 113.42
N GLU Q 70 55.68 -49.97 112.97
CA GLU Q 70 55.38 -50.13 111.55
C GLU Q 70 55.67 -48.82 110.83
N PRO Q 71 56.51 -48.82 109.80
CA PRO Q 71 56.85 -47.56 109.12
C PRO Q 71 55.61 -46.88 108.58
N SER Q 72 55.30 -45.72 109.14
CA SER Q 72 54.15 -44.92 108.74
C SER Q 72 54.61 -43.84 107.78
N GLU Q 73 53.95 -43.75 106.62
CA GLU Q 73 54.38 -42.81 105.59
C GLU Q 73 54.24 -41.36 106.04
N PHE Q 74 53.44 -41.08 107.06
CA PHE Q 74 53.33 -39.74 107.60
C PHE Q 74 53.12 -39.82 109.11
N ILE Q 75 53.54 -38.77 109.79
CA ILE Q 75 53.51 -38.73 111.25
C ILE Q 75 52.23 -38.04 111.70
N LYS Q 76 51.63 -38.53 112.78
CA LYS Q 76 50.44 -37.92 113.36
C LYS Q 76 50.79 -37.17 114.64
N TYR Q 77 49.80 -36.41 115.13
CA TYR Q 77 50.00 -35.60 116.32
C TYR Q 77 50.43 -36.43 117.52
N SER Q 78 50.10 -37.72 117.53
CA SER Q 78 50.38 -38.57 118.68
C SER Q 78 51.84 -38.47 119.11
N LYS Q 79 52.75 -38.87 118.22
CA LYS Q 79 54.17 -38.82 118.52
C LYS Q 79 54.79 -37.45 118.25
N PHE Q 80 54.02 -36.52 117.68
CA PHE Q 80 54.53 -35.19 117.39
C PHE Q 80 54.43 -34.24 118.58
N GLU Q 81 53.41 -34.41 119.42
CA GLU Q 81 53.27 -33.55 120.60
C GLU Q 81 54.35 -33.83 121.64
N PRO Q 82 54.35 -35.01 122.26
CA PRO Q 82 55.28 -35.24 123.39
C PRO Q 82 56.74 -35.13 123.00
N TYR Q 83 57.10 -35.47 121.76
CA TYR Q 83 58.51 -35.43 121.36
C TYR Q 83 59.09 -34.03 121.55
N MET Q 84 58.59 -33.05 120.80
CA MET Q 84 59.12 -31.71 120.94
C MET Q 84 58.67 -31.05 122.23
N LEU Q 85 57.62 -31.55 122.88
CA LEU Q 85 57.34 -31.10 124.23
C LEU Q 85 58.55 -31.35 125.13
N LYS Q 86 59.03 -32.59 125.14
CA LYS Q 86 60.21 -32.92 125.94
C LYS Q 86 61.46 -32.23 125.41
N VAL Q 87 61.56 -32.06 124.09
CA VAL Q 87 62.72 -31.38 123.53
C VAL Q 87 62.80 -29.94 124.04
N LEU Q 88 61.68 -29.22 124.00
CA LEU Q 88 61.67 -27.85 124.50
C LEU Q 88 61.88 -27.81 126.00
N LYS Q 89 61.33 -28.79 126.73
CA LYS Q 89 61.58 -28.86 128.17
C LYS Q 89 63.08 -29.00 128.46
N GLU Q 90 63.76 -29.85 127.70
CA GLU Q 90 65.19 -30.06 127.86
C GLU Q 90 66.02 -29.21 126.90
N ARG Q 91 65.39 -28.49 125.97
CA ARG Q 91 66.10 -27.66 125.01
C ARG Q 91 67.15 -28.47 124.25
N GLU Q 92 66.73 -29.63 123.76
CA GLU Q 92 67.67 -30.54 123.09
C GLU Q 92 68.25 -29.92 121.83
N TYR Q 93 67.41 -29.25 121.02
CA TYR Q 93 67.81 -28.76 119.71
C TYR Q 93 67.82 -27.24 119.67
N GLU Q 94 68.27 -26.59 120.74
CA GLU Q 94 68.39 -25.14 120.72
C GLU Q 94 69.62 -24.72 119.91
N PRO Q 95 69.47 -23.81 118.96
CA PRO Q 95 70.62 -23.35 118.18
C PRO Q 95 71.58 -22.53 119.04
N ASP Q 96 72.84 -22.53 118.61
CA ASP Q 96 73.88 -21.80 119.32
C ASP Q 96 73.55 -20.32 119.37
N ASP Q 97 74.30 -19.59 120.20
CA ASP Q 97 74.11 -18.16 120.34
C ASP Q 97 74.59 -17.43 119.10
N PRO Q 98 74.15 -16.18 118.91
CA PRO Q 98 74.60 -15.42 117.73
C PRO Q 98 76.12 -15.27 117.66
N GLU Q 99 76.79 -15.23 118.81
CA GLU Q 99 78.25 -15.24 118.80
C GLU Q 99 78.79 -16.47 118.07
N ALA Q 100 78.05 -17.58 118.12
CA ALA Q 100 78.46 -18.76 117.36
C ALA Q 100 78.46 -18.46 115.86
N LEU Q 101 77.40 -17.80 115.37
CA LEU Q 101 77.36 -17.43 113.96
C LEU Q 101 78.46 -16.43 113.62
N LEU Q 102 78.73 -15.47 114.51
CA LEU Q 102 79.79 -14.52 114.25
C LEU Q 102 81.14 -15.22 114.12
N ALA Q 103 81.42 -16.16 115.03
CA ALA Q 103 82.67 -16.91 114.97
C ALA Q 103 82.71 -17.77 113.71
N ALA Q 104 81.59 -18.37 113.33
CA ALA Q 104 81.55 -19.18 112.12
C ALA Q 104 81.89 -18.34 110.90
N PHE Q 105 81.27 -17.16 110.78
CA PHE Q 105 81.56 -16.29 109.64
C PHE Q 105 83.00 -15.80 109.66
N LYS Q 106 83.53 -15.47 110.84
CA LYS Q 106 84.93 -15.04 110.92
C LYS Q 106 85.87 -16.17 110.49
N LEU Q 107 85.57 -17.40 110.90
CA LEU Q 107 86.39 -18.55 110.48
C LEU Q 107 86.31 -18.74 108.97
N LEU Q 108 85.11 -18.63 108.40
CA LEU Q 108 84.99 -18.72 106.95
C LEU Q 108 85.76 -17.60 106.25
N ASP Q 109 85.87 -16.44 106.91
CA ASP Q 109 86.65 -15.32 106.39
C ASP Q 109 88.01 -15.33 107.08
N GLN Q 110 88.91 -16.15 106.54
CA GLN Q 110 90.23 -16.32 107.17
C GLN Q 110 90.98 -14.99 107.23
N GLU Q 111 90.94 -14.22 106.16
CA GLU Q 111 91.63 -12.93 106.12
C GLU Q 111 90.95 -11.85 106.95
N GLY Q 112 89.71 -12.08 107.37
CA GLY Q 112 89.02 -11.10 108.21
C GLY Q 112 88.80 -9.77 107.55
N LYS Q 113 88.41 -9.77 106.26
CA LYS Q 113 88.16 -8.53 105.54
C LYS Q 113 86.77 -7.96 105.84
N GLY Q 114 85.93 -8.67 106.58
CA GLY Q 114 84.58 -8.25 106.85
C GLY Q 114 83.55 -8.77 105.87
N TYR Q 115 83.96 -9.46 104.82
CA TYR Q 115 83.03 -10.03 103.85
C TYR Q 115 83.65 -11.30 103.27
N ILE Q 116 82.79 -12.15 102.74
CA ILE Q 116 83.19 -13.45 102.19
C ILE Q 116 82.73 -13.54 100.74
N GLU Q 117 83.61 -14.01 99.87
CA GLU Q 117 83.28 -14.15 98.46
C GLU Q 117 82.11 -15.10 98.29
N ILE Q 118 81.23 -14.77 97.33
CA ILE Q 118 80.07 -15.61 97.06
C ILE Q 118 80.49 -17.01 96.65
N ASP Q 119 81.52 -17.11 95.79
CA ASP Q 119 82.00 -18.41 95.37
C ASP Q 119 82.51 -19.23 96.55
N MET Q 120 83.28 -18.61 97.44
CA MET Q 120 83.79 -19.33 98.60
C MET Q 120 82.65 -19.79 99.51
N MET Q 121 81.68 -18.91 99.77
CA MET Q 121 80.59 -19.29 100.66
C MET Q 121 79.76 -20.42 100.05
N LYS Q 122 79.50 -20.36 98.75
CA LYS Q 122 78.77 -21.45 98.10
C LYS Q 122 79.57 -22.75 98.14
N THR Q 123 80.90 -22.67 97.99
CA THR Q 123 81.73 -23.86 98.10
C THR Q 123 81.60 -24.47 99.49
N PHE Q 124 81.67 -23.64 100.53
CA PHE Q 124 81.49 -24.16 101.89
C PHE Q 124 80.11 -24.79 102.04
N LEU Q 125 79.07 -24.13 101.55
CA LEU Q 125 77.70 -24.62 101.73
C LEU Q 125 77.50 -25.95 101.02
N GLU Q 126 78.00 -26.08 99.80
CA GLU Q 126 77.74 -27.27 98.98
C GLU Q 126 78.81 -28.34 99.11
N LYS Q 127 79.87 -28.11 99.90
CA LYS Q 127 80.93 -29.09 100.05
C LYS Q 127 81.31 -29.39 101.49
N GLN Q 128 80.91 -28.55 102.46
CA GLN Q 128 81.23 -28.74 103.86
C GLN Q 128 79.96 -28.94 104.66
N GLY Q 129 80.00 -29.88 105.61
CA GLY Q 129 78.86 -30.14 106.45
C GLY Q 129 77.65 -30.57 105.64
N ILE Q 130 76.49 -30.02 105.99
CA ILE Q 130 75.23 -30.35 105.32
C ILE Q 130 75.15 -29.49 104.05
N GLU Q 131 75.37 -30.12 102.90
CA GLU Q 131 75.37 -29.39 101.63
C GLU Q 131 73.97 -28.89 101.30
N PHE Q 132 73.89 -27.67 100.78
CA PHE Q 132 72.65 -27.10 100.30
C PHE Q 132 72.43 -27.42 98.82
N ARG Q 133 71.17 -27.40 98.41
CA ARG Q 133 70.84 -27.53 97.00
C ARG Q 133 71.20 -26.25 96.25
N GLU Q 134 71.20 -26.33 94.92
CA GLU Q 134 71.55 -25.17 94.12
C GLU Q 134 70.59 -24.01 94.37
N GLN Q 135 69.30 -24.30 94.44
CA GLN Q 135 68.31 -23.24 94.69
C GLN Q 135 68.47 -22.67 96.09
N GLU Q 136 68.79 -23.52 97.07
CA GLU Q 136 69.03 -23.02 98.42
C GLU Q 136 70.24 -22.08 98.45
N THR Q 137 71.30 -22.44 97.73
CA THR Q 137 72.47 -21.55 97.65
C THR Q 137 72.10 -20.25 96.94
N LYS Q 138 71.28 -20.33 95.90
CA LYS Q 138 70.84 -19.12 95.21
C LYS Q 138 70.08 -18.20 96.16
N SER Q 139 69.17 -18.77 96.95
CA SER Q 139 68.41 -17.96 97.90
C SER Q 139 69.31 -17.36 98.97
N PHE Q 140 70.27 -18.15 99.46
CA PHE Q 140 71.21 -17.63 100.45
C PHE Q 140 72.02 -16.46 99.88
N ILE Q 141 72.51 -16.60 98.66
CA ILE Q 141 73.26 -15.51 98.02
C ILE Q 141 72.36 -14.29 97.85
N GLU Q 142 71.12 -14.51 97.42
CA GLU Q 142 70.21 -13.39 97.21
C GLU Q 142 69.98 -12.62 98.52
N PHE Q 143 69.61 -13.32 99.58
CA PHE Q 143 69.29 -12.63 100.84
C PHE Q 143 70.54 -12.00 101.45
N ALA Q 144 71.62 -12.77 101.57
CA ALA Q 144 72.83 -12.23 102.18
C ALA Q 144 73.33 -11.00 101.43
N THR Q 145 73.07 -10.93 100.13
CA THR Q 145 73.40 -9.76 99.31
C THR Q 145 72.27 -8.76 99.23
N ASN Q 146 71.17 -8.98 99.95
CA ASN Q 146 69.98 -8.14 99.86
C ASN Q 146 69.37 -8.24 98.46
N LYS Q 147 69.28 -9.46 97.96
CA LYS Q 147 68.76 -9.73 96.63
C LYS Q 147 69.58 -9.05 95.54
N ASP Q 148 70.87 -8.88 95.79
CA ASP Q 148 71.74 -8.26 94.80
C ASP Q 148 72.12 -9.28 93.74
N PRO Q 149 71.79 -9.04 92.46
CA PRO Q 149 72.11 -10.04 91.43
C PRO Q 149 73.56 -9.99 91.00
N ASN Q 150 74.16 -8.80 90.97
CA ASN Q 150 75.53 -8.62 90.52
C ASN Q 150 76.55 -8.61 91.65
N ALA Q 151 76.12 -8.80 92.90
CA ALA Q 151 77.04 -8.77 94.03
C ALA Q 151 78.03 -9.92 93.93
N THR Q 152 79.27 -9.66 94.38
CA THR Q 152 80.31 -10.68 94.42
C THR Q 152 80.74 -11.06 95.83
N VAL Q 153 80.56 -10.17 96.81
CA VAL Q 153 80.91 -10.45 98.19
C VAL Q 153 79.75 -10.04 99.08
N ILE Q 154 79.72 -10.60 100.28
CA ILE Q 154 78.65 -10.37 101.25
C ILE Q 154 79.27 -9.96 102.57
N TYR Q 155 78.76 -8.88 103.16
CA TYR Q 155 79.19 -8.41 104.47
C TYR Q 155 78.51 -9.28 105.52
N TYR Q 156 79.27 -10.21 106.11
CA TYR Q 156 78.68 -11.16 107.04
C TYR Q 156 78.10 -10.49 108.28
N GLU Q 157 78.63 -9.33 108.68
CA GLU Q 157 78.14 -8.68 109.89
C GLU Q 157 76.70 -8.20 109.71
N ASP Q 158 76.42 -7.52 108.60
CA ASP Q 158 75.06 -7.05 108.35
C ASP Q 158 74.09 -8.21 108.21
N TYR Q 159 74.51 -9.27 107.51
CA TYR Q 159 73.65 -10.45 107.37
C TYR Q 159 73.37 -11.06 108.74
N ILE Q 160 74.38 -11.15 109.60
CA ILE Q 160 74.18 -11.71 110.93
C ILE Q 160 73.21 -10.86 111.73
N SER Q 161 73.36 -9.53 111.65
CA SER Q 161 72.46 -8.65 112.40
C SER Q 161 71.03 -8.79 111.91
N ARG Q 162 70.84 -8.82 110.59
CA ARG Q 162 69.49 -8.97 110.04
C ARG Q 162 68.89 -10.31 110.43
N LEU Q 163 69.69 -11.38 110.36
CA LEU Q 163 69.20 -12.70 110.75
C LEU Q 163 68.82 -12.72 112.22
N GLN Q 164 69.62 -12.10 113.08
CA GLN Q 164 69.29 -12.07 114.50
C GLN Q 164 67.99 -11.30 114.74
N ALA Q 165 67.82 -10.16 114.07
CA ALA Q 165 66.59 -9.39 114.24
C ALA Q 165 65.37 -10.18 113.77
N PHE Q 166 65.48 -10.82 112.61
CA PHE Q 166 64.35 -11.59 112.08
C PHE Q 166 64.04 -12.79 112.97
N THR Q 167 65.08 -13.44 113.50
CA THR Q 167 64.88 -14.53 114.44
C THR Q 167 64.19 -14.05 115.71
N ASP Q 168 64.58 -12.88 116.21
CA ASP Q 168 63.91 -12.33 117.39
C ASP Q 168 62.44 -12.04 117.10
N LYS Q 169 62.15 -11.48 115.92
CA LYS Q 169 60.75 -11.21 115.58
C LYS Q 169 59.94 -12.50 115.50
N HIS Q 170 60.49 -13.53 114.85
CA HIS Q 170 59.78 -14.79 114.74
C HIS Q 170 59.62 -15.47 116.09
N ILE Q 171 60.62 -15.33 116.97
CA ILE Q 171 60.52 -15.89 118.31
C ILE Q 171 59.44 -15.18 119.11
N GLU Q 172 59.34 -13.86 118.95
CA GLU Q 172 58.23 -13.13 119.57
C GLU Q 172 56.90 -13.63 119.04
N SER Q 173 56.81 -13.85 117.73
CA SER Q 173 55.57 -14.35 117.14
C SER Q 173 55.19 -15.71 117.71
N VAL Q 174 56.15 -16.63 117.78
CA VAL Q 174 55.86 -17.99 118.22
C VAL Q 174 55.56 -18.03 119.71
N MET Q 175 56.37 -17.33 120.51
CA MET Q 175 56.21 -17.37 121.96
C MET Q 175 54.90 -16.72 122.40
N LYS Q 176 54.37 -15.80 121.60
CA LYS Q 176 53.09 -15.19 121.94
C LYS Q 176 52.03 -16.27 121.92
N GLY Q 177 51.54 -16.64 123.10
CA GLY Q 177 50.74 -17.84 123.28
C GLY Q 177 51.43 -18.92 124.08
N TYR Q 178 52.70 -18.74 124.43
CA TYR Q 178 53.46 -19.67 125.25
C TYR Q 178 52.97 -19.74 126.69
N ASN Q 179 51.98 -18.94 127.06
CA ASN Q 179 51.86 -18.44 128.42
C ASN Q 179 50.69 -19.01 129.21
N ASN Q 180 49.45 -18.84 128.72
CA ASN Q 180 48.28 -18.96 129.58
C ASN Q 180 47.98 -20.42 129.97
N PHE Q 181 47.75 -21.28 128.99
CA PHE Q 181 46.84 -22.42 129.12
C PHE Q 181 46.85 -23.03 130.51
N GLN Q 182 45.66 -23.20 131.09
CA GLN Q 182 45.49 -23.58 132.48
C GLN Q 182 44.70 -24.88 132.59
N VAL Q 183 44.85 -25.55 133.73
CA VAL Q 183 44.19 -26.84 133.94
C VAL Q 183 42.68 -26.64 133.97
N LYS Q 184 41.98 -27.34 133.08
CA LYS Q 184 40.53 -27.21 132.99
C LYS Q 184 39.86 -28.08 134.04
N LYS Q 185 38.82 -27.54 134.67
CA LYS Q 185 38.09 -28.26 135.71
C LYS Q 185 36.95 -29.08 135.12
N MET R 1 -91.54 36.29 56.42
CA MET R 1 -91.09 37.65 56.19
C MET R 1 -90.49 38.28 57.45
N SER R 2 -89.54 39.19 57.27
CA SER R 2 -88.90 39.92 58.35
C SER R 2 -88.78 41.41 57.99
N LYS R 3 -89.88 41.98 57.50
CA LYS R 3 -89.86 43.34 56.96
C LYS R 3 -90.02 44.41 58.05
N LYS R 4 -91.15 44.38 58.76
CA LYS R 4 -91.56 45.47 59.63
C LYS R 4 -91.27 45.20 61.10
N SER R 5 -91.52 43.98 61.56
CA SER R 5 -91.58 43.68 62.99
C SER R 5 -90.17 43.62 63.61
N GLY R 6 -89.52 44.77 63.65
CA GLY R 6 -88.34 44.94 64.46
C GLY R 6 -88.71 45.46 65.83
N LYS R 7 -89.40 44.64 66.62
CA LYS R 7 -90.00 45.13 67.86
C LYS R 7 -88.94 45.66 68.81
N GLY R 8 -89.31 46.70 69.56
CA GLY R 8 -88.39 47.33 70.48
C GLY R 8 -88.12 46.50 71.71
N LYS R 9 -87.50 45.34 71.51
CA LYS R 9 -87.04 44.54 72.65
C LYS R 9 -86.14 45.38 73.54
N GLY R 10 -86.43 45.37 74.83
CA GLY R 10 -85.63 46.14 75.76
C GLY R 10 -84.41 45.40 76.25
N LYS R 11 -83.61 44.88 75.33
CA LYS R 11 -82.43 44.12 75.72
C LYS R 11 -81.44 45.01 76.46
N ASN R 12 -80.77 44.41 77.44
CA ASN R 12 -79.89 45.16 78.33
C ASN R 12 -78.66 45.61 77.56
N ASP R 13 -78.52 46.93 77.39
CA ASP R 13 -77.36 47.47 76.68
C ASP R 13 -76.08 47.12 77.39
N GLY R 14 -76.06 47.25 78.71
CA GLY R 14 -74.84 47.02 79.47
C GLY R 14 -74.32 45.60 79.37
N ASP R 15 -75.22 44.62 79.41
CA ASP R 15 -74.78 43.22 79.36
C ASP R 15 -74.09 42.90 78.06
N GLU R 16 -74.71 43.26 76.93
CA GLU R 16 -74.06 43.01 75.65
C GLU R 16 -72.81 43.86 75.48
N LEU R 17 -72.81 45.08 76.03
CA LEU R 17 -71.59 45.88 76.01
C LEU R 17 -70.45 45.14 76.70
N GLY R 18 -70.71 44.61 77.90
CA GLY R 18 -69.67 43.85 78.59
C GLY R 18 -69.24 42.63 77.81
N ALA R 19 -70.21 41.89 77.25
CA ALA R 19 -69.88 40.68 76.52
C ALA R 19 -69.01 40.99 75.31
N GLU R 20 -69.38 41.99 74.53
CA GLU R 20 -68.63 42.29 73.31
C GLU R 20 -67.31 42.96 73.62
N LYS R 21 -67.20 43.69 74.74
CA LYS R 21 -65.90 44.22 75.13
C LYS R 21 -64.96 43.11 75.55
N GLU R 22 -65.47 42.10 76.26
CA GLU R 22 -64.63 40.94 76.56
C GLU R 22 -64.27 40.19 75.27
N GLN R 23 -65.19 40.15 74.32
CA GLN R 23 -64.88 39.57 73.00
C GLN R 23 -63.74 40.33 72.33
N VAL R 24 -63.80 41.66 72.37
CA VAL R 24 -62.76 42.49 71.75
C VAL R 24 -61.43 42.29 72.44
N LEU R 25 -61.44 42.21 73.78
CA LEU R 25 -60.19 41.98 74.51
C LEU R 25 -59.62 40.60 74.19
N ARG R 26 -60.48 39.60 74.02
CA ARG R 26 -59.99 38.28 73.64
C ARG R 26 -59.36 38.29 72.25
N THR R 27 -60.01 38.98 71.30
CA THR R 27 -59.43 39.12 69.97
C THR R 27 -58.10 39.87 70.03
N LYS R 28 -58.04 40.90 70.86
CA LYS R 28 -56.79 41.65 71.05
C LYS R 28 -55.70 40.75 71.60
N VAL R 29 -56.05 39.88 72.56
CA VAL R 29 -55.08 38.94 73.11
C VAL R 29 -54.58 38.00 72.02
N GLU R 30 -55.51 37.48 71.21
CA GLU R 30 -55.11 36.58 70.13
C GLU R 30 -54.15 37.27 69.17
N SER R 31 -54.50 38.49 68.75
CA SER R 31 -53.66 39.22 67.81
C SER R 31 -52.29 39.56 68.42
N LEU R 32 -52.28 40.00 69.67
CA LEU R 32 -51.02 40.34 70.34
C LEU R 32 -50.14 39.10 70.49
N ILE R 33 -50.73 37.97 70.85
CA ILE R 33 -49.96 36.74 71.02
C ILE R 33 -49.38 36.30 69.68
N GLN R 34 -50.17 36.38 68.61
CA GLN R 34 -49.64 36.02 67.29
C GLN R 34 -48.51 36.94 66.88
N ARG R 35 -48.68 38.25 67.11
CA ARG R 35 -47.61 39.19 66.77
C ARG R 35 -46.35 38.91 67.58
N LEU R 36 -46.52 38.61 68.88
CA LEU R 36 -45.37 38.30 69.72
C LEU R 36 -44.68 37.03 69.25
N GLY R 37 -45.45 36.02 68.83
CA GLY R 37 -44.85 34.82 68.30
C GLY R 37 -44.06 35.08 67.02
N HIS R 38 -44.64 35.86 66.12
CA HIS R 38 -43.93 36.20 64.89
C HIS R 38 -42.63 36.93 65.20
N GLU R 39 -42.69 37.93 66.09
CA GLU R 39 -41.51 38.73 66.38
C GLU R 39 -40.48 37.93 67.18
N GLN R 40 -40.92 36.99 68.00
CA GLN R 40 -39.98 36.15 68.74
C GLN R 40 -39.28 35.16 67.83
N GLU R 41 -40.02 34.58 66.87
CA GLU R 41 -39.37 33.77 65.85
C GLU R 41 -38.36 34.61 65.08
N ARG R 42 -38.74 35.84 64.72
CA ARG R 42 -37.84 36.73 64.01
C ARG R 42 -36.57 37.00 64.83
N ALA R 43 -36.75 37.31 66.12
CA ALA R 43 -35.60 37.65 66.96
C ALA R 43 -34.70 36.44 67.17
N ASP R 44 -35.26 35.26 67.40
CA ASP R 44 -34.45 34.07 67.56
C ASP R 44 -33.68 33.76 66.28
N ARG R 45 -34.35 33.86 65.13
CA ARG R 45 -33.65 33.61 63.87
C ARG R 45 -32.56 34.65 63.64
N ALA R 46 -32.81 35.90 64.01
CA ALA R 46 -31.78 36.93 63.85
C ALA R 46 -30.59 36.68 64.77
N LYS R 47 -30.85 36.23 66.00
CA LYS R 47 -29.76 35.88 66.91
C LYS R 47 -28.95 34.72 66.36
N ALA R 48 -29.64 33.69 65.86
CA ALA R 48 -28.93 32.57 65.25
C ALA R 48 -28.13 33.02 64.04
N ALA R 49 -28.67 33.96 63.27
CA ALA R 49 -27.97 34.44 62.07
C ALA R 49 -26.74 35.26 62.43
N GLU R 50 -26.81 36.06 63.49
CA GLU R 50 -25.63 36.79 63.93
C GLU R 50 -24.58 35.85 64.50
N ASN R 51 -25.01 34.86 65.28
CA ASN R 51 -24.06 33.87 65.78
C ASN R 51 -23.42 33.11 64.62
N GLU R 52 -24.20 32.74 63.62
CA GLU R 52 -23.65 32.03 62.47
C GLU R 52 -22.93 32.99 61.52
N LEU R 53 -23.06 34.30 61.75
CA LEU R 53 -22.20 35.24 61.04
C LEU R 53 -20.82 35.29 61.67
N ARG R 54 -20.77 35.35 62.99
CA ARG R 54 -19.50 35.11 63.66
C ARG R 54 -18.95 33.73 63.33
N ALA R 55 -19.91 32.86 62.94
CA ALA R 55 -19.58 31.49 62.48
C ALA R 55 -19.32 31.53 60.96
N ARG R 56 -19.52 32.66 60.30
CA ARG R 56 -19.04 32.81 58.90
C ARG R 56 -17.58 33.11 59.19
N LEU R 57 -17.31 33.93 60.21
CA LEU R 57 -15.95 34.08 60.72
C LEU R 57 -15.39 32.71 61.07
N PHE R 58 -16.19 31.93 61.81
CA PHE R 58 -15.86 30.54 62.15
C PHE R 58 -15.64 29.67 60.93
N ASP R 59 -16.54 29.75 59.93
CA ASP R 59 -16.36 28.94 58.73
C ASP R 59 -15.12 29.36 57.94
N LEU R 60 -14.89 30.66 57.79
CA LEU R 60 -13.67 31.14 57.15
C LEU R 60 -12.44 30.60 57.86
N ASP R 61 -12.39 30.76 59.19
CA ASP R 61 -11.21 30.32 59.93
C ASP R 61 -11.14 28.81 60.05
N LYS R 62 -12.22 28.09 59.80
CA LYS R 62 -12.17 26.63 59.85
C LYS R 62 -11.71 26.05 58.51
N ASP R 63 -12.18 26.63 57.41
CA ASP R 63 -11.51 26.39 56.14
C ASP R 63 -10.03 26.75 56.25
N PHE R 64 -9.74 27.82 56.99
CA PHE R 64 -8.37 28.19 57.31
C PHE R 64 -7.65 27.08 58.06
N LYS R 65 -8.29 26.51 59.08
CA LYS R 65 -7.63 25.48 59.89
C LYS R 65 -7.37 24.24 59.07
N ASN R 66 -8.32 23.86 58.20
CA ASN R 66 -8.10 22.71 57.34
C ASN R 66 -6.95 22.96 56.39
N GLU R 67 -6.93 24.12 55.74
CA GLU R 67 -5.83 24.45 54.85
C GLU R 67 -4.51 24.52 55.61
N LYS R 68 -4.54 25.03 56.84
CA LYS R 68 -3.33 25.15 57.64
C LYS R 68 -2.81 23.79 58.07
N ASP R 69 -3.70 22.89 58.48
CA ASP R 69 -3.28 21.55 58.84
C ASP R 69 -2.68 20.84 57.65
N ARG R 70 -3.34 20.93 56.49
CA ARG R 70 -2.79 20.31 55.29
C ARG R 70 -1.44 20.92 54.92
N LEU R 71 -1.32 22.24 55.00
CA LEU R 71 -0.09 22.92 54.61
C LEU R 71 1.06 22.58 55.57
N PHE R 72 0.80 22.60 56.88
CA PHE R 72 1.84 22.26 57.83
C PHE R 72 2.25 20.80 57.70
N SER R 73 1.27 19.91 57.50
CA SER R 73 1.61 18.50 57.32
C SER R 73 2.47 18.30 56.07
N ILE R 74 2.10 18.97 54.97
CA ILE R 74 2.86 18.79 53.73
C ILE R 74 4.26 19.39 53.86
N THR R 75 4.38 20.56 54.49
CA THR R 75 5.69 21.15 54.68
C THR R 75 6.55 20.30 55.61
N SER R 76 5.96 19.76 56.67
CA SER R 76 6.71 18.86 57.55
C SER R 76 7.16 17.62 56.81
N ASP R 77 6.26 17.04 55.99
CA ASP R 77 6.62 15.86 55.22
C ASP R 77 7.76 16.16 54.26
N MET R 78 7.71 17.30 53.58
CA MET R 78 8.78 17.65 52.65
C MET R 78 10.08 17.92 53.40
N THR R 79 10.00 18.58 54.56
CA THR R 79 11.21 18.82 55.35
C THR R 79 11.85 17.51 55.76
N ARG R 80 11.06 16.57 56.26
CA ARG R 80 11.60 15.29 56.69
C ARG R 80 12.11 14.49 55.50
N GLN R 81 11.43 14.59 54.34
CA GLN R 81 11.87 13.87 53.16
C GLN R 81 13.20 14.40 52.64
N TYR R 82 13.38 15.71 52.61
CA TYR R 82 14.67 16.28 52.19
C TYR R 82 15.76 16.01 53.22
N LYS R 83 15.43 16.06 54.52
CA LYS R 83 16.41 15.64 55.51
C LYS R 83 16.79 14.18 55.32
N GLN R 84 15.83 13.34 54.95
CA GLN R 84 16.12 11.94 54.70
C GLN R 84 16.99 11.77 53.45
N MET R 85 16.72 12.54 52.40
CA MET R 85 17.56 12.47 51.20
C MET R 85 19.00 12.87 51.53
N GLN R 86 19.15 13.95 52.29
CA GLN R 86 20.48 14.31 52.79
C GLN R 86 21.06 13.18 53.63
N ASP R 87 20.21 12.47 54.37
CA ASP R 87 20.67 11.34 55.16
C ASP R 87 21.25 10.25 54.25
N GLU R 88 20.57 9.92 53.15
CA GLU R 88 21.12 8.95 52.22
C GLU R 88 22.41 9.48 51.58
N LEU R 89 22.45 10.77 51.30
CA LEU R 89 23.64 11.35 50.67
C LEU R 89 24.85 11.20 51.58
N LEU R 90 24.68 11.43 52.89
CA LEU R 90 25.79 11.27 53.83
C LEU R 90 26.08 9.79 54.10
N ASN R 91 25.04 8.96 54.22
CA ASN R 91 25.24 7.55 54.49
C ASN R 91 25.85 6.82 53.32
N GLN R 92 25.72 7.35 52.10
CA GLN R 92 26.46 6.76 50.98
C GLN R 92 27.96 6.92 51.18
N VAL R 93 28.40 8.10 51.64
CA VAL R 93 29.81 8.29 51.96
C VAL R 93 30.21 7.37 53.11
N ASN R 94 29.37 7.27 54.14
CA ASN R 94 29.70 6.39 55.26
C ASN R 94 29.82 4.94 54.81
N ASP R 95 28.91 4.48 53.95
CA ASP R 95 28.93 3.10 53.49
C ASP R 95 30.09 2.84 52.54
N LEU R 96 30.49 3.84 51.74
CA LEU R 96 31.67 3.68 50.91
C LEU R 96 32.93 3.62 51.77
N ASN R 97 32.97 4.38 52.86
CA ASN R 97 34.08 4.26 53.80
C ASN R 97 34.10 2.87 54.44
N LYS R 98 32.91 2.35 54.79
CA LYS R 98 32.84 1.01 55.33
C LYS R 98 33.30 -0.04 54.31
N THR R 99 32.93 0.15 53.05
CA THR R 99 33.39 -0.76 51.99
C THR R 99 34.91 -0.69 51.84
N VAL R 100 35.48 0.52 51.94
CA VAL R 100 36.94 0.65 51.91
C VAL R 100 37.56 -0.11 53.07
N ILE R 101 36.97 0.02 54.26
CA ILE R 101 37.50 -0.67 55.43
C ILE R 101 37.45 -2.19 55.23
N GLU R 102 36.31 -2.70 54.75
CA GLU R 102 36.19 -4.13 54.52
C GLU R 102 37.16 -4.60 53.45
N LYS R 103 37.33 -3.82 52.38
CA LYS R 103 38.25 -4.22 51.33
C LYS R 103 39.69 -4.18 51.79
N ASP R 104 40.05 -3.26 52.69
CA ASP R 104 41.42 -3.29 53.22
C ASP R 104 41.61 -4.48 54.14
N GLU R 105 40.58 -4.83 54.92
CA GLU R 105 40.65 -6.04 55.73
C GLU R 105 40.85 -7.27 54.85
N GLU R 106 40.10 -7.35 53.75
CA GLU R 106 40.26 -8.48 52.83
C GLU R 106 41.60 -8.45 52.11
N ILE R 107 42.11 -7.27 51.81
CA ILE R 107 43.43 -7.14 51.19
C ILE R 107 44.49 -7.70 52.12
N LYS R 108 44.43 -7.32 53.40
CA LYS R 108 45.38 -7.87 54.38
C LYS R 108 45.20 -9.37 54.54
N LYS R 109 43.95 -9.84 54.58
CA LYS R 109 43.69 -11.27 54.69
C LYS R 109 44.33 -12.04 53.54
N LYS R 110 44.13 -11.57 52.30
CA LYS R 110 44.66 -12.29 51.16
C LYS R 110 46.17 -12.13 51.02
N ASP R 111 46.74 -11.00 51.45
CA ASP R 111 48.19 -10.86 51.50
C ASP R 111 48.80 -11.87 52.47
N GLN R 112 48.20 -11.98 53.66
CA GLN R 112 48.69 -12.96 54.63
C GLN R 112 48.52 -14.39 54.10
N GLN R 113 47.40 -14.66 53.43
CA GLN R 113 47.19 -15.97 52.83
C GLN R 113 48.24 -16.27 51.78
N ILE R 114 48.53 -15.30 50.91
CA ILE R 114 49.57 -15.50 49.89
C ILE R 114 50.89 -15.83 50.56
N GLN R 115 51.27 -15.02 51.56
CA GLN R 115 52.52 -15.26 52.26
C GLN R 115 52.56 -16.67 52.85
N ASP R 116 51.50 -17.07 53.54
CA ASP R 116 51.50 -18.34 54.27
C ASP R 116 51.49 -19.53 53.33
N MET R 117 50.62 -19.52 52.30
CA MET R 117 50.63 -20.62 51.34
C MET R 117 51.95 -20.68 50.59
N THR R 118 52.54 -19.54 50.26
CA THR R 118 53.84 -19.55 49.61
C THR R 118 54.89 -20.16 50.53
N LYS R 119 54.85 -19.82 51.83
CA LYS R 119 55.80 -20.39 52.78
C LYS R 119 55.64 -21.91 52.86
N ASP R 120 54.40 -22.38 52.99
CA ASP R 120 54.16 -23.83 53.09
C ASP R 120 54.59 -24.53 51.81
N TYR R 121 54.29 -23.94 50.66
CA TYR R 121 54.65 -24.55 49.38
C TYR R 121 56.16 -24.62 49.21
N GLU R 122 56.87 -23.55 49.58
CA GLU R 122 58.32 -23.58 49.50
C GLU R 122 58.91 -24.60 50.46
N TYR R 123 58.34 -24.72 51.65
CA TYR R 123 58.79 -25.74 52.59
C TYR R 123 58.61 -27.14 52.00
N LYS R 124 57.46 -27.39 51.38
CA LYS R 124 57.21 -28.70 50.78
C LYS R 124 58.16 -28.96 49.61
N LEU R 125 58.42 -27.96 48.78
CA LEU R 125 59.40 -28.13 47.71
C LEU R 125 60.78 -28.44 48.27
N LYS R 126 61.19 -27.74 49.32
CA LYS R 126 62.49 -28.00 49.92
C LYS R 126 62.57 -29.41 50.49
N LYS R 127 61.50 -29.86 51.16
CA LYS R 127 61.51 -31.21 51.72
C LYS R 127 61.54 -32.26 50.61
N LYS R 128 60.80 -32.03 49.53
CA LYS R 128 60.84 -32.96 48.40
C LYS R 128 62.21 -33.00 47.75
N ASP R 129 62.86 -31.84 47.63
CA ASP R 129 64.23 -31.81 47.10
C ASP R 129 65.18 -32.56 48.03
N ASP R 130 65.02 -32.40 49.34
CA ASP R 130 65.86 -33.11 50.29
C ASP R 130 65.65 -34.61 50.19
N GLU R 131 64.39 -35.05 50.04
CA GLU R 131 64.11 -36.47 49.89
C GLU R 131 64.69 -37.01 48.59
N ILE R 132 64.65 -36.22 47.52
CA ILE R 132 65.29 -36.61 46.26
C ILE R 132 66.79 -36.77 46.47
N GLN R 133 67.40 -35.83 47.20
CA GLN R 133 68.82 -35.93 47.51
C GLN R 133 69.12 -37.20 48.29
N ASP R 134 68.27 -37.52 49.27
CA ASP R 134 68.45 -38.73 50.06
C ASP R 134 68.34 -39.98 49.18
N LEU R 135 67.36 -40.00 48.27
CA LEU R 135 67.21 -41.15 47.38
C LEU R 135 68.43 -41.30 46.48
N LYS R 136 68.94 -40.20 45.94
CA LYS R 136 70.16 -40.28 45.13
C LYS R 136 71.35 -40.78 45.96
N ARG R 137 71.46 -40.30 47.20
CA ARG R 137 72.54 -40.77 48.06
C ARG R 137 72.44 -42.26 48.31
N LYS R 138 71.23 -42.75 48.58
CA LYS R 138 71.03 -44.18 48.79
C LYS R 138 71.36 -44.96 47.53
N ILE R 139 70.97 -44.44 46.36
CA ILE R 139 71.25 -45.13 45.10
C ILE R 139 72.75 -45.26 44.89
N GLU R 140 73.48 -44.16 45.10
CA GLU R 140 74.92 -44.20 44.90
C GLU R 140 75.61 -45.12 45.91
N GLU R 141 75.18 -45.08 47.17
CA GLU R 141 75.77 -45.97 48.17
C GLU R 141 75.51 -47.42 47.81
N MET R 142 74.29 -47.73 47.37
CA MET R 142 73.96 -49.11 46.98
C MET R 142 74.79 -49.53 45.77
N SER R 143 74.97 -48.65 44.79
CA SER R 143 75.78 -48.98 43.63
C SER R 143 77.21 -49.30 44.06
N ALA R 144 77.77 -48.46 44.95
CA ALA R 144 79.13 -48.70 45.40
C ALA R 144 79.25 -50.01 46.15
N GLU R 145 78.31 -50.30 47.05
CA GLU R 145 78.37 -51.53 47.82
C GLU R 145 78.18 -52.75 46.92
N PHE R 146 77.30 -52.65 45.93
CA PHE R 146 77.10 -53.75 44.98
C PHE R 146 78.35 -54.01 44.17
N ALA R 147 79.01 -52.94 43.69
CA ALA R 147 80.25 -53.12 42.94
C ALA R 147 81.34 -53.74 43.81
N LYS R 148 81.48 -53.27 45.05
CA LYS R 148 82.48 -53.84 45.94
C LYS R 148 82.19 -55.30 46.26
N MET R 149 80.90 -55.64 46.43
CA MET R 149 80.53 -57.02 46.67
C MET R 149 80.85 -57.90 45.47
N LEU R 150 80.59 -57.41 44.25
CA LEU R 150 80.98 -58.16 43.07
C LEU R 150 82.48 -58.37 43.02
N LYS R 151 83.25 -57.32 43.33
CA LYS R 151 84.71 -57.46 43.33
C LYS R 151 85.16 -58.49 44.34
N ASP R 152 84.59 -58.45 45.55
CA ASP R 152 84.95 -59.42 46.58
C ASP R 152 84.61 -60.84 46.17
N THR R 153 83.42 -61.04 45.59
CA THR R 153 83.02 -62.37 45.14
C THR R 153 83.96 -62.88 44.05
N LEU R 154 84.29 -62.03 43.08
CA LEU R 154 85.21 -62.45 42.03
C LEU R 154 86.58 -62.78 42.59
N ASP R 155 87.06 -61.97 43.53
CA ASP R 155 88.38 -62.24 44.14
C ASP R 155 88.37 -63.57 44.87
N LYS R 156 87.31 -63.85 45.64
CA LYS R 156 87.24 -65.13 46.35
C LYS R 156 87.15 -66.29 45.37
N MET R 157 86.38 -66.14 44.30
CA MET R 157 86.29 -67.19 43.29
C MET R 157 87.66 -67.48 42.68
N GLN R 158 88.39 -66.41 42.31
CA GLN R 158 89.72 -66.60 41.74
C GLN R 158 90.65 -67.28 42.73
N GLU R 159 90.61 -66.85 44.00
CA GLU R 159 91.47 -67.44 45.01
C GLU R 159 91.20 -68.93 45.17
N ARG R 160 89.92 -69.30 45.28
CA ARG R 160 89.57 -70.70 45.46
C ARG R 160 89.94 -71.53 44.24
N ILE R 161 89.69 -70.99 43.03
CA ILE R 161 90.05 -71.72 41.82
C ILE R 161 91.56 -71.93 41.75
N GLU R 162 92.33 -70.90 42.08
CA GLU R 162 93.79 -71.04 42.07
C GLU R 162 94.25 -72.08 43.08
N MET R 163 93.66 -72.06 44.28
CA MET R 163 94.02 -73.04 45.30
C MET R 163 93.72 -74.47 44.82
N VAL R 164 92.54 -74.66 44.22
CA VAL R 164 92.16 -75.99 43.76
C VAL R 164 93.08 -76.45 42.64
N GLN R 165 93.42 -75.54 41.71
CA GLN R 165 94.32 -75.90 40.62
C GLN R 165 95.71 -76.24 41.15
N TRP R 166 96.20 -75.49 42.14
CA TRP R 166 97.56 -75.71 42.61
C TRP R 166 97.68 -76.97 43.47
N ASP R 167 96.63 -77.31 44.23
CA ASP R 167 96.69 -78.51 45.05
C ASP R 167 96.84 -79.76 44.18
N SER R 168 96.15 -79.79 43.04
CA SER R 168 96.26 -80.89 42.10
C SER R 168 97.45 -80.67 41.16
N ASP R 169 97.80 -81.73 40.42
CA ASP R 169 98.92 -81.71 39.50
C ASP R 169 98.48 -81.58 38.03
N THR R 170 97.43 -80.81 37.76
CA THR R 170 96.97 -80.64 36.40
C THR R 170 98.05 -79.98 35.54
N ASP R 171 98.13 -80.41 34.28
CA ASP R 171 99.14 -79.85 33.38
C ASP R 171 98.89 -78.36 33.20
N PRO R 172 99.95 -77.53 33.19
CA PRO R 172 99.77 -76.08 33.03
C PRO R 172 98.95 -75.72 31.79
N GLN R 173 98.86 -76.64 30.84
CA GLN R 173 98.06 -76.39 29.64
C GLN R 173 96.61 -76.16 29.99
N MET R 174 96.07 -76.95 30.94
CA MET R 174 94.68 -76.77 31.35
C MET R 174 94.45 -75.41 31.99
N MET R 175 95.37 -74.98 32.86
CA MET R 175 95.24 -73.66 33.48
C MET R 175 95.32 -72.56 32.44
N LYS R 176 96.24 -72.68 31.48
CA LYS R 176 96.34 -71.68 30.43
C LYS R 176 95.06 -71.63 29.59
N ARG R 177 94.50 -72.79 29.27
CA ARG R 177 93.25 -72.83 28.51
C ARG R 177 92.11 -72.20 29.28
N LEU R 178 92.02 -72.47 30.59
CA LEU R 178 90.99 -71.86 31.41
C LEU R 178 91.15 -70.34 31.46
N LYS R 179 92.40 -69.88 31.59
CA LYS R 179 92.65 -68.44 31.60
C LYS R 179 92.24 -67.80 30.27
N ASP R 180 92.54 -68.48 29.16
CA ASP R 180 92.11 -67.96 27.86
C ASP R 180 90.59 -67.91 27.77
N MET R 181 89.92 -68.97 28.25
CA MET R 181 88.46 -69.01 28.18
C MET R 181 87.83 -67.90 29.01
N THR R 182 88.36 -67.63 30.20
CA THR R 182 87.76 -66.63 31.08
C THR R 182 87.82 -65.23 30.49
N GLY R 183 88.66 -64.99 29.49
CA GLY R 183 88.73 -63.68 28.86
C GLY R 183 89.14 -62.57 29.80
N LEU R 184 90.14 -62.83 30.65
CA LEU R 184 90.62 -61.86 31.63
C LEU R 184 92.04 -61.39 31.30
N SER R 185 92.39 -61.35 30.02
CA SER R 185 93.73 -60.94 29.61
C SER R 185 93.93 -59.46 29.93
N ASN R 186 94.97 -59.16 30.71
CA ASN R 186 95.26 -57.77 31.06
C ASN R 186 95.71 -56.99 29.83
N ASN R 187 95.26 -55.74 29.74
CA ASN R 187 95.62 -54.87 28.63
C ASN R 187 96.62 -53.82 29.06
#